data_8YSX
#
_entry.id   8YSX
#
_cell.length_a   1.00
_cell.length_b   1.00
_cell.length_c   1.00
_cell.angle_alpha   90.00
_cell.angle_beta   90.00
_cell.angle_gamma   90.00
#
_symmetry.space_group_name_H-M   'P 1'
#
loop_
_entity.id
_entity.type
_entity.pdbx_description
1 polymer 'Proteasome subunit beta'
2 polymer 'Proteasome subunit alpha type'
3 polymer 'Proteasome subunit alpha type'
4 polymer 'Proteasome subunit alpha type'
5 polymer 'Proteasome subunit alpha type'
6 polymer 'Proteasome subunit alpha type'
7 polymer 'Proteasome subunit beta'
8 polymer 'Proteasome subunit beta'
9 polymer 'Proteasome subunit beta'
10 polymer 'Proteasome subunit beta type-8'
11 polymer 'Proteasome subunit alpha type'
12 polymer 'Proteasome subunit beta'
13 polymer 'Proteasome subunit alpha type'
14 polymer 'Proteasome subunit beta'
15 non-polymer '[(~{R})-cyclohexyl-[(1-cyclohexyl-1,2,3-triazol-4-yl)carbonylamino]methyl]boronic acid'
16 water water
#
loop_
_entity_poly.entity_id
_entity_poly.type
_entity_poly.pdbx_seq_one_letter_code
_entity_poly.pdbx_strand_id
1 'polypeptide(L)'
;TTIMAVEFDGGVVVGSDSRVSAGEAVVNRAFNKLSPLHQHIYCALSGSAADAQAMADMAAYQLELHGLELEEPPLVLAAA
NVVRNISYKYREDLSAHLMIAGWDRRDGGQVYGTMGGMLTRQPFAIGGSGSTYIYGYVDAAYKPGMSPEECRSFTTNAIA
LAMNRDGSSGGVIHLVTITAAGVDYQVILGNELPKFYDE
;
F,A
2 'polypeptide(L)'
;MFRNQYDNDVTVWSPQGRIHQIEYAMEAVKQGSATVGLKSKTHAVLVALKRAQSELAAHQKKILHVDNHIGISIAGLTAD
ARLLCNFMRQECLDSRFVFDRPLPVSRLVSLIGSKTQIPTQRYGRRPYGVGLLIAGYDDMGPHIFQTCPSANYFDCRAMS
IGARSQSARTYLERHMSGFMECNLNELVKHGLRALRETLPAEQDLTTKNVSIGIVGKDLEFTIYDDDDVSPFLEGLEERP
QRKAQPAQPADEPAEKADEPMEH
;
L,G
3 'polypeptide(L)'
;MFLTRSEYDRGVNTFSPEGRLFQVEYAIEAIKLGSTAIGIQTSEGVCLAVEKRITSPLMEPSSIEKIVEIDAHIGCAMSG
LIADAKTLIDKARVETQNHWFTYNETMTVESVTQAVSNLALQFGEEDADPGAMSRPFGVALLFGGVDEKGPQLFHMDPSG
TFVQCDARAIGSASEGAQSSLQEVYHKSMTLKEAIKSSLIILKQVMEEKLNATNIELATVQPGQNFHMFTKEELEEVIKD
I
;
M,H
4 'polypeptide(L)'
;MSYDRAITVFSPDGHLFQVEYAQEAVKKGSTAVGVRGKDIVVLGVEKKSVAKLQDERTVRKICALDDNVCMAFAGLTADA
RIVINRARVECQSHRLTVEDPVTVEYITRYIASLKQRYTQSNGRRPFGISALIVGFDFDGTPRLYQTDPSGTYHAWKANA
IGRGAKSVREFLEKNYTDEAIETDDLTIKLVIKALLEVVQSGGKNIELAVMRRDQPLKILNPEEIEKYVAEIEKEKEENE
KKKQKKAS
;
N,I
5 'polypeptide(L)'
;MSRRYDSRTTIFSPEGRLYQVEYAMEAIGHAGTCLGILANDGVLLAAERRNIHKLLDEVFFSEKIYKLNEDMACSVAGIT
SDANVLTNELRLIAQRYLLQYQEPIPCEQLVTALCDIKQAYTQFGGKRPFGVSLLYIGWDKHYGFQLYQSDPSGNYGGWK
ATCIGNNSAAAVSMLKQDYKEGEMTLKSALALAIKVLNKTMDVSKLSAEKVEIATLTRENGKTVIRVLKQKEVEQLIKNH
EEEEAKAEREKKEKEQKEKEK
;
O,Z
6 'polypeptide(L)'
;MSRGSSAGFDRHITIFSPEGRLYQVEYAFKAINQGGLTSVAVRGKDCAVIVTQKKVPDKLLDSSTVTHLFKITENIGCVM
TGMTADSRSQVQRARYEAANWKYKYGYEIPVDMLCKRIADISQVYTQNAEMRPLGCCMILIGIDEEQGPQVYKCDPAGYY
CGFKATAAGVKQTESTSFLEKKVKKKFDWTFEQTVETAITCLSTVLSIDFKPSEIEVGVVTVENPKFRILSEAEIDAHLV
ALAERD
;
R,K
7 'polypeptide(L)'
;MEYLIGIQGPDYVLVASDQVAASSIVQMKDDHDKMFKMSEKILLLCVGEAGDTVQFAEYIQKNVQLYKMRNGYELSPTAA
ANFTRRNLADCLRSRTPYHVNLLLAGYDEHEGPALYYMDYLAALAKAPFAAHGYGAFLTLSILDRYYTPTISRERAVELL
RKCLEELQKRFILNLPTFSVRIIDKNGIHDLDNISFPKQGS
;
T,V
8 'polypeptide(L)'
;MSIMSYNGGAVMAMKGKNCVAIAADRRFGIQAQMVTTDFQKIFPMGDRLYIGLAGLATDVQTVAQRLKFRLNLYELKEGR
QIKPYTLMSMVANLLYEKRFGPYYTEPVIAGLDPKTFKPFICSLDLIGCPMVTDDFVVSGTCSEQMYGMCESLWEPNMDP
EHLFETISQAMLNAVDRDAVSGMGVIVHIIEKDKITTRTLKARMD
;
U,Y
9 'polypeptide(L)'
;MEAFLESRSRVWAGGPAPGQFYHIPPSSVASVEPAFSPYGGPVTRTQNPMVTGTSVLGVKFEGGVVIAADMLGSYGSLAR
FRNISRIMRVNDSTMLGASGDYADFQYLKQVLGQMVIDEELLGDGHSYSPRAIHSWLTRAMYSRRSKMNPLWNTMVIGGY
ADGESFLGYVDMLGVAYEAPSLATGYGAYLAQPLLREVLEKQPVLSQTEARELVERCMRVLYYRDARSYNRFQIATVTEK
GVEIEGPLSAETNWEIAHMISGFE
;
a,W
10 'polypeptide(L)'
;TTTLAFKFQHGVIVAVDSRATAGNYISSSRVNKVIEINPSLLGTMSGCAADCQYWERLLAKECRLYYLRNGERISVSAAS
KLLSNMVYQYRGMDLSMGSMICGWDKKGPGLYYVDQNGTRLSGNMFSTGSGSTYAYGVMDSGYQPSLSPEEAYELGRRAI
TYATHRDSYSGGIINMYHMKEDGWVKVESTDVNELLHQYQEANQ
;
C,D
11 'polypeptide(L)'
;MAERGYSFSLTTFSPSGKLVQIEYALAAVAGGAPSVGIKAANGVVLATEKKQKSILYDERSVHKVEPITKHIGLVYSGMG
PDYRVLVHRARKLAQQYYLVYQEPIPTAQLVQRVASVMQEYTQSGGVRPFGVSLLICGWNEGRPYLFQSDPSGAYFAWKA
TAMGKNYVNGKTFLEKRYNEDLELEDAIHTAILTLKESFEGQMTEDNIEVGICNEAGFRRLTPTEVKDYLAAIA
;
b,P
12 'polypeptide(L)'
;MLSTAARGWGPGRDLAMEPDGAAGPQQLRFSPYAFNGGTVLAIAGEDFSIVASDTRLSEGFSIHTRDSPKCYKLTDKTVI
GCSGFHGDCLTLTKIIEARLKMYKHSNNKTMTTGAIAAMLSTILYSRRFFPYYVYNIIGGLDEEGKGAVYSFDPVGSYQR
DSFKAGGSASAMLQPLLDNQVGFKNMQNVEHVPLSLDRAMRLVKDVFISAAERDVYTGDALRICIVTKEGIREETVPLRK
D
;
X,S
13 'polypeptide(L)'
;MSSIGTGYDLSASTFSPDGRVFQVEYAMKAVENSSTAIGIRCKDGVVFGVEKLVLSKLYEEGSNKRLFNVDRHVGMAVAG
LLADARSLADIAREEASNFRSNFGYNIPLKHLADRVAMYVHAYTLYSAVRPFGCSFMLGSYSVNDGAQLYMIDPSGVSYG
YWGCAIGKARQAAKTEIEKLQMKEMTCRDIVKEVAKIIYIVHDEVKDKAFELELSWVGEITKGRHEIVPKDIREEAEKYA
KESLKEEDESDDDNM
;
J,Q
14 'polypeptide(L)'
;TTIAGLVFRDGVILGADTRATNDSVVMDKNCEKIHFIAPKIYCCGAGVAADAEMTTRMAASNMELHSLSTGREPRVTTVT
RLLRQTLFRYRGHVGASLLVGGVDFSGPQLYSVHPHGSYSRLPFTALGSGQDAALAVLEDRFQPNMTLEAAQELLVEAIT
AGILGDLGSGGSVDACVITGTGAKLLRTLSSPTKPTERPSQYYFAPGTTAVQSQTVKPLTLELLEETVQAMEVE
;
E,B
#
loop_
_chem_comp.id
_chem_comp.type
_chem_comp.name
_chem_comp.formula
A1L0D non-polymer '[(~{R})-cyclohexyl-[(1-cyclohexyl-1,2,3-triazol-4-yl)carbonylamino]methyl]boronic acid' 'C16 H27 B N4 O3'
#
# COMPACT_ATOMS: atom_id res chain seq x y z
N THR A 1 -8.45 9.09 -30.40
CA THR A 1 -8.08 10.34 -31.14
C THR A 1 -6.90 10.06 -32.08
N THR A 2 -7.10 10.44 -33.33
CA THR A 2 -6.07 10.31 -34.35
C THR A 2 -5.97 11.64 -35.10
N ILE A 3 -4.78 12.22 -35.12
CA ILE A 3 -4.57 13.49 -35.82
C ILE A 3 -3.40 13.37 -36.79
N MET A 4 -3.44 14.15 -37.86
CA MET A 4 -2.40 14.10 -38.87
C MET A 4 -2.23 15.40 -39.63
N ALA A 5 -0.98 15.71 -39.99
CA ALA A 5 -0.67 16.91 -40.76
C ALA A 5 0.46 16.59 -41.74
N VAL A 6 0.29 16.98 -42.99
CA VAL A 6 1.29 16.72 -44.02
C VAL A 6 1.69 18.00 -44.75
N GLU A 7 2.98 18.14 -45.03
CA GLU A 7 3.49 19.31 -45.74
C GLU A 7 3.49 19.05 -47.25
N PHE A 8 3.27 20.10 -48.03
CA PHE A 8 3.30 20.00 -49.49
C PHE A 8 3.78 21.33 -50.07
N ASP A 9 4.38 21.29 -51.24
CA ASP A 9 4.87 22.53 -51.84
C ASP A 9 3.78 23.58 -51.99
N GLY A 10 3.74 24.52 -51.04
CA GLY A 10 2.75 25.58 -51.07
C GLY A 10 1.81 25.66 -49.88
N GLY A 11 1.86 24.66 -48.99
CA GLY A 11 0.98 24.67 -47.83
C GLY A 11 0.95 23.41 -46.99
N VAL A 12 -0.16 23.19 -46.29
CA VAL A 12 -0.28 22.00 -45.45
C VAL A 12 -1.68 21.41 -45.50
N VAL A 13 -1.79 20.17 -45.07
CA VAL A 13 -3.07 19.48 -45.01
C VAL A 13 -3.20 18.89 -43.61
N VAL A 14 -4.17 19.38 -42.86
CA VAL A 14 -4.40 18.91 -41.50
C VAL A 14 -5.72 18.16 -41.41
N GLY A 15 -5.72 17.04 -40.69
CA GLY A 15 -6.92 16.24 -40.54
C GLY A 15 -7.01 15.47 -39.24
N SER A 16 -8.23 15.12 -38.84
CA SER A 16 -8.45 14.37 -37.62
C SER A 16 -9.81 13.68 -37.60
N ASP A 17 -10.03 12.87 -36.58
CA ASP A 17 -11.31 12.19 -36.40
C ASP A 17 -12.21 13.10 -35.54
N SER A 18 -13.43 12.67 -35.23
CA SER A 18 -14.32 13.50 -34.42
C SER A 18 -14.90 12.80 -33.20
N ARG A 19 -14.15 11.87 -32.62
CA ARG A 19 -14.65 11.15 -31.45
C ARG A 19 -14.13 11.63 -30.09
N VAL A 20 -15.05 12.02 -29.23
CA VAL A 20 -14.71 12.43 -27.87
C VAL A 20 -15.25 11.31 -26.99
N SER A 21 -14.38 10.65 -26.24
CA SER A 21 -14.80 9.53 -25.41
C SER A 21 -14.61 9.70 -23.91
N ALA A 22 -15.44 8.99 -23.15
CA ALA A 22 -15.39 8.97 -21.70
C ALA A 22 -15.46 7.50 -21.31
N GLY A 23 -14.32 6.83 -21.38
CA GLY A 23 -14.26 5.41 -21.07
C GLY A 23 -14.72 4.62 -22.29
N GLU A 24 -15.92 4.09 -22.23
CA GLU A 24 -16.47 3.32 -23.35
C GLU A 24 -17.64 4.06 -23.99
N ALA A 25 -18.04 5.17 -23.38
CA ALA A 25 -19.15 5.96 -23.88
C ALA A 25 -18.65 7.10 -24.77
N VAL A 26 -19.31 7.28 -25.91
CA VAL A 26 -18.96 8.37 -26.82
C VAL A 26 -19.75 9.59 -26.38
N VAL A 27 -19.05 10.58 -25.84
CA VAL A 27 -19.69 11.81 -25.36
C VAL A 27 -19.92 12.82 -26.47
N ASN A 28 -19.20 12.66 -27.57
CA ASN A 28 -19.32 13.55 -28.73
C ASN A 28 -18.81 12.81 -29.96
N ARG A 29 -19.69 12.53 -30.90
CA ARG A 29 -19.28 11.80 -32.10
C ARG A 29 -19.02 12.67 -33.32
N ALA A 30 -19.20 13.98 -33.18
CA ALA A 30 -18.97 14.88 -34.31
C ALA A 30 -18.14 16.09 -33.88
N PHE A 31 -17.14 15.85 -33.04
CA PHE A 31 -16.28 16.92 -32.54
C PHE A 31 -15.20 17.34 -33.53
N ASN A 32 -14.99 18.64 -33.65
CA ASN A 32 -13.96 19.19 -34.53
C ASN A 32 -12.66 19.34 -33.75
N LYS A 33 -11.68 18.53 -34.08
CA LYS A 33 -10.40 18.58 -33.37
C LYS A 33 -9.39 19.55 -33.99
N LEU A 34 -9.80 20.22 -35.06
CA LEU A 34 -8.96 21.19 -35.74
C LEU A 34 -9.34 22.60 -35.33
N SER A 35 -8.43 23.30 -34.66
CA SER A 35 -8.69 24.65 -34.21
C SER A 35 -7.74 25.66 -34.85
N PRO A 36 -8.28 26.79 -35.33
CA PRO A 36 -7.47 27.83 -35.96
C PRO A 36 -6.86 28.76 -34.91
N LEU A 37 -5.53 28.86 -34.89
CA LEU A 37 -4.85 29.73 -33.94
C LEU A 37 -4.74 31.12 -34.54
N HIS A 38 -4.61 31.16 -35.87
CA HIS A 38 -4.53 32.40 -36.61
C HIS A 38 -5.12 32.20 -38.00
N GLN A 39 -5.14 33.26 -38.80
CA GLN A 39 -5.69 33.20 -40.15
C GLN A 39 -5.16 32.04 -40.98
N HIS A 40 -3.85 31.84 -40.97
CA HIS A 40 -3.24 30.76 -41.74
C HIS A 40 -2.55 29.69 -40.89
N ILE A 41 -2.84 29.66 -39.60
CA ILE A 41 -2.22 28.68 -38.72
C ILE A 41 -3.25 27.85 -37.96
N TYR A 42 -3.16 26.52 -38.08
CA TYR A 42 -4.10 25.64 -37.40
C TYR A 42 -3.40 24.69 -36.44
N CYS A 43 -4.18 24.08 -35.56
CA CYS A 43 -3.64 23.12 -34.62
C CYS A 43 -4.60 21.95 -34.43
N ALA A 44 -4.03 20.75 -34.31
CA ALA A 44 -4.83 19.56 -34.09
C ALA A 44 -4.69 19.18 -32.63
N LEU A 45 -5.83 19.12 -31.94
CA LEU A 45 -5.82 18.79 -30.51
C LEU A 45 -5.91 17.29 -30.26
N SER A 46 -5.15 16.81 -29.28
CA SER A 46 -5.16 15.40 -28.90
C SER A 46 -4.79 15.28 -27.43
N GLY A 47 -5.34 14.28 -26.76
CA GLY A 47 -5.08 14.07 -25.35
C GLY A 47 -6.30 14.46 -24.54
N SER A 48 -6.09 15.27 -23.51
CA SER A 48 -7.19 15.73 -22.67
C SER A 48 -7.93 16.90 -23.31
N ALA A 49 -9.24 16.76 -23.46
CA ALA A 49 -10.08 17.81 -24.06
C ALA A 49 -9.92 19.15 -23.37
N ALA A 50 -10.09 19.17 -22.05
CA ALA A 50 -9.97 20.40 -21.28
C ALA A 50 -8.60 21.06 -21.42
N ASP A 51 -7.55 20.26 -21.34
CA ASP A 51 -6.19 20.77 -21.48
C ASP A 51 -5.93 21.34 -22.87
N ALA A 52 -6.25 20.55 -23.89
CA ALA A 52 -6.04 20.97 -25.26
C ALA A 52 -6.78 22.26 -25.57
N GLN A 53 -8.03 22.36 -25.13
CA GLN A 53 -8.84 23.55 -25.36
C GLN A 53 -8.30 24.75 -24.59
N ALA A 54 -7.81 24.50 -23.37
CA ALA A 54 -7.25 25.56 -22.55
C ALA A 54 -5.98 26.12 -23.16
N MET A 55 -5.12 25.23 -23.66
CA MET A 55 -3.86 25.64 -24.27
C MET A 55 -4.07 26.33 -25.62
N ALA A 56 -4.94 25.77 -26.46
CA ALA A 56 -5.22 26.34 -27.76
C ALA A 56 -5.75 27.77 -27.61
N ASP A 57 -6.67 27.98 -26.67
CA ASP A 57 -7.23 29.29 -26.43
C ASP A 57 -6.14 30.25 -25.95
N MET A 58 -5.27 29.76 -25.09
CA MET A 58 -4.17 30.54 -24.55
C MET A 58 -3.24 30.99 -25.68
N ALA A 59 -2.85 30.04 -26.53
CA ALA A 59 -1.96 30.32 -27.66
C ALA A 59 -2.58 31.29 -28.66
N ALA A 60 -3.86 31.11 -28.95
CA ALA A 60 -4.56 31.98 -29.89
C ALA A 60 -4.54 33.42 -29.40
N TYR A 61 -4.78 33.60 -28.11
CA TYR A 61 -4.77 34.90 -27.48
C TYR A 61 -3.37 35.52 -27.57
N GLN A 62 -2.35 34.77 -27.19
CA GLN A 62 -0.98 35.25 -27.23
C GLN A 62 -0.54 35.60 -28.64
N LEU A 63 -0.84 34.72 -29.60
CA LEU A 63 -0.48 34.93 -30.99
C LEU A 63 -1.23 36.12 -31.60
N GLU A 64 -2.47 36.31 -31.16
CA GLU A 64 -3.28 37.42 -31.63
C GLU A 64 -2.62 38.73 -31.26
N LEU A 65 -2.20 38.85 -30.00
CA LEU A 65 -1.56 40.06 -29.52
C LEU A 65 -0.22 40.24 -30.24
N HIS A 66 0.54 39.16 -30.35
CA HIS A 66 1.82 39.19 -31.03
C HIS A 66 1.66 39.72 -32.45
N GLY A 67 0.69 39.16 -33.17
CA GLY A 67 0.42 39.56 -34.54
C GLY A 67 0.14 41.05 -34.69
N LEU A 68 -0.67 41.59 -33.79
CA LEU A 68 -1.02 43.01 -33.83
C LEU A 68 0.16 43.92 -33.49
N GLU A 69 0.98 43.49 -32.54
CA GLU A 69 2.13 44.27 -32.12
C GLU A 69 3.13 44.44 -33.27
N LEU A 70 3.46 43.32 -33.92
CA LEU A 70 4.42 43.32 -35.03
C LEU A 70 3.83 43.78 -36.37
N GLU A 71 2.51 43.94 -36.43
CA GLU A 71 1.81 44.35 -37.63
C GLU A 71 2.18 43.50 -38.84
N GLU A 72 2.16 42.18 -38.65
CA GLU A 72 2.50 41.24 -39.70
C GLU A 72 1.99 39.87 -39.32
N PRO A 73 1.56 39.07 -40.31
CA PRO A 73 1.08 37.72 -40.03
C PRO A 73 2.17 36.96 -39.31
N PRO A 74 1.84 36.31 -38.19
CA PRO A 74 2.81 35.56 -37.39
C PRO A 74 3.41 34.41 -38.18
N LEU A 75 4.60 33.98 -37.77
CA LEU A 75 5.26 32.87 -38.43
C LEU A 75 4.71 31.58 -37.85
N VAL A 76 4.78 30.51 -38.63
CA VAL A 76 4.29 29.22 -38.17
C VAL A 76 5.19 28.74 -37.03
N LEU A 77 6.47 29.07 -37.12
CA LEU A 77 7.43 28.69 -36.10
C LEU A 77 7.13 29.41 -34.79
N ALA A 78 6.68 30.66 -34.88
CA ALA A 78 6.35 31.43 -33.69
C ALA A 78 5.18 30.77 -32.96
N ALA A 79 4.17 30.36 -33.73
CA ALA A 79 3.00 29.70 -33.16
C ALA A 79 3.41 28.40 -32.47
N ALA A 80 4.30 27.64 -33.11
CA ALA A 80 4.79 26.39 -32.56
C ALA A 80 5.60 26.64 -31.29
N ASN A 81 6.36 27.73 -31.28
CA ASN A 81 7.17 28.08 -30.12
C ASN A 81 6.29 28.51 -28.97
N VAL A 82 5.19 29.18 -29.28
CA VAL A 82 4.24 29.62 -28.27
C VAL A 82 3.57 28.40 -27.63
N VAL A 83 3.28 27.40 -28.44
CA VAL A 83 2.66 26.17 -27.95
C VAL A 83 3.67 25.32 -27.18
N ARG A 84 4.88 25.23 -27.73
CA ARG A 84 5.95 24.47 -27.10
C ARG A 84 6.23 24.97 -25.69
N ASN A 85 6.32 26.28 -25.55
CA ASN A 85 6.60 26.89 -24.25
C ASN A 85 5.53 26.54 -23.22
N ILE A 86 4.27 26.65 -23.60
CA ILE A 86 3.17 26.33 -22.70
C ILE A 86 3.19 24.85 -22.34
N SER A 87 3.37 24.00 -23.36
CA SER A 87 3.41 22.56 -23.17
C SER A 87 4.59 22.11 -22.32
N TYR A 88 5.71 22.80 -22.44
CA TYR A 88 6.88 22.45 -21.66
C TYR A 88 6.78 22.97 -20.23
N LYS A 89 6.31 24.21 -20.09
CA LYS A 89 6.17 24.82 -18.78
C LYS A 89 5.22 24.05 -17.87
N TYR A 90 4.13 23.55 -18.43
CA TYR A 90 3.15 22.81 -17.66
C TYR A 90 3.12 21.34 -18.04
N ARG A 91 4.28 20.77 -18.33
CA ARG A 91 4.37 19.36 -18.73
C ARG A 91 3.87 18.35 -17.69
N GLU A 92 3.98 18.68 -16.41
CA GLU A 92 3.52 17.77 -15.35
C GLU A 92 2.02 17.95 -15.06
N ASP A 93 1.44 19.05 -15.53
CA ASP A 93 0.03 19.32 -15.29
C ASP A 93 -0.87 19.03 -16.49
N LEU A 94 -0.39 19.38 -17.68
CA LEU A 94 -1.18 19.16 -18.90
C LEU A 94 -0.94 17.79 -19.49
N SER A 95 -1.94 17.29 -20.22
CA SER A 95 -1.83 15.99 -20.85
C SER A 95 -2.45 16.03 -22.24
N ALA A 96 -1.91 16.87 -23.12
CA ALA A 96 -2.43 16.99 -24.47
C ALA A 96 -1.39 17.50 -25.47
N HIS A 97 -1.43 16.96 -26.69
CA HIS A 97 -0.51 17.33 -27.75
C HIS A 97 -1.19 18.20 -28.80
N LEU A 98 -0.72 19.43 -28.95
CA LEU A 98 -1.26 20.35 -29.94
C LEU A 98 -0.40 20.42 -31.19
N MET A 99 -0.70 19.55 -32.17
CA MET A 99 0.01 19.52 -33.45
C MET A 99 -0.12 20.87 -34.15
N ILE A 100 0.96 21.38 -34.70
CA ILE A 100 0.93 22.69 -35.36
C ILE A 100 1.23 22.62 -36.86
N ALA A 101 0.28 23.10 -37.66
CA ALA A 101 0.43 23.12 -39.11
C ALA A 101 -0.11 24.42 -39.65
N GLY A 102 0.61 25.01 -40.59
CA GLY A 102 0.18 26.26 -41.18
C GLY A 102 1.05 26.74 -42.32
N TRP A 103 0.88 28.00 -42.70
CA TRP A 103 1.64 28.59 -43.79
C TRP A 103 1.93 30.06 -43.53
N ASP A 104 3.16 30.47 -43.82
CA ASP A 104 3.55 31.87 -43.69
C ASP A 104 4.32 32.27 -44.95
N ARG A 105 4.62 33.55 -45.10
CA ARG A 105 5.34 34.03 -46.28
C ARG A 105 6.86 33.83 -46.24
N ARG A 106 7.37 33.34 -45.11
CA ARG A 106 8.81 33.13 -44.96
C ARG A 106 9.26 31.69 -45.25
N ASP A 107 8.66 30.72 -44.57
CA ASP A 107 9.05 29.32 -44.76
C ASP A 107 7.95 28.42 -45.32
N GLY A 108 6.97 29.01 -46.01
CA GLY A 108 5.88 28.25 -46.61
C GLY A 108 5.04 27.43 -45.65
N GLY A 109 4.69 26.22 -46.08
CA GLY A 109 3.88 25.33 -45.28
C GLY A 109 4.73 24.45 -44.38
N GLN A 110 4.56 24.60 -43.07
CA GLN A 110 5.33 23.82 -42.10
C GLN A 110 4.48 23.06 -41.08
N VAL A 111 4.95 21.89 -40.70
CA VAL A 111 4.26 21.05 -39.73
C VAL A 111 5.16 20.83 -38.51
N TYR A 112 4.67 21.22 -37.33
CA TYR A 112 5.46 21.06 -36.11
C TYR A 112 4.77 20.18 -35.08
N GLY A 113 5.56 19.35 -34.42
CA GLY A 113 5.06 18.48 -33.37
C GLY A 113 5.51 19.09 -32.06
N THR A 114 4.57 19.37 -31.16
CA THR A 114 4.90 20.00 -29.89
C THR A 114 4.55 19.16 -28.67
N MET A 115 4.51 17.84 -28.85
CA MET A 115 4.16 16.94 -27.76
C MET A 115 5.14 16.96 -26.57
N GLY A 116 4.60 17.23 -25.39
CA GLY A 116 5.37 17.25 -24.16
C GLY A 116 6.39 18.37 -23.97
N GLY A 117 6.29 19.41 -24.79
CA GLY A 117 7.22 20.52 -24.68
C GLY A 117 8.35 20.44 -25.69
N MET A 118 8.52 19.28 -26.31
CA MET A 118 9.56 19.09 -27.32
C MET A 118 9.05 19.57 -28.67
N LEU A 119 9.87 20.31 -29.40
CA LEU A 119 9.47 20.85 -30.70
C LEU A 119 10.30 20.35 -31.88
N THR A 120 9.65 19.77 -32.88
CA THR A 120 10.34 19.28 -34.07
C THR A 120 9.50 19.47 -35.33
N ARG A 121 10.16 19.88 -36.40
CA ARG A 121 9.48 20.07 -37.68
C ARG A 121 9.61 18.81 -38.50
N GLN A 122 8.50 18.35 -39.07
CA GLN A 122 8.50 17.15 -39.88
C GLN A 122 7.74 17.36 -41.19
N PRO A 123 7.98 16.47 -42.16
CA PRO A 123 7.30 16.51 -43.46
C PRO A 123 5.83 16.15 -43.25
N PHE A 124 5.57 15.24 -42.31
CA PHE A 124 4.22 14.83 -41.95
C PHE A 124 4.25 14.36 -40.49
N ALA A 125 3.15 14.55 -39.77
CA ALA A 125 3.09 14.14 -38.38
C ALA A 125 1.76 13.49 -38.02
N ILE A 126 1.82 12.48 -37.15
CA ILE A 126 0.61 11.79 -36.70
C ILE A 126 0.63 11.69 -35.18
N GLY A 127 -0.51 11.93 -34.56
CA GLY A 127 -0.62 11.87 -33.11
C GLY A 127 -1.93 11.30 -32.65
N GLY A 128 -2.09 11.20 -31.33
CA GLY A 128 -3.30 10.68 -30.74
C GLY A 128 -3.19 9.18 -30.53
N SER A 129 -4.15 8.62 -29.80
CA SER A 129 -4.18 7.19 -29.50
C SER A 129 -4.29 6.26 -30.71
N GLY A 130 -4.88 6.73 -31.81
CA GLY A 130 -5.03 5.93 -33.00
C GLY A 130 -3.84 6.01 -33.96
N SER A 131 -2.89 6.87 -33.66
CA SER A 131 -1.71 7.04 -34.52
C SER A 131 -0.76 5.85 -34.52
N THR A 132 -0.78 5.08 -33.44
CA THR A 132 0.07 3.90 -33.31
C THR A 132 -0.21 2.83 -34.37
N TYR A 133 -1.48 2.68 -34.75
CA TYR A 133 -1.89 1.69 -35.72
C TYR A 133 -1.58 2.06 -37.18
N ILE A 134 -1.26 3.32 -37.42
CA ILE A 134 -0.97 3.76 -38.79
C ILE A 134 0.48 4.15 -39.03
N TYR A 135 1.36 3.88 -38.08
CA TYR A 135 2.78 4.22 -38.23
C TYR A 135 3.37 3.50 -39.43
N GLY A 136 3.11 2.20 -39.54
CA GLY A 136 3.61 1.41 -40.64
C GLY A 136 3.05 1.85 -41.97
N TYR A 137 1.75 2.17 -41.98
CA TYR A 137 1.08 2.61 -43.20
C TYR A 137 1.61 3.93 -43.77
N VAL A 138 1.80 4.93 -42.93
CA VAL A 138 2.29 6.21 -43.38
C VAL A 138 3.75 6.14 -43.84
N ASP A 139 4.52 5.25 -43.22
CA ASP A 139 5.93 5.09 -43.58
C ASP A 139 6.09 4.46 -44.96
N ALA A 140 5.13 3.62 -45.33
CA ALA A 140 5.17 2.93 -46.62
C ALA A 140 4.42 3.66 -47.72
N ALA A 141 3.55 4.60 -47.36
CA ALA A 141 2.76 5.31 -48.34
C ALA A 141 3.24 6.73 -48.66
N TYR A 142 3.86 7.40 -47.69
CA TYR A 142 4.34 8.75 -47.89
C TYR A 142 5.45 8.85 -48.95
N LYS A 143 5.29 9.81 -49.86
CA LYS A 143 6.28 10.04 -50.90
C LYS A 143 6.49 11.55 -51.03
N PRO A 144 7.74 11.99 -51.11
CA PRO A 144 8.04 13.42 -51.24
C PRO A 144 7.52 14.00 -52.55
N GLY A 145 7.14 15.28 -52.53
CA GLY A 145 6.63 15.93 -53.72
C GLY A 145 5.16 15.65 -53.96
N MET A 146 4.44 15.35 -52.89
CA MET A 146 3.02 15.08 -52.99
C MET A 146 2.27 16.38 -53.21
N SER A 147 1.25 16.34 -54.06
CA SER A 147 0.45 17.53 -54.33
C SER A 147 -0.62 17.66 -53.27
N PRO A 148 -1.29 18.82 -53.21
CA PRO A 148 -2.36 19.07 -52.23
C PRO A 148 -3.43 17.98 -52.28
N GLU A 149 -3.87 17.63 -53.48
CA GLU A 149 -4.88 16.60 -53.66
C GLU A 149 -4.40 15.25 -53.12
N GLU A 150 -3.13 14.94 -53.38
CA GLU A 150 -2.55 13.69 -52.92
C GLU A 150 -2.35 13.67 -51.40
N CYS A 151 -2.13 14.84 -50.82
CA CYS A 151 -1.93 14.96 -49.39
C CYS A 151 -3.24 14.71 -48.66
N ARG A 152 -4.32 15.26 -49.20
CA ARG A 152 -5.65 15.08 -48.61
C ARG A 152 -6.06 13.62 -48.68
N SER A 153 -5.73 12.96 -49.79
CA SER A 153 -6.03 11.55 -49.97
C SER A 153 -5.23 10.73 -48.97
N PHE A 154 -3.93 11.02 -48.89
CA PHE A 154 -3.03 10.34 -47.97
C PHE A 154 -3.54 10.49 -46.54
N THR A 155 -3.88 11.73 -46.18
CA THR A 155 -4.40 12.02 -44.85
C THR A 155 -5.70 11.27 -44.58
N THR A 156 -6.64 11.40 -45.51
CA THR A 156 -7.93 10.72 -45.38
C THR A 156 -7.77 9.23 -45.17
N ASN A 157 -6.99 8.59 -46.02
CA ASN A 157 -6.75 7.14 -45.92
C ASN A 157 -6.19 6.74 -44.57
N ALA A 158 -5.12 7.40 -44.16
CA ALA A 158 -4.46 7.10 -42.89
C ALA A 158 -5.40 7.22 -41.69
N ILE A 159 -6.16 8.31 -41.65
CA ILE A 159 -7.09 8.52 -40.55
C ILE A 159 -8.21 7.49 -40.56
N ALA A 160 -8.66 7.12 -41.76
CA ALA A 160 -9.72 6.13 -41.90
C ALA A 160 -9.26 4.77 -41.40
N LEU A 161 -8.00 4.43 -41.67
CA LEU A 161 -7.45 3.17 -41.24
C LEU A 161 -7.32 3.13 -39.72
N ALA A 162 -6.98 4.27 -39.13
CA ALA A 162 -6.84 4.37 -37.68
C ALA A 162 -8.20 4.33 -36.99
N MET A 163 -9.16 5.05 -37.56
CA MET A 163 -10.51 5.10 -37.01
C MET A 163 -11.16 3.72 -36.89
N ASN A 164 -10.95 2.88 -37.91
CA ASN A 164 -11.51 1.54 -37.91
C ASN A 164 -10.86 0.61 -36.88
N ARG A 165 -9.60 0.83 -36.57
CA ARG A 165 -8.90 -0.02 -35.61
C ARG A 165 -8.95 0.49 -34.17
N ASP A 166 -8.86 1.79 -33.98
CA ASP A 166 -8.85 2.39 -32.65
C ASP A 166 -10.24 2.66 -32.08
N GLY A 167 -10.48 2.19 -30.86
CA GLY A 167 -11.75 2.39 -30.18
C GLY A 167 -11.97 3.82 -29.71
N SER A 168 -10.88 4.56 -29.53
CA SER A 168 -10.96 5.95 -29.09
C SER A 168 -11.10 6.92 -30.27
N SER A 169 -11.07 6.38 -31.48
CA SER A 169 -11.22 7.19 -32.68
C SER A 169 -12.47 6.74 -33.41
N GLY A 170 -13.00 7.60 -34.27
CA GLY A 170 -14.20 7.27 -35.02
C GLY A 170 -15.02 8.48 -35.41
N GLY A 171 -16.17 8.23 -36.04
CA GLY A 171 -17.05 9.30 -36.47
C GLY A 171 -16.74 9.76 -37.87
N VAL A 172 -16.55 11.07 -38.03
CA VAL A 172 -16.24 11.63 -39.34
C VAL A 172 -14.81 12.14 -39.39
N ILE A 173 -14.35 12.50 -40.58
CA ILE A 173 -12.99 13.00 -40.75
C ILE A 173 -13.01 14.48 -41.11
N HIS A 174 -12.46 15.32 -40.24
CA HIS A 174 -12.39 16.74 -40.50
C HIS A 174 -11.09 17.01 -41.26
N LEU A 175 -11.19 17.73 -42.37
CA LEU A 175 -10.03 18.04 -43.20
C LEU A 175 -9.84 19.53 -43.43
N VAL A 176 -8.60 19.98 -43.40
CA VAL A 176 -8.28 21.39 -43.63
C VAL A 176 -7.02 21.54 -44.47
N THR A 177 -7.13 22.35 -45.52
CA THR A 177 -6.00 22.62 -46.38
C THR A 177 -5.64 24.08 -46.25
N ILE A 178 -4.40 24.35 -45.84
CA ILE A 178 -3.94 25.71 -45.68
C ILE A 178 -2.89 26.06 -46.72
N THR A 179 -3.06 27.22 -47.34
CA THR A 179 -2.15 27.70 -48.36
C THR A 179 -2.20 29.22 -48.40
N ALA A 180 -1.40 29.82 -49.28
CA ALA A 180 -1.38 31.28 -49.39
C ALA A 180 -2.78 31.85 -49.65
N ALA A 181 -3.50 31.25 -50.58
CA ALA A 181 -4.85 31.69 -50.92
C ALA A 181 -5.75 31.82 -49.70
N GLY A 182 -5.74 30.80 -48.85
CA GLY A 182 -6.56 30.82 -47.64
C GLY A 182 -6.79 29.44 -47.06
N VAL A 183 -7.77 29.34 -46.16
CA VAL A 183 -8.10 28.07 -45.53
C VAL A 183 -9.38 27.49 -46.12
N ASP A 184 -9.33 26.23 -46.53
CA ASP A 184 -10.51 25.58 -47.07
C ASP A 184 -10.83 24.30 -46.30
N TYR A 185 -11.96 24.32 -45.60
CA TYR A 185 -12.41 23.20 -44.79
C TYR A 185 -13.07 22.13 -45.65
N GLN A 186 -13.18 20.94 -45.08
CA GLN A 186 -13.80 19.80 -45.75
C GLN A 186 -14.14 18.75 -44.70
N VAL A 187 -15.31 18.14 -44.83
CA VAL A 187 -15.73 17.11 -43.90
C VAL A 187 -16.09 15.83 -44.63
N ILE A 188 -15.47 14.73 -44.24
CA ILE A 188 -15.75 13.44 -44.85
C ILE A 188 -16.63 12.62 -43.92
N LEU A 189 -17.91 12.52 -44.26
CA LEU A 189 -18.88 11.80 -43.44
C LEU A 189 -18.67 10.28 -43.47
N GLY A 190 -19.29 9.60 -42.51
CA GLY A 190 -19.19 8.15 -42.39
C GLY A 190 -19.37 7.36 -43.68
N ASN A 191 -20.37 7.71 -44.48
CA ASN A 191 -20.64 6.99 -45.72
C ASN A 191 -19.66 7.29 -46.86
N GLU A 192 -18.92 8.39 -46.77
CA GLU A 192 -17.97 8.74 -47.82
C GLU A 192 -16.51 8.51 -47.42
N LEU A 193 -16.30 7.73 -46.36
CA LEU A 193 -14.95 7.44 -45.88
C LEU A 193 -14.34 6.30 -46.68
N PRO A 194 -13.02 6.38 -46.93
CA PRO A 194 -12.30 5.33 -47.68
C PRO A 194 -12.46 3.97 -47.02
N LYS A 195 -12.76 2.96 -47.83
CA LYS A 195 -12.96 1.60 -47.33
C LYS A 195 -11.76 0.70 -47.58
N PHE A 196 -11.39 -0.07 -46.55
CA PHE A 196 -10.26 -0.99 -46.64
C PHE A 196 -10.69 -2.34 -46.10
N TYR A 197 -9.72 -3.22 -45.87
CA TYR A 197 -10.01 -4.53 -45.32
C TYR A 197 -10.55 -4.37 -43.91
N ASP A 198 -11.85 -4.60 -43.75
CA ASP A 198 -12.51 -4.47 -42.45
C ASP A 198 -12.97 -5.83 -41.92
N GLU A 199 -12.60 -6.88 -42.64
CA GLU A 199 -12.97 -8.23 -42.27
C GLU A 199 -12.06 -8.77 -41.16
N ASN B 4 18.77 75.85 -5.74
CA ASN B 4 18.32 75.56 -4.39
C ASN B 4 17.27 74.44 -4.38
N GLN B 5 16.33 74.52 -5.30
CA GLN B 5 15.27 73.52 -5.39
C GLN B 5 15.64 72.28 -6.19
N TYR B 6 16.85 72.27 -6.76
CA TYR B 6 17.30 71.15 -7.59
C TYR B 6 18.43 70.32 -7.00
N ASP B 7 18.99 70.73 -5.87
CA ASP B 7 20.09 69.97 -5.30
C ASP B 7 19.78 69.26 -3.98
N ASN B 8 18.73 68.45 -3.97
CA ASN B 8 18.36 67.72 -2.76
C ASN B 8 18.00 66.27 -3.08
N ASP B 9 17.39 66.06 -4.23
CA ASP B 9 16.98 64.72 -4.65
C ASP B 9 17.75 64.25 -5.88
N VAL B 10 18.02 62.95 -5.94
CA VAL B 10 18.74 62.36 -7.06
C VAL B 10 17.86 62.23 -8.31
N THR B 11 16.55 62.24 -8.12
CA THR B 11 15.61 62.12 -9.24
C THR B 11 15.17 63.47 -9.78
N VAL B 12 15.79 64.53 -9.33
CA VAL B 12 15.42 65.86 -9.80
C VAL B 12 16.44 66.47 -10.76
N TRP B 13 16.09 66.46 -12.04
CA TRP B 13 16.96 67.03 -13.07
C TRP B 13 16.94 68.55 -12.92
N SER B 14 18.09 69.17 -12.98
CA SER B 14 18.15 70.62 -12.90
C SER B 14 17.92 71.17 -14.32
N PRO B 15 17.66 72.48 -14.43
CA PRO B 15 17.42 73.15 -15.72
C PRO B 15 18.62 73.15 -16.70
N GLN B 16 19.84 72.96 -16.20
CA GLN B 16 21.03 72.91 -17.05
C GLN B 16 21.27 71.49 -17.57
N GLY B 17 20.49 70.53 -17.08
CA GLY B 17 20.62 69.15 -17.51
C GLY B 17 21.57 68.36 -16.62
N ARG B 18 21.73 68.81 -15.39
CA ARG B 18 22.61 68.12 -14.45
C ARG B 18 21.84 67.60 -13.24
N ILE B 19 22.50 66.76 -12.46
CA ILE B 19 21.91 66.20 -11.26
C ILE B 19 22.86 66.53 -10.11
N HIS B 20 22.54 67.61 -9.40
CA HIS B 20 23.35 68.10 -8.28
C HIS B 20 23.75 67.05 -7.25
N GLN B 21 22.81 66.17 -6.87
CA GLN B 21 23.09 65.13 -5.89
C GLN B 21 24.22 64.19 -6.28
N ILE B 22 24.34 63.89 -7.58
CA ILE B 22 25.40 63.03 -8.07
C ILE B 22 26.72 63.80 -8.05
N GLU B 23 26.64 65.12 -8.25
CA GLU B 23 27.80 65.98 -8.24
C GLU B 23 28.29 66.19 -6.81
N TYR B 24 27.37 66.17 -5.86
CA TYR B 24 27.71 66.34 -4.45
C TYR B 24 28.35 65.07 -3.91
N ALA B 25 27.96 63.94 -4.49
CA ALA B 25 28.50 62.63 -4.10
C ALA B 25 29.91 62.44 -4.65
N MET B 26 30.24 63.15 -5.73
CA MET B 26 31.56 63.09 -6.33
C MET B 26 32.55 63.93 -5.51
N GLU B 27 32.02 64.89 -4.76
CA GLU B 27 32.84 65.74 -3.91
C GLU B 27 33.40 64.90 -2.78
N ALA B 28 32.68 63.84 -2.43
CA ALA B 28 33.11 62.94 -1.35
C ALA B 28 34.38 62.18 -1.73
N VAL B 29 34.52 61.87 -3.01
CA VAL B 29 35.70 61.16 -3.49
C VAL B 29 36.90 62.09 -3.56
N LYS B 30 36.63 63.37 -3.83
CA LYS B 30 37.67 64.38 -3.93
C LYS B 30 38.24 64.77 -2.56
N GLN B 31 37.45 64.56 -1.51
CA GLN B 31 37.89 64.88 -0.16
C GLN B 31 38.69 63.73 0.44
N GLY B 32 38.57 62.56 -0.16
CA GLY B 32 39.27 61.37 0.31
C GLY B 32 40.76 61.44 0.07
N SER B 33 41.50 60.55 0.73
CA SER B 33 42.95 60.50 0.57
C SER B 33 43.31 59.97 -0.82
N ALA B 34 44.34 60.56 -1.41
CA ALA B 34 44.79 60.18 -2.75
C ALA B 34 45.26 58.73 -2.84
N THR B 35 45.08 58.14 -4.01
CA THR B 35 45.51 56.78 -4.29
C THR B 35 45.84 56.67 -5.77
N VAL B 36 46.88 55.93 -6.11
CA VAL B 36 47.31 55.78 -7.49
C VAL B 36 47.22 54.33 -7.98
N GLY B 37 46.89 54.18 -9.26
CA GLY B 37 46.79 52.88 -9.87
C GLY B 37 47.37 52.89 -11.26
N LEU B 38 48.35 52.02 -11.49
CA LEU B 38 49.00 51.93 -12.79
C LEU B 38 49.33 50.48 -13.10
N LYS B 39 49.59 50.21 -14.37
CA LYS B 39 49.91 48.85 -14.78
C LYS B 39 50.97 48.84 -15.87
N SER B 40 51.71 47.73 -15.93
CA SER B 40 52.74 47.58 -16.94
C SER B 40 52.24 46.68 -18.05
N LYS B 41 52.91 45.56 -18.24
CA LYS B 41 52.52 44.60 -19.25
C LYS B 41 52.12 43.29 -18.59
N THR B 42 52.65 43.07 -17.39
CA THR B 42 52.39 41.84 -16.65
C THR B 42 51.89 42.09 -15.23
N HIS B 43 51.92 43.34 -14.78
CA HIS B 43 51.48 43.65 -13.41
C HIS B 43 50.50 44.82 -13.33
N ALA B 44 49.80 44.88 -12.20
CA ALA B 44 48.84 45.93 -11.89
C ALA B 44 49.02 46.28 -10.43
N VAL B 45 49.40 47.51 -10.13
CA VAL B 45 49.62 47.92 -8.75
C VAL B 45 48.77 49.09 -8.28
N LEU B 46 48.56 49.15 -6.97
CA LEU B 46 47.81 50.23 -6.35
C LEU B 46 48.63 50.79 -5.20
N VAL B 47 48.66 52.11 -5.11
CA VAL B 47 49.41 52.80 -4.05
C VAL B 47 48.52 53.87 -3.46
N ALA B 48 48.30 53.80 -2.15
CA ALA B 48 47.44 54.78 -1.48
C ALA B 48 48.08 55.39 -0.25
N LEU B 49 47.71 56.63 0.02
CA LEU B 49 48.21 57.35 1.18
C LEU B 49 47.21 57.13 2.32
N LYS B 50 47.65 56.45 3.37
CA LYS B 50 46.78 56.19 4.51
C LYS B 50 46.70 57.41 5.40
N ARG B 51 45.47 57.81 5.72
CA ARG B 51 45.25 58.96 6.58
C ARG B 51 45.10 58.52 8.03
N ALA B 52 45.43 59.42 8.95
CA ALA B 52 45.32 59.13 10.38
C ALA B 52 44.59 60.25 11.09
N GLN B 53 43.54 59.91 11.83
CA GLN B 53 42.76 60.91 12.56
C GLN B 53 43.64 61.69 13.54
N SER B 54 44.49 60.97 14.26
CA SER B 54 45.40 61.59 15.22
C SER B 54 46.70 60.79 15.28
N GLU B 55 47.64 61.25 16.10
CA GLU B 55 48.93 60.59 16.24
C GLU B 55 48.84 59.23 16.92
N LEU B 56 47.84 59.06 17.79
CA LEU B 56 47.67 57.81 18.50
C LEU B 56 46.75 56.83 17.78
N ALA B 57 46.25 57.24 16.62
CA ALA B 57 45.36 56.40 15.84
C ALA B 57 46.11 55.64 14.76
N ALA B 58 45.53 54.53 14.33
CA ALA B 58 46.14 53.73 13.28
C ALA B 58 45.68 54.30 11.94
N HIS B 59 46.52 54.17 10.92
CA HIS B 59 46.16 54.67 9.61
C HIS B 59 45.00 53.84 9.06
N GLN B 60 43.99 54.52 8.52
CA GLN B 60 42.83 53.85 7.99
C GLN B 60 43.16 52.94 6.81
N LYS B 61 42.54 51.76 6.78
CA LYS B 61 42.74 50.82 5.69
C LYS B 61 42.24 51.46 4.40
N LYS B 62 42.99 51.30 3.32
CA LYS B 62 42.62 51.88 2.04
C LYS B 62 42.68 50.88 0.89
N ILE B 63 43.37 49.78 1.11
CA ILE B 63 43.50 48.74 0.09
C ILE B 63 42.85 47.44 0.57
N LEU B 64 41.79 47.04 -0.10
CA LEU B 64 41.06 45.83 0.28
C LEU B 64 41.21 44.69 -0.70
N HIS B 65 40.95 43.48 -0.21
CA HIS B 65 41.02 42.27 -1.01
C HIS B 65 39.65 41.99 -1.61
N VAL B 66 39.61 41.56 -2.86
CA VAL B 66 38.36 41.23 -3.50
C VAL B 66 38.36 39.76 -3.88
N ASP B 67 39.44 39.34 -4.51
CA ASP B 67 39.64 37.97 -4.95
C ASP B 67 41.15 37.76 -5.16
N ASN B 68 41.54 36.60 -5.67
CA ASN B 68 42.95 36.30 -5.91
C ASN B 68 43.55 37.06 -7.11
N HIS B 69 42.70 37.55 -8.00
CA HIS B 69 43.17 38.29 -9.17
C HIS B 69 42.66 39.74 -9.18
N ILE B 70 41.90 40.12 -8.18
CA ILE B 70 41.32 41.48 -8.10
C ILE B 70 41.54 42.15 -6.73
N GLY B 71 41.94 43.43 -6.76
CA GLY B 71 42.15 44.21 -5.56
C GLY B 71 41.63 45.62 -5.77
N ILE B 72 41.28 46.33 -4.70
CA ILE B 72 40.76 47.69 -4.85
C ILE B 72 41.38 48.73 -3.91
N SER B 73 41.17 49.99 -4.26
CA SER B 73 41.65 51.13 -3.50
C SER B 73 40.46 52.06 -3.40
N ILE B 74 40.12 52.49 -2.18
CA ILE B 74 38.95 53.33 -1.99
C ILE B 74 39.23 54.79 -1.63
N ALA B 75 38.23 55.63 -1.89
CA ALA B 75 38.28 57.05 -1.61
C ALA B 75 36.85 57.54 -1.39
N GLY B 76 36.60 58.18 -0.26
CA GLY B 76 35.28 58.69 0.05
C GLY B 76 34.69 58.02 1.28
N LEU B 77 33.38 57.83 1.29
CA LEU B 77 32.69 57.20 2.42
C LEU B 77 33.12 55.76 2.59
N THR B 78 33.87 55.49 3.66
CA THR B 78 34.37 54.15 3.94
C THR B 78 33.27 53.10 4.11
N ALA B 79 32.14 53.50 4.68
CA ALA B 79 31.03 52.58 4.87
C ALA B 79 30.51 52.11 3.51
N ASP B 80 30.46 53.02 2.55
CA ASP B 80 30.01 52.68 1.21
C ASP B 80 31.06 51.84 0.50
N ALA B 81 32.33 52.11 0.79
CA ALA B 81 33.42 51.37 0.19
C ALA B 81 33.36 49.92 0.62
N ARG B 82 33.05 49.69 1.90
CA ARG B 82 32.94 48.35 2.43
C ARG B 82 31.70 47.67 1.85
N LEU B 83 30.65 48.45 1.64
CA LEU B 83 29.42 47.94 1.04
C LEU B 83 29.71 47.40 -0.34
N LEU B 84 30.29 48.24 -1.19
CA LEU B 84 30.64 47.87 -2.55
C LEU B 84 31.60 46.70 -2.58
N CYS B 85 32.59 46.71 -1.69
CA CYS B 85 33.56 45.64 -1.59
C CYS B 85 32.87 44.29 -1.37
N ASN B 86 31.91 44.27 -0.45
CA ASN B 86 31.16 43.06 -0.15
C ASN B 86 30.48 42.54 -1.42
N PHE B 87 29.83 43.45 -2.13
CA PHE B 87 29.14 43.12 -3.37
C PHE B 87 30.13 42.51 -4.37
N MET B 88 31.30 43.13 -4.50
CA MET B 88 32.33 42.65 -5.42
C MET B 88 32.81 41.26 -5.01
N ARG B 89 33.02 41.06 -3.72
CA ARG B 89 33.46 39.77 -3.20
C ARG B 89 32.46 38.67 -3.53
N GLN B 90 31.18 38.96 -3.34
CA GLN B 90 30.13 37.99 -3.62
C GLN B 90 30.11 37.61 -5.09
N GLU B 91 30.17 38.61 -5.97
CA GLU B 91 30.16 38.38 -7.40
C GLU B 91 31.31 37.47 -7.81
N CYS B 92 32.49 37.74 -7.28
CA CYS B 92 33.66 36.93 -7.58
C CYS B 92 33.48 35.51 -7.07
N LEU B 93 32.90 35.39 -5.88
CA LEU B 93 32.64 34.09 -5.29
C LEU B 93 31.64 33.30 -6.12
N ASP B 94 30.61 34.00 -6.60
CA ASP B 94 29.58 33.38 -7.42
C ASP B 94 30.16 32.85 -8.73
N SER B 95 31.01 33.64 -9.36
CA SER B 95 31.64 33.24 -10.60
C SER B 95 32.48 31.98 -10.43
N ARG B 96 33.21 31.90 -9.32
CA ARG B 96 34.03 30.73 -9.04
C ARG B 96 33.19 29.51 -8.66
N PHE B 97 31.99 29.76 -8.12
CA PHE B 97 31.11 28.66 -7.74
C PHE B 97 30.41 28.08 -8.96
N VAL B 98 29.91 28.95 -9.82
CA VAL B 98 29.18 28.54 -11.01
C VAL B 98 30.06 28.06 -12.17
N PHE B 99 30.97 28.93 -12.62
CA PHE B 99 31.82 28.61 -13.76
C PHE B 99 33.22 28.09 -13.43
N ASP B 100 33.53 27.96 -12.14
CA ASP B 100 34.84 27.48 -11.68
C ASP B 100 36.02 28.23 -12.33
N ARG B 101 35.89 29.55 -12.40
CA ARG B 101 36.93 30.39 -12.97
C ARG B 101 36.79 31.81 -12.45
N PRO B 102 37.91 32.54 -12.37
CA PRO B 102 37.89 33.92 -11.89
C PRO B 102 37.02 34.80 -12.76
N LEU B 103 36.28 35.71 -12.14
CA LEU B 103 35.41 36.61 -12.87
C LEU B 103 36.28 37.67 -13.54
N PRO B 104 36.20 37.77 -14.88
CA PRO B 104 36.98 38.78 -15.62
C PRO B 104 36.76 40.16 -15.04
N VAL B 105 37.84 40.88 -14.78
CA VAL B 105 37.78 42.21 -14.20
C VAL B 105 36.80 43.15 -14.91
N SER B 106 36.85 43.16 -16.23
CA SER B 106 35.97 44.03 -17.01
C SER B 106 34.49 43.74 -16.77
N ARG B 107 34.15 42.46 -16.64
CA ARG B 107 32.76 42.07 -16.39
C ARG B 107 32.33 42.47 -14.98
N LEU B 108 33.24 42.37 -14.03
CA LEU B 108 32.94 42.75 -12.66
C LEU B 108 32.72 44.25 -12.56
N VAL B 109 33.48 45.01 -13.33
CA VAL B 109 33.34 46.46 -13.35
C VAL B 109 31.97 46.88 -13.89
N SER B 110 31.48 46.15 -14.89
CA SER B 110 30.17 46.46 -15.47
C SER B 110 29.05 46.21 -14.46
N LEU B 111 29.22 45.18 -13.62
CA LEU B 111 28.23 44.87 -12.58
C LEU B 111 28.17 46.01 -11.58
N ILE B 112 29.33 46.56 -11.24
CA ILE B 112 29.39 47.68 -10.30
C ILE B 112 28.69 48.89 -10.89
N GLY B 113 28.94 49.16 -12.17
CA GLY B 113 28.33 50.28 -12.85
C GLY B 113 26.82 50.20 -12.80
N SER B 114 26.28 49.01 -13.08
CA SER B 114 24.84 48.78 -13.07
C SER B 114 24.26 48.91 -11.67
N LYS B 115 24.96 48.34 -10.70
CA LYS B 115 24.50 48.37 -9.32
C LYS B 115 24.45 49.79 -8.76
N THR B 116 25.47 50.58 -9.07
CA THR B 116 25.54 51.95 -8.57
C THR B 116 24.70 52.93 -9.39
N GLN B 117 24.22 52.50 -10.55
CA GLN B 117 23.40 53.34 -11.40
C GLN B 117 21.97 53.41 -10.88
N ILE B 118 21.47 52.29 -10.39
CA ILE B 118 20.10 52.18 -9.88
C ILE B 118 19.69 53.29 -8.92
N PRO B 119 20.42 53.44 -7.80
CA PRO B 119 20.13 54.46 -6.78
C PRO B 119 20.16 55.91 -7.27
N THR B 120 20.66 56.16 -8.48
CA THR B 120 20.70 57.52 -8.99
C THR B 120 19.45 57.90 -9.78
N GLN B 121 18.46 57.01 -9.81
CA GLN B 121 17.22 57.28 -10.54
C GLN B 121 15.96 57.15 -9.68
N ARG B 122 16.10 56.57 -8.48
CA ARG B 122 14.96 56.36 -7.60
C ARG B 122 14.83 57.39 -6.47
N TYR B 123 13.62 57.91 -6.30
CA TYR B 123 13.32 58.89 -5.28
C TYR B 123 13.61 58.37 -3.88
N GLY B 124 14.27 59.17 -3.08
CA GLY B 124 14.62 58.78 -1.72
C GLY B 124 15.98 58.16 -1.57
N ARG B 125 16.50 57.61 -2.66
CA ARG B 125 17.81 56.95 -2.67
C ARG B 125 18.91 57.95 -2.94
N ARG B 126 20.15 57.51 -2.78
CA ARG B 126 21.29 58.38 -3.02
C ARG B 126 22.39 57.59 -3.71
N PRO B 127 23.31 58.30 -4.36
CA PRO B 127 24.44 57.64 -5.04
C PRO B 127 25.45 57.15 -4.02
N TYR B 128 26.24 56.15 -4.40
CA TYR B 128 27.29 55.66 -3.51
C TYR B 128 28.31 56.77 -3.45
N GLY B 129 28.75 57.14 -2.25
CA GLY B 129 29.71 58.22 -2.10
C GLY B 129 31.14 57.75 -2.02
N VAL B 130 31.51 56.81 -2.87
CA VAL B 130 32.86 56.28 -2.88
C VAL B 130 33.43 56.12 -4.28
N GLY B 131 34.69 56.51 -4.45
CA GLY B 131 35.38 56.37 -5.71
C GLY B 131 36.27 55.15 -5.57
N LEU B 132 36.48 54.41 -6.66
CA LEU B 132 37.30 53.21 -6.57
C LEU B 132 38.37 53.06 -7.64
N LEU B 133 39.45 52.37 -7.27
CA LEU B 133 40.55 52.07 -8.17
C LEU B 133 40.67 50.55 -8.12
N ILE B 134 40.45 49.91 -9.25
CA ILE B 134 40.47 48.45 -9.31
C ILE B 134 41.64 47.89 -10.11
N ALA B 135 42.42 47.04 -9.47
CA ALA B 135 43.54 46.39 -10.10
C ALA B 135 43.22 44.91 -10.20
N GLY B 136 43.50 44.30 -11.35
CA GLY B 136 43.21 42.89 -11.52
C GLY B 136 44.02 42.25 -12.62
N TYR B 137 43.94 40.92 -12.71
CA TYR B 137 44.67 40.19 -13.73
C TYR B 137 43.90 38.97 -14.20
N ASP B 138 43.43 39.02 -15.44
CA ASP B 138 42.68 37.92 -16.02
C ASP B 138 43.36 37.44 -17.30
N ASP B 139 42.57 36.94 -18.24
CA ASP B 139 43.10 36.44 -19.51
C ASP B 139 43.50 37.54 -20.50
N MET B 140 43.05 38.76 -20.25
CA MET B 140 43.39 39.90 -21.10
C MET B 140 44.50 40.74 -20.48
N GLY B 141 45.25 40.16 -19.56
CA GLY B 141 46.34 40.85 -18.89
C GLY B 141 45.92 41.62 -17.65
N PRO B 142 46.76 42.59 -17.25
CA PRO B 142 46.51 43.44 -16.08
C PRO B 142 45.56 44.59 -16.42
N HIS B 143 44.70 44.96 -15.49
CA HIS B 143 43.75 46.05 -15.71
C HIS B 143 43.71 47.04 -14.55
N ILE B 144 43.43 48.29 -14.88
CA ILE B 144 43.30 49.34 -13.88
C ILE B 144 42.02 50.10 -14.20
N PHE B 145 40.96 49.82 -13.42
CA PHE B 145 39.68 50.47 -13.63
C PHE B 145 39.41 51.51 -12.55
N GLN B 146 38.59 52.50 -12.89
CA GLN B 146 38.23 53.54 -11.94
C GLN B 146 36.72 53.74 -11.91
N THR B 147 36.10 53.36 -10.80
CA THR B 147 34.65 53.52 -10.65
C THR B 147 34.33 54.86 -10.02
N CYS B 148 33.21 55.43 -10.42
CA CYS B 148 32.76 56.72 -9.94
C CYS B 148 31.44 56.57 -9.21
N PRO B 149 31.06 57.56 -8.38
CA PRO B 149 29.81 57.63 -7.63
C PRO B 149 28.57 57.80 -8.52
N SER B 150 28.76 58.31 -9.73
CA SER B 150 27.68 58.49 -10.70
C SER B 150 27.52 57.29 -11.65
N ALA B 151 28.01 56.13 -11.22
CA ALA B 151 27.97 54.85 -11.93
C ALA B 151 28.77 54.73 -13.24
N ASN B 152 29.65 55.69 -13.49
CA ASN B 152 30.48 55.68 -14.68
C ASN B 152 31.82 55.07 -14.32
N TYR B 153 32.44 54.39 -15.28
CA TYR B 153 33.74 53.77 -15.03
C TYR B 153 34.63 53.85 -16.26
N PHE B 154 35.93 54.01 -16.03
CA PHE B 154 36.87 54.13 -17.12
C PHE B 154 38.00 53.11 -17.03
N ASP B 155 38.40 52.58 -18.19
CA ASP B 155 39.49 51.64 -18.29
C ASP B 155 40.72 52.49 -18.57
N CYS B 156 41.69 52.47 -17.67
CA CYS B 156 42.86 53.31 -17.84
C CYS B 156 44.21 52.61 -17.72
N ARG B 157 45.26 53.32 -18.14
CA ARG B 157 46.62 52.82 -18.06
C ARG B 157 47.17 53.15 -16.67
N ALA B 158 46.67 54.26 -16.12
CA ALA B 158 47.04 54.73 -14.80
C ALA B 158 46.01 55.78 -14.39
N MET B 159 45.67 55.84 -13.10
CA MET B 159 44.67 56.78 -12.63
C MET B 159 44.95 57.22 -11.20
N SER B 160 44.33 58.32 -10.79
CA SER B 160 44.50 58.84 -9.43
C SER B 160 43.25 59.57 -8.99
N ILE B 161 42.80 59.28 -7.76
CA ILE B 161 41.63 59.91 -7.20
C ILE B 161 41.91 60.34 -5.77
N GLY B 162 41.14 61.29 -5.27
CA GLY B 162 41.32 61.79 -3.91
C GLY B 162 41.80 63.23 -3.86
N ALA B 163 42.11 63.70 -2.66
CA ALA B 163 42.58 65.07 -2.48
C ALA B 163 43.85 65.32 -3.26
N ARG B 164 43.85 66.39 -4.07
CA ARG B 164 45.00 66.77 -4.88
C ARG B 164 45.56 65.61 -5.70
N SER B 165 44.68 64.88 -6.38
CA SER B 165 45.10 63.74 -7.20
C SER B 165 45.45 64.20 -8.61
N GLN B 166 45.14 65.45 -8.92
CA GLN B 166 45.43 66.03 -10.22
C GLN B 166 46.94 66.09 -10.45
N SER B 167 47.68 66.42 -9.39
CA SER B 167 49.13 66.49 -9.46
C SER B 167 49.73 65.12 -9.75
N ALA B 168 49.14 64.08 -9.17
CA ALA B 168 49.60 62.72 -9.39
C ALA B 168 49.25 62.33 -10.82
N ARG B 169 48.08 62.78 -11.27
CA ARG B 169 47.62 62.50 -12.62
C ARG B 169 48.56 63.14 -13.64
N THR B 170 49.00 64.36 -13.33
CA THR B 170 49.91 65.09 -14.21
C THR B 170 51.22 64.32 -14.33
N TYR B 171 51.71 63.81 -13.20
CA TYR B 171 52.93 63.04 -13.17
C TYR B 171 52.69 61.72 -13.90
N LEU B 172 51.52 61.13 -13.66
CA LEU B 172 51.17 59.86 -14.28
C LEU B 172 51.21 59.96 -15.80
N GLU B 173 50.60 61.01 -16.36
CA GLU B 173 50.56 61.21 -17.80
C GLU B 173 51.95 61.41 -18.41
N ARG B 174 52.84 62.05 -17.68
CA ARG B 174 54.18 62.32 -18.17
C ARG B 174 55.10 61.09 -18.22
N HIS B 175 54.87 60.12 -17.36
CA HIS B 175 55.73 58.93 -17.32
C HIS B 175 55.03 57.63 -17.73
N MET B 176 53.85 57.75 -18.32
CA MET B 176 53.09 56.56 -18.73
C MET B 176 53.62 55.86 -20.00
N SER B 177 54.52 56.51 -20.73
CA SER B 177 55.09 55.95 -21.95
C SER B 177 56.01 54.75 -21.68
N GLY B 178 56.61 54.70 -20.50
CA GLY B 178 57.49 53.61 -20.13
C GLY B 178 56.94 52.73 -19.04
N PHE B 179 55.61 52.55 -19.04
CA PHE B 179 54.96 51.73 -18.03
C PHE B 179 54.86 50.26 -18.47
N MET B 180 54.54 50.04 -19.73
CA MET B 180 54.40 48.69 -20.26
C MET B 180 55.69 47.87 -20.11
N GLU B 181 56.82 48.50 -20.39
CA GLU B 181 58.11 47.82 -20.31
C GLU B 181 58.72 47.85 -18.91
N CYS B 182 58.05 48.53 -17.98
CA CYS B 182 58.53 48.62 -16.60
C CYS B 182 58.46 47.28 -15.90
N ASN B 183 59.36 47.06 -14.95
CA ASN B 183 59.35 45.84 -14.16
C ASN B 183 58.62 46.10 -12.84
N LEU B 184 58.40 45.07 -12.04
CA LEU B 184 57.70 45.20 -10.77
C LEU B 184 58.25 46.31 -9.87
N ASN B 185 59.54 46.22 -9.56
CA ASN B 185 60.17 47.23 -8.71
C ASN B 185 60.05 48.61 -9.35
N GLU B 186 60.34 48.67 -10.64
CA GLU B 186 60.28 49.93 -11.39
C GLU B 186 58.88 50.52 -11.43
N LEU B 187 57.89 49.70 -11.74
CA LEU B 187 56.49 50.15 -11.82
C LEU B 187 55.97 50.67 -10.49
N VAL B 188 56.40 50.05 -9.39
CA VAL B 188 55.96 50.46 -8.06
C VAL B 188 56.54 51.82 -7.67
N LYS B 189 57.73 52.12 -8.19
CA LYS B 189 58.39 53.38 -7.90
C LYS B 189 57.62 54.53 -8.53
N HIS B 190 57.21 54.34 -9.78
CA HIS B 190 56.46 55.37 -10.49
C HIS B 190 55.18 55.72 -9.73
N GLY B 191 54.47 54.70 -9.28
CA GLY B 191 53.26 54.91 -8.52
C GLY B 191 53.55 55.70 -7.28
N LEU B 192 54.58 55.28 -6.55
CA LEU B 192 54.99 55.96 -5.33
C LEU B 192 55.35 57.41 -5.60
N ARG B 193 56.10 57.64 -6.67
CA ARG B 193 56.50 58.99 -7.05
C ARG B 193 55.27 59.85 -7.36
N ALA B 194 54.33 59.28 -8.08
CA ALA B 194 53.10 60.00 -8.43
C ALA B 194 52.25 60.23 -7.19
N LEU B 195 52.27 59.27 -6.28
CA LEU B 195 51.51 59.37 -5.04
C LEU B 195 52.08 60.43 -4.12
N ARG B 196 53.40 60.60 -4.18
CA ARG B 196 54.10 61.59 -3.36
C ARG B 196 53.94 63.01 -3.90
N GLU B 197 53.54 63.13 -5.17
CA GLU B 197 53.34 64.44 -5.80
C GLU B 197 52.11 65.17 -5.27
N THR B 198 51.14 64.42 -4.73
CA THR B 198 49.92 65.00 -4.18
C THR B 198 50.11 65.41 -2.72
N LEU B 199 51.24 65.03 -2.14
CA LEU B 199 51.54 65.34 -0.76
C LEU B 199 52.10 66.75 -0.63
N PRO B 200 52.01 67.34 0.57
CA PRO B 200 52.53 68.67 0.87
C PRO B 200 54.06 68.70 0.80
N ALA B 201 54.61 69.89 0.54
CA ALA B 201 56.06 70.06 0.45
C ALA B 201 56.81 69.49 1.66
N GLU B 202 56.33 69.80 2.85
CA GLU B 202 56.94 69.32 4.09
C GLU B 202 56.85 67.80 4.28
N GLN B 203 55.62 67.29 4.27
CA GLN B 203 55.38 65.85 4.47
C GLN B 203 56.00 64.94 3.40
N ASP B 204 56.28 63.71 3.78
CA ASP B 204 56.89 62.73 2.89
C ASP B 204 56.30 61.34 3.11
N LEU B 205 56.41 60.49 2.11
CA LEU B 205 55.89 59.13 2.19
C LEU B 205 56.79 58.24 3.04
N THR B 206 56.19 57.56 4.01
CA THR B 206 56.94 56.68 4.89
C THR B 206 56.33 55.28 4.89
N THR B 207 56.62 54.51 5.94
CA THR B 207 56.11 53.16 6.06
C THR B 207 54.90 53.12 7.01
N LYS B 208 54.27 54.27 7.18
CA LYS B 208 53.11 54.39 8.05
C LYS B 208 51.88 54.81 7.25
N ASN B 209 52.06 55.80 6.40
CA ASN B 209 50.95 56.33 5.59
C ASN B 209 50.96 55.81 4.16
N VAL B 210 51.61 54.67 3.93
CA VAL B 210 51.68 54.11 2.59
C VAL B 210 51.30 52.63 2.53
N SER B 211 50.37 52.30 1.64
CA SER B 211 49.90 50.93 1.47
C SER B 211 50.03 50.55 0.01
N ILE B 212 50.56 49.35 -0.26
CA ILE B 212 50.73 48.88 -1.62
C ILE B 212 50.04 47.54 -1.86
N GLY B 213 49.42 47.41 -3.03
CA GLY B 213 48.74 46.21 -3.44
C GLY B 213 49.09 45.86 -4.87
N ILE B 214 49.66 44.67 -5.07
CA ILE B 214 50.07 44.24 -6.41
C ILE B 214 49.44 42.92 -6.83
N VAL B 215 49.16 42.80 -8.13
CA VAL B 215 48.61 41.59 -8.72
C VAL B 215 49.18 41.47 -10.12
N GLY B 216 49.79 40.33 -10.44
CA GLY B 216 50.38 40.16 -11.74
C GLY B 216 50.20 38.79 -12.35
N LYS B 217 50.97 38.54 -13.41
CA LYS B 217 50.92 37.27 -14.14
C LYS B 217 51.01 36.05 -13.22
N ASP B 218 52.08 35.96 -12.44
CA ASP B 218 52.27 34.85 -11.53
C ASP B 218 52.36 35.32 -10.08
N LEU B 219 51.34 36.06 -9.66
CA LEU B 219 51.30 36.57 -8.30
C LEU B 219 49.88 36.98 -7.89
N GLU B 220 49.39 36.39 -6.81
CA GLU B 220 48.06 36.70 -6.31
C GLU B 220 48.06 38.11 -5.70
N PHE B 221 46.89 38.75 -5.70
CA PHE B 221 46.80 40.09 -5.15
C PHE B 221 47.20 40.13 -3.69
N THR B 222 48.35 40.75 -3.40
CA THR B 222 48.84 40.86 -2.04
C THR B 222 48.97 42.32 -1.64
N ILE B 223 48.83 42.59 -0.35
CA ILE B 223 48.91 43.94 0.18
C ILE B 223 50.11 44.08 1.12
N TYR B 224 50.86 45.16 0.95
CA TYR B 224 52.04 45.42 1.78
C TYR B 224 51.81 46.60 2.72
N ASP B 225 51.97 46.36 4.02
CA ASP B 225 51.77 47.40 5.02
C ASP B 225 52.98 47.64 5.90
N ASP B 226 53.24 48.89 6.23
CA ASP B 226 54.35 49.29 7.08
C ASP B 226 55.71 48.70 6.70
N ASP B 227 56.18 47.76 7.53
CA ASP B 227 57.47 47.12 7.32
C ASP B 227 57.64 46.40 5.98
N ASP B 228 56.53 45.94 5.40
CA ASP B 228 56.61 45.24 4.12
C ASP B 228 56.81 46.21 2.95
N VAL B 229 56.55 47.49 3.18
CA VAL B 229 56.72 48.50 2.14
C VAL B 229 58.08 49.19 2.24
N SER B 230 58.99 48.61 3.02
CA SER B 230 60.33 49.16 3.19
C SER B 230 61.14 49.02 1.91
N PRO B 231 61.17 47.81 1.34
CA PRO B 231 61.89 47.51 0.10
C PRO B 231 61.54 48.48 -1.02
N PHE B 232 60.24 48.68 -1.25
CA PHE B 232 59.78 49.57 -2.30
C PHE B 232 60.15 51.02 -1.98
N LEU B 233 60.10 51.37 -0.71
CA LEU B 233 60.42 52.72 -0.27
C LEU B 233 61.92 53.02 -0.40
N GLU B 234 62.76 52.01 -0.19
CA GLU B 234 64.20 52.21 -0.28
C GLU B 234 64.66 52.36 -1.72
N GLY B 235 65.09 53.57 -2.06
CA GLY B 235 65.55 53.87 -3.40
C GLY B 235 65.00 55.19 -3.90
N LEU B 236 63.82 55.56 -3.41
CA LEU B 236 63.17 56.80 -3.81
C LEU B 236 64.10 57.99 -3.62
N GLU B 237 64.24 58.80 -4.65
CA GLU B 237 65.10 59.99 -4.59
C GLU B 237 64.48 61.08 -3.72
N ASP C 9 12.79 70.90 2.26
CA ASP C 9 12.99 69.70 3.06
C ASP C 9 13.75 68.64 2.27
N ARG C 10 14.73 68.01 2.92
CA ARG C 10 15.53 66.99 2.29
C ARG C 10 15.33 65.64 2.95
N GLY C 11 15.69 64.57 2.24
CA GLY C 11 15.58 63.23 2.78
C GLY C 11 16.78 62.91 3.65
N VAL C 12 16.72 61.81 4.38
CA VAL C 12 17.82 61.43 5.27
C VAL C 12 19.10 61.02 4.54
N ASN C 13 18.96 60.54 3.31
CA ASN C 13 20.12 60.15 2.51
C ASN C 13 20.53 61.25 1.52
N THR C 14 20.41 62.51 1.96
CA THR C 14 20.76 63.64 1.12
C THR C 14 22.22 64.05 1.32
N PHE C 15 22.94 64.21 0.21
CA PHE C 15 24.33 64.62 0.24
C PHE C 15 24.43 66.13 0.25
N SER C 16 25.40 66.66 0.97
CA SER C 16 25.61 68.10 1.02
C SER C 16 26.53 68.50 -0.13
N PRO C 17 26.78 69.81 -0.29
CA PRO C 17 27.67 70.33 -1.33
C PRO C 17 29.16 70.00 -1.09
N GLU C 18 29.52 69.68 0.15
CA GLU C 18 30.89 69.32 0.51
C GLU C 18 31.10 67.80 0.46
N GLY C 19 30.10 67.08 -0.06
CA GLY C 19 30.18 65.64 -0.20
C GLY C 19 29.91 64.82 1.05
N ARG C 20 29.16 65.39 2.00
CA ARG C 20 28.85 64.68 3.23
C ARG C 20 27.37 64.48 3.42
N LEU C 21 27.01 63.44 4.17
CA LEU C 21 25.61 63.16 4.47
C LEU C 21 25.21 64.05 5.63
N PHE C 22 24.23 64.91 5.41
CA PHE C 22 23.75 65.85 6.43
C PHE C 22 23.45 65.16 7.76
N GLN C 23 22.63 64.11 7.70
CA GLN C 23 22.24 63.36 8.90
C GLN C 23 23.42 62.81 9.68
N VAL C 24 24.41 62.26 8.99
CA VAL C 24 25.58 61.70 9.65
C VAL C 24 26.40 62.79 10.33
N GLU C 25 26.45 63.97 9.71
CA GLU C 25 27.18 65.09 10.29
C GLU C 25 26.47 65.60 11.54
N TYR C 26 25.14 65.56 11.54
CA TYR C 26 24.35 66.01 12.67
C TYR C 26 24.43 64.99 13.80
N ALA C 27 24.62 63.72 13.43
CA ALA C 27 24.74 62.65 14.41
C ALA C 27 26.08 62.74 15.12
N ILE C 28 27.10 63.24 14.41
CA ILE C 28 28.43 63.42 14.98
C ILE C 28 28.44 64.61 15.95
N GLU C 29 27.55 65.56 15.72
CA GLU C 29 27.39 66.73 16.58
C GLU C 29 26.75 66.33 17.91
N ALA C 30 25.91 65.30 17.86
CA ALA C 30 25.24 64.78 19.04
C ALA C 30 26.20 64.07 20.00
N ILE C 31 27.28 63.52 19.45
CA ILE C 31 28.29 62.82 20.24
C ILE C 31 29.11 63.75 21.14
N LYS C 32 29.20 65.02 20.75
CA LYS C 32 29.94 66.02 21.51
C LYS C 32 29.25 66.44 22.81
N LEU C 33 27.94 66.21 22.89
CA LEU C 33 27.16 66.54 24.07
C LEU C 33 27.16 65.39 25.09
N GLY C 34 27.77 64.26 24.72
CA GLY C 34 27.84 63.12 25.60
C GLY C 34 28.94 63.24 26.63
N SER C 35 28.95 62.30 27.57
CA SER C 35 29.95 62.24 28.63
C SER C 35 31.29 61.89 28.01
N THR C 36 32.35 62.07 28.77
CA THR C 36 33.69 61.76 28.28
C THR C 36 34.12 60.33 28.61
N ALA C 37 34.53 59.60 27.58
CA ALA C 37 35.00 58.23 27.74
C ALA C 37 36.44 58.17 27.26
N ILE C 38 37.28 57.46 28.00
CA ILE C 38 38.68 57.34 27.65
C ILE C 38 39.11 55.89 27.52
N GLY C 39 39.86 55.59 26.47
CA GLY C 39 40.36 54.25 26.23
C GLY C 39 41.85 54.28 25.96
N ILE C 40 42.59 53.45 26.68
CA ILE C 40 44.03 53.37 26.50
C ILE C 40 44.46 51.94 26.27
N GLN C 41 45.26 51.72 25.25
CA GLN C 41 45.74 50.37 24.93
C GLN C 41 47.22 50.21 25.26
N THR C 42 47.51 49.24 26.11
CA THR C 42 48.89 48.96 26.50
C THR C 42 49.21 47.49 26.23
N SER C 43 50.42 47.06 26.55
CA SER C 43 50.82 45.68 26.35
C SER C 43 50.25 44.78 27.44
N GLU C 44 49.94 45.39 28.59
CA GLU C 44 49.39 44.66 29.70
C GLU C 44 47.89 44.43 29.51
N GLY C 45 47.26 45.32 28.76
CA GLY C 45 45.83 45.21 28.50
C GLY C 45 45.20 46.50 28.02
N VAL C 46 43.88 46.56 28.10
CA VAL C 46 43.13 47.74 27.67
C VAL C 46 42.23 48.22 28.81
N CYS C 47 42.30 49.51 29.11
CA CYS C 47 41.46 50.08 30.16
C CYS C 47 40.46 51.08 29.58
N LEU C 48 39.24 51.05 30.11
CA LEU C 48 38.18 51.95 29.67
C LEU C 48 37.66 52.75 30.84
N ALA C 49 37.55 54.06 30.66
CA ALA C 49 37.07 54.93 31.74
C ALA C 49 36.12 56.01 31.21
N VAL C 50 34.90 56.01 31.74
CA VAL C 50 33.89 56.97 31.32
C VAL C 50 33.21 57.60 32.54
N GLU C 51 32.94 58.89 32.46
CA GLU C 51 32.28 59.60 33.56
C GLU C 51 30.78 59.33 33.53
N LYS C 52 30.22 58.98 34.68
CA LYS C 52 28.79 58.67 34.79
C LYS C 52 27.90 59.90 34.59
N ARG C 53 28.42 61.07 34.94
CA ARG C 53 27.68 62.32 34.83
C ARG C 53 26.31 62.27 35.51
N ILE C 54 26.32 62.19 36.84
CA ILE C 54 25.10 62.14 37.63
C ILE C 54 24.49 63.53 37.75
N THR C 55 23.24 63.66 37.35
CA THR C 55 22.56 64.96 37.38
C THR C 55 21.75 65.24 38.65
N SER C 56 21.62 64.25 39.52
CA SER C 56 20.87 64.42 40.76
C SER C 56 21.28 63.41 41.82
N PRO C 57 21.30 63.82 43.09
CA PRO C 57 21.66 62.97 44.23
C PRO C 57 20.67 61.81 44.48
N LEU C 58 19.42 61.96 44.04
CA LEU C 58 18.42 60.91 44.20
C LEU C 58 18.60 59.80 43.17
N MET C 59 19.28 60.12 42.07
CA MET C 59 19.51 59.14 41.01
C MET C 59 20.55 58.12 41.45
N GLU C 60 20.24 56.83 41.25
CA GLU C 60 21.15 55.76 41.63
C GLU C 60 22.29 55.66 40.62
N PRO C 61 23.53 55.82 41.11
CA PRO C 61 24.76 55.77 40.29
C PRO C 61 25.02 54.42 39.63
N SER C 62 24.50 53.33 40.20
CA SER C 62 24.71 51.99 39.62
C SER C 62 23.79 51.70 38.45
N SER C 63 22.77 52.54 38.25
CA SER C 63 21.83 52.35 37.14
C SER C 63 22.35 52.99 35.84
N ILE C 64 23.44 53.75 35.95
CA ILE C 64 24.05 54.37 34.79
C ILE C 64 25.14 53.46 34.25
N GLU C 65 24.85 52.76 33.17
CA GLU C 65 25.84 51.85 32.57
C GLU C 65 26.42 52.42 31.29
N LYS C 66 27.65 52.94 31.37
CA LYS C 66 28.32 53.50 30.20
C LYS C 66 29.35 52.54 29.65
N ILE C 67 29.69 51.54 30.44
CA ILE C 67 30.65 50.51 30.03
C ILE C 67 29.98 49.16 30.16
N VAL C 68 29.91 48.42 29.06
CA VAL C 68 29.27 47.11 29.08
C VAL C 68 30.17 46.00 28.55
N GLU C 69 29.87 44.78 28.94
CA GLU C 69 30.64 43.63 28.48
C GLU C 69 30.00 43.02 27.25
N ILE C 70 30.72 43.06 26.13
CA ILE C 70 30.23 42.49 24.88
C ILE C 70 30.43 40.99 24.94
N ASP C 71 31.57 40.61 25.48
CA ASP C 71 31.97 39.21 25.67
C ASP C 71 33.04 39.18 26.76
N ALA C 72 33.55 37.99 27.06
CA ALA C 72 34.58 37.85 28.09
C ALA C 72 35.86 38.65 27.80
N HIS C 73 36.24 38.74 26.53
CA HIS C 73 37.45 39.45 26.14
C HIS C 73 37.18 40.80 25.47
N ILE C 74 35.92 41.24 25.44
CA ILE C 74 35.59 42.52 24.80
C ILE C 74 34.69 43.42 25.64
N GLY C 75 35.17 44.63 25.91
CA GLY C 75 34.41 45.61 26.67
C GLY C 75 34.03 46.76 25.75
N CYS C 76 33.03 47.53 26.14
CA CYS C 76 32.58 48.65 25.33
C CYS C 76 32.23 49.89 26.14
N ALA C 77 32.71 51.02 25.68
CA ALA C 77 32.43 52.30 26.32
C ALA C 77 31.71 53.17 25.31
N MET C 78 30.48 53.56 25.63
CA MET C 78 29.67 54.37 24.72
C MET C 78 29.64 55.83 25.14
N SER C 79 29.27 56.69 24.20
CA SER C 79 29.18 58.13 24.43
C SER C 79 28.21 58.77 23.45
N GLY C 80 27.35 59.66 23.96
CA GLY C 80 26.37 60.34 23.14
C GLY C 80 24.97 59.94 23.54
N LEU C 81 24.13 59.64 22.56
CA LEU C 81 22.76 59.22 22.83
C LEU C 81 22.77 57.77 23.29
N ILE C 82 22.94 57.58 24.60
CA ILE C 82 23.02 56.26 25.22
C ILE C 82 21.95 55.23 24.85
N ALA C 83 20.71 55.67 24.65
CA ALA C 83 19.63 54.76 24.28
C ALA C 83 19.84 54.12 22.90
N ASP C 84 20.47 54.86 21.99
CA ASP C 84 20.75 54.35 20.65
C ASP C 84 21.81 53.25 20.71
N ALA C 85 22.73 53.38 21.65
CA ALA C 85 23.83 52.41 21.81
C ALA C 85 23.35 51.00 22.13
N LYS C 86 22.30 50.89 22.94
CA LYS C 86 21.77 49.60 23.36
C LYS C 86 21.57 48.63 22.19
N THR C 87 20.99 49.14 21.10
CA THR C 87 20.75 48.32 19.92
C THR C 87 22.04 47.80 19.31
N LEU C 88 23.06 48.65 19.26
CA LEU C 88 24.36 48.27 18.71
C LEU C 88 25.07 47.31 19.65
N ILE C 89 24.85 47.50 20.94
CA ILE C 89 25.45 46.65 21.96
C ILE C 89 24.93 45.23 21.83
N ASP C 90 23.61 45.07 21.69
CA ASP C 90 23.01 43.76 21.54
C ASP C 90 23.51 43.07 20.27
N LYS C 91 23.62 43.84 19.20
CA LYS C 91 24.11 43.31 17.93
C LYS C 91 25.51 42.73 18.10
N ALA C 92 26.37 43.47 18.80
CA ALA C 92 27.74 43.03 19.06
C ALA C 92 27.72 41.76 19.88
N ARG C 93 26.84 41.71 20.88
CA ARG C 93 26.72 40.54 21.75
C ARG C 93 26.28 39.32 20.98
N VAL C 94 25.33 39.51 20.07
CA VAL C 94 24.82 38.41 19.26
C VAL C 94 25.86 37.95 18.23
N GLU C 95 26.61 38.88 17.68
CA GLU C 95 27.63 38.56 16.69
C GLU C 95 28.72 37.65 17.26
N THR C 96 29.19 37.94 18.46
CA THR C 96 30.24 37.14 19.08
C THR C 96 29.74 35.74 19.45
N GLN C 97 28.51 35.65 19.92
CA GLN C 97 27.94 34.37 20.30
C GLN C 97 27.65 33.53 19.05
N ASN C 98 27.28 34.20 17.97
CA ASN C 98 27.00 33.53 16.71
C ASN C 98 28.32 32.97 16.17
N HIS C 99 29.38 33.77 16.31
CA HIS C 99 30.71 33.37 15.87
C HIS C 99 31.19 32.18 16.67
N TRP C 100 30.90 32.16 17.97
CA TRP C 100 31.31 31.05 18.81
C TRP C 100 30.56 29.79 18.45
N PHE C 101 29.26 29.92 18.18
CA PHE C 101 28.45 28.75 17.83
C PHE C 101 28.93 28.10 16.54
N THR C 102 29.17 28.92 15.53
CA THR C 102 29.59 28.43 14.23
C THR C 102 31.06 28.00 14.13
N TYR C 103 31.97 28.79 14.66
CA TYR C 103 33.40 28.49 14.54
C TYR C 103 34.14 27.97 15.78
N ASN C 104 33.43 27.82 16.89
CA ASN C 104 34.03 27.34 18.15
C ASN C 104 35.30 28.12 18.50
N GLU C 105 35.21 29.44 18.46
CA GLU C 105 36.32 30.33 18.78
C GLU C 105 35.77 31.71 19.09
N THR C 106 36.60 32.56 19.67
CA THR C 106 36.16 33.92 19.98
C THR C 106 36.39 34.85 18.80
N MET C 107 35.50 35.81 18.64
CA MET C 107 35.60 36.79 17.57
C MET C 107 36.64 37.82 17.98
N THR C 108 37.41 38.34 17.02
CA THR C 108 38.42 39.34 17.32
C THR C 108 37.76 40.70 17.53
N VAL C 109 38.45 41.58 18.25
CA VAL C 109 37.92 42.92 18.51
C VAL C 109 37.64 43.66 17.21
N GLU C 110 38.56 43.59 16.26
CA GLU C 110 38.40 44.25 14.98
C GLU C 110 37.15 43.73 14.27
N SER C 111 36.97 42.41 14.26
CA SER C 111 35.82 41.79 13.61
C SER C 111 34.50 42.24 14.24
N VAL C 112 34.45 42.28 15.56
CA VAL C 112 33.25 42.70 16.26
C VAL C 112 32.95 44.15 15.92
N THR C 113 33.99 44.98 15.92
CA THR C 113 33.85 46.39 15.60
C THR C 113 33.36 46.55 14.17
N GLN C 114 33.90 45.74 13.26
CA GLN C 114 33.53 45.78 11.86
C GLN C 114 32.05 45.46 11.67
N ALA C 115 31.60 44.39 12.32
CA ALA C 115 30.21 43.97 12.22
C ALA C 115 29.27 45.05 12.75
N VAL C 116 29.63 45.66 13.87
CA VAL C 116 28.81 46.71 14.45
C VAL C 116 28.83 47.96 13.58
N SER C 117 29.97 48.23 12.97
CA SER C 117 30.16 49.40 12.11
C SER C 117 29.37 49.33 10.81
N ASN C 118 28.99 48.12 10.40
CA ASN C 118 28.25 47.93 9.16
C ASN C 118 26.79 48.38 9.22
N LEU C 119 26.25 48.53 10.42
CA LEU C 119 24.86 48.96 10.60
C LEU C 119 24.73 50.48 10.62
N ALA C 120 25.86 51.17 10.72
CA ALA C 120 25.88 52.63 10.79
C ALA C 120 25.11 53.38 9.70
N LEU C 121 25.32 53.02 8.45
CA LEU C 121 24.64 53.72 7.35
C LEU C 121 23.40 53.00 6.85
N GLN C 122 22.91 52.05 7.63
CA GLN C 122 21.71 51.31 7.26
C GLN C 122 20.45 52.03 7.71
N PHE C 123 20.14 53.13 7.03
CA PHE C 123 18.95 53.92 7.33
C PHE C 123 18.44 54.60 6.06
N GLY C 124 17.13 54.80 5.99
CA GLY C 124 16.50 55.43 4.85
C GLY C 124 15.01 55.56 5.08
N GLU C 125 14.26 55.94 4.03
CA GLU C 125 12.82 56.09 4.17
C GLU C 125 12.04 55.89 2.87
N GLU C 126 12.57 55.07 1.97
CA GLU C 126 11.87 54.82 0.70
C GLU C 126 12.02 53.40 0.18
N ASP C 127 13.25 52.89 0.14
CA ASP C 127 13.51 51.55 -0.36
C ASP C 127 13.66 50.54 0.77
N ALA C 128 13.62 51.04 2.01
CA ALA C 128 13.76 50.19 3.20
C ALA C 128 12.54 49.30 3.45
N ASP C 129 12.73 48.30 4.31
CA ASP C 129 11.65 47.37 4.64
C ASP C 129 11.16 47.57 6.06
N PRO C 130 9.97 47.03 6.38
CA PRO C 130 9.36 47.15 7.70
C PRO C 130 10.30 46.72 8.82
N GLY C 131 11.10 47.66 9.33
CA GLY C 131 12.04 47.37 10.40
C GLY C 131 13.35 48.12 10.27
N ALA C 132 13.46 48.97 9.25
CA ALA C 132 14.66 49.73 9.00
C ALA C 132 14.76 50.99 9.86
N MET C 133 15.98 51.45 10.10
CA MET C 133 16.21 52.66 10.88
C MET C 133 15.91 53.88 10.02
N SER C 134 15.34 54.91 10.62
CA SER C 134 14.99 56.12 9.89
C SER C 134 16.07 57.20 10.02
N ARG C 135 17.11 56.90 10.78
CA ARG C 135 18.21 57.83 11.00
C ARG C 135 19.41 57.09 11.54
N PRO C 136 20.60 57.71 11.47
CA PRO C 136 21.82 57.07 11.99
C PRO C 136 21.87 57.09 13.52
N PHE C 137 22.71 56.24 14.10
CA PHE C 137 22.86 56.19 15.55
C PHE C 137 23.69 57.38 16.01
N GLY C 138 23.28 58.02 17.10
CA GLY C 138 23.99 59.17 17.61
C GLY C 138 24.90 58.84 18.78
N VAL C 139 25.85 57.92 18.57
CA VAL C 139 26.75 57.54 19.63
C VAL C 139 28.08 56.98 19.13
N ALA C 140 29.15 57.30 19.85
CA ALA C 140 30.48 56.83 19.52
C ALA C 140 30.85 55.71 20.47
N LEU C 141 31.47 54.66 19.94
CA LEU C 141 31.84 53.53 20.76
C LEU C 141 33.35 53.33 20.88
N LEU C 142 33.75 52.65 21.93
CA LEU C 142 35.15 52.33 22.16
C LEU C 142 35.21 50.85 22.50
N PHE C 143 35.75 50.05 21.58
CA PHE C 143 35.84 48.62 21.80
C PHE C 143 37.23 48.26 22.29
N GLY C 144 37.30 47.70 23.49
CA GLY C 144 38.55 47.30 24.08
C GLY C 144 38.49 45.83 24.46
N GLY C 145 39.43 45.05 23.95
CA GLY C 145 39.47 43.63 24.25
C GLY C 145 40.82 43.02 23.94
N VAL C 146 40.92 41.71 24.12
CA VAL C 146 42.17 41.00 23.86
C VAL C 146 41.95 39.73 23.06
N ASP C 147 42.59 39.65 21.89
CA ASP C 147 42.47 38.46 21.05
C ASP C 147 43.86 37.87 20.85
N GLU C 148 44.11 37.30 19.68
CA GLU C 148 45.41 36.70 19.38
C GLU C 148 46.51 37.72 19.08
N LYS C 149 46.10 38.95 18.78
CA LYS C 149 47.05 40.02 18.50
C LYS C 149 47.35 40.81 19.79
N GLY C 150 46.73 40.41 20.89
CA GLY C 150 46.93 41.08 22.16
C GLY C 150 45.87 42.13 22.43
N PRO C 151 46.12 43.01 23.40
CA PRO C 151 45.18 44.08 23.75
C PRO C 151 44.88 44.97 22.54
N GLN C 152 43.61 45.33 22.35
CA GLN C 152 43.23 46.17 21.23
C GLN C 152 42.18 47.21 21.58
N LEU C 153 42.26 48.36 20.93
CA LEU C 153 41.30 49.44 21.17
C LEU C 153 40.78 49.94 19.82
N PHE C 154 39.47 49.97 19.68
CA PHE C 154 38.85 50.43 18.45
C PHE C 154 37.81 51.51 18.72
N HIS C 155 37.71 52.45 17.78
CA HIS C 155 36.76 53.56 17.91
C HIS C 155 35.87 53.65 16.69
N MET C 156 34.56 53.66 16.90
CA MET C 156 33.60 53.77 15.81
C MET C 156 32.64 54.92 16.05
N ASP C 157 32.41 55.72 15.02
CA ASP C 157 31.49 56.83 15.13
C ASP C 157 30.23 56.53 14.32
N PRO C 158 29.32 57.51 14.20
CA PRO C 158 28.05 57.35 13.47
C PRO C 158 28.16 57.21 11.95
N SER C 159 29.31 57.52 11.37
CA SER C 159 29.50 57.41 9.92
C SER C 159 29.86 55.99 9.48
N GLY C 160 30.10 55.10 10.42
CA GLY C 160 30.46 53.74 10.11
C GLY C 160 31.95 53.51 10.03
N THR C 161 32.72 54.58 10.22
CA THR C 161 34.17 54.50 10.19
C THR C 161 34.72 54.02 11.52
N PHE C 162 35.46 52.91 11.47
CA PHE C 162 36.06 52.34 12.67
C PHE C 162 37.56 52.23 12.45
N VAL C 163 38.34 52.52 13.49
CA VAL C 163 39.79 52.47 13.38
C VAL C 163 40.46 52.11 14.71
N GLN C 164 41.59 51.42 14.62
CA GLN C 164 42.34 51.03 15.81
C GLN C 164 43.02 52.26 16.39
N CYS C 165 43.01 52.38 17.71
CA CYS C 165 43.64 53.51 18.37
C CYS C 165 44.51 53.06 19.54
N ASP C 166 45.57 53.81 19.81
CA ASP C 166 46.44 53.49 20.93
C ASP C 166 45.79 54.09 22.17
N ALA C 167 45.16 55.25 21.98
CA ALA C 167 44.47 55.98 23.02
C ALA C 167 43.43 56.86 22.35
N ARG C 168 42.21 56.88 22.89
CA ARG C 168 41.15 57.67 22.31
C ARG C 168 40.23 58.29 23.35
N ALA C 169 39.77 59.51 23.07
CA ALA C 169 38.86 60.21 23.96
C ALA C 169 37.65 60.69 23.21
N ILE C 170 36.48 60.17 23.58
CA ILE C 170 35.23 60.55 22.95
C ILE C 170 34.35 61.24 23.98
N GLY C 171 33.43 62.07 23.52
CA GLY C 171 32.54 62.78 24.42
C GLY C 171 32.64 64.28 24.30
N SER C 172 32.14 64.98 25.31
CA SER C 172 32.14 66.44 25.34
C SER C 172 33.54 67.05 25.46
N ALA C 173 34.42 66.39 26.22
CA ALA C 173 35.77 66.89 26.41
C ALA C 173 36.77 66.16 25.52
N SER C 174 36.26 65.61 24.43
CA SER C 174 37.06 64.85 23.48
C SER C 174 38.34 65.57 23.04
N GLU C 175 38.22 66.85 22.71
CA GLU C 175 39.36 67.64 22.25
C GLU C 175 40.45 67.82 23.31
N GLY C 176 40.04 68.27 24.50
CA GLY C 176 40.97 68.48 25.59
C GLY C 176 41.56 67.20 26.15
N ALA C 177 40.77 66.13 26.15
CA ALA C 177 41.23 64.85 26.66
C ALA C 177 42.22 64.17 25.73
N GLN C 178 42.06 64.39 24.43
CA GLN C 178 42.94 63.78 23.44
C GLN C 178 44.34 64.40 23.52
N SER C 179 44.39 65.69 23.82
CA SER C 179 45.65 66.41 23.93
C SER C 179 46.48 65.88 25.10
N SER C 180 45.79 65.59 26.20
CA SER C 180 46.44 65.08 27.40
C SER C 180 46.84 63.64 27.19
N LEU C 181 46.13 62.96 26.29
CA LEU C 181 46.41 61.57 26.00
C LEU C 181 47.72 61.42 25.23
N GLN C 182 47.89 62.21 24.17
CA GLN C 182 49.08 62.12 23.34
C GLN C 182 50.34 62.64 24.05
N GLU C 183 50.15 63.54 25.00
CA GLU C 183 51.28 64.12 25.74
C GLU C 183 51.67 63.29 26.95
N VAL C 184 50.94 62.21 27.21
CA VAL C 184 51.22 61.37 28.37
C VAL C 184 51.24 59.87 28.08
N TYR C 185 51.18 59.49 26.82
CA TYR C 185 51.17 58.07 26.46
C TYR C 185 52.37 57.63 25.62
N HIS C 186 52.98 56.51 26.01
CA HIS C 186 54.12 55.97 25.29
C HIS C 186 53.85 54.49 24.99
N LYS C 187 54.64 53.91 24.09
CA LYS C 187 54.46 52.51 23.72
C LYS C 187 54.74 51.53 24.86
N SER C 188 55.65 51.90 25.76
CA SER C 188 56.00 51.05 26.89
C SER C 188 55.12 51.24 28.12
N MET C 189 54.12 52.11 28.00
CA MET C 189 53.19 52.39 29.09
C MET C 189 52.58 51.11 29.66
N THR C 190 52.51 51.03 30.97
CA THR C 190 51.94 49.86 31.64
C THR C 190 50.44 50.04 31.89
N LEU C 191 49.78 48.97 32.31
CA LEU C 191 48.35 49.05 32.58
C LEU C 191 48.05 49.93 33.78
N LYS C 192 48.83 49.74 34.84
CA LYS C 192 48.65 50.52 36.06
C LYS C 192 48.77 52.00 35.77
N GLU C 193 49.72 52.37 34.92
CA GLU C 193 49.92 53.76 34.55
C GLU C 193 48.77 54.25 33.68
N ALA C 194 48.31 53.39 32.78
CA ALA C 194 47.21 53.73 31.88
C ALA C 194 45.95 53.99 32.68
N ILE C 195 45.68 53.14 33.68
CA ILE C 195 44.51 53.30 34.52
C ILE C 195 44.58 54.61 35.29
N LYS C 196 45.76 54.94 35.79
CA LYS C 196 45.96 56.18 36.54
C LYS C 196 45.90 57.40 35.64
N SER C 197 46.59 57.35 34.50
CA SER C 197 46.60 58.46 33.56
C SER C 197 45.20 58.80 33.07
N SER C 198 44.41 57.78 32.77
CA SER C 198 43.06 57.99 32.29
C SER C 198 42.22 58.67 33.37
N LEU C 199 42.39 58.23 34.61
CA LEU C 199 41.66 58.80 35.73
C LEU C 199 42.11 60.23 35.99
N ILE C 200 43.38 60.51 35.76
CA ILE C 200 43.93 61.85 35.95
C ILE C 200 43.36 62.80 34.92
N ILE C 201 43.15 62.29 33.71
CA ILE C 201 42.60 63.09 32.62
C ILE C 201 41.10 63.28 32.81
N LEU C 202 40.42 62.22 33.25
CA LEU C 202 38.98 62.26 33.47
C LEU C 202 38.63 63.27 34.56
N LYS C 203 39.43 63.31 35.62
CA LYS C 203 39.19 64.23 36.73
C LYS C 203 39.44 65.70 36.34
N GLN C 204 40.32 65.92 35.38
CA GLN C 204 40.65 67.26 34.92
C GLN C 204 39.61 67.82 33.95
N VAL C 205 38.95 66.93 33.22
CA VAL C 205 37.95 67.36 32.24
C VAL C 205 36.51 67.21 32.74
N MET C 206 36.36 66.85 34.00
CA MET C 206 35.02 66.69 34.57
C MET C 206 34.61 67.95 35.34
N GLU C 207 33.38 68.39 35.12
CA GLU C 207 32.86 69.58 35.78
C GLU C 207 32.56 69.29 37.24
N GLU C 208 32.21 68.03 37.52
CA GLU C 208 31.91 67.60 38.87
C GLU C 208 33.19 67.05 39.49
N LYS C 209 33.27 67.05 40.81
CA LYS C 209 34.46 66.54 41.48
C LYS C 209 34.51 65.02 41.39
N LEU C 210 35.44 64.52 40.58
CA LEU C 210 35.58 63.08 40.38
C LEU C 210 35.76 62.32 41.68
N ASN C 211 35.04 61.21 41.81
CA ASN C 211 35.11 60.35 42.99
C ASN C 211 34.90 58.90 42.60
N ALA C 212 34.68 58.03 43.58
CA ALA C 212 34.48 56.60 43.32
C ALA C 212 33.07 56.21 42.91
N THR C 213 32.16 57.17 42.87
CA THR C 213 30.77 56.87 42.50
C THR C 213 30.35 57.43 41.14
N ASN C 214 30.95 58.53 40.72
CA ASN C 214 30.57 59.16 39.46
C ASN C 214 31.34 58.71 38.21
N ILE C 215 32.14 57.66 38.34
CA ILE C 215 32.89 57.15 37.19
C ILE C 215 32.88 55.64 37.11
N GLU C 216 33.11 55.13 35.91
CA GLU C 216 33.17 53.70 35.67
C GLU C 216 34.53 53.38 35.11
N LEU C 217 34.98 52.14 35.30
CA LEU C 217 36.28 51.73 34.81
C LEU C 217 36.36 50.22 34.67
N ALA C 218 36.80 49.76 33.52
CA ALA C 218 36.94 48.34 33.25
C ALA C 218 38.22 48.06 32.50
N THR C 219 38.77 46.86 32.70
CA THR C 219 40.00 46.49 32.02
C THR C 219 39.88 45.08 31.46
N VAL C 220 40.61 44.84 30.37
CA VAL C 220 40.63 43.53 29.73
C VAL C 220 42.10 43.24 29.46
N GLN C 221 42.63 42.23 30.15
CA GLN C 221 44.03 41.86 30.00
C GLN C 221 44.16 40.43 29.52
N PRO C 222 45.36 40.04 29.08
CA PRO C 222 45.54 38.65 28.66
C PRO C 222 45.22 37.71 29.81
N GLY C 223 44.42 36.67 29.54
CA GLY C 223 44.04 35.73 30.57
C GLY C 223 42.80 36.14 31.33
N GLN C 224 42.86 37.28 32.01
CA GLN C 224 41.75 37.80 32.79
C GLN C 224 40.53 38.13 31.91
N ASN C 225 39.35 38.00 32.46
CA ASN C 225 38.14 38.31 31.70
C ASN C 225 37.82 39.79 31.85
N PHE C 226 36.77 40.24 31.16
CA PHE C 226 36.34 41.63 31.24
C PHE C 226 36.03 41.88 32.71
N HIS C 227 36.72 42.84 33.31
CA HIS C 227 36.52 43.14 34.72
C HIS C 227 36.18 44.59 35.00
N MET C 228 35.05 44.82 35.65
CA MET C 228 34.61 46.16 36.01
C MET C 228 35.19 46.48 37.38
N PHE C 229 35.67 47.71 37.55
CA PHE C 229 36.25 48.11 38.82
C PHE C 229 35.17 48.37 39.86
N THR C 230 35.36 47.81 41.05
CA THR C 230 34.42 47.99 42.14
C THR C 230 34.75 49.27 42.87
N LYS C 231 33.86 49.69 43.78
CA LYS C 231 34.08 50.91 44.54
C LYS C 231 35.42 50.89 45.26
N GLU C 232 35.72 49.79 45.94
CA GLU C 232 36.97 49.64 46.66
C GLU C 232 38.16 49.86 45.74
N GLU C 233 38.22 49.08 44.66
CA GLU C 233 39.30 49.17 43.68
C GLU C 233 39.43 50.59 43.15
N LEU C 234 38.32 51.20 42.78
CA LEU C 234 38.32 52.56 42.26
C LEU C 234 38.99 53.50 43.25
N GLU C 235 38.57 53.43 44.51
CA GLU C 235 39.12 54.27 45.58
C GLU C 235 40.64 54.15 45.71
N GLU C 236 41.16 52.93 45.60
CA GLU C 236 42.59 52.70 45.70
C GLU C 236 43.38 53.48 44.65
N VAL C 237 42.86 53.52 43.43
CA VAL C 237 43.50 54.23 42.33
C VAL C 237 43.25 55.74 42.38
N ILE C 238 42.29 56.17 43.19
CA ILE C 238 41.95 57.58 43.32
C ILE C 238 42.89 58.32 44.28
N LYS C 239 43.68 57.56 45.03
CA LYS C 239 44.62 58.16 45.97
C LYS C 239 45.93 58.56 45.29
N SER D 2 2.49 51.45 2.51
CA SER D 2 2.88 51.64 3.90
C SER D 2 3.70 52.91 4.09
N TYR D 3 3.38 53.65 5.15
CA TYR D 3 4.07 54.90 5.47
C TYR D 3 5.48 54.63 5.95
N ASP D 4 6.47 55.11 5.20
CA ASP D 4 7.87 54.91 5.56
C ASP D 4 8.63 56.22 5.72
N ARG D 5 7.93 57.30 6.05
CA ARG D 5 8.58 58.59 6.22
C ARG D 5 9.29 58.67 7.56
N ALA D 6 10.49 59.24 7.56
CA ALA D 6 11.26 59.38 8.80
C ALA D 6 10.76 60.61 9.55
N ILE D 7 10.20 60.39 10.73
CA ILE D 7 9.68 61.48 11.54
C ILE D 7 10.72 62.03 12.50
N THR D 8 11.49 61.13 13.12
CA THR D 8 12.53 61.54 14.05
C THR D 8 13.87 61.59 13.35
N VAL D 9 14.37 62.81 13.12
CA VAL D 9 15.65 63.00 12.46
C VAL D 9 16.53 63.97 13.22
N PHE D 10 17.82 63.94 12.92
CA PHE D 10 18.79 64.80 13.58
C PHE D 10 18.75 66.23 13.07
N SER D 11 19.06 67.17 13.95
CA SER D 11 19.11 68.58 13.61
C SER D 11 20.59 69.00 13.60
N PRO D 12 20.89 70.17 13.01
CA PRO D 12 22.24 70.73 12.92
C PRO D 12 23.15 70.55 14.15
N ASP D 13 22.63 70.79 15.36
CA ASP D 13 23.45 70.61 16.56
C ASP D 13 23.23 69.24 17.21
N GLY D 14 22.91 68.23 16.41
CA GLY D 14 22.69 66.89 16.90
C GLY D 14 21.50 66.73 17.82
N HIS D 15 20.43 67.45 17.53
CA HIS D 15 19.22 67.38 18.35
C HIS D 15 18.09 66.68 17.61
N LEU D 16 17.38 65.80 18.32
CA LEU D 16 16.25 65.10 17.75
C LEU D 16 15.01 65.88 18.17
N PHE D 17 14.58 66.80 17.31
CA PHE D 17 13.43 67.66 17.60
C PHE D 17 12.18 66.92 18.06
N GLN D 18 11.78 65.88 17.33
CA GLN D 18 10.58 65.12 17.68
C GLN D 18 10.64 64.56 19.11
N VAL D 19 11.79 64.04 19.51
CA VAL D 19 11.97 63.52 20.87
C VAL D 19 11.82 64.62 21.91
N GLU D 20 12.30 65.82 21.59
CA GLU D 20 12.21 66.96 22.50
C GLU D 20 10.78 67.48 22.56
N TYR D 21 10.02 67.30 21.48
CA TYR D 21 8.64 67.74 21.43
C TYR D 21 7.80 66.77 22.26
N ALA D 22 8.22 65.50 22.29
CA ALA D 22 7.55 64.47 23.07
C ALA D 22 7.78 64.71 24.55
N GLN D 23 8.95 65.27 24.89
CA GLN D 23 9.31 65.62 26.25
C GLN D 23 8.52 66.84 26.71
N GLU D 24 8.14 67.70 25.76
CA GLU D 24 7.34 68.89 26.03
C GLU D 24 5.93 68.46 26.44
N ALA D 25 5.44 67.37 25.85
CA ALA D 25 4.12 66.84 26.17
C ALA D 25 4.10 66.24 27.58
N VAL D 26 5.25 65.72 28.02
CA VAL D 26 5.37 65.15 29.35
C VAL D 26 5.35 66.26 30.40
N LYS D 27 5.86 67.43 30.04
CA LYS D 27 5.91 68.57 30.95
C LYS D 27 4.52 69.15 31.26
N LYS D 28 3.58 68.97 30.33
CA LYS D 28 2.22 69.46 30.52
C LYS D 28 1.34 68.42 31.21
N GLY D 29 1.90 67.24 31.48
CA GLY D 29 1.20 66.18 32.16
C GLY D 29 1.10 66.48 33.64
N SER D 30 0.16 65.85 34.32
CA SER D 30 -0.02 66.04 35.75
C SER D 30 1.16 65.45 36.51
N THR D 31 1.55 66.11 37.60
CA THR D 31 2.67 65.67 38.42
C THR D 31 2.48 64.27 39.00
N ALA D 32 3.53 63.46 38.93
CA ALA D 32 3.52 62.10 39.46
C ALA D 32 4.81 61.89 40.27
N VAL D 33 4.66 61.44 41.51
CA VAL D 33 5.83 61.25 42.38
C VAL D 33 6.00 59.81 42.86
N GLY D 34 7.24 59.33 42.80
CA GLY D 34 7.56 57.98 43.24
C GLY D 34 8.64 58.02 44.30
N VAL D 35 8.41 57.33 45.41
CA VAL D 35 9.38 57.29 46.49
C VAL D 35 9.70 55.85 46.90
N ARG D 36 10.99 55.51 46.88
CA ARG D 36 11.42 54.18 47.25
C ARG D 36 11.72 54.11 48.75
N GLY D 37 10.86 53.42 49.49
CA GLY D 37 11.03 53.28 50.92
C GLY D 37 11.75 52.00 51.31
N LYS D 38 11.96 51.82 52.61
CA LYS D 38 12.65 50.64 53.12
C LYS D 38 11.94 49.34 52.74
N ASP D 39 10.69 49.20 53.17
CA ASP D 39 9.92 47.99 52.87
C ASP D 39 8.65 48.31 52.12
N ILE D 40 8.61 49.48 51.48
CA ILE D 40 7.42 49.89 50.74
C ILE D 40 7.75 50.80 49.56
N VAL D 41 6.84 50.83 48.59
CA VAL D 41 7.00 51.66 47.40
C VAL D 41 5.71 52.47 47.22
N VAL D 42 5.84 53.79 47.15
CA VAL D 42 4.67 54.64 47.01
C VAL D 42 4.66 55.51 45.74
N LEU D 43 3.49 55.59 45.10
CA LEU D 43 3.31 56.39 43.91
C LEU D 43 2.19 57.39 44.15
N GLY D 44 2.37 58.63 43.69
CA GLY D 44 1.37 59.66 43.88
C GLY D 44 1.24 60.61 42.72
N VAL D 45 0.07 60.60 42.09
CA VAL D 45 -0.20 61.45 40.93
C VAL D 45 -1.24 62.51 41.26
N GLU D 46 -1.11 63.68 40.67
CA GLU D 46 -2.07 64.75 40.87
C GLU D 46 -3.29 64.47 40.01
N LYS D 47 -4.46 64.92 40.47
CA LYS D 47 -5.69 64.69 39.74
C LYS D 47 -6.10 65.87 38.86
N LYS D 48 -5.28 66.92 38.87
CA LYS D 48 -5.52 68.12 38.08
C LYS D 48 -6.95 68.65 38.23
N SER D 49 -7.70 68.63 37.14
CA SER D 49 -9.08 69.08 37.16
C SER D 49 -9.98 67.93 37.60
N VAL D 50 -10.43 67.98 38.86
CA VAL D 50 -11.28 66.93 39.41
C VAL D 50 -12.75 67.31 39.33
N ALA D 51 -13.45 66.78 38.32
CA ALA D 51 -14.87 67.04 38.15
C ALA D 51 -15.68 66.15 39.10
N LYS D 52 -16.93 66.54 39.35
CA LYS D 52 -17.77 65.77 40.25
C LYS D 52 -18.67 64.78 39.51
N LEU D 53 -18.66 64.84 38.18
CA LEU D 53 -19.48 63.94 37.37
C LEU D 53 -18.67 62.83 36.72
N GLN D 54 -17.37 62.79 37.00
CA GLN D 54 -16.49 61.80 36.41
C GLN D 54 -16.24 60.56 37.28
N ASP D 55 -16.31 59.39 36.67
CA ASP D 55 -16.06 58.14 37.39
C ASP D 55 -14.56 58.04 37.68
N GLU D 56 -14.19 58.32 38.93
CA GLU D 56 -12.79 58.31 39.37
C GLU D 56 -11.94 57.10 38.96
N ARG D 57 -12.53 55.91 39.03
CA ARG D 57 -11.82 54.66 38.71
C ARG D 57 -11.43 54.43 37.25
N THR D 58 -11.98 55.20 36.33
CA THR D 58 -11.66 55.01 34.91
C THR D 58 -10.46 55.79 34.40
N VAL D 59 -10.08 56.85 35.12
CA VAL D 59 -8.95 57.66 34.70
C VAL D 59 -7.77 57.63 35.67
N ARG D 60 -7.52 56.46 36.25
CA ARG D 60 -6.42 56.28 37.18
C ARG D 60 -5.11 56.31 36.40
N LYS D 61 -4.13 57.03 36.91
CA LYS D 61 -2.84 57.10 36.23
C LYS D 61 -1.83 56.16 36.86
N ILE D 62 -2.31 55.28 37.75
CA ILE D 62 -1.46 54.31 38.41
C ILE D 62 -2.00 52.92 38.13
N CYS D 63 -1.39 52.22 37.18
CA CYS D 63 -1.83 50.90 36.80
C CYS D 63 -0.85 49.82 37.27
N ALA D 64 -1.29 48.58 37.19
CA ALA D 64 -0.47 47.45 37.58
C ALA D 64 -0.05 46.67 36.33
N LEU D 65 1.24 46.37 36.23
CA LEU D 65 1.75 45.62 35.10
C LEU D 65 1.79 44.14 35.47
N ASP D 66 1.95 43.87 36.75
CA ASP D 66 1.98 42.52 37.30
C ASP D 66 1.75 42.60 38.81
N ASP D 67 1.85 41.46 39.48
CA ASP D 67 1.64 41.42 40.93
C ASP D 67 2.66 42.24 41.70
N ASN D 68 3.90 42.23 41.21
CA ASN D 68 4.99 42.95 41.87
C ASN D 68 5.37 44.24 41.15
N VAL D 69 4.83 44.47 39.96
CA VAL D 69 5.17 45.66 39.21
C VAL D 69 3.98 46.54 38.85
N CYS D 70 4.06 47.81 39.20
CA CYS D 70 3.02 48.78 38.87
C CYS D 70 3.71 50.04 38.33
N MET D 71 2.95 50.93 37.72
CA MET D 71 3.55 52.14 37.17
C MET D 71 2.62 53.35 37.08
N ALA D 72 3.23 54.52 37.22
CA ALA D 72 2.52 55.79 37.12
C ALA D 72 3.15 56.53 35.96
N PHE D 73 2.33 57.24 35.17
CA PHE D 73 2.87 57.96 34.02
C PHE D 73 2.51 59.43 34.00
N ALA D 74 3.05 60.13 33.02
CA ALA D 74 2.79 61.56 32.83
C ALA D 74 2.90 61.87 31.34
N GLY D 75 1.99 62.70 30.85
CA GLY D 75 1.98 63.08 29.44
C GLY D 75 0.71 62.67 28.74
N LEU D 76 0.83 62.08 27.56
CA LEU D 76 -0.32 61.65 26.77
C LEU D 76 -0.94 60.36 27.32
N THR D 77 -2.12 60.49 27.91
CA THR D 77 -2.83 59.36 28.49
C THR D 77 -3.07 58.22 27.50
N ALA D 78 -3.49 58.56 26.29
CA ALA D 78 -3.75 57.56 25.27
C ALA D 78 -2.48 56.77 24.94
N ASP D 79 -1.36 57.48 24.84
CA ASP D 79 -0.08 56.84 24.56
C ASP D 79 0.31 55.92 25.71
N ALA D 80 0.05 56.37 26.94
CA ALA D 80 0.36 55.60 28.14
C ALA D 80 -0.35 54.25 28.14
N ARG D 81 -1.61 54.26 27.74
CA ARG D 81 -2.41 53.04 27.68
C ARG D 81 -1.77 51.98 26.79
N ILE D 82 -1.29 52.42 25.63
CA ILE D 82 -0.65 51.52 24.68
C ILE D 82 0.58 50.90 25.30
N VAL D 83 1.43 51.74 25.88
CA VAL D 83 2.66 51.29 26.51
C VAL D 83 2.37 50.30 27.64
N ILE D 84 1.38 50.64 28.48
CA ILE D 84 1.01 49.79 29.59
C ILE D 84 0.57 48.41 29.11
N ASN D 85 -0.22 48.36 28.05
CA ASN D 85 -0.68 47.09 27.52
C ASN D 85 0.49 46.28 27.00
N ARG D 86 1.41 46.93 26.29
CA ARG D 86 2.59 46.26 25.76
C ARG D 86 3.35 45.61 26.92
N ALA D 87 3.59 46.38 27.96
CA ALA D 87 4.31 45.90 29.13
C ALA D 87 3.61 44.71 29.78
N ARG D 88 2.29 44.80 29.92
CA ARG D 88 1.51 43.71 30.52
C ARG D 88 1.67 42.43 29.73
N VAL D 89 1.63 42.52 28.42
CA VAL D 89 1.79 41.37 27.56
C VAL D 89 3.19 40.78 27.71
N GLU D 90 4.19 41.66 27.84
CA GLU D 90 5.58 41.23 28.01
C GLU D 90 5.78 40.53 29.35
N CYS D 91 5.07 40.99 30.37
CA CYS D 91 5.18 40.40 31.70
C CYS D 91 4.68 38.96 31.74
N GLN D 92 3.63 38.68 30.96
CA GLN D 92 3.08 37.34 30.89
C GLN D 92 3.95 36.46 30.02
N SER D 93 4.61 37.06 29.03
CA SER D 93 5.50 36.33 28.14
C SER D 93 6.72 35.87 28.93
N HIS D 94 7.25 36.77 29.76
CA HIS D 94 8.41 36.48 30.58
C HIS D 94 8.11 35.41 31.61
N ARG D 95 6.92 35.50 32.19
CA ARG D 95 6.46 34.55 33.21
C ARG D 95 6.25 33.17 32.63
N LEU D 96 6.09 33.10 31.32
CA LEU D 96 5.85 31.84 30.64
C LEU D 96 7.11 31.20 30.04
N THR D 97 8.15 31.99 29.83
CA THR D 97 9.38 31.48 29.24
C THR D 97 10.51 31.33 30.26
N VAL D 98 10.38 32.00 31.41
CA VAL D 98 11.41 31.93 32.44
C VAL D 98 10.85 31.41 33.76
N GLU D 99 9.54 31.17 33.78
CA GLU D 99 8.85 30.68 34.97
C GLU D 99 9.19 31.47 36.22
N ASP D 100 9.11 32.79 36.13
CA ASP D 100 9.44 33.66 37.23
C ASP D 100 8.88 35.07 36.99
N PRO D 101 8.57 35.78 38.09
CA PRO D 101 8.06 37.15 37.95
C PRO D 101 9.20 38.03 37.48
N VAL D 102 8.94 38.87 36.47
CA VAL D 102 9.97 39.74 35.94
C VAL D 102 10.47 40.74 36.98
N THR D 103 11.75 41.10 36.89
CA THR D 103 12.31 42.08 37.80
C THR D 103 11.86 43.46 37.34
N VAL D 104 11.81 44.41 38.27
CA VAL D 104 11.38 45.76 37.93
C VAL D 104 12.24 46.36 36.81
N GLU D 105 13.55 46.20 36.93
CA GLU D 105 14.48 46.71 35.94
C GLU D 105 14.28 46.04 34.57
N TYR D 106 13.94 44.75 34.56
CA TYR D 106 13.74 44.03 33.31
C TYR D 106 12.58 44.60 32.48
N ILE D 107 11.46 44.89 33.14
CA ILE D 107 10.30 45.44 32.45
C ILE D 107 10.53 46.91 32.13
N THR D 108 11.35 47.57 32.95
CA THR D 108 11.69 48.97 32.74
C THR D 108 12.53 49.03 31.47
N ARG D 109 13.45 48.09 31.35
CA ARG D 109 14.33 47.97 30.20
C ARG D 109 13.49 47.76 28.93
N TYR D 110 12.49 46.90 29.02
CA TYR D 110 11.63 46.60 27.89
C TYR D 110 10.84 47.82 27.41
N ILE D 111 10.27 48.56 28.35
CA ILE D 111 9.50 49.75 28.01
C ILE D 111 10.39 50.83 27.42
N ALA D 112 11.58 50.97 28.01
CA ALA D 112 12.55 51.96 27.53
C ALA D 112 12.97 51.62 26.10
N SER D 113 13.20 50.33 25.86
CA SER D 113 13.62 49.85 24.56
C SER D 113 12.54 50.11 23.50
N LEU D 114 11.28 49.95 23.89
CA LEU D 114 10.17 50.18 22.99
C LEU D 114 10.07 51.67 22.63
N LYS D 115 10.37 52.52 23.61
CA LYS D 115 10.34 53.97 23.41
C LYS D 115 11.45 54.42 22.47
N GLN D 116 12.63 53.82 22.61
CA GLN D 116 13.77 54.16 21.76
C GLN D 116 13.50 53.72 20.33
N ARG D 117 12.88 52.55 20.20
CA ARG D 117 12.55 51.99 18.90
C ARG D 117 11.66 52.92 18.10
N TYR D 118 10.85 53.70 18.81
CA TYR D 118 9.92 54.63 18.18
C TYR D 118 10.54 55.99 17.84
N THR D 119 11.82 56.16 18.17
CA THR D 119 12.53 57.39 17.85
C THR D 119 13.47 57.18 16.68
N GLN D 120 13.57 55.94 16.21
CA GLN D 120 14.45 55.60 15.10
C GLN D 120 13.74 54.71 14.08
N SER D 121 12.42 54.82 14.01
CA SER D 121 11.65 54.02 13.06
C SER D 121 10.90 54.91 12.07
N ASN D 122 10.63 54.36 10.89
CA ASN D 122 9.93 55.09 9.84
C ASN D 122 8.42 55.10 10.06
N GLY D 123 7.80 56.24 9.77
CA GLY D 123 6.36 56.39 9.88
C GLY D 123 5.75 56.61 11.26
N ARG D 124 6.57 56.53 12.31
CA ARG D 124 6.04 56.73 13.66
C ARG D 124 6.68 57.90 14.40
N ARG D 125 5.93 58.42 15.38
CA ARG D 125 6.39 59.50 16.23
C ARG D 125 6.71 58.90 17.59
N PRO D 126 7.49 59.61 18.41
CA PRO D 126 7.83 59.08 19.73
C PRO D 126 6.64 59.07 20.68
N PHE D 127 6.67 58.20 21.68
CA PHE D 127 5.61 58.14 22.67
C PHE D 127 5.74 59.42 23.49
N GLY D 128 4.63 60.09 23.76
CA GLY D 128 4.67 61.33 24.51
C GLY D 128 4.50 61.18 26.01
N ILE D 129 5.09 60.14 26.59
CA ILE D 129 4.95 59.92 28.02
C ILE D 129 6.25 59.55 28.73
N SER D 130 6.23 59.69 30.04
CA SER D 130 7.35 59.35 30.91
C SER D 130 6.73 58.46 31.98
N ALA D 131 7.44 57.43 32.41
CA ALA D 131 6.88 56.52 33.40
C ALA D 131 7.74 56.28 34.64
N LEU D 132 7.06 56.02 35.74
CA LEU D 132 7.70 55.72 37.01
C LEU D 132 7.33 54.28 37.31
N ILE D 133 8.32 53.40 37.33
CA ILE D 133 8.06 52.00 37.58
C ILE D 133 8.58 51.56 38.95
N VAL D 134 7.70 51.00 39.76
CA VAL D 134 8.06 50.54 41.09
C VAL D 134 7.72 49.07 41.25
N GLY D 135 8.15 48.48 42.35
CA GLY D 135 7.89 47.08 42.62
C GLY D 135 8.98 46.42 43.43
N PHE D 136 8.89 45.10 43.56
CA PHE D 136 9.86 44.34 44.32
C PHE D 136 10.32 43.13 43.51
N ASP D 137 11.60 42.80 43.62
CA ASP D 137 12.14 41.64 42.93
C ASP D 137 11.96 40.42 43.83
N PHE D 138 12.32 39.25 43.32
CA PHE D 138 12.17 38.02 44.11
C PHE D 138 12.83 38.07 45.49
N ASP D 139 14.03 38.64 45.59
CA ASP D 139 14.74 38.74 46.86
C ASP D 139 14.05 39.64 47.89
N GLY D 140 13.28 40.62 47.44
CA GLY D 140 12.57 41.50 48.35
C GLY D 140 12.97 42.96 48.30
N THR D 141 14.03 43.26 47.56
CA THR D 141 14.51 44.64 47.45
C THR D 141 13.55 45.49 46.61
N PRO D 142 13.18 46.67 47.13
CA PRO D 142 12.30 47.62 46.46
C PRO D 142 13.00 48.32 45.30
N ARG D 143 12.28 48.59 44.22
CA ARG D 143 12.87 49.25 43.05
C ARG D 143 12.02 50.42 42.56
N LEU D 144 12.68 51.39 41.94
CA LEU D 144 12.02 52.56 41.40
C LEU D 144 12.76 53.07 40.16
N TYR D 145 12.13 52.94 39.01
CA TYR D 145 12.75 53.36 37.75
C TYR D 145 11.96 54.46 37.05
N GLN D 146 12.58 55.10 36.07
CA GLN D 146 11.94 56.15 35.32
C GLN D 146 12.39 56.15 33.87
N THR D 147 11.43 56.06 32.97
CA THR D 147 11.72 56.05 31.54
C THR D 147 11.14 57.31 30.93
N ASP D 148 11.73 57.77 29.83
CA ASP D 148 11.22 58.96 29.15
C ASP D 148 11.08 58.66 27.66
N PRO D 149 10.54 59.62 26.89
CA PRO D 149 10.33 59.46 25.45
C PRO D 149 11.56 59.01 24.65
N SER D 150 12.75 59.52 25.00
CA SER D 150 13.97 59.16 24.29
C SER D 150 14.34 57.68 24.38
N GLY D 151 14.00 57.05 25.50
CA GLY D 151 14.30 55.65 25.70
C GLY D 151 15.34 55.42 26.79
N THR D 152 15.77 56.50 27.43
CA THR D 152 16.74 56.40 28.50
C THR D 152 16.03 56.10 29.82
N TYR D 153 16.69 55.37 30.70
CA TYR D 153 16.10 55.02 31.99
C TYR D 153 17.14 54.88 33.09
N HIS D 154 16.78 55.31 34.30
CA HIS D 154 17.66 55.23 35.45
C HIS D 154 16.92 54.71 36.67
N ALA D 155 17.66 54.27 37.68
CA ALA D 155 17.07 53.79 38.92
C ALA D 155 17.11 54.96 39.88
N TRP D 156 16.02 55.20 40.60
CA TRP D 156 15.98 56.32 41.52
C TRP D 156 15.61 55.95 42.95
N LYS D 157 15.71 56.93 43.83
CA LYS D 157 15.34 56.78 45.22
C LYS D 157 14.00 57.48 45.39
N ALA D 158 13.88 58.62 44.72
CA ALA D 158 12.67 59.42 44.73
C ALA D 158 12.70 60.36 43.54
N ASN D 159 11.73 60.22 42.64
CA ASN D 159 11.68 61.04 41.43
C ASN D 159 10.29 61.62 41.23
N ALA D 160 10.19 62.62 40.36
CA ALA D 160 8.93 63.27 40.03
C ALA D 160 8.89 63.64 38.55
N ILE D 161 7.79 63.31 37.89
CA ILE D 161 7.62 63.60 36.47
C ILE D 161 6.37 64.44 36.24
N GLY D 162 6.25 65.02 35.06
CA GLY D 162 5.10 65.83 34.73
C GLY D 162 5.30 67.29 35.10
N ARG D 163 4.24 68.08 34.97
CA ARG D 163 4.31 69.50 35.27
C ARG D 163 4.68 69.73 36.74
N GLY D 164 5.84 70.35 36.97
CA GLY D 164 6.31 70.62 38.31
C GLY D 164 7.26 69.54 38.80
N ALA D 165 7.81 68.76 37.87
CA ALA D 165 8.73 67.71 38.24
C ALA D 165 9.98 68.31 38.89
N LYS D 166 10.47 69.40 38.33
CA LYS D 166 11.65 70.08 38.86
C LYS D 166 11.39 70.58 40.28
N SER D 167 10.27 71.27 40.46
CA SER D 167 9.89 71.79 41.77
C SER D 167 9.82 70.67 42.82
N VAL D 168 9.21 69.56 42.44
CA VAL D 168 9.07 68.42 43.35
C VAL D 168 10.43 67.75 43.58
N ARG D 169 11.29 67.79 42.56
CA ARG D 169 12.61 67.19 42.67
C ARG D 169 13.48 67.99 43.63
N GLU D 170 13.35 69.31 43.58
CA GLU D 170 14.10 70.19 44.46
C GLU D 170 13.72 69.95 45.92
N PHE D 171 12.43 69.74 46.15
CA PHE D 171 11.91 69.51 47.50
C PHE D 171 12.20 68.09 47.99
N LEU D 172 12.28 67.15 47.06
CA LEU D 172 12.54 65.75 47.41
C LEU D 172 13.98 65.54 47.79
N GLU D 173 14.89 66.24 47.13
CA GLU D 173 16.31 66.12 47.41
C GLU D 173 16.57 66.57 48.85
N LYS D 174 16.02 67.73 49.20
CA LYS D 174 16.20 68.31 50.52
C LYS D 174 15.27 67.73 51.58
N ASN D 175 14.58 66.63 51.23
CA ASN D 175 13.67 66.01 52.18
C ASN D 175 13.79 64.49 52.21
N TYR D 176 14.57 63.94 51.28
CA TYR D 176 14.76 62.50 51.24
C TYR D 176 15.99 62.12 52.05
N THR D 177 15.76 61.35 53.11
CA THR D 177 16.83 60.89 53.98
C THR D 177 16.49 59.50 54.49
N ASP D 178 17.28 59.01 55.42
CA ASP D 178 17.02 57.69 56.00
C ASP D 178 16.02 57.81 57.15
N GLU D 179 15.83 59.04 57.63
CA GLU D 179 14.90 59.32 58.71
C GLU D 179 13.60 59.88 58.15
N ALA D 180 13.36 59.66 56.86
CA ALA D 180 12.16 60.12 56.19
C ALA D 180 11.39 58.91 55.65
N ILE D 181 12.08 57.79 55.50
CA ILE D 181 11.47 56.57 55.01
C ILE D 181 11.65 55.47 56.06
N GLU D 182 11.77 55.89 57.32
CA GLU D 182 11.95 54.97 58.43
C GLU D 182 10.79 53.98 58.52
N THR D 183 9.57 54.51 58.49
CA THR D 183 8.37 53.68 58.58
C THR D 183 7.47 53.88 57.37
N ASP D 184 6.56 52.93 57.14
CA ASP D 184 5.64 53.00 56.02
C ASP D 184 4.88 54.33 55.99
N ASP D 185 4.34 54.72 57.14
CA ASP D 185 3.60 55.96 57.25
C ASP D 185 4.44 57.15 56.78
N LEU D 186 5.64 57.26 57.34
CA LEU D 186 6.55 58.36 56.98
C LEU D 186 6.81 58.44 55.48
N THR D 187 7.05 57.29 54.86
CA THR D 187 7.32 57.24 53.43
C THR D 187 6.14 57.80 52.63
N ILE D 188 4.93 57.43 53.04
CA ILE D 188 3.72 57.90 52.38
C ILE D 188 3.54 59.40 52.59
N LYS D 189 3.91 59.87 53.77
CA LYS D 189 3.78 61.30 54.08
C LYS D 189 4.71 62.10 53.18
N LEU D 190 5.91 61.56 52.96
CA LEU D 190 6.88 62.22 52.10
C LEU D 190 6.28 62.47 50.72
N VAL D 191 5.73 61.42 50.12
CA VAL D 191 5.12 61.53 48.80
C VAL D 191 3.97 62.53 48.79
N ILE D 192 3.16 62.49 49.85
CA ILE D 192 2.02 63.41 49.95
C ILE D 192 2.51 64.84 50.15
N LYS D 193 3.54 65.01 50.97
CA LYS D 193 4.11 66.33 51.23
C LYS D 193 4.81 66.87 49.98
N ALA D 194 5.41 65.96 49.22
CA ALA D 194 6.11 66.33 47.99
C ALA D 194 5.11 66.71 46.92
N LEU D 195 3.94 66.06 46.97
CA LEU D 195 2.86 66.32 46.02
C LEU D 195 2.09 67.58 46.38
N LEU D 196 2.24 68.05 47.61
CA LEU D 196 1.56 69.26 48.08
C LEU D 196 2.29 70.54 47.67
N GLU D 197 3.50 70.40 47.14
CA GLU D 197 4.30 71.53 46.69
C GLU D 197 3.83 72.10 45.35
N VAL D 198 3.06 71.31 44.60
CA VAL D 198 2.56 71.74 43.31
C VAL D 198 1.04 71.62 43.19
N VAL D 199 0.53 70.43 43.45
CA VAL D 199 -0.91 70.17 43.37
C VAL D 199 -1.70 71.18 44.20
N GLN D 200 -2.55 71.94 43.53
CA GLN D 200 -3.37 72.96 44.20
C GLN D 200 -4.49 72.32 45.02
N SER D 201 -5.00 73.08 45.99
CA SER D 201 -6.07 72.62 46.87
C SER D 201 -5.77 71.25 47.46
N GLY D 202 -4.71 71.18 48.26
CA GLY D 202 -4.28 69.94 48.90
C GLY D 202 -5.39 69.17 49.58
N GLY D 203 -5.41 67.85 49.35
CA GLY D 203 -6.41 67.00 49.95
C GLY D 203 -6.84 65.87 49.02
N LYS D 204 -7.95 66.09 48.30
CA LYS D 204 -8.47 65.08 47.39
C LYS D 204 -8.01 65.28 45.95
N ASN D 205 -6.97 66.08 45.78
CA ASN D 205 -6.44 66.35 44.44
C ASN D 205 -5.27 65.44 44.13
N ILE D 206 -5.02 64.47 45.01
CA ILE D 206 -3.92 63.53 44.83
C ILE D 206 -4.38 62.08 44.83
N GLU D 207 -3.84 61.30 43.89
CA GLU D 207 -4.16 59.90 43.78
C GLU D 207 -2.96 59.12 44.32
N LEU D 208 -3.15 58.41 45.43
CA LEU D 208 -2.06 57.66 46.03
C LEU D 208 -2.28 56.15 45.98
N ALA D 209 -1.19 55.41 45.91
CA ALA D 209 -1.21 53.96 45.88
C ALA D 209 0.15 53.44 46.30
N VAL D 210 0.15 52.45 47.19
CA VAL D 210 1.40 51.88 47.68
C VAL D 210 1.53 50.41 47.33
N MET D 211 2.75 49.90 47.41
CA MET D 211 3.02 48.50 47.12
C MET D 211 3.96 47.92 48.16
N ARG D 212 3.38 47.31 49.20
CA ARG D 212 4.16 46.70 50.26
C ARG D 212 4.74 45.38 49.77
N ARG D 213 5.80 44.92 50.42
CA ARG D 213 6.46 43.67 50.07
C ARG D 213 5.48 42.50 49.96
N ASP D 214 5.64 41.71 48.90
CA ASP D 214 4.84 40.50 48.57
C ASP D 214 3.37 40.68 48.14
N GLN D 215 2.60 41.49 48.88
CA GLN D 215 1.18 41.71 48.57
C GLN D 215 0.94 42.47 47.28
N PRO D 216 -0.30 42.38 46.76
CA PRO D 216 -0.69 43.06 45.52
C PRO D 216 -0.84 44.56 45.73
N LEU D 217 -0.81 45.31 44.63
CA LEU D 217 -0.94 46.77 44.68
C LEU D 217 -2.17 47.22 45.47
N LYS D 218 -1.99 48.24 46.31
CA LYS D 218 -3.09 48.77 47.10
C LYS D 218 -3.34 50.24 46.78
N ILE D 219 -4.61 50.64 46.81
CA ILE D 219 -4.98 52.02 46.50
C ILE D 219 -5.64 52.70 47.69
N LEU D 220 -5.04 53.80 48.15
CA LEU D 220 -5.57 54.55 49.28
C LEU D 220 -6.87 55.25 48.90
N ASN D 221 -7.85 55.24 49.81
CA ASN D 221 -9.13 55.89 49.55
C ASN D 221 -9.13 57.33 50.05
N PRO D 222 -10.04 58.15 49.52
CA PRO D 222 -10.20 59.56 49.84
C PRO D 222 -10.08 59.89 51.34
N GLU D 223 -10.78 59.13 52.18
CA GLU D 223 -10.73 59.37 53.62
C GLU D 223 -9.42 58.87 54.22
N GLU D 224 -8.82 57.87 53.59
CA GLU D 224 -7.56 57.32 54.06
C GLU D 224 -6.43 58.30 53.78
N ILE D 225 -6.57 59.03 52.68
CA ILE D 225 -5.58 60.03 52.30
C ILE D 225 -5.81 61.30 53.11
N GLU D 226 -7.07 61.56 53.41
CA GLU D 226 -7.45 62.74 54.19
C GLU D 226 -6.81 62.69 55.56
N LYS D 227 -6.83 61.52 56.19
CA LYS D 227 -6.25 61.32 57.51
C LYS D 227 -4.75 61.64 57.49
N TYR D 228 -4.07 61.19 56.44
CA TYR D 228 -2.63 61.43 56.29
C TYR D 228 -2.35 62.92 56.18
N VAL D 229 -3.20 63.64 55.46
CA VAL D 229 -3.06 65.08 55.27
C VAL D 229 -3.21 65.87 56.57
N ALA D 230 -4.04 65.37 57.48
CA ALA D 230 -4.26 66.01 58.77
C ALA D 230 -3.01 65.93 59.65
N GLU D 231 -2.25 64.84 59.49
CA GLU D 231 -1.03 64.64 60.28
C GLU D 231 0.12 65.52 59.79
N ILE D 232 0.04 65.96 58.54
CA ILE D 232 1.08 66.81 57.97
C ILE D 232 0.83 68.29 58.27
N SER E 2 6.49 60.97 -1.48
CA SER E 2 7.01 62.32 -1.77
C SER E 2 6.88 63.22 -0.55
N ARG E 3 8.02 63.62 0.00
CA ARG E 3 8.08 64.48 1.17
C ARG E 3 7.42 65.84 0.95
N ARG E 4 7.59 66.38 -0.25
CA ARG E 4 7.02 67.68 -0.60
C ARG E 4 5.52 67.81 -0.30
N TYR E 5 4.73 66.84 -0.72
CA TYR E 5 3.27 66.89 -0.51
C TYR E 5 2.75 66.29 0.80
N ASP E 6 3.63 65.67 1.59
CA ASP E 6 3.22 65.09 2.86
C ASP E 6 2.73 66.19 3.80
N SER E 7 1.62 65.96 4.49
CA SER E 7 1.03 66.95 5.38
C SER E 7 1.58 66.77 6.79
N ARG E 8 2.11 65.56 7.08
CA ARG E 8 2.71 65.20 8.35
C ARG E 8 1.70 65.23 9.52
N THR E 9 0.74 64.30 9.46
CA THR E 9 -0.42 64.21 10.33
C THR E 9 -0.04 63.77 11.75
N THR E 10 0.94 62.88 11.88
CA THR E 10 1.20 62.22 13.16
C THR E 10 2.59 62.58 13.69
N ILE E 11 2.90 63.87 13.84
CA ILE E 11 4.17 64.32 14.41
C ILE E 11 3.82 65.38 15.46
N PHE E 12 4.72 65.64 16.40
CA PHE E 12 4.37 66.63 17.41
C PHE E 12 4.78 68.01 16.94
N SER E 13 4.12 69.00 17.49
CA SER E 13 4.42 70.40 17.31
C SER E 13 5.46 70.76 18.37
N PRO E 14 6.17 71.90 18.24
CA PRO E 14 7.07 72.38 19.28
C PRO E 14 6.58 72.48 20.71
N GLU E 15 5.28 72.35 21.01
CA GLU E 15 4.86 72.41 22.42
C GLU E 15 4.44 71.01 22.89
N GLY E 16 4.72 70.00 22.07
CA GLY E 16 4.29 68.67 22.41
C GLY E 16 2.80 68.49 22.13
N ARG E 17 2.24 69.24 21.16
CA ARG E 17 0.86 69.06 20.76
C ARG E 17 0.79 68.32 19.43
N LEU E 18 -0.32 67.63 19.19
CA LEU E 18 -0.70 67.01 17.93
C LEU E 18 -1.81 67.85 17.30
N TYR E 19 -1.52 68.59 16.25
CA TYR E 19 -2.45 69.57 15.71
C TYR E 19 -3.62 68.86 15.06
N GLN E 20 -3.38 67.80 14.29
CA GLN E 20 -4.52 67.19 13.63
C GLN E 20 -5.57 66.83 14.67
N VAL E 21 -5.15 66.24 15.79
CA VAL E 21 -6.09 65.87 16.85
C VAL E 21 -6.78 67.11 17.36
N GLU E 22 -6.05 68.16 17.69
CA GLU E 22 -6.70 69.39 18.13
C GLU E 22 -7.68 70.01 17.10
N TYR E 23 -7.39 69.90 15.82
CA TYR E 23 -8.28 70.43 14.80
C TYR E 23 -9.44 69.47 14.58
N ALA E 24 -9.19 68.14 14.69
CA ALA E 24 -10.32 67.21 14.68
C ALA E 24 -11.27 67.59 15.82
N MET E 25 -10.72 67.98 16.97
CA MET E 25 -11.59 68.37 18.08
C MET E 25 -12.36 69.61 17.78
N GLU E 26 -11.84 70.55 16.95
CA GLU E 26 -12.60 71.76 16.65
C GLU E 26 -13.83 71.36 15.85
N ALA E 27 -13.67 70.36 14.99
CA ALA E 27 -14.76 69.91 14.14
C ALA E 27 -15.92 69.62 15.08
N ILE E 28 -15.67 68.73 16.05
CA ILE E 28 -16.65 68.19 16.98
C ILE E 28 -17.38 69.29 17.76
N GLY E 29 -16.65 70.22 18.37
CA GLY E 29 -17.31 71.29 19.09
C GLY E 29 -18.34 72.06 18.23
N HIS E 30 -18.36 71.84 16.91
CA HIS E 30 -19.36 72.43 16.03
C HIS E 30 -20.46 71.43 15.68
N ALA E 31 -20.30 70.12 16.01
CA ALA E 31 -21.33 69.16 15.64
C ALA E 31 -22.55 69.31 16.54
N GLY E 32 -23.65 68.64 16.17
CA GLY E 32 -24.84 68.64 17.01
C GLY E 32 -24.54 68.13 18.44
N THR E 33 -25.13 68.81 19.44
CA THR E 33 -24.99 68.47 20.84
C THR E 33 -25.51 67.07 21.16
N CYS E 34 -24.71 66.25 21.86
CA CYS E 34 -25.14 64.98 22.45
C CYS E 34 -24.89 65.07 23.95
N LEU E 35 -25.84 64.53 24.73
CA LEU E 35 -25.57 64.50 26.14
C LEU E 35 -25.96 63.14 26.73
N GLY E 36 -25.18 62.66 27.71
CA GLY E 36 -25.43 61.41 28.42
C GLY E 36 -25.66 61.67 29.90
N ILE E 37 -26.72 61.07 30.47
CA ILE E 37 -26.95 61.07 31.92
C ILE E 37 -27.17 59.65 32.40
N LEU E 38 -26.50 59.27 33.49
CA LEU E 38 -26.61 57.95 34.13
C LEU E 38 -27.47 58.08 35.41
N ALA E 39 -28.52 57.25 35.52
CA ALA E 39 -29.44 57.20 36.64
C ALA E 39 -29.25 55.86 37.37
N ASN E 40 -30.05 55.63 38.44
CA ASN E 40 -30.01 54.40 39.21
C ASN E 40 -30.62 53.25 38.43
N ASP E 41 -31.75 53.56 37.76
CA ASP E 41 -32.51 52.59 36.98
C ASP E 41 -32.20 52.60 35.49
N GLY E 42 -31.26 53.44 35.02
CA GLY E 42 -30.85 53.35 33.62
C GLY E 42 -29.87 54.43 33.21
N VAL E 43 -29.70 54.59 31.89
CA VAL E 43 -28.81 55.57 31.26
C VAL E 43 -29.51 56.06 30.00
N LEU E 44 -29.24 57.30 29.60
CA LEU E 44 -29.91 57.85 28.43
C LEU E 44 -28.94 58.71 27.64
N LEU E 45 -29.23 58.83 26.34
CA LEU E 45 -28.54 59.69 25.40
C LEU E 45 -29.62 60.59 24.81
N ALA E 46 -29.27 61.83 24.57
CA ALA E 46 -30.15 62.85 24.02
C ALA E 46 -29.32 63.72 23.09
N ALA E 47 -29.70 63.75 21.83
CA ALA E 47 -28.91 64.32 20.76
C ALA E 47 -29.78 65.32 20.02
N GLU E 48 -29.25 66.52 19.78
CA GLU E 48 -29.73 67.45 18.78
C GLU E 48 -29.65 66.75 17.43
N ARG E 49 -30.73 66.83 16.63
CA ARG E 49 -30.74 66.47 15.21
C ARG E 49 -30.38 67.72 14.41
N ARG E 50 -29.58 67.54 13.35
CA ARG E 50 -29.16 68.57 12.43
C ARG E 50 -29.74 68.33 11.02
N ASN E 51 -30.14 67.07 10.74
CA ASN E 51 -30.96 66.69 9.58
C ASN E 51 -32.41 67.14 9.82
N ILE E 52 -32.77 68.36 9.40
CA ILE E 52 -34.00 69.05 9.83
C ILE E 52 -34.90 69.47 8.65
N HIS E 53 -34.33 69.65 7.45
CA HIS E 53 -35.04 70.10 6.25
C HIS E 53 -36.33 69.31 6.09
N LYS E 54 -37.43 69.95 5.65
CA LYS E 54 -38.75 69.33 5.64
C LYS E 54 -38.83 68.13 4.70
N LEU E 55 -37.98 68.11 3.66
CA LEU E 55 -38.00 67.08 2.62
C LEU E 55 -37.18 65.83 2.96
N LEU E 56 -36.50 65.83 4.10
CA LEU E 56 -35.87 64.63 4.63
C LEU E 56 -36.93 63.57 4.94
N ASP E 57 -36.67 62.32 4.51
CA ASP E 57 -37.54 61.22 4.86
C ASP E 57 -37.07 60.71 6.21
N GLU E 58 -37.92 59.99 6.97
CA GLU E 58 -37.62 59.57 8.34
C GLU E 58 -36.96 58.19 8.40
N VAL E 59 -37.09 57.42 7.30
CA VAL E 59 -36.64 56.03 7.17
C VAL E 59 -35.28 55.83 7.84
N PHE E 60 -35.32 55.41 9.13
CA PHE E 60 -34.21 54.90 9.92
C PHE E 60 -34.59 54.93 11.40
N PHE E 61 -33.89 54.08 12.19
CA PHE E 61 -33.99 53.95 13.65
C PHE E 61 -33.82 55.31 14.33
N SER E 62 -32.74 56.01 13.95
CA SER E 62 -32.35 57.34 14.43
C SER E 62 -31.17 57.89 13.61
N GLU E 63 -30.96 59.21 13.63
CA GLU E 63 -29.88 59.90 12.91
C GLU E 63 -28.52 59.56 13.53
N LYS E 64 -28.37 59.81 14.85
CA LYS E 64 -27.09 59.80 15.51
C LYS E 64 -27.00 58.75 16.64
N ILE E 65 -27.97 57.83 16.83
CA ILE E 65 -27.91 56.85 17.93
C ILE E 65 -27.85 55.46 17.34
N TYR E 66 -26.77 54.72 17.62
CA TYR E 66 -26.49 53.45 16.98
C TYR E 66 -26.54 52.37 18.06
N LYS E 67 -27.13 51.22 17.76
CA LYS E 67 -27.07 50.11 18.71
C LYS E 67 -25.79 49.30 18.42
N LEU E 68 -25.02 48.91 19.45
CA LEU E 68 -23.70 48.26 19.25
C LEU E 68 -23.76 46.77 19.49
N ASN E 69 -24.63 46.33 20.41
CA ASN E 69 -24.84 44.91 20.67
C ASN E 69 -26.07 44.90 21.56
N GLU E 70 -26.36 43.81 22.24
CA GLU E 70 -27.61 43.69 22.96
C GLU E 70 -27.66 44.65 24.16
N ASP E 71 -26.48 45.05 24.69
CA ASP E 71 -26.37 45.70 25.97
C ASP E 71 -25.81 47.11 25.87
N MET E 72 -25.50 47.64 24.66
CA MET E 72 -24.93 48.98 24.52
C MET E 72 -25.39 49.68 23.28
N ALA E 73 -25.31 51.03 23.32
CA ALA E 73 -25.60 51.95 22.23
C ALA E 73 -24.57 53.07 22.30
N CYS E 74 -24.51 53.92 21.24
CA CYS E 74 -23.66 55.10 21.33
C CYS E 74 -24.30 56.20 20.51
N SER E 75 -23.91 57.44 20.76
CA SER E 75 -24.24 58.54 19.86
C SER E 75 -22.93 59.20 19.51
N VAL E 76 -22.89 59.89 18.37
CA VAL E 76 -21.62 60.38 17.85
C VAL E 76 -21.75 61.85 17.52
N ALA E 77 -20.64 62.59 17.60
CA ALA E 77 -20.54 63.99 17.29
C ALA E 77 -19.34 64.20 16.38
N GLY E 78 -19.48 65.04 15.31
CA GLY E 78 -18.40 65.37 14.40
C GLY E 78 -18.64 64.81 12.99
N ILE E 79 -17.64 64.17 12.37
CA ILE E 79 -17.72 63.84 10.95
C ILE E 79 -18.56 62.56 10.80
N THR E 80 -19.78 62.71 10.32
CA THR E 80 -20.73 61.62 10.14
C THR E 80 -20.13 60.40 9.44
N SER E 81 -19.50 60.57 8.26
CA SER E 81 -18.97 59.42 7.53
C SER E 81 -17.89 58.69 8.33
N ASP E 82 -17.09 59.43 9.13
CA ASP E 82 -16.10 58.83 10.03
C ASP E 82 -16.85 58.01 11.09
N ALA E 83 -17.88 58.65 11.70
CA ALA E 83 -18.66 57.93 12.71
C ALA E 83 -19.16 56.63 12.13
N ASN E 84 -19.69 56.60 10.89
CA ASN E 84 -20.03 55.32 10.27
C ASN E 84 -18.91 54.30 10.28
N VAL E 85 -17.62 54.68 10.08
CA VAL E 85 -16.54 53.69 10.13
C VAL E 85 -16.40 53.09 11.54
N LEU E 86 -16.43 53.98 12.58
CA LEU E 86 -16.21 53.64 13.97
C LEU E 86 -17.34 52.77 14.54
N THR E 87 -18.57 53.14 14.27
CA THR E 87 -19.75 52.40 14.74
C THR E 87 -19.78 51.00 14.11
N ASN E 88 -19.38 50.84 12.86
CA ASN E 88 -19.33 49.53 12.27
C ASN E 88 -18.23 48.71 12.93
N GLU E 89 -17.12 49.36 13.35
CA GLU E 89 -15.98 48.70 13.97
C GLU E 89 -16.31 48.24 15.37
N LEU E 90 -17.05 49.03 16.16
CA LEU E 90 -17.51 48.66 17.50
C LEU E 90 -18.40 47.43 17.41
N ARG E 91 -19.34 47.38 16.42
CA ARG E 91 -20.14 46.19 16.21
C ARG E 91 -19.28 44.97 15.93
N LEU E 92 -18.22 45.15 15.14
CA LEU E 92 -17.34 44.04 14.86
C LEU E 92 -16.59 43.58 16.12
N ILE E 93 -16.12 44.55 16.94
CA ILE E 93 -15.37 44.26 18.15
C ILE E 93 -16.26 43.52 19.18
N ALA E 94 -17.48 44.01 19.37
CA ALA E 94 -18.37 43.31 20.29
C ALA E 94 -18.64 41.87 19.80
N GLN E 95 -18.86 41.67 18.51
CA GLN E 95 -19.17 40.35 18.05
C GLN E 95 -17.94 39.45 18.14
N ARG E 96 -16.72 39.99 17.99
CA ARG E 96 -15.50 39.23 18.21
C ARG E 96 -15.35 38.69 19.62
N TYR E 97 -15.75 39.49 20.59
CA TYR E 97 -15.64 39.20 22.00
C TYR E 97 -16.64 38.08 22.28
N LEU E 98 -17.91 38.29 21.84
CA LEU E 98 -18.99 37.31 22.06
C LEU E 98 -18.63 35.98 21.44
N LEU E 99 -18.03 36.00 20.26
CA LEU E 99 -17.62 34.76 19.63
C LEU E 99 -16.59 34.05 20.51
N GLN E 100 -15.62 34.78 21.07
CA GLN E 100 -14.51 34.18 21.81
C GLN E 100 -14.96 33.69 23.20
N TYR E 101 -15.71 34.52 23.96
CA TYR E 101 -15.99 34.25 25.35
C TYR E 101 -17.43 33.80 25.56
N GLN E 102 -18.25 33.91 24.52
CA GLN E 102 -19.65 33.53 24.59
C GLN E 102 -20.35 34.36 25.69
N GLU E 103 -19.96 35.61 25.77
CA GLU E 103 -20.50 36.56 26.72
C GLU E 103 -20.44 37.94 26.10
N PRO E 104 -21.34 38.86 26.51
CA PRO E 104 -21.31 40.23 25.98
C PRO E 104 -20.02 40.94 26.43
N ILE E 105 -19.50 41.83 25.60
CA ILE E 105 -18.26 42.52 25.89
C ILE E 105 -18.53 43.51 27.01
N PRO E 106 -17.78 43.55 28.11
CA PRO E 106 -18.03 44.62 29.09
C PRO E 106 -17.87 46.00 28.47
N CYS E 107 -18.66 46.98 28.88
CA CYS E 107 -18.72 48.29 28.22
C CYS E 107 -17.38 49.00 28.14
N GLU E 108 -16.57 48.96 29.21
CA GLU E 108 -15.28 49.61 29.19
C GLU E 108 -14.29 48.85 28.30
N GLN E 109 -14.34 47.53 28.22
CA GLN E 109 -13.49 46.85 27.25
C GLN E 109 -13.80 47.26 25.81
N LEU E 110 -15.07 47.54 25.48
CA LEU E 110 -15.40 47.89 24.12
C LEU E 110 -14.82 49.26 23.78
N VAL E 111 -14.99 50.22 24.72
CA VAL E 111 -14.58 51.61 24.56
C VAL E 111 -13.07 51.74 24.29
N THR E 112 -12.32 51.13 25.21
CA THR E 112 -10.87 50.96 25.16
C THR E 112 -10.41 50.39 23.83
N ALA E 113 -11.07 49.33 23.33
CA ALA E 113 -10.59 48.71 22.10
C ALA E 113 -10.86 49.62 20.87
N LEU E 114 -11.92 50.44 20.85
CA LEU E 114 -12.06 51.37 19.76
C LEU E 114 -11.01 52.46 19.90
N CYS E 115 -10.81 52.94 21.14
CA CYS E 115 -9.82 53.99 21.38
C CYS E 115 -8.41 53.55 21.04
N ASP E 116 -8.05 52.31 21.16
CA ASP E 116 -6.79 51.87 20.60
C ASP E 116 -6.70 52.12 19.08
N ILE E 117 -7.80 51.92 18.35
CA ILE E 117 -7.80 52.17 16.95
C ILE E 117 -7.58 53.65 16.68
N LYS E 118 -8.27 54.54 17.42
CA LYS E 118 -8.08 55.99 17.37
C LYS E 118 -6.67 56.50 17.77
N GLN E 119 -6.07 56.03 18.84
CA GLN E 119 -4.69 56.39 19.16
C GLN E 119 -3.71 55.96 18.04
N ALA E 120 -3.97 54.85 17.32
CA ALA E 120 -2.98 54.40 16.35
C ALA E 120 -2.91 55.40 15.17
N TYR E 121 -4.05 55.92 14.75
CA TYR E 121 -4.11 56.94 13.72
C TYR E 121 -3.36 58.20 14.12
N THR E 122 -3.27 58.51 15.42
CA THR E 122 -2.47 59.63 15.88
C THR E 122 -0.96 59.40 15.92
N GLN E 123 -0.45 58.17 15.76
CA GLN E 123 0.94 57.96 16.11
C GLN E 123 1.74 57.49 14.89
N PHE E 124 1.11 56.72 14.00
CA PHE E 124 1.78 56.16 12.84
C PHE E 124 0.85 56.03 11.66
N GLY E 125 1.37 56.03 10.42
CA GLY E 125 0.61 55.69 9.21
C GLY E 125 0.35 56.90 8.31
N GLY E 126 0.56 58.12 8.81
CA GLY E 126 0.38 59.23 7.91
C GLY E 126 -1.05 59.62 7.50
N LYS E 127 -2.12 59.06 8.09
CA LYS E 127 -3.49 59.45 7.73
C LYS E 127 -4.03 60.46 8.72
N ARG E 128 -5.08 61.19 8.33
CA ARG E 128 -5.69 62.13 9.26
C ARG E 128 -6.41 61.29 10.30
N PRO E 129 -6.66 61.81 11.51
CA PRO E 129 -7.46 61.08 12.47
C PRO E 129 -8.94 61.03 12.07
N PHE E 130 -9.73 60.23 12.81
CA PHE E 130 -11.21 60.18 12.85
C PHE E 130 -11.70 61.45 13.55
N GLY E 131 -12.58 62.20 12.86
CA GLY E 131 -13.08 63.43 13.45
C GLY E 131 -14.36 63.18 14.26
N VAL E 132 -14.29 62.29 15.27
CA VAL E 132 -15.49 61.81 15.96
C VAL E 132 -15.30 61.79 17.46
N SER E 133 -16.28 62.30 18.24
CA SER E 133 -16.34 61.92 19.66
C SER E 133 -17.56 61.05 19.84
N LEU E 134 -17.48 59.99 20.67
CA LEU E 134 -18.62 59.15 21.01
C LEU E 134 -19.04 59.31 22.48
N LEU E 135 -20.34 59.15 22.77
CA LEU E 135 -20.84 58.78 24.08
C LEU E 135 -21.38 57.36 23.97
N TYR E 136 -21.02 56.49 24.92
CA TYR E 136 -21.48 55.09 24.93
C TYR E 136 -22.26 54.82 26.21
N ILE E 137 -23.41 54.14 26.09
CA ILE E 137 -24.23 53.72 27.23
C ILE E 137 -24.36 52.23 27.17
N GLY E 138 -24.28 51.55 28.31
CA GLY E 138 -24.22 50.09 28.32
C GLY E 138 -24.56 49.61 29.72
N TRP E 139 -24.95 48.36 29.79
CA TRP E 139 -25.07 47.69 31.07
C TRP E 139 -24.14 46.47 30.97
N ASP E 140 -23.32 46.21 31.98
CA ASP E 140 -22.63 44.92 32.03
C ASP E 140 -22.74 44.36 33.43
N LYS E 141 -22.36 43.10 33.62
CA LYS E 141 -22.48 42.40 34.91
C LYS E 141 -21.42 42.85 35.93
N HIS E 142 -20.37 43.57 35.52
CA HIS E 142 -19.26 43.94 36.37
C HIS E 142 -19.53 45.27 37.03
N TYR E 143 -20.07 46.24 36.23
CA TYR E 143 -20.30 47.58 36.72
C TYR E 143 -21.74 48.03 36.56
N GLY E 144 -22.61 47.25 35.89
CA GLY E 144 -23.99 47.75 35.68
C GLY E 144 -24.06 49.00 34.79
N PHE E 145 -25.00 49.88 35.01
CA PHE E 145 -25.22 51.03 34.13
C PHE E 145 -23.97 51.89 34.07
N GLN E 146 -23.56 52.24 32.84
CA GLN E 146 -22.30 52.97 32.57
C GLN E 146 -22.48 53.91 31.40
N LEU E 147 -21.72 54.99 31.39
CA LEU E 147 -21.65 56.01 30.37
C LEU E 147 -20.19 56.41 30.21
N TYR E 148 -19.68 56.34 28.96
CA TYR E 148 -18.33 56.70 28.51
C TYR E 148 -18.40 57.79 27.44
N GLN E 149 -17.29 58.51 27.30
CA GLN E 149 -17.01 59.42 26.23
C GLN E 149 -15.61 59.14 25.72
N SER E 150 -15.40 59.15 24.40
CA SER E 150 -14.07 59.05 23.82
C SER E 150 -13.94 60.20 22.82
N ASP E 151 -12.71 60.50 22.43
CA ASP E 151 -12.47 61.63 21.57
C ASP E 151 -11.44 61.21 20.51
N PRO E 152 -11.16 62.06 19.50
CA PRO E 152 -10.26 61.70 18.43
C PRO E 152 -8.82 61.38 18.86
N SER E 153 -8.33 61.84 20.02
CA SER E 153 -7.03 61.40 20.54
C SER E 153 -6.99 59.91 20.93
N GLY E 154 -8.14 59.28 21.06
CA GLY E 154 -8.20 57.90 21.51
C GLY E 154 -8.27 57.87 23.04
N ASN E 155 -8.63 59.01 23.63
CA ASN E 155 -8.76 59.15 25.07
C ASN E 155 -10.21 58.95 25.45
N TYR E 156 -10.43 58.33 26.60
CA TYR E 156 -11.80 58.08 27.06
C TYR E 156 -11.87 58.19 28.57
N GLY E 157 -13.08 58.34 29.09
CA GLY E 157 -13.28 58.44 30.52
C GLY E 157 -14.73 58.18 30.89
N GLY E 158 -14.93 57.47 32.00
CA GLY E 158 -16.26 57.16 32.48
C GLY E 158 -16.88 58.40 33.12
N TRP E 159 -18.21 58.58 32.92
CA TRP E 159 -18.91 59.73 33.49
C TRP E 159 -20.23 59.30 34.11
N LYS E 160 -20.70 60.17 35.03
CA LYS E 160 -22.06 60.20 35.55
C LYS E 160 -22.97 60.98 34.62
N ALA E 161 -22.43 62.05 34.03
CA ALA E 161 -23.11 62.83 33.02
C ALA E 161 -22.06 63.67 32.31
N THR E 162 -22.25 63.84 31.00
CA THR E 162 -21.28 64.53 30.16
C THR E 162 -22.06 65.10 28.96
N CYS E 163 -21.38 65.93 28.17
CA CYS E 163 -21.94 66.36 26.91
C CYS E 163 -20.79 66.62 25.94
N ILE E 164 -21.04 66.40 24.65
CA ILE E 164 -20.16 66.70 23.53
C ILE E 164 -20.98 67.42 22.46
N GLY E 165 -20.27 68.13 21.58
CA GLY E 165 -20.80 68.79 20.42
C GLY E 165 -21.00 70.25 20.74
N ASN E 166 -21.91 70.90 20.01
CA ASN E 166 -22.09 72.32 20.17
C ASN E 166 -22.50 72.62 21.62
N ASN E 167 -21.88 73.64 22.23
CA ASN E 167 -22.27 74.20 23.51
C ASN E 167 -22.13 73.19 24.63
N SER E 168 -21.14 72.31 24.52
CA SER E 168 -20.87 71.27 25.48
C SER E 168 -20.47 71.88 26.84
N ALA E 169 -19.49 72.79 26.84
CA ALA E 169 -19.04 73.60 27.98
C ALA E 169 -20.20 74.13 28.82
N ALA E 170 -21.26 74.60 28.16
CA ALA E 170 -22.41 75.15 28.85
C ALA E 170 -23.20 74.00 29.47
N ALA E 171 -23.41 72.92 28.70
CA ALA E 171 -24.18 71.78 29.16
C ALA E 171 -23.54 71.23 30.43
N VAL E 172 -22.19 71.17 30.46
CA VAL E 172 -21.43 70.57 31.53
C VAL E 172 -21.61 71.34 32.82
N SER E 173 -21.46 72.67 32.77
CA SER E 173 -21.68 73.51 33.94
C SER E 173 -23.12 73.43 34.45
N MET E 174 -24.06 73.16 33.53
CA MET E 174 -25.46 73.01 33.88
C MET E 174 -25.71 71.65 34.52
N LEU E 175 -25.00 70.60 34.06
CA LEU E 175 -25.08 69.27 34.66
C LEU E 175 -24.38 69.28 36.03
N LYS E 176 -23.28 70.03 36.20
CA LYS E 176 -22.59 70.13 37.48
C LYS E 176 -23.47 70.79 38.55
N GLN E 177 -24.41 71.63 38.14
CA GLN E 177 -25.35 72.29 39.04
C GLN E 177 -26.46 71.36 39.48
N ASP E 178 -26.94 70.49 38.56
CA ASP E 178 -28.22 69.79 38.72
C ASP E 178 -28.10 68.28 38.92
N TYR E 179 -26.97 67.67 38.57
CA TYR E 179 -26.91 66.21 38.65
C TYR E 179 -26.66 65.79 40.09
N LYS E 180 -27.54 64.90 40.59
CA LYS E 180 -27.52 64.39 41.95
C LYS E 180 -26.93 62.98 41.94
N GLU E 181 -25.68 62.83 42.44
CA GLU E 181 -25.00 61.55 42.57
C GLU E 181 -25.85 60.57 43.38
N GLY E 182 -26.30 59.49 42.72
CA GLY E 182 -26.98 58.37 43.35
C GLY E 182 -28.48 58.60 43.54
N GLU E 183 -28.92 59.86 43.45
CA GLU E 183 -30.29 60.26 43.73
C GLU E 183 -31.11 60.44 42.44
N MET E 184 -30.48 60.14 41.31
CA MET E 184 -31.03 60.33 39.97
C MET E 184 -31.86 59.10 39.57
N THR E 185 -33.07 59.34 39.04
CA THR E 185 -33.85 58.29 38.39
C THR E 185 -33.89 58.62 36.90
N LEU E 186 -34.23 57.63 36.07
CA LEU E 186 -34.44 57.86 34.66
C LEU E 186 -35.44 59.00 34.37
N LYS E 187 -36.51 59.15 35.16
CA LYS E 187 -37.48 60.25 35.07
C LYS E 187 -36.78 61.59 35.31
N SER E 188 -35.97 61.64 36.39
CA SER E 188 -35.21 62.82 36.78
C SER E 188 -34.17 63.15 35.72
N ALA E 189 -33.41 62.12 35.26
CA ALA E 189 -32.40 62.21 34.22
C ALA E 189 -33.03 62.84 32.97
N LEU E 190 -34.12 62.22 32.49
CA LEU E 190 -34.83 62.70 31.32
C LEU E 190 -35.25 64.16 31.46
N ALA E 191 -35.74 64.55 32.64
CA ALA E 191 -36.10 65.93 32.90
C ALA E 191 -34.90 66.84 32.69
N LEU E 192 -33.78 66.49 33.33
CA LEU E 192 -32.54 67.26 33.27
C LEU E 192 -32.05 67.37 31.81
N ALA E 193 -32.06 66.24 31.07
CA ALA E 193 -31.72 66.24 29.65
C ALA E 193 -32.46 67.40 28.95
N ILE E 194 -33.78 67.42 29.04
CA ILE E 194 -34.59 68.44 28.42
C ILE E 194 -34.19 69.84 28.89
N LYS E 195 -33.96 70.00 30.21
CA LYS E 195 -33.50 71.26 30.74
C LYS E 195 -32.19 71.68 30.06
N VAL E 196 -31.18 70.80 30.05
CA VAL E 196 -29.85 71.09 29.51
C VAL E 196 -29.93 71.31 28.00
N LEU E 197 -30.78 70.53 27.33
CA LEU E 197 -30.95 70.59 25.89
C LEU E 197 -31.70 71.86 25.47
N ASN E 198 -32.61 72.35 26.32
CA ASN E 198 -33.35 73.60 26.13
C ASN E 198 -32.40 74.79 26.14
N LYS E 199 -31.27 74.68 26.89
CA LYS E 199 -30.31 75.78 27.05
C LYS E 199 -29.12 75.72 26.08
N THR E 200 -28.74 74.51 25.60
CA THR E 200 -27.59 74.38 24.71
C THR E 200 -27.99 74.61 23.26
N MET E 201 -29.30 74.57 22.99
CA MET E 201 -29.87 74.81 21.67
C MET E 201 -30.45 76.24 21.63
N ASP E 202 -29.97 77.01 20.62
CA ASP E 202 -30.32 78.41 20.40
C ASP E 202 -31.45 78.49 19.36
N VAL E 203 -32.59 77.89 19.73
CA VAL E 203 -33.85 77.89 18.99
C VAL E 203 -35.03 78.13 19.95
N SER E 204 -34.75 78.57 21.20
CA SER E 204 -35.73 78.93 22.22
C SER E 204 -36.70 77.79 22.53
N LYS E 205 -37.71 77.55 21.65
CA LYS E 205 -38.57 76.38 21.71
C LYS E 205 -37.79 75.14 21.26
N LEU E 206 -37.79 74.10 22.11
CA LEU E 206 -36.90 72.95 21.97
C LEU E 206 -37.34 72.14 20.75
N SER E 207 -38.60 71.67 20.76
CA SER E 207 -39.22 70.90 19.67
C SER E 207 -38.74 69.45 19.64
N ALA E 208 -39.69 68.51 19.74
CA ALA E 208 -39.47 67.07 19.77
C ALA E 208 -39.07 66.52 18.42
N GLU E 209 -38.96 67.38 17.39
CA GLU E 209 -38.51 67.00 16.06
C GLU E 209 -36.99 67.21 15.95
N LYS E 210 -36.46 68.07 16.81
CA LYS E 210 -35.06 68.49 16.77
C LYS E 210 -34.17 67.63 17.67
N VAL E 211 -34.77 66.76 18.51
CA VAL E 211 -34.04 65.90 19.44
C VAL E 211 -34.36 64.42 19.22
N GLU E 212 -33.45 63.57 19.74
CA GLU E 212 -33.46 62.14 19.66
C GLU E 212 -33.03 61.66 21.03
N ILE E 213 -33.78 60.73 21.67
CA ILE E 213 -33.53 60.26 23.02
C ILE E 213 -33.69 58.75 23.04
N ALA E 214 -32.58 58.03 23.24
CA ALA E 214 -32.59 56.62 23.59
C ALA E 214 -32.44 56.51 25.10
N THR E 215 -33.13 55.55 25.72
CA THR E 215 -32.92 55.16 27.12
C THR E 215 -32.43 53.73 27.13
N LEU E 216 -31.74 53.32 28.20
CA LEU E 216 -31.27 51.94 28.30
C LEU E 216 -31.54 51.44 29.72
N THR E 217 -32.38 50.39 29.83
CA THR E 217 -32.86 49.86 31.10
C THR E 217 -32.68 48.35 31.16
N ARG E 218 -32.95 47.76 32.33
CA ARG E 218 -33.00 46.32 32.57
C ARG E 218 -34.43 45.90 32.92
N GLU E 219 -34.97 44.90 32.21
CA GLU E 219 -36.30 44.32 32.47
C GLU E 219 -36.18 42.79 32.42
N ASN E 220 -36.26 42.16 33.60
CA ASN E 220 -36.27 40.70 33.70
C ASN E 220 -34.95 40.10 33.23
N GLY E 221 -33.83 40.73 33.62
CA GLY E 221 -32.52 40.20 33.23
C GLY E 221 -32.30 40.27 31.72
N LYS E 222 -32.78 41.39 31.13
CA LYS E 222 -32.59 41.63 29.73
C LYS E 222 -32.47 43.15 29.58
N THR E 223 -31.39 43.62 28.91
CA THR E 223 -31.20 45.03 28.58
C THR E 223 -32.21 45.40 27.52
N VAL E 224 -32.74 46.60 27.62
CA VAL E 224 -33.73 47.11 26.70
C VAL E 224 -33.24 48.50 26.29
N ILE E 225 -32.97 48.67 24.99
CA ILE E 225 -32.58 49.94 24.41
C ILE E 225 -33.74 50.36 23.56
N ARG E 226 -34.07 51.65 23.59
CA ARG E 226 -35.27 52.09 22.93
C ARG E 226 -35.24 53.59 22.67
N VAL E 227 -35.48 53.97 21.41
CA VAL E 227 -35.60 55.39 21.08
C VAL E 227 -36.99 55.86 21.51
N LEU E 228 -37.05 56.91 22.34
CA LEU E 228 -38.33 57.53 22.67
C LEU E 228 -39.03 57.99 21.40
N LYS E 229 -40.35 57.78 21.35
CA LYS E 229 -41.19 58.25 20.26
C LYS E 229 -41.54 59.70 20.52
N GLN E 230 -41.99 60.42 19.47
CA GLN E 230 -42.17 61.87 19.45
C GLN E 230 -43.16 62.36 20.52
N LYS E 231 -44.28 61.64 20.67
CA LYS E 231 -45.26 61.85 21.73
C LYS E 231 -44.57 61.99 23.10
N GLU E 232 -43.68 61.03 23.42
CA GLU E 232 -43.03 60.94 24.72
C GLU E 232 -42.12 62.14 24.92
N VAL E 233 -41.38 62.49 23.85
CA VAL E 233 -40.49 63.64 23.84
C VAL E 233 -41.32 64.92 23.99
N GLU E 234 -42.40 65.04 23.19
CA GLU E 234 -43.34 66.18 23.30
C GLU E 234 -43.78 66.38 24.75
N GLN E 235 -44.26 65.29 25.38
CA GLN E 235 -44.68 65.28 26.78
C GLN E 235 -43.54 65.77 27.67
N LEU E 236 -42.33 65.22 27.42
CA LEU E 236 -41.12 65.58 28.13
C LEU E 236 -40.86 67.08 28.07
N ILE E 237 -41.07 67.66 26.87
CA ILE E 237 -40.90 69.08 26.62
C ILE E 237 -41.97 69.87 27.38
N LYS E 238 -43.25 69.52 27.14
CA LYS E 238 -44.40 70.03 27.89
C LYS E 238 -44.03 70.16 29.36
N ASN E 239 -43.58 69.03 29.97
CA ASN E 239 -43.25 68.92 31.38
C ASN E 239 -42.19 69.92 31.83
N HIS E 240 -41.25 70.29 30.93
CA HIS E 240 -40.25 71.33 31.19
C HIS E 240 -40.87 72.72 31.20
N GLU E 241 -41.80 72.99 30.24
CA GLU E 241 -42.52 74.26 30.15
C GLU E 241 -43.23 74.60 31.46
N GLU E 242 -43.83 73.58 32.10
CA GLU E 242 -44.58 73.71 33.36
C GLU E 242 -43.66 74.16 34.51
N GLU E 243 -42.41 73.69 34.51
CA GLU E 243 -41.39 74.07 35.49
C GLU E 243 -40.98 75.55 35.35
N GLY F 4 -10.31 81.67 -10.55
CA GLY F 4 -8.94 81.20 -10.70
C GLY F 4 -8.23 81.06 -9.37
N SER F 5 -9.00 80.77 -8.32
CA SER F 5 -8.47 80.60 -6.98
C SER F 5 -7.54 79.39 -6.88
N SER F 6 -6.57 79.46 -5.97
CA SER F 6 -5.63 78.38 -5.77
C SER F 6 -5.11 78.34 -4.35
N ALA F 7 -4.89 77.14 -3.83
CA ALA F 7 -4.38 76.97 -2.48
C ALA F 7 -3.53 75.69 -2.39
N GLY F 8 -2.51 75.72 -1.55
CA GLY F 8 -1.65 74.56 -1.36
C GLY F 8 -1.03 74.07 -2.66
N PHE F 9 -1.03 72.76 -2.86
CA PHE F 9 -0.46 72.15 -4.05
C PHE F 9 -1.53 71.71 -5.05
N ASP F 10 -2.51 72.57 -5.31
CA ASP F 10 -3.59 72.22 -6.25
C ASP F 10 -3.26 72.46 -7.74
N ARG F 11 -2.04 72.87 -8.04
CA ARG F 11 -1.62 73.10 -9.41
C ARG F 11 -0.47 72.17 -9.79
N HIS F 12 -0.04 71.35 -8.84
CA HIS F 12 1.06 70.42 -9.06
C HIS F 12 0.57 68.98 -9.11
N ILE F 13 -0.38 68.64 -8.25
CA ILE F 13 -0.93 67.29 -8.22
C ILE F 13 -2.44 67.34 -8.45
N THR F 14 -3.02 66.20 -8.81
CA THR F 14 -4.46 66.13 -9.08
C THR F 14 -5.36 66.17 -7.84
N ILE F 15 -5.44 67.34 -7.21
CA ILE F 15 -6.31 67.54 -6.06
C ILE F 15 -7.23 68.70 -6.38
N PHE F 16 -8.35 68.79 -5.67
CA PHE F 16 -9.32 69.84 -5.90
C PHE F 16 -8.87 71.23 -5.48
N SER F 17 -9.08 72.21 -6.35
CA SER F 17 -8.77 73.59 -6.04
C SER F 17 -10.02 74.20 -5.38
N PRO F 18 -9.90 75.43 -4.87
CA PRO F 18 -11.05 76.09 -4.21
C PRO F 18 -12.36 76.08 -5.01
N GLU F 19 -12.32 76.26 -6.32
CA GLU F 19 -13.53 76.25 -7.15
C GLU F 19 -13.98 74.83 -7.55
N GLY F 20 -13.22 73.82 -7.18
CA GLY F 20 -13.56 72.45 -7.49
C GLY F 20 -12.97 71.95 -8.79
N ARG F 21 -11.98 72.66 -9.31
CA ARG F 21 -11.34 72.28 -10.56
C ARG F 21 -10.08 71.45 -10.35
N LEU F 22 -9.67 70.76 -11.41
CA LEU F 22 -8.46 69.94 -11.38
C LEU F 22 -7.47 70.51 -12.39
N TYR F 23 -6.71 71.51 -11.95
CA TYR F 23 -5.72 72.19 -12.79
C TYR F 23 -4.79 71.26 -13.57
N GLN F 24 -4.26 70.24 -12.91
CA GLN F 24 -3.35 69.30 -13.57
C GLN F 24 -3.99 68.65 -14.80
N VAL F 25 -5.26 68.25 -14.68
CA VAL F 25 -5.99 67.65 -15.79
C VAL F 25 -6.18 68.68 -16.91
N GLU F 26 -6.42 69.93 -16.52
CA GLU F 26 -6.60 71.02 -17.49
C GLU F 26 -5.30 71.32 -18.23
N TYR F 27 -4.16 71.15 -17.55
CA TYR F 27 -2.85 71.36 -18.15
C TYR F 27 -2.56 70.26 -19.17
N ALA F 28 -3.04 69.06 -18.88
CA ALA F 28 -2.85 67.90 -19.74
C ALA F 28 -3.60 68.05 -21.06
N PHE F 29 -4.61 68.90 -21.08
CA PHE F 29 -5.39 69.16 -22.28
C PHE F 29 -4.59 70.11 -23.18
N LYS F 30 -3.76 70.94 -22.54
CA LYS F 30 -2.89 71.88 -23.23
C LYS F 30 -1.68 71.15 -23.83
N ALA F 31 -1.36 69.99 -23.27
CA ALA F 31 -0.25 69.15 -23.73
C ALA F 31 -0.60 68.44 -25.04
N ILE F 32 -1.89 68.29 -25.31
CA ILE F 32 -2.38 67.67 -26.54
C ILE F 32 -2.09 68.56 -27.75
N ASN F 33 -2.09 69.87 -27.54
CA ASN F 33 -1.82 70.84 -28.59
C ASN F 33 -0.32 71.08 -28.80
N GLN F 34 0.52 70.48 -27.96
CA GLN F 34 1.97 70.64 -28.05
C GLN F 34 2.59 69.95 -29.27
N GLY F 35 1.90 68.95 -29.82
CA GLY F 35 2.38 68.24 -30.99
C GLY F 35 2.15 69.01 -32.28
N GLY F 36 1.26 70.01 -32.24
CA GLY F 36 0.96 70.83 -33.39
C GLY F 36 0.25 70.07 -34.50
N LEU F 37 -0.73 69.27 -34.13
CA LEU F 37 -1.49 68.50 -35.09
C LEU F 37 -2.98 68.55 -34.80
N THR F 38 -3.78 68.14 -35.78
CA THR F 38 -5.23 68.13 -35.65
C THR F 38 -5.77 66.86 -36.30
N SER F 39 -6.73 66.23 -35.64
CA SER F 39 -7.32 65.01 -36.17
C SER F 39 -8.81 65.18 -36.39
N VAL F 40 -9.33 64.47 -37.37
CA VAL F 40 -10.75 64.56 -37.70
C VAL F 40 -11.32 63.18 -38.01
N ALA F 41 -12.41 62.84 -37.34
CA ALA F 41 -13.09 61.57 -37.55
C ALA F 41 -14.53 61.85 -37.95
N VAL F 42 -14.97 61.23 -39.03
CA VAL F 42 -16.33 61.45 -39.50
C VAL F 42 -17.08 60.13 -39.68
N ARG F 43 -18.26 60.05 -39.09
CA ARG F 43 -19.09 58.85 -39.19
C ARG F 43 -20.10 59.03 -40.33
N GLY F 44 -20.10 58.07 -41.25
CA GLY F 44 -21.02 58.13 -42.37
C GLY F 44 -22.27 57.31 -42.11
N LYS F 45 -22.92 56.87 -43.18
CA LYS F 45 -24.11 56.06 -43.06
C LYS F 45 -23.73 54.58 -42.92
N ASP F 46 -22.68 54.18 -43.62
CA ASP F 46 -22.21 52.81 -43.57
C ASP F 46 -20.69 52.74 -43.48
N CYS F 47 -20.09 53.81 -42.98
CA CYS F 47 -18.64 53.86 -42.85
C CYS F 47 -18.17 54.87 -41.80
N ALA F 48 -16.88 54.79 -41.46
CA ALA F 48 -16.27 55.69 -40.49
C ALA F 48 -14.83 55.97 -40.94
N VAL F 49 -14.48 57.24 -41.09
CA VAL F 49 -13.15 57.61 -41.54
C VAL F 49 -12.38 58.50 -40.56
N ILE F 50 -11.06 58.32 -40.53
CA ILE F 50 -10.20 59.12 -39.67
C ILE F 50 -9.08 59.75 -40.48
N VAL F 51 -9.06 61.07 -40.54
CA VAL F 51 -8.03 61.81 -41.27
C VAL F 51 -7.13 62.54 -40.29
N THR F 52 -5.84 62.57 -40.57
CA THR F 52 -4.90 63.23 -39.68
C THR F 52 -3.79 63.92 -40.45
N GLN F 53 -3.22 64.94 -39.83
CA GLN F 53 -2.14 65.71 -40.43
C GLN F 53 -0.81 64.96 -40.33
N LYS F 54 -0.28 64.56 -41.48
CA LYS F 54 0.99 63.86 -41.52
C LYS F 54 2.11 64.83 -41.84
N LYS F 55 2.88 65.21 -40.82
CA LYS F 55 3.97 66.15 -41.00
C LYS F 55 5.34 65.54 -40.72
N VAL F 56 6.17 65.49 -41.76
CA VAL F 56 7.53 64.95 -41.64
C VAL F 56 8.55 66.02 -42.02
N PRO F 57 8.85 66.92 -41.09
CA PRO F 57 9.82 67.99 -41.33
C PRO F 57 11.21 67.61 -40.85
N ASP F 58 11.87 66.71 -41.56
CA ASP F 58 13.20 66.28 -41.16
C ASP F 58 14.03 65.68 -42.29
N LYS F 59 13.34 65.19 -43.34
CA LYS F 59 13.92 64.55 -44.55
C LYS F 59 14.58 63.16 -44.39
N LEU F 60 15.43 62.98 -43.38
CA LEU F 60 16.09 61.71 -43.12
C LEU F 60 15.15 60.74 -42.40
N LEU F 61 14.10 61.28 -41.81
CA LEU F 61 13.10 60.49 -41.10
C LEU F 61 12.41 59.53 -42.07
N ASP F 62 12.19 58.31 -41.62
CA ASP F 62 11.52 57.30 -42.44
C ASP F 62 10.01 57.53 -42.32
N SER F 63 9.44 58.16 -43.35
CA SER F 63 8.03 58.51 -43.40
C SER F 63 7.07 57.37 -43.08
N SER F 64 7.48 56.14 -43.36
CA SER F 64 6.65 54.98 -43.10
C SER F 64 6.46 54.70 -41.60
N THR F 65 7.42 55.12 -40.79
CA THR F 65 7.36 54.93 -39.35
C THR F 65 6.64 56.10 -38.66
N VAL F 66 6.31 57.13 -39.43
CA VAL F 66 5.63 58.29 -38.89
C VAL F 66 4.13 58.22 -39.17
N THR F 67 3.34 57.92 -38.14
CA THR F 67 1.91 57.82 -38.30
C THR F 67 1.17 57.96 -36.97
N HIS F 68 -0.01 58.58 -37.02
CA HIS F 68 -0.82 58.75 -35.83
C HIS F 68 -2.05 57.84 -35.87
N LEU F 69 -2.08 56.95 -36.86
CA LEU F 69 -3.16 56.00 -37.02
C LEU F 69 -2.66 54.63 -36.59
N PHE F 70 -3.41 53.97 -35.71
CA PHE F 70 -3.00 52.65 -35.22
C PHE F 70 -4.11 51.60 -35.31
N LYS F 71 -3.70 50.37 -35.55
CA LYS F 71 -4.62 49.26 -35.63
C LYS F 71 -4.75 48.61 -34.25
N ILE F 72 -5.90 48.78 -33.60
CA ILE F 72 -6.12 48.20 -32.28
C ILE F 72 -6.42 46.71 -32.46
N THR F 73 -7.48 46.42 -33.21
CA THR F 73 -7.87 45.05 -33.51
C THR F 73 -8.07 44.96 -35.03
N GLU F 74 -8.57 43.82 -35.51
CA GLU F 74 -8.80 43.65 -36.93
C GLU F 74 -9.89 44.60 -37.45
N ASN F 75 -10.90 44.85 -36.62
CA ASN F 75 -12.00 45.73 -36.99
C ASN F 75 -12.00 47.07 -36.26
N ILE F 76 -10.99 47.34 -35.45
CA ILE F 76 -10.93 48.61 -34.73
C ILE F 76 -9.65 49.40 -35.00
N GLY F 77 -9.82 50.63 -35.45
CA GLY F 77 -8.70 51.51 -35.75
C GLY F 77 -8.81 52.78 -34.95
N CYS F 78 -7.71 53.51 -34.82
CA CYS F 78 -7.74 54.75 -34.03
C CYS F 78 -6.71 55.79 -34.48
N VAL F 79 -6.94 57.03 -34.05
CA VAL F 79 -6.05 58.13 -34.36
C VAL F 79 -5.69 58.84 -33.06
N MET F 80 -4.39 58.99 -32.81
CA MET F 80 -3.93 59.64 -31.59
C MET F 80 -3.51 61.08 -31.83
N THR F 81 -3.76 61.93 -30.84
CA THR F 81 -3.41 63.34 -30.90
C THR F 81 -2.78 63.77 -29.58
N GLY F 82 -1.63 64.42 -29.64
CA GLY F 82 -0.94 64.88 -28.45
C GLY F 82 0.45 64.29 -28.31
N MET F 83 0.93 64.24 -27.07
CA MET F 83 2.27 63.69 -26.78
C MET F 83 2.45 62.31 -27.39
N THR F 84 3.40 62.21 -28.31
CA THR F 84 3.68 60.96 -29.01
C THR F 84 3.91 59.74 -28.12
N ALA F 85 4.86 59.85 -27.19
CA ALA F 85 5.19 58.73 -26.29
C ALA F 85 3.97 58.27 -25.47
N ASP F 86 3.18 59.22 -24.99
CA ASP F 86 1.99 58.90 -24.21
C ASP F 86 0.99 58.17 -25.08
N SER F 87 0.85 58.64 -26.33
CA SER F 87 -0.07 58.04 -27.28
C SER F 87 0.25 56.58 -27.53
N ARG F 88 1.53 56.29 -27.78
CA ARG F 88 1.97 54.92 -28.07
C ARG F 88 1.68 53.96 -26.92
N SER F 89 1.84 54.43 -25.68
CA SER F 89 1.58 53.59 -24.53
C SER F 89 0.08 53.33 -24.40
N GLN F 90 -0.72 54.33 -24.77
CA GLN F 90 -2.17 54.19 -24.69
C GLN F 90 -2.65 53.25 -25.79
N VAL F 91 -2.01 53.31 -26.95
CA VAL F 91 -2.38 52.44 -28.05
C VAL F 91 -2.08 50.99 -27.65
N GLN F 92 -0.93 50.78 -27.02
CA GLN F 92 -0.53 49.46 -26.57
C GLN F 92 -1.50 48.93 -25.51
N ARG F 93 -1.95 49.82 -24.63
CA ARG F 93 -2.89 49.44 -23.59
C ARG F 93 -4.23 49.03 -24.20
N ALA F 94 -4.70 49.82 -25.16
CA ALA F 94 -5.96 49.53 -25.84
C ALA F 94 -5.91 48.17 -26.51
N ARG F 95 -4.80 47.90 -27.19
CA ARG F 95 -4.62 46.63 -27.87
C ARG F 95 -4.67 45.48 -26.87
N TYR F 96 -4.02 45.66 -25.73
CA TYR F 96 -4.01 44.63 -24.71
C TYR F 96 -5.43 44.41 -24.16
N GLU F 97 -6.12 45.51 -23.88
CA GLU F 97 -7.48 45.45 -23.36
C GLU F 97 -8.40 44.70 -24.33
N ALA F 98 -8.29 45.03 -25.61
CA ALA F 98 -9.10 44.40 -26.65
C ALA F 98 -8.86 42.91 -26.77
N ALA F 99 -7.59 42.50 -26.79
CA ALA F 99 -7.24 41.10 -26.90
C ALA F 99 -7.73 40.32 -25.67
N ASN F 100 -7.61 40.93 -24.51
CA ASN F 100 -8.04 40.31 -23.26
C ASN F 100 -9.56 40.15 -23.22
N TRP F 101 -10.28 41.14 -23.74
CA TRP F 101 -11.73 41.10 -23.76
C TRP F 101 -12.22 39.90 -24.57
N LYS F 102 -11.64 39.72 -25.76
CA LYS F 102 -12.02 38.60 -26.62
C LYS F 102 -11.66 37.26 -26.00
N TYR F 103 -10.54 37.21 -25.30
CA TYR F 103 -10.08 35.98 -24.67
C TYR F 103 -10.98 35.51 -23.53
N LYS F 104 -11.56 36.44 -22.78
CA LYS F 104 -12.41 36.07 -21.66
C LYS F 104 -13.91 36.11 -21.94
N TYR F 105 -14.34 36.86 -22.95
CA TYR F 105 -15.76 36.96 -23.26
C TYR F 105 -16.18 36.20 -24.52
N GLY F 106 -15.20 35.84 -25.36
CA GLY F 106 -15.47 35.08 -26.56
C GLY F 106 -15.89 35.84 -27.81
N TYR F 107 -15.96 37.16 -27.73
CA TYR F 107 -16.34 37.96 -28.90
C TYR F 107 -15.56 39.27 -28.93
N GLU F 108 -15.48 39.89 -30.11
CA GLU F 108 -14.75 41.14 -30.27
C GLU F 108 -15.35 42.26 -29.43
N ILE F 109 -14.49 42.99 -28.72
CA ILE F 109 -14.94 44.08 -27.87
C ILE F 109 -15.56 45.20 -28.71
N PRO F 110 -16.71 45.70 -28.26
CA PRO F 110 -17.38 46.81 -28.96
C PRO F 110 -16.55 48.09 -28.80
N VAL F 111 -16.62 48.97 -29.80
CA VAL F 111 -15.86 50.22 -29.78
C VAL F 111 -16.19 51.08 -28.57
N ASP F 112 -17.46 51.14 -28.19
CA ASP F 112 -17.89 51.94 -27.04
C ASP F 112 -17.35 51.36 -25.73
N MET F 113 -17.21 50.04 -25.67
CA MET F 113 -16.70 49.39 -24.48
C MET F 113 -15.19 49.59 -24.37
N LEU F 114 -14.51 49.56 -25.51
CA LEU F 114 -13.07 49.75 -25.53
C LEU F 114 -12.71 51.17 -25.14
N CYS F 115 -13.48 52.13 -25.66
CA CYS F 115 -13.26 53.53 -25.35
C CYS F 115 -13.49 53.80 -23.87
N LYS F 116 -14.53 53.16 -23.32
CA LYS F 116 -14.87 53.31 -21.91
C LYS F 116 -13.76 52.75 -21.02
N ARG F 117 -13.21 51.62 -21.43
CA ARG F 117 -12.13 50.97 -20.66
C ARG F 117 -10.88 51.83 -20.59
N ILE F 118 -10.56 52.51 -21.69
CA ILE F 118 -9.40 53.39 -21.74
C ILE F 118 -9.66 54.63 -20.91
N ALA F 119 -10.90 55.09 -20.93
CA ALA F 119 -11.31 56.28 -20.18
C ALA F 119 -11.28 56.00 -18.67
N ASP F 120 -11.64 54.78 -18.30
CA ASP F 120 -11.65 54.38 -16.89
C ASP F 120 -10.23 54.45 -16.35
N ILE F 121 -9.28 53.96 -17.13
CA ILE F 121 -7.87 53.96 -16.77
C ILE F 121 -7.34 55.38 -16.63
N SER F 122 -7.81 56.28 -17.51
CA SER F 122 -7.39 57.67 -17.47
C SER F 122 -7.95 58.40 -16.25
N GLN F 123 -9.13 57.98 -15.79
CA GLN F 123 -9.76 58.60 -14.62
C GLN F 123 -8.89 58.43 -13.38
N VAL F 124 -8.29 57.24 -13.25
CA VAL F 124 -7.43 56.91 -12.12
C VAL F 124 -6.29 57.91 -11.95
N TYR F 125 -5.75 58.41 -13.06
CA TYR F 125 -4.65 59.38 -13.02
C TYR F 125 -5.09 60.75 -12.48
N THR F 126 -6.37 61.08 -12.64
CA THR F 126 -6.91 62.33 -12.16
C THR F 126 -7.27 62.27 -10.68
N GLN F 127 -7.28 61.07 -10.11
CA GLN F 127 -7.60 60.90 -8.70
C GLN F 127 -6.36 60.54 -7.88
N ASN F 128 -5.37 59.94 -8.52
CA ASN F 128 -4.13 59.57 -7.83
C ASN F 128 -3.07 60.63 -8.09
N ALA F 129 -2.51 61.17 -7.01
CA ALA F 129 -1.52 62.23 -7.09
C ALA F 129 -0.11 61.80 -7.52
N GLU F 130 0.26 60.56 -7.26
CA GLU F 130 1.60 60.07 -7.61
C GLU F 130 1.97 60.12 -9.10
N MET F 131 0.98 59.97 -9.98
CA MET F 131 1.23 60.02 -11.41
C MET F 131 0.39 61.07 -12.10
N ARG F 132 0.90 61.59 -13.21
CA ARG F 132 0.21 62.60 -13.98
C ARG F 132 -0.68 61.95 -15.03
N PRO F 133 -1.61 62.72 -15.61
CA PRO F 133 -2.46 62.20 -16.67
C PRO F 133 -1.66 62.15 -17.96
N LEU F 134 -2.15 61.42 -18.96
CA LEU F 134 -1.45 61.33 -20.24
C LEU F 134 -1.80 62.59 -21.05
N GLY F 135 -0.85 63.08 -21.81
CA GLY F 135 -1.07 64.27 -22.61
C GLY F 135 -1.48 63.93 -24.03
N CYS F 136 -2.47 63.06 -24.18
CA CYS F 136 -2.94 62.66 -25.51
C CYS F 136 -4.45 62.49 -25.57
N CYS F 137 -4.95 62.27 -26.78
CA CYS F 137 -6.38 62.09 -27.02
C CYS F 137 -6.57 60.91 -27.95
N MET F 138 -7.53 60.06 -27.64
CA MET F 138 -7.80 58.89 -28.46
C MET F 138 -9.15 58.94 -29.17
N ILE F 139 -9.15 58.64 -30.45
CA ILE F 139 -10.37 58.60 -31.24
C ILE F 139 -10.46 57.22 -31.86
N LEU F 140 -11.52 56.50 -31.58
CA LEU F 140 -11.68 55.16 -32.11
C LEU F 140 -12.83 55.02 -33.09
N ILE F 141 -12.60 54.25 -34.15
CA ILE F 141 -13.61 54.01 -35.15
C ILE F 141 -13.73 52.51 -35.37
N GLY F 142 -14.94 52.03 -35.63
CA GLY F 142 -15.17 50.62 -35.84
C GLY F 142 -16.62 50.36 -36.19
N ILE F 143 -16.88 49.23 -36.83
CA ILE F 143 -18.24 48.87 -37.21
C ILE F 143 -18.88 47.92 -36.21
N ASP F 144 -19.97 48.37 -35.61
CA ASP F 144 -20.71 47.55 -34.66
C ASP F 144 -21.68 46.69 -35.44
N GLU F 145 -21.84 45.44 -35.03
CA GLU F 145 -22.72 44.50 -35.73
C GLU F 145 -24.21 44.78 -35.56
N GLU F 146 -24.57 45.55 -34.53
CA GLU F 146 -25.98 45.87 -34.28
C GLU F 146 -26.29 47.36 -34.46
N GLN F 147 -25.29 48.21 -34.24
CA GLN F 147 -25.48 49.65 -34.37
C GLN F 147 -24.87 50.25 -35.62
N GLY F 148 -23.92 49.54 -36.23
CA GLY F 148 -23.27 50.02 -37.43
C GLY F 148 -22.00 50.78 -37.14
N PRO F 149 -21.66 51.75 -38.00
CA PRO F 149 -20.46 52.58 -37.85
C PRO F 149 -20.41 53.30 -36.50
N GLN F 150 -19.25 53.29 -35.85
CA GLN F 150 -19.08 53.93 -34.55
C GLN F 150 -17.84 54.82 -34.47
N VAL F 151 -17.98 55.96 -33.80
CA VAL F 151 -16.88 56.89 -33.61
C VAL F 151 -16.87 57.35 -32.16
N TYR F 152 -15.83 56.96 -31.42
CA TYR F 152 -15.72 57.31 -30.02
C TYR F 152 -14.40 58.00 -29.69
N LYS F 153 -14.43 58.88 -28.70
CA LYS F 153 -13.24 59.62 -28.30
C LYS F 153 -13.17 59.85 -26.79
N CYS F 154 -12.02 59.54 -26.21
CA CYS F 154 -11.79 59.75 -24.78
C CYS F 154 -10.60 60.70 -24.62
N ASP F 155 -10.52 61.36 -23.48
CA ASP F 155 -9.44 62.32 -23.25
C ASP F 155 -8.69 62.09 -21.95
N PRO F 156 -7.85 63.06 -21.56
CA PRO F 156 -7.03 63.04 -20.35
C PRO F 156 -7.86 63.13 -19.06
N ALA F 157 -9.06 63.69 -19.14
CA ALA F 157 -9.93 63.82 -17.98
C ALA F 157 -10.68 62.53 -17.64
N GLY F 158 -10.65 61.56 -18.53
CA GLY F 158 -11.33 60.29 -18.33
C GLY F 158 -12.71 60.30 -18.94
N TYR F 159 -13.06 61.40 -19.60
CA TYR F 159 -14.36 61.56 -20.24
C TYR F 159 -14.35 60.99 -21.65
N TYR F 160 -15.42 60.29 -22.00
CA TYR F 160 -15.53 59.70 -23.33
C TYR F 160 -16.96 59.81 -23.84
N CYS F 161 -17.13 59.77 -25.15
CA CYS F 161 -18.46 59.87 -25.75
C CYS F 161 -18.48 59.35 -27.18
N GLY F 162 -19.68 59.03 -27.65
CA GLY F 162 -19.88 58.57 -29.00
C GLY F 162 -20.12 59.81 -29.83
N PHE F 163 -19.68 59.80 -31.08
CA PHE F 163 -19.84 60.97 -31.94
C PHE F 163 -20.28 60.65 -33.36
N LYS F 164 -20.85 61.66 -34.00
CA LYS F 164 -21.24 61.57 -35.40
C LYS F 164 -19.99 62.00 -36.18
N ALA F 165 -19.32 63.02 -35.65
CA ALA F 165 -18.09 63.57 -36.21
C ALA F 165 -17.45 64.39 -35.09
N THR F 166 -16.14 64.25 -34.93
CA THR F 166 -15.43 64.98 -33.87
C THR F 166 -13.96 65.16 -34.22
N ALA F 167 -13.34 66.19 -33.67
CA ALA F 167 -11.93 66.47 -33.93
C ALA F 167 -11.11 66.62 -32.65
N ALA F 168 -9.79 66.69 -32.82
CA ALA F 168 -8.88 66.85 -31.70
C ALA F 168 -7.57 67.48 -32.17
N GLY F 169 -6.98 68.34 -31.34
CA GLY F 169 -5.73 68.98 -31.68
C GLY F 169 -5.74 70.49 -31.55
N VAL F 170 -4.86 71.13 -32.32
CA VAL F 170 -4.72 72.58 -32.30
C VAL F 170 -5.95 73.31 -32.84
N LYS F 171 -6.54 72.78 -33.90
CA LYS F 171 -7.71 73.40 -34.50
C LYS F 171 -8.99 72.64 -34.18
N GLN F 172 -9.08 72.13 -32.96
CA GLN F 172 -10.24 71.37 -32.51
C GLN F 172 -11.52 72.20 -32.57
N THR F 173 -11.43 73.45 -32.13
CA THR F 173 -12.58 74.35 -32.12
C THR F 173 -13.04 74.74 -33.53
N GLU F 174 -12.11 74.75 -34.48
CA GLU F 174 -12.43 75.12 -35.86
C GLU F 174 -12.96 73.93 -36.65
N SER F 175 -12.52 72.72 -36.30
CA SER F 175 -12.98 71.53 -36.98
C SER F 175 -14.41 71.22 -36.56
N THR F 176 -14.72 71.55 -35.31
CA THR F 176 -16.05 71.31 -34.76
C THR F 176 -17.07 72.26 -35.38
N SER F 177 -16.65 73.49 -35.64
CA SER F 177 -17.54 74.49 -36.25
C SER F 177 -17.84 74.17 -37.70
N PHE F 178 -16.88 73.53 -38.37
CA PHE F 178 -17.06 73.16 -39.77
C PHE F 178 -17.96 71.94 -39.90
N LEU F 179 -17.76 70.97 -39.00
CA LEU F 179 -18.55 69.74 -39.02
C LEU F 179 -19.96 69.96 -38.50
N GLU F 180 -20.14 71.00 -37.69
CA GLU F 180 -21.45 71.31 -37.13
C GLU F 180 -22.46 71.67 -38.20
N LYS F 181 -22.04 72.50 -39.16
CA LYS F 181 -22.93 72.91 -40.23
C LYS F 181 -23.26 71.74 -41.17
N LYS F 182 -22.30 70.84 -41.34
CA LYS F 182 -22.49 69.68 -42.21
C LYS F 182 -23.47 68.67 -41.63
N VAL F 183 -23.58 68.64 -40.31
CA VAL F 183 -24.48 67.70 -39.65
C VAL F 183 -25.81 68.35 -39.25
N LYS F 184 -25.96 69.61 -39.60
CA LYS F 184 -27.18 70.35 -39.29
C LYS F 184 -27.73 71.06 -40.52
N PHE F 191 -20.20 57.05 -48.08
CA PHE F 191 -18.75 56.87 -48.23
C PHE F 191 -18.11 58.17 -48.68
N GLU F 192 -18.22 58.45 -49.98
CA GLU F 192 -17.40 59.47 -50.63
C GLU F 192 -17.52 60.82 -49.96
N GLN F 193 -18.74 61.21 -49.62
CA GLN F 193 -18.98 62.49 -48.97
C GLN F 193 -18.36 62.51 -47.58
N THR F 194 -18.44 61.38 -46.88
CA THR F 194 -17.88 61.26 -45.54
C THR F 194 -16.38 61.47 -45.58
N VAL F 195 -15.70 60.81 -46.52
CA VAL F 195 -14.26 60.94 -46.67
C VAL F 195 -13.93 62.37 -47.10
N GLU F 196 -14.74 62.92 -47.99
CA GLU F 196 -14.54 64.28 -48.49
C GLU F 196 -14.74 65.31 -47.39
N THR F 197 -15.83 65.17 -46.63
CA THR F 197 -16.13 66.10 -45.55
C THR F 197 -14.98 66.18 -44.55
N ALA F 198 -14.47 65.01 -44.16
CA ALA F 198 -13.37 64.94 -43.22
C ALA F 198 -12.16 65.71 -43.75
N ILE F 199 -11.72 65.33 -44.95
CA ILE F 199 -10.57 65.98 -45.58
C ILE F 199 -10.82 67.48 -45.70
N THR F 200 -12.03 67.84 -46.09
CA THR F 200 -12.40 69.24 -46.25
C THR F 200 -12.21 69.99 -44.94
N CYS F 201 -12.78 69.44 -43.87
CA CYS F 201 -12.68 70.05 -42.54
C CYS F 201 -11.22 70.34 -42.16
N LEU F 202 -10.35 69.35 -42.34
CA LEU F 202 -8.95 69.53 -42.02
C LEU F 202 -8.35 70.60 -42.91
N SER F 203 -8.57 70.47 -44.22
CA SER F 203 -8.04 71.45 -45.17
C SER F 203 -8.57 72.85 -44.92
N THR F 204 -9.86 72.96 -44.61
CA THR F 204 -10.47 74.25 -44.36
C THR F 204 -9.84 74.99 -43.18
N VAL F 205 -9.60 74.27 -42.09
CA VAL F 205 -9.02 74.87 -40.90
C VAL F 205 -7.50 75.00 -40.97
N LEU F 206 -6.89 74.37 -41.97
CA LEU F 206 -5.45 74.43 -42.15
C LEU F 206 -5.06 75.27 -43.35
N SER F 207 -6.02 75.49 -44.25
CA SER F 207 -5.81 76.27 -45.48
C SER F 207 -4.57 75.81 -46.22
N ILE F 208 -4.56 74.56 -46.67
CA ILE F 208 -3.40 74.01 -47.37
C ILE F 208 -3.69 73.11 -48.57
N ASP F 209 -4.84 72.41 -48.54
CA ASP F 209 -5.23 71.48 -49.61
C ASP F 209 -4.08 70.50 -49.87
N PHE F 210 -3.68 69.79 -48.82
CA PHE F 210 -2.59 68.83 -48.85
C PHE F 210 -2.65 67.74 -49.92
N LYS F 211 -1.47 67.25 -50.30
CA LYS F 211 -1.35 66.19 -51.29
C LYS F 211 -1.53 64.82 -50.63
N PRO F 212 -1.51 63.75 -51.43
CA PRO F 212 -1.69 62.38 -50.93
C PRO F 212 -0.72 61.98 -49.82
N SER F 213 0.51 62.45 -49.89
CA SER F 213 1.53 62.13 -48.91
C SER F 213 1.58 63.08 -47.72
N GLU F 214 0.56 63.91 -47.57
CA GLU F 214 0.52 64.88 -46.48
C GLU F 214 -0.47 64.51 -45.37
N ILE F 215 -1.33 63.54 -45.65
CA ILE F 215 -2.32 63.09 -44.67
C ILE F 215 -2.44 61.58 -44.67
N GLU F 216 -3.05 61.03 -43.61
CA GLU F 216 -3.27 59.61 -43.50
C GLU F 216 -4.76 59.35 -43.43
N VAL F 217 -5.20 58.21 -43.97
CA VAL F 217 -6.62 57.88 -43.97
C VAL F 217 -6.90 56.44 -43.55
N GLY F 218 -7.73 56.29 -42.53
CA GLY F 218 -8.11 54.98 -42.03
C GLY F 218 -9.62 54.88 -42.12
N VAL F 219 -10.13 53.77 -42.62
CA VAL F 219 -11.58 53.62 -42.77
C VAL F 219 -12.11 52.23 -42.43
N VAL F 220 -13.40 52.21 -42.09
CA VAL F 220 -14.10 50.98 -41.77
C VAL F 220 -15.50 51.12 -42.36
N THR F 221 -15.87 50.23 -43.25
CA THR F 221 -17.19 50.28 -43.88
C THR F 221 -18.03 49.11 -43.42
N VAL F 222 -19.32 49.13 -43.77
CA VAL F 222 -20.22 48.05 -43.40
C VAL F 222 -19.88 46.81 -44.22
N GLU F 223 -19.55 47.02 -45.48
CA GLU F 223 -19.20 45.92 -46.38
C GLU F 223 -17.78 45.42 -46.09
N ASN F 224 -16.88 46.34 -45.79
CA ASN F 224 -15.50 45.99 -45.49
C ASN F 224 -15.17 46.52 -44.09
N PRO F 225 -15.56 45.76 -43.05
CA PRO F 225 -15.38 46.11 -41.63
C PRO F 225 -13.92 46.20 -41.20
N LYS F 226 -13.05 45.39 -41.78
CA LYS F 226 -11.63 45.40 -41.42
C LYS F 226 -11.03 46.79 -41.53
N PHE F 227 -10.34 47.23 -40.48
CA PHE F 227 -9.71 48.53 -40.46
C PHE F 227 -8.72 48.61 -41.62
N ARG F 228 -8.78 49.70 -42.38
CA ARG F 228 -7.89 49.86 -43.52
C ARG F 228 -7.21 51.22 -43.57
N ILE F 229 -6.04 51.27 -44.18
CA ILE F 229 -5.29 52.51 -44.33
C ILE F 229 -5.07 52.78 -45.81
N LEU F 230 -5.57 53.92 -46.28
CA LEU F 230 -5.46 54.28 -47.69
C LEU F 230 -4.03 54.65 -48.09
N SER F 231 -3.65 54.27 -49.30
CA SER F 231 -2.31 54.54 -49.81
C SER F 231 -2.26 55.88 -50.54
N GLU F 232 -1.08 56.22 -51.05
CA GLU F 232 -0.86 57.47 -51.77
C GLU F 232 -1.82 57.61 -52.96
N ALA F 233 -1.99 56.53 -53.72
CA ALA F 233 -2.87 56.51 -54.87
C ALA F 233 -4.34 56.56 -54.46
N GLU F 234 -4.65 56.03 -53.28
CA GLU F 234 -6.01 56.02 -52.79
C GLU F 234 -6.41 57.39 -52.22
N ILE F 235 -5.45 58.06 -51.59
CA ILE F 235 -5.70 59.37 -51.01
C ILE F 235 -5.79 60.43 -52.10
N ASP F 236 -4.96 60.30 -53.13
CA ASP F 236 -4.95 61.24 -54.25
C ASP F 236 -6.27 61.23 -55.00
N ALA F 237 -6.85 60.04 -55.14
CA ALA F 237 -8.13 59.88 -55.84
C ALA F 237 -9.25 60.74 -55.24
N HIS F 238 -9.29 60.83 -53.91
CA HIS F 238 -10.29 61.63 -53.22
C HIS F 238 -9.91 63.11 -53.27
N LEU F 239 -8.62 63.38 -53.46
CA LEU F 239 -8.11 64.75 -53.55
C LEU F 239 -8.35 65.35 -54.93
N VAL F 240 -8.31 64.49 -55.95
CA VAL F 240 -8.52 64.92 -57.32
C VAL F 240 -9.98 65.27 -57.57
N ALA F 241 -10.87 64.61 -56.84
CA ALA F 241 -12.30 64.87 -56.96
C ALA F 241 -12.73 65.97 -55.99
N MET G 1 -1.98 5.83 29.73
CA MET G 1 -3.17 6.67 29.77
C MET G 1 -3.26 7.45 31.08
N GLU G 2 -3.67 8.70 30.99
CA GLU G 2 -3.80 9.58 32.16
C GLU G 2 -5.25 9.63 32.63
N TYR G 3 -5.44 9.82 33.93
CA TYR G 3 -6.79 9.86 34.48
C TYR G 3 -7.19 11.19 35.11
N LEU G 4 -8.34 11.70 34.69
CA LEU G 4 -8.88 12.95 35.22
C LEU G 4 -10.31 12.66 35.70
N ILE G 5 -10.75 13.37 36.73
CA ILE G 5 -12.09 13.18 37.27
C ILE G 5 -12.60 14.44 37.95
N GLY G 6 -13.87 14.76 37.71
CA GLY G 6 -14.48 15.92 38.32
C GLY G 6 -15.86 15.62 38.86
N ILE G 7 -16.17 16.17 40.03
CA ILE G 7 -17.47 15.98 40.65
C ILE G 7 -17.95 17.34 41.16
N GLN G 8 -19.05 17.82 40.60
CA GLN G 8 -19.59 19.11 41.01
C GLN G 8 -20.68 18.94 42.06
N GLY G 9 -20.59 19.71 43.13
CA GLY G 9 -21.56 19.66 44.20
C GLY G 9 -22.39 20.92 44.24
N PRO G 10 -23.25 21.05 45.27
CA PRO G 10 -24.10 22.23 45.40
C PRO G 10 -23.33 23.55 45.33
N ASP G 11 -22.20 23.63 46.02
CA ASP G 11 -21.41 24.86 46.01
C ASP G 11 -19.90 24.62 45.98
N TYR G 12 -19.48 23.59 45.28
CA TYR G 12 -18.07 23.24 45.17
C TYR G 12 -17.83 22.30 44.01
N VAL G 13 -16.59 22.24 43.55
CA VAL G 13 -16.21 21.34 42.48
C VAL G 13 -14.99 20.58 42.96
N LEU G 14 -15.09 19.25 43.00
CA LEU G 14 -13.98 18.42 43.44
C LEU G 14 -13.32 17.78 42.24
N VAL G 15 -12.01 17.94 42.12
CA VAL G 15 -11.27 17.35 41.01
C VAL G 15 -10.06 16.56 41.49
N ALA G 16 -9.66 15.58 40.69
CA ALA G 16 -8.52 14.74 41.01
C ALA G 16 -7.87 14.24 39.73
N SER G 17 -6.61 13.83 39.83
CA SER G 17 -5.88 13.32 38.67
C SER G 17 -4.70 12.49 39.11
N ASP G 18 -4.25 11.59 38.25
CA ASP G 18 -3.10 10.75 38.56
C ASP G 18 -1.85 11.60 38.50
N GLN G 19 -0.79 11.16 39.17
CA GLN G 19 0.46 11.91 39.18
C GLN G 19 1.59 11.20 38.45
N VAL G 20 1.26 10.32 37.53
CA VAL G 20 2.27 9.57 36.81
C VAL G 20 2.71 10.21 35.48
N ALA G 21 4.02 10.37 35.33
CA ALA G 21 4.59 10.87 34.09
C ALA G 21 5.32 9.65 33.55
N ALA G 22 4.82 9.08 32.46
CA ALA G 22 5.42 7.88 31.91
C ALA G 22 6.16 8.03 30.58
N SER G 23 7.20 7.23 30.42
CA SER G 23 8.01 7.20 29.21
C SER G 23 8.08 5.73 28.80
N SER G 24 7.28 5.38 27.78
CA SER G 24 7.17 4.02 27.29
C SER G 24 6.73 3.04 28.39
N ILE G 25 7.63 2.23 28.92
CA ILE G 25 7.27 1.28 29.96
C ILE G 25 7.67 1.69 31.37
N VAL G 26 8.35 2.80 31.51
CA VAL G 26 8.80 3.25 32.82
C VAL G 26 8.15 4.54 33.30
N GLN G 27 7.94 4.64 34.60
CA GLN G 27 7.36 5.82 35.21
C GLN G 27 8.52 6.73 35.57
N MET G 28 8.71 7.81 34.81
CA MET G 28 9.80 8.74 35.05
C MET G 28 9.52 9.66 36.25
N LYS G 29 8.25 9.93 36.51
CA LYS G 29 7.85 10.79 37.61
C LYS G 29 6.59 10.24 38.27
N ASP G 30 6.54 10.27 39.60
CA ASP G 30 5.39 9.75 40.32
C ASP G 30 4.67 10.83 41.13
N ASP G 31 5.07 12.08 40.94
CA ASP G 31 4.46 13.19 41.66
C ASP G 31 4.09 14.31 40.69
N HIS G 32 3.87 13.94 39.43
CA HIS G 32 3.51 14.89 38.39
C HIS G 32 2.16 15.54 38.63
N ASP G 33 2.09 16.85 38.50
CA ASP G 33 0.85 17.59 38.70
C ASP G 33 0.21 17.95 37.37
N LYS G 34 -0.97 17.40 37.10
CA LYS G 34 -1.67 17.65 35.84
C LYS G 34 -2.67 18.79 35.93
N MET G 35 -2.67 19.51 37.04
CA MET G 35 -3.60 20.62 37.23
C MET G 35 -2.90 21.97 37.05
N PHE G 36 -3.56 22.88 36.33
CA PHE G 36 -3.00 24.19 36.08
C PHE G 36 -3.94 25.28 36.59
N LYS G 37 -3.46 26.08 37.54
CA LYS G 37 -4.28 27.15 38.09
C LYS G 37 -4.38 28.31 37.09
N MET G 38 -5.58 28.56 36.59
CA MET G 38 -5.80 29.62 35.63
C MET G 38 -6.16 30.92 36.32
N SER G 39 -6.77 30.82 37.49
CA SER G 39 -7.18 31.98 38.25
C SER G 39 -7.41 31.58 39.71
N GLU G 40 -7.90 32.52 40.51
CA GLU G 40 -8.17 32.28 41.92
C GLU G 40 -9.19 31.17 42.15
N LYS G 41 -10.19 31.05 41.28
CA LYS G 41 -11.22 30.02 41.42
C LYS G 41 -11.39 29.14 40.18
N ILE G 42 -10.32 28.95 39.40
CA ILE G 42 -10.40 28.14 38.20
C ILE G 42 -9.21 27.20 38.03
N LEU G 43 -9.51 25.92 37.82
CA LEU G 43 -8.48 24.92 37.63
C LEU G 43 -8.65 24.29 36.25
N LEU G 44 -7.52 23.95 35.62
CA LEU G 44 -7.56 23.32 34.31
C LEU G 44 -6.74 22.04 34.31
N LEU G 45 -7.43 20.91 34.27
CA LEU G 45 -6.77 19.62 34.24
C LEU G 45 -6.60 19.23 32.78
N CYS G 46 -5.37 18.92 32.39
CA CYS G 46 -5.11 18.58 31.00
C CYS G 46 -4.22 17.36 30.82
N VAL G 47 -4.70 16.42 30.01
CA VAL G 47 -3.96 15.20 29.70
C VAL G 47 -3.87 15.06 28.19
N GLY G 48 -3.05 14.13 27.72
CA GLY G 48 -2.92 13.92 26.29
C GLY G 48 -1.49 13.80 25.81
N GLU G 49 -1.27 14.24 24.58
CA GLU G 49 0.05 14.19 23.94
C GLU G 49 1.13 14.95 24.69
N ALA G 50 2.32 14.36 24.73
CA ALA G 50 3.45 14.99 25.38
C ALA G 50 3.79 16.29 24.67
N GLY G 51 4.11 17.33 25.43
CA GLY G 51 4.41 18.62 24.83
C GLY G 51 3.15 19.47 24.71
N ASP G 52 2.23 19.03 23.86
CA ASP G 52 0.96 19.71 23.64
C ASP G 52 0.24 20.10 24.92
N THR G 53 0.13 19.17 25.86
CA THR G 53 -0.56 19.43 27.12
C THR G 53 -0.05 20.66 27.83
N VAL G 54 1.24 20.68 28.13
CA VAL G 54 1.84 21.82 28.82
C VAL G 54 1.83 23.08 27.97
N GLN G 55 2.08 22.94 26.67
CA GLN G 55 2.10 24.09 25.77
C GLN G 55 0.73 24.76 25.68
N PHE G 56 -0.32 23.97 25.50
CA PHE G 56 -1.66 24.52 25.40
C PHE G 56 -2.14 25.09 26.74
N ALA G 57 -1.95 24.32 27.81
CA ALA G 57 -2.36 24.74 29.14
C ALA G 57 -1.71 26.03 29.59
N GLU G 58 -0.40 26.15 29.37
CA GLU G 58 0.32 27.36 29.75
C GLU G 58 -0.08 28.53 28.86
N TYR G 59 -0.37 28.25 27.60
CA TYR G 59 -0.80 29.28 26.68
C TYR G 59 -2.12 29.86 27.16
N ILE G 60 -3.03 28.98 27.57
CA ILE G 60 -4.32 29.39 28.09
C ILE G 60 -4.13 30.15 29.39
N GLN G 61 -3.32 29.59 30.28
CA GLN G 61 -3.05 30.21 31.58
C GLN G 61 -2.53 31.64 31.44
N LYS G 62 -1.60 31.84 30.52
CA LYS G 62 -1.03 33.17 30.29
C LYS G 62 -2.08 34.18 29.84
N ASN G 63 -2.98 33.75 28.97
CA ASN G 63 -4.02 34.64 28.46
C ASN G 63 -5.08 34.97 29.52
N VAL G 64 -5.36 34.01 30.39
CA VAL G 64 -6.34 34.22 31.45
C VAL G 64 -5.77 35.20 32.46
N GLN G 65 -4.49 35.04 32.78
CA GLN G 65 -3.81 35.94 33.70
C GLN G 65 -3.72 37.33 33.10
N LEU G 66 -3.46 37.38 31.80
CA LEU G 66 -3.36 38.66 31.09
C LEU G 66 -4.70 39.38 31.14
N TYR G 67 -5.79 38.63 30.96
CA TYR G 67 -7.13 39.19 31.01
C TYR G 67 -7.37 39.91 32.33
N LYS G 68 -7.02 39.25 33.43
CA LYS G 68 -7.20 39.83 34.75
C LYS G 68 -6.34 41.09 34.93
N MET G 69 -5.15 41.09 34.37
CA MET G 69 -4.25 42.24 34.48
C MET G 69 -4.76 43.42 33.66
N ARG G 70 -5.36 43.13 32.50
CA ARG G 70 -5.87 44.16 31.61
C ARG G 70 -7.18 44.81 32.06
N ASN G 71 -8.02 44.07 32.76
CA ASN G 71 -9.32 44.62 33.16
C ASN G 71 -9.58 44.77 34.67
N GLY G 72 -8.78 44.11 35.49
CA GLY G 72 -8.94 44.21 36.93
C GLY G 72 -9.64 43.00 37.53
N TYR G 73 -10.71 42.55 36.88
CA TYR G 73 -11.45 41.40 37.36
C TYR G 73 -11.05 40.16 36.56
N GLU G 74 -11.33 38.98 37.11
CA GLU G 74 -10.98 37.73 36.46
C GLU G 74 -12.07 37.23 35.53
N LEU G 75 -11.70 36.32 34.62
CA LEU G 75 -12.65 35.74 33.70
C LEU G 75 -13.45 34.71 34.47
N SER G 76 -14.73 34.56 34.13
CA SER G 76 -15.56 33.58 34.80
C SER G 76 -15.25 32.19 34.23
N PRO G 77 -15.57 31.13 34.98
CA PRO G 77 -15.33 29.76 34.53
C PRO G 77 -15.95 29.49 33.15
N THR G 78 -17.18 29.95 32.93
CA THR G 78 -17.87 29.75 31.66
C THR G 78 -17.12 30.44 30.52
N ALA G 79 -16.75 31.70 30.73
CA ALA G 79 -16.02 32.45 29.72
C ALA G 79 -14.66 31.81 29.44
N ALA G 80 -14.00 31.34 30.49
CA ALA G 80 -12.70 30.70 30.35
C ALA G 80 -12.82 29.38 29.59
N ALA G 81 -13.89 28.64 29.83
CA ALA G 81 -14.12 27.37 29.15
C ALA G 81 -14.33 27.60 27.66
N ASN G 82 -15.13 28.60 27.32
CA ASN G 82 -15.40 28.92 25.92
C ASN G 82 -14.16 29.49 25.24
N PHE G 83 -13.34 30.22 25.99
CA PHE G 83 -12.11 30.78 25.45
C PHE G 83 -11.20 29.62 25.09
N THR G 84 -11.11 28.64 25.99
CA THR G 84 -10.30 27.47 25.79
C THR G 84 -10.79 26.67 24.59
N ARG G 85 -12.10 26.42 24.51
CA ARG G 85 -12.66 25.68 23.39
C ARG G 85 -12.35 26.37 22.07
N ARG G 86 -12.60 27.67 22.01
CA ARG G 86 -12.35 28.45 20.81
C ARG G 86 -10.92 28.28 20.34
N ASN G 87 -9.97 28.43 21.27
CA ASN G 87 -8.56 28.28 20.94
C ASN G 87 -8.22 26.88 20.46
N LEU G 88 -8.77 25.87 21.13
CA LEU G 88 -8.53 24.49 20.75
C LEU G 88 -9.17 24.17 19.41
N ALA G 89 -10.34 24.75 19.15
CA ALA G 89 -11.06 24.53 17.91
C ALA G 89 -10.34 25.18 16.72
N ASP G 90 -9.79 26.37 16.94
CA ASP G 90 -9.07 27.09 15.90
C ASP G 90 -7.86 26.34 15.38
N CYS G 91 -7.15 25.63 16.27
CA CYS G 91 -5.97 24.88 15.90
C CYS G 91 -6.29 23.50 15.34
N LEU G 92 -7.52 23.04 15.55
CA LEU G 92 -7.95 21.73 15.08
C LEU G 92 -7.69 21.51 13.59
N ARG G 93 -8.06 22.49 12.77
CA ARG G 93 -7.88 22.38 11.32
C ARG G 93 -6.60 23.03 10.85
N SER G 94 -5.82 23.55 11.79
CA SER G 94 -4.55 24.19 11.46
C SER G 94 -3.44 23.15 11.34
N ARG G 95 -2.24 23.60 10.97
CA ARG G 95 -1.10 22.71 10.81
C ARG G 95 -0.63 22.12 12.14
N THR G 96 -0.80 22.86 13.22
CA THR G 96 -0.39 22.40 14.55
C THR G 96 -1.55 22.28 15.53
N PRO G 97 -2.24 21.13 15.53
CA PRO G 97 -3.36 20.91 16.44
C PRO G 97 -2.89 20.35 17.78
N TYR G 98 -3.56 20.76 18.86
CA TYR G 98 -3.22 20.29 20.19
C TYR G 98 -4.03 19.03 20.52
N HIS G 99 -3.34 17.93 20.78
CA HIS G 99 -4.06 16.71 21.14
C HIS G 99 -4.16 16.59 22.65
N VAL G 100 -5.11 17.33 23.22
CA VAL G 100 -5.29 17.33 24.66
C VAL G 100 -6.75 17.12 25.07
N ASN G 101 -6.95 16.51 26.22
CA ASN G 101 -8.29 16.28 26.76
C ASN G 101 -8.35 17.09 28.04
N LEU G 102 -9.40 17.88 28.20
CA LEU G 102 -9.49 18.74 29.36
C LEU G 102 -10.76 18.68 30.21
N LEU G 103 -10.59 19.12 31.44
CA LEU G 103 -11.66 19.23 32.41
C LEU G 103 -11.45 20.61 32.99
N LEU G 104 -12.43 21.49 32.86
CA LEU G 104 -12.30 22.82 33.43
C LEU G 104 -13.25 22.96 34.61
N ALA G 105 -12.67 23.11 35.79
CA ALA G 105 -13.46 23.27 37.01
C ALA G 105 -13.26 24.68 37.54
N GLY G 106 -14.32 25.25 38.09
CA GLY G 106 -14.24 26.59 38.63
C GLY G 106 -15.44 26.99 39.45
N TYR G 107 -15.30 28.11 40.14
CA TYR G 107 -16.39 28.62 40.95
C TYR G 107 -16.65 30.08 40.64
N ASP G 108 -17.91 30.41 40.43
CA ASP G 108 -18.30 31.77 40.12
C ASP G 108 -19.24 32.29 41.21
N GLU G 109 -19.06 33.54 41.61
CA GLU G 109 -19.89 34.14 42.65
C GLU G 109 -21.39 34.07 42.35
N HIS G 110 -21.78 34.45 41.15
CA HIS G 110 -23.19 34.45 40.77
C HIS G 110 -23.68 33.18 40.07
N GLU G 111 -22.80 32.53 39.32
CA GLU G 111 -23.18 31.32 38.60
C GLU G 111 -23.00 30.04 39.39
N GLY G 112 -22.16 30.09 40.43
CA GLY G 112 -21.92 28.93 41.26
C GLY G 112 -20.84 28.03 40.68
N PRO G 113 -20.70 26.81 41.23
CA PRO G 113 -19.68 25.87 40.75
C PRO G 113 -19.97 25.37 39.35
N ALA G 114 -18.93 24.97 38.63
CA ALA G 114 -19.09 24.48 37.27
C ALA G 114 -17.97 23.52 36.88
N LEU G 115 -18.32 22.51 36.09
CA LEU G 115 -17.36 21.54 35.63
C LEU G 115 -17.56 21.31 34.14
N TYR G 116 -16.52 21.60 33.35
CA TYR G 116 -16.62 21.43 31.91
C TYR G 116 -15.77 20.28 31.38
N TYR G 117 -16.29 19.63 30.36
CA TYR G 117 -15.62 18.51 29.73
C TYR G 117 -15.25 18.92 28.31
N MET G 118 -14.00 18.68 27.93
CA MET G 118 -13.54 19.03 26.59
C MET G 118 -12.64 17.95 26.02
N ASP G 119 -13.02 17.39 24.88
CA ASP G 119 -12.21 16.38 24.22
C ASP G 119 -11.23 17.06 23.27
N TYR G 120 -10.40 16.28 22.58
CA TYR G 120 -9.41 16.85 21.66
C TYR G 120 -9.94 17.57 20.40
N LEU G 121 -11.20 17.32 20.04
CA LEU G 121 -11.83 17.97 18.89
C LEU G 121 -12.56 19.27 19.25
N ALA G 122 -12.36 19.73 20.49
CA ALA G 122 -12.91 20.95 21.07
C ALA G 122 -14.44 20.99 21.24
N ALA G 123 -15.03 19.84 21.58
CA ALA G 123 -16.46 19.79 21.85
C ALA G 123 -16.61 20.12 23.32
N LEU G 124 -17.33 21.20 23.63
CA LEU G 124 -17.51 21.63 25.02
C LEU G 124 -18.84 21.17 25.60
N ALA G 125 -18.79 20.61 26.80
CA ALA G 125 -20.00 20.14 27.48
C ALA G 125 -19.95 20.36 28.99
N LYS G 126 -21.00 20.96 29.53
CA LYS G 126 -21.10 21.19 30.97
C LYS G 126 -21.67 19.92 31.58
N ALA G 127 -21.16 19.53 32.74
CA ALA G 127 -21.64 18.31 33.38
C ALA G 127 -21.47 18.31 34.90
N PRO G 128 -22.34 17.56 35.59
CA PRO G 128 -22.31 17.41 37.06
C PRO G 128 -21.08 16.62 37.51
N PHE G 129 -20.61 15.73 36.65
CA PHE G 129 -19.41 14.94 36.92
C PHE G 129 -18.87 14.38 35.60
N ALA G 130 -17.56 14.21 35.50
CA ALA G 130 -16.95 13.71 34.27
C ALA G 130 -15.56 13.11 34.51
N ALA G 131 -15.07 12.35 33.53
CA ALA G 131 -13.76 11.72 33.63
C ALA G 131 -13.09 11.60 32.26
N HIS G 132 -11.77 11.45 32.25
CA HIS G 132 -10.99 11.33 31.02
C HIS G 132 -10.00 10.16 31.08
N GLY G 133 -9.69 9.58 29.94
CA GLY G 133 -8.75 8.48 29.86
C GLY G 133 -9.42 7.13 29.89
N TYR G 134 -8.62 6.07 29.97
CA TYR G 134 -9.15 4.70 30.02
C TYR G 134 -9.85 4.41 31.36
N GLY G 135 -9.43 5.10 32.42
CA GLY G 135 -10.02 4.96 33.74
C GLY G 135 -11.47 5.40 33.84
N ALA G 136 -11.90 6.32 32.96
CA ALA G 136 -13.27 6.81 32.89
C ALA G 136 -14.25 5.67 32.57
N PHE G 137 -13.83 4.73 31.74
CA PHE G 137 -14.65 3.57 31.36
C PHE G 137 -15.06 2.70 32.56
N LEU G 138 -14.18 2.59 33.55
CA LEU G 138 -14.45 1.80 34.74
C LEU G 138 -15.00 2.63 35.92
N THR G 139 -14.97 3.95 35.80
CA THR G 139 -15.43 4.81 36.89
C THR G 139 -16.70 5.62 36.64
N LEU G 140 -17.00 5.89 35.38
CA LEU G 140 -18.19 6.69 35.04
C LEU G 140 -19.50 6.08 35.56
N SER G 141 -19.60 4.75 35.49
CA SER G 141 -20.80 4.05 35.96
C SER G 141 -20.93 4.09 37.48
N ILE G 142 -19.80 4.18 38.18
CA ILE G 142 -19.80 4.27 39.63
C ILE G 142 -20.33 5.63 40.02
N LEU G 143 -19.95 6.64 39.24
CA LEU G 143 -20.43 7.99 39.46
C LEU G 143 -21.92 7.99 39.19
N ASP G 144 -22.34 7.34 38.11
CA ASP G 144 -23.75 7.27 37.77
C ASP G 144 -24.60 6.69 38.88
N ARG G 145 -24.11 5.62 39.50
CA ARG G 145 -24.83 4.93 40.56
C ARG G 145 -24.89 5.64 41.91
N TYR G 146 -23.87 6.41 42.27
CA TYR G 146 -23.85 7.05 43.58
C TYR G 146 -24.03 8.56 43.61
N TYR G 147 -23.76 9.21 42.49
CA TYR G 147 -23.87 10.67 42.44
C TYR G 147 -25.30 11.22 42.57
N THR G 148 -25.45 12.20 43.46
CA THR G 148 -26.69 12.91 43.64
C THR G 148 -26.33 14.39 43.56
N PRO G 149 -27.25 15.22 43.03
CA PRO G 149 -27.01 16.66 42.90
C PRO G 149 -26.70 17.41 44.20
N THR G 150 -27.23 16.95 45.33
CA THR G 150 -26.98 17.63 46.61
C THR G 150 -25.86 17.00 47.43
N ILE G 151 -25.04 16.17 46.80
CA ILE G 151 -23.93 15.49 47.47
C ILE G 151 -23.04 16.49 48.21
N SER G 152 -22.75 16.20 49.48
CA SER G 152 -21.90 17.07 50.28
C SER G 152 -20.45 16.83 49.90
N ARG G 153 -19.57 17.78 50.21
CA ARG G 153 -18.16 17.64 49.86
C ARG G 153 -17.48 16.47 50.57
N GLU G 154 -17.89 16.18 51.79
CA GLU G 154 -17.32 15.06 52.54
C GLU G 154 -17.72 13.76 51.85
N ARG G 155 -18.96 13.69 51.37
CA ARG G 155 -19.46 12.52 50.68
C ARG G 155 -18.89 12.41 49.27
N ALA G 156 -18.57 13.54 48.68
CA ALA G 156 -17.99 13.56 47.35
C ALA G 156 -16.59 12.97 47.40
N VAL G 157 -15.84 13.27 48.46
CA VAL G 157 -14.50 12.73 48.61
C VAL G 157 -14.57 11.22 48.73
N GLU G 158 -15.62 10.74 49.39
CA GLU G 158 -15.84 9.31 49.57
C GLU G 158 -16.17 8.68 48.22
N LEU G 159 -16.94 9.39 47.41
CA LEU G 159 -17.33 8.91 46.09
C LEU G 159 -16.10 8.82 45.19
N LEU G 160 -15.24 9.83 45.28
CA LEU G 160 -14.01 9.89 44.50
C LEU G 160 -13.07 8.74 44.89
N ARG G 161 -13.04 8.42 46.18
CA ARG G 161 -12.20 7.33 46.67
C ARG G 161 -12.64 6.00 46.09
N LYS G 162 -13.96 5.82 45.97
CA LYS G 162 -14.52 4.59 45.39
C LYS G 162 -14.03 4.41 43.95
N CYS G 163 -14.04 5.50 43.19
CA CYS G 163 -13.58 5.48 41.80
C CYS G 163 -12.09 5.15 41.74
N LEU G 164 -11.31 5.78 42.62
CA LEU G 164 -9.88 5.57 42.66
C LEU G 164 -9.53 4.14 43.07
N GLU G 165 -10.33 3.58 43.98
CA GLU G 165 -10.12 2.21 44.45
C GLU G 165 -10.47 1.21 43.35
N GLU G 166 -11.44 1.57 42.51
CA GLU G 166 -11.84 0.71 41.41
C GLU G 166 -10.70 0.59 40.42
N LEU G 167 -10.02 1.70 40.17
CA LEU G 167 -8.88 1.73 39.26
C LEU G 167 -7.76 0.87 39.83
N GLN G 168 -7.55 0.97 41.15
CA GLN G 168 -6.52 0.20 41.84
C GLN G 168 -6.63 -1.30 41.59
N LYS G 169 -7.84 -1.83 41.65
CA LYS G 169 -8.04 -3.26 41.48
C LYS G 169 -8.45 -3.73 40.08
N ARG G 170 -9.05 -2.85 39.28
CA ARG G 170 -9.50 -3.26 37.94
C ARG G 170 -8.63 -2.75 36.79
N PHE G 171 -8.14 -1.52 36.90
CA PHE G 171 -7.31 -0.92 35.85
C PHE G 171 -5.93 -1.58 35.76
N ILE G 172 -5.48 -1.84 34.53
CA ILE G 172 -4.18 -2.47 34.32
C ILE G 172 -2.99 -1.53 34.55
N LEU G 173 -3.23 -0.22 34.57
CA LEU G 173 -2.17 0.75 34.77
C LEU G 173 -1.85 0.96 36.24
N ASN G 174 -0.59 1.29 36.52
CA ASN G 174 -0.14 1.52 37.88
C ASN G 174 -0.25 3.00 38.25
N LEU G 175 -1.38 3.38 38.83
CA LEU G 175 -1.61 4.76 39.24
C LEU G 175 -1.82 4.77 40.75
N PRO G 176 -0.72 4.74 41.50
CA PRO G 176 -0.80 4.67 42.96
C PRO G 176 -1.14 5.96 43.69
N THR G 177 -1.01 7.12 43.08
CA THR G 177 -1.30 8.35 43.79
C THR G 177 -2.05 9.37 42.93
N PHE G 178 -2.95 10.11 43.56
CA PHE G 178 -3.75 11.10 42.85
C PHE G 178 -3.75 12.45 43.57
N SER G 179 -3.71 13.51 42.78
CA SER G 179 -3.76 14.87 43.32
C SER G 179 -5.24 15.16 43.54
N VAL G 180 -5.57 15.72 44.70
CA VAL G 180 -6.97 16.04 44.99
C VAL G 180 -7.12 17.50 45.39
N ARG G 181 -7.99 18.21 44.67
CA ARG G 181 -8.23 19.61 44.97
C ARG G 181 -9.71 19.93 44.97
N ILE G 182 -10.08 21.03 45.61
CA ILE G 182 -11.48 21.43 45.69
C ILE G 182 -11.62 22.93 45.48
N ILE G 183 -12.66 23.34 44.76
CA ILE G 183 -12.90 24.75 44.50
C ILE G 183 -14.27 25.17 44.98
N ASP G 184 -14.30 26.08 45.95
CA ASP G 184 -15.56 26.61 46.46
C ASP G 184 -15.50 28.13 46.38
N LYS G 185 -16.25 28.82 47.24
CA LYS G 185 -16.26 30.28 47.24
C LYS G 185 -15.02 30.90 47.87
N ASN G 186 -14.26 30.11 48.63
CA ASN G 186 -13.04 30.58 49.27
C ASN G 186 -11.80 30.33 48.42
N GLY G 187 -12.01 29.87 47.19
CA GLY G 187 -10.92 29.63 46.27
C GLY G 187 -10.55 28.18 46.04
N ILE G 188 -9.32 27.96 45.61
CA ILE G 188 -8.82 26.62 45.35
C ILE G 188 -8.12 26.09 46.59
N HIS G 189 -8.52 24.90 47.03
CA HIS G 189 -7.92 24.30 48.22
C HIS G 189 -7.33 22.93 47.91
N ASP G 190 -6.11 22.71 48.37
CA ASP G 190 -5.46 21.43 48.16
C ASP G 190 -5.90 20.48 49.24
N LEU G 191 -6.28 19.27 48.84
CA LEU G 191 -6.72 18.27 49.79
C LEU G 191 -5.62 17.22 49.91
N ASP G 192 -5.71 16.37 50.93
CA ASP G 192 -4.73 15.32 51.11
C ASP G 192 -4.74 14.41 49.90
N ASN G 193 -3.56 14.07 49.41
CA ASN G 193 -3.46 13.18 48.25
C ASN G 193 -4.01 11.81 48.62
N ILE G 194 -4.69 11.18 47.67
CA ILE G 194 -5.22 9.85 47.90
C ILE G 194 -4.25 8.86 47.28
N SER G 195 -3.58 8.07 48.13
CA SER G 195 -2.62 7.10 47.65
C SER G 195 -2.96 5.69 48.09
N PHE G 196 -2.37 4.71 47.43
CA PHE G 196 -2.62 3.31 47.74
C PHE G 196 -1.32 2.53 47.88
N SER H 2 -16.96 6.83 10.33
CA SER H 2 -17.28 8.14 9.63
C SER H 2 -17.32 9.29 10.65
N ILE H 3 -16.86 10.46 10.23
CA ILE H 3 -16.78 11.65 11.08
C ILE H 3 -18.15 12.16 11.52
N MET H 4 -19.14 12.01 10.66
CA MET H 4 -20.50 12.49 10.95
C MET H 4 -21.18 11.68 12.06
N SER H 5 -20.80 10.42 12.21
CA SER H 5 -21.40 9.57 13.23
C SER H 5 -20.54 9.48 14.48
N TYR H 6 -19.44 10.23 14.51
CA TYR H 6 -18.53 10.24 15.64
C TYR H 6 -19.21 10.61 16.96
N ASN H 7 -20.09 11.61 16.91
CA ASN H 7 -20.80 12.05 18.11
C ASN H 7 -22.27 11.63 18.07
N GLY H 8 -22.75 11.26 16.89
CA GLY H 8 -24.14 10.85 16.72
C GLY H 8 -25.07 12.05 16.69
N GLY H 9 -26.37 11.81 16.83
CA GLY H 9 -27.34 12.89 16.84
C GLY H 9 -28.31 12.89 15.67
N ALA H 10 -29.54 13.32 15.96
CA ALA H 10 -30.59 13.39 14.94
C ALA H 10 -31.38 14.68 15.10
N VAL H 11 -31.69 15.31 13.98
CA VAL H 11 -32.46 16.54 13.97
C VAL H 11 -33.50 16.45 12.86
N MET H 12 -34.71 16.96 13.11
CA MET H 12 -35.75 16.93 12.11
C MET H 12 -36.68 18.13 12.24
N ALA H 13 -37.14 18.65 11.10
CA ALA H 13 -38.05 19.78 11.08
C ALA H 13 -39.32 19.37 10.36
N MET H 14 -40.46 19.85 10.82
CA MET H 14 -41.74 19.50 10.21
C MET H 14 -42.63 20.72 9.99
N LYS H 15 -43.29 20.76 8.84
CA LYS H 15 -44.18 21.86 8.50
C LYS H 15 -45.63 21.52 8.82
N GLY H 16 -46.35 22.48 9.39
CA GLY H 16 -47.75 22.30 9.73
C GLY H 16 -48.55 23.48 9.20
N LYS H 17 -49.82 23.54 9.58
CA LYS H 17 -50.69 24.64 9.17
C LYS H 17 -50.37 25.87 10.00
N ASN H 18 -49.66 26.82 9.38
CA ASN H 18 -49.22 28.07 10.01
C ASN H 18 -48.39 27.87 11.28
N CYS H 19 -47.54 26.83 11.27
CA CYS H 19 -46.68 26.50 12.39
C CYS H 19 -45.59 25.55 11.96
N VAL H 20 -44.45 25.61 12.63
CA VAL H 20 -43.33 24.73 12.31
C VAL H 20 -42.85 24.01 13.56
N ALA H 21 -42.29 22.83 13.40
CA ALA H 21 -41.80 22.07 14.53
C ALA H 21 -40.36 21.65 14.27
N ILE H 22 -39.53 21.75 15.30
CA ILE H 22 -38.14 21.35 15.19
C ILE H 22 -37.79 20.51 16.41
N ALA H 23 -37.22 19.34 16.17
CA ALA H 23 -36.86 18.44 17.26
C ALA H 23 -35.46 17.89 17.09
N ALA H 24 -34.89 17.40 18.18
CA ALA H 24 -33.54 16.83 18.14
C ALA H 24 -33.31 15.93 19.35
N ASP H 25 -32.29 15.09 19.28
CA ASP H 25 -31.93 14.23 20.39
C ASP H 25 -31.05 15.05 21.34
N ARG H 26 -30.86 14.56 22.56
CA ARG H 26 -30.08 15.31 23.54
C ARG H 26 -28.77 14.66 23.94
N ARG H 27 -28.41 13.57 23.28
CA ARG H 27 -27.20 12.84 23.61
C ARG H 27 -25.89 13.42 23.06
N PHE H 28 -24.88 13.49 23.92
CA PHE H 28 -23.56 13.92 23.51
C PHE H 28 -22.63 12.78 23.89
N GLY H 29 -22.13 12.07 22.90
CA GLY H 29 -21.24 10.96 23.19
C GLY H 29 -20.08 10.86 22.22
N ILE H 30 -19.01 10.23 22.67
CA ILE H 30 -17.84 10.01 21.84
C ILE H 30 -17.85 8.53 21.51
N GLN H 31 -18.10 8.24 20.23
CA GLN H 31 -18.18 6.87 19.74
C GLN H 31 -19.30 6.14 20.46
N ALA H 32 -18.95 5.08 21.20
CA ALA H 32 -19.96 4.31 21.93
C ALA H 32 -20.27 4.83 23.32
N GLN H 33 -19.39 5.67 23.86
CA GLN H 33 -19.57 6.21 25.21
C GLN H 33 -20.37 7.51 25.30
N MET H 34 -21.38 7.52 26.15
CA MET H 34 -22.20 8.71 26.37
C MET H 34 -21.48 9.59 27.37
N VAL H 35 -21.47 10.90 27.14
CA VAL H 35 -20.81 11.82 28.05
C VAL H 35 -21.85 12.65 28.81
N THR H 36 -22.80 13.24 28.08
CA THR H 36 -23.88 14.01 28.69
C THR H 36 -25.20 13.68 28.01
N THR H 37 -26.30 14.09 28.62
CA THR H 37 -27.62 13.80 28.04
C THR H 37 -28.45 15.05 27.81
N ASP H 38 -27.80 16.20 27.74
CA ASP H 38 -28.52 17.45 27.49
C ASP H 38 -27.72 18.42 26.61
N PHE H 39 -27.08 17.87 25.59
CA PHE H 39 -26.29 18.67 24.66
C PHE H 39 -27.21 19.43 23.70
N GLN H 40 -27.03 20.74 23.63
CA GLN H 40 -27.86 21.58 22.76
C GLN H 40 -27.51 21.42 21.29
N LYS H 41 -28.52 21.13 20.47
CA LYS H 41 -28.33 20.96 19.03
C LYS H 41 -29.19 21.95 18.25
N ILE H 42 -30.24 22.45 18.89
CA ILE H 42 -31.13 23.41 18.27
C ILE H 42 -30.87 24.79 18.85
N PHE H 43 -30.55 25.74 17.99
CA PHE H 43 -30.26 27.10 18.43
C PHE H 43 -31.24 28.11 17.86
N PRO H 44 -31.60 29.13 18.65
CA PRO H 44 -32.52 30.18 18.21
C PRO H 44 -31.81 31.20 17.33
N MET H 45 -32.44 31.59 16.23
CA MET H 45 -31.88 32.57 15.31
C MET H 45 -32.93 33.64 15.03
N GLY H 46 -33.83 33.82 15.99
CA GLY H 46 -34.91 34.79 15.89
C GLY H 46 -36.07 34.33 16.76
N ASP H 47 -37.08 35.16 16.89
CA ASP H 47 -38.24 34.80 17.70
C ASP H 47 -38.92 33.54 17.17
N ARG H 48 -39.06 33.47 15.86
CA ARG H 48 -39.70 32.32 15.23
C ARG H 48 -38.78 31.66 14.20
N LEU H 49 -37.48 31.65 14.50
CA LEU H 49 -36.50 31.06 13.60
C LEU H 49 -35.49 30.26 14.38
N TYR H 50 -35.39 28.97 14.08
CA TYR H 50 -34.47 28.08 14.78
C TYR H 50 -33.65 27.24 13.81
N ILE H 51 -32.41 26.94 14.20
CA ILE H 51 -31.55 26.10 13.38
C ILE H 51 -31.15 24.86 14.17
N GLY H 52 -31.31 23.70 13.55
CA GLY H 52 -30.95 22.44 14.18
C GLY H 52 -29.68 21.95 13.53
N LEU H 53 -28.72 21.53 14.32
CA LEU H 53 -27.45 21.06 13.78
C LEU H 53 -27.08 19.67 14.27
N ALA H 54 -26.76 18.79 13.32
CA ALA H 54 -26.37 17.43 13.64
C ALA H 54 -25.04 17.12 12.95
N GLY H 55 -24.20 16.35 13.62
CA GLY H 55 -22.91 15.97 13.08
C GLY H 55 -21.85 16.11 14.15
N LEU H 56 -20.61 16.35 13.74
CA LEU H 56 -19.52 16.50 14.69
C LEU H 56 -19.85 17.58 15.71
N ALA H 57 -19.87 17.20 16.98
CA ALA H 57 -20.19 18.13 18.06
C ALA H 57 -19.38 19.43 18.01
N THR H 58 -18.08 19.33 17.80
CA THR H 58 -17.23 20.50 17.74
C THR H 58 -17.68 21.46 16.62
N ASP H 59 -18.03 20.92 15.46
CA ASP H 59 -18.46 21.74 14.33
C ASP H 59 -19.88 22.26 14.56
N VAL H 60 -20.67 21.50 15.30
CA VAL H 60 -22.02 21.91 15.62
C VAL H 60 -21.95 23.21 16.43
N GLN H 61 -21.06 23.25 17.41
CA GLN H 61 -20.87 24.42 18.25
C GLN H 61 -20.22 25.58 17.49
N THR H 62 -19.21 25.27 16.68
CA THR H 62 -18.52 26.31 15.92
C THR H 62 -19.46 26.98 14.92
N VAL H 63 -20.13 26.18 14.09
CA VAL H 63 -21.06 26.70 13.11
C VAL H 63 -22.14 27.54 13.76
N ALA H 64 -22.71 27.04 14.85
CA ALA H 64 -23.76 27.76 15.57
C ALA H 64 -23.24 29.12 16.03
N GLN H 65 -22.04 29.13 16.60
CA GLN H 65 -21.44 30.37 17.09
C GLN H 65 -21.06 31.34 15.97
N ARG H 66 -20.52 30.82 14.87
CA ARG H 66 -20.14 31.66 13.74
C ARG H 66 -21.37 32.22 13.04
N LEU H 67 -22.44 31.42 13.00
CA LEU H 67 -23.69 31.87 12.37
C LEU H 67 -24.29 32.99 13.20
N LYS H 68 -24.21 32.86 14.51
CA LYS H 68 -24.73 33.87 15.43
C LYS H 68 -23.97 35.18 15.24
N PHE H 69 -22.66 35.07 15.08
CA PHE H 69 -21.79 36.20 14.84
C PHE H 69 -22.27 36.96 13.60
N ARG H 70 -22.48 36.24 12.51
CA ARG H 70 -22.93 36.83 11.25
C ARG H 70 -24.36 37.35 11.30
N LEU H 71 -25.24 36.62 11.98
CA LEU H 71 -26.63 37.04 12.09
C LEU H 71 -26.76 38.31 12.92
N ASN H 72 -26.01 38.38 14.01
CA ASN H 72 -26.04 39.54 14.88
C ASN H 72 -25.61 40.78 14.13
N LEU H 73 -24.50 40.67 13.40
CA LEU H 73 -23.98 41.79 12.62
C LEU H 73 -24.96 42.17 11.52
N TYR H 74 -25.57 41.16 10.90
CA TYR H 74 -26.54 41.37 9.84
C TYR H 74 -27.77 42.10 10.37
N GLU H 75 -28.17 41.75 11.59
CA GLU H 75 -29.34 42.37 12.23
C GLU H 75 -29.05 43.73 12.87
N LEU H 76 -27.79 44.13 12.90
CA LEU H 76 -27.42 45.44 13.42
C LEU H 76 -27.30 46.37 12.22
N LYS H 77 -26.69 45.86 11.15
CA LYS H 77 -26.50 46.61 9.91
C LYS H 77 -27.87 46.97 9.36
N GLU H 78 -28.60 45.95 8.91
CA GLU H 78 -29.95 46.17 8.41
C GLU H 78 -30.78 46.22 9.68
N GLY H 79 -31.71 47.15 9.79
CA GLY H 79 -32.52 47.22 10.99
C GLY H 79 -33.75 46.35 11.00
N ARG H 80 -33.56 45.04 10.85
CA ARG H 80 -34.69 44.12 10.81
C ARG H 80 -34.28 42.69 11.12
N GLN H 81 -35.28 41.86 11.42
CA GLN H 81 -35.06 40.46 11.71
C GLN H 81 -34.86 39.74 10.38
N ILE H 82 -33.91 38.83 10.33
CA ILE H 82 -33.61 38.09 9.10
C ILE H 82 -34.77 37.17 8.69
N LYS H 83 -34.98 37.03 7.39
CA LYS H 83 -36.01 36.17 6.87
C LYS H 83 -35.49 34.74 6.85
N PRO H 84 -36.37 33.76 7.00
CA PRO H 84 -35.98 32.34 6.99
C PRO H 84 -35.17 31.96 5.75
N TYR H 85 -35.62 32.39 4.57
CA TYR H 85 -34.90 32.06 3.35
C TYR H 85 -33.51 32.69 3.32
N THR H 86 -33.40 33.93 3.78
CA THR H 86 -32.12 34.62 3.80
C THR H 86 -31.13 33.93 4.72
N LEU H 87 -31.61 33.43 5.86
CA LEU H 87 -30.77 32.71 6.80
C LEU H 87 -30.19 31.46 6.14
N MET H 88 -31.03 30.76 5.38
CA MET H 88 -30.62 29.57 4.66
C MET H 88 -29.45 29.89 3.74
N SER H 89 -29.55 30.98 2.99
CA SER H 89 -28.49 31.38 2.08
C SER H 89 -27.23 31.76 2.86
N MET H 90 -27.40 32.44 3.98
CA MET H 90 -26.28 32.84 4.83
C MET H 90 -25.53 31.60 5.29
N VAL H 91 -26.27 30.59 5.74
CA VAL H 91 -25.70 29.34 6.18
C VAL H 91 -25.03 28.60 5.03
N ALA H 92 -25.67 28.62 3.85
CA ALA H 92 -25.12 27.95 2.68
C ALA H 92 -23.79 28.59 2.29
N ASN H 93 -23.75 29.92 2.32
CA ASN H 93 -22.56 30.67 1.99
C ASN H 93 -21.46 30.35 3.00
N LEU H 94 -21.84 30.26 4.27
CA LEU H 94 -20.89 29.96 5.33
C LEU H 94 -20.32 28.55 5.17
N LEU H 95 -21.18 27.59 4.80
CA LEU H 95 -20.74 26.22 4.61
C LEU H 95 -19.93 26.05 3.34
N TYR H 96 -20.29 26.80 2.30
CA TYR H 96 -19.57 26.71 1.02
C TYR H 96 -18.17 27.33 1.04
N GLU H 97 -17.90 28.20 2.01
CA GLU H 97 -16.59 28.84 2.15
C GLU H 97 -15.50 27.80 2.45
N LYS H 98 -15.84 26.76 3.19
CA LYS H 98 -14.93 25.68 3.50
C LYS H 98 -15.14 24.50 2.54
N ARG H 99 -15.43 24.80 1.28
CA ARG H 99 -15.68 23.78 0.29
C ARG H 99 -14.75 22.55 0.33
N PHE H 100 -13.46 22.77 0.56
CA PHE H 100 -12.51 21.65 0.57
C PHE H 100 -11.92 21.31 1.96
N GLY H 101 -12.66 21.67 3.00
CA GLY H 101 -12.29 21.41 4.38
C GLY H 101 -13.50 21.88 5.17
N PRO H 102 -14.65 21.27 4.88
CA PRO H 102 -15.97 21.60 5.42
C PRO H 102 -16.21 21.25 6.87
N TYR H 103 -17.22 21.91 7.43
CA TYR H 103 -17.65 21.67 8.78
C TYR H 103 -18.52 20.43 8.69
N TYR H 104 -18.34 19.49 9.61
CA TYR H 104 -19.12 18.27 9.58
C TYR H 104 -20.44 18.43 10.31
N THR H 105 -21.39 19.06 9.62
CA THR H 105 -22.71 19.29 10.18
C THR H 105 -23.74 19.55 9.09
N GLU H 106 -24.89 18.90 9.21
CA GLU H 106 -25.98 19.06 8.27
C GLU H 106 -27.10 19.77 9.00
N PRO H 107 -27.23 21.08 8.74
CA PRO H 107 -28.23 21.91 9.40
C PRO H 107 -29.64 21.82 8.82
N VAL H 108 -30.62 22.06 9.68
CA VAL H 108 -32.02 22.09 9.29
C VAL H 108 -32.56 23.35 9.92
N ILE H 109 -33.24 24.16 9.11
CA ILE H 109 -33.80 25.42 9.57
C ILE H 109 -35.33 25.32 9.62
N ALA H 110 -35.92 25.83 10.69
CA ALA H 110 -37.37 25.83 10.84
C ALA H 110 -37.81 27.16 11.43
N GLY H 111 -38.78 27.81 10.78
CA GLY H 111 -39.26 29.08 11.28
C GLY H 111 -40.41 29.66 10.46
N LEU H 112 -40.82 30.87 10.82
CA LEU H 112 -41.90 31.56 10.13
C LEU H 112 -41.39 32.92 9.70
N ASP H 113 -41.85 33.40 8.55
CA ASP H 113 -41.43 34.70 8.05
C ASP H 113 -41.71 35.79 9.09
N PRO H 114 -40.73 36.68 9.30
CA PRO H 114 -40.83 37.77 10.28
C PRO H 114 -42.06 38.68 10.12
N LYS H 115 -42.50 38.92 8.89
CA LYS H 115 -43.66 39.79 8.66
C LYS H 115 -44.92 39.07 8.19
N THR H 116 -44.77 37.95 7.49
CA THR H 116 -45.91 37.22 6.96
C THR H 116 -46.27 35.94 7.72
N PHE H 117 -45.40 35.52 8.62
CA PHE H 117 -45.60 34.30 9.42
C PHE H 117 -45.90 33.05 8.59
N LYS H 118 -45.18 32.90 7.49
CA LYS H 118 -45.36 31.75 6.62
C LYS H 118 -44.34 30.68 6.97
N PRO H 119 -44.82 29.46 7.23
CA PRO H 119 -43.98 28.31 7.59
C PRO H 119 -42.86 28.08 6.57
N PHE H 120 -41.68 27.76 7.06
CA PHE H 120 -40.54 27.51 6.19
C PHE H 120 -39.57 26.52 6.82
N ILE H 121 -39.24 25.47 6.08
CA ILE H 121 -38.29 24.47 6.55
C ILE H 121 -37.37 24.09 5.40
N CYS H 122 -36.11 23.81 5.73
CA CYS H 122 -35.12 23.43 4.75
C CYS H 122 -33.98 22.67 5.41
N SER H 123 -33.15 22.05 4.59
CA SER H 123 -31.99 21.34 5.10
C SER H 123 -30.83 21.58 4.14
N LEU H 124 -29.62 21.58 4.68
CA LEU H 124 -28.44 21.79 3.87
C LEU H 124 -27.44 20.69 4.14
N ASP H 125 -26.64 20.35 3.14
CA ASP H 125 -25.62 19.33 3.32
C ASP H 125 -24.36 19.97 3.89
N LEU H 126 -23.35 19.17 4.20
CA LEU H 126 -22.12 19.69 4.76
C LEU H 126 -21.45 20.84 3.97
N ILE H 127 -21.46 20.78 2.65
CA ILE H 127 -20.85 21.84 1.84
C ILE H 127 -21.79 23.01 1.54
N GLY H 128 -23.03 22.93 2.03
CA GLY H 128 -23.99 24.01 1.86
C GLY H 128 -24.96 24.01 0.70
N CYS H 129 -25.54 22.85 0.38
CA CYS H 129 -26.52 22.76 -0.69
C CYS H 129 -27.93 22.71 -0.10
N PRO H 130 -28.64 23.84 -0.14
CA PRO H 130 -30.00 23.97 0.42
C PRO H 130 -31.03 23.09 -0.25
N MET H 131 -32.07 22.74 0.50
CA MET H 131 -33.15 21.90 0.00
C MET H 131 -34.43 22.26 0.73
N VAL H 132 -35.23 23.14 0.13
CA VAL H 132 -36.48 23.57 0.73
C VAL H 132 -37.62 22.61 0.41
N THR H 133 -38.29 22.11 1.44
CA THR H 133 -39.41 21.18 1.26
C THR H 133 -40.68 21.74 1.87
N ASP H 134 -41.81 21.14 1.54
CA ASP H 134 -43.09 21.60 2.06
C ASP H 134 -43.66 20.64 3.10
N ASP H 135 -42.93 19.57 3.39
CA ASP H 135 -43.40 18.59 4.37
C ASP H 135 -42.46 18.44 5.57
N PHE H 136 -41.28 17.89 5.34
CA PHE H 136 -40.32 17.68 6.42
C PHE H 136 -38.90 17.52 5.94
N VAL H 137 -37.95 17.68 6.85
CA VAL H 137 -36.54 17.54 6.55
C VAL H 137 -35.89 16.84 7.73
N VAL H 138 -35.01 15.88 7.46
CA VAL H 138 -34.33 15.15 8.52
C VAL H 138 -32.83 15.23 8.35
N SER H 139 -32.09 15.02 9.44
CA SER H 139 -30.64 15.06 9.41
C SER H 139 -30.05 14.35 10.61
N GLY H 140 -29.05 13.51 10.38
CA GLY H 140 -28.41 12.80 11.46
C GLY H 140 -28.03 11.37 11.14
N THR H 141 -27.61 10.64 12.16
CA THR H 141 -27.19 9.26 12.01
C THR H 141 -28.34 8.30 11.73
N CYS H 142 -29.55 8.69 12.11
CA CYS H 142 -30.73 7.85 11.88
C CYS H 142 -31.69 8.50 10.89
N SER H 143 -31.13 9.13 9.86
CA SER H 143 -31.94 9.82 8.85
C SER H 143 -32.88 8.86 8.13
N GLU H 144 -32.39 7.65 7.83
CA GLU H 144 -33.20 6.64 7.16
C GLU H 144 -34.44 6.31 7.99
N GLN H 145 -34.26 6.16 9.30
CA GLN H 145 -35.35 5.84 10.20
C GLN H 145 -36.32 7.02 10.26
N MET H 146 -35.78 8.22 10.24
CA MET H 146 -36.59 9.44 10.28
C MET H 146 -37.41 9.57 9.00
N TYR H 147 -36.80 9.20 7.88
CA TYR H 147 -37.48 9.25 6.59
C TYR H 147 -38.71 8.36 6.62
N GLY H 148 -38.53 7.13 7.08
CA GLY H 148 -39.62 6.17 7.17
C GLY H 148 -40.76 6.73 7.99
N MET H 149 -40.45 7.21 9.19
CA MET H 149 -41.45 7.76 10.09
C MET H 149 -42.18 8.97 9.50
N CYS H 150 -41.42 9.94 9.00
CA CYS H 150 -42.01 11.15 8.42
C CYS H 150 -42.88 10.89 7.21
N GLU H 151 -42.39 10.05 6.30
CA GLU H 151 -43.08 9.69 5.08
C GLU H 151 -44.47 9.08 5.31
N SER H 152 -44.63 8.32 6.40
CA SER H 152 -45.93 7.71 6.68
C SER H 152 -46.78 8.46 7.70
N LEU H 153 -46.13 9.18 8.60
CA LEU H 153 -46.86 9.92 9.64
C LEU H 153 -47.24 11.34 9.24
N TRP H 154 -46.41 11.99 8.45
CA TRP H 154 -46.69 13.36 8.06
C TRP H 154 -47.94 13.53 7.20
N GLU H 155 -48.77 14.50 7.60
CA GLU H 155 -49.98 14.82 6.87
C GLU H 155 -49.97 16.30 6.58
N PRO H 156 -50.69 16.73 5.54
CA PRO H 156 -50.74 18.15 5.20
C PRO H 156 -51.70 18.92 6.11
N ASN H 157 -51.38 20.19 6.33
CA ASN H 157 -52.20 21.10 7.14
C ASN H 157 -52.51 20.65 8.57
N MET H 158 -51.50 20.16 9.28
CA MET H 158 -51.71 19.74 10.66
C MET H 158 -51.70 20.96 11.56
N ASP H 159 -52.46 20.90 12.65
CA ASP H 159 -52.49 22.01 13.59
C ASP H 159 -51.36 21.83 14.60
N PRO H 160 -51.12 22.85 15.43
CA PRO H 160 -50.04 22.83 16.43
C PRO H 160 -50.01 21.55 17.27
N GLU H 161 -51.17 21.11 17.76
CA GLU H 161 -51.23 19.90 18.57
C GLU H 161 -50.92 18.64 17.77
N HIS H 162 -51.51 18.54 16.59
CA HIS H 162 -51.30 17.39 15.73
C HIS H 162 -49.87 17.34 15.22
N LEU H 163 -49.29 18.50 14.94
CA LEU H 163 -47.93 18.59 14.45
C LEU H 163 -46.97 18.11 15.54
N PHE H 164 -47.23 18.51 16.78
CA PHE H 164 -46.39 18.11 17.89
C PHE H 164 -46.36 16.59 18.02
N GLU H 165 -47.53 15.97 18.00
CA GLU H 165 -47.65 14.52 18.11
C GLU H 165 -46.96 13.80 16.96
N THR H 166 -47.05 14.36 15.77
CA THR H 166 -46.44 13.76 14.59
C THR H 166 -44.91 13.75 14.67
N ILE H 167 -44.32 14.90 14.95
CA ILE H 167 -42.88 15.00 15.04
C ILE H 167 -42.32 14.27 16.26
N SER H 168 -43.09 14.20 17.33
CA SER H 168 -42.63 13.50 18.53
C SER H 168 -42.55 12.01 18.26
N GLN H 169 -43.61 11.47 17.66
CA GLN H 169 -43.66 10.06 17.32
C GLN H 169 -42.61 9.68 16.29
N ALA H 170 -42.35 10.59 15.34
CA ALA H 170 -41.36 10.36 14.31
C ALA H 170 -39.97 10.25 14.95
N MET H 171 -39.61 11.26 15.75
CA MET H 171 -38.31 11.28 16.41
C MET H 171 -38.12 10.14 17.41
N LEU H 172 -39.08 9.97 18.31
CA LEU H 172 -39.01 8.93 19.33
C LEU H 172 -38.74 7.55 18.77
N ASN H 173 -39.58 7.12 17.83
CA ASN H 173 -39.43 5.80 17.23
C ASN H 173 -38.20 5.70 16.31
N ALA H 174 -37.77 6.82 15.76
CA ALA H 174 -36.61 6.82 14.88
C ALA H 174 -35.30 6.69 15.67
N VAL H 175 -35.21 7.36 16.82
CA VAL H 175 -34.00 7.30 17.66
C VAL H 175 -33.88 6.01 18.46
N ASP H 176 -34.97 5.24 18.55
CA ASP H 176 -34.96 3.97 19.27
C ASP H 176 -34.33 2.84 18.44
N ARG H 177 -34.18 3.07 17.13
CA ARG H 177 -33.54 2.10 16.25
C ARG H 177 -32.12 2.56 15.90
N ASP H 178 -31.69 3.66 16.51
CA ASP H 178 -30.36 4.20 16.29
C ASP H 178 -29.58 4.17 17.60
N ALA H 179 -28.52 3.36 17.63
CA ALA H 179 -27.71 3.20 18.83
C ALA H 179 -27.02 4.47 19.33
N VAL H 180 -26.65 5.39 18.44
CA VAL H 180 -25.95 6.60 18.87
C VAL H 180 -26.82 7.85 18.97
N SER H 181 -28.12 7.67 18.92
CA SER H 181 -29.05 8.78 19.04
C SER H 181 -30.10 8.48 20.09
N GLY H 182 -30.29 9.41 21.02
CA GLY H 182 -31.27 9.21 22.06
C GLY H 182 -31.05 10.07 23.29
N MET H 183 -31.23 9.47 24.46
CA MET H 183 -31.08 10.11 25.77
C MET H 183 -31.95 11.35 25.93
N GLY H 184 -33.17 11.30 25.41
CA GLY H 184 -34.08 12.42 25.51
C GLY H 184 -34.33 13.09 24.17
N VAL H 185 -35.44 13.79 24.06
CA VAL H 185 -35.81 14.49 22.84
C VAL H 185 -36.43 15.83 23.19
N ILE H 186 -35.95 16.90 22.56
CA ILE H 186 -36.47 18.24 22.78
C ILE H 186 -37.24 18.69 21.54
N VAL H 187 -38.47 19.15 21.74
CA VAL H 187 -39.29 19.61 20.62
C VAL H 187 -39.68 21.07 20.76
N HIS H 188 -39.53 21.83 19.68
CA HIS H 188 -39.90 23.23 19.66
C HIS H 188 -41.05 23.45 18.69
N ILE H 189 -42.17 23.96 19.20
CA ILE H 189 -43.31 24.24 18.35
C ILE H 189 -43.39 25.74 18.13
N ILE H 190 -43.12 26.17 16.91
CA ILE H 190 -43.11 27.59 16.57
C ILE H 190 -44.44 28.05 15.98
N GLU H 191 -45.11 28.95 16.68
CA GLU H 191 -46.38 29.50 16.25
C GLU H 191 -46.29 31.01 16.11
N LYS H 192 -47.34 31.61 15.56
CA LYS H 192 -47.38 33.05 15.37
C LYS H 192 -47.15 33.85 16.65
N ASP H 193 -47.86 33.49 17.71
CA ASP H 193 -47.73 34.23 18.97
C ASP H 193 -47.03 33.50 20.12
N LYS H 194 -46.54 32.29 19.88
CA LYS H 194 -45.87 31.56 20.95
C LYS H 194 -44.95 30.43 20.49
N ILE H 195 -44.03 30.08 21.38
CA ILE H 195 -43.08 28.99 21.14
C ILE H 195 -43.22 28.01 22.29
N THR H 196 -43.45 26.74 21.98
CA THR H 196 -43.61 25.75 23.02
C THR H 196 -42.48 24.72 23.00
N THR H 197 -41.69 24.70 24.06
CA THR H 197 -40.58 23.76 24.17
C THR H 197 -40.95 22.62 25.11
N ARG H 198 -40.82 21.39 24.62
CA ARG H 198 -41.14 20.22 25.42
C ARG H 198 -40.05 19.18 25.36
N THR H 199 -39.84 18.49 26.48
CA THR H 199 -38.87 17.40 26.55
C THR H 199 -39.71 16.16 26.70
N LEU H 200 -39.56 15.22 25.77
CA LEU H 200 -40.35 14.00 25.77
C LEU H 200 -39.81 12.91 26.70
N LYS H 201 -40.71 12.02 27.10
CA LYS H 201 -40.35 10.89 27.93
C LYS H 201 -39.72 9.90 26.96
N ALA H 202 -38.41 9.74 27.05
CA ALA H 202 -37.71 8.84 26.13
C ALA H 202 -36.82 7.82 26.80
N ARG H 203 -36.37 6.85 26.01
CA ARG H 203 -35.50 5.80 26.50
C ARG H 203 -34.12 6.38 26.77
N MET H 204 -33.53 5.99 27.90
CA MET H 204 -32.21 6.49 28.26
C MET H 204 -31.11 5.45 28.09
N ASP H 205 -31.30 4.54 27.13
CA ASP H 205 -30.30 3.52 26.85
C ASP H 205 -29.80 3.65 25.42
N THR I 46 12.83 16.26 -15.42
CA THR I 46 11.40 16.14 -15.17
C THR I 46 11.10 14.93 -14.30
N GLN I 47 9.83 14.74 -13.95
CA GLN I 47 9.43 13.61 -13.13
C GLN I 47 9.39 12.34 -14.00
N ASN I 48 8.74 12.44 -15.16
CA ASN I 48 8.63 11.31 -16.07
C ASN I 48 9.07 11.71 -17.48
N PRO I 49 10.26 11.27 -17.88
CA PRO I 49 10.77 11.61 -19.21
C PRO I 49 9.86 11.04 -20.31
N MET I 50 9.55 11.85 -21.32
CA MET I 50 8.70 11.42 -22.42
C MET I 50 9.54 10.85 -23.55
N VAL I 51 9.95 11.72 -24.48
CA VAL I 51 10.79 11.31 -25.59
C VAL I 51 12.23 11.36 -25.10
N THR I 52 12.94 10.25 -25.23
CA THR I 52 14.32 10.20 -24.77
C THR I 52 15.31 9.68 -25.81
N GLY I 53 16.57 10.11 -25.67
CA GLY I 53 17.63 9.69 -26.55
C GLY I 53 18.46 8.69 -25.79
N THR I 54 19.08 7.76 -26.49
CA THR I 54 19.90 6.73 -25.85
C THR I 54 21.37 7.17 -25.62
N SER I 55 22.30 6.23 -25.69
CA SER I 55 23.72 6.48 -25.46
C SER I 55 24.39 7.63 -26.24
N VAL I 56 25.44 8.17 -25.64
CA VAL I 56 26.25 9.22 -26.24
C VAL I 56 27.70 8.82 -26.00
N LEU I 57 28.51 8.82 -27.06
CA LEU I 57 29.91 8.45 -26.93
C LEU I 57 30.83 9.66 -26.97
N GLY I 58 31.97 9.53 -26.30
CA GLY I 58 32.95 10.61 -26.25
C GLY I 58 34.35 10.06 -26.12
N VAL I 59 35.22 10.41 -27.05
CA VAL I 59 36.61 9.95 -27.03
C VAL I 59 37.59 11.10 -27.25
N LYS I 60 38.61 11.18 -26.40
CA LYS I 60 39.62 12.22 -26.51
C LYS I 60 40.74 11.73 -27.43
N PHE I 61 41.22 12.60 -28.30
CA PHE I 61 42.32 12.24 -29.20
C PHE I 61 43.38 13.34 -29.26
N GLU I 62 44.45 13.09 -30.00
CA GLU I 62 45.54 14.05 -30.12
C GLU I 62 45.12 15.32 -30.86
N GLY I 63 44.79 16.35 -30.09
CA GLY I 63 44.39 17.63 -30.66
C GLY I 63 42.90 17.78 -30.92
N GLY I 64 42.07 17.13 -30.11
CA GLY I 64 40.63 17.23 -30.27
C GLY I 64 39.81 16.21 -29.51
N VAL I 65 38.49 16.30 -29.65
CA VAL I 65 37.56 15.40 -28.99
C VAL I 65 36.49 14.97 -29.99
N VAL I 66 36.16 13.68 -30.01
CA VAL I 66 35.13 13.17 -30.90
C VAL I 66 33.91 12.69 -30.12
N ILE I 67 32.72 13.07 -30.56
CA ILE I 67 31.49 12.69 -29.89
C ILE I 67 30.45 12.15 -30.90
N ALA I 68 29.84 11.02 -30.57
CA ALA I 68 28.83 10.42 -31.43
C ALA I 68 27.53 10.11 -30.69
N ALA I 69 26.43 10.18 -31.44
CA ALA I 69 25.10 9.89 -30.90
C ALA I 69 24.14 9.63 -32.04
N ASP I 70 23.19 8.70 -31.85
CA ASP I 70 22.22 8.42 -32.90
C ASP I 70 21.15 9.51 -32.96
N MET I 71 20.43 9.58 -34.07
CA MET I 71 19.41 10.60 -34.25
C MET I 71 17.99 10.14 -33.98
N LEU I 72 17.82 9.40 -32.89
CA LEU I 72 16.51 8.86 -32.52
C LEU I 72 15.89 9.43 -31.25
N GLY I 73 14.60 9.73 -31.34
CA GLY I 73 13.83 10.23 -30.22
C GLY I 73 12.82 9.14 -29.92
N SER I 74 13.08 8.38 -28.86
CA SER I 74 12.21 7.27 -28.50
C SER I 74 11.07 7.64 -27.55
N TYR I 75 9.92 7.01 -27.78
CA TYR I 75 8.74 7.20 -26.95
C TYR I 75 8.45 5.82 -26.39
N GLY I 76 9.08 5.49 -25.28
CA GLY I 76 8.93 4.17 -24.69
C GLY I 76 9.82 3.27 -25.52
N SER I 77 9.25 2.21 -26.06
CA SER I 77 10.02 1.30 -26.91
C SER I 77 9.82 1.62 -28.38
N LEU I 78 9.00 2.63 -28.66
CA LEU I 78 8.72 3.02 -30.03
C LEU I 78 9.67 4.10 -30.56
N ALA I 79 10.26 3.83 -31.72
CA ALA I 79 11.16 4.78 -32.35
C ALA I 79 10.29 5.81 -33.06
N ARG I 80 9.90 6.84 -32.32
CA ARG I 80 9.01 7.88 -32.86
C ARG I 80 9.66 8.91 -33.78
N PHE I 81 10.67 9.62 -33.28
CA PHE I 81 11.37 10.63 -34.07
C PHE I 81 12.76 10.12 -34.45
N ARG I 82 12.88 9.62 -35.66
CA ARG I 82 14.12 9.03 -36.15
C ARG I 82 15.13 9.96 -36.81
N ASN I 83 14.85 11.27 -36.81
CA ASN I 83 15.76 12.21 -37.44
C ASN I 83 16.01 13.45 -36.59
N ILE I 84 16.30 13.26 -35.31
CA ILE I 84 16.56 14.39 -34.42
C ILE I 84 18.02 14.42 -33.96
N SER I 85 18.60 15.61 -33.95
CA SER I 85 19.99 15.77 -33.53
C SER I 85 20.11 15.90 -32.02
N ARG I 86 20.96 15.08 -31.42
CA ARG I 86 21.16 15.10 -29.98
C ARG I 86 22.53 15.68 -29.61
N ILE I 87 23.17 16.29 -30.60
CA ILE I 87 24.48 16.91 -30.42
C ILE I 87 24.37 18.40 -30.74
N MET I 88 24.86 19.24 -29.84
CA MET I 88 24.79 20.68 -30.04
C MET I 88 26.15 21.36 -29.92
N ARG I 89 26.43 22.29 -30.84
CA ARG I 89 27.66 23.05 -30.78
C ARG I 89 27.42 24.23 -29.85
N VAL I 90 28.14 24.29 -28.73
CA VAL I 90 27.98 25.37 -27.78
C VAL I 90 28.66 26.63 -28.29
N ASN I 91 29.97 26.55 -28.49
CA ASN I 91 30.74 27.67 -29.05
C ASN I 91 31.84 27.09 -29.92
N ASP I 92 32.86 27.89 -30.22
CA ASP I 92 33.97 27.46 -31.08
C ASP I 92 34.80 26.30 -30.54
N SER I 93 34.86 26.15 -29.22
CA SER I 93 35.65 25.09 -28.62
C SER I 93 34.85 24.07 -27.82
N THR I 94 33.53 24.22 -27.78
CA THR I 94 32.70 23.30 -27.01
C THR I 94 31.50 22.73 -27.74
N MET I 95 31.32 21.41 -27.58
CA MET I 95 30.19 20.71 -28.18
C MET I 95 29.54 19.89 -27.08
N LEU I 96 28.25 19.57 -27.25
CA LEU I 96 27.53 18.82 -26.23
C LEU I 96 26.57 17.79 -26.81
N GLY I 97 26.63 16.58 -26.27
CA GLY I 97 25.76 15.50 -26.69
C GLY I 97 24.89 15.16 -25.49
N ALA I 98 23.60 14.95 -25.72
CA ALA I 98 22.70 14.65 -24.61
C ALA I 98 21.83 13.42 -24.78
N SER I 99 21.72 12.66 -23.71
CA SER I 99 20.88 11.48 -23.67
C SER I 99 19.74 11.78 -22.70
N GLY I 100 18.65 11.04 -22.83
CA GLY I 100 17.51 11.25 -21.96
C GLY I 100 16.41 12.08 -22.59
N ASP I 101 15.61 12.72 -21.73
CA ASP I 101 14.49 13.53 -22.16
C ASP I 101 14.84 14.64 -23.15
N TYR I 102 14.37 14.48 -24.38
CA TYR I 102 14.64 15.44 -25.46
C TYR I 102 14.16 16.85 -25.18
N ALA I 103 12.98 16.99 -24.57
CA ALA I 103 12.43 18.31 -24.26
C ALA I 103 13.33 19.08 -23.30
N ASP I 104 13.90 18.37 -22.33
CA ASP I 104 14.80 18.98 -21.35
C ASP I 104 16.10 19.37 -22.06
N PHE I 105 16.52 18.54 -23.00
CA PHE I 105 17.73 18.80 -23.77
C PHE I 105 17.55 20.05 -24.63
N GLN I 106 16.36 20.21 -25.19
CA GLN I 106 16.06 21.38 -26.01
C GLN I 106 16.01 22.63 -25.15
N TYR I 107 15.55 22.50 -23.92
CA TYR I 107 15.48 23.62 -23.00
C TYR I 107 16.88 24.06 -22.60
N LEU I 108 17.76 23.10 -22.34
CA LEU I 108 19.14 23.39 -21.96
C LEU I 108 19.87 24.01 -23.14
N LYS I 109 19.57 23.51 -24.33
CA LYS I 109 20.19 24.01 -25.55
C LYS I 109 19.83 25.47 -25.74
N GLN I 110 18.57 25.81 -25.50
CA GLN I 110 18.10 27.19 -25.64
C GLN I 110 18.77 28.10 -24.60
N VAL I 111 18.90 27.60 -23.38
CA VAL I 111 19.51 28.37 -22.29
C VAL I 111 21.01 28.52 -22.49
N LEU I 112 21.65 27.48 -23.02
CA LEU I 112 23.09 27.50 -23.27
C LEU I 112 23.38 28.39 -24.47
N GLY I 113 22.54 28.30 -25.49
CA GLY I 113 22.70 29.09 -26.70
C GLY I 113 22.62 30.57 -26.42
N GLN I 114 21.70 30.95 -25.54
CA GLN I 114 21.52 32.35 -25.18
C GLN I 114 22.73 32.85 -24.37
N MET I 115 23.27 31.99 -23.52
CA MET I 115 24.42 32.35 -22.70
C MET I 115 25.62 32.66 -23.60
N VAL I 116 25.85 31.81 -24.58
CA VAL I 116 26.96 31.98 -25.52
C VAL I 116 26.76 33.26 -26.32
N ILE I 117 25.50 33.57 -26.65
CA ILE I 117 25.20 34.77 -27.40
C ILE I 117 25.41 36.00 -26.52
N ASP I 118 24.89 35.93 -25.29
CA ASP I 118 25.01 37.03 -24.34
C ASP I 118 26.47 37.43 -24.12
N GLU I 119 27.33 36.44 -23.91
CA GLU I 119 28.74 36.68 -23.67
C GLU I 119 29.45 37.23 -24.91
N GLU I 120 28.99 36.81 -26.07
CA GLU I 120 29.56 37.26 -27.34
C GLU I 120 29.22 38.72 -27.66
N LEU I 121 28.12 39.20 -27.10
CA LEU I 121 27.70 40.58 -27.29
C LEU I 121 28.72 41.53 -26.65
N LEU I 122 29.24 41.13 -25.50
CA LEU I 122 30.21 41.92 -24.76
C LEU I 122 31.47 42.17 -25.59
N GLY I 123 31.95 41.13 -26.26
CA GLY I 123 33.15 41.23 -27.07
C GLY I 123 34.31 41.81 -26.30
N ASP I 124 34.63 41.20 -25.16
CA ASP I 124 35.71 41.68 -24.32
C ASP I 124 36.91 40.74 -24.31
N GLY I 125 36.91 39.76 -25.21
CA GLY I 125 38.01 38.82 -25.31
C GLY I 125 37.91 37.64 -24.37
N HIS I 126 36.81 37.56 -23.63
CA HIS I 126 36.59 36.47 -22.70
C HIS I 126 35.47 35.58 -23.21
N SER I 127 35.71 34.28 -23.25
CA SER I 127 34.69 33.35 -23.72
C SER I 127 34.69 32.08 -22.89
N TYR I 128 33.52 31.52 -22.67
CA TYR I 128 33.38 30.30 -21.89
C TYR I 128 34.23 29.17 -22.46
N SER I 129 35.00 28.53 -21.59
CA SER I 129 35.82 27.42 -21.99
C SER I 129 35.05 26.13 -21.78
N PRO I 130 35.55 25.01 -22.30
CA PRO I 130 34.87 23.72 -22.11
C PRO I 130 34.66 23.42 -20.64
N ARG I 131 35.69 23.61 -19.82
CA ARG I 131 35.61 23.38 -18.38
C ARG I 131 34.54 24.25 -17.72
N ALA I 132 34.47 25.52 -18.13
CA ALA I 132 33.49 26.46 -17.58
C ALA I 132 32.07 26.05 -17.91
N ILE I 133 31.87 25.48 -19.10
CA ILE I 133 30.56 25.02 -19.52
C ILE I 133 30.19 23.79 -18.71
N HIS I 134 31.17 22.92 -18.52
CA HIS I 134 30.97 21.69 -17.76
C HIS I 134 30.59 22.03 -16.31
N SER I 135 31.26 23.02 -15.74
CA SER I 135 31.00 23.46 -14.39
C SER I 135 29.59 24.04 -14.26
N TRP I 136 29.22 24.89 -15.22
CA TRP I 136 27.89 25.50 -15.21
C TRP I 136 26.81 24.44 -15.28
N LEU I 137 26.99 23.49 -16.19
CA LEU I 137 26.02 22.41 -16.36
C LEU I 137 25.89 21.63 -15.06
N THR I 138 27.01 21.31 -14.44
CA THR I 138 27.02 20.58 -13.18
C THR I 138 26.17 21.29 -12.13
N ARG I 139 26.37 22.60 -12.00
CA ARG I 139 25.62 23.39 -11.04
C ARG I 139 24.13 23.43 -11.39
N ALA I 140 23.83 23.61 -12.67
CA ALA I 140 22.45 23.66 -13.11
C ALA I 140 21.70 22.37 -12.79
N MET I 141 22.29 21.24 -13.15
CA MET I 141 21.66 19.95 -12.89
C MET I 141 21.50 19.72 -11.39
N TYR I 142 22.54 20.01 -10.62
CA TYR I 142 22.48 19.82 -9.18
C TYR I 142 21.38 20.66 -8.51
N SER I 143 21.25 21.92 -8.94
CA SER I 143 20.23 22.79 -8.38
C SER I 143 18.83 22.22 -8.62
N ARG I 144 18.60 21.74 -9.84
CA ARG I 144 17.32 21.17 -10.20
C ARG I 144 17.06 19.89 -9.43
N ARG I 145 18.11 19.10 -9.22
CA ARG I 145 17.99 17.86 -8.47
C ARG I 145 17.65 18.13 -7.00
N SER I 146 18.18 19.22 -6.46
CA SER I 146 17.95 19.62 -5.07
C SER I 146 16.54 20.16 -4.82
N LYS I 147 15.86 20.57 -5.89
CA LYS I 147 14.49 21.06 -5.80
C LYS I 147 13.51 19.94 -6.11
N MET I 148 14.03 18.71 -6.25
CA MET I 148 13.25 17.52 -6.59
C MET I 148 12.48 17.67 -7.91
N ASN I 149 13.14 18.32 -8.88
CA ASN I 149 12.58 18.60 -10.19
C ASN I 149 13.76 18.66 -11.13
N PRO I 150 14.40 17.52 -11.36
CA PRO I 150 15.60 17.42 -12.19
C PRO I 150 15.35 17.56 -13.67
N LEU I 151 16.43 17.74 -14.41
CA LEU I 151 16.40 17.80 -15.85
C LEU I 151 16.88 16.42 -16.22
N TRP I 152 15.97 15.57 -16.67
CA TRP I 152 16.29 14.18 -17.01
C TRP I 152 17.22 14.00 -18.20
N ASN I 153 18.51 14.27 -18.01
CA ASN I 153 19.50 14.15 -19.08
C ASN I 153 20.84 13.70 -18.52
N THR I 154 21.61 13.01 -19.36
CA THR I 154 22.97 12.60 -19.02
C THR I 154 23.77 13.17 -20.18
N MET I 155 24.61 14.16 -19.89
CA MET I 155 25.36 14.82 -20.95
C MET I 155 26.86 14.61 -21.00
N VAL I 156 27.40 14.74 -22.20
CA VAL I 156 28.82 14.60 -22.45
C VAL I 156 29.30 15.90 -23.07
N ILE I 157 30.31 16.51 -22.46
CA ILE I 157 30.85 17.76 -22.97
C ILE I 157 32.21 17.53 -23.62
N GLY I 158 32.34 17.98 -24.86
CA GLY I 158 33.57 17.86 -25.60
C GLY I 158 34.10 19.24 -25.92
N GLY I 159 35.41 19.41 -25.87
CA GLY I 159 35.98 20.70 -26.17
C GLY I 159 37.48 20.70 -26.36
N TYR I 160 37.98 21.80 -26.92
CA TYR I 160 39.40 21.97 -27.16
C TYR I 160 39.77 23.44 -27.00
N ALA I 161 40.59 23.72 -25.99
CA ALA I 161 41.03 25.07 -25.70
C ALA I 161 42.48 25.07 -25.24
N ASP I 162 43.25 26.04 -25.72
CA ASP I 162 44.66 26.18 -25.36
C ASP I 162 45.46 24.90 -25.55
N GLY I 163 45.26 24.23 -26.68
CA GLY I 163 45.96 22.99 -26.98
C GLY I 163 45.72 21.89 -25.95
N GLU I 164 44.50 21.81 -25.46
CA GLU I 164 44.14 20.81 -24.47
C GLU I 164 42.70 20.36 -24.68
N SER I 165 42.49 19.06 -24.83
CA SER I 165 41.16 18.52 -25.06
C SER I 165 40.43 18.31 -23.73
N PHE I 166 39.13 18.52 -23.75
CA PHE I 166 38.30 18.36 -22.56
C PHE I 166 37.13 17.42 -22.83
N LEU I 167 36.91 16.49 -21.91
CA LEU I 167 35.81 15.53 -22.02
C LEU I 167 35.15 15.34 -20.66
N GLY I 168 34.00 15.98 -20.46
CA GLY I 168 33.30 15.89 -19.20
C GLY I 168 31.92 15.26 -19.21
N TYR I 169 31.60 14.59 -18.12
CA TYR I 169 30.32 13.92 -17.96
C TYR I 169 29.48 14.65 -16.91
N VAL I 170 28.19 14.85 -17.17
CA VAL I 170 27.31 15.49 -16.20
C VAL I 170 25.96 14.79 -16.20
N ASP I 171 25.61 14.11 -15.11
CA ASP I 171 24.31 13.44 -15.03
C ASP I 171 23.23 14.30 -14.36
N MET I 172 22.00 13.81 -14.35
CA MET I 172 20.87 14.54 -13.77
C MET I 172 20.94 14.78 -12.26
N LEU I 173 21.67 13.95 -11.53
CA LEU I 173 21.80 14.09 -10.09
C LEU I 173 22.85 15.13 -9.71
N GLY I 174 23.67 15.52 -10.67
CA GLY I 174 24.72 16.49 -10.41
C GLY I 174 26.09 15.83 -10.39
N VAL I 175 26.11 14.52 -10.57
CA VAL I 175 27.37 13.78 -10.58
C VAL I 175 28.16 14.18 -11.82
N ALA I 176 29.31 14.80 -11.60
CA ALA I 176 30.14 15.25 -12.71
C ALA I 176 31.61 14.86 -12.54
N TYR I 177 32.26 14.54 -13.66
CA TYR I 177 33.67 14.16 -13.68
C TYR I 177 34.18 14.22 -15.11
N GLU I 178 35.47 13.97 -15.28
CA GLU I 178 36.06 13.98 -16.61
C GLU I 178 36.98 12.79 -16.80
N ALA I 179 37.06 12.31 -18.04
CA ALA I 179 37.89 11.16 -18.37
C ALA I 179 38.31 11.19 -19.82
N PRO I 180 39.18 10.24 -20.23
CA PRO I 180 39.68 10.12 -21.60
C PRO I 180 38.61 9.66 -22.58
N SER I 181 37.60 8.96 -22.09
CA SER I 181 36.50 8.48 -22.91
C SER I 181 35.24 8.34 -22.06
N LEU I 182 34.07 8.59 -22.67
CA LEU I 182 32.80 8.49 -21.97
C LEU I 182 31.72 7.81 -22.80
N ALA I 183 30.70 7.32 -22.10
CA ALA I 183 29.57 6.64 -22.73
C ALA I 183 28.39 6.60 -21.77
N THR I 184 27.32 7.30 -22.11
CA THR I 184 26.14 7.35 -21.24
C THR I 184 25.16 6.19 -21.48
N GLY I 185 24.21 6.06 -20.56
CA GLY I 185 23.19 5.02 -20.65
C GLY I 185 23.71 3.62 -20.89
N TYR I 186 23.27 3.03 -22.00
CA TYR I 186 23.68 1.67 -22.36
C TYR I 186 25.11 1.56 -22.90
N GLY I 187 25.69 2.70 -23.29
CA GLY I 187 27.05 2.76 -23.78
C GLY I 187 28.07 2.44 -22.70
N ALA I 188 27.75 2.74 -21.45
CA ALA I 188 28.62 2.44 -20.31
C ALA I 188 28.95 0.95 -20.17
N TYR I 189 27.99 0.09 -20.48
CA TYR I 189 28.20 -1.35 -20.41
C TYR I 189 28.58 -1.98 -21.75
N LEU I 190 28.21 -1.33 -22.85
CA LEU I 190 28.52 -1.88 -24.18
C LEU I 190 29.63 -1.19 -24.95
N ALA I 191 29.72 0.14 -24.84
CA ALA I 191 30.75 0.88 -25.58
C ALA I 191 31.97 1.25 -24.74
N GLN I 192 31.73 1.66 -23.49
CA GLN I 192 32.81 2.05 -22.59
C GLN I 192 33.90 0.99 -22.47
N PRO I 193 33.52 -0.28 -22.32
CA PRO I 193 34.53 -1.34 -22.21
C PRO I 193 35.44 -1.45 -23.43
N LEU I 194 34.90 -1.19 -24.63
CA LEU I 194 35.70 -1.25 -25.85
C LEU I 194 36.65 -0.05 -25.91
N LEU I 195 36.17 1.10 -25.48
CA LEU I 195 36.97 2.32 -25.47
C LEU I 195 38.13 2.20 -24.49
N ARG I 196 37.85 1.72 -23.29
CA ARG I 196 38.87 1.55 -22.26
C ARG I 196 39.92 0.53 -22.65
N GLU I 197 39.50 -0.51 -23.36
CA GLU I 197 40.42 -1.56 -23.82
C GLU I 197 41.47 -0.97 -24.76
N VAL I 198 41.03 -0.08 -25.65
CA VAL I 198 41.91 0.55 -26.62
C VAL I 198 42.78 1.63 -25.98
N LEU I 199 42.25 2.29 -24.96
CA LEU I 199 42.99 3.34 -24.26
C LEU I 199 44.00 2.74 -23.29
N GLU I 200 43.79 1.49 -22.90
CA GLU I 200 44.70 0.81 -21.99
C GLU I 200 45.99 0.41 -22.70
N LYS I 201 45.89 0.17 -24.01
CA LYS I 201 47.04 -0.22 -24.81
C LYS I 201 47.66 0.96 -25.55
N GLN I 202 46.85 1.96 -25.86
CA GLN I 202 47.32 3.14 -26.55
C GLN I 202 46.62 4.38 -26.03
N PRO I 203 47.12 4.93 -24.91
CA PRO I 203 46.58 6.11 -24.23
C PRO I 203 46.30 7.30 -25.15
N VAL I 204 47.19 7.57 -26.10
CA VAL I 204 47.02 8.68 -27.03
C VAL I 204 46.86 8.17 -28.45
N LEU I 205 45.70 8.40 -29.04
CA LEU I 205 45.45 7.99 -30.42
C LEU I 205 45.15 9.21 -31.27
N SER I 206 45.22 9.05 -32.59
CA SER I 206 44.97 10.15 -33.51
C SER I 206 43.49 10.34 -33.79
N GLN I 207 43.19 11.30 -34.67
CA GLN I 207 41.82 11.59 -35.04
C GLN I 207 41.18 10.44 -35.79
N THR I 208 41.94 9.85 -36.71
CA THR I 208 41.44 8.73 -37.50
C THR I 208 41.18 7.51 -36.62
N GLU I 209 42.13 7.18 -35.76
CA GLU I 209 42.00 6.04 -34.86
C GLU I 209 40.80 6.21 -33.93
N ALA I 210 40.61 7.43 -33.42
CA ALA I 210 39.50 7.72 -32.53
C ALA I 210 38.18 7.68 -33.29
N ARG I 211 38.21 8.06 -34.56
CA ARG I 211 37.01 8.05 -35.39
C ARG I 211 36.61 6.61 -35.70
N GLU I 212 37.60 5.79 -36.06
CA GLU I 212 37.36 4.40 -36.38
C GLU I 212 36.85 3.63 -35.15
N LEU I 213 37.38 3.97 -33.99
CA LEU I 213 36.99 3.33 -32.75
C LEU I 213 35.54 3.69 -32.41
N VAL I 214 35.20 4.96 -32.61
CA VAL I 214 33.85 5.45 -32.33
C VAL I 214 32.82 4.77 -33.23
N GLU I 215 33.19 4.53 -34.48
CA GLU I 215 32.29 3.88 -35.42
C GLU I 215 32.10 2.41 -35.06
N ARG I 216 33.14 1.80 -34.50
CA ARG I 216 33.07 0.40 -34.08
C ARG I 216 32.08 0.26 -32.93
N CYS I 217 32.08 1.25 -32.03
CA CYS I 217 31.19 1.24 -30.87
C CYS I 217 29.74 1.46 -31.30
N MET I 218 29.53 2.34 -32.27
CA MET I 218 28.19 2.63 -32.77
C MET I 218 27.55 1.37 -33.35
N ARG I 219 28.34 0.60 -34.10
CA ARG I 219 27.87 -0.65 -34.69
C ARG I 219 27.44 -1.63 -33.60
N VAL I 220 28.25 -1.74 -32.55
CA VAL I 220 27.94 -2.64 -31.44
C VAL I 220 26.69 -2.18 -30.69
N LEU I 221 26.53 -0.87 -30.57
CA LEU I 221 25.38 -0.31 -29.86
C LEU I 221 24.09 -0.59 -30.62
N TYR I 222 24.15 -0.53 -31.95
CA TYR I 222 22.99 -0.79 -32.79
C TYR I 222 22.56 -2.24 -32.70
N TYR I 223 23.54 -3.11 -32.53
CA TYR I 223 23.33 -4.55 -32.41
C TYR I 223 22.71 -4.98 -31.09
N ARG I 224 23.21 -4.41 -30.00
CA ARG I 224 22.76 -4.80 -28.67
C ARG I 224 21.80 -3.87 -27.93
N ASP I 225 21.67 -2.64 -28.38
CA ASP I 225 20.76 -1.71 -27.72
C ASP I 225 19.43 -1.64 -28.47
N ALA I 226 18.35 -1.98 -27.76
CA ALA I 226 17.00 -1.98 -28.34
C ALA I 226 16.37 -0.60 -28.52
N ARG I 227 16.98 0.43 -27.93
CA ARG I 227 16.48 1.78 -28.05
C ARG I 227 17.37 2.58 -29.00
N SER I 228 18.25 1.89 -29.71
CA SER I 228 19.16 2.57 -30.64
C SER I 228 18.65 2.57 -32.09
N TYR I 229 19.24 3.42 -32.90
CA TYR I 229 18.87 3.53 -34.30
C TYR I 229 20.14 3.61 -35.12
N ASN I 230 20.10 3.09 -36.35
CA ASN I 230 21.28 3.10 -37.22
C ASN I 230 21.41 4.36 -38.08
N ARG I 231 21.39 5.52 -37.42
CA ARG I 231 21.52 6.81 -38.05
C ARG I 231 22.11 7.70 -36.99
N PHE I 232 23.43 7.90 -37.05
CA PHE I 232 24.10 8.70 -36.04
C PHE I 232 24.87 9.89 -36.58
N GLN I 233 25.28 10.76 -35.66
CA GLN I 233 26.04 11.94 -35.99
C GLN I 233 27.37 11.86 -35.26
N ILE I 234 28.42 12.37 -35.89
CA ILE I 234 29.74 12.37 -35.29
C ILE I 234 30.27 13.79 -35.22
N ALA I 235 30.37 14.33 -34.01
CA ALA I 235 30.86 15.68 -33.81
C ALA I 235 32.31 15.67 -33.38
N THR I 236 33.11 16.52 -34.00
CA THR I 236 34.52 16.62 -33.71
C THR I 236 34.93 18.05 -33.40
N VAL I 237 35.66 18.24 -32.31
CA VAL I 237 36.15 19.56 -31.95
C VAL I 237 37.66 19.55 -31.98
N THR I 238 38.24 20.52 -32.67
CA THR I 238 39.68 20.65 -32.78
C THR I 238 40.02 22.12 -32.61
N GLU I 239 41.17 22.53 -33.13
CA GLU I 239 41.58 23.93 -33.04
C GLU I 239 40.83 24.74 -34.09
N LYS I 240 40.41 24.08 -35.17
CA LYS I 240 39.67 24.73 -36.25
C LYS I 240 38.26 25.08 -35.82
N GLY I 241 37.71 24.31 -34.88
CA GLY I 241 36.37 24.56 -34.39
C GLY I 241 35.54 23.30 -34.18
N VAL I 242 34.23 23.45 -34.19
CA VAL I 242 33.33 22.33 -34.00
C VAL I 242 32.70 21.91 -35.32
N GLU I 243 32.87 20.65 -35.68
CA GLU I 243 32.31 20.13 -36.91
C GLU I 243 31.35 18.97 -36.64
N ILE I 244 30.14 19.07 -37.18
CA ILE I 244 29.13 18.04 -36.98
C ILE I 244 28.79 17.35 -38.29
N GLU I 245 29.22 16.10 -38.43
CA GLU I 245 28.96 15.33 -39.65
C GLU I 245 27.81 14.35 -39.44
N GLY I 246 27.11 14.02 -40.53
CA GLY I 246 26.01 13.10 -40.47
C GLY I 246 24.87 13.49 -41.38
N PRO I 247 23.93 12.56 -41.63
CA PRO I 247 23.70 11.34 -40.87
C PRO I 247 24.55 10.17 -41.37
N LEU I 248 25.17 9.44 -40.45
CA LEU I 248 26.00 8.31 -40.81
C LEU I 248 25.31 7.01 -40.51
N SER I 249 25.87 5.93 -41.03
CA SER I 249 25.33 4.60 -40.81
C SER I 249 26.49 3.65 -40.62
N ALA I 250 26.28 2.59 -39.85
CA ALA I 250 27.32 1.62 -39.60
C ALA I 250 27.05 0.37 -40.42
N GLU I 251 28.10 -0.18 -41.02
CA GLU I 251 27.96 -1.39 -41.82
C GLU I 251 27.75 -2.57 -40.89
N THR I 252 26.54 -3.11 -40.91
CA THR I 252 26.20 -4.24 -40.05
C THR I 252 26.35 -5.58 -40.73
N ASN I 253 26.70 -6.60 -39.95
CA ASN I 253 26.88 -7.94 -40.46
C ASN I 253 25.89 -8.88 -39.77
N TRP I 254 25.12 -9.62 -40.57
CA TRP I 254 24.14 -10.54 -40.01
C TRP I 254 24.44 -11.97 -40.41
N GLU I 255 25.73 -12.31 -40.41
CA GLU I 255 26.22 -13.64 -40.76
C GLU I 255 25.81 -14.74 -39.76
N ILE I 256 25.56 -14.34 -38.52
CA ILE I 256 25.17 -15.29 -37.46
C ILE I 256 23.77 -15.87 -37.61
N ALA I 257 22.92 -15.23 -38.41
CA ALA I 257 21.55 -15.71 -38.65
C ALA I 257 21.55 -17.05 -39.39
N HIS I 258 22.52 -17.26 -40.27
CA HIS I 258 22.66 -18.50 -41.02
C HIS I 258 23.36 -19.58 -40.19
N MET I 259 24.00 -19.16 -39.10
CA MET I 259 24.71 -20.07 -38.23
C MET I 259 23.76 -20.83 -37.30
N THR J 1 -23.13 -4.98 23.83
CA THR J 1 -23.42 -6.14 24.67
C THR J 1 -22.72 -5.94 26.02
N THR J 2 -23.58 -6.26 27.07
CA THR J 2 -23.08 -6.30 28.43
C THR J 2 -23.57 -7.59 29.06
N THR J 3 -22.64 -8.40 29.58
CA THR J 3 -22.98 -9.60 30.34
C THR J 3 -22.10 -9.64 31.59
N LEU J 4 -22.65 -10.12 32.71
CA LEU J 4 -21.87 -10.27 33.91
C LEU J 4 -22.18 -11.60 34.59
N ALA J 5 -21.34 -11.98 35.55
CA ALA J 5 -21.59 -13.17 36.38
C ALA J 5 -20.68 -13.06 37.61
N PHE J 6 -21.29 -13.38 38.76
CA PHE J 6 -20.52 -13.41 40.00
C PHE J 6 -21.04 -14.51 40.93
N LYS J 7 -20.14 -15.17 41.64
CA LYS J 7 -20.49 -16.15 42.65
C LYS J 7 -20.57 -15.54 44.02
N PHE J 8 -21.68 -15.74 44.72
CA PHE J 8 -21.81 -15.27 46.09
C PHE J 8 -22.15 -16.46 46.97
N GLN J 9 -22.54 -16.21 48.25
CA GLN J 9 -22.81 -17.32 49.17
C GLN J 9 -23.97 -18.19 48.73
N HIS J 10 -24.99 -17.59 48.07
CA HIS J 10 -26.16 -18.36 47.63
C HIS J 10 -26.16 -18.71 46.15
N GLY J 11 -25.00 -19.08 45.59
CA GLY J 11 -24.92 -19.51 44.20
C GLY J 11 -24.25 -18.53 43.23
N VAL J 12 -24.74 -18.47 41.99
CA VAL J 12 -24.17 -17.62 40.94
C VAL J 12 -25.24 -16.79 40.27
N ILE J 13 -24.96 -15.48 40.10
CA ILE J 13 -25.87 -14.59 39.42
C ILE J 13 -25.42 -14.40 37.99
N VAL J 14 -26.34 -14.50 37.02
CA VAL J 14 -26.00 -14.26 35.61
C VAL J 14 -26.98 -13.25 35.06
N ALA J 15 -26.45 -12.19 34.43
CA ALA J 15 -27.31 -11.14 33.90
C ALA J 15 -26.77 -10.66 32.57
N VAL J 16 -27.69 -10.30 31.66
CA VAL J 16 -27.31 -9.80 30.34
C VAL J 16 -28.27 -8.76 29.84
N ASP J 17 -27.85 -7.94 28.90
CA ASP J 17 -28.72 -7.01 28.20
C ASP J 17 -29.28 -7.71 26.94
N SER J 18 -30.14 -7.04 26.16
CA SER J 18 -30.74 -7.71 25.02
C SER J 18 -30.64 -6.88 23.72
N ARG J 19 -29.63 -6.04 23.56
CA ARG J 19 -29.48 -5.29 22.35
C ARG J 19 -28.57 -5.94 21.30
N ALA J 20 -29.01 -5.96 20.06
CA ALA J 20 -28.16 -6.40 18.94
C ALA J 20 -28.11 -5.26 17.95
N THR J 21 -26.96 -5.08 17.34
CA THR J 21 -26.81 -3.96 16.44
C THR J 21 -26.03 -4.32 15.17
N ALA J 22 -26.18 -3.43 14.19
CA ALA J 22 -25.51 -3.57 12.90
C ALA J 22 -25.04 -2.18 12.56
N GLY J 23 -23.78 -1.89 12.86
CA GLY J 23 -23.32 -0.52 12.71
C GLY J 23 -23.96 0.35 13.80
N ASN J 24 -24.67 1.40 13.42
CA ASN J 24 -25.31 2.24 14.40
C ASN J 24 -26.78 1.84 14.51
N TYR J 25 -27.21 0.89 13.68
CA TYR J 25 -28.60 0.50 13.64
C TYR J 25 -28.90 -0.58 14.67
N ILE J 26 -29.96 -0.34 15.45
CA ILE J 26 -30.33 -1.32 16.46
C ILE J 26 -31.21 -2.36 15.76
N SER J 27 -30.63 -3.52 15.53
CA SER J 27 -31.33 -4.60 14.84
C SER J 27 -32.36 -5.27 15.75
N SER J 28 -32.06 -5.37 17.04
CA SER J 28 -33.02 -5.98 17.96
C SER J 28 -32.89 -5.46 19.40
N SER J 29 -34.00 -5.35 20.10
CA SER J 29 -33.99 -5.02 21.50
C SER J 29 -34.46 -6.17 22.36
N ARG J 30 -34.44 -7.39 21.81
CA ARG J 30 -35.03 -8.51 22.54
C ARG J 30 -34.29 -9.80 22.22
N VAL J 31 -32.98 -9.72 22.06
CA VAL J 31 -32.19 -10.89 21.74
C VAL J 31 -31.82 -11.63 23.05
N ASN J 32 -31.73 -12.94 23.01
CA ASN J 32 -31.45 -13.77 24.15
C ASN J 32 -29.94 -14.05 24.18
N LYS J 33 -29.28 -13.61 25.24
CA LYS J 33 -27.82 -13.74 25.32
C LYS J 33 -27.43 -14.77 26.38
N VAL J 34 -28.39 -15.63 26.77
CA VAL J 34 -28.08 -16.76 27.64
C VAL J 34 -28.58 -18.08 27.06
N ILE J 35 -27.68 -19.03 26.77
CA ILE J 35 -28.10 -20.33 26.35
C ILE J 35 -28.25 -21.24 27.56
N GLU J 36 -29.35 -22.01 27.62
CA GLU J 36 -29.54 -22.99 28.68
C GLU J 36 -29.08 -24.38 28.26
N ILE J 37 -27.81 -24.69 28.47
CA ILE J 37 -27.21 -25.96 28.09
C ILE J 37 -27.92 -27.15 28.74
N ASN J 38 -28.19 -27.05 30.01
CA ASN J 38 -28.96 -28.04 30.76
C ASN J 38 -29.51 -27.37 32.03
N PRO J 39 -30.24 -28.12 32.88
CA PRO J 39 -30.83 -27.59 34.11
C PRO J 39 -29.86 -26.89 35.07
N SER J 40 -28.58 -27.30 35.12
CA SER J 40 -27.61 -26.63 35.98
C SER J 40 -26.39 -26.13 35.22
N LEU J 41 -26.57 -25.70 33.97
CA LEU J 41 -25.46 -25.20 33.17
C LEU J 41 -25.93 -24.07 32.22
N LEU J 42 -25.26 -22.92 32.29
CA LEU J 42 -25.64 -21.80 31.43
C LEU J 42 -24.42 -21.22 30.72
N GLY J 43 -24.68 -20.56 29.58
CA GLY J 43 -23.63 -19.93 28.80
C GLY J 43 -24.05 -18.59 28.30
N THR J 44 -23.22 -17.57 28.52
CA THR J 44 -23.57 -16.25 28.07
C THR J 44 -22.90 -15.99 26.74
N MET J 45 -23.44 -14.98 26.03
CA MET J 45 -22.91 -14.67 24.72
C MET J 45 -22.65 -13.20 24.52
N SER J 46 -21.51 -12.90 23.87
CA SER J 46 -21.16 -11.53 23.57
C SER J 46 -20.15 -11.60 22.42
N GLY J 47 -20.19 -10.60 21.54
CA GLY J 47 -19.30 -10.65 20.40
C GLY J 47 -20.13 -10.82 19.11
N CYS J 48 -19.69 -11.74 18.28
CA CYS J 48 -20.40 -12.01 17.03
C CYS J 48 -21.57 -12.95 17.35
N ALA J 49 -22.78 -12.51 17.05
CA ALA J 49 -23.99 -13.29 17.39
C ALA J 49 -23.96 -14.65 16.68
N ALA J 50 -23.62 -14.69 15.39
CA ALA J 50 -23.61 -16.00 14.70
C ALA J 50 -22.58 -16.93 15.32
N ASP J 51 -21.38 -16.42 15.64
CA ASP J 51 -20.35 -17.24 16.29
C ASP J 51 -20.81 -17.75 17.66
N CYS J 52 -21.34 -16.86 18.49
CA CYS J 52 -21.76 -17.23 19.84
C CYS J 52 -22.85 -18.29 19.79
N GLN J 53 -23.92 -17.99 19.06
CA GLN J 53 -25.05 -18.90 18.97
C GLN J 53 -24.62 -20.27 18.42
N TYR J 54 -23.77 -20.29 17.40
CA TYR J 54 -23.39 -21.54 16.78
C TYR J 54 -22.51 -22.37 17.70
N TRP J 55 -21.41 -21.81 18.21
CA TRP J 55 -20.49 -22.54 19.07
C TRP J 55 -21.07 -22.92 20.43
N GLU J 56 -21.96 -22.11 20.99
CA GLU J 56 -22.55 -22.46 22.27
C GLU J 56 -23.59 -23.59 22.10
N ARG J 57 -24.26 -23.62 20.94
CA ARG J 57 -25.18 -24.70 20.64
C ARG J 57 -24.39 -25.98 20.38
N LEU J 58 -23.22 -25.84 19.79
CA LEU J 58 -22.39 -27.02 19.53
C LEU J 58 -21.84 -27.60 20.86
N LEU J 59 -21.57 -26.72 21.84
CA LEU J 59 -21.11 -27.14 23.15
C LEU J 59 -22.25 -27.89 23.83
N ALA J 60 -23.47 -27.39 23.66
CA ALA J 60 -24.67 -28.01 24.25
C ALA J 60 -24.85 -29.42 23.71
N LYS J 61 -24.64 -29.56 22.40
CA LYS J 61 -24.70 -30.88 21.79
C LYS J 61 -23.72 -31.82 22.42
N GLU J 62 -22.46 -31.37 22.57
CA GLU J 62 -21.41 -32.21 23.15
C GLU J 62 -21.68 -32.53 24.62
N CYS J 63 -22.29 -31.56 25.34
CA CYS J 63 -22.61 -31.79 26.72
C CYS J 63 -23.66 -32.89 26.83
N ARG J 64 -24.67 -32.84 25.96
CA ARG J 64 -25.71 -33.84 25.93
C ARG J 64 -25.12 -35.19 25.54
N LEU J 65 -24.21 -35.18 24.60
CA LEU J 65 -23.57 -36.43 24.19
C LEU J 65 -22.70 -36.98 25.32
N TYR J 66 -22.05 -36.08 26.05
CA TYR J 66 -21.21 -36.46 27.17
C TYR J 66 -22.04 -37.18 28.22
N TYR J 67 -23.23 -36.64 28.49
CA TYR J 67 -24.12 -37.24 29.46
C TYR J 67 -24.54 -38.65 29.07
N LEU J 68 -24.99 -38.81 27.82
CA LEU J 68 -25.42 -40.12 27.34
C LEU J 68 -24.31 -41.17 27.46
N ARG J 69 -23.09 -40.81 27.10
CA ARG J 69 -21.99 -41.74 27.09
C ARG J 69 -21.48 -42.12 28.48
N ASN J 70 -21.12 -41.14 29.29
CA ASN J 70 -20.55 -41.38 30.61
C ASN J 70 -21.60 -41.53 31.73
N GLY J 71 -22.88 -41.34 31.40
CA GLY J 71 -23.97 -41.54 32.34
C GLY J 71 -23.95 -40.57 33.52
N GLU J 72 -23.50 -39.35 33.26
CA GLU J 72 -23.44 -38.30 34.28
C GLU J 72 -23.35 -36.95 33.57
N ARG J 73 -23.72 -35.89 34.27
CA ARG J 73 -23.72 -34.54 33.72
C ARG J 73 -22.28 -34.02 33.74
N ILE J 74 -21.89 -33.40 32.64
CA ILE J 74 -20.53 -32.87 32.50
C ILE J 74 -20.30 -31.78 33.54
N SER J 75 -19.07 -31.67 34.04
CA SER J 75 -18.74 -30.63 35.00
C SER J 75 -18.60 -29.26 34.31
N VAL J 76 -18.62 -28.19 35.09
CA VAL J 76 -18.53 -26.85 34.54
C VAL J 76 -17.16 -26.67 33.89
N SER J 77 -16.12 -27.11 34.57
CA SER J 77 -14.76 -26.96 34.09
C SER J 77 -14.56 -27.74 32.78
N ALA J 78 -15.07 -28.96 32.70
CA ALA J 78 -14.92 -29.74 31.48
C ALA J 78 -15.72 -29.16 30.32
N ALA J 79 -16.90 -28.59 30.62
CA ALA J 79 -17.70 -27.96 29.56
C ALA J 79 -16.98 -26.74 29.01
N SER J 80 -16.38 -25.94 29.91
CA SER J 80 -15.66 -24.73 29.49
C SER J 80 -14.40 -25.12 28.71
N LYS J 81 -13.78 -26.20 29.13
CA LYS J 81 -12.59 -26.68 28.43
C LYS J 81 -12.94 -27.15 27.01
N LEU J 82 -14.09 -27.78 26.86
CA LEU J 82 -14.58 -28.20 25.55
C LEU J 82 -14.73 -27.02 24.60
N LEU J 83 -15.39 -25.98 25.07
CA LEU J 83 -15.61 -24.79 24.27
C LEU J 83 -14.28 -24.15 23.94
N SER J 84 -13.39 -24.11 24.95
CA SER J 84 -12.08 -23.48 24.81
C SER J 84 -11.33 -24.15 23.68
N ASN J 85 -11.32 -25.49 23.68
CA ASN J 85 -10.60 -26.24 22.67
C ASN J 85 -11.27 -26.12 21.31
N MET J 86 -12.60 -26.08 21.29
CA MET J 86 -13.33 -25.99 20.03
C MET J 86 -12.92 -24.71 19.30
N VAL J 87 -12.90 -23.55 19.97
CA VAL J 87 -12.66 -22.30 19.28
C VAL J 87 -11.15 -22.09 19.08
N TYR J 88 -10.30 -22.85 19.75
CA TYR J 88 -8.86 -22.73 19.53
C TYR J 88 -8.43 -23.30 18.18
N GLN J 89 -9.22 -24.22 17.59
CA GLN J 89 -8.97 -24.72 16.25
C GLN J 89 -9.15 -23.69 15.15
N TYR J 90 -9.91 -22.61 15.37
CA TYR J 90 -10.12 -21.57 14.38
C TYR J 90 -9.44 -20.28 14.79
N ARG J 91 -8.42 -20.35 15.65
CA ARG J 91 -7.73 -19.15 16.11
C ARG J 91 -7.14 -18.37 14.92
N GLY J 92 -7.42 -17.07 14.87
CA GLY J 92 -6.86 -16.25 13.82
C GLY J 92 -7.76 -16.07 12.60
N MET J 93 -8.93 -16.72 12.61
CA MET J 93 -9.83 -16.67 11.47
C MET J 93 -10.96 -15.68 11.75
N ASP J 94 -10.72 -14.78 12.72
CA ASP J 94 -11.64 -13.70 12.99
C ASP J 94 -12.98 -14.14 13.58
N LEU J 95 -12.98 -15.22 14.39
CA LEU J 95 -14.15 -15.50 15.21
C LEU J 95 -14.27 -14.44 16.31
N SER J 96 -15.49 -14.18 16.73
CA SER J 96 -15.69 -13.18 17.80
C SER J 96 -16.69 -13.71 18.83
N MET J 97 -16.16 -14.23 19.95
CA MET J 97 -17.01 -14.80 20.97
C MET J 97 -16.40 -14.73 22.36
N GLY J 98 -17.09 -14.02 23.26
CA GLY J 98 -16.67 -13.89 24.62
C GLY J 98 -17.80 -14.39 25.49
N SER J 99 -17.59 -15.55 26.11
CA SER J 99 -18.66 -16.14 26.90
C SER J 99 -18.27 -16.58 28.30
N MET J 100 -19.29 -16.75 29.13
CA MET J 100 -19.12 -17.25 30.47
C MET J 100 -19.88 -18.54 30.64
N ILE J 101 -19.23 -19.54 31.23
CA ILE J 101 -19.85 -20.82 31.47
C ILE J 101 -20.13 -20.93 32.95
N CYS J 102 -21.41 -20.90 33.31
CA CYS J 102 -21.81 -20.91 34.71
C CYS J 102 -22.65 -22.15 34.99
N GLY J 103 -22.38 -22.77 36.15
CA GLY J 103 -23.14 -23.96 36.52
C GLY J 103 -22.88 -24.36 37.97
N TRP J 104 -23.22 -25.57 38.31
CA TRP J 104 -22.99 -26.10 39.65
C TRP J 104 -22.82 -27.62 39.61
N ASP J 105 -21.58 -28.07 39.72
CA ASP J 105 -21.30 -29.49 39.65
C ASP J 105 -20.95 -30.05 41.03
N LYS J 106 -20.02 -31.01 41.08
CA LYS J 106 -19.67 -31.63 42.35
C LYS J 106 -18.69 -30.77 43.14
N LYS J 107 -18.06 -29.80 42.48
CA LYS J 107 -17.12 -28.93 43.18
C LYS J 107 -17.78 -27.57 43.50
N GLY J 108 -19.09 -27.57 43.71
CA GLY J 108 -19.82 -26.37 44.07
C GLY J 108 -20.07 -25.50 42.85
N PRO J 109 -20.36 -24.21 43.04
CA PRO J 109 -20.60 -23.35 41.90
C PRO J 109 -19.34 -23.13 41.09
N GLY J 110 -19.52 -22.88 39.80
CA GLY J 110 -18.41 -22.73 38.90
C GLY J 110 -18.70 -21.62 37.89
N LEU J 111 -17.68 -20.79 37.65
CA LEU J 111 -17.77 -19.71 36.70
C LEU J 111 -16.46 -19.67 35.92
N TYR J 112 -16.56 -19.78 34.60
CA TYR J 112 -15.41 -19.73 33.72
C TYR J 112 -15.64 -18.66 32.65
N TYR J 113 -14.59 -17.96 32.26
CA TYR J 113 -14.65 -17.03 31.16
C TYR J 113 -13.87 -17.69 30.00
N VAL J 114 -14.48 -17.75 28.82
CA VAL J 114 -13.83 -18.32 27.65
C VAL J 114 -14.03 -17.35 26.46
N ASP J 115 -12.96 -17.11 25.69
CA ASP J 115 -13.09 -16.23 24.53
C ASP J 115 -12.54 -16.90 23.27
N GLN J 116 -12.66 -16.21 22.13
CA GLN J 116 -12.24 -16.79 20.84
C GLN J 116 -10.72 -16.98 20.72
N ASN J 117 -9.93 -16.25 21.52
CA ASN J 117 -8.48 -16.37 21.48
C ASN J 117 -7.96 -17.64 22.12
N GLY J 118 -8.74 -18.23 23.02
CA GLY J 118 -8.44 -19.50 23.67
C GLY J 118 -8.25 -19.26 25.18
N THR J 119 -8.39 -17.99 25.64
CA THR J 119 -8.37 -17.69 27.05
C THR J 119 -9.47 -18.48 27.79
N ARG J 120 -9.08 -19.09 28.92
CA ARG J 120 -10.04 -19.80 29.75
C ARG J 120 -9.70 -19.61 31.22
N LEU J 121 -10.53 -18.88 31.96
CA LEU J 121 -10.22 -18.59 33.35
C LEU J 121 -11.39 -18.86 34.29
N SER J 122 -11.04 -19.36 35.46
CA SER J 122 -11.98 -19.62 36.51
C SER J 122 -11.94 -18.39 37.36
N GLY J 123 -13.08 -17.97 37.86
CA GLY J 123 -13.07 -16.82 38.72
C GLY J 123 -14.33 -16.64 39.56
N ASN J 124 -14.32 -15.59 40.36
CA ASN J 124 -15.41 -15.29 41.27
C ASN J 124 -16.40 -14.40 40.57
N MET J 125 -15.94 -13.53 39.64
CA MET J 125 -16.83 -12.62 38.94
C MET J 125 -16.24 -12.20 37.61
N PHE J 126 -17.08 -11.98 36.60
CA PHE J 126 -16.61 -11.59 35.27
C PHE J 126 -17.63 -10.75 34.58
N SER J 127 -17.17 -9.98 33.59
CA SER J 127 -18.04 -9.14 32.77
C SER J 127 -17.44 -9.06 31.37
N THR J 128 -18.27 -9.30 30.36
CA THR J 128 -17.79 -9.25 28.98
C THR J 128 -18.69 -8.42 28.10
N GLY J 129 -18.18 -8.03 26.94
CA GLY J 129 -18.91 -7.28 25.95
C GLY J 129 -18.44 -5.84 25.97
N SER J 130 -19.04 -5.00 25.12
CA SER J 130 -18.60 -3.64 24.98
C SER J 130 -18.94 -2.82 26.23
N GLY J 131 -19.98 -3.18 26.99
CA GLY J 131 -20.32 -2.43 28.18
C GLY J 131 -19.74 -3.06 29.44
N SER J 132 -18.86 -4.05 29.31
CA SER J 132 -18.22 -4.70 30.45
C SER J 132 -17.49 -3.78 31.43
N THR J 133 -16.78 -2.74 30.94
CA THR J 133 -16.01 -1.89 31.85
C THR J 133 -16.96 -1.19 32.83
N TYR J 134 -18.09 -0.67 32.33
CA TYR J 134 -19.08 0.01 33.13
C TYR J 134 -19.73 -0.92 34.15
N ALA J 135 -20.00 -2.15 33.74
CA ALA J 135 -20.59 -3.14 34.64
C ALA J 135 -19.62 -3.46 35.78
N TYR J 136 -18.34 -3.56 35.47
CA TYR J 136 -17.32 -3.88 36.47
C TYR J 136 -17.32 -2.86 37.58
N GLY J 137 -17.40 -1.57 37.23
CA GLY J 137 -17.38 -0.52 38.20
C GLY J 137 -18.47 -0.72 39.25
N VAL J 138 -19.73 -0.82 38.76
CA VAL J 138 -20.87 -1.00 39.63
C VAL J 138 -20.75 -2.29 40.43
N MET J 139 -20.47 -3.39 39.71
CA MET J 139 -20.43 -4.70 40.35
C MET J 139 -19.38 -4.71 41.47
N ASP J 140 -18.13 -4.31 41.18
CA ASP J 140 -17.06 -4.31 42.15
C ASP J 140 -17.35 -3.42 43.35
N SER J 141 -18.02 -2.30 43.17
CA SER J 141 -18.29 -1.38 44.27
C SER J 141 -19.38 -1.89 45.19
N GLY J 142 -20.20 -2.85 44.74
CA GLY J 142 -21.32 -3.31 45.55
C GLY J 142 -21.27 -4.80 45.85
N TYR J 143 -20.18 -5.44 45.42
CA TYR J 143 -20.05 -6.88 45.66
C TYR J 143 -19.53 -7.20 47.05
N GLN J 144 -20.18 -8.20 47.66
CA GLN J 144 -19.78 -8.77 48.94
C GLN J 144 -20.12 -10.23 48.80
N PRO J 145 -19.25 -11.15 49.25
CA PRO J 145 -19.57 -12.57 49.13
C PRO J 145 -20.76 -13.01 49.99
N SER J 146 -21.03 -12.32 51.09
CA SER J 146 -22.18 -12.62 51.93
C SER J 146 -23.44 -11.84 51.57
N LEU J 147 -23.61 -11.47 50.29
CA LEU J 147 -24.79 -10.74 49.85
C LEU J 147 -25.98 -11.69 49.93
N SER J 148 -27.15 -11.15 50.26
CA SER J 148 -28.35 -11.97 50.29
C SER J 148 -28.90 -12.13 48.86
N PRO J 149 -29.78 -13.09 48.61
CA PRO J 149 -30.33 -13.27 47.28
C PRO J 149 -30.95 -12.01 46.68
N GLU J 150 -31.79 -11.33 47.45
CA GLU J 150 -32.39 -10.10 46.96
C GLU J 150 -31.34 -9.03 46.68
N GLU J 151 -30.31 -8.95 47.53
CA GLU J 151 -29.24 -8.00 47.33
C GLU J 151 -28.40 -8.32 46.09
N ALA J 152 -28.19 -9.60 45.84
CA ALA J 152 -27.43 -10.02 44.68
C ALA J 152 -28.18 -9.69 43.40
N TYR J 153 -29.52 -9.81 43.42
CA TYR J 153 -30.33 -9.50 42.25
C TYR J 153 -30.24 -8.03 41.92
N GLU J 154 -30.26 -7.18 42.96
CA GLU J 154 -30.20 -5.76 42.81
C GLU J 154 -28.85 -5.36 42.18
N LEU J 155 -27.76 -5.90 42.70
CA LEU J 155 -26.45 -5.54 42.20
C LEU J 155 -26.39 -5.87 40.71
N GLY J 156 -26.84 -7.06 40.34
CA GLY J 156 -26.84 -7.49 38.95
C GLY J 156 -27.68 -6.56 38.09
N ARG J 157 -28.84 -6.19 38.60
CA ARG J 157 -29.75 -5.31 37.89
C ARG J 157 -29.15 -3.92 37.72
N ARG J 158 -28.42 -3.46 38.74
CA ARG J 158 -27.79 -2.15 38.71
C ARG J 158 -26.62 -2.10 37.73
N ALA J 159 -25.74 -3.09 37.82
CA ALA J 159 -24.57 -3.17 36.95
C ALA J 159 -24.95 -3.10 35.47
N ILE J 160 -25.91 -3.92 35.07
CA ILE J 160 -26.34 -3.95 33.68
C ILE J 160 -27.05 -2.66 33.28
N THR J 161 -27.93 -2.17 34.15
CA THR J 161 -28.68 -0.96 33.86
C THR J 161 -27.69 0.17 33.53
N TYR J 162 -26.72 0.40 34.40
CA TYR J 162 -25.77 1.49 34.21
C TYR J 162 -24.90 1.33 32.97
N ALA J 163 -24.57 0.05 32.65
CA ALA J 163 -23.81 -0.19 31.45
C ALA J 163 -24.59 0.20 30.19
N THR J 164 -25.92 -0.03 30.19
CA THR J 164 -26.77 0.28 29.04
C THR J 164 -26.92 1.78 28.91
N HIS J 165 -26.87 2.47 30.05
CA HIS J 165 -26.99 3.92 30.07
C HIS J 165 -25.78 4.60 29.42
N ARG J 166 -24.57 4.09 29.67
CA ARG J 166 -23.36 4.66 29.12
C ARG J 166 -22.94 4.01 27.80
N ASP J 167 -23.16 2.72 27.62
CA ASP J 167 -22.69 2.05 26.42
C ASP J 167 -23.78 2.06 25.36
N SER J 168 -23.43 2.63 24.20
CA SER J 168 -24.37 2.77 23.07
C SER J 168 -24.81 1.39 22.52
N TYR J 169 -23.97 0.37 22.60
CA TYR J 169 -24.27 -0.91 22.03
C TYR J 169 -24.94 -1.86 23.04
N SER J 170 -25.43 -1.31 24.16
CA SER J 170 -26.10 -2.12 25.16
C SER J 170 -27.45 -1.50 25.48
N GLY J 171 -28.39 -2.33 25.85
CA GLY J 171 -29.72 -1.84 26.16
C GLY J 171 -30.77 -2.90 26.03
N GLY J 172 -32.03 -2.49 26.12
CA GLY J 172 -33.16 -3.39 25.95
C GLY J 172 -33.69 -3.84 27.30
N ILE J 173 -33.55 -5.14 27.56
CA ILE J 173 -34.07 -5.73 28.77
C ILE J 173 -32.91 -6.43 29.48
N ILE J 174 -32.96 -6.45 30.80
CA ILE J 174 -31.97 -7.23 31.53
C ILE J 174 -32.53 -8.60 31.83
N ASN J 175 -31.86 -9.63 31.34
CA ASN J 175 -32.27 -11.00 31.65
C ASN J 175 -31.37 -11.57 32.73
N MET J 176 -31.95 -11.99 33.85
CA MET J 176 -31.13 -12.49 34.94
C MET J 176 -31.49 -13.91 35.38
N TYR J 177 -30.45 -14.68 35.70
CA TYR J 177 -30.60 -16.03 36.18
C TYR J 177 -29.94 -16.17 37.53
N HIS J 178 -30.28 -17.23 38.25
CA HIS J 178 -29.67 -17.53 39.53
C HIS J 178 -29.31 -19.01 39.57
N MET J 179 -28.02 -19.32 39.47
CA MET J 179 -27.54 -20.69 39.56
C MET J 179 -27.53 -21.16 41.01
N LYS J 180 -28.28 -22.22 41.29
CA LYS J 180 -28.35 -22.79 42.63
C LYS J 180 -27.89 -24.24 42.60
N GLU J 181 -27.79 -24.86 43.78
CA GLU J 181 -27.32 -26.25 43.86
C GLU J 181 -28.23 -27.22 43.11
N ASP J 182 -29.54 -26.96 43.12
CA ASP J 182 -30.51 -27.83 42.46
C ASP J 182 -30.83 -27.38 41.05
N GLY J 183 -30.03 -26.44 40.53
CA GLY J 183 -30.21 -25.97 39.17
C GLY J 183 -30.41 -24.47 39.14
N TRP J 184 -30.48 -23.91 37.94
CA TRP J 184 -30.69 -22.48 37.78
C TRP J 184 -32.18 -22.14 37.73
N VAL J 185 -32.49 -20.89 38.03
CA VAL J 185 -33.84 -20.36 37.97
C VAL J 185 -33.79 -19.00 37.29
N LYS J 186 -34.79 -18.70 36.47
CA LYS J 186 -34.85 -17.42 35.80
C LYS J 186 -35.48 -16.42 36.75
N VAL J 187 -34.72 -15.37 37.08
CA VAL J 187 -35.14 -14.39 38.06
C VAL J 187 -36.14 -13.42 37.44
N GLU J 188 -35.71 -12.66 36.44
CA GLU J 188 -36.55 -11.65 35.83
C GLU J 188 -36.15 -11.25 34.43
N SER J 189 -36.95 -10.35 33.85
CA SER J 189 -36.75 -9.84 32.52
C SER J 189 -37.22 -8.39 32.52
N THR J 190 -36.54 -7.54 33.26
CA THR J 190 -36.96 -6.16 33.45
C THR J 190 -36.40 -5.24 32.36
N ASP J 191 -37.27 -4.40 31.80
CA ASP J 191 -36.87 -3.43 30.80
C ASP J 191 -35.95 -2.42 31.48
N VAL J 192 -34.79 -2.18 30.87
CA VAL J 192 -33.76 -1.34 31.47
C VAL J 192 -34.21 0.12 31.60
N ASN J 193 -35.14 0.60 30.77
CA ASN J 193 -35.59 1.96 30.86
C ASN J 193 -36.48 2.18 32.07
N GLU J 194 -37.34 1.20 32.36
CA GLU J 194 -38.18 1.24 33.56
C GLU J 194 -37.30 1.35 34.81
N LEU J 195 -36.24 0.53 34.83
CA LEU J 195 -35.31 0.50 35.94
C LEU J 195 -34.59 1.84 36.10
N LEU J 196 -34.02 2.33 34.99
CA LEU J 196 -33.22 3.55 35.01
C LEU J 196 -34.01 4.76 35.49
N HIS J 197 -35.30 4.82 35.13
CA HIS J 197 -36.10 5.97 35.54
C HIS J 197 -36.37 5.94 37.03
N GLN J 198 -36.52 4.74 37.57
CA GLN J 198 -36.78 4.58 38.99
C GLN J 198 -35.51 4.82 39.81
N TYR J 199 -34.34 4.59 39.19
CA TYR J 199 -33.09 4.80 39.86
C TYR J 199 -32.77 6.29 39.92
N GLN J 200 -33.30 7.05 38.96
CA GLN J 200 -33.07 8.48 38.88
C GLN J 200 -34.13 9.25 39.67
N GLU J 201 -35.08 8.52 40.27
CA GLU J 201 -36.14 9.14 41.05
C GLU J 201 -35.76 9.29 42.52
N GLY K 5 -2.51 -54.46 -6.70
CA GLY K 5 -1.57 -55.54 -6.41
C GLY K 5 -1.86 -56.23 -5.09
N TYR K 6 -1.37 -57.45 -4.94
CA TYR K 6 -1.56 -58.21 -3.72
C TYR K 6 -0.74 -57.59 -2.59
N SER K 7 -1.38 -57.33 -1.46
CA SER K 7 -0.69 -56.71 -0.33
C SER K 7 -0.21 -57.68 0.74
N PHE K 8 -0.18 -58.98 0.44
CA PHE K 8 0.30 -59.94 1.40
C PHE K 8 1.61 -60.61 0.89
N SER K 9 2.39 -61.19 1.79
CA SER K 9 3.70 -61.68 1.42
C SER K 9 3.53 -62.94 0.56
N LEU K 10 4.33 -63.11 -0.50
CA LEU K 10 4.35 -64.39 -1.22
C LEU K 10 5.48 -65.25 -0.71
N THR K 11 6.39 -64.69 0.13
CA THR K 11 7.42 -65.52 0.75
C THR K 11 7.08 -65.61 2.24
N THR K 12 7.00 -66.80 2.81
CA THR K 12 6.57 -66.94 4.19
C THR K 12 7.33 -68.10 4.78
N PHE K 13 7.34 -68.24 6.12
CA PHE K 13 8.18 -69.25 6.75
C PHE K 13 7.44 -70.57 6.66
N SER K 14 8.18 -71.64 6.36
CA SER K 14 7.65 -72.99 6.45
C SER K 14 7.75 -73.49 7.90
N PRO K 15 7.05 -74.55 8.32
CA PRO K 15 7.28 -75.15 9.63
C PRO K 15 8.69 -75.59 10.02
N SER K 16 9.64 -75.66 9.09
CA SER K 16 11.03 -75.92 9.45
C SER K 16 11.80 -74.60 9.66
N GLY K 17 11.16 -73.48 9.39
CA GLY K 17 11.79 -72.21 9.55
C GLY K 17 12.50 -71.79 8.28
N LYS K 18 12.21 -72.45 7.14
CA LYS K 18 12.82 -72.04 5.87
C LYS K 18 11.89 -71.08 5.14
N LEU K 19 12.43 -70.20 4.28
CA LEU K 19 11.66 -69.39 3.31
C LEU K 19 11.84 -69.99 1.91
N VAL K 20 11.02 -71.01 1.57
CA VAL K 20 11.21 -71.73 0.33
C VAL K 20 11.26 -70.78 -0.86
N GLN K 21 10.44 -69.71 -0.95
CA GLN K 21 10.56 -68.90 -2.15
C GLN K 21 12.02 -68.49 -2.38
N ILE K 22 12.76 -68.13 -1.33
CA ILE K 22 14.16 -67.72 -1.46
C ILE K 22 15.00 -68.94 -1.81
N GLU K 23 14.69 -70.11 -1.23
CA GLU K 23 15.41 -71.31 -1.62
C GLU K 23 15.28 -71.60 -3.12
N TYR K 24 14.11 -71.29 -3.69
CA TYR K 24 13.76 -71.53 -5.07
C TYR K 24 14.36 -70.43 -5.98
N ALA K 25 14.34 -69.18 -5.55
CA ALA K 25 15.13 -68.15 -6.21
C ALA K 25 16.62 -68.58 -6.29
N LEU K 26 17.13 -69.31 -5.29
CA LEU K 26 18.54 -69.67 -5.31
C LEU K 26 18.83 -70.77 -6.31
N ALA K 27 17.81 -71.63 -6.53
CA ALA K 27 17.82 -72.70 -7.52
C ALA K 27 17.95 -72.07 -8.90
N ALA K 28 17.19 -70.99 -9.13
CA ALA K 28 17.32 -70.24 -10.36
C ALA K 28 18.76 -69.75 -10.60
N VAL K 29 19.37 -69.12 -9.60
CA VAL K 29 20.76 -68.68 -9.66
C VAL K 29 21.68 -69.84 -10.00
N ALA K 30 21.55 -70.96 -9.29
CA ALA K 30 22.49 -72.08 -9.40
C ALA K 30 22.41 -72.70 -10.80
N GLY K 31 21.28 -72.56 -11.50
CA GLY K 31 21.18 -73.02 -12.86
C GLY K 31 21.62 -71.97 -13.88
N GLY K 32 21.82 -70.72 -13.44
CA GLY K 32 22.36 -69.67 -14.30
C GLY K 32 23.75 -70.05 -14.84
N ALA K 33 24.20 -69.33 -15.85
CA ALA K 33 25.52 -69.49 -16.45
C ALA K 33 26.56 -69.06 -15.44
N PRO K 34 27.78 -69.62 -15.53
CA PRO K 34 28.79 -69.38 -14.51
C PRO K 34 29.36 -67.96 -14.49
N SER K 35 29.73 -67.54 -13.28
CA SER K 35 30.37 -66.27 -13.03
C SER K 35 31.43 -66.45 -11.97
N VAL K 36 32.49 -65.64 -12.12
CA VAL K 36 33.69 -65.71 -11.30
C VAL K 36 34.11 -64.29 -10.94
N GLY K 37 34.55 -64.10 -9.68
CA GLY K 37 35.15 -62.85 -9.26
C GLY K 37 36.41 -63.16 -8.46
N ILE K 38 37.47 -62.37 -8.66
CA ILE K 38 38.76 -62.59 -8.00
C ILE K 38 39.28 -61.24 -7.57
N LYS K 39 39.66 -61.08 -6.29
CA LYS K 39 40.23 -59.81 -5.87
C LYS K 39 41.72 -60.01 -5.64
N ALA K 40 42.48 -59.44 -6.60
CA ALA K 40 43.93 -59.36 -6.64
C ALA K 40 44.38 -58.24 -5.70
N ALA K 41 45.70 -58.11 -5.55
CA ALA K 41 46.28 -57.13 -4.65
C ALA K 41 45.99 -55.72 -5.15
N ASN K 42 45.95 -55.56 -6.48
CA ASN K 42 45.86 -54.23 -7.08
C ASN K 42 44.63 -54.14 -7.99
N GLY K 43 43.64 -55.04 -7.79
CA GLY K 43 42.38 -54.99 -8.55
C GLY K 43 41.53 -56.24 -8.33
N VAL K 44 40.44 -56.29 -9.09
CA VAL K 44 39.41 -57.33 -9.05
C VAL K 44 39.12 -57.66 -10.52
N VAL K 45 38.80 -58.91 -10.85
CA VAL K 45 38.29 -59.25 -12.16
C VAL K 45 36.88 -59.85 -11.98
N LEU K 46 35.97 -59.59 -12.93
CA LEU K 46 34.69 -60.28 -13.06
C LEU K 46 34.68 -60.89 -14.44
N ALA K 47 34.22 -62.12 -14.56
CA ALA K 47 34.28 -62.86 -15.81
C ALA K 47 33.08 -63.81 -15.84
N THR K 48 32.42 -63.90 -17.01
CA THR K 48 31.24 -64.73 -17.13
C THR K 48 31.13 -65.30 -18.54
N GLU K 49 30.47 -66.47 -18.62
CA GLU K 49 30.08 -67.14 -19.84
C GLU K 49 28.94 -66.34 -20.41
N LYS K 50 29.06 -65.89 -21.69
CA LYS K 50 27.96 -65.37 -22.50
C LYS K 50 27.87 -66.12 -23.82
N LYS K 51 27.91 -67.48 -23.75
CA LYS K 51 27.52 -68.35 -24.85
C LYS K 51 26.08 -68.03 -25.26
N GLN K 52 25.88 -67.84 -26.58
CA GLN K 52 24.55 -67.57 -27.11
C GLN K 52 24.08 -68.85 -27.81
N LYS K 53 22.75 -69.00 -27.92
CA LYS K 53 22.05 -70.22 -28.34
C LYS K 53 22.39 -70.58 -29.78
N SER K 54 22.48 -69.53 -30.60
CA SER K 54 22.74 -69.52 -32.04
C SER K 54 23.98 -68.67 -32.30
N ILE K 55 24.12 -68.19 -33.54
CA ILE K 55 25.13 -67.26 -34.06
C ILE K 55 24.37 -66.08 -34.65
N LEU K 56 23.04 -66.07 -34.45
CA LEU K 56 22.13 -65.02 -34.94
C LEU K 56 22.08 -63.85 -33.95
N TYR K 57 22.18 -64.20 -32.64
CA TYR K 57 22.30 -63.29 -31.51
C TYR K 57 23.54 -62.43 -31.70
N ASP K 58 23.34 -61.12 -31.88
CA ASP K 58 24.39 -60.13 -31.94
C ASP K 58 24.98 -60.02 -30.53
N GLU K 59 26.09 -60.76 -30.27
CA GLU K 59 26.68 -60.93 -28.94
C GLU K 59 27.02 -59.56 -28.32
N ARG K 60 27.50 -58.64 -29.19
CA ARG K 60 27.92 -57.29 -28.81
C ARG K 60 26.74 -56.41 -28.36
N SER K 61 25.48 -56.88 -28.52
CA SER K 61 24.28 -56.07 -28.30
C SER K 61 24.03 -55.86 -26.81
N VAL K 62 24.06 -56.97 -26.06
CA VAL K 62 23.76 -56.93 -24.63
C VAL K 62 24.92 -57.54 -23.83
N HIS K 63 25.14 -56.94 -22.65
CA HIS K 63 26.31 -57.10 -21.81
C HIS K 63 25.89 -57.62 -20.44
N LYS K 64 26.57 -58.66 -19.94
CA LYS K 64 26.25 -59.15 -18.63
C LYS K 64 27.13 -58.43 -17.61
N VAL K 65 28.30 -57.88 -18.02
CA VAL K 65 29.22 -57.22 -17.09
C VAL K 65 29.03 -55.73 -17.31
N GLU K 66 28.58 -55.00 -16.27
CA GLU K 66 28.02 -53.67 -16.44
C GLU K 66 28.65 -52.71 -15.46
N PRO K 67 28.99 -51.49 -15.89
CA PRO K 67 29.41 -50.48 -14.95
C PRO K 67 28.26 -49.87 -14.20
N ILE K 68 28.53 -49.54 -12.92
CA ILE K 68 27.62 -48.78 -12.05
C ILE K 68 28.11 -47.34 -11.89
N THR K 69 29.42 -47.18 -11.74
CA THR K 69 30.01 -45.86 -11.55
C THR K 69 31.40 -45.97 -12.13
N LYS K 70 32.24 -44.91 -12.09
CA LYS K 70 33.60 -45.03 -12.62
C LYS K 70 34.37 -46.19 -12.00
N HIS K 71 33.97 -46.57 -10.80
CA HIS K 71 34.83 -47.39 -9.98
C HIS K 71 34.15 -48.67 -9.56
N ILE K 72 32.85 -48.85 -9.88
CA ILE K 72 32.12 -50.07 -9.49
C ILE K 72 31.54 -50.75 -10.72
N GLY K 73 31.56 -52.08 -10.74
CA GLY K 73 30.94 -52.85 -11.81
C GLY K 73 30.27 -54.10 -11.25
N LEU K 74 29.34 -54.67 -12.05
CA LEU K 74 28.51 -55.78 -11.62
C LEU K 74 28.61 -56.89 -12.66
N VAL K 75 28.42 -58.12 -12.20
CA VAL K 75 28.05 -59.25 -13.04
C VAL K 75 27.04 -60.05 -12.22
N TYR K 76 26.42 -61.10 -12.79
CA TYR K 76 25.37 -61.82 -12.11
C TYR K 76 25.33 -63.24 -12.61
N SER K 77 24.63 -64.11 -11.85
CA SER K 77 24.13 -65.40 -12.32
C SER K 77 22.64 -65.44 -12.03
N GLY K 78 21.85 -66.12 -12.88
CA GLY K 78 20.42 -66.34 -12.66
C GLY K 78 19.58 -65.74 -13.78
N MET K 79 18.68 -64.82 -13.47
CA MET K 79 17.69 -64.35 -14.44
C MET K 79 18.02 -62.97 -15.00
N GLY K 80 18.56 -62.96 -16.22
CA GLY K 80 18.94 -61.77 -16.98
C GLY K 80 18.03 -60.59 -16.81
N PRO K 81 16.69 -60.69 -17.05
CA PRO K 81 15.79 -59.54 -16.90
C PRO K 81 15.63 -59.03 -15.46
N ASP K 82 15.83 -59.91 -14.47
CA ASP K 82 15.92 -59.51 -13.07
C ASP K 82 17.21 -58.74 -12.85
N TYR K 83 18.32 -59.22 -13.41
CA TYR K 83 19.58 -58.46 -13.35
C TYR K 83 19.34 -57.04 -13.87
N ARG K 84 18.83 -56.87 -15.08
CA ARG K 84 18.59 -55.53 -15.60
C ARG K 84 17.98 -54.53 -14.59
N VAL K 85 16.95 -54.96 -13.86
CA VAL K 85 16.24 -54.13 -12.88
C VAL K 85 17.21 -53.65 -11.80
N LEU K 86 18.02 -54.60 -11.25
CA LEU K 86 19.06 -54.35 -10.23
C LEU K 86 20.11 -53.37 -10.76
N VAL K 87 20.55 -53.59 -11.99
CA VAL K 87 21.58 -52.71 -12.54
C VAL K 87 21.08 -51.30 -12.55
N HIS K 88 19.87 -51.09 -13.02
CA HIS K 88 19.26 -49.78 -13.06
C HIS K 88 19.13 -49.20 -11.64
N ARG K 89 18.69 -50.00 -10.67
CA ARG K 89 18.57 -49.55 -9.30
C ARG K 89 19.94 -49.18 -8.69
N ALA K 90 20.96 -50.01 -8.87
CA ALA K 90 22.29 -49.69 -8.35
C ALA K 90 22.79 -48.37 -8.94
N ARG K 91 22.60 -48.21 -10.24
CA ARG K 91 22.99 -46.98 -10.89
C ARG K 91 22.26 -45.77 -10.27
N LYS K 92 21.01 -45.94 -9.84
CA LYS K 92 20.27 -44.81 -9.31
C LYS K 92 20.73 -44.52 -7.87
N LEU K 93 21.04 -45.60 -7.12
CA LEU K 93 21.51 -45.51 -5.74
C LEU K 93 22.90 -44.87 -5.72
N ALA K 94 23.77 -45.24 -6.66
CA ALA K 94 25.09 -44.64 -6.68
C ALA K 94 24.96 -43.14 -7.00
N GLN K 95 24.05 -42.75 -7.90
CA GLN K 95 23.89 -41.35 -8.18
C GLN K 95 23.35 -40.57 -6.98
N GLN K 96 22.35 -41.17 -6.30
CA GLN K 96 21.75 -40.56 -5.14
C GLN K 96 22.81 -40.27 -4.08
N TYR K 97 23.72 -41.22 -3.86
CA TYR K 97 24.77 -41.08 -2.90
C TYR K 97 25.71 -39.98 -3.36
N TYR K 98 26.14 -40.02 -4.62
CA TYR K 98 27.00 -38.95 -5.08
C TYR K 98 26.36 -37.55 -4.96
N LEU K 99 25.07 -37.37 -5.19
CA LEU K 99 24.46 -36.07 -5.11
C LEU K 99 24.44 -35.54 -3.67
N VAL K 100 24.55 -36.42 -2.65
CA VAL K 100 24.50 -35.94 -1.28
C VAL K 100 25.93 -35.65 -0.82
N TYR K 101 26.82 -36.64 -0.97
CA TYR K 101 28.13 -36.62 -0.36
C TYR K 101 29.20 -36.07 -1.28
N GLN K 102 28.89 -35.93 -2.58
CA GLN K 102 29.81 -35.46 -3.61
C GLN K 102 31.12 -36.26 -3.58
N GLU K 103 31.05 -37.52 -3.21
CA GLU K 103 32.15 -38.45 -3.37
C GLU K 103 31.56 -39.76 -3.91
N PRO K 104 32.24 -40.47 -4.82
CA PRO K 104 31.65 -41.70 -5.36
C PRO K 104 31.49 -42.78 -4.26
N ILE K 105 30.33 -43.47 -4.32
CA ILE K 105 29.83 -44.31 -3.25
C ILE K 105 30.84 -45.44 -3.03
N PRO K 106 31.24 -45.70 -1.79
CA PRO K 106 32.13 -46.82 -1.55
C PRO K 106 31.44 -48.13 -1.92
N THR K 107 32.22 -49.05 -2.49
CA THR K 107 31.68 -50.34 -2.88
C THR K 107 30.75 -50.96 -1.82
N ALA K 108 31.23 -51.18 -0.58
CA ALA K 108 30.44 -51.78 0.50
C ALA K 108 29.19 -50.92 0.81
N GLN K 109 29.20 -49.61 0.60
CA GLN K 109 27.93 -48.92 0.80
C GLN K 109 26.96 -49.14 -0.39
N LEU K 110 27.49 -49.39 -1.60
CA LEU K 110 26.63 -49.72 -2.72
C LEU K 110 26.03 -51.08 -2.49
N VAL K 111 26.82 -52.03 -1.94
CA VAL K 111 26.36 -53.41 -1.73
C VAL K 111 25.21 -53.52 -0.72
N GLN K 112 25.31 -52.78 0.38
CA GLN K 112 24.31 -52.72 1.41
C GLN K 112 22.98 -52.18 0.88
N ARG K 113 23.01 -51.09 0.08
CA ARG K 113 21.81 -50.48 -0.49
C ARG K 113 21.16 -51.43 -1.50
N VAL K 114 21.96 -52.06 -2.36
CA VAL K 114 21.35 -52.93 -3.34
C VAL K 114 20.78 -54.15 -2.63
N ALA K 115 21.56 -54.77 -1.72
CA ALA K 115 21.08 -55.91 -0.95
C ALA K 115 19.76 -55.62 -0.22
N SER K 116 19.61 -54.39 0.23
CA SER K 116 18.44 -54.00 0.93
C SER K 116 17.21 -54.04 -0.01
N VAL K 117 17.37 -53.68 -1.29
CA VAL K 117 16.31 -53.70 -2.28
C VAL K 117 15.98 -55.18 -2.46
N MET K 118 16.99 -56.05 -2.56
CA MET K 118 16.72 -57.48 -2.61
C MET K 118 15.89 -57.99 -1.40
N GLN K 119 16.22 -57.62 -0.15
CA GLN K 119 15.49 -58.17 0.99
C GLN K 119 14.01 -57.76 0.89
N GLU K 120 13.74 -56.56 0.36
CA GLU K 120 12.35 -56.05 0.36
C GLU K 120 11.41 -56.91 -0.50
N TYR K 121 11.94 -57.52 -1.58
CA TYR K 121 11.23 -58.46 -2.42
C TYR K 121 11.16 -59.85 -1.82
N THR K 122 11.77 -60.09 -0.65
CA THR K 122 11.42 -61.24 0.16
C THR K 122 10.30 -60.97 1.17
N GLN K 123 9.72 -59.76 1.28
CA GLN K 123 8.78 -59.55 2.37
C GLN K 123 7.56 -58.66 1.96
N SER K 124 7.74 -57.85 0.94
CA SER K 124 6.75 -56.93 0.43
C SER K 124 5.59 -57.68 -0.26
N GLY K 125 4.49 -57.00 -0.59
CA GLY K 125 3.29 -57.73 -0.98
C GLY K 125 3.28 -58.06 -2.47
N GLY K 126 2.87 -59.29 -2.82
CA GLY K 126 2.57 -59.60 -4.22
C GLY K 126 3.79 -59.90 -5.11
N VAL K 127 5.02 -59.98 -4.56
CA VAL K 127 6.15 -60.09 -5.46
C VAL K 127 6.94 -61.34 -5.09
N ARG K 128 7.80 -61.80 -6.00
CA ARG K 128 8.66 -62.92 -5.73
C ARG K 128 10.08 -62.37 -5.49
N PRO K 129 11.01 -63.03 -4.77
CA PRO K 129 12.41 -62.54 -4.73
C PRO K 129 13.01 -62.40 -6.13
N PHE K 130 14.24 -61.86 -6.21
CA PHE K 130 14.99 -61.70 -7.46
C PHE K 130 15.63 -63.03 -7.76
N GLY K 131 15.57 -63.51 -9.02
CA GLY K 131 16.23 -64.79 -9.27
C GLY K 131 17.67 -64.58 -9.73
N VAL K 132 18.45 -63.84 -8.94
CA VAL K 132 19.76 -63.35 -9.34
C VAL K 132 20.69 -63.38 -8.15
N SER K 133 21.95 -63.80 -8.27
CA SER K 133 22.97 -63.28 -7.34
C SER K 133 23.83 -62.27 -8.09
N LEU K 134 24.35 -61.26 -7.41
CA LEU K 134 25.29 -60.26 -7.96
C LEU K 134 26.73 -60.57 -7.44
N LEU K 135 27.77 -60.33 -8.25
CA LEU K 135 29.12 -60.02 -7.78
C LEU K 135 29.40 -58.55 -8.10
N ILE K 136 29.83 -57.78 -7.10
CA ILE K 136 30.06 -56.36 -7.30
C ILE K 136 31.53 -56.18 -6.96
N CYS K 137 32.19 -55.41 -7.79
CA CYS K 137 33.58 -55.11 -7.48
C CYS K 137 33.71 -53.60 -7.45
N GLY K 138 34.70 -53.12 -6.70
CA GLY K 138 34.98 -51.69 -6.76
C GLY K 138 36.38 -51.44 -6.21
N TRP K 139 36.82 -50.22 -6.43
CA TRP K 139 38.08 -49.72 -5.95
C TRP K 139 37.78 -48.43 -5.21
N ASN K 140 38.14 -48.36 -3.92
CA ASN K 140 38.00 -47.10 -3.20
C ASN K 140 38.92 -47.13 -1.99
N GLU K 141 39.47 -45.96 -1.61
CA GLU K 141 40.47 -45.89 -0.53
C GLU K 141 41.64 -46.85 -0.83
N GLY K 142 42.15 -46.82 -2.06
CA GLY K 142 43.28 -47.58 -2.54
C GLY K 142 43.26 -49.04 -2.12
N ARG K 143 42.10 -49.67 -2.28
CA ARG K 143 41.85 -51.05 -1.89
C ARG K 143 40.85 -51.61 -2.89
N PRO K 144 41.01 -52.84 -3.39
CA PRO K 144 39.97 -53.44 -4.23
C PRO K 144 38.95 -54.20 -3.37
N TYR K 145 37.67 -54.17 -3.79
CA TYR K 145 36.58 -54.82 -3.09
C TYR K 145 35.78 -55.74 -4.02
N LEU K 146 35.48 -56.96 -3.52
CA LEU K 146 34.55 -57.85 -4.16
C LEU K 146 33.46 -58.39 -3.22
N PHE K 147 32.19 -58.24 -3.60
CA PHE K 147 31.05 -58.71 -2.79
C PHE K 147 30.11 -59.56 -3.63
N GLN K 148 29.41 -60.50 -2.95
CA GLN K 148 28.27 -61.23 -3.49
C GLN K 148 27.02 -60.79 -2.74
N SER K 149 25.94 -60.39 -3.45
CA SER K 149 24.61 -60.21 -2.87
C SER K 149 23.68 -61.30 -3.40
N ASP K 150 23.04 -62.07 -2.50
CA ASP K 150 22.15 -63.14 -2.93
C ASP K 150 20.68 -62.71 -2.97
N PRO K 151 19.73 -63.57 -3.41
CA PRO K 151 18.32 -63.25 -3.35
C PRO K 151 17.69 -63.00 -1.98
N SER K 152 18.27 -63.50 -0.90
CA SER K 152 17.70 -63.18 0.42
C SER K 152 18.03 -61.75 0.82
N GLY K 153 18.97 -61.08 0.13
CA GLY K 153 19.49 -59.80 0.53
C GLY K 153 20.70 -59.87 1.46
N ALA K 154 21.21 -61.07 1.79
CA ALA K 154 22.48 -61.21 2.49
C ALA K 154 23.63 -60.92 1.54
N TYR K 155 24.71 -60.33 2.07
CA TYR K 155 25.92 -60.04 1.33
C TYR K 155 27.12 -60.62 2.05
N PHE K 156 28.21 -60.84 1.31
CA PHE K 156 29.43 -61.40 1.85
C PHE K 156 30.58 -60.80 1.07
N ALA K 157 31.72 -60.59 1.73
CA ALA K 157 32.88 -60.02 1.06
C ALA K 157 33.76 -61.19 0.75
N TRP K 158 34.18 -61.33 -0.53
CA TRP K 158 35.04 -62.46 -0.90
C TRP K 158 36.44 -61.97 -1.32
N LYS K 159 37.43 -62.84 -1.20
CA LYS K 159 38.69 -62.77 -1.91
C LYS K 159 38.48 -63.30 -3.34
N ALA K 160 37.81 -64.46 -3.49
CA ALA K 160 37.38 -65.00 -4.77
C ALA K 160 36.22 -65.97 -4.56
N THR K 161 35.32 -66.05 -5.54
CA THR K 161 34.10 -66.87 -5.48
C THR K 161 33.67 -67.15 -6.93
N ALA K 162 32.79 -68.15 -7.10
CA ALA K 162 32.14 -68.44 -8.35
C ALA K 162 30.68 -68.72 -8.04
N MET K 163 29.82 -68.43 -9.01
CA MET K 163 28.38 -68.64 -8.89
C MET K 163 27.81 -69.05 -10.25
N GLY K 164 26.48 -69.21 -10.32
CA GLY K 164 25.83 -69.88 -11.43
C GLY K 164 26.09 -71.36 -11.46
N LYS K 165 26.03 -71.95 -12.66
CA LYS K 165 26.19 -73.38 -12.88
C LYS K 165 27.60 -73.83 -12.53
N ASN K 166 27.71 -74.87 -11.67
CA ASN K 166 28.98 -75.49 -11.36
C ASN K 166 29.85 -74.60 -10.47
N TYR K 167 29.22 -73.86 -9.55
CA TYR K 167 29.90 -73.01 -8.58
C TYR K 167 30.68 -73.78 -7.50
N VAL K 168 30.18 -74.94 -7.05
CA VAL K 168 30.86 -75.72 -6.02
C VAL K 168 32.21 -76.23 -6.52
N ASN K 169 32.23 -76.81 -7.74
CA ASN K 169 33.46 -77.20 -8.41
C ASN K 169 34.33 -75.97 -8.63
N GLY K 170 33.69 -74.86 -9.02
CA GLY K 170 34.39 -73.63 -9.28
C GLY K 170 35.14 -73.15 -8.04
N LYS K 171 34.47 -73.15 -6.87
CA LYS K 171 35.05 -72.63 -5.64
C LYS K 171 36.29 -73.43 -5.23
N THR K 172 36.15 -74.76 -5.19
CA THR K 172 37.26 -75.68 -4.94
C THR K 172 38.46 -75.36 -5.83
N PHE K 173 38.22 -75.06 -7.12
CA PHE K 173 39.26 -74.66 -8.04
C PHE K 173 39.91 -73.33 -7.63
N LEU K 174 39.15 -72.41 -7.03
CA LEU K 174 39.63 -71.10 -6.60
C LEU K 174 40.31 -71.19 -5.23
N GLU K 175 39.86 -72.08 -4.34
CA GLU K 175 40.62 -72.40 -3.12
C GLU K 175 42.08 -72.65 -3.48
N LYS K 176 42.28 -73.59 -4.42
CA LYS K 176 43.59 -74.14 -4.75
C LYS K 176 44.48 -73.11 -5.45
N ARG K 177 43.90 -72.19 -6.24
CA ARG K 177 44.62 -71.32 -7.16
C ARG K 177 44.81 -69.89 -6.67
N TYR K 178 43.91 -69.41 -5.78
CA TYR K 178 43.95 -68.04 -5.31
C TYR K 178 45.08 -67.91 -4.30
N ASN K 179 45.83 -66.81 -4.37
CA ASN K 179 46.60 -66.33 -3.23
C ASN K 179 46.46 -64.81 -3.16
N GLU K 180 46.76 -64.24 -1.98
CA GLU K 180 46.56 -62.84 -1.67
C GLU K 180 47.51 -61.95 -2.49
N ASP K 181 48.74 -62.46 -2.71
CA ASP K 181 49.84 -61.75 -3.34
C ASP K 181 49.62 -61.55 -4.83
N LEU K 182 48.92 -62.51 -5.45
CA LEU K 182 48.43 -62.54 -6.82
C LEU K 182 48.14 -61.14 -7.36
N GLU K 183 48.78 -60.75 -8.46
CA GLU K 183 48.56 -59.49 -9.17
C GLU K 183 47.33 -59.66 -10.06
N LEU K 184 46.78 -58.53 -10.58
CA LEU K 184 45.59 -58.51 -11.43
C LEU K 184 45.77 -59.40 -12.65
N GLU K 185 46.79 -59.08 -13.46
CA GLU K 185 47.03 -59.72 -14.74
C GLU K 185 46.96 -61.23 -14.60
N ASP K 186 47.53 -61.77 -13.50
CA ASP K 186 47.44 -63.18 -13.15
C ASP K 186 46.01 -63.53 -12.76
N ALA K 187 45.39 -62.76 -11.86
CA ALA K 187 44.01 -62.90 -11.43
C ALA K 187 43.09 -63.16 -12.63
N ILE K 188 43.26 -62.31 -13.67
CA ILE K 188 42.55 -62.43 -14.94
C ILE K 188 42.70 -63.82 -15.55
N HIS K 189 43.90 -64.40 -15.49
CA HIS K 189 44.16 -65.72 -16.04
C HIS K 189 43.38 -66.80 -15.29
N THR K 190 43.41 -66.77 -13.95
CA THR K 190 42.74 -67.76 -13.12
C THR K 190 41.22 -67.52 -13.10
N ALA K 191 40.78 -66.29 -13.32
CA ALA K 191 39.36 -66.06 -13.60
C ALA K 191 38.95 -66.91 -14.81
N ILE K 192 39.55 -66.60 -15.97
CA ILE K 192 39.28 -67.25 -17.24
C ILE K 192 39.43 -68.78 -17.15
N LEU K 193 40.38 -69.27 -16.31
CA LEU K 193 40.58 -70.70 -16.13
C LEU K 193 39.48 -71.35 -15.29
N THR K 194 38.94 -70.66 -14.29
CA THR K 194 37.82 -71.18 -13.51
C THR K 194 36.60 -71.38 -14.41
N LEU K 195 36.35 -70.44 -15.34
CA LEU K 195 35.30 -70.57 -16.34
C LEU K 195 35.49 -71.81 -17.23
N LYS K 196 36.74 -72.05 -17.69
CA LYS K 196 37.08 -73.16 -18.59
C LYS K 196 36.69 -74.50 -17.97
N GLU K 197 36.78 -74.61 -16.64
CA GLU K 197 36.57 -75.87 -15.92
C GLU K 197 35.15 -76.41 -16.12
N SER K 198 34.18 -75.54 -16.45
CA SER K 198 32.76 -75.87 -16.58
C SER K 198 32.21 -75.51 -17.97
N PHE K 199 33.05 -74.95 -18.86
CA PHE K 199 32.64 -74.44 -20.16
C PHE K 199 32.37 -75.63 -21.08
N GLU K 200 31.41 -75.47 -22.00
CA GLU K 200 31.03 -76.50 -22.96
C GLU K 200 32.14 -76.71 -24.00
N GLY K 201 32.25 -75.80 -24.97
CA GLY K 201 33.26 -75.98 -25.99
C GLY K 201 33.72 -74.69 -26.68
N GLN K 202 35.04 -74.47 -26.64
CA GLN K 202 35.75 -73.43 -27.37
C GLN K 202 35.30 -72.03 -26.95
N MET K 203 35.88 -71.61 -25.83
CA MET K 203 35.80 -70.29 -25.23
C MET K 203 36.52 -69.28 -26.12
N THR K 204 35.75 -68.48 -26.87
CA THR K 204 36.27 -67.37 -27.67
C THR K 204 36.21 -66.07 -26.86
N GLU K 205 36.65 -64.97 -27.48
CA GLU K 205 36.67 -63.65 -26.91
C GLU K 205 35.34 -62.93 -27.20
N ASP K 206 34.32 -63.69 -27.68
CA ASP K 206 32.96 -63.19 -27.90
C ASP K 206 31.91 -63.99 -27.12
N ASN K 207 32.30 -65.08 -26.44
CA ASN K 207 31.37 -65.88 -25.66
C ASN K 207 31.80 -65.99 -24.19
N ILE K 208 32.76 -65.17 -23.79
CA ILE K 208 32.91 -64.68 -22.42
C ILE K 208 32.98 -63.16 -22.45
N GLU K 209 32.76 -62.56 -21.29
CA GLU K 209 32.79 -61.14 -21.11
C GLU K 209 33.61 -60.95 -19.85
N VAL K 210 34.45 -59.88 -19.80
CA VAL K 210 35.38 -59.72 -18.67
C VAL K 210 35.46 -58.25 -18.28
N GLY K 211 35.29 -57.94 -17.00
CA GLY K 211 35.42 -56.57 -16.54
C GLY K 211 36.53 -56.52 -15.51
N ILE K 212 37.21 -55.38 -15.41
CA ILE K 212 38.28 -55.24 -14.43
C ILE K 212 38.04 -53.98 -13.67
N CYS K 213 38.56 -53.99 -12.43
CA CYS K 213 38.45 -52.82 -11.58
C CYS K 213 39.78 -52.65 -10.88
N ASN K 214 40.29 -51.41 -10.92
CA ASN K 214 41.55 -51.01 -10.31
C ASN K 214 41.51 -49.49 -10.11
N GLU K 215 42.65 -48.91 -9.67
CA GLU K 215 42.82 -47.48 -9.45
C GLU K 215 42.21 -46.68 -10.60
N ALA K 216 42.48 -47.08 -11.86
CA ALA K 216 42.03 -46.33 -13.04
C ALA K 216 40.50 -46.27 -13.12
N GLY K 217 39.84 -47.27 -12.52
CA GLY K 217 38.41 -47.39 -12.58
C GLY K 217 37.98 -48.81 -12.91
N PHE K 218 36.71 -48.94 -13.32
CA PHE K 218 36.08 -50.21 -13.71
C PHE K 218 35.91 -50.15 -15.22
N ARG K 219 36.17 -51.25 -15.89
CA ARG K 219 35.83 -51.29 -17.32
C ARG K 219 35.62 -52.72 -17.75
N ARG K 220 34.88 -52.85 -18.86
CA ARG K 220 34.68 -54.11 -19.56
C ARG K 220 35.90 -54.26 -20.47
N LEU K 221 36.69 -55.33 -20.30
CA LEU K 221 37.68 -55.71 -21.32
C LEU K 221 36.98 -55.75 -22.68
N THR K 222 37.71 -55.29 -23.70
CA THR K 222 37.24 -55.27 -25.08
C THR K 222 37.49 -56.65 -25.63
N PRO K 223 36.74 -57.13 -26.66
CA PRO K 223 36.87 -58.51 -27.14
C PRO K 223 38.28 -58.75 -27.63
N THR K 224 38.87 -57.72 -28.27
CA THR K 224 40.26 -57.69 -28.72
C THR K 224 41.25 -58.04 -27.60
N GLU K 225 41.02 -57.50 -26.38
CA GLU K 225 41.84 -57.73 -25.20
C GLU K 225 41.61 -59.14 -24.67
N VAL K 226 40.35 -59.59 -24.65
CA VAL K 226 40.02 -60.91 -24.14
C VAL K 226 40.78 -61.96 -24.94
N LYS K 227 40.89 -61.72 -26.27
CA LYS K 227 41.59 -62.57 -27.23
C LYS K 227 43.05 -62.75 -26.81
N ASP K 228 43.75 -61.63 -26.57
CA ASP K 228 45.13 -61.65 -26.07
C ASP K 228 45.23 -62.57 -24.87
N TYR K 229 44.30 -62.40 -23.90
CA TYR K 229 44.27 -63.15 -22.65
C TYR K 229 43.99 -64.63 -22.89
N LEU K 230 43.27 -64.93 -23.99
CA LEU K 230 43.08 -66.30 -24.46
C LEU K 230 44.25 -66.71 -25.39
N PHE L 30 -11.55 -8.94 -8.84
CA PHE L 30 -12.94 -9.36 -9.15
C PHE L 30 -13.72 -9.59 -7.85
N SER L 31 -14.90 -8.97 -7.80
CA SER L 31 -15.76 -9.10 -6.66
C SER L 31 -16.81 -10.18 -6.95
N PRO L 32 -17.01 -11.10 -6.02
CA PRO L 32 -18.00 -12.17 -6.20
C PRO L 32 -19.40 -11.80 -5.70
N TYR L 33 -19.57 -10.55 -5.26
CA TYR L 33 -20.89 -10.11 -4.79
C TYR L 33 -21.40 -8.97 -5.67
N ALA L 34 -22.69 -8.67 -5.51
CA ALA L 34 -23.39 -7.56 -6.15
C ALA L 34 -24.61 -7.23 -5.27
N PHE L 35 -24.90 -5.95 -5.16
CA PHE L 35 -26.05 -5.53 -4.36
C PHE L 35 -27.22 -5.39 -5.33
N ASN L 36 -28.24 -6.21 -5.17
CA ASN L 36 -29.35 -6.20 -6.12
C ASN L 36 -30.63 -5.59 -5.53
N GLY L 37 -30.51 -4.99 -4.33
CA GLY L 37 -31.61 -4.27 -3.73
C GLY L 37 -32.79 -5.15 -3.31
N GLY L 38 -33.87 -4.47 -2.93
CA GLY L 38 -35.08 -5.20 -2.55
C GLY L 38 -35.31 -5.16 -1.04
N THR L 39 -36.58 -5.14 -0.63
CA THR L 39 -36.95 -5.15 0.76
C THR L 39 -37.95 -6.29 1.03
N VAL L 40 -37.83 -6.92 2.17
CA VAL L 40 -38.70 -8.03 2.57
C VAL L 40 -39.26 -7.70 3.95
N LEU L 41 -40.52 -8.03 4.17
CA LEU L 41 -41.15 -7.80 5.45
C LEU L 41 -41.99 -9.02 5.83
N ALA L 42 -41.96 -9.41 7.10
CA ALA L 42 -42.84 -10.47 7.63
C ALA L 42 -43.59 -9.95 8.86
N ILE L 43 -44.86 -10.34 8.97
CA ILE L 43 -45.69 -9.99 10.12
C ILE L 43 -46.45 -11.21 10.62
N ALA L 44 -46.41 -11.46 11.93
CA ALA L 44 -47.08 -12.62 12.49
C ALA L 44 -48.36 -12.19 13.22
N GLY L 45 -49.43 -12.91 12.94
CA GLY L 45 -50.70 -12.63 13.59
C GLY L 45 -51.13 -13.86 14.40
N GLU L 46 -52.32 -13.81 14.99
CA GLU L 46 -52.77 -14.91 15.84
C GLU L 46 -52.97 -16.17 15.02
N ASP L 47 -53.57 -16.03 13.83
CA ASP L 47 -53.82 -17.20 13.01
C ASP L 47 -53.37 -16.96 11.58
N PHE L 48 -52.35 -16.12 11.38
CA PHE L 48 -51.87 -15.83 10.03
C PHE L 48 -50.45 -15.31 10.07
N SER L 49 -49.83 -15.32 8.89
CA SER L 49 -48.47 -14.78 8.70
C SER L 49 -48.46 -14.11 7.32
N ILE L 50 -47.94 -12.90 7.26
CA ILE L 50 -47.76 -12.22 5.98
C ILE L 50 -46.28 -12.09 5.62
N VAL L 51 -45.92 -12.49 4.39
CA VAL L 51 -44.57 -12.18 3.89
C VAL L 51 -44.70 -11.37 2.60
N ALA L 52 -44.14 -10.18 2.58
CA ALA L 52 -44.23 -9.29 1.43
C ALA L 52 -42.85 -8.77 1.00
N SER L 53 -42.75 -8.39 -0.27
CA SER L 53 -41.51 -7.84 -0.81
C SER L 53 -41.79 -7.08 -2.09
N ASP L 54 -40.85 -6.23 -2.51
CA ASP L 54 -41.02 -5.52 -3.78
C ASP L 54 -40.48 -6.43 -4.92
N THR L 55 -40.67 -6.01 -6.17
CA THR L 55 -40.28 -6.87 -7.28
C THR L 55 -39.17 -6.25 -8.13
N ARG L 56 -38.53 -5.18 -7.65
CA ARG L 56 -37.42 -4.60 -8.42
C ARG L 56 -36.12 -5.36 -8.24
N LEU L 57 -35.43 -5.62 -9.34
CA LEU L 57 -34.10 -6.23 -9.28
C LEU L 57 -33.14 -5.21 -9.88
N SER L 58 -32.22 -4.73 -9.07
CA SER L 58 -31.32 -3.67 -9.52
C SER L 58 -29.85 -4.11 -9.51
N GLU L 59 -29.04 -3.25 -10.17
CA GLU L 59 -27.60 -3.42 -10.20
C GLU L 59 -27.02 -2.07 -10.54
N GLY L 60 -26.23 -1.51 -9.65
CA GLY L 60 -25.65 -0.23 -9.88
C GLY L 60 -26.79 0.80 -9.84
N PHE L 61 -26.97 1.52 -10.94
CA PHE L 61 -28.02 2.50 -11.04
C PHE L 61 -29.09 2.10 -12.05
N SER L 62 -29.06 0.83 -12.48
CA SER L 62 -29.96 0.34 -13.49
C SER L 62 -30.93 -0.68 -12.91
N ILE L 63 -31.97 -1.01 -13.68
CA ILE L 63 -32.93 -2.01 -13.30
C ILE L 63 -32.79 -3.20 -14.22
N HIS L 64 -32.58 -4.37 -13.63
CA HIS L 64 -32.50 -5.63 -14.40
C HIS L 64 -33.89 -5.95 -14.89
N THR L 65 -34.87 -5.90 -13.98
CA THR L 65 -36.24 -6.24 -14.27
C THR L 65 -37.15 -5.70 -13.15
N ARG L 66 -38.40 -5.41 -13.48
CA ARG L 66 -39.34 -4.89 -12.53
C ARG L 66 -40.22 -6.00 -11.99
N ASP L 67 -39.98 -7.23 -12.42
CA ASP L 67 -40.84 -8.34 -12.04
C ASP L 67 -40.05 -9.52 -11.45
N SER L 68 -39.33 -9.25 -10.37
CA SER L 68 -38.54 -10.27 -9.67
C SER L 68 -38.93 -10.27 -8.20
N PRO L 69 -39.94 -11.07 -7.82
CA PRO L 69 -40.40 -11.17 -6.41
C PRO L 69 -39.35 -11.82 -5.54
N LYS L 70 -39.34 -11.47 -4.26
CA LYS L 70 -38.35 -11.96 -3.32
C LYS L 70 -38.88 -12.98 -2.29
N CYS L 71 -40.14 -13.40 -2.43
CA CYS L 71 -40.71 -14.37 -1.53
C CYS L 71 -40.93 -15.70 -2.23
N TYR L 72 -40.50 -16.79 -1.60
CA TYR L 72 -40.62 -18.12 -2.15
C TYR L 72 -41.49 -18.99 -1.24
N LYS L 73 -42.30 -19.89 -1.80
CA LYS L 73 -43.06 -20.81 -0.99
C LYS L 73 -42.18 -22.04 -0.67
N LEU L 74 -42.12 -22.35 0.62
CA LEU L 74 -41.36 -23.49 1.06
C LEU L 74 -42.30 -24.68 1.17
N THR L 75 -43.36 -24.54 1.97
CA THR L 75 -44.30 -25.62 2.24
C THR L 75 -45.67 -24.99 2.16
N ASP L 76 -46.68 -25.67 2.69
CA ASP L 76 -48.03 -25.11 2.65
C ASP L 76 -48.24 -24.06 3.73
N LYS L 77 -47.39 -24.05 4.77
CA LYS L 77 -47.49 -22.99 5.76
C LYS L 77 -46.21 -22.23 6.09
N THR L 78 -45.28 -22.19 5.12
CA THR L 78 -44.03 -21.45 5.33
C THR L 78 -43.62 -20.67 4.09
N VAL L 79 -43.29 -19.40 4.23
CA VAL L 79 -42.75 -18.60 3.12
C VAL L 79 -41.44 -17.94 3.55
N ILE L 80 -40.50 -17.83 2.63
CA ILE L 80 -39.24 -17.16 2.90
C ILE L 80 -39.04 -15.94 1.98
N GLY L 81 -38.64 -14.84 2.56
CA GLY L 81 -38.27 -13.66 1.81
C GLY L 81 -36.76 -13.54 1.79
N CYS L 82 -36.19 -13.36 0.63
CA CYS L 82 -34.73 -13.24 0.50
C CYS L 82 -34.34 -11.98 -0.29
N SER L 83 -33.38 -11.24 0.26
CA SER L 83 -32.91 -10.03 -0.41
C SER L 83 -31.40 -9.93 -0.32
N GLY L 84 -30.79 -9.09 -1.13
CA GLY L 84 -29.33 -9.05 -1.07
C GLY L 84 -28.74 -9.34 -2.45
N PHE L 85 -27.72 -10.15 -2.45
CA PHE L 85 -27.08 -10.54 -3.70
C PHE L 85 -28.01 -11.57 -4.36
N HIS L 86 -28.50 -11.27 -5.55
CA HIS L 86 -29.49 -12.16 -6.20
C HIS L 86 -28.90 -13.51 -6.55
N GLY L 87 -27.58 -13.52 -6.89
CA GLY L 87 -26.91 -14.78 -7.19
C GLY L 87 -27.07 -15.72 -5.99
N ASP L 88 -26.79 -15.22 -4.79
CA ASP L 88 -26.90 -16.06 -3.60
C ASP L 88 -28.35 -16.35 -3.25
N CYS L 89 -29.23 -15.41 -3.52
CA CYS L 89 -30.65 -15.63 -3.26
C CYS L 89 -31.20 -16.81 -4.08
N LEU L 90 -30.80 -16.92 -5.35
CA LEU L 90 -31.23 -18.01 -6.22
C LEU L 90 -30.65 -19.34 -5.70
N THR L 91 -29.36 -19.36 -5.39
CA THR L 91 -28.71 -20.58 -4.97
C THR L 91 -29.22 -21.05 -3.62
N LEU L 92 -29.42 -20.13 -2.67
CA LEU L 92 -29.85 -20.48 -1.33
C LEU L 92 -31.28 -21.03 -1.35
N THR L 93 -32.16 -20.46 -2.16
CA THR L 93 -33.54 -20.96 -2.21
C THR L 93 -33.61 -22.35 -2.81
N LYS L 94 -32.71 -22.67 -3.74
CA LYS L 94 -32.74 -23.99 -4.34
C LYS L 94 -32.12 -25.00 -3.39
N ILE L 95 -31.19 -24.56 -2.54
CA ILE L 95 -30.58 -25.47 -1.57
C ILE L 95 -31.61 -25.78 -0.48
N ILE L 96 -32.40 -24.77 -0.08
CA ILE L 96 -33.40 -24.99 0.94
C ILE L 96 -34.51 -25.90 0.39
N GLU L 97 -34.89 -25.74 -0.85
CA GLU L 97 -35.89 -26.59 -1.47
C GLU L 97 -35.46 -28.05 -1.52
N ALA L 98 -34.18 -28.27 -1.82
CA ALA L 98 -33.64 -29.63 -1.86
C ALA L 98 -33.59 -30.26 -0.46
N ARG L 99 -33.26 -29.46 0.57
CA ARG L 99 -33.15 -29.98 1.93
C ARG L 99 -34.54 -30.34 2.49
N LEU L 100 -35.59 -29.60 2.08
CA LEU L 100 -36.95 -29.90 2.49
C LEU L 100 -37.36 -31.27 1.97
N LYS L 101 -37.04 -31.57 0.73
CA LYS L 101 -37.38 -32.86 0.15
C LYS L 101 -36.57 -33.97 0.80
N MET L 102 -35.31 -33.67 1.12
CA MET L 102 -34.46 -34.68 1.73
C MET L 102 -35.00 -35.02 3.12
N TYR L 103 -35.46 -33.99 3.84
CA TYR L 103 -35.98 -34.18 5.17
C TYR L 103 -37.27 -34.98 5.12
N LYS L 104 -38.12 -34.67 4.13
CA LYS L 104 -39.38 -35.38 4.00
C LYS L 104 -39.17 -36.84 3.66
N HIS L 105 -38.14 -37.15 2.88
CA HIS L 105 -37.85 -38.51 2.46
C HIS L 105 -37.38 -39.37 3.62
N SER L 106 -36.61 -38.79 4.53
CA SER L 106 -36.01 -39.53 5.63
C SER L 106 -36.83 -39.49 6.91
N ASN L 107 -37.79 -38.58 7.01
CA ASN L 107 -38.55 -38.44 8.25
C ASN L 107 -40.06 -38.64 8.03
N ASN L 108 -40.49 -38.75 6.76
CA ASN L 108 -41.88 -38.95 6.42
C ASN L 108 -42.80 -37.84 6.92
N LYS L 109 -42.32 -36.59 6.96
CA LYS L 109 -43.17 -35.47 7.32
C LYS L 109 -42.58 -34.18 6.75
N THR L 110 -43.43 -33.14 6.67
CA THR L 110 -42.98 -31.89 6.13
C THR L 110 -42.29 -31.12 7.24
N MET L 111 -41.20 -30.43 6.91
CA MET L 111 -40.50 -29.66 7.94
C MET L 111 -41.44 -28.60 8.48
N THR L 112 -41.42 -28.42 9.80
CA THR L 112 -42.18 -27.32 10.42
C THR L 112 -41.44 -26.00 10.21
N THR L 113 -42.14 -24.90 10.41
CA THR L 113 -41.58 -23.56 10.22
C THR L 113 -40.37 -23.42 11.13
N GLY L 114 -40.47 -23.86 12.40
CA GLY L 114 -39.37 -23.75 13.33
C GLY L 114 -38.18 -24.61 12.96
N ALA L 115 -38.41 -25.79 12.43
CA ALA L 115 -37.30 -26.67 12.01
C ALA L 115 -36.61 -26.06 10.80
N ILE L 116 -37.38 -25.41 9.91
CA ILE L 116 -36.80 -24.77 8.74
C ILE L 116 -35.89 -23.62 9.18
N ALA L 117 -36.36 -22.86 10.19
CA ALA L 117 -35.57 -21.76 10.73
C ALA L 117 -34.25 -22.24 11.29
N ALA L 118 -34.29 -23.33 12.08
CA ALA L 118 -33.09 -23.84 12.71
C ALA L 118 -32.15 -24.40 11.64
N MET L 119 -32.69 -25.07 10.60
CA MET L 119 -31.83 -25.63 9.58
C MET L 119 -31.17 -24.49 8.79
N LEU L 120 -31.94 -23.42 8.46
CA LEU L 120 -31.39 -22.32 7.68
C LEU L 120 -30.18 -21.73 8.41
N SER L 121 -30.31 -21.54 9.73
CA SER L 121 -29.20 -21.05 10.56
C SER L 121 -27.88 -21.80 10.30
N THR L 122 -27.94 -23.12 10.33
CA THR L 122 -26.75 -23.94 10.09
C THR L 122 -26.26 -23.88 8.65
N ILE L 123 -27.17 -23.71 7.70
CA ILE L 123 -26.78 -23.61 6.30
C ILE L 123 -26.00 -22.33 6.09
N LEU L 124 -26.50 -21.25 6.69
CA LEU L 124 -25.86 -19.95 6.56
C LEU L 124 -24.52 -19.95 7.31
N TYR L 125 -24.41 -20.63 8.45
CA TYR L 125 -23.16 -20.66 9.16
C TYR L 125 -22.11 -21.56 8.48
N SER L 126 -22.54 -22.48 7.62
CA SER L 126 -21.61 -23.36 6.92
C SER L 126 -20.67 -22.53 6.01
N ARG L 127 -21.15 -21.45 5.43
CA ARG L 127 -20.37 -20.55 4.62
C ARG L 127 -19.91 -19.38 5.49
N ARG L 128 -19.45 -19.60 6.72
CA ARG L 128 -19.09 -18.48 7.60
C ARG L 128 -17.87 -17.71 7.11
N PHE L 129 -16.98 -18.34 6.32
CA PHE L 129 -15.82 -17.64 5.79
C PHE L 129 -15.92 -17.23 4.31
N PHE L 130 -17.07 -17.44 3.69
CA PHE L 130 -17.38 -16.92 2.33
C PHE L 130 -18.91 -16.88 2.29
N PRO L 131 -19.48 -16.00 3.09
CA PRO L 131 -20.90 -15.92 3.41
C PRO L 131 -21.85 -15.53 2.28
N TYR L 132 -23.06 -16.10 2.33
CA TYR L 132 -24.15 -15.74 1.47
C TYR L 132 -24.54 -14.32 1.81
N TYR L 133 -24.68 -13.45 0.81
CA TYR L 133 -25.05 -12.09 1.14
C TYR L 133 -26.54 -11.98 0.98
N VAL L 134 -27.28 -12.61 1.90
CA VAL L 134 -28.73 -12.66 1.84
C VAL L 134 -29.31 -12.25 3.18
N TYR L 135 -30.37 -11.48 3.19
CA TYR L 135 -31.09 -11.20 4.43
C TYR L 135 -32.39 -11.99 4.39
N ASN L 136 -32.47 -13.04 5.19
CA ASN L 136 -33.64 -13.93 5.18
C ASN L 136 -34.65 -13.58 6.25
N ILE L 137 -35.94 -13.76 5.88
CA ILE L 137 -37.05 -13.55 6.79
C ILE L 137 -38.04 -14.65 6.49
N ILE L 138 -38.21 -15.58 7.45
CA ILE L 138 -39.19 -16.64 7.33
C ILE L 138 -40.51 -16.27 7.94
N GLY L 139 -41.59 -16.55 7.21
CA GLY L 139 -42.95 -16.25 7.70
C GLY L 139 -43.79 -17.51 7.54
N GLY L 140 -44.53 -17.88 8.58
CA GLY L 140 -45.40 -19.04 8.48
C GLY L 140 -46.23 -19.26 9.71
N LEU L 141 -46.72 -20.48 9.85
CA LEU L 141 -47.50 -20.86 11.02
C LEU L 141 -46.73 -21.91 11.79
N ASP L 142 -46.86 -21.86 13.12
CA ASP L 142 -46.14 -22.81 13.97
C ASP L 142 -47.00 -24.04 14.21
N GLU L 143 -46.58 -24.91 15.14
CA GLU L 143 -47.30 -26.16 15.38
C GLU L 143 -48.67 -25.95 15.99
N GLU L 144 -48.86 -24.85 16.72
CA GLU L 144 -50.14 -24.57 17.35
C GLU L 144 -51.07 -23.82 16.41
N GLY L 145 -50.56 -23.44 15.23
CA GLY L 145 -51.33 -22.76 14.19
C GLY L 145 -51.29 -21.23 14.34
N LYS L 146 -50.32 -20.72 15.09
CA LYS L 146 -50.18 -19.30 15.30
C LYS L 146 -49.15 -18.74 14.32
N GLY L 147 -49.28 -17.46 14.01
CA GLY L 147 -48.32 -16.84 13.14
C GLY L 147 -46.93 -16.87 13.73
N ALA L 148 -45.95 -17.16 12.90
CA ALA L 148 -44.55 -17.17 13.34
C ALA L 148 -43.69 -16.41 12.35
N VAL L 149 -42.72 -15.64 12.84
CA VAL L 149 -41.77 -14.98 11.97
C VAL L 149 -40.35 -15.11 12.50
N TYR L 150 -39.43 -15.67 11.67
CA TYR L 150 -38.04 -15.77 12.07
C TYR L 150 -37.14 -14.85 11.23
N SER L 151 -36.35 -14.02 11.87
CA SER L 151 -35.45 -13.11 11.15
C SER L 151 -34.04 -13.67 11.19
N PHE L 152 -33.24 -13.38 10.20
CA PHE L 152 -31.87 -13.95 10.15
C PHE L 152 -30.85 -12.87 9.75
N ASP L 153 -29.62 -12.98 10.23
CA ASP L 153 -28.51 -12.20 9.68
C ASP L 153 -27.75 -13.09 8.66
N PRO L 154 -26.87 -12.51 7.85
CA PRO L 154 -26.25 -13.25 6.76
C PRO L 154 -25.56 -14.49 7.24
N VAL L 155 -24.88 -14.52 8.40
CA VAL L 155 -24.12 -15.70 8.84
C VAL L 155 -24.95 -16.64 9.69
N GLY L 156 -26.24 -16.34 9.91
CA GLY L 156 -27.08 -17.36 10.53
C GLY L 156 -27.73 -17.04 11.88
N SER L 157 -27.30 -15.97 12.55
CA SER L 157 -27.87 -15.67 13.83
C SER L 157 -29.35 -15.42 13.57
N TYR L 158 -30.22 -16.07 14.33
CA TYR L 158 -31.64 -15.84 14.12
C TYR L 158 -32.44 -15.88 15.42
N GLN L 159 -33.65 -15.33 15.34
CA GLN L 159 -34.58 -15.39 16.45
C GLN L 159 -36.02 -15.23 15.95
N ARG L 160 -36.98 -15.61 16.77
CA ARG L 160 -38.37 -15.43 16.45
C ARG L 160 -38.82 -14.01 16.80
N ASP L 161 -39.57 -13.38 15.89
CA ASP L 161 -40.07 -12.04 16.15
C ASP L 161 -41.57 -11.96 15.90
N SER L 162 -42.16 -10.82 16.19
CA SER L 162 -43.58 -10.61 15.97
C SER L 162 -43.76 -9.99 14.60
N PHE L 163 -42.78 -9.19 14.17
CA PHE L 163 -42.76 -8.55 12.86
C PHE L 163 -41.34 -8.09 12.60
N LYS L 164 -40.87 -8.24 11.37
CA LYS L 164 -39.53 -7.83 11.02
C LYS L 164 -39.43 -7.36 9.57
N ALA L 165 -38.62 -6.33 9.35
CA ALA L 165 -38.33 -5.85 7.99
C ALA L 165 -36.88 -6.14 7.71
N GLY L 166 -36.53 -6.57 6.50
CA GLY L 166 -35.19 -6.86 6.07
C GLY L 166 -34.90 -6.16 4.73
N GLY L 167 -33.60 -6.11 4.34
CA GLY L 167 -33.19 -5.65 3.04
C GLY L 167 -32.98 -4.14 2.94
N SER L 168 -33.02 -3.63 1.72
CA SER L 168 -32.70 -2.26 1.32
C SER L 168 -33.37 -1.16 2.19
N ALA L 169 -34.68 -1.16 2.31
CA ALA L 169 -35.37 -0.17 3.09
C ALA L 169 -35.82 -0.67 4.47
N SER L 170 -35.07 -1.62 5.07
CA SER L 170 -35.44 -2.15 6.38
C SER L 170 -35.38 -1.10 7.49
N ALA L 171 -34.44 -0.15 7.43
CA ALA L 171 -34.39 0.87 8.48
C ALA L 171 -35.49 1.92 8.34
N MET L 172 -36.10 2.05 7.16
CA MET L 172 -37.25 2.93 7.01
C MET L 172 -38.54 2.29 7.52
N LEU L 173 -38.70 0.98 7.35
CA LEU L 173 -39.91 0.27 7.73
C LEU L 173 -39.97 -0.14 9.23
N GLN L 174 -38.87 -0.64 9.80
CA GLN L 174 -38.90 -1.19 11.14
C GLN L 174 -39.48 -0.21 12.20
N PRO L 175 -39.03 1.04 12.23
CA PRO L 175 -39.48 2.01 13.24
C PRO L 175 -40.98 2.21 13.15
N LEU L 176 -41.54 2.23 11.92
CA LEU L 176 -42.96 2.41 11.76
C LEU L 176 -43.70 1.19 12.32
N LEU L 177 -43.14 0.01 12.10
CA LEU L 177 -43.74 -1.21 12.60
C LEU L 177 -43.70 -1.21 14.12
N ASP L 178 -42.62 -0.70 14.72
CA ASP L 178 -42.49 -0.63 16.16
C ASP L 178 -43.59 0.23 16.77
N ASN L 179 -43.89 1.33 16.12
CA ASN L 179 -44.88 2.30 16.61
C ASN L 179 -46.32 1.87 16.33
N GLN L 180 -46.59 1.32 15.13
CA GLN L 180 -47.94 0.95 14.72
C GLN L 180 -48.34 -0.47 15.13
N VAL L 181 -47.42 -1.41 15.09
CA VAL L 181 -47.73 -2.78 15.50
C VAL L 181 -47.40 -3.07 16.97
N GLY L 182 -46.23 -2.64 17.42
CA GLY L 182 -45.78 -2.89 18.78
C GLY L 182 -46.27 -1.84 19.78
N PHE L 183 -46.88 -0.78 19.26
CA PHE L 183 -47.39 0.34 20.06
C PHE L 183 -46.32 0.98 20.91
N LYS L 184 -45.09 1.11 20.39
CA LYS L 184 -44.00 1.70 21.16
C LYS L 184 -44.16 3.23 21.16
N ASN L 185 -43.81 3.83 22.30
CA ASN L 185 -43.81 5.28 22.48
C ASN L 185 -45.20 5.88 22.48
N MET L 186 -46.22 5.09 22.80
CA MET L 186 -47.58 5.61 22.82
C MET L 186 -48.18 5.40 24.22
N GLN L 187 -48.88 6.43 24.70
CA GLN L 187 -49.49 6.37 26.02
C GLN L 187 -51.01 6.26 25.89
N ASN L 188 -51.63 5.56 26.85
CA ASN L 188 -53.07 5.44 26.91
C ASN L 188 -53.64 4.92 25.59
N VAL L 189 -53.02 3.85 25.06
CA VAL L 189 -53.46 3.26 23.81
C VAL L 189 -53.81 1.80 24.02
N GLU L 190 -54.97 1.40 23.50
CA GLU L 190 -55.41 0.03 23.61
C GLU L 190 -54.53 -0.85 22.73
N HIS L 191 -53.98 -1.91 23.34
CA HIS L 191 -53.11 -2.83 22.60
C HIS L 191 -53.93 -3.98 22.02
N VAL L 192 -54.82 -3.65 21.08
CA VAL L 192 -55.69 -4.61 20.44
C VAL L 192 -54.90 -5.56 19.56
N PRO L 193 -55.29 -6.84 19.48
CA PRO L 193 -54.58 -7.80 18.63
C PRO L 193 -54.71 -7.41 17.16
N LEU L 194 -53.62 -7.61 16.41
CA LEU L 194 -53.53 -7.21 15.02
C LEU L 194 -54.34 -8.14 14.11
N SER L 195 -55.39 -7.54 13.47
CA SER L 195 -56.21 -8.32 12.57
C SER L 195 -55.53 -8.49 11.22
N LEU L 196 -55.98 -9.47 10.42
CA LEU L 196 -55.42 -9.65 9.08
C LEU L 196 -55.68 -8.41 8.22
N ASP L 197 -56.88 -7.87 8.32
CA ASP L 197 -57.25 -6.70 7.55
C ASP L 197 -56.31 -5.52 7.82
N ARG L 198 -56.13 -5.15 9.09
CA ARG L 198 -55.26 -4.07 9.47
C ARG L 198 -53.80 -4.35 9.09
N ALA L 199 -53.37 -5.61 9.23
CA ALA L 199 -52.02 -6.00 8.88
C ALA L 199 -51.75 -5.78 7.39
N MET L 200 -52.74 -6.07 6.55
CA MET L 200 -52.59 -5.92 5.12
C MET L 200 -52.47 -4.45 4.74
N ARG L 201 -53.29 -3.59 5.38
CA ARG L 201 -53.26 -2.16 5.09
C ARG L 201 -51.93 -1.55 5.54
N LEU L 202 -51.36 -2.07 6.63
CA LEU L 202 -50.10 -1.59 7.15
C LEU L 202 -48.98 -1.93 6.19
N VAL L 203 -49.00 -3.15 5.65
CA VAL L 203 -47.95 -3.63 4.77
C VAL L 203 -47.95 -2.77 3.50
N LYS L 204 -49.12 -2.59 2.90
CA LYS L 204 -49.23 -1.75 1.70
C LYS L 204 -48.78 -0.30 1.95
N ASP L 205 -49.15 0.26 3.09
CA ASP L 205 -48.77 1.61 3.45
C ASP L 205 -47.25 1.76 3.60
N VAL L 206 -46.60 0.90 4.37
CA VAL L 206 -45.18 1.05 4.64
C VAL L 206 -44.37 0.84 3.37
N PHE L 207 -44.83 -0.03 2.48
CA PHE L 207 -44.10 -0.26 1.23
C PHE L 207 -44.26 0.92 0.27
N ILE L 208 -45.40 1.61 0.35
CA ILE L 208 -45.62 2.78 -0.48
C ILE L 208 -44.69 3.89 -0.02
N SER L 209 -44.51 4.03 1.28
CA SER L 209 -43.62 5.02 1.85
C SER L 209 -42.16 4.70 1.56
N ALA L 210 -41.83 3.42 1.48
CA ALA L 210 -40.46 3.03 1.23
C ALA L 210 -40.12 3.23 -0.25
N ALA L 211 -41.14 3.18 -1.11
CA ALA L 211 -40.93 3.39 -2.54
C ALA L 211 -40.59 4.84 -2.87
N GLU L 212 -40.99 5.77 -2.01
CA GLU L 212 -40.71 7.18 -2.16
C GLU L 212 -39.26 7.50 -1.79
N ARG L 213 -38.76 6.83 -0.77
CA ARG L 213 -37.45 7.17 -0.25
C ARG L 213 -36.30 6.28 -0.65
N ASP L 214 -36.55 4.98 -0.71
CA ASP L 214 -35.49 4.07 -1.11
C ASP L 214 -35.52 3.90 -2.64
N VAL L 215 -34.36 4.11 -3.27
CA VAL L 215 -34.32 4.02 -4.74
C VAL L 215 -34.41 2.57 -5.22
N TYR L 216 -34.04 1.62 -4.36
CA TYR L 216 -34.02 0.20 -4.72
C TYR L 216 -35.41 -0.46 -4.61
N THR L 217 -36.34 0.18 -3.91
CA THR L 217 -37.67 -0.35 -3.72
C THR L 217 -38.63 0.31 -4.67
N GLY L 218 -39.43 -0.52 -5.38
CA GLY L 218 -40.39 0.06 -6.32
C GLY L 218 -41.07 -1.01 -7.18
N ASP L 219 -41.63 -0.55 -8.30
CA ASP L 219 -42.31 -1.40 -9.27
C ASP L 219 -43.61 -2.00 -8.77
N ALA L 220 -43.51 -3.02 -7.90
CA ALA L 220 -44.71 -3.68 -7.41
C ALA L 220 -44.47 -4.38 -6.09
N LEU L 221 -45.55 -4.57 -5.34
CA LEU L 221 -45.49 -5.23 -4.03
C LEU L 221 -46.18 -6.57 -4.09
N ARG L 222 -45.45 -7.62 -3.73
CA ARG L 222 -46.03 -8.95 -3.69
C ARG L 222 -46.28 -9.32 -2.23
N ILE L 223 -47.54 -9.59 -1.90
CA ILE L 223 -47.90 -9.97 -0.53
C ILE L 223 -48.41 -11.42 -0.47
N CYS L 224 -47.78 -12.22 0.38
CA CYS L 224 -48.23 -13.59 0.59
C CYS L 224 -48.83 -13.71 2.00
N ILE L 225 -50.10 -14.13 2.08
CA ILE L 225 -50.76 -14.32 3.37
C ILE L 225 -50.81 -15.81 3.67
N VAL L 226 -50.27 -16.22 4.82
CA VAL L 226 -50.27 -17.63 5.20
C VAL L 226 -51.25 -17.91 6.34
N THR L 227 -52.32 -18.64 6.03
CA THR L 227 -53.30 -19.03 7.03
C THR L 227 -53.45 -20.54 7.00
N LYS L 228 -54.45 -21.09 7.72
CA LYS L 228 -54.64 -22.55 7.71
C LYS L 228 -55.29 -23.07 6.42
N GLU L 229 -55.92 -22.17 5.67
CA GLU L 229 -56.55 -22.54 4.41
C GLU L 229 -55.53 -22.71 3.30
N GLY L 230 -54.33 -22.13 3.48
CA GLY L 230 -53.23 -22.22 2.52
C GLY L 230 -52.60 -20.83 2.35
N ILE L 231 -51.90 -20.62 1.23
CA ILE L 231 -51.24 -19.36 0.96
C ILE L 231 -51.85 -18.65 -0.23
N ARG L 232 -52.33 -17.42 0.01
CA ARG L 232 -52.83 -16.64 -1.11
C ARG L 232 -51.97 -15.42 -1.37
N GLU L 233 -51.78 -15.12 -2.66
CA GLU L 233 -50.90 -14.03 -3.05
C GLU L 233 -51.71 -12.81 -3.46
N GLU L 234 -51.06 -11.65 -3.40
CA GLU L 234 -51.67 -10.41 -3.84
C GLU L 234 -50.55 -9.54 -4.42
N THR L 235 -50.90 -8.69 -5.39
CA THR L 235 -49.91 -7.82 -6.02
C THR L 235 -50.42 -6.39 -6.09
N VAL L 236 -49.66 -5.46 -5.53
CA VAL L 236 -50.03 -4.05 -5.55
C VAL L 236 -48.93 -3.29 -6.27
N PRO L 237 -49.32 -2.41 -7.22
CA PRO L 237 -48.36 -1.56 -7.94
C PRO L 237 -47.67 -0.56 -7.04
N LEU L 238 -46.38 -0.33 -7.33
CA LEU L 238 -45.61 0.71 -6.64
C LEU L 238 -45.10 1.68 -7.69
N ARG L 239 -44.42 2.75 -7.27
CA ARG L 239 -43.85 3.70 -8.21
C ARG L 239 -42.79 2.99 -9.06
N LYS L 240 -42.81 3.33 -10.35
CA LYS L 240 -41.89 2.75 -11.31
C LYS L 240 -40.59 3.56 -11.43
N ASP L 241 -40.61 4.82 -10.98
CA ASP L 241 -39.41 5.64 -11.13
C ASP L 241 -38.43 5.35 -9.99
N ASP M 9 -12.87 -70.96 -0.28
CA ASP M 9 -13.06 -69.79 0.55
C ASP M 9 -13.82 -68.71 -0.20
N ARG M 10 -14.79 -68.10 0.47
CA ARG M 10 -15.60 -67.06 -0.14
C ARG M 10 -15.40 -65.73 0.57
N GLY M 11 -15.76 -64.64 -0.10
CA GLY M 11 -15.64 -63.32 0.48
C GLY M 11 -16.85 -63.03 1.35
N VAL M 12 -16.79 -61.96 2.13
CA VAL M 12 -17.89 -61.59 3.02
C VAL M 12 -19.17 -61.16 2.29
N ASN M 13 -19.02 -60.64 1.07
CA ASN M 13 -20.18 -60.23 0.29
C ASN M 13 -20.58 -61.29 -0.74
N THR M 14 -20.46 -62.55 -0.35
CA THR M 14 -20.82 -63.67 -1.22
C THR M 14 -22.27 -64.08 -1.05
N PHE M 15 -22.99 -64.21 -2.17
CA PHE M 15 -24.38 -64.61 -2.16
C PHE M 15 -24.47 -66.12 -2.21
N SER M 16 -25.45 -66.67 -1.51
CA SER M 16 -25.66 -68.11 -1.51
C SER M 16 -26.58 -68.47 -2.67
N PRO M 17 -26.83 -69.77 -2.88
CA PRO M 17 -27.72 -70.25 -3.95
C PRO M 17 -29.21 -69.93 -3.71
N GLU M 18 -29.57 -69.66 -2.45
CA GLU M 18 -30.94 -69.30 -2.09
C GLU M 18 -31.14 -67.78 -2.09
N GLY M 19 -30.15 -67.05 -2.58
CA GLY M 19 -30.22 -65.60 -2.67
C GLY M 19 -29.96 -64.83 -1.39
N ARG M 20 -29.22 -65.43 -0.46
CA ARG M 20 -28.92 -64.76 0.80
C ARG M 20 -27.43 -64.57 1.00
N LEU M 21 -27.07 -63.55 1.79
CA LEU M 21 -25.68 -63.29 2.10
C LEU M 21 -25.29 -64.22 3.25
N PHE M 22 -24.30 -65.08 2.99
CA PHE M 22 -23.84 -66.04 3.99
C PHE M 22 -23.54 -65.40 5.34
N GLN M 23 -22.72 -64.35 5.33
CA GLN M 23 -22.34 -63.65 6.56
C GLN M 23 -23.52 -63.12 7.35
N VAL M 24 -24.50 -62.55 6.67
CA VAL M 24 -25.69 -62.01 7.33
C VAL M 24 -26.51 -63.12 7.97
N GLU M 25 -26.56 -64.27 7.32
CA GLU M 25 -27.29 -65.42 7.84
C GLU M 25 -26.59 -65.97 9.08
N TYR M 26 -25.26 -65.93 9.09
CA TYR M 26 -24.48 -66.42 10.22
C TYR M 26 -24.57 -65.44 11.38
N ALA M 27 -24.74 -64.16 11.05
CA ALA M 27 -24.87 -63.12 12.06
C ALA M 27 -26.21 -63.23 12.76
N ILE M 28 -27.22 -63.71 12.04
CA ILE M 28 -28.57 -63.90 12.58
C ILE M 28 -28.59 -65.12 13.52
N GLU M 29 -27.69 -66.07 13.26
CA GLU M 29 -27.54 -67.27 14.08
C GLU M 29 -26.91 -66.91 15.42
N ALA M 30 -26.07 -65.88 15.42
CA ALA M 30 -25.40 -65.41 16.62
C ALA M 30 -26.37 -64.73 17.59
N ILE M 31 -27.45 -64.16 17.06
CA ILE M 31 -28.46 -63.48 17.87
C ILE M 31 -29.29 -64.45 18.73
N LYS M 32 -29.38 -65.70 18.30
CA LYS M 32 -30.13 -66.73 19.02
C LYS M 32 -29.43 -67.19 20.30
N LEU M 33 -28.12 -66.97 20.40
CA LEU M 33 -27.36 -67.33 21.58
C LEU M 33 -27.36 -66.23 22.63
N GLY M 34 -27.97 -65.09 22.29
CA GLY M 34 -28.04 -63.96 23.21
C GLY M 34 -29.15 -64.13 24.24
N SER M 35 -29.17 -63.21 25.20
CA SER M 35 -30.16 -63.19 26.25
C SER M 35 -31.50 -62.82 25.64
N THR M 36 -32.58 -63.02 26.39
CA THR M 36 -33.90 -62.69 25.91
C THR M 36 -34.33 -61.27 26.28
N ALA M 37 -34.74 -60.51 25.27
CA ALA M 37 -35.21 -59.16 25.47
C ALA M 37 -36.65 -59.07 24.99
N ILE M 38 -37.49 -58.38 25.75
CA ILE M 38 -38.89 -58.25 25.40
C ILE M 38 -39.30 -56.78 25.31
N GLY M 39 -40.06 -56.46 24.27
CA GLY M 39 -40.55 -55.11 24.06
C GLY M 39 -42.04 -55.14 23.80
N ILE M 40 -42.78 -54.33 24.53
CA ILE M 40 -44.23 -54.24 24.34
C ILE M 40 -44.65 -52.79 24.17
N GLN M 41 -45.45 -52.54 23.14
CA GLN M 41 -45.92 -51.18 22.86
C GLN M 41 -47.40 -51.03 23.19
N THR M 42 -47.70 -50.08 24.07
CA THR M 42 -49.08 -49.81 24.46
C THR M 42 -49.38 -48.34 24.24
N SER M 43 -50.61 -47.93 24.57
CA SER M 43 -51.01 -46.53 24.41
C SER M 43 -50.45 -45.68 25.54
N GLU M 44 -50.15 -46.31 26.67
CA GLU M 44 -49.59 -45.62 27.82
C GLU M 44 -48.09 -45.40 27.63
N GLY M 45 -47.45 -46.26 26.86
CA GLY M 45 -46.03 -46.14 26.61
C GLY M 45 -45.39 -47.42 26.10
N VAL M 46 -44.07 -47.48 26.17
CA VAL M 46 -43.33 -48.65 25.72
C VAL M 46 -42.44 -49.17 26.84
N CYS M 47 -42.50 -50.47 27.10
CA CYS M 47 -41.68 -51.07 28.13
C CYS M 47 -40.67 -52.06 27.53
N LEU M 48 -39.46 -52.04 28.06
CA LEU M 48 -38.40 -52.93 27.60
C LEU M 48 -37.89 -53.77 28.75
N ALA M 49 -37.77 -55.08 28.53
CA ALA M 49 -37.30 -55.98 29.57
C ALA M 49 -36.35 -57.04 29.02
N VAL M 50 -35.13 -57.06 29.55
CA VAL M 50 -34.11 -58.01 29.11
C VAL M 50 -33.46 -58.67 30.31
N GLU M 51 -33.17 -59.98 30.19
CA GLU M 51 -32.53 -60.72 31.26
C GLU M 51 -31.03 -60.44 31.26
N LYS M 52 -30.47 -60.14 32.42
CA LYS M 52 -29.05 -59.84 32.54
C LYS M 52 -28.15 -61.06 32.32
N ARG M 53 -28.68 -62.24 32.62
CA ARG M 53 -27.95 -63.50 32.47
C ARG M 53 -26.58 -63.46 33.16
N ILE M 54 -26.60 -63.42 34.48
CA ILE M 54 -25.38 -63.40 35.28
C ILE M 54 -24.77 -64.80 35.37
N THR M 55 -23.51 -64.92 34.96
CA THR M 55 -22.84 -66.21 34.95
C THR M 55 -22.04 -66.54 36.22
N SER M 56 -21.91 -65.58 37.13
CA SER M 56 -21.16 -65.80 38.36
C SER M 56 -21.59 -64.81 39.45
N PRO M 57 -21.61 -65.28 40.72
CA PRO M 57 -21.98 -64.46 41.88
C PRO M 57 -21.00 -63.32 42.17
N LEU M 58 -19.74 -63.45 41.73
CA LEU M 58 -18.74 -62.42 41.94
C LEU M 58 -18.91 -61.27 40.94
N MET M 59 -19.58 -61.55 39.83
CA MET M 59 -19.81 -60.53 38.80
C MET M 59 -20.85 -59.52 39.26
N GLU M 60 -20.52 -58.24 39.12
CA GLU M 60 -21.44 -57.17 39.52
C GLU M 60 -22.58 -57.04 38.52
N PRO M 61 -23.82 -57.21 38.99
CA PRO M 61 -25.04 -57.13 38.17
C PRO M 61 -25.31 -55.75 37.55
N SER M 62 -24.78 -54.69 38.16
CA SER M 62 -24.98 -53.34 37.63
C SER M 62 -24.06 -53.00 36.47
N SER M 63 -23.04 -53.84 36.25
CA SER M 63 -22.09 -53.62 35.16
C SER M 63 -22.61 -54.20 33.83
N ILE M 64 -23.70 -54.96 33.91
CA ILE M 64 -24.30 -55.55 32.72
C ILE M 64 -25.39 -54.61 32.21
N GLU M 65 -25.09 -53.87 31.15
CA GLU M 65 -26.07 -52.96 30.58
C GLU M 65 -26.65 -53.48 29.27
N LYS M 66 -27.87 -54.00 29.33
CA LYS M 66 -28.53 -54.52 28.15
C LYS M 66 -29.56 -53.53 27.61
N ILE M 67 -29.91 -52.55 28.44
CA ILE M 67 -30.86 -51.52 28.06
C ILE M 67 -30.20 -50.17 28.24
N VAL M 68 -30.12 -49.38 27.17
CA VAL M 68 -29.48 -48.09 27.23
C VAL M 68 -30.37 -46.96 26.73
N GLU M 69 -30.08 -45.75 27.16
CA GLU M 69 -30.84 -44.59 26.75
C GLU M 69 -30.19 -43.93 25.52
N ILE M 70 -30.90 -43.94 24.41
CA ILE M 70 -30.40 -43.33 23.18
C ILE M 70 -30.61 -41.82 23.30
N ASP M 71 -31.75 -41.46 23.84
CA ASP M 71 -32.14 -40.07 24.07
C ASP M 71 -33.22 -40.07 25.16
N ALA M 72 -33.74 -38.89 25.50
CA ALA M 72 -34.77 -38.79 26.53
C ALA M 72 -36.04 -39.58 26.20
N HIS M 73 -36.42 -39.62 24.93
CA HIS M 73 -37.62 -40.32 24.50
C HIS M 73 -37.35 -41.65 23.80
N ILE M 74 -36.10 -42.08 23.74
CA ILE M 74 -35.76 -43.34 23.07
C ILE M 74 -34.87 -44.27 23.88
N GLY M 75 -35.35 -45.48 24.11
CA GLY M 75 -34.60 -46.49 24.84
C GLY M 75 -34.21 -47.61 23.90
N CYS M 76 -33.21 -48.39 24.27
CA CYS M 76 -32.77 -49.49 23.41
C CYS M 76 -32.42 -50.75 24.18
N ALA M 77 -32.91 -51.88 23.68
CA ALA M 77 -32.62 -53.17 24.28
C ALA M 77 -31.89 -54.01 23.24
N MET M 78 -30.67 -54.41 23.56
CA MET M 78 -29.86 -55.19 22.63
C MET M 78 -29.84 -56.67 22.99
N SER M 79 -29.45 -57.49 22.02
CA SER M 79 -29.37 -58.93 22.22
C SER M 79 -28.39 -59.55 21.22
N GLY M 80 -27.54 -60.44 21.70
CA GLY M 80 -26.55 -61.11 20.86
C GLY M 80 -25.15 -60.73 21.28
N LEU M 81 -24.31 -60.39 20.32
CA LEU M 81 -22.94 -59.98 20.61
C LEU M 81 -22.95 -58.55 21.13
N ILE M 82 -23.13 -58.41 22.44
CA ILE M 82 -23.22 -57.11 23.10
C ILE M 82 -22.14 -56.07 22.76
N ALA M 83 -20.90 -56.49 22.57
CA ALA M 83 -19.81 -55.58 22.23
C ALA M 83 -20.01 -54.90 20.87
N ASP M 84 -20.64 -55.60 19.93
CA ASP M 84 -20.91 -55.05 18.61
C ASP M 84 -21.97 -53.94 18.71
N ALA M 85 -22.90 -54.10 19.63
CA ALA M 85 -23.99 -53.15 19.82
C ALA M 85 -23.51 -51.75 20.19
N LYS M 86 -22.47 -51.67 21.02
CA LYS M 86 -21.94 -50.39 21.47
C LYS M 86 -21.73 -49.39 20.34
N THR M 87 -21.15 -49.85 19.24
CA THR M 87 -20.90 -48.99 18.09
C THR M 87 -22.19 -48.44 17.49
N LEU M 88 -23.21 -49.30 17.40
CA LEU M 88 -24.50 -48.89 16.86
C LEU M 88 -25.22 -47.97 17.83
N ILE M 89 -24.99 -48.20 19.12
CA ILE M 89 -25.60 -47.39 20.16
C ILE M 89 -25.08 -45.95 20.08
N ASP M 90 -23.77 -45.81 19.94
CA ASP M 90 -23.17 -44.48 19.85
C ASP M 90 -23.65 -43.76 18.60
N LYS M 91 -23.77 -44.48 17.50
CA LYS M 91 -24.24 -43.92 16.25
C LYS M 91 -25.65 -43.34 16.44
N ALA M 92 -26.50 -44.11 17.10
CA ALA M 92 -27.87 -43.67 17.37
C ALA M 92 -27.87 -42.42 18.24
N ARG M 93 -27.00 -42.41 19.24
CA ARG M 93 -26.87 -41.28 20.15
C ARG M 93 -26.42 -40.03 19.41
N VAL M 94 -25.47 -40.19 18.51
CA VAL M 94 -24.96 -39.06 17.74
C VAL M 94 -25.98 -38.55 16.73
N GLU M 95 -26.74 -39.47 16.13
CA GLU M 95 -27.75 -39.12 15.15
C GLU M 95 -28.84 -38.23 15.74
N THR M 96 -29.32 -38.57 16.93
CA THR M 96 -30.37 -37.78 17.57
C THR M 96 -29.88 -36.40 17.99
N GLN M 97 -28.64 -36.33 18.47
CA GLN M 97 -28.07 -35.06 18.89
C GLN M 97 -27.77 -34.18 17.69
N ASN M 98 -27.40 -34.81 16.58
CA ASN M 98 -27.12 -34.09 15.34
C ASN M 98 -28.43 -33.52 14.82
N HIS M 99 -29.48 -34.32 14.93
CA HIS M 99 -30.81 -33.91 14.49
C HIS M 99 -31.31 -32.74 15.33
N TRP M 100 -31.01 -32.76 16.62
CA TRP M 100 -31.43 -31.69 17.50
C TRP M 100 -30.68 -30.41 17.20
N PHE M 101 -29.37 -30.53 16.93
CA PHE M 101 -28.57 -29.36 16.63
C PHE M 101 -29.03 -28.66 15.36
N THR M 102 -29.26 -29.45 14.31
CA THR M 102 -29.69 -28.91 13.02
C THR M 102 -31.15 -28.47 12.94
N TYR M 103 -32.07 -29.28 13.44
CA TYR M 103 -33.49 -28.97 13.31
C TYR M 103 -34.24 -28.49 14.56
N ASN M 104 -33.54 -28.39 15.69
CA ASN M 104 -34.15 -27.95 16.95
C ASN M 104 -35.42 -28.74 17.28
N GLU M 105 -35.33 -30.05 17.18
CA GLU M 105 -36.44 -30.95 17.47
C GLU M 105 -35.90 -32.34 17.72
N THR M 106 -36.72 -33.21 18.28
CA THR M 106 -36.29 -34.57 18.54
C THR M 106 -36.52 -35.48 17.34
N MET M 107 -35.62 -36.43 17.14
CA MET M 107 -35.72 -37.37 16.04
C MET M 107 -36.77 -38.42 16.40
N THR M 108 -37.52 -38.89 15.42
CA THR M 108 -38.55 -39.91 15.68
C THR M 108 -37.89 -41.28 15.85
N VAL M 109 -38.58 -42.18 16.54
CA VAL M 109 -38.05 -43.52 16.76
C VAL M 109 -37.76 -44.23 15.44
N GLU M 110 -38.69 -44.11 14.49
CA GLU M 110 -38.51 -44.73 13.18
C GLU M 110 -37.25 -44.19 12.49
N SER M 111 -37.08 -42.87 12.54
CA SER M 111 -35.92 -42.23 11.92
C SER M 111 -34.61 -42.71 12.53
N VAL M 112 -34.57 -42.78 13.86
CA VAL M 112 -33.37 -43.23 14.54
C VAL M 112 -33.07 -44.67 14.17
N THR M 113 -34.11 -45.50 14.12
CA THR M 113 -33.97 -46.90 13.76
C THR M 113 -33.47 -47.02 12.33
N GLN M 114 -34.00 -46.18 11.45
CA GLN M 114 -33.62 -46.17 10.04
C GLN M 114 -32.15 -45.83 9.87
N ALA M 115 -31.69 -44.79 10.56
CA ALA M 115 -30.30 -44.37 10.48
C ALA M 115 -29.36 -45.47 10.98
N VAL M 116 -29.74 -46.11 12.08
CA VAL M 116 -28.93 -47.19 12.64
C VAL M 116 -28.93 -48.41 11.72
N SER M 117 -30.08 -48.65 11.09
CA SER M 117 -30.26 -49.79 10.19
C SER M 117 -29.46 -49.68 8.89
N ASN M 118 -29.08 -48.46 8.53
CA ASN M 118 -28.34 -48.23 7.30
C ASN M 118 -26.87 -48.68 7.36
N LEU M 119 -26.34 -48.86 8.56
CA LEU M 119 -24.96 -49.31 8.73
C LEU M 119 -24.83 -50.83 8.70
N ALA M 120 -25.95 -51.53 8.76
CA ALA M 120 -25.97 -52.98 8.79
C ALA M 120 -25.19 -53.70 7.68
N LEU M 121 -25.40 -53.30 6.44
CA LEU M 121 -24.72 -53.95 5.32
C LEU M 121 -23.47 -53.22 4.85
N GLN M 122 -22.99 -52.30 5.67
CA GLN M 122 -21.79 -51.54 5.33
C GLN M 122 -20.52 -52.28 5.76
N PHE M 123 -20.20 -53.37 5.04
CA PHE M 123 -19.03 -54.17 5.33
C PHE M 123 -18.51 -54.80 4.04
N GLY M 124 -17.20 -55.00 3.97
CA GLY M 124 -16.57 -55.59 2.81
C GLY M 124 -15.07 -55.73 3.04
N GLU M 125 -14.33 -56.07 2.00
CA GLU M 125 -12.88 -56.24 2.13
C GLU M 125 -12.10 -55.99 0.85
N GLU M 126 -12.61 -55.14 -0.03
CA GLU M 126 -11.91 -54.85 -1.28
C GLU M 126 -12.06 -53.40 -1.76
N ASP M 127 -13.29 -52.90 -1.79
CA ASP M 127 -13.54 -51.53 -2.24
C ASP M 127 -13.70 -50.57 -1.08
N ALA M 128 -13.66 -51.10 0.14
CA ALA M 128 -13.81 -50.30 1.35
C ALA M 128 -12.60 -49.41 1.65
N ASP M 129 -12.78 -48.45 2.53
CA ASP M 129 -11.71 -47.53 2.90
C ASP M 129 -11.22 -47.79 4.33
N PRO M 130 -10.04 -47.26 4.66
CA PRO M 130 -9.43 -47.43 5.99
C PRO M 130 -10.38 -47.04 7.12
N GLY M 131 -11.18 -48.00 7.59
CA GLY M 131 -12.13 -47.73 8.66
C GLY M 131 -13.43 -48.48 8.50
N ALA M 132 -13.53 -49.29 7.45
CA ALA M 132 -14.76 -50.04 7.17
C ALA M 132 -14.85 -51.33 7.98
N MET M 133 -16.07 -51.80 8.19
CA MET M 133 -16.31 -53.02 8.93
C MET M 133 -16.01 -54.22 8.03
N SER M 134 -15.44 -55.27 8.60
CA SER M 134 -15.09 -56.46 7.83
C SER M 134 -16.17 -57.54 7.91
N ARG M 135 -17.22 -57.26 8.68
CA ARG M 135 -18.31 -58.20 8.87
C ARG M 135 -19.52 -57.47 9.42
N PRO M 136 -20.70 -58.09 9.33
CA PRO M 136 -21.93 -57.47 9.86
C PRO M 136 -21.98 -57.54 11.38
N PHE M 137 -22.84 -56.71 12.00
CA PHE M 137 -23.00 -56.70 13.44
C PHE M 137 -23.83 -57.92 13.85
N GLY M 138 -23.42 -58.58 14.92
CA GLY M 138 -24.14 -59.75 15.39
C GLY M 138 -25.06 -59.46 16.56
N VAL M 139 -26.00 -58.55 16.37
CA VAL M 139 -26.91 -58.19 17.45
C VAL M 139 -28.24 -57.61 16.96
N ALA M 140 -29.31 -57.96 17.66
CA ALA M 140 -30.64 -57.48 17.33
C ALA M 140 -31.01 -56.39 18.32
N LEU M 141 -31.63 -55.32 17.83
CA LEU M 141 -32.00 -54.21 18.69
C LEU M 141 -33.50 -54.02 18.80
N LEU M 142 -33.92 -53.36 19.87
CA LEU M 142 -35.32 -53.06 20.11
C LEU M 142 -35.37 -51.60 20.48
N PHE M 143 -35.91 -50.77 19.59
CA PHE M 143 -36.00 -49.35 19.87
C PHE M 143 -37.39 -48.99 20.36
N GLY M 144 -37.47 -48.47 21.58
CA GLY M 144 -38.73 -48.09 22.17
C GLY M 144 -38.67 -46.64 22.61
N GLY M 145 -39.60 -45.84 22.12
CA GLY M 145 -39.63 -44.43 22.46
C GLY M 145 -40.98 -43.81 22.17
N VAL M 146 -41.09 -42.50 22.39
CA VAL M 146 -42.33 -41.79 22.15
C VAL M 146 -42.10 -40.49 21.38
N ASP M 147 -42.74 -40.36 20.22
CA ASP M 147 -42.62 -39.15 19.42
C ASP M 147 -44.01 -38.54 19.24
N GLU M 148 -44.25 -37.95 18.08
CA GLU M 148 -45.56 -37.32 17.79
C GLU M 148 -46.64 -38.34 17.45
N LYS M 149 -46.24 -39.56 17.11
CA LYS M 149 -47.18 -40.63 16.80
C LYS M 149 -47.50 -41.45 18.04
N GLY M 150 -46.87 -41.09 19.16
CA GLY M 150 -47.08 -41.79 20.42
C GLY M 150 -46.03 -42.85 20.66
N PRO M 151 -46.28 -43.78 21.59
CA PRO M 151 -45.34 -44.85 21.90
C PRO M 151 -45.04 -45.70 20.68
N GLN M 152 -43.77 -46.05 20.48
CA GLN M 152 -43.39 -46.86 19.33
C GLN M 152 -42.33 -47.91 19.65
N LEU M 153 -42.42 -49.04 18.97
CA LEU M 153 -41.47 -50.12 19.17
C LEU M 153 -40.94 -50.58 17.81
N PHE M 154 -39.61 -50.61 17.68
CA PHE M 154 -38.99 -51.03 16.44
C PHE M 154 -37.96 -52.12 16.67
N HIS M 155 -37.85 -53.02 15.72
CA HIS M 155 -36.91 -54.13 15.80
C HIS M 155 -36.00 -54.19 14.57
N MET M 156 -34.70 -54.21 14.81
CA MET M 156 -33.74 -54.28 13.72
C MET M 156 -32.77 -55.44 13.92
N ASP M 157 -32.54 -56.20 12.87
CA ASP M 157 -31.62 -57.33 12.93
C ASP M 157 -30.36 -56.99 12.15
N PRO M 158 -29.45 -57.97 12.01
CA PRO M 158 -28.16 -57.80 11.30
C PRO M 158 -28.27 -57.59 9.78
N SER M 159 -29.41 -57.88 9.17
CA SER M 159 -29.60 -57.72 7.73
C SER M 159 -29.95 -56.29 7.33
N GLY M 160 -30.19 -55.43 8.31
CA GLY M 160 -30.54 -54.06 8.03
C GLY M 160 -32.04 -53.83 7.96
N THR M 161 -32.81 -54.91 8.11
CA THR M 161 -34.26 -54.82 8.07
C THR M 161 -34.82 -54.38 9.40
N PHE M 162 -35.55 -53.27 9.40
CA PHE M 162 -36.17 -52.74 10.61
C PHE M 162 -37.67 -52.62 10.38
N VAL M 163 -38.45 -52.95 11.42
CA VAL M 163 -39.91 -52.89 11.29
C VAL M 163 -40.58 -52.58 12.62
N GLN M 164 -41.70 -51.88 12.56
CA GLN M 164 -42.47 -51.53 13.75
C GLN M 164 -43.16 -52.78 14.29
N CYS M 165 -43.15 -52.95 15.61
CA CYS M 165 -43.78 -54.10 16.23
C CYS M 165 -44.66 -53.69 17.40
N ASP M 166 -45.73 -54.43 17.64
CA ASP M 166 -46.61 -54.17 18.76
C ASP M 166 -45.96 -54.81 19.98
N ALA M 167 -45.33 -55.96 19.76
CA ALA M 167 -44.64 -56.72 20.78
C ALA M 167 -43.60 -57.58 20.09
N ARG M 168 -42.39 -57.62 20.63
CA ARG M 168 -41.32 -58.39 20.02
C ARG M 168 -40.41 -59.05 21.05
N ALA M 169 -39.95 -60.26 20.74
CA ALA M 169 -39.06 -60.99 21.62
C ALA M 169 -37.82 -61.45 20.84
N ILE M 170 -36.67 -60.93 21.24
CA ILE M 170 -35.42 -61.30 20.60
C ILE M 170 -34.54 -62.02 21.61
N GLY M 171 -33.62 -62.84 21.13
CA GLY M 171 -32.74 -63.58 22.01
C GLY M 171 -32.84 -65.08 21.86
N SER M 172 -32.34 -65.81 22.84
CA SER M 172 -32.35 -67.27 22.81
C SER M 172 -33.74 -67.88 22.91
N ALA M 173 -34.63 -67.26 23.68
CA ALA M 173 -35.98 -67.76 23.85
C ALA M 173 -36.97 -66.99 22.98
N SER M 174 -36.46 -66.40 21.91
CA SER M 174 -37.25 -65.61 20.97
C SER M 174 -38.53 -66.32 20.51
N GLU M 175 -38.41 -67.59 20.12
CA GLU M 175 -39.55 -68.36 19.65
C GLU M 175 -40.63 -68.57 20.69
N GLY M 176 -40.24 -69.06 21.86
CA GLY M 176 -41.18 -69.31 22.93
C GLY M 176 -41.77 -68.05 23.53
N ALA M 177 -40.98 -66.98 23.59
CA ALA M 177 -41.44 -65.72 24.14
C ALA M 177 -42.43 -65.01 23.21
N GLN M 178 -42.25 -65.18 21.91
CA GLN M 178 -43.13 -64.54 20.95
C GLN M 178 -44.53 -65.16 20.99
N SER M 179 -44.58 -66.45 21.24
CA SER M 179 -45.86 -67.17 21.32
C SER M 179 -46.68 -66.69 22.51
N SER M 180 -46.00 -66.43 23.62
CA SER M 180 -46.65 -65.97 24.83
C SER M 180 -47.05 -64.52 24.68
N LEU M 181 -46.34 -63.82 23.80
CA LEU M 181 -46.62 -62.41 23.55
C LEU M 181 -47.91 -62.23 22.77
N GLN M 182 -48.08 -62.98 21.69
CA GLN M 182 -49.27 -62.86 20.87
C GLN M 182 -50.53 -63.41 21.54
N GLU M 183 -50.35 -64.35 22.47
CA GLU M 183 -51.48 -64.94 23.16
C GLU M 183 -51.88 -64.15 24.42
N VAL M 184 -51.15 -63.08 24.72
CA VAL M 184 -51.45 -62.29 25.90
C VAL M 184 -51.45 -60.78 25.67
N TYR M 185 -51.39 -60.34 24.40
CA TYR M 185 -51.37 -58.91 24.11
C TYR M 185 -52.57 -58.45 23.27
N HIS M 186 -53.18 -57.36 23.70
CA HIS M 186 -54.31 -56.77 22.99
C HIS M 186 -54.03 -55.29 22.73
N LYS M 187 -54.82 -54.67 21.86
CA LYS M 187 -54.64 -53.26 21.53
C LYS M 187 -54.93 -52.33 22.71
N SER M 188 -55.84 -52.73 23.58
CA SER M 188 -56.20 -51.90 24.73
C SER M 188 -55.32 -52.15 25.96
N MET M 189 -54.32 -53.01 25.82
CA MET M 189 -53.40 -53.33 26.91
C MET M 189 -52.79 -52.07 27.52
N THR M 190 -52.73 -52.03 28.85
CA THR M 190 -52.17 -50.89 29.56
C THR M 190 -50.67 -51.08 29.81
N LEU M 191 -50.00 -50.04 30.27
CA LEU M 191 -48.57 -50.11 30.54
C LEU M 191 -48.29 -51.03 31.72
N LYS M 192 -49.07 -50.90 32.78
CA LYS M 192 -48.91 -51.71 33.97
C LYS M 192 -49.01 -53.19 33.63
N GLU M 193 -49.97 -53.51 32.77
CA GLU M 193 -50.17 -54.89 32.34
C GLU M 193 -49.01 -55.36 31.46
N ALA M 194 -48.55 -54.46 30.60
CA ALA M 194 -47.44 -54.78 29.70
C ALA M 194 -46.18 -55.06 30.49
N ILE M 195 -45.92 -54.25 31.52
CA ILE M 195 -44.75 -54.44 32.36
C ILE M 195 -44.82 -55.78 33.08
N LYS M 196 -46.01 -56.13 33.56
CA LYS M 196 -46.23 -57.37 34.28
C LYS M 196 -46.15 -58.57 33.33
N SER M 197 -46.83 -58.47 32.20
CA SER M 197 -46.85 -59.56 31.22
C SER M 197 -45.45 -59.89 30.72
N SER M 198 -44.66 -58.85 30.46
CA SER M 198 -43.30 -59.04 29.99
C SER M 198 -42.46 -59.77 31.05
N LEU M 199 -42.64 -59.37 32.29
CA LEU M 199 -41.92 -59.98 33.40
C LEU M 199 -42.37 -61.43 33.61
N ILE M 200 -43.65 -61.68 33.36
CA ILE M 200 -44.19 -63.03 33.51
C ILE M 200 -43.62 -63.95 32.44
N ILE M 201 -43.40 -63.40 31.25
CA ILE M 201 -42.84 -64.16 30.14
C ILE M 201 -41.34 -64.35 30.33
N LEU M 202 -40.67 -63.31 30.81
CA LEU M 202 -39.23 -63.37 31.05
C LEU M 202 -38.89 -64.42 32.10
N LYS M 203 -39.69 -64.49 33.15
CA LYS M 203 -39.47 -65.44 34.23
C LYS M 203 -39.71 -66.89 33.79
N GLN M 204 -40.59 -67.08 32.82
CA GLN M 204 -40.91 -68.42 32.32
C GLN M 204 -39.88 -68.94 31.33
N VAL M 205 -39.20 -68.03 30.62
CA VAL M 205 -38.20 -68.42 29.64
C VAL M 205 -36.77 -68.29 30.16
N MET M 206 -36.62 -67.97 31.44
CA MET M 206 -35.29 -67.84 32.02
C MET M 206 -34.88 -69.12 32.73
N GLU M 207 -33.64 -69.56 32.51
CA GLU M 207 -33.13 -70.77 33.14
C GLU M 207 -32.83 -70.53 34.60
N GLU M 208 -32.49 -69.28 34.93
CA GLU M 208 -32.21 -68.89 36.30
C GLU M 208 -33.49 -68.36 36.92
N LYS M 209 -33.57 -68.41 38.25
CA LYS M 209 -34.76 -67.92 38.93
C LYS M 209 -34.80 -66.39 38.88
N LEU M 210 -35.74 -65.87 38.09
CA LEU M 210 -35.88 -64.43 37.93
C LEU M 210 -36.05 -63.70 39.26
N ASN M 211 -35.34 -62.60 39.43
CA ASN M 211 -35.42 -61.79 40.65
C ASN M 211 -35.20 -60.31 40.30
N ALA M 212 -34.98 -59.49 41.32
CA ALA M 212 -34.79 -58.05 41.10
C ALA M 212 -33.38 -57.65 40.72
N THR M 213 -32.46 -58.61 40.65
CA THR M 213 -31.08 -58.30 40.29
C THR M 213 -30.64 -58.80 38.93
N ASN M 214 -31.24 -59.91 38.47
CA ASN M 214 -30.85 -60.48 37.18
C ASN M 214 -31.61 -59.99 35.95
N ILE M 215 -32.42 -58.94 36.11
CA ILE M 215 -33.16 -58.40 34.97
C ILE M 215 -33.14 -56.88 34.94
N GLU M 216 -33.37 -56.32 33.76
CA GLU M 216 -33.41 -54.89 33.57
C GLU M 216 -34.79 -54.55 33.01
N LEU M 217 -35.23 -53.32 33.24
CA LEU M 217 -36.52 -52.89 32.76
C LEU M 217 -36.60 -51.37 32.67
N ALA M 218 -37.04 -50.88 31.53
CA ALA M 218 -37.17 -49.45 31.31
C ALA M 218 -38.44 -49.14 30.56
N THR M 219 -39.00 -47.96 30.80
CA THR M 219 -40.22 -47.56 30.13
C THR M 219 -40.10 -46.13 29.61
N VAL M 220 -40.82 -45.85 28.52
CA VAL M 220 -40.84 -44.52 27.95
C VAL M 220 -42.30 -44.22 27.68
N GLN M 221 -42.84 -43.23 28.38
CA GLN M 221 -44.24 -42.85 28.23
C GLN M 221 -44.36 -41.40 27.81
N PRO M 222 -45.56 -41.00 27.38
CA PRO M 222 -45.74 -39.60 26.99
C PRO M 222 -45.42 -38.70 28.18
N GLY M 223 -44.61 -37.65 27.95
CA GLY M 223 -44.24 -36.74 29.02
C GLY M 223 -43.00 -37.19 29.78
N GLN M 224 -43.08 -38.35 30.42
CA GLN M 224 -41.96 -38.89 31.18
C GLN M 224 -40.75 -39.20 30.30
N ASN M 225 -39.56 -39.08 30.86
CA ASN M 225 -38.35 -39.37 30.09
C ASN M 225 -38.03 -40.85 30.19
N PHE M 226 -36.99 -41.28 29.50
CA PHE M 226 -36.56 -42.67 29.54
C PHE M 226 -36.26 -42.97 30.99
N HIS M 227 -36.94 -43.96 31.56
CA HIS M 227 -36.76 -44.30 32.96
C HIS M 227 -36.43 -45.76 33.18
N MET M 228 -35.30 -46.00 33.84
CA MET M 228 -34.86 -47.37 34.16
C MET M 228 -35.45 -47.73 35.51
N PHE M 229 -35.93 -48.97 35.63
CA PHE M 229 -36.52 -49.42 36.89
C PHE M 229 -35.45 -49.71 37.93
N THR M 230 -35.64 -49.19 39.13
CA THR M 230 -34.71 -49.40 40.22
C THR M 230 -35.04 -50.71 40.91
N LYS M 231 -34.16 -51.17 41.80
CA LYS M 231 -34.39 -52.41 42.51
C LYS M 231 -35.73 -52.42 43.24
N GLU M 232 -36.03 -51.33 43.95
CA GLU M 232 -37.29 -51.21 44.67
C GLU M 232 -38.47 -51.39 43.73
N GLU M 233 -38.52 -50.57 42.68
CA GLU M 233 -39.59 -50.63 41.69
C GLU M 233 -39.73 -52.04 41.11
N LEU M 234 -38.61 -52.63 40.73
CA LEU M 234 -38.60 -53.97 40.16
C LEU M 234 -39.29 -54.94 41.12
N GLU M 235 -38.88 -54.91 42.39
CA GLU M 235 -39.43 -55.79 43.41
C GLU M 235 -40.96 -55.68 43.54
N GLU M 236 -41.48 -54.45 43.47
CA GLU M 236 -42.91 -54.22 43.57
C GLU M 236 -43.69 -54.96 42.49
N VAL M 237 -43.16 -54.97 41.27
CA VAL M 237 -43.79 -55.64 40.13
C VAL M 237 -43.56 -57.15 40.14
N ILE M 238 -42.60 -57.60 40.95
CA ILE M 238 -42.26 -59.02 41.02
C ILE M 238 -43.20 -59.79 41.96
N LYS M 239 -44.01 -59.06 42.73
CA LYS M 239 -44.95 -59.68 43.64
C LYS M 239 -46.25 -60.06 42.94
N SER N 2 -2.53 -51.58 0.69
CA SER N 2 -2.93 -51.81 2.07
C SER N 2 -3.75 -53.09 2.22
N TYR N 3 -3.44 -53.86 3.25
CA TYR N 3 -4.12 -55.12 3.53
C TYR N 3 -5.55 -54.87 4.01
N ASP N 4 -6.52 -55.33 3.24
CA ASP N 4 -7.92 -55.14 3.59
C ASP N 4 -8.69 -56.45 3.70
N ARG N 5 -7.98 -57.53 4.00
CA ARG N 5 -8.64 -58.83 4.13
C ARG N 5 -9.36 -58.95 5.46
N ALA N 6 -10.56 -59.52 5.44
CA ALA N 6 -11.33 -59.71 6.66
C ALA N 6 -10.85 -60.96 7.38
N ILE N 7 -10.28 -60.78 8.57
CA ILE N 7 -9.77 -61.91 9.34
C ILE N 7 -10.82 -62.48 10.29
N THR N 8 -11.59 -61.60 10.93
CA THR N 8 -12.64 -62.04 11.84
C THR N 8 -13.98 -62.08 11.12
N VAL N 9 -14.47 -63.27 10.85
CA VAL N 9 -15.74 -63.44 10.17
C VAL N 9 -16.63 -64.44 10.90
N PHE N 10 -17.92 -64.39 10.60
CA PHE N 10 -18.89 -65.28 11.22
C PHE N 10 -18.85 -66.70 10.66
N SER N 11 -19.16 -67.66 11.51
CA SER N 11 -19.23 -69.06 11.12
C SER N 11 -20.68 -69.48 11.09
N PRO N 12 -20.99 -70.63 10.47
CA PRO N 12 -22.34 -71.18 10.35
C PRO N 12 -23.25 -71.04 11.58
N ASP N 13 -22.75 -71.32 12.78
CA ASP N 13 -23.57 -71.18 13.97
C ASP N 13 -23.35 -69.83 14.69
N GLY N 14 -23.03 -68.81 13.92
CA GLY N 14 -22.82 -67.47 14.45
C GLY N 14 -21.63 -67.35 15.39
N HIS N 15 -20.55 -68.06 15.08
CA HIS N 15 -19.36 -68.02 15.89
C HIS N 15 -18.22 -67.29 15.20
N LEU N 16 -17.52 -66.44 15.94
CA LEU N 16 -16.37 -65.71 15.39
C LEU N 16 -15.14 -66.50 15.79
N PHE N 17 -14.71 -67.40 14.92
CA PHE N 17 -13.56 -68.27 15.18
C PHE N 17 -12.32 -67.54 15.68
N GLN N 18 -11.91 -66.48 14.98
CA GLN N 18 -10.72 -65.72 15.36
C GLN N 18 -10.78 -65.22 16.80
N VAL N 19 -11.94 -64.72 17.23
CA VAL N 19 -12.13 -64.23 18.58
C VAL N 19 -11.98 -65.37 19.60
N GLU N 20 -12.46 -66.56 19.23
CA GLU N 20 -12.37 -67.72 20.10
C GLU N 20 -10.95 -68.25 20.16
N TYR N 21 -10.18 -68.03 19.10
CA TYR N 21 -8.80 -68.46 19.04
C TYR N 21 -7.95 -67.52 19.89
N ALA N 22 -8.39 -66.26 19.96
CA ALA N 22 -7.72 -65.25 20.78
C ALA N 22 -7.96 -65.54 22.26
N GLN N 23 -9.13 -66.11 22.56
CA GLN N 23 -9.50 -66.50 23.93
C GLN N 23 -8.72 -67.75 24.35
N GLU N 24 -8.32 -68.56 23.36
CA GLU N 24 -7.52 -69.76 23.61
C GLU N 24 -6.12 -69.36 24.04
N ALA N 25 -5.63 -68.25 23.49
CA ALA N 25 -4.31 -67.72 23.83
C ALA N 25 -4.30 -67.17 25.26
N VAL N 26 -5.44 -66.66 25.71
CA VAL N 26 -5.57 -66.14 27.06
C VAL N 26 -5.55 -67.27 28.08
N LYS N 27 -6.07 -68.43 27.67
CA LYS N 27 -6.12 -69.61 28.54
C LYS N 27 -4.74 -70.20 28.84
N LYS N 28 -3.79 -69.98 27.94
CA LYS N 28 -2.44 -70.47 28.10
C LYS N 28 -1.57 -69.46 28.84
N GLY N 29 -2.13 -68.29 29.14
CA GLY N 29 -1.42 -67.26 29.86
C GLY N 29 -1.33 -67.60 31.34
N SER N 30 -0.39 -66.98 32.03
CA SER N 30 -0.23 -67.23 33.46
C SER N 30 -1.42 -66.66 34.23
N THR N 31 -1.81 -67.37 35.30
CA THR N 31 -2.94 -66.94 36.12
C THR N 31 -2.75 -65.55 36.75
N ALA N 32 -3.80 -64.75 36.70
CA ALA N 32 -3.81 -63.41 37.27
C ALA N 32 -5.09 -63.23 38.08
N VAL N 33 -4.96 -62.82 39.34
CA VAL N 33 -6.12 -62.65 40.21
C VAL N 33 -6.31 -61.22 40.73
N GLY N 34 -7.54 -60.74 40.68
CA GLY N 34 -7.86 -59.42 41.16
C GLY N 34 -8.96 -59.49 42.20
N VAL N 35 -8.72 -58.84 43.34
CA VAL N 35 -9.71 -58.82 44.42
C VAL N 35 -10.03 -57.41 44.86
N ARG N 36 -11.31 -57.06 44.86
CA ARG N 36 -11.75 -55.74 45.26
C ARG N 36 -12.06 -55.72 46.76
N GLY N 37 -11.20 -55.05 47.52
CA GLY N 37 -11.38 -54.97 48.96
C GLY N 37 -12.10 -53.70 49.39
N LYS N 38 -12.32 -53.55 50.69
CA LYS N 38 -13.02 -52.39 51.23
C LYS N 38 -12.32 -51.07 50.91
N ASP N 39 -11.06 -50.95 51.33
CA ASP N 39 -10.29 -49.73 51.10
C ASP N 39 -9.01 -50.03 50.33
N ILE N 40 -8.97 -51.17 49.66
CA ILE N 40 -7.78 -51.56 48.91
C ILE N 40 -8.09 -52.44 47.70
N VAL N 41 -7.17 -52.44 46.74
CA VAL N 41 -7.33 -53.23 45.53
C VAL N 41 -6.05 -54.03 45.32
N VAL N 42 -6.16 -55.35 45.20
CA VAL N 42 -5.00 -56.20 45.04
C VAL N 42 -4.98 -57.02 43.76
N LEU N 43 -3.82 -57.08 43.12
CA LEU N 43 -3.61 -57.84 41.90
C LEU N 43 -2.50 -58.85 42.12
N GLY N 44 -2.68 -60.07 41.62
CA GLY N 44 -1.68 -61.11 41.79
C GLY N 44 -1.53 -62.03 40.59
N VAL N 45 -0.36 -61.99 39.96
CA VAL N 45 -0.09 -62.81 38.79
C VAL N 45 0.96 -63.87 39.09
N GLU N 46 0.83 -65.03 38.46
CA GLU N 46 1.78 -66.11 38.63
C GLU N 46 3.02 -65.80 37.79
N LYS N 47 4.18 -66.25 38.24
CA LYS N 47 5.42 -66.00 37.52
C LYS N 47 5.82 -67.15 36.61
N LYS N 48 5.01 -68.20 36.59
CA LYS N 48 5.26 -69.39 35.76
C LYS N 48 6.68 -69.92 35.91
N SER N 49 7.45 -69.86 34.82
CA SER N 49 8.83 -70.31 34.84
C SER N 49 9.72 -69.17 35.32
N VAL N 50 10.16 -69.27 36.57
CA VAL N 50 11.01 -68.24 37.16
C VAL N 50 12.48 -68.60 37.08
N ALA N 51 13.18 -68.04 36.10
CA ALA N 51 14.60 -68.30 35.92
C ALA N 51 15.41 -67.45 36.90
N LYS N 52 16.65 -67.84 37.16
CA LYS N 52 17.50 -67.10 38.08
C LYS N 52 18.40 -66.09 37.38
N LEU N 53 18.39 -66.10 36.05
CA LEU N 53 19.22 -65.18 35.28
C LEU N 53 18.41 -64.04 34.66
N GLN N 54 17.12 -64.01 34.93
CA GLN N 54 16.23 -63.00 34.36
C GLN N 54 15.97 -61.80 35.27
N ASP N 55 16.05 -60.60 34.70
CA ASP N 55 15.79 -59.39 35.45
C ASP N 55 14.29 -59.30 35.74
N GLU N 56 13.92 -59.61 36.97
CA GLU N 56 12.52 -59.61 37.41
C GLU N 56 11.67 -58.39 37.03
N ARG N 57 12.26 -57.20 37.14
CA ARG N 57 11.55 -55.95 36.87
C ARG N 57 11.16 -55.67 35.41
N THR N 58 11.72 -56.41 34.46
CA THR N 58 11.42 -56.17 33.05
C THR N 58 10.21 -56.94 32.51
N VAL N 59 9.83 -58.01 33.20
CA VAL N 59 8.70 -58.82 32.74
C VAL N 59 7.51 -58.82 33.70
N ARG N 60 7.27 -57.68 34.31
CA ARG N 60 6.15 -57.52 35.25
C ARG N 60 4.86 -57.52 34.45
N LYS N 61 3.86 -58.26 34.94
CA LYS N 61 2.59 -58.31 34.25
C LYS N 61 1.58 -57.39 34.90
N ILE N 62 2.05 -56.54 35.81
CA ILE N 62 1.19 -55.59 36.50
C ILE N 62 1.74 -54.19 36.27
N CYS N 63 1.13 -53.46 35.33
CA CYS N 63 1.57 -52.12 35.01
C CYS N 63 0.59 -51.07 35.50
N ALA N 64 1.02 -49.82 35.46
CA ALA N 64 0.20 -48.70 35.89
C ALA N 64 -0.22 -47.88 34.67
N LEU N 65 -1.50 -47.58 34.57
CA LEU N 65 -2.01 -46.80 33.46
C LEU N 65 -2.05 -45.33 33.86
N ASP N 66 -2.20 -45.11 35.16
CA ASP N 66 -2.25 -43.77 35.75
C ASP N 66 -2.03 -43.89 37.26
N ASP N 67 -2.14 -42.78 37.97
CA ASP N 67 -1.93 -42.78 39.42
C ASP N 67 -2.96 -43.63 40.15
N ASN N 68 -4.20 -43.60 39.65
CA ASN N 68 -5.28 -44.34 40.28
C ASN N 68 -5.66 -45.61 39.52
N VAL N 69 -5.12 -45.79 38.33
CA VAL N 69 -5.45 -46.97 37.54
C VAL N 69 -4.25 -47.82 37.15
N CYS N 70 -4.34 -49.12 37.47
CA CYS N 70 -3.30 -50.07 37.11
C CYS N 70 -3.98 -51.30 36.53
N MET N 71 -3.21 -52.19 35.90
CA MET N 71 -3.82 -53.38 35.31
C MET N 71 -2.89 -54.58 35.19
N ALA N 72 -3.48 -55.76 35.27
CA ALA N 72 -2.78 -57.02 35.15
C ALA N 72 -3.40 -57.73 33.95
N PHE N 73 -2.59 -58.41 33.15
CA PHE N 73 -3.11 -59.09 31.98
C PHE N 73 -2.74 -60.57 31.91
N ALA N 74 -3.29 -61.24 30.90
CA ALA N 74 -3.03 -62.65 30.67
C ALA N 74 -3.12 -62.92 29.17
N GLY N 75 -2.21 -63.73 28.65
CA GLY N 75 -2.19 -64.06 27.24
C GLY N 75 -0.90 -63.63 26.57
N LEU N 76 -1.03 -63.00 25.40
CA LEU N 76 0.13 -62.55 24.63
C LEU N 76 0.75 -61.28 25.22
N THR N 77 1.92 -61.44 25.82
CA THR N 77 2.62 -60.31 26.45
C THR N 77 2.88 -59.15 25.49
N ALA N 78 3.31 -59.45 24.26
CA ALA N 78 3.57 -58.41 23.28
C ALA N 78 2.31 -57.61 22.97
N ASP N 79 1.18 -58.32 22.85
CA ASP N 79 -0.10 -57.68 22.57
C ASP N 79 -0.50 -56.79 23.75
N ALA N 80 -0.24 -57.29 24.96
CA ALA N 80 -0.57 -56.54 26.18
C ALA N 80 0.15 -55.21 26.24
N ARG N 81 1.41 -55.19 25.84
CA ARG N 81 2.21 -53.97 25.83
C ARG N 81 1.57 -52.89 24.97
N ILE N 82 1.11 -53.28 23.79
CA ILE N 82 0.47 -52.36 22.87
C ILE N 82 -0.77 -51.76 23.50
N VAL N 83 -1.62 -52.63 24.04
CA VAL N 83 -2.85 -52.19 24.69
C VAL N 83 -2.57 -51.24 25.85
N ILE N 84 -1.59 -51.60 26.67
CA ILE N 84 -1.22 -50.78 27.82
C ILE N 84 -0.78 -49.39 27.38
N ASN N 85 0.01 -49.32 26.33
CA ASN N 85 0.48 -48.03 25.84
C ASN N 85 -0.69 -47.19 25.34
N ARG N 86 -1.60 -47.83 24.61
CA ARG N 86 -2.78 -47.13 24.10
C ARG N 86 -3.54 -46.53 25.26
N ALA N 87 -3.79 -47.33 26.29
CA ALA N 87 -4.53 -46.89 27.46
C ALA N 87 -3.82 -45.72 28.15
N ARG N 88 -2.51 -45.80 28.30
CA ARG N 88 -1.73 -44.74 28.94
C ARG N 88 -1.89 -43.43 28.19
N VAL N 89 -1.84 -43.48 26.87
CA VAL N 89 -2.00 -42.30 26.05
C VAL N 89 -3.40 -41.72 26.22
N GLU N 90 -4.40 -42.59 26.31
CA GLU N 90 -5.78 -42.18 26.48
C GLU N 90 -5.99 -41.52 27.84
N CYS N 91 -5.29 -42.01 28.86
CA CYS N 91 -5.41 -41.47 30.21
C CYS N 91 -4.91 -40.03 30.28
N GLN N 92 -3.87 -39.73 29.53
CA GLN N 92 -3.31 -38.39 29.51
C GLN N 92 -4.17 -37.47 28.65
N SER N 93 -4.83 -38.05 27.65
CA SER N 93 -5.71 -37.28 26.78
C SER N 93 -6.94 -36.86 27.57
N HIS N 94 -7.47 -37.78 28.36
CA HIS N 94 -8.64 -37.53 29.18
C HIS N 94 -8.34 -36.48 30.25
N ARG N 95 -7.16 -36.58 30.84
CA ARG N 95 -6.70 -35.68 31.89
C ARG N 95 -6.49 -34.27 31.36
N LEU N 96 -6.32 -34.16 30.05
CA LEU N 96 -6.08 -32.88 29.40
C LEU N 96 -7.33 -32.22 28.83
N THR N 97 -8.37 -33.01 28.57
CA THR N 97 -9.60 -32.47 28.01
C THR N 97 -10.74 -32.36 29.01
N VAL N 98 -10.61 -33.07 30.14
CA VAL N 98 -11.65 -33.04 31.17
C VAL N 98 -11.10 -32.56 32.50
N GLU N 99 -9.78 -32.31 32.55
CA GLU N 99 -9.11 -31.86 33.76
C GLU N 99 -9.45 -32.69 34.98
N ASP N 100 -9.38 -34.00 34.84
CA ASP N 100 -9.71 -34.92 35.92
C ASP N 100 -9.15 -36.31 35.64
N PRO N 101 -8.84 -37.06 36.71
CA PRO N 101 -8.34 -38.42 36.53
C PRO N 101 -9.47 -39.29 36.02
N VAL N 102 -9.21 -40.09 35.00
CA VAL N 102 -10.23 -40.95 34.43
C VAL N 102 -10.73 -41.98 35.43
N THR N 103 -12.01 -42.34 35.32
CA THR N 103 -12.58 -43.34 36.20
C THR N 103 -12.13 -44.70 35.70
N VAL N 104 -12.09 -45.69 36.59
CA VAL N 104 -11.65 -47.03 36.21
C VAL N 104 -12.50 -47.59 35.07
N GLU N 105 -13.82 -47.43 35.18
CA GLU N 105 -14.73 -47.91 34.17
C GLU N 105 -14.53 -47.20 32.82
N TYR N 106 -14.19 -45.91 32.87
CA TYR N 106 -13.98 -45.16 31.63
C TYR N 106 -12.82 -45.70 30.81
N ILE N 107 -11.70 -46.01 31.46
CA ILE N 107 -10.54 -46.53 30.75
C ILE N 107 -10.77 -48.00 30.38
N THR N 108 -11.59 -48.67 31.18
CA THR N 108 -11.93 -50.06 30.92
C THR N 108 -12.75 -50.09 29.65
N ARG N 109 -13.68 -49.15 29.54
CA ARG N 109 -14.54 -48.99 28.39
C ARG N 109 -13.70 -48.73 27.14
N TYR N 110 -12.70 -47.88 27.27
CA TYR N 110 -11.83 -47.55 26.16
C TYR N 110 -11.04 -48.75 25.64
N ILE N 111 -10.47 -49.52 26.56
CA ILE N 111 -9.69 -50.70 26.19
C ILE N 111 -10.60 -51.76 25.56
N ALA N 112 -11.79 -51.93 26.13
CA ALA N 112 -12.75 -52.90 25.61
C ALA N 112 -13.17 -52.51 24.21
N SER N 113 -13.39 -51.22 24.00
CA SER N 113 -13.80 -50.68 22.70
C SER N 113 -12.72 -50.91 21.64
N LEU N 114 -11.46 -50.77 22.05
CA LEU N 114 -10.34 -50.97 21.14
C LEU N 114 -10.24 -52.44 20.75
N LYS N 115 -10.55 -53.33 21.69
CA LYS N 115 -10.51 -54.76 21.45
C LYS N 115 -11.62 -55.19 20.48
N GLN N 116 -12.80 -54.60 20.64
CA GLN N 116 -13.93 -54.91 19.77
C GLN N 116 -13.65 -54.42 18.36
N ARG N 117 -13.05 -53.25 18.26
CA ARG N 117 -12.70 -52.64 16.98
C ARG N 117 -11.79 -53.54 16.17
N TYR N 118 -10.99 -54.35 16.86
CA TYR N 118 -10.06 -55.27 16.21
C TYR N 118 -10.68 -56.61 15.82
N THR N 119 -11.95 -56.79 16.12
CA THR N 119 -12.66 -58.02 15.77
C THR N 119 -13.60 -57.76 14.60
N GLN N 120 -13.70 -56.50 14.16
CA GLN N 120 -14.57 -56.13 13.07
C GLN N 120 -13.85 -55.21 12.07
N SER N 121 -12.54 -55.32 12.01
CA SER N 121 -11.75 -54.49 11.09
C SER N 121 -11.00 -55.34 10.08
N ASN N 122 -10.73 -54.75 8.92
CA ASN N 122 -10.01 -55.46 7.85
C ASN N 122 -8.51 -55.47 8.08
N GLY N 123 -7.88 -56.60 7.76
CA GLY N 123 -6.44 -56.75 7.87
C GLY N 123 -5.85 -57.01 9.25
N ARG N 124 -6.67 -56.98 10.30
CA ARG N 124 -6.15 -57.22 11.64
C ARG N 124 -6.79 -58.41 12.34
N ARG N 125 -6.06 -58.95 13.30
CA ARG N 125 -6.52 -60.06 14.12
C ARG N 125 -6.86 -59.50 15.50
N PRO N 126 -7.63 -60.25 16.29
CA PRO N 126 -7.98 -59.76 17.63
C PRO N 126 -6.79 -59.78 18.58
N PHE N 127 -6.83 -58.94 19.61
CA PHE N 127 -5.78 -58.92 20.61
C PHE N 127 -5.91 -60.22 21.38
N GLY N 128 -4.80 -60.90 21.64
CA GLY N 128 -4.85 -62.15 22.35
C GLY N 128 -4.68 -62.06 23.85
N ILE N 129 -5.27 -61.05 24.46
CA ILE N 129 -5.16 -60.86 25.90
C ILE N 129 -6.46 -60.52 26.61
N SER N 130 -6.44 -60.70 27.92
CA SER N 130 -7.57 -60.38 28.79
C SER N 130 -6.96 -59.53 29.89
N ALA N 131 -7.67 -58.51 30.34
CA ALA N 131 -7.11 -57.65 31.37
C ALA N 131 -7.98 -57.43 32.61
N LEU N 132 -7.31 -57.22 33.73
CA LEU N 132 -7.96 -56.95 35.00
C LEU N 132 -7.59 -55.52 35.34
N ILE N 133 -8.58 -54.64 35.39
CA ILE N 133 -8.33 -53.25 35.69
C ILE N 133 -8.85 -52.86 37.07
N VAL N 134 -7.98 -52.32 37.90
CA VAL N 134 -8.34 -51.90 39.25
C VAL N 134 -8.00 -50.44 39.45
N GLY N 135 -8.45 -49.88 40.57
CA GLY N 135 -8.18 -48.50 40.89
C GLY N 135 -9.29 -47.86 41.70
N PHE N 136 -9.19 -46.55 41.89
CA PHE N 136 -10.18 -45.82 42.65
C PHE N 136 -10.62 -44.59 41.88
N ASP N 137 -11.91 -44.25 42.00
CA ASP N 137 -12.44 -43.08 41.33
C ASP N 137 -12.26 -41.88 42.28
N PHE N 138 -12.62 -40.70 41.80
CA PHE N 138 -12.49 -39.49 42.63
C PHE N 138 -13.15 -39.59 44.01
N ASP N 139 -14.35 -40.17 44.08
CA ASP N 139 -15.07 -40.30 45.34
C ASP N 139 -14.39 -41.23 46.35
N GLY N 140 -13.62 -42.20 45.88
CA GLY N 140 -12.91 -43.11 46.75
C GLY N 140 -13.31 -44.56 46.66
N THR N 141 -14.36 -44.84 45.91
CA THR N 141 -14.83 -46.21 45.74
C THR N 141 -13.88 -47.04 44.88
N PRO N 142 -13.52 -48.24 45.37
CA PRO N 142 -12.62 -49.17 44.67
C PRO N 142 -13.33 -49.82 43.48
N ARG N 143 -12.60 -50.06 42.40
CA ARG N 143 -13.16 -50.68 41.21
C ARG N 143 -12.32 -51.84 40.69
N LEU N 144 -12.97 -52.78 40.03
CA LEU N 144 -12.31 -53.95 39.47
C LEU N 144 -13.05 -54.40 38.21
N TYR N 145 -12.41 -54.24 37.05
CA TYR N 145 -13.02 -54.62 35.78
C TYR N 145 -12.23 -55.70 35.06
N GLN N 146 -12.84 -56.30 34.05
CA GLN N 146 -12.19 -57.34 33.28
C GLN N 146 -12.63 -57.29 31.82
N THR N 147 -11.66 -57.15 30.92
CA THR N 147 -11.95 -57.11 29.50
C THR N 147 -11.35 -58.35 28.84
N ASP N 148 -11.93 -58.78 27.73
CA ASP N 148 -11.42 -59.94 27.01
C ASP N 148 -11.29 -59.60 25.54
N PRO N 149 -10.74 -60.53 24.74
CA PRO N 149 -10.52 -60.32 23.31
C PRO N 149 -11.75 -59.85 22.51
N SER N 150 -12.92 -60.37 22.84
CA SER N 150 -14.15 -59.98 22.13
C SER N 150 -14.52 -58.51 22.28
N GLY N 151 -14.18 -57.91 23.42
CA GLY N 151 -14.49 -56.51 23.65
C GLY N 151 -15.52 -56.32 24.74
N THR N 152 -15.97 -57.43 25.34
CA THR N 152 -16.95 -57.36 26.42
C THR N 152 -16.25 -57.11 27.75
N TYR N 153 -16.91 -56.40 28.66
CA TYR N 153 -16.32 -56.10 29.95
C TYR N 153 -17.38 -56.00 31.05
N HIS N 154 -17.02 -56.45 32.24
CA HIS N 154 -17.91 -56.42 33.40
C HIS N 154 -17.17 -55.93 34.63
N ALA N 155 -17.93 -55.52 35.65
CA ALA N 155 -17.34 -55.09 36.91
C ALA N 155 -17.39 -56.29 37.84
N TRP N 156 -16.30 -56.55 38.55
CA TRP N 156 -16.26 -57.71 39.44
C TRP N 156 -15.90 -57.38 40.87
N LYS N 157 -16.01 -58.38 41.73
CA LYS N 157 -15.66 -58.27 43.13
C LYS N 157 -14.32 -58.98 43.28
N ALA N 158 -14.19 -60.09 42.57
CA ALA N 158 -12.98 -60.90 42.57
C ALA N 158 -13.00 -61.79 41.34
N ASN N 159 -12.03 -61.63 40.45
CA ASN N 159 -11.96 -62.42 39.23
C ASN N 159 -10.57 -62.99 39.02
N ALA N 160 -10.47 -63.96 38.11
CA ALA N 160 -9.22 -64.60 37.77
C ALA N 160 -9.16 -64.92 36.29
N ILE N 161 -8.05 -64.56 35.64
CA ILE N 161 -7.87 -64.81 34.21
C ILE N 161 -6.62 -65.64 33.97
N GLY N 162 -6.49 -66.19 32.76
CA GLY N 162 -5.33 -66.99 32.41
C GLY N 162 -5.55 -68.46 32.74
N ARG N 163 -4.49 -69.24 32.59
CA ARG N 163 -4.56 -70.68 32.85
C ARG N 163 -4.94 -70.96 34.31
N GLY N 164 -6.10 -71.57 34.49
CA GLY N 164 -6.57 -71.88 35.82
C GLY N 164 -7.53 -70.83 36.35
N ALA N 165 -8.07 -70.02 35.44
CA ALA N 165 -9.01 -68.98 35.84
C ALA N 165 -10.24 -69.59 36.46
N LYS N 166 -10.74 -70.68 35.86
CA LYS N 166 -11.92 -71.36 36.36
C LYS N 166 -11.66 -71.91 37.77
N SER N 167 -10.54 -72.60 37.94
CA SER N 167 -10.18 -73.17 39.23
C SER N 167 -10.12 -72.10 40.31
N VAL N 168 -9.50 -70.96 39.98
CA VAL N 168 -9.37 -69.86 40.92
C VAL N 168 -10.73 -69.19 41.16
N ARG N 169 -11.58 -69.20 40.13
CA ARG N 169 -12.91 -68.60 40.25
C ARG N 169 -13.78 -69.43 41.18
N GLU N 170 -13.64 -70.75 41.10
CA GLU N 170 -14.41 -71.65 41.95
C GLU N 170 -14.03 -71.46 43.41
N PHE N 171 -12.75 -71.26 43.66
CA PHE N 171 -12.24 -71.07 45.02
C PHE N 171 -12.53 -69.68 45.55
N LEU N 172 -12.60 -68.70 44.65
CA LEU N 172 -12.85 -67.32 45.04
C LEU N 172 -14.31 -67.10 45.42
N GLU N 173 -15.21 -67.80 44.73
CA GLU N 173 -16.64 -67.69 45.01
C GLU N 173 -16.91 -68.18 46.42
N LYS N 174 -16.36 -69.34 46.75
CA LYS N 174 -16.55 -69.97 48.04
C LYS N 174 -15.62 -69.41 49.13
N ASN N 175 -14.94 -68.32 48.83
CA ASN N 175 -14.03 -67.73 49.79
C ASN N 175 -14.15 -66.21 49.87
N TYR N 176 -14.91 -65.63 48.96
CA TYR N 176 -15.11 -64.18 48.96
C TYR N 176 -16.35 -63.84 49.77
N THR N 177 -16.13 -63.10 50.86
CA THR N 177 -17.20 -62.68 51.74
C THR N 177 -16.86 -61.29 52.28
N ASP N 178 -17.65 -60.83 53.24
CA ASP N 178 -17.40 -59.53 53.85
C ASP N 178 -16.41 -59.69 55.00
N GLU N 179 -16.23 -60.93 55.45
CA GLU N 179 -15.31 -61.25 56.53
C GLU N 179 -13.99 -61.79 55.96
N ALA N 180 -13.75 -61.52 54.68
CA ALA N 180 -12.54 -61.96 54.00
C ALA N 180 -11.77 -60.75 53.51
N ILE N 181 -12.47 -59.62 53.38
CA ILE N 181 -11.85 -58.38 52.94
C ILE N 181 -12.03 -57.31 54.02
N GLU N 182 -12.16 -57.78 55.26
CA GLU N 182 -12.34 -56.90 56.41
C GLU N 182 -11.19 -55.90 56.54
N THR N 183 -9.97 -56.43 56.49
CA THR N 183 -8.77 -55.60 56.61
C THR N 183 -7.86 -55.77 55.40
N ASP N 184 -6.96 -54.81 55.21
CA ASP N 184 -6.02 -54.85 54.09
C ASP N 184 -5.26 -56.16 54.03
N ASP N 185 -4.73 -56.60 55.17
CA ASP N 185 -3.99 -57.84 55.25
C ASP N 185 -4.83 -59.01 54.75
N LEU N 186 -6.03 -59.15 55.28
CA LEU N 186 -6.94 -60.23 54.89
C LEU N 186 -7.19 -60.27 53.39
N THR N 187 -7.43 -59.10 52.80
CA THR N 187 -7.68 -58.99 51.37
C THR N 187 -6.50 -59.53 50.56
N ILE N 188 -5.30 -59.17 50.98
CA ILE N 188 -4.08 -59.63 50.32
C ILE N 188 -3.91 -61.13 50.47
N LYS N 189 -4.28 -61.64 51.64
CA LYS N 189 -4.15 -63.06 51.92
C LYS N 189 -5.08 -63.84 50.98
N LEU N 190 -6.27 -63.30 50.77
CA LEU N 190 -7.24 -63.94 49.88
C LEU N 190 -6.63 -64.13 48.50
N VAL N 191 -6.07 -63.07 47.94
CA VAL N 191 -5.46 -63.14 46.62
C VAL N 191 -4.30 -64.13 46.59
N ILE N 192 -3.49 -64.14 47.64
CA ILE N 192 -2.37 -65.05 47.73
C ILE N 192 -2.86 -66.49 47.87
N LYS N 193 -3.89 -66.68 48.68
CA LYS N 193 -4.46 -68.02 48.89
C LYS N 193 -5.15 -68.51 47.63
N ALA N 194 -5.75 -67.58 46.88
CA ALA N 194 -6.44 -67.91 45.65
C ALA N 194 -5.42 -68.25 44.57
N LEU N 195 -4.26 -67.61 44.65
CA LEU N 195 -3.18 -67.84 43.70
C LEU N 195 -2.41 -69.11 44.02
N LEU N 196 -2.56 -69.62 45.24
CA LEU N 196 -1.89 -70.85 45.67
C LEU N 196 -2.61 -72.12 45.22
N GLU N 197 -3.82 -71.95 44.68
CA GLU N 197 -4.61 -73.07 44.19
C GLU N 197 -4.14 -73.59 42.84
N VAL N 198 -3.37 -72.77 42.12
CA VAL N 198 -2.86 -73.17 40.82
C VAL N 198 -1.34 -73.04 40.71
N VAL N 199 -0.82 -71.86 41.02
CA VAL N 199 0.62 -71.61 40.96
C VAL N 199 1.40 -72.63 41.76
N GLN N 200 2.25 -73.38 41.07
CA GLN N 200 3.07 -74.41 41.71
C GLN N 200 4.18 -73.79 42.55
N SER N 201 4.69 -74.58 43.50
CA SER N 201 5.75 -74.16 44.40
C SER N 201 5.45 -72.80 45.04
N GLY N 202 4.38 -72.77 45.84
CA GLY N 202 3.96 -71.55 46.51
C GLY N 202 5.06 -70.80 47.22
N GLY N 203 5.07 -69.48 47.04
CA GLY N 203 6.07 -68.63 47.66
C GLY N 203 6.51 -67.48 46.78
N LYS N 204 7.61 -67.67 46.06
CA LYS N 204 8.15 -66.64 45.18
C LYS N 204 7.69 -66.80 43.73
N ASN N 205 6.65 -67.59 43.53
CA ASN N 205 6.13 -67.81 42.18
C ASN N 205 4.96 -66.89 41.89
N ILE N 206 4.71 -65.95 42.79
CA ILE N 206 3.61 -65.01 42.64
C ILE N 206 4.08 -63.56 42.69
N GLU N 207 3.53 -62.76 41.78
CA GLU N 207 3.86 -61.34 41.72
C GLU N 207 2.65 -60.58 42.26
N LEU N 208 2.84 -59.92 43.40
CA LEU N 208 1.74 -59.18 44.02
C LEU N 208 1.96 -57.67 44.01
N ALA N 209 0.86 -56.93 43.97
CA ALA N 209 0.90 -55.48 43.98
C ALA N 209 -0.47 -54.98 44.41
N VAL N 210 -0.48 -54.01 45.33
CA VAL N 210 -1.73 -53.45 45.83
C VAL N 210 -1.86 -51.97 45.53
N MET N 211 -3.08 -51.46 45.61
CA MET N 211 -3.35 -50.06 45.37
C MET N 211 -4.29 -49.51 46.42
N ARG N 212 -3.73 -48.94 47.47
CA ARG N 212 -4.52 -48.36 48.55
C ARG N 212 -5.08 -47.02 48.10
N ARG N 213 -6.16 -46.59 48.76
CA ARG N 213 -6.81 -45.33 48.45
C ARG N 213 -5.83 -44.15 48.38
N ASP N 214 -5.98 -43.33 47.34
CA ASP N 214 -5.18 -42.12 47.06
C ASP N 214 -3.70 -42.28 46.64
N GLN N 215 -2.95 -43.11 47.36
CA GLN N 215 -1.53 -43.32 47.05
C GLN N 215 -1.27 -44.04 45.73
N PRO N 216 -0.03 -43.94 45.22
CA PRO N 216 0.37 -44.57 43.96
C PRO N 216 0.51 -46.08 44.13
N LEU N 217 0.49 -46.79 43.01
CA LEU N 217 0.62 -48.25 43.01
C LEU N 217 1.85 -48.73 43.79
N LYS N 218 1.66 -49.77 44.59
CA LYS N 218 2.75 -50.34 45.38
C LYS N 218 3.02 -51.78 45.01
N ILE N 219 4.28 -52.19 45.04
CA ILE N 219 4.65 -53.56 44.68
C ILE N 219 5.31 -54.29 45.86
N LEU N 220 4.71 -55.39 46.28
CA LEU N 220 5.23 -56.18 47.39
C LEU N 220 6.54 -56.87 46.99
N ASN N 221 7.50 -56.88 47.91
CA ASN N 221 8.78 -57.51 47.65
C ASN N 221 8.78 -58.98 48.08
N PRO N 222 9.70 -59.77 47.53
CA PRO N 222 9.86 -61.21 47.82
C PRO N 222 9.73 -61.57 49.30
N GLU N 223 10.43 -60.85 50.17
CA GLU N 223 10.36 -61.12 51.60
C GLU N 223 9.05 -60.65 52.22
N GLU N 224 8.45 -59.62 51.61
CA GLU N 224 7.19 -59.09 52.09
C GLU N 224 6.06 -60.06 51.77
N ILE N 225 6.21 -60.77 50.64
CA ILE N 225 5.22 -61.75 50.22
C ILE N 225 5.44 -63.04 51.00
N GLU N 226 6.71 -63.32 51.30
CA GLU N 226 7.08 -64.52 52.04
C GLU N 226 6.42 -64.51 53.41
N LYS N 227 6.45 -63.36 54.07
CA LYS N 227 5.85 -63.21 55.39
C LYS N 227 4.36 -63.52 55.36
N TYR N 228 3.68 -63.04 54.33
CA TYR N 228 2.25 -63.27 54.16
C TYR N 228 1.96 -64.76 54.00
N VAL N 229 2.82 -65.45 53.26
CA VAL N 229 2.68 -66.89 53.02
C VAL N 229 2.82 -67.72 54.29
N ALA N 230 3.65 -67.25 55.22
CA ALA N 230 3.86 -67.93 56.49
C ALA N 230 2.61 -67.88 57.37
N GLU N 231 1.85 -66.79 57.25
CA GLU N 231 0.62 -66.61 58.02
C GLU N 231 -0.52 -67.48 57.51
N ILE N 232 -0.44 -67.88 56.24
CA ILE N 232 -1.48 -68.71 55.63
C ILE N 232 -1.22 -70.19 55.90
N GLY O 7 -7.19 -75.43 -11.14
CA GLY O 7 -8.02 -74.33 -11.57
C GLY O 7 -7.27 -73.31 -12.39
N TYR O 8 -7.04 -73.63 -13.66
CA TYR O 8 -6.32 -72.73 -14.56
C TYR O 8 -7.25 -71.71 -15.21
N ASP O 9 -8.54 -71.97 -15.10
CA ASP O 9 -9.58 -71.13 -15.69
C ASP O 9 -10.36 -70.31 -14.67
N LEU O 10 -9.70 -69.90 -13.59
CA LEU O 10 -10.38 -69.13 -12.56
C LEU O 10 -10.06 -67.64 -12.57
N SER O 11 -8.96 -67.27 -13.22
CA SER O 11 -8.56 -65.87 -13.27
C SER O 11 -8.03 -65.49 -14.64
N ALA O 12 -8.14 -64.20 -14.98
CA ALA O 12 -7.67 -63.68 -16.26
C ALA O 12 -6.17 -63.35 -16.22
N SER O 13 -5.57 -63.40 -15.04
CA SER O 13 -4.14 -63.14 -14.89
C SER O 13 -3.38 -64.45 -14.78
N THR O 14 -4.03 -65.55 -15.15
CA THR O 14 -3.42 -66.86 -15.11
C THR O 14 -3.50 -67.54 -16.47
N PHE O 15 -2.34 -67.93 -16.98
CA PHE O 15 -2.25 -68.62 -18.26
C PHE O 15 -2.33 -70.10 -17.98
N SER O 16 -3.00 -70.85 -18.85
CA SER O 16 -3.07 -72.29 -18.67
C SER O 16 -1.82 -72.91 -19.29
N PRO O 17 -1.56 -74.20 -19.01
CA PRO O 17 -0.40 -74.90 -19.54
C PRO O 17 -0.18 -74.78 -21.06
N ASP O 18 -1.25 -74.76 -21.87
CA ASP O 18 -1.12 -74.60 -23.31
C ASP O 18 -1.21 -73.14 -23.79
N GLY O 19 -0.93 -72.21 -22.89
CA GLY O 19 -0.92 -70.79 -23.21
C GLY O 19 -2.25 -70.11 -23.51
N ARG O 20 -3.33 -70.60 -22.92
CA ARG O 20 -4.65 -70.02 -23.16
C ARG O 20 -5.20 -69.30 -21.93
N VAL O 21 -5.99 -68.26 -22.17
CA VAL O 21 -6.62 -67.51 -21.10
C VAL O 21 -8.09 -67.89 -21.10
N PHE O 22 -8.41 -68.97 -20.41
CA PHE O 22 -9.78 -69.51 -20.35
C PHE O 22 -10.87 -68.54 -19.91
N GLN O 23 -10.55 -67.65 -18.98
CA GLN O 23 -11.53 -66.68 -18.50
C GLN O 23 -12.06 -65.79 -19.63
N VAL O 24 -11.18 -65.37 -20.54
CA VAL O 24 -11.58 -64.56 -21.67
C VAL O 24 -12.43 -65.39 -22.62
N GLU O 25 -12.09 -66.66 -22.75
CA GLU O 25 -12.81 -67.58 -23.62
C GLU O 25 -14.21 -67.89 -23.08
N TYR O 26 -14.36 -67.85 -21.76
CA TYR O 26 -15.66 -68.10 -21.15
C TYR O 26 -16.57 -66.91 -21.42
N ALA O 27 -15.99 -65.72 -21.47
CA ALA O 27 -16.75 -64.51 -21.74
C ALA O 27 -17.22 -64.51 -23.20
N MET O 28 -16.47 -65.17 -24.06
CA MET O 28 -16.81 -65.26 -25.48
C MET O 28 -17.95 -66.26 -25.66
N LYS O 29 -18.10 -67.17 -24.69
CA LYS O 29 -19.16 -68.16 -24.70
C LYS O 29 -20.48 -67.48 -24.38
N ALA O 30 -20.42 -66.42 -23.57
CA ALA O 30 -21.60 -65.65 -23.20
C ALA O 30 -22.15 -64.88 -24.40
N VAL O 31 -21.27 -64.48 -25.31
CA VAL O 31 -21.66 -63.77 -26.51
C VAL O 31 -22.14 -64.77 -27.55
N GLU O 32 -21.65 -66.01 -27.43
CA GLU O 32 -22.02 -67.08 -28.35
C GLU O 32 -23.46 -67.52 -28.15
N ASN O 33 -23.92 -67.51 -26.89
CA ASN O 33 -25.28 -67.91 -26.58
C ASN O 33 -26.18 -66.68 -26.47
N SER O 34 -26.19 -65.86 -27.52
CA SER O 34 -27.00 -64.66 -27.54
C SER O 34 -27.53 -64.39 -28.95
N SER O 35 -28.49 -63.48 -29.06
CA SER O 35 -29.09 -63.13 -30.33
C SER O 35 -28.04 -62.66 -31.34
N THR O 36 -28.34 -62.82 -32.63
CA THR O 36 -27.42 -62.45 -33.69
C THR O 36 -27.64 -61.03 -34.22
N ALA O 37 -26.56 -60.29 -34.37
CA ALA O 37 -26.60 -58.93 -34.91
C ALA O 37 -25.71 -58.92 -36.15
N ILE O 38 -26.07 -58.13 -37.15
CA ILE O 38 -25.29 -58.07 -38.38
C ILE O 38 -24.90 -56.66 -38.79
N GLY O 39 -23.75 -56.56 -39.45
CA GLY O 39 -23.24 -55.30 -39.93
C GLY O 39 -22.74 -55.48 -41.35
N ILE O 40 -23.22 -54.63 -42.26
CA ILE O 40 -22.81 -54.73 -43.66
C ILE O 40 -22.29 -53.39 -44.17
N ARG O 41 -21.10 -53.42 -44.76
CA ARG O 41 -20.49 -52.23 -45.31
C ARG O 41 -20.76 -52.13 -46.81
N CYS O 42 -21.66 -51.23 -47.18
CA CYS O 42 -22.01 -51.04 -48.58
C CYS O 42 -21.18 -49.95 -49.23
N LYS O 43 -21.50 -49.65 -50.49
CA LYS O 43 -20.78 -48.64 -51.25
C LYS O 43 -20.76 -47.26 -50.59
N ASP O 44 -21.87 -46.87 -49.97
CA ASP O 44 -21.93 -45.55 -49.34
C ASP O 44 -22.54 -45.53 -47.94
N GLY O 45 -22.21 -46.52 -47.11
CA GLY O 45 -22.73 -46.56 -45.76
C GLY O 45 -22.68 -47.90 -45.07
N VAL O 46 -23.19 -47.95 -43.83
CA VAL O 46 -23.23 -49.17 -43.04
C VAL O 46 -24.64 -49.43 -42.54
N VAL O 47 -25.03 -50.70 -42.50
CA VAL O 47 -26.35 -51.07 -42.03
C VAL O 47 -26.26 -52.10 -40.89
N PHE O 48 -26.98 -51.82 -39.81
CA PHE O 48 -26.99 -52.73 -38.66
C PHE O 48 -28.36 -53.36 -38.46
N GLY O 49 -28.36 -54.67 -38.19
CA GLY O 49 -29.60 -55.40 -37.97
C GLY O 49 -29.44 -56.37 -36.84
N VAL O 50 -30.39 -56.33 -35.89
CA VAL O 50 -30.34 -57.22 -34.74
C VAL O 50 -31.62 -58.01 -34.58
N GLU O 51 -31.49 -59.30 -34.26
CA GLU O 51 -32.63 -60.17 -34.05
C GLU O 51 -33.00 -60.08 -32.57
N LYS O 52 -33.64 -58.99 -32.19
CA LYS O 52 -34.04 -58.75 -30.81
C LYS O 52 -35.03 -59.81 -30.35
N LEU O 53 -34.64 -60.58 -29.34
CA LEU O 53 -35.50 -61.63 -28.81
C LEU O 53 -36.43 -61.10 -27.72
N VAL O 54 -37.73 -61.17 -27.98
CA VAL O 54 -38.73 -60.70 -27.02
C VAL O 54 -39.10 -61.83 -26.07
N LEU O 55 -38.49 -61.83 -24.89
CA LEU O 55 -38.74 -62.86 -23.88
C LEU O 55 -40.13 -62.78 -23.26
N SER O 56 -40.73 -61.59 -23.27
CA SER O 56 -42.05 -61.41 -22.69
C SER O 56 -42.91 -60.51 -23.56
N LYS O 57 -44.23 -60.68 -23.45
CA LYS O 57 -45.17 -59.87 -24.20
C LYS O 57 -45.44 -58.56 -23.47
N LEU O 58 -45.10 -58.54 -22.18
CA LEU O 58 -45.30 -57.36 -21.35
C LEU O 58 -44.35 -56.23 -21.73
N TYR O 59 -43.15 -56.59 -22.19
CA TYR O 59 -42.15 -55.60 -22.58
C TYR O 59 -42.68 -54.71 -23.70
N GLU O 60 -42.37 -53.41 -23.59
CA GLU O 60 -42.79 -52.43 -24.58
C GLU O 60 -42.02 -52.55 -25.88
N GLU O 61 -42.69 -52.27 -26.98
CA GLU O 61 -42.05 -52.33 -28.29
C GLU O 61 -40.90 -51.33 -28.35
N GLY O 62 -39.67 -51.85 -28.37
CA GLY O 62 -38.50 -51.01 -28.41
C GLY O 62 -37.69 -51.08 -27.13
N SER O 63 -37.99 -52.08 -26.29
CA SER O 63 -37.28 -52.27 -25.03
C SER O 63 -36.00 -53.04 -25.26
N ASN O 64 -35.04 -52.87 -24.36
CA ASN O 64 -33.74 -53.53 -24.43
C ASN O 64 -33.09 -53.38 -25.81
N LYS O 65 -33.00 -52.14 -26.29
CA LYS O 65 -32.39 -51.87 -27.58
C LYS O 65 -30.94 -52.33 -27.61
N ARG O 66 -30.55 -53.02 -28.68
CA ARG O 66 -29.19 -53.50 -28.83
C ARG O 66 -28.43 -52.67 -29.85
N LEU O 67 -29.02 -51.54 -30.24
CA LEU O 67 -28.42 -50.62 -31.19
C LEU O 67 -28.30 -49.28 -30.50
N PHE O 68 -27.08 -48.78 -30.38
CA PHE O 68 -26.87 -47.50 -29.71
C PHE O 68 -26.19 -46.47 -30.59
N ASN O 69 -26.34 -45.20 -30.21
CA ASN O 69 -25.69 -44.11 -30.91
C ASN O 69 -24.58 -43.64 -29.99
N VAL O 70 -23.34 -44.00 -30.30
CA VAL O 70 -22.21 -43.61 -29.46
C VAL O 70 -21.68 -42.24 -29.86
N ASP O 71 -22.09 -41.77 -31.03
CA ASP O 71 -21.68 -40.47 -31.54
C ASP O 71 -22.63 -40.07 -32.65
N ARG O 72 -22.52 -38.84 -33.11
CA ARG O 72 -23.37 -38.33 -34.18
C ARG O 72 -23.22 -39.15 -35.47
N HIS O 73 -21.98 -39.51 -35.78
CA HIS O 73 -21.67 -40.28 -36.98
C HIS O 73 -21.35 -41.75 -36.72
N VAL O 74 -21.49 -42.20 -35.46
CA VAL O 74 -21.18 -43.58 -35.12
C VAL O 74 -22.32 -44.36 -34.47
N GLY O 75 -22.54 -45.58 -34.92
CA GLY O 75 -23.57 -46.46 -34.38
C GLY O 75 -22.92 -47.71 -33.80
N MET O 76 -23.57 -48.34 -32.82
CA MET O 76 -23.03 -49.53 -32.19
C MET O 76 -24.06 -50.65 -32.06
N ALA O 77 -23.70 -51.85 -32.52
CA ALA O 77 -24.56 -53.02 -32.43
C ALA O 77 -23.86 -54.04 -31.55
N VAL O 78 -24.52 -54.49 -30.50
CA VAL O 78 -23.92 -55.39 -29.53
C VAL O 78 -24.57 -56.77 -29.42
N ALA O 79 -23.85 -57.68 -28.78
CA ALA O 79 -24.30 -59.04 -28.55
C ALA O 79 -23.69 -59.55 -27.24
N GLY O 80 -24.46 -60.28 -26.45
CA GLY O 80 -23.99 -60.79 -25.17
C GLY O 80 -24.65 -60.07 -24.00
N LEU O 81 -23.99 -60.07 -22.85
CA LEU O 81 -24.52 -59.40 -21.65
C LEU O 81 -24.87 -57.95 -21.95
N LEU O 82 -26.17 -57.63 -21.90
CA LEU O 82 -26.62 -56.27 -22.19
C LEU O 82 -26.07 -55.23 -21.22
N ALA O 83 -25.89 -55.60 -19.96
CA ALA O 83 -25.36 -54.67 -18.97
C ALA O 83 -23.91 -54.32 -19.31
N ASP O 84 -23.14 -55.33 -19.70
CA ASP O 84 -21.74 -55.15 -20.08
C ASP O 84 -21.66 -54.33 -21.35
N ALA O 85 -22.55 -54.63 -22.29
CA ALA O 85 -22.59 -53.92 -23.56
C ALA O 85 -22.96 -52.45 -23.35
N ARG O 86 -23.90 -52.21 -22.44
CA ARG O 86 -24.34 -50.85 -22.14
C ARG O 86 -23.23 -49.97 -21.57
N SER O 87 -22.41 -50.54 -20.70
CA SER O 87 -21.31 -49.79 -20.11
C SER O 87 -20.24 -49.51 -21.16
N LEU O 88 -20.06 -50.45 -22.09
CA LEU O 88 -19.09 -50.30 -23.16
C LEU O 88 -19.54 -49.20 -24.12
N ALA O 89 -20.85 -49.08 -24.31
CA ALA O 89 -21.42 -48.03 -25.14
C ALA O 89 -21.16 -46.66 -24.52
N ASP O 90 -21.25 -46.60 -23.19
CA ASP O 90 -20.98 -45.36 -22.48
C ASP O 90 -19.50 -45.02 -22.56
N ILE O 91 -18.66 -46.05 -22.53
CA ILE O 91 -17.22 -45.86 -22.64
C ILE O 91 -16.91 -45.31 -24.03
N ALA O 92 -17.55 -45.88 -25.04
CA ALA O 92 -17.36 -45.46 -26.43
C ALA O 92 -17.79 -44.01 -26.58
N ARG O 93 -18.91 -43.65 -25.98
CA ARG O 93 -19.43 -42.29 -26.04
C ARG O 93 -18.45 -41.32 -25.40
N GLU O 94 -17.86 -41.73 -24.28
CA GLU O 94 -16.89 -40.91 -23.57
C GLU O 94 -15.69 -40.63 -24.47
N GLU O 95 -15.21 -41.68 -25.13
CA GLU O 95 -14.07 -41.57 -26.04
C GLU O 95 -14.35 -40.55 -27.14
N ALA O 96 -15.45 -40.73 -27.86
CA ALA O 96 -15.81 -39.82 -28.94
C ALA O 96 -15.86 -38.38 -28.45
N SER O 97 -16.57 -38.16 -27.34
CA SER O 97 -16.70 -36.84 -26.74
C SER O 97 -15.34 -36.25 -26.37
N ASN O 98 -14.51 -37.05 -25.73
CA ASN O 98 -13.17 -36.60 -25.32
C ASN O 98 -12.31 -36.22 -26.52
N PHE O 99 -12.43 -36.98 -27.60
CA PHE O 99 -11.65 -36.71 -28.81
C PHE O 99 -12.01 -35.36 -29.41
N ARG O 100 -13.30 -35.06 -29.48
CA ARG O 100 -13.78 -33.80 -30.04
C ARG O 100 -13.32 -32.61 -29.20
N SER O 101 -13.28 -32.79 -27.88
CA SER O 101 -12.86 -31.72 -26.99
C SER O 101 -11.36 -31.47 -27.06
N ASN O 102 -10.59 -32.49 -27.43
CA ASN O 102 -9.14 -32.39 -27.52
C ASN O 102 -8.63 -31.93 -28.89
N PHE O 103 -9.24 -32.42 -29.96
CA PHE O 103 -8.78 -32.07 -31.31
C PHE O 103 -9.72 -31.24 -32.17
N GLY O 104 -10.94 -31.02 -31.70
CA GLY O 104 -11.90 -30.18 -32.42
C GLY O 104 -12.69 -30.74 -33.58
N TYR O 105 -12.75 -32.06 -33.73
CA TYR O 105 -13.52 -32.66 -34.81
C TYR O 105 -13.96 -34.09 -34.51
N ASN O 106 -14.85 -34.62 -35.34
CA ASN O 106 -15.37 -35.98 -35.18
C ASN O 106 -14.25 -37.01 -35.17
N ILE O 107 -14.30 -37.92 -34.22
CA ILE O 107 -13.30 -38.96 -34.11
C ILE O 107 -13.40 -39.96 -35.26
N PRO O 108 -12.26 -40.30 -35.87
CA PRO O 108 -12.29 -41.29 -36.95
C PRO O 108 -12.72 -42.64 -36.38
N LEU O 109 -13.52 -43.39 -37.12
CA LEU O 109 -14.00 -44.68 -36.63
C LEU O 109 -12.89 -45.62 -36.19
N LYS O 110 -11.85 -45.76 -37.02
CA LYS O 110 -10.73 -46.62 -36.70
C LYS O 110 -10.11 -46.27 -35.36
N HIS O 111 -9.88 -44.98 -35.12
CA HIS O 111 -9.31 -44.54 -33.86
C HIS O 111 -10.24 -44.86 -32.69
N LEU O 112 -11.53 -44.58 -32.86
CA LEU O 112 -12.50 -44.87 -31.82
C LEU O 112 -12.50 -46.35 -31.48
N ALA O 113 -12.48 -47.19 -32.51
CA ALA O 113 -12.48 -48.64 -32.32
C ALA O 113 -11.22 -49.11 -31.60
N ASP O 114 -10.07 -48.55 -31.97
CA ASP O 114 -8.81 -48.91 -31.35
C ASP O 114 -8.82 -48.55 -29.86
N ARG O 115 -9.32 -47.37 -29.54
CA ARG O 115 -9.38 -46.89 -28.16
C ARG O 115 -10.26 -47.77 -27.28
N VAL O 116 -11.48 -48.05 -27.76
CA VAL O 116 -12.42 -48.86 -27.01
C VAL O 116 -11.91 -50.29 -26.84
N ALA O 117 -11.25 -50.81 -27.87
CA ALA O 117 -10.68 -52.15 -27.83
C ALA O 117 -9.61 -52.26 -26.76
N MET O 118 -8.81 -51.21 -26.59
CA MET O 118 -7.75 -51.19 -25.59
C MET O 118 -8.36 -51.19 -24.19
N TYR O 119 -9.48 -50.50 -24.03
CA TYR O 119 -10.18 -50.45 -22.76
C TYR O 119 -10.69 -51.85 -22.47
N VAL O 120 -11.25 -52.49 -23.50
CA VAL O 120 -11.75 -53.86 -23.37
C VAL O 120 -10.60 -54.81 -23.04
N HIS O 121 -9.45 -54.61 -23.69
CA HIS O 121 -8.29 -55.46 -23.47
C HIS O 121 -7.73 -55.34 -22.04
N ALA O 122 -7.99 -54.20 -21.40
CA ALA O 122 -7.52 -53.94 -20.04
C ALA O 122 -8.16 -54.84 -18.96
N TYR O 123 -9.36 -55.36 -19.25
CA TYR O 123 -10.06 -56.23 -18.31
C TYR O 123 -9.74 -57.72 -18.52
N THR O 124 -8.70 -58.02 -19.29
CA THR O 124 -8.32 -59.40 -19.54
C THR O 124 -6.91 -59.77 -19.08
N LEU O 125 -6.35 -59.00 -18.14
CA LEU O 125 -5.02 -59.28 -17.65
C LEU O 125 -4.93 -59.50 -16.14
N TYR O 126 -6.00 -59.17 -15.43
CA TYR O 126 -6.00 -59.27 -13.97
C TYR O 126 -7.07 -60.15 -13.34
N SER O 127 -6.83 -60.49 -12.08
CA SER O 127 -7.78 -61.27 -11.30
C SER O 127 -8.74 -60.31 -10.59
N ALA O 128 -8.36 -59.04 -10.51
CA ALA O 128 -9.17 -58.01 -9.85
C ALA O 128 -10.46 -57.72 -10.59
N VAL O 129 -10.45 -57.89 -11.91
CA VAL O 129 -11.63 -57.66 -12.72
C VAL O 129 -11.86 -58.83 -13.66
N ARG O 130 -13.03 -58.87 -14.29
CA ARG O 130 -13.34 -59.92 -15.23
C ARG O 130 -13.52 -59.34 -16.62
N PRO O 131 -13.27 -60.15 -17.65
CA PRO O 131 -13.42 -59.72 -19.05
C PRO O 131 -14.88 -59.38 -19.38
N PHE O 132 -15.08 -58.42 -20.27
CA PHE O 132 -16.42 -58.04 -20.68
C PHE O 132 -17.11 -59.19 -21.38
N GLY O 133 -18.38 -59.41 -21.07
CA GLY O 133 -19.13 -60.49 -21.67
C GLY O 133 -19.98 -60.04 -22.85
N CYS O 134 -19.36 -59.32 -23.77
CA CYS O 134 -20.09 -58.83 -24.94
C CYS O 134 -19.18 -58.52 -26.13
N SER O 135 -19.76 -58.61 -27.31
CA SER O 135 -19.08 -58.32 -28.55
C SER O 135 -19.91 -57.25 -29.24
N PHE O 136 -19.28 -56.26 -29.85
CA PHE O 136 -20.03 -55.21 -30.51
C PHE O 136 -19.45 -54.79 -31.86
N MET O 137 -20.24 -54.03 -32.62
CA MET O 137 -19.83 -53.56 -33.93
C MET O 137 -19.91 -52.04 -33.98
N LEU O 138 -18.97 -51.42 -34.68
CA LEU O 138 -18.95 -49.97 -34.81
C LEU O 138 -19.05 -49.59 -36.28
N GLY O 139 -20.04 -48.78 -36.63
CA GLY O 139 -20.24 -48.35 -38.00
C GLY O 139 -20.38 -46.85 -38.09
N SER O 140 -19.83 -46.27 -39.15
CA SER O 140 -19.90 -44.82 -39.35
C SER O 140 -19.66 -44.45 -40.80
N TYR O 141 -19.95 -43.21 -41.15
CA TYR O 141 -19.76 -42.74 -42.51
C TYR O 141 -19.46 -41.25 -42.57
N SER O 142 -18.45 -40.90 -43.36
CA SER O 142 -18.05 -39.52 -43.56
C SER O 142 -17.53 -39.40 -44.98
N VAL O 143 -17.55 -38.18 -45.52
CA VAL O 143 -17.10 -37.97 -46.89
C VAL O 143 -15.58 -38.11 -47.03
N ASN O 144 -14.85 -37.84 -45.96
CA ASN O 144 -13.40 -37.92 -45.97
C ASN O 144 -12.90 -39.31 -45.60
N ASP O 145 -13.78 -40.15 -45.07
CA ASP O 145 -13.40 -41.49 -44.66
C ASP O 145 -14.15 -42.60 -45.39
N GLY O 146 -15.32 -42.28 -45.91
CA GLY O 146 -16.13 -43.27 -46.59
C GLY O 146 -16.84 -44.10 -45.53
N ALA O 147 -17.17 -45.34 -45.87
CA ALA O 147 -17.86 -46.22 -44.92
C ALA O 147 -16.87 -47.12 -44.20
N GLN O 148 -17.01 -47.21 -42.88
CA GLN O 148 -16.14 -48.05 -42.06
C GLN O 148 -16.93 -48.90 -41.08
N LEU O 149 -16.51 -50.15 -40.94
CA LEU O 149 -17.17 -51.10 -40.03
C LEU O 149 -16.13 -51.91 -39.26
N TYR O 150 -16.26 -51.92 -37.95
CA TYR O 150 -15.32 -52.64 -37.08
C TYR O 150 -16.05 -53.48 -36.04
N MET O 151 -15.37 -54.52 -35.56
CA MET O 151 -15.94 -55.40 -34.55
C MET O 151 -14.94 -55.72 -33.46
N ILE O 152 -15.39 -55.62 -32.21
CA ILE O 152 -14.54 -55.88 -31.05
C ILE O 152 -15.14 -56.99 -30.19
N ASP O 153 -14.32 -57.93 -29.75
CA ASP O 153 -14.79 -59.01 -28.90
C ASP O 153 -14.24 -58.88 -27.49
N PRO O 154 -14.52 -59.87 -26.63
CA PRO O 154 -14.07 -59.88 -25.22
C PRO O 154 -12.55 -59.85 -25.04
N SER O 155 -11.79 -60.39 -25.98
CA SER O 155 -10.33 -60.40 -25.86
C SER O 155 -9.74 -59.02 -26.09
N GLY O 156 -10.39 -58.23 -26.93
CA GLY O 156 -9.92 -56.89 -27.23
C GLY O 156 -9.42 -56.74 -28.65
N VAL O 157 -9.54 -57.79 -29.45
CA VAL O 157 -9.09 -57.70 -30.84
C VAL O 157 -10.08 -56.89 -31.66
N SER O 158 -9.57 -55.97 -32.45
CA SER O 158 -10.40 -55.11 -33.29
C SER O 158 -10.03 -55.24 -34.76
N TYR O 159 -11.02 -55.58 -35.59
CA TYR O 159 -10.79 -55.73 -37.02
C TYR O 159 -11.82 -54.97 -37.84
N GLY O 160 -11.43 -54.57 -39.05
CA GLY O 160 -12.31 -53.86 -39.96
C GLY O 160 -12.97 -54.88 -40.86
N TYR O 161 -14.25 -54.70 -41.17
CA TYR O 161 -14.96 -55.66 -42.00
C TYR O 161 -15.76 -55.05 -43.14
N TRP O 162 -16.26 -55.93 -44.00
CA TRP O 162 -17.12 -55.57 -45.11
C TRP O 162 -18.53 -56.03 -44.74
N GLY O 163 -18.56 -57.17 -44.05
CA GLY O 163 -19.78 -57.78 -43.55
C GLY O 163 -19.39 -58.53 -42.29
N CYS O 164 -20.21 -58.42 -41.25
CA CYS O 164 -19.91 -59.09 -39.99
C CYS O 164 -21.15 -59.58 -39.27
N ALA O 165 -20.99 -60.64 -38.48
CA ALA O 165 -22.08 -61.22 -37.73
C ALA O 165 -21.62 -61.64 -36.33
N ILE O 166 -22.46 -61.37 -35.34
CA ILE O 166 -22.16 -61.73 -33.96
C ILE O 166 -23.40 -62.28 -33.28
N GLY O 167 -23.24 -63.36 -32.53
CA GLY O 167 -24.35 -63.99 -31.84
C GLY O 167 -24.28 -65.50 -31.95
N LYS O 168 -25.40 -66.17 -31.68
CA LYS O 168 -25.46 -67.63 -31.74
C LYS O 168 -25.49 -68.16 -33.17
N ALA O 169 -26.03 -67.38 -34.09
CA ALA O 169 -26.12 -67.80 -35.49
C ALA O 169 -25.24 -66.93 -36.38
N ARG O 170 -23.96 -66.82 -36.00
CA ARG O 170 -23.03 -66.01 -36.78
C ARG O 170 -22.32 -66.85 -37.84
N GLN O 171 -22.26 -68.17 -37.61
CA GLN O 171 -21.61 -69.08 -38.54
C GLN O 171 -22.50 -69.32 -39.75
N ALA O 172 -23.81 -69.15 -39.58
CA ALA O 172 -24.76 -69.34 -40.66
C ALA O 172 -25.04 -68.03 -41.37
N ALA O 173 -25.00 -66.94 -40.62
CA ALA O 173 -25.26 -65.61 -41.17
C ALA O 173 -24.10 -65.12 -42.03
N LYS O 174 -22.90 -65.61 -41.76
CA LYS O 174 -21.73 -65.22 -42.52
C LYS O 174 -21.79 -65.75 -43.95
N THR O 175 -22.31 -66.97 -44.10
CA THR O 175 -22.41 -67.59 -45.41
C THR O 175 -23.49 -66.87 -46.23
N GLU O 176 -24.49 -66.35 -45.54
CA GLU O 176 -25.58 -65.62 -46.19
C GLU O 176 -25.09 -64.23 -46.58
N ILE O 177 -24.18 -63.69 -45.79
CA ILE O 177 -23.62 -62.37 -46.06
C ILE O 177 -22.58 -62.52 -47.15
N GLU O 178 -21.95 -63.69 -47.19
CA GLU O 178 -20.93 -63.99 -48.19
C GLU O 178 -21.50 -63.83 -49.59
N LYS O 179 -22.67 -64.44 -49.83
CA LYS O 179 -23.33 -64.36 -51.12
C LYS O 179 -24.08 -63.04 -51.29
N LEU O 180 -23.32 -61.98 -51.54
CA LEU O 180 -23.86 -60.64 -51.71
C LEU O 180 -22.74 -59.78 -52.28
N GLN O 181 -23.10 -58.76 -53.05
CA GLN O 181 -22.12 -57.86 -53.64
C GLN O 181 -22.24 -56.50 -52.97
N MET O 182 -21.94 -56.47 -51.68
CA MET O 182 -22.03 -55.25 -50.87
C MET O 182 -21.15 -54.08 -51.29
N LYS O 183 -20.03 -54.35 -51.95
CA LYS O 183 -19.12 -53.30 -52.41
C LYS O 183 -19.76 -52.34 -53.42
N GLU O 184 -20.66 -52.86 -54.25
CA GLU O 184 -21.34 -52.04 -55.25
C GLU O 184 -22.78 -51.72 -54.82
N MET O 185 -23.17 -52.23 -53.66
CA MET O 185 -24.52 -51.99 -53.15
C MET O 185 -24.64 -50.65 -52.42
N THR O 186 -25.86 -50.28 -52.06
CA THR O 186 -26.09 -49.03 -51.34
C THR O 186 -26.94 -49.29 -50.10
N CYS O 187 -26.95 -48.32 -49.19
CA CYS O 187 -27.71 -48.44 -47.95
C CYS O 187 -29.17 -48.79 -48.20
N ARG O 188 -29.77 -48.16 -49.20
CA ARG O 188 -31.17 -48.40 -49.53
C ARG O 188 -31.44 -49.84 -49.95
N ASP O 189 -30.50 -50.44 -50.65
CA ASP O 189 -30.64 -51.82 -51.12
C ASP O 189 -30.15 -52.86 -50.10
N ILE O 190 -29.20 -52.47 -49.26
CA ILE O 190 -28.65 -53.38 -48.26
C ILE O 190 -29.58 -53.57 -47.06
N VAL O 191 -30.51 -52.65 -46.88
CA VAL O 191 -31.46 -52.73 -45.77
C VAL O 191 -32.43 -53.90 -45.93
N LYS O 192 -32.75 -54.24 -47.18
CA LYS O 192 -33.64 -55.35 -47.46
C LYS O 192 -32.90 -56.68 -47.31
N GLU O 193 -31.62 -56.69 -47.68
CA GLU O 193 -30.80 -57.90 -47.58
C GLU O 193 -30.48 -58.22 -46.14
N VAL O 194 -30.21 -57.18 -45.35
CA VAL O 194 -29.90 -57.36 -43.94
C VAL O 194 -31.12 -57.95 -43.25
N ALA O 195 -32.28 -57.35 -43.52
CA ALA O 195 -33.53 -57.83 -42.94
C ALA O 195 -33.79 -59.26 -43.36
N LYS O 196 -33.58 -59.55 -44.64
CA LYS O 196 -33.77 -60.89 -45.17
C LYS O 196 -32.85 -61.89 -44.50
N ILE O 197 -31.58 -61.54 -44.37
CA ILE O 197 -30.59 -62.42 -43.74
C ILE O 197 -30.93 -62.73 -42.28
N ILE O 198 -31.38 -61.71 -41.55
CA ILE O 198 -31.73 -61.86 -40.15
C ILE O 198 -32.89 -62.84 -39.98
N TYR O 199 -33.86 -62.74 -40.88
CA TYR O 199 -35.03 -63.62 -40.84
C TYR O 199 -34.67 -65.06 -41.16
N ILE O 200 -33.62 -65.24 -41.96
CA ILE O 200 -33.18 -66.57 -42.35
C ILE O 200 -32.50 -67.33 -41.21
N VAL O 201 -31.54 -66.69 -40.57
CA VAL O 201 -30.82 -67.32 -39.46
C VAL O 201 -31.67 -67.49 -38.21
N HIS O 202 -32.67 -66.64 -38.04
CA HIS O 202 -33.54 -66.73 -36.87
C HIS O 202 -34.21 -68.10 -36.75
N ASP O 203 -34.12 -68.70 -35.57
CA ASP O 203 -34.72 -70.00 -35.31
C ASP O 203 -36.19 -69.85 -34.97
N GLU O 204 -37.02 -70.73 -35.52
CA GLU O 204 -38.45 -70.71 -35.28
C GLU O 204 -38.82 -71.33 -33.93
N VAL O 205 -38.74 -72.67 -33.86
CA VAL O 205 -39.08 -73.40 -32.65
C VAL O 205 -38.32 -72.86 -31.44
N LYS O 206 -37.00 -73.00 -31.46
CA LYS O 206 -36.17 -72.50 -30.37
C LYS O 206 -36.07 -70.99 -30.51
N ASP O 207 -35.88 -70.31 -29.38
CA ASP O 207 -35.76 -68.85 -29.37
C ASP O 207 -36.89 -68.17 -30.14
N LYS O 208 -38.13 -68.51 -29.79
CA LYS O 208 -39.30 -67.93 -30.45
C LYS O 208 -39.53 -66.48 -30.04
N ALA O 209 -40.29 -65.76 -30.88
CA ALA O 209 -40.65 -64.34 -30.72
C ALA O 209 -39.50 -63.35 -30.74
N PHE O 210 -39.30 -62.73 -31.91
CA PHE O 210 -38.23 -61.76 -32.09
C PHE O 210 -38.72 -60.51 -32.82
N GLU O 211 -37.98 -59.43 -32.64
CA GLU O 211 -38.28 -58.16 -33.30
C GLU O 211 -37.06 -57.78 -34.13
N LEU O 212 -37.26 -57.03 -35.20
CA LEU O 212 -36.16 -56.62 -36.06
C LEU O 212 -35.73 -55.18 -35.81
N GLU O 213 -34.48 -55.00 -35.40
CA GLU O 213 -33.91 -53.69 -35.15
C GLU O 213 -33.04 -53.30 -36.32
N LEU O 214 -33.26 -52.11 -36.87
CA LEU O 214 -32.48 -51.66 -38.01
C LEU O 214 -32.01 -50.21 -37.89
N SER O 215 -30.72 -50.01 -38.11
CA SER O 215 -30.12 -48.68 -38.04
C SER O 215 -29.07 -48.55 -39.13
N TRP O 216 -28.87 -47.34 -39.62
CA TRP O 216 -27.89 -47.13 -40.67
C TRP O 216 -27.21 -45.77 -40.62
N VAL O 217 -26.06 -45.68 -41.27
CA VAL O 217 -25.29 -44.44 -41.34
C VAL O 217 -24.58 -44.44 -42.69
N GLY O 218 -24.74 -43.34 -43.43
CA GLY O 218 -24.12 -43.23 -44.73
C GLY O 218 -24.59 -42.00 -45.46
N GLU O 219 -24.44 -42.01 -46.78
CA GLU O 219 -24.84 -40.88 -47.62
C GLU O 219 -26.33 -40.58 -47.54
N ILE O 220 -27.14 -41.63 -47.43
CA ILE O 220 -28.59 -41.46 -47.36
C ILE O 220 -29.01 -40.67 -46.12
N THR O 221 -28.33 -40.92 -45.00
CA THR O 221 -28.63 -40.24 -43.75
C THR O 221 -27.69 -39.07 -43.50
N LYS O 222 -26.97 -38.67 -44.55
CA LYS O 222 -26.01 -37.56 -44.50
C LYS O 222 -24.94 -37.70 -43.42
N GLY O 223 -24.46 -38.92 -43.22
CA GLY O 223 -23.42 -39.18 -42.24
C GLY O 223 -23.86 -39.36 -40.79
N ARG O 224 -25.15 -39.18 -40.53
CA ARG O 224 -25.64 -39.35 -39.17
C ARG O 224 -26.19 -40.74 -38.94
N HIS O 225 -25.77 -41.38 -37.86
CA HIS O 225 -26.26 -42.71 -37.56
C HIS O 225 -27.65 -42.59 -36.94
N GLU O 226 -28.60 -43.36 -37.47
CA GLU O 226 -29.95 -43.33 -36.95
C GLU O 226 -30.72 -44.61 -37.29
N ILE O 227 -31.82 -44.82 -36.59
CA ILE O 227 -32.67 -45.98 -36.80
C ILE O 227 -33.29 -45.88 -38.19
N VAL O 228 -33.32 -46.98 -38.92
CA VAL O 228 -33.91 -46.98 -40.25
C VAL O 228 -35.39 -46.63 -40.14
N PRO O 229 -35.86 -45.70 -40.99
CA PRO O 229 -37.25 -45.23 -41.02
C PRO O 229 -38.29 -46.35 -41.09
N LYS O 230 -39.42 -46.13 -40.41
CA LYS O 230 -40.50 -47.12 -40.36
C LYS O 230 -40.95 -47.59 -41.74
N ASP O 231 -41.10 -46.67 -42.67
CA ASP O 231 -41.55 -47.03 -44.02
C ASP O 231 -40.53 -47.95 -44.69
N ILE O 232 -39.26 -47.56 -44.66
CA ILE O 232 -38.19 -48.35 -45.26
C ILE O 232 -38.03 -49.68 -44.55
N ARG O 233 -38.20 -49.68 -43.24
CA ARG O 233 -38.08 -50.92 -42.46
C ARG O 233 -39.25 -51.82 -42.80
N GLU O 234 -40.42 -51.23 -42.99
CA GLU O 234 -41.62 -51.97 -43.35
C GLU O 234 -41.32 -52.75 -44.61
N GLU O 235 -40.93 -52.04 -45.66
CA GLU O 235 -40.59 -52.64 -46.95
C GLU O 235 -39.57 -53.75 -46.78
N ALA O 236 -38.50 -53.47 -46.05
CA ALA O 236 -37.44 -54.44 -45.81
C ALA O 236 -37.97 -55.70 -45.15
N GLU O 237 -38.83 -55.53 -44.15
CA GLU O 237 -39.40 -56.67 -43.44
C GLU O 237 -40.43 -57.37 -44.31
N LYS O 238 -41.09 -56.61 -45.17
CA LYS O 238 -42.09 -57.15 -46.07
C LYS O 238 -41.41 -57.95 -47.18
N TYR O 239 -40.20 -57.52 -47.55
CA TYR O 239 -39.43 -58.19 -48.58
C TYR O 239 -38.62 -59.34 -47.98
N ALA O 240 -38.53 -59.36 -46.65
CA ALA O 240 -37.79 -60.41 -45.96
C ALA O 240 -38.68 -61.62 -45.73
N LYS O 241 -39.92 -61.38 -45.32
CA LYS O 241 -40.86 -62.46 -45.08
C LYS O 241 -41.37 -63.06 -46.38
N GLU O 242 -41.60 -62.21 -47.37
CA GLU O 242 -42.09 -62.66 -48.66
C GLU O 242 -41.02 -63.45 -49.40
N SER O 243 -39.76 -63.14 -49.13
CA SER O 243 -38.64 -63.84 -49.76
C SER O 243 -37.92 -64.73 -48.76
N LEU O 244 -38.62 -65.73 -48.27
CA LEU O 244 -38.06 -66.68 -47.30
C LEU O 244 -38.89 -67.96 -47.26
N MET P 1 1.76 -6.86 29.52
CA MET P 1 2.94 -7.71 29.54
C MET P 1 3.02 -8.52 30.83
N GLU P 2 3.44 -9.77 30.70
CA GLU P 2 3.56 -10.69 31.83
C GLU P 2 5.00 -10.76 32.32
N TYR P 3 5.19 -10.99 33.61
CA TYR P 3 6.53 -11.05 34.17
C TYR P 3 6.93 -12.40 34.75
N LEU P 4 8.08 -12.89 34.32
CA LEU P 4 8.63 -14.16 34.81
C LEU P 4 10.05 -13.89 35.31
N ILE P 5 10.47 -14.64 36.32
CA ILE P 5 11.82 -14.46 36.88
C ILE P 5 12.33 -15.74 37.52
N GLY P 6 13.59 -16.06 37.27
CA GLY P 6 14.20 -17.24 37.85
C GLY P 6 15.57 -16.95 38.41
N ILE P 7 15.88 -17.54 39.56
CA ILE P 7 17.18 -17.38 40.20
C ILE P 7 17.65 -18.74 40.66
N GLN P 8 18.75 -19.22 40.09
CA GLN P 8 19.30 -20.52 40.46
C GLN P 8 20.37 -20.38 41.52
N GLY P 9 20.27 -21.19 42.57
CA GLY P 9 21.24 -21.17 43.65
C GLY P 9 22.07 -22.43 43.65
N PRO P 10 22.92 -22.60 44.68
CA PRO P 10 23.78 -23.78 44.78
C PRO P 10 23.00 -25.10 44.66
N ASP P 11 21.86 -25.21 45.34
CA ASP P 11 21.07 -26.44 45.28
C ASP P 11 19.57 -26.20 45.25
N TYR P 12 19.16 -25.14 44.57
CA TYR P 12 17.75 -24.79 44.47
C TYR P 12 17.51 -23.80 43.34
N VAL P 13 16.27 -23.72 42.87
CA VAL P 13 15.90 -22.79 41.84
C VAL P 13 14.68 -22.05 42.33
N LEU P 14 14.78 -20.73 42.42
CA LEU P 14 13.66 -19.92 42.88
C LEU P 14 13.01 -19.22 41.69
N VAL P 15 11.70 -19.39 41.56
CA VAL P 15 10.97 -18.76 40.47
C VAL P 15 9.75 -17.98 40.96
N ALA P 16 9.36 -16.98 40.19
CA ALA P 16 8.22 -16.15 40.53
C ALA P 16 7.57 -15.61 39.27
N SER P 17 6.32 -15.21 39.37
CA SER P 17 5.60 -14.65 38.24
C SER P 17 4.41 -13.83 38.69
N ASP P 18 3.97 -12.90 37.85
CA ASP P 18 2.82 -12.08 38.19
C ASP P 18 1.56 -12.93 38.09
N GLN P 19 0.50 -12.51 38.76
CA GLN P 19 -0.75 -13.27 38.74
C GLN P 19 -1.88 -12.53 38.03
N VAL P 20 -1.53 -11.61 37.14
CA VAL P 20 -2.54 -10.84 36.44
C VAL P 20 -2.97 -11.43 35.09
N ALA P 21 -4.28 -11.59 34.92
CA ALA P 21 -4.84 -12.05 33.66
C ALA P 21 -5.57 -10.80 33.16
N ALA P 22 -5.07 -10.21 32.09
CA ALA P 22 -5.67 -8.98 31.58
C ALA P 22 -6.39 -9.10 30.24
N SER P 23 -7.44 -8.28 30.10
CA SER P 23 -8.22 -8.21 28.88
C SER P 23 -8.29 -6.73 28.52
N SER P 24 -7.49 -6.35 27.53
CA SER P 24 -7.38 -4.96 27.08
C SER P 24 -6.94 -4.03 28.22
N ILE P 25 -7.86 -3.24 28.77
CA ILE P 25 -7.49 -2.31 29.84
C ILE P 25 -7.90 -2.77 31.24
N VAL P 26 -8.60 -3.90 31.33
CA VAL P 26 -9.05 -4.38 32.63
C VAL P 26 -8.39 -5.69 33.06
N GLN P 27 -8.20 -5.83 34.36
CA GLN P 27 -7.63 -7.04 34.93
C GLN P 27 -8.79 -7.96 35.25
N MET P 28 -8.96 -9.01 34.46
CA MET P 28 -10.06 -9.95 34.66
C MET P 28 -9.79 -10.91 35.81
N LYS P 29 -8.52 -11.19 36.08
CA LYS P 29 -8.14 -12.09 37.16
C LYS P 29 -6.87 -11.56 37.84
N ASP P 30 -6.84 -11.63 39.17
CA ASP P 30 -5.68 -11.14 39.91
C ASP P 30 -4.98 -12.25 40.69
N ASP P 31 -5.37 -13.49 40.46
CA ASP P 31 -4.76 -14.63 41.14
C ASP P 31 -4.39 -15.71 40.14
N HIS P 32 -4.16 -15.30 38.90
CA HIS P 32 -3.80 -16.21 37.82
C HIS P 32 -2.44 -16.87 38.05
N ASP P 33 -2.37 -18.19 37.88
CA ASP P 33 -1.12 -18.91 38.07
C ASP P 33 -0.48 -19.23 36.72
N LYS P 34 0.70 -18.68 36.48
CA LYS P 34 1.40 -18.88 35.22
C LYS P 34 2.41 -20.02 35.28
N MET P 35 2.40 -20.79 36.36
CA MET P 35 3.33 -21.89 36.52
C MET P 35 2.63 -23.23 36.28
N PHE P 36 3.29 -24.12 35.55
CA PHE P 36 2.73 -25.43 35.24
C PHE P 36 3.67 -26.53 35.73
N LYS P 37 3.20 -27.37 36.64
CA LYS P 37 4.01 -28.46 37.17
C LYS P 37 4.10 -29.58 36.13
N MET P 38 5.32 -29.81 35.63
CA MET P 38 5.55 -30.84 34.63
C MET P 38 5.90 -32.16 35.28
N SER P 39 6.49 -32.09 36.46
CA SER P 39 6.90 -33.29 37.18
C SER P 39 7.12 -32.93 38.65
N GLU P 40 7.61 -33.91 39.42
CA GLU P 40 7.88 -33.72 40.84
C GLU P 40 8.90 -32.60 41.12
N LYS P 41 9.90 -32.46 40.26
CA LYS P 41 10.92 -31.44 40.44
C LYS P 41 11.10 -30.52 39.24
N ILE P 42 10.04 -30.30 38.45
CA ILE P 42 10.13 -29.45 37.28
C ILE P 42 8.94 -28.50 37.14
N LEU P 43 9.23 -27.22 36.98
CA LEU P 43 8.20 -26.20 36.80
C LEU P 43 8.38 -25.53 35.45
N LEU P 44 7.26 -25.17 34.82
CA LEU P 44 7.31 -24.50 33.55
C LEU P 44 6.49 -23.22 33.58
N LEU P 45 7.18 -22.09 33.58
CA LEU P 45 6.51 -20.80 33.60
C LEU P 45 6.36 -20.36 32.15
N CYS P 46 5.14 -20.03 31.75
CA CYS P 46 4.89 -19.64 30.37
C CYS P 46 4.00 -18.42 30.23
N VAL P 47 4.47 -17.45 29.46
CA VAL P 47 3.74 -16.23 29.19
C VAL P 47 3.66 -16.03 27.68
N GLY P 48 2.85 -15.08 27.23
CA GLY P 48 2.72 -14.83 25.82
C GLY P 48 1.30 -14.70 25.32
N GLU P 49 1.08 -15.10 24.07
CA GLU P 49 -0.23 -15.01 23.43
C GLU P 49 -1.32 -15.80 24.14
N ALA P 50 -2.51 -15.22 24.20
CA ALA P 50 -3.64 -15.86 24.83
C ALA P 50 -3.97 -17.15 24.06
N GLY P 51 -4.29 -18.21 24.78
CA GLY P 51 -4.59 -19.48 24.15
C GLY P 51 -3.34 -20.31 24.01
N ASP P 52 -2.40 -19.84 23.17
CA ASP P 52 -1.13 -20.52 22.93
C ASP P 52 -0.42 -20.96 24.21
N THR P 53 -0.32 -20.06 25.17
CA THR P 53 0.36 -20.36 26.43
C THR P 53 -0.15 -21.62 27.10
N VAL P 54 -1.45 -21.66 27.39
CA VAL P 54 -2.05 -22.81 28.04
C VAL P 54 -2.04 -24.05 27.14
N GLN P 55 -2.28 -23.86 25.85
CA GLN P 55 -2.30 -24.98 24.91
C GLN P 55 -0.92 -25.65 24.81
N PHE P 56 0.13 -24.84 24.66
CA PHE P 56 1.48 -25.38 24.56
C PHE P 56 1.94 -26.00 25.88
N ALA P 57 1.74 -25.27 26.97
CA ALA P 57 2.15 -25.73 28.29
C ALA P 57 1.49 -27.05 28.69
N GLU P 58 0.19 -27.17 28.44
CA GLU P 58 -0.53 -28.38 28.79
C GLU P 58 -0.14 -29.53 27.86
N TYR P 59 0.18 -29.19 26.62
CA TYR P 59 0.60 -30.20 25.66
C TYR P 59 1.92 -30.79 26.14
N ILE P 60 2.82 -29.92 26.58
CA ILE P 60 4.12 -30.35 27.08
C ILE P 60 3.92 -31.16 28.37
N GLN P 61 3.09 -30.62 29.27
CA GLN P 61 2.82 -31.28 30.54
C GLN P 61 2.31 -32.71 30.35
N LYS P 62 1.39 -32.89 29.42
CA LYS P 62 0.81 -34.20 29.14
C LYS P 62 1.86 -35.20 28.66
N ASN P 63 2.77 -34.75 27.81
CA ASN P 63 3.81 -35.62 27.29
C ASN P 63 4.86 -35.97 28.34
N VAL P 64 5.14 -35.05 29.24
CA VAL P 64 6.11 -35.29 30.30
C VAL P 64 5.53 -36.32 31.27
N GLN P 65 4.25 -36.16 31.58
CA GLN P 65 3.56 -37.09 32.48
C GLN P 65 3.47 -38.45 31.83
N LEU P 66 3.22 -38.47 30.52
CA LEU P 66 3.15 -39.72 29.77
C LEU P 66 4.48 -40.44 29.80
N TYR P 67 5.57 -39.69 29.66
CA TYR P 67 6.91 -40.25 29.69
C TYR P 67 7.15 -41.01 30.99
N LYS P 68 6.77 -40.39 32.11
CA LYS P 68 6.94 -41.01 33.42
C LYS P 68 6.10 -42.28 33.55
N MET P 69 4.90 -42.26 32.98
CA MET P 69 4.01 -43.41 33.04
C MET P 69 4.53 -44.57 32.18
N ARG P 70 5.12 -44.23 31.04
CA ARG P 70 5.65 -45.23 30.12
C ARG P 70 6.95 -45.90 30.55
N ASN P 71 7.79 -45.18 31.29
CA ASN P 71 9.09 -45.74 31.68
C ASN P 71 9.32 -45.95 33.18
N GLY P 72 8.52 -45.31 34.02
CA GLY P 72 8.68 -45.45 35.46
C GLY P 72 9.37 -44.28 36.10
N TYR P 73 10.45 -43.80 35.48
CA TYR P 73 11.19 -42.66 35.99
C TYR P 73 10.79 -41.40 35.24
N GLU P 74 11.07 -40.24 35.84
CA GLU P 74 10.72 -38.96 35.23
C GLU P 74 11.82 -38.44 34.31
N LEU P 75 11.46 -37.51 33.44
CA LEU P 75 12.41 -36.89 32.55
C LEU P 75 13.21 -35.87 33.35
N SER P 76 14.48 -35.73 33.03
CA SER P 76 15.31 -34.75 33.74
C SER P 76 15.01 -33.36 33.21
N PRO P 77 15.32 -32.33 34.00
CA PRO P 77 15.08 -30.94 33.59
C PRO P 77 15.70 -30.63 32.23
N THR P 78 16.94 -31.06 32.01
CA THR P 78 17.64 -30.83 30.75
C THR P 78 16.90 -31.49 29.58
N ALA P 79 16.52 -32.75 29.74
CA ALA P 79 15.80 -33.47 28.71
C ALA P 79 14.46 -32.81 28.44
N ALA P 80 13.77 -32.38 29.49
CA ALA P 80 12.48 -31.73 29.37
C ALA P 80 12.61 -30.39 28.65
N ALA P 81 13.68 -29.66 28.93
CA ALA P 81 13.91 -28.37 28.29
C ALA P 81 14.13 -28.54 26.80
N ASN P 82 14.92 -29.53 26.42
CA ASN P 82 15.20 -29.81 25.02
C ASN P 82 13.98 -30.35 24.32
N PHE P 83 13.16 -31.11 25.03
CA PHE P 83 11.92 -31.64 24.47
C PHE P 83 11.01 -30.48 24.13
N THR P 84 10.93 -29.54 25.07
CA THR P 84 10.11 -28.34 24.91
C THR P 84 10.60 -27.51 23.73
N ARG P 85 11.91 -27.26 23.67
CA ARG P 85 12.48 -26.48 22.59
C ARG P 85 12.19 -27.12 21.24
N ARG P 86 12.44 -28.42 21.13
CA ARG P 86 12.20 -29.17 19.90
C ARG P 86 10.76 -28.97 19.44
N ASN P 87 9.81 -29.16 20.35
CA ASN P 87 8.41 -29.00 20.01
C ASN P 87 8.07 -27.57 19.58
N LEU P 88 8.62 -26.59 20.29
CA LEU P 88 8.37 -25.20 19.95
C LEU P 88 9.03 -24.84 18.62
N ALA P 89 10.20 -25.41 18.37
CA ALA P 89 10.92 -25.15 17.12
C ALA P 89 10.21 -25.75 15.92
N ASP P 90 9.66 -26.95 16.10
CA ASP P 90 8.96 -27.64 15.02
C ASP P 90 7.74 -26.86 14.52
N CYS P 91 7.04 -26.19 15.43
CA CYS P 91 5.85 -25.43 15.07
C CYS P 91 6.17 -24.03 14.57
N LEU P 92 7.40 -23.58 14.80
CA LEU P 92 7.83 -22.25 14.38
C LEU P 92 7.60 -21.98 12.90
N ARG P 93 7.97 -22.93 12.04
CA ARG P 93 7.80 -22.77 10.60
C ARG P 93 6.51 -23.41 10.09
N SER P 94 5.72 -23.96 11.01
CA SER P 94 4.46 -24.59 10.65
C SER P 94 3.35 -23.55 10.56
N ARG P 95 2.17 -23.99 10.16
CA ARG P 95 1.02 -23.09 10.03
C ARG P 95 0.53 -22.54 11.37
N THR P 96 0.71 -23.32 12.44
CA THR P 96 0.28 -22.90 13.76
C THR P 96 1.44 -22.81 14.77
N PRO P 97 2.12 -21.67 14.81
CA PRO P 97 3.23 -21.48 15.74
C PRO P 97 2.76 -20.96 17.10
N TYR P 98 3.41 -21.42 18.16
CA TYR P 98 3.07 -20.98 19.51
C TYR P 98 3.87 -19.74 19.87
N HIS P 99 3.19 -18.65 20.18
CA HIS P 99 3.90 -17.45 20.57
C HIS P 99 3.99 -17.37 22.10
N VAL P 100 4.93 -18.12 22.65
CA VAL P 100 5.11 -18.18 24.10
C VAL P 100 6.56 -17.99 24.50
N ASN P 101 6.75 -17.42 25.68
CA ASN P 101 8.09 -17.21 26.24
C ASN P 101 8.15 -18.05 27.50
N LEU P 102 9.20 -18.85 27.63
CA LEU P 102 9.28 -19.75 28.77
C LEU P 102 10.53 -19.72 29.62
N LEU P 103 10.36 -20.20 30.84
CA LEU P 103 11.42 -20.34 31.80
C LEU P 103 11.21 -21.74 32.35
N LEU P 104 12.19 -22.61 32.19
CA LEU P 104 12.05 -23.97 32.71
C LEU P 104 13.00 -24.15 33.89
N ALA P 105 12.41 -24.34 35.07
CA ALA P 105 13.18 -24.54 36.28
C ALA P 105 12.99 -25.96 36.76
N GLY P 106 14.04 -26.55 37.30
CA GLY P 106 13.95 -27.90 37.79
C GLY P 106 15.15 -28.33 38.61
N TYR P 107 15.02 -29.48 39.26
CA TYR P 107 16.09 -30.02 40.06
C TYR P 107 16.35 -31.46 39.70
N ASP P 108 17.62 -31.79 39.49
CA ASP P 108 18.01 -33.14 39.13
C ASP P 108 18.95 -33.69 40.21
N GLU P 109 18.76 -34.95 40.57
CA GLU P 109 19.59 -35.59 41.59
C GLU P 109 21.09 -35.51 41.31
N HIS P 110 21.49 -35.85 40.09
CA HIS P 110 22.90 -35.84 39.73
C HIS P 110 23.39 -34.56 39.07
N GLU P 111 22.51 -33.87 38.35
CA GLU P 111 22.89 -32.64 37.66
C GLU P 111 22.72 -31.39 38.51
N GLY P 112 21.87 -31.46 39.53
CA GLY P 112 21.62 -30.33 40.40
C GLY P 112 20.55 -29.42 39.84
N PRO P 113 20.40 -28.23 40.43
CA PRO P 113 19.39 -27.26 39.98
C PRO P 113 19.68 -26.71 38.59
N ALA P 114 18.65 -26.29 37.89
CA ALA P 114 18.82 -25.75 36.54
C ALA P 114 17.70 -24.79 36.18
N LEU P 115 18.05 -23.75 35.43
CA LEU P 115 17.09 -22.76 34.98
C LEU P 115 17.30 -22.48 33.51
N TYR P 116 16.28 -22.74 32.71
CA TYR P 116 16.38 -22.53 31.27
C TYR P 116 15.54 -21.36 30.78
N TYR P 117 16.07 -20.67 29.78
CA TYR P 117 15.39 -19.53 29.18
C TYR P 117 15.04 -19.89 27.74
N MET P 118 13.79 -19.64 27.36
CA MET P 118 13.34 -19.94 26.01
C MET P 118 12.44 -18.84 25.47
N ASP P 119 12.83 -18.26 24.35
CA ASP P 119 12.03 -17.21 23.73
C ASP P 119 11.06 -17.87 22.74
N TYR P 120 10.23 -17.06 22.07
CA TYR P 120 9.25 -17.60 21.13
C TYR P 120 9.79 -18.27 19.86
N LEU P 121 11.06 -18.01 19.51
CA LEU P 121 11.69 -18.62 18.34
C LEU P 121 12.41 -19.93 18.67
N ALA P 122 12.20 -20.43 19.89
CA ALA P 122 12.77 -21.67 20.43
C ALA P 122 14.28 -21.71 20.62
N ALA P 123 14.87 -20.59 21.00
CA ALA P 123 16.30 -20.54 21.26
C ALA P 123 16.44 -20.93 22.73
N LEU P 124 17.15 -22.01 23.00
CA LEU P 124 17.32 -22.48 24.37
C LEU P 124 18.65 -22.05 24.99
N ALA P 125 18.59 -21.53 26.22
CA ALA P 125 19.80 -21.10 26.91
C ALA P 125 19.73 -21.36 28.41
N LYS P 126 20.78 -21.97 28.94
CA LYS P 126 20.87 -22.25 30.36
C LYS P 126 21.44 -21.01 31.03
N ALA P 127 20.92 -20.64 32.20
CA ALA P 127 21.39 -19.46 32.88
C ALA P 127 21.22 -19.51 34.40
N PRO P 128 22.08 -18.78 35.13
CA PRO P 128 22.04 -18.69 36.59
C PRO P 128 20.81 -17.91 37.07
N PHE P 129 20.33 -16.98 36.23
CA PHE P 129 19.13 -16.20 36.52
C PHE P 129 18.61 -15.60 35.22
N ALA P 130 17.30 -15.44 35.11
CA ALA P 130 16.69 -14.90 33.90
C ALA P 130 15.30 -14.30 34.14
N ALA P 131 14.82 -13.51 33.19
CA ALA P 131 13.51 -12.88 33.30
C ALA P 131 12.85 -12.71 31.93
N HIS P 132 11.52 -12.57 31.92
CA HIS P 132 10.76 -12.40 30.69
C HIS P 132 9.77 -11.23 30.78
N GLY P 133 9.47 -10.61 29.64
CA GLY P 133 8.53 -9.52 29.60
C GLY P 133 9.20 -8.17 29.69
N TYR P 134 8.39 -7.11 29.80
CA TYR P 134 8.93 -5.74 29.91
C TYR P 134 9.61 -5.50 31.25
N GLY P 135 9.19 -6.22 32.28
CA GLY P 135 9.76 -6.13 33.61
C GLY P 135 11.22 -6.57 33.70
N ALA P 136 11.64 -7.46 32.81
CA ALA P 136 13.02 -7.94 32.73
C ALA P 136 14.00 -6.80 32.46
N PHE P 137 13.60 -5.83 31.64
CA PHE P 137 14.41 -4.65 31.31
C PHE P 137 14.82 -3.83 32.55
N LEU P 138 13.93 -3.75 33.54
CA LEU P 138 14.19 -3.01 34.76
C LEU P 138 14.72 -3.87 35.90
N THR P 139 14.70 -5.19 35.74
CA THR P 139 15.16 -6.09 36.81
C THR P 139 16.43 -6.89 36.53
N LEU P 140 16.74 -7.12 35.27
CA LEU P 140 17.93 -7.89 34.91
C LEU P 140 19.23 -7.30 35.46
N SER P 141 19.34 -5.97 35.44
CA SER P 141 20.53 -5.29 35.95
C SER P 141 20.65 -5.39 37.46
N ILE P 142 19.51 -5.50 38.15
CA ILE P 142 19.50 -5.63 39.60
C ILE P 142 20.04 -7.01 39.93
N LEU P 143 19.65 -7.99 39.13
CA LEU P 143 20.14 -9.35 39.30
C LEU P 143 21.63 -9.34 39.04
N ASP P 144 22.05 -8.65 37.99
CA ASP P 144 23.47 -8.58 37.65
C ASP P 144 24.31 -8.02 38.79
N ARG P 145 23.82 -6.98 39.45
CA ARG P 145 24.52 -6.33 40.54
C ARG P 145 24.58 -7.09 41.87
N TYR P 146 23.55 -7.86 42.18
CA TYR P 146 23.52 -8.54 43.48
C TYR P 146 23.70 -10.06 43.46
N TYR P 147 23.45 -10.68 42.31
CA TYR P 147 23.56 -12.12 42.21
C TYR P 147 24.98 -12.68 42.33
N THR P 148 25.13 -13.70 43.19
CA THR P 148 26.38 -14.41 43.36
C THR P 148 26.01 -15.88 43.22
N PRO P 149 26.93 -16.69 42.68
CA PRO P 149 26.69 -18.13 42.49
C PRO P 149 26.37 -18.93 43.76
N THR P 150 26.89 -18.51 44.91
CA THR P 150 26.64 -19.22 46.16
C THR P 150 25.51 -18.62 46.99
N ILE P 151 24.70 -17.77 46.39
CA ILE P 151 23.59 -17.12 47.08
C ILE P 151 22.68 -18.15 47.77
N SER P 152 22.39 -17.90 49.05
CA SER P 152 21.53 -18.78 49.82
C SER P 152 20.08 -18.54 49.44
N ARG P 153 19.21 -19.50 49.70
CA ARG P 153 17.79 -19.35 49.34
C ARG P 153 17.11 -18.21 50.09
N GLU P 154 17.51 -17.95 51.33
CA GLU P 154 16.94 -16.87 52.10
C GLU P 154 17.34 -15.54 51.47
N ARG P 155 18.58 -15.46 50.99
CA ARG P 155 19.09 -14.25 50.36
C ARG P 155 18.52 -14.10 48.96
N ALA P 156 18.21 -15.22 48.31
CA ALA P 156 17.63 -15.19 46.98
C ALA P 156 16.23 -14.59 47.04
N VAL P 157 15.49 -14.93 48.08
CA VAL P 157 14.14 -14.40 48.24
C VAL P 157 14.21 -12.90 48.41
N GLU P 158 15.26 -12.44 49.09
CA GLU P 158 15.48 -11.01 49.33
C GLU P 158 15.81 -10.34 48.00
N LEU P 159 16.59 -11.02 47.17
CA LEU P 159 16.98 -10.49 45.87
C LEU P 159 15.77 -10.38 44.97
N LEU P 160 14.90 -11.38 45.02
CA LEU P 160 13.68 -11.41 44.23
C LEU P 160 12.74 -10.29 44.65
N ARG P 161 12.69 -10.01 45.95
CA ARG P 161 11.84 -8.94 46.47
C ARG P 161 12.31 -7.59 45.93
N LYS P 162 13.62 -7.40 45.84
CA LYS P 162 14.18 -6.16 45.30
C LYS P 162 13.70 -5.93 43.87
N CYS P 163 13.72 -6.99 43.07
CA CYS P 163 13.26 -6.93 41.68
C CYS P 163 11.78 -6.58 41.62
N LEU P 164 11.00 -7.25 42.47
CA LEU P 164 9.55 -7.03 42.50
C LEU P 164 9.21 -5.62 42.96
N GLU P 165 10.01 -5.10 43.89
CA GLU P 165 9.79 -3.75 44.42
C GLU P 165 10.15 -2.71 43.35
N GLU P 166 11.12 -3.03 42.51
CA GLU P 166 11.54 -2.15 41.44
C GLU P 166 10.39 -1.99 40.45
N LEU P 167 9.71 -3.10 40.16
CA LEU P 167 8.58 -3.08 39.24
C LEU P 167 7.45 -2.24 39.82
N GLN P 168 7.25 -2.40 41.13
CA GLN P 168 6.21 -1.66 41.84
C GLN P 168 6.32 -0.14 41.65
N LYS P 169 7.53 0.38 41.73
CA LYS P 169 7.73 1.83 41.61
C LYS P 169 8.14 2.35 40.23
N ARG P 170 8.76 1.50 39.41
CA ARG P 170 9.21 1.94 38.09
C ARG P 170 8.35 1.47 36.92
N PHE P 171 7.86 0.24 36.98
CA PHE P 171 7.03 -0.31 35.90
C PHE P 171 5.66 0.35 35.82
N ILE P 172 5.21 0.64 34.60
CA ILE P 172 3.91 1.28 34.40
C ILE P 172 2.73 0.33 34.59
N LEU P 173 2.97 -0.98 34.57
CA LEU P 173 1.91 -1.95 34.73
C LEU P 173 1.57 -2.22 36.19
N ASN P 174 0.32 -2.55 36.45
CA ASN P 174 -0.14 -2.84 37.80
C ASN P 174 -0.03 -4.33 38.12
N LEU P 175 1.09 -4.73 38.69
CA LEU P 175 1.32 -6.12 39.06
C LEU P 175 1.52 -6.18 40.56
N PRO P 176 0.42 -6.18 41.32
CA PRO P 176 0.48 -6.15 42.78
C PRO P 176 0.82 -7.47 43.47
N THR P 177 0.68 -8.61 42.80
CA THR P 177 0.98 -9.87 43.48
C THR P 177 1.72 -10.85 42.59
N PHE P 178 2.63 -11.61 43.20
CA PHE P 178 3.44 -12.57 42.47
C PHE P 178 3.44 -13.94 43.14
N SER P 179 3.40 -14.99 42.31
CA SER P 179 3.45 -16.35 42.80
C SER P 179 4.92 -16.66 43.03
N VAL P 180 5.25 -17.26 44.17
CA VAL P 180 6.64 -17.59 44.46
C VAL P 180 6.79 -19.05 44.81
N ARG P 181 7.66 -19.75 44.08
CA ARG P 181 7.90 -21.16 44.32
C ARG P 181 9.38 -21.46 44.33
N ILE P 182 9.76 -22.59 44.94
CA ILE P 182 11.15 -22.99 45.01
C ILE P 182 11.28 -24.49 44.74
N ILE P 183 12.33 -24.87 44.02
CA ILE P 183 12.57 -26.27 43.71
C ILE P 183 13.95 -26.71 44.19
N ASP P 184 13.96 -27.65 45.13
CA ASP P 184 15.22 -28.19 45.63
C ASP P 184 15.16 -29.71 45.49
N LYS P 185 15.91 -30.43 46.33
CA LYS P 185 15.92 -31.89 46.29
C LYS P 185 14.67 -32.53 46.88
N ASN P 186 13.91 -31.76 47.66
CA ASN P 186 12.68 -32.26 48.28
C ASN P 186 11.46 -31.99 47.43
N GLY P 187 11.67 -31.48 46.22
CA GLY P 187 10.58 -31.21 45.30
C GLY P 187 10.22 -29.75 45.12
N ILE P 188 8.99 -29.51 44.69
CA ILE P 188 8.49 -28.16 44.47
C ILE P 188 7.78 -27.68 45.72
N HIS P 189 8.18 -26.51 46.21
CA HIS P 189 7.57 -25.95 47.41
C HIS P 189 6.98 -24.57 47.14
N ASP P 190 5.76 -24.36 47.60
CA ASP P 190 5.11 -23.08 47.42
C ASP P 190 5.54 -22.17 48.55
N LEU P 191 5.92 -20.95 48.19
CA LEU P 191 6.35 -19.97 49.18
C LEU P 191 5.26 -18.93 49.32
N ASP P 192 5.34 -18.12 50.37
CA ASP P 192 4.36 -17.09 50.59
C ASP P 192 4.38 -16.13 49.40
N ASN P 193 3.20 -15.76 48.91
CA ASN P 193 3.11 -14.85 47.79
C ASN P 193 3.65 -13.49 48.21
N ILE P 194 4.34 -12.82 47.29
CA ILE P 194 4.87 -11.49 47.56
C ILE P 194 3.89 -10.49 46.98
N SER P 195 3.23 -9.74 47.85
CA SER P 195 2.26 -8.74 47.39
C SER P 195 2.61 -7.35 47.89
N PHE P 196 2.02 -6.34 47.24
CA PHE P 196 2.27 -4.96 47.61
C PHE P 196 0.97 -4.18 47.77
N SER Q 2 16.89 -7.19 10.22
CA SER Q 2 17.22 -8.48 9.47
C SER Q 2 17.26 -9.66 10.45
N ILE Q 3 16.79 -10.81 9.98
CA ILE Q 3 16.71 -12.03 10.78
C ILE Q 3 18.06 -12.56 11.22
N MET Q 4 19.08 -12.38 10.37
CA MET Q 4 20.42 -12.86 10.66
C MET Q 4 21.10 -12.09 11.80
N SER Q 5 20.72 -10.84 11.99
CA SER Q 5 21.31 -10.02 13.04
C SER Q 5 20.44 -9.98 14.30
N TYR Q 6 19.35 -10.74 14.28
CA TYR Q 6 18.43 -10.79 15.41
C TYR Q 6 19.10 -11.20 16.71
N ASN Q 7 19.98 -12.20 16.64
CA ASN Q 7 20.68 -12.68 17.83
C ASN Q 7 22.15 -12.26 17.82
N GLY Q 8 22.64 -11.85 16.65
CA GLY Q 8 24.03 -11.44 16.51
C GLY Q 8 24.96 -12.63 16.44
N GLY Q 9 26.26 -12.39 16.60
CA GLY Q 9 27.23 -13.47 16.57
C GLY Q 9 28.21 -13.44 15.42
N ALA Q 10 29.43 -13.87 15.70
CA ALA Q 10 30.49 -13.91 14.69
C ALA Q 10 31.29 -15.20 14.81
N VAL Q 11 31.60 -15.79 13.66
CA VAL Q 11 32.37 -17.03 13.61
C VAL Q 11 33.42 -16.89 12.52
N MET Q 12 34.61 -17.41 12.76
CA MET Q 12 35.68 -17.34 11.77
C MET Q 12 36.61 -18.55 11.86
N ALA Q 13 37.08 -19.02 10.71
CA ALA Q 13 37.98 -20.16 10.66
C ALA Q 13 39.26 -19.71 9.95
N MET Q 14 40.40 -20.22 10.40
CA MET Q 14 41.68 -19.85 9.81
C MET Q 14 42.57 -21.06 9.56
N LYS Q 15 43.24 -21.05 8.41
CA LYS Q 15 44.13 -22.14 8.04
C LYS Q 15 45.57 -21.81 8.38
N GLY Q 16 46.29 -22.79 8.92
CA GLY Q 16 47.68 -22.63 9.27
C GLY Q 16 48.50 -23.78 8.72
N LYS Q 17 49.77 -23.86 9.10
CA LYS Q 17 50.64 -24.94 8.65
C LYS Q 17 50.30 -26.21 9.43
N ASN Q 18 49.61 -27.12 8.78
CA ASN Q 18 49.16 -28.40 9.36
C ASN Q 18 48.32 -28.24 10.63
N CYS Q 19 47.47 -27.21 10.65
CA CYS Q 19 46.61 -26.92 11.79
C CYS Q 19 45.51 -25.94 11.37
N VAL Q 20 44.36 -26.04 12.03
CA VAL Q 20 43.25 -25.14 11.74
C VAL Q 20 42.77 -24.47 13.02
N ALA Q 21 42.21 -23.28 12.88
CA ALA Q 21 41.70 -22.56 14.04
C ALA Q 21 40.27 -22.14 13.78
N ILE Q 22 39.43 -22.28 14.80
CA ILE Q 22 38.04 -21.87 14.70
C ILE Q 22 37.68 -21.08 15.95
N ALA Q 23 37.11 -19.89 15.75
CA ALA Q 23 36.75 -19.04 16.86
C ALA Q 23 35.35 -18.48 16.70
N ALA Q 24 34.77 -18.04 17.80
CA ALA Q 24 33.43 -17.46 17.79
C ALA Q 24 33.18 -16.61 19.02
N ASP Q 25 32.16 -15.77 18.96
CA ASP Q 25 31.79 -14.94 20.11
C ASP Q 25 30.91 -15.80 21.03
N ARG Q 26 30.71 -15.35 22.26
CA ARG Q 26 29.93 -16.13 23.20
C ARG Q 26 28.61 -15.49 23.63
N ARG Q 27 28.25 -14.38 22.99
CA ARG Q 27 27.04 -13.67 23.34
C ARG Q 27 25.74 -14.24 22.77
N PHE Q 28 24.72 -14.33 23.61
CA PHE Q 28 23.40 -14.74 23.17
C PHE Q 28 22.47 -13.63 23.60
N GLY Q 29 21.97 -12.88 22.63
CA GLY Q 29 21.07 -11.78 22.94
C GLY Q 29 19.93 -11.64 21.97
N ILE Q 30 18.85 -11.02 22.44
CA ILE Q 30 17.68 -10.78 21.61
C ILE Q 30 17.70 -9.29 21.32
N GLN Q 31 17.95 -8.95 20.06
CA GLN Q 31 18.04 -7.57 19.61
C GLN Q 31 19.16 -6.85 20.38
N ALA Q 32 18.81 -5.84 21.16
CA ALA Q 32 19.81 -5.09 21.90
C ALA Q 32 20.11 -5.66 23.30
N GLN Q 33 19.23 -6.52 23.79
CA GLN Q 33 19.39 -7.10 25.12
C GLN Q 33 20.19 -8.40 25.17
N MET Q 34 21.20 -8.45 26.03
CA MET Q 34 22.01 -9.64 26.20
C MET Q 34 21.29 -10.55 27.19
N VAL Q 35 21.29 -11.86 26.89
CA VAL Q 35 20.62 -12.81 27.77
C VAL Q 35 21.65 -13.67 28.50
N THR Q 36 22.60 -14.23 27.77
CA THR Q 36 23.68 -15.02 28.36
C THR Q 36 25.00 -14.67 27.70
N THR Q 37 26.11 -15.09 28.30
CA THR Q 37 27.42 -14.79 27.74
C THR Q 37 28.26 -16.03 27.47
N ASP Q 38 27.61 -17.18 27.34
CA ASP Q 38 28.33 -18.42 27.06
C ASP Q 38 27.54 -19.34 26.15
N PHE Q 39 26.91 -18.77 25.13
CA PHE Q 39 26.12 -19.53 24.18
C PHE Q 39 27.05 -20.26 23.20
N GLN Q 40 26.87 -21.58 23.07
CA GLN Q 40 27.70 -22.38 22.18
C GLN Q 40 27.36 -22.16 20.70
N LYS Q 41 28.38 -21.84 19.91
CA LYS Q 41 28.20 -21.62 18.49
C LYS Q 41 29.07 -22.57 17.67
N ILE Q 42 30.11 -23.10 18.30
CA ILE Q 42 31.01 -24.04 17.64
C ILE Q 42 30.74 -25.44 18.18
N PHE Q 43 30.43 -26.36 17.28
CA PHE Q 43 30.14 -27.74 17.68
C PHE Q 43 31.12 -28.73 17.07
N PRO Q 44 31.47 -29.77 17.84
CA PRO Q 44 32.40 -30.80 17.36
C PRO Q 44 31.69 -31.80 16.44
N MET Q 45 32.34 -32.14 15.33
CA MET Q 45 31.79 -33.08 14.37
C MET Q 45 32.84 -34.14 14.06
N GLY Q 46 33.73 -34.36 15.02
CA GLY Q 46 34.81 -35.32 14.89
C GLY Q 46 35.96 -34.89 15.78
N ASP Q 47 36.99 -35.73 15.89
CA ASP Q 47 38.13 -35.40 16.72
C ASP Q 47 38.80 -34.13 16.26
N ARG Q 48 38.96 -34.00 14.94
CA ARG Q 48 39.61 -32.84 14.35
C ARG Q 48 38.70 -32.14 13.35
N LEU Q 49 37.39 -32.15 13.63
CA LEU Q 49 36.42 -31.52 12.74
C LEU Q 49 35.40 -30.74 13.55
N TYR Q 50 35.30 -29.44 13.30
CA TYR Q 50 34.38 -28.58 14.02
C TYR Q 50 33.56 -27.70 13.08
N ILE Q 51 32.32 -27.42 13.47
CA ILE Q 51 31.47 -26.55 12.67
C ILE Q 51 31.06 -25.34 13.50
N GLY Q 52 31.23 -24.16 12.93
CA GLY Q 52 30.86 -22.92 13.59
C GLY Q 52 29.60 -22.41 12.95
N LEU Q 53 28.62 -22.02 13.76
CA LEU Q 53 27.36 -21.54 13.22
C LEU Q 53 26.99 -20.16 13.76
N ALA Q 54 26.67 -19.25 12.84
CA ALA Q 54 26.28 -17.90 13.20
C ALA Q 54 24.96 -17.57 12.51
N GLY Q 55 24.11 -16.82 13.20
CA GLY Q 55 22.82 -16.43 12.68
C GLY Q 55 21.75 -16.59 13.73
N LEU Q 56 20.53 -16.83 13.31
CA LEU Q 56 19.41 -17.01 14.23
C LEU Q 56 19.74 -18.12 15.22
N ALA Q 57 19.75 -17.79 16.50
CA ALA Q 57 20.06 -18.76 17.56
C ALA Q 57 19.26 -20.06 17.45
N THR Q 58 17.96 -19.94 17.24
CA THR Q 58 17.11 -21.12 17.13
C THR Q 58 17.57 -22.04 15.97
N ASP Q 59 17.93 -21.45 14.84
CA ASP Q 59 18.37 -22.22 13.69
C ASP Q 59 19.79 -22.75 13.90
N VAL Q 60 20.57 -22.03 14.68
CA VAL Q 60 21.92 -22.45 15.00
C VAL Q 60 21.85 -23.77 15.76
N GLN Q 61 20.94 -23.84 16.72
CA GLN Q 61 20.76 -25.05 17.52
C GLN Q 61 20.11 -26.18 16.73
N THR Q 62 19.10 -25.85 15.92
CA THR Q 62 18.42 -26.86 15.11
C THR Q 62 19.36 -27.49 14.09
N VAL Q 63 20.04 -26.66 13.30
CA VAL Q 63 20.98 -27.15 12.30
C VAL Q 63 22.06 -28.01 12.93
N ALA Q 64 22.61 -27.55 14.04
CA ALA Q 64 23.65 -28.29 14.74
C ALA Q 64 23.14 -29.67 15.16
N GLN Q 65 21.93 -29.70 15.71
CA GLN Q 65 21.33 -30.95 16.16
C GLN Q 65 20.96 -31.88 14.99
N ARG Q 66 20.42 -31.32 13.91
CA ARG Q 66 20.06 -32.12 12.75
C ARG Q 66 21.29 -32.65 12.04
N LEU Q 67 22.36 -31.87 12.03
CA LEU Q 67 23.61 -32.28 11.39
C LEU Q 67 24.21 -33.44 12.19
N LYS Q 68 24.12 -33.36 13.52
CA LYS Q 68 24.63 -34.40 14.40
C LYS Q 68 23.88 -35.70 14.15
N PHE Q 69 22.57 -35.58 13.98
CA PHE Q 69 21.70 -36.70 13.70
C PHE Q 69 22.18 -37.43 12.44
N ARG Q 70 22.40 -36.65 11.37
CA ARG Q 70 22.86 -37.20 10.10
C ARG Q 70 24.29 -37.73 10.14
N LEU Q 71 25.17 -37.02 10.85
CA LEU Q 71 26.55 -37.44 10.96
C LEU Q 71 26.68 -38.74 11.74
N ASN Q 72 25.92 -38.85 12.83
CA ASN Q 72 25.95 -40.04 13.66
C ASN Q 72 25.52 -41.25 12.85
N LEU Q 73 24.42 -41.11 12.12
CA LEU Q 73 23.91 -42.20 11.29
C LEU Q 73 24.89 -42.55 10.19
N TYR Q 74 25.51 -41.52 9.62
CA TYR Q 74 26.49 -41.69 8.55
C TYR Q 74 27.71 -42.44 9.07
N GLU Q 75 28.11 -42.13 10.30
CA GLU Q 75 29.27 -42.77 10.92
C GLU Q 75 28.98 -44.16 11.51
N LEU Q 76 27.72 -44.56 11.52
CA LEU Q 76 27.34 -45.88 11.99
C LEU Q 76 27.23 -46.77 10.76
N LYS Q 77 26.62 -46.22 9.70
CA LYS Q 77 26.45 -46.93 8.44
C LYS Q 77 27.82 -47.26 7.88
N GLU Q 78 28.55 -46.24 7.46
CA GLU Q 78 29.91 -46.44 6.98
C GLU Q 78 30.72 -46.53 8.25
N GLY Q 79 31.67 -47.45 8.33
CA GLY Q 79 32.46 -47.58 9.54
C GLY Q 79 33.69 -46.70 9.59
N ARG Q 80 33.50 -45.39 9.48
CA ARG Q 80 34.62 -44.47 9.48
C ARG Q 80 34.22 -43.04 9.84
N GLN Q 81 35.22 -42.24 10.17
CA GLN Q 81 34.99 -40.84 10.51
C GLN Q 81 34.81 -40.08 9.21
N ILE Q 82 33.85 -39.17 9.18
CA ILE Q 82 33.56 -38.39 7.98
C ILE Q 82 34.72 -37.44 7.61
N LYS Q 83 34.94 -37.27 6.32
CA LYS Q 83 35.98 -36.38 5.84
C LYS Q 83 35.45 -34.95 5.86
N PRO Q 84 36.34 -33.97 6.06
CA PRO Q 84 35.94 -32.56 6.09
C PRO Q 84 35.14 -32.13 4.87
N TYR Q 85 35.60 -32.53 3.68
CA TYR Q 85 34.89 -32.16 2.46
C TYR Q 85 33.50 -32.77 2.40
N THR Q 86 33.38 -34.04 2.81
CA THR Q 86 32.10 -34.73 2.79
C THR Q 86 31.11 -34.07 3.74
N LEU Q 87 31.59 -33.61 4.89
CA LEU Q 87 30.73 -32.93 5.86
C LEU Q 87 30.16 -31.65 5.23
N MET Q 88 31.01 -30.93 4.51
CA MET Q 88 30.60 -29.70 3.83
C MET Q 88 29.43 -29.98 2.89
N SER Q 89 29.54 -31.05 2.10
CA SER Q 89 28.48 -31.43 1.18
C SER Q 89 27.22 -31.83 1.92
N MET Q 90 27.39 -32.55 3.03
CA MET Q 90 26.27 -32.98 3.85
C MET Q 90 25.50 -31.76 4.34
N VAL Q 91 26.24 -30.78 4.83
CA VAL Q 91 25.66 -29.54 5.32
C VAL Q 91 25.01 -28.76 4.18
N ALA Q 92 25.65 -28.73 3.02
CA ALA Q 92 25.11 -28.01 1.86
C ALA Q 92 23.79 -28.64 1.45
N ASN Q 93 23.75 -29.97 1.42
CA ASN Q 93 22.56 -30.71 1.06
C ASN Q 93 21.45 -30.43 2.08
N LEU Q 94 21.83 -30.39 3.35
CA LEU Q 94 20.87 -30.12 4.42
C LEU Q 94 20.30 -28.70 4.29
N LEU Q 95 21.15 -27.74 3.97
CA LEU Q 95 20.72 -26.35 3.83
C LEU Q 95 19.92 -26.14 2.56
N TYR Q 96 20.28 -26.85 1.50
CA TYR Q 96 19.57 -26.72 0.21
C TYR Q 96 18.18 -27.34 0.20
N GLU Q 97 17.90 -28.25 1.13
CA GLU Q 97 16.59 -28.89 1.25
C GLU Q 97 15.49 -27.86 1.57
N LYS Q 98 15.83 -26.84 2.36
CA LYS Q 98 14.91 -25.78 2.70
C LYS Q 98 15.14 -24.57 1.79
N ARG Q 99 15.43 -24.83 0.52
CA ARG Q 99 15.69 -23.77 -0.45
C ARG Q 99 14.76 -22.54 -0.36
N PHE Q 100 13.46 -22.77 -0.16
CA PHE Q 100 12.51 -21.65 -0.10
C PHE Q 100 11.92 -21.36 1.28
N GLY Q 101 12.65 -21.76 2.32
CA GLY Q 101 12.27 -21.55 3.71
C GLY Q 101 13.47 -22.04 4.49
N PRO Q 102 14.63 -21.42 4.22
CA PRO Q 102 15.94 -21.76 4.77
C PRO Q 102 16.18 -21.48 6.23
N TYR Q 103 17.18 -22.15 6.78
CA TYR Q 103 17.60 -21.95 8.14
C TYR Q 103 18.47 -20.72 8.10
N TYR Q 104 18.28 -19.81 9.05
CA TYR Q 104 19.06 -18.59 9.07
C TYR Q 104 20.38 -18.77 9.80
N THR Q 105 21.33 -19.38 9.10
CA THR Q 105 22.64 -19.64 9.66
C THR Q 105 23.69 -19.86 8.57
N GLU Q 106 24.83 -19.21 8.73
CA GLU Q 106 25.93 -19.33 7.78
C GLU Q 106 27.05 -20.07 8.49
N PRO Q 107 27.18 -21.36 8.19
CA PRO Q 107 28.17 -22.22 8.82
C PRO Q 107 29.58 -22.12 8.26
N VAL Q 108 30.56 -22.38 9.12
CA VAL Q 108 31.97 -22.39 8.74
C VAL Q 108 32.50 -23.69 9.31
N ILE Q 109 33.18 -24.46 8.48
CA ILE Q 109 33.75 -25.73 8.90
C ILE Q 109 35.27 -25.65 8.97
N ALA Q 110 35.86 -26.18 10.02
CA ALA Q 110 37.31 -26.19 10.18
C ALA Q 110 37.75 -27.54 10.73
N GLY Q 111 38.71 -28.16 10.07
CA GLY Q 111 39.20 -29.46 10.51
C GLY Q 111 40.35 -30.01 9.68
N LEU Q 112 40.75 -31.23 10.01
CA LEU Q 112 41.83 -31.90 9.30
C LEU Q 112 41.33 -33.25 8.82
N ASP Q 113 41.80 -33.67 7.65
CA ASP Q 113 41.39 -34.96 7.11
C ASP Q 113 41.66 -36.08 8.11
N PRO Q 114 40.68 -36.98 8.28
CA PRO Q 114 40.77 -38.11 9.22
C PRO Q 114 42.00 -39.00 9.04
N LYS Q 115 42.45 -39.21 7.81
CA LYS Q 115 43.61 -40.06 7.55
C LYS Q 115 44.87 -39.33 7.11
N THR Q 116 44.72 -38.18 6.46
CA THR Q 116 45.88 -37.44 5.96
C THR Q 116 46.24 -36.18 6.77
N PHE Q 117 45.35 -35.79 7.68
CA PHE Q 117 45.54 -34.61 8.53
C PHE Q 117 45.85 -33.33 7.74
N LYS Q 118 45.14 -33.14 6.65
CA LYS Q 118 45.32 -31.96 5.81
C LYS Q 118 44.31 -30.90 6.20
N PRO Q 119 44.78 -29.69 6.50
CA PRO Q 119 43.94 -28.56 6.90
C PRO Q 119 42.83 -28.28 5.88
N PHE Q 120 41.64 -27.99 6.37
CA PHE Q 120 40.51 -27.70 5.50
C PHE Q 120 39.53 -26.74 6.16
N ILE Q 121 39.20 -25.66 5.45
CA ILE Q 121 38.25 -24.68 5.95
C ILE Q 121 37.34 -24.26 4.81
N CYS Q 122 36.08 -23.99 5.15
CA CYS Q 122 35.10 -23.57 4.17
C CYS Q 122 33.95 -22.84 4.85
N SER Q 123 33.13 -22.19 4.05
CA SER Q 123 31.97 -21.49 4.56
C SER Q 123 30.82 -21.71 3.60
N LEU Q 124 29.60 -21.72 4.12
CA LEU Q 124 28.43 -21.91 3.29
C LEU Q 124 27.43 -20.81 3.61
N ASP Q 125 26.62 -20.44 2.61
CA ASP Q 125 25.61 -19.42 2.82
C ASP Q 125 24.33 -20.09 3.35
N LEU Q 126 23.33 -19.30 3.69
CA LEU Q 126 22.09 -19.85 4.22
C LEU Q 126 21.43 -20.96 3.39
N ILE Q 127 21.46 -20.85 2.06
CA ILE Q 127 20.85 -21.88 1.22
C ILE Q 127 21.79 -23.05 0.89
N GLY Q 128 23.02 -22.98 1.38
CA GLY Q 128 23.98 -24.06 1.18
C GLY Q 128 24.97 -24.00 0.02
N CYS Q 129 25.55 -22.84 -0.25
CA CYS Q 129 26.54 -22.72 -1.31
C CYS Q 129 27.94 -22.68 -0.70
N PRO Q 130 28.65 -23.81 -0.78
CA PRO Q 130 29.99 -23.96 -0.21
C PRO Q 130 31.05 -23.05 -0.85
N MET Q 131 32.08 -22.73 -0.08
CA MET Q 131 33.16 -21.88 -0.54
C MET Q 131 34.44 -22.27 0.19
N VAL Q 132 35.24 -23.12 -0.43
CA VAL Q 132 36.49 -23.58 0.16
C VAL Q 132 37.63 -22.60 -0.12
N THR Q 133 38.29 -22.14 0.93
CA THR Q 133 39.41 -21.20 0.78
C THR Q 133 40.68 -21.78 1.40
N ASP Q 134 41.81 -21.17 1.08
CA ASP Q 134 43.08 -21.64 1.61
C ASP Q 134 43.64 -20.72 2.67
N ASP Q 135 42.91 -19.66 3.00
CA ASP Q 135 43.37 -18.72 4.02
C ASP Q 135 42.43 -18.61 5.22
N PHE Q 136 41.25 -18.06 5.00
CA PHE Q 136 40.29 -17.89 6.09
C PHE Q 136 38.86 -17.71 5.59
N VAL Q 137 37.91 -17.91 6.49
CA VAL Q 137 36.50 -17.76 6.19
C VAL Q 137 35.84 -17.10 7.40
N VAL Q 138 34.97 -16.12 7.14
CA VAL Q 138 34.28 -15.44 8.22
C VAL Q 138 32.77 -15.50 8.04
N SER Q 139 32.04 -15.34 9.14
CA SER Q 139 30.59 -15.38 9.09
C SER Q 139 29.98 -14.71 10.32
N GLY Q 140 28.98 -13.87 10.11
CA GLY Q 140 28.33 -13.20 11.21
C GLY Q 140 27.95 -11.76 10.94
N THR Q 141 27.53 -11.06 11.98
CA THR Q 141 27.11 -9.67 11.88
C THR Q 141 28.27 -8.70 11.64
N CYS Q 142 29.47 -9.10 12.01
CA CYS Q 142 30.65 -8.26 11.82
C CYS Q 142 31.61 -8.88 10.81
N SER Q 143 31.06 -9.47 9.76
CA SER Q 143 31.88 -10.12 8.73
C SER Q 143 32.82 -9.13 8.05
N GLU Q 144 32.35 -7.92 7.80
CA GLU Q 144 33.16 -6.88 7.17
C GLU Q 144 34.39 -6.58 8.01
N GLN Q 145 34.19 -6.47 9.32
CA GLN Q 145 35.28 -6.20 10.25
C GLN Q 145 36.25 -7.37 10.27
N MET Q 146 35.71 -8.58 10.20
CA MET Q 146 36.52 -9.78 10.21
C MET Q 146 37.34 -9.87 8.93
N TYR Q 147 36.75 -9.46 7.82
CA TYR Q 147 37.44 -9.47 6.54
C TYR Q 147 38.68 -8.58 6.61
N GLY Q 148 38.48 -7.36 7.10
CA GLY Q 148 39.57 -6.42 7.24
C GLY Q 148 40.71 -7.01 8.05
N MET Q 149 40.39 -7.52 9.23
CA MET Q 149 41.39 -8.12 10.12
C MET Q 149 42.12 -9.30 9.49
N CYS Q 150 41.37 -10.24 8.94
CA CYS Q 150 41.95 -11.43 8.33
C CYS Q 150 42.84 -11.13 7.13
N GLU Q 151 42.34 -10.26 6.25
CA GLU Q 151 43.05 -9.84 5.05
C GLU Q 151 44.44 -9.26 5.32
N SER Q 152 44.60 -8.54 6.42
CA SER Q 152 45.88 -7.93 6.74
C SER Q 152 46.73 -8.71 7.73
N LEU Q 153 46.08 -9.47 8.61
CA LEU Q 153 46.80 -10.24 9.62
C LEU Q 153 47.19 -11.65 9.18
N TRP Q 154 46.35 -12.28 8.36
CA TRP Q 154 46.64 -13.63 7.91
C TRP Q 154 47.89 -13.77 7.07
N GLU Q 155 48.71 -14.75 7.43
CA GLU Q 155 49.94 -15.04 6.71
C GLU Q 155 49.93 -16.51 6.37
N PRO Q 156 50.66 -16.90 5.32
CA PRO Q 156 50.72 -18.31 4.93
C PRO Q 156 51.66 -19.12 5.81
N ASN Q 157 51.35 -20.40 5.98
CA ASN Q 157 52.15 -21.33 6.77
C ASN Q 157 52.46 -20.94 8.20
N MET Q 158 51.45 -20.47 8.93
CA MET Q 158 51.63 -20.09 10.33
C MET Q 158 51.63 -21.34 11.18
N ASP Q 159 52.38 -21.32 12.28
CA ASP Q 159 52.40 -22.48 13.18
C ASP Q 159 51.27 -22.33 14.19
N PRO Q 160 51.02 -23.38 14.98
CA PRO Q 160 49.94 -23.39 15.96
C PRO Q 160 49.90 -22.14 16.85
N GLU Q 161 51.04 -21.73 17.37
CA GLU Q 161 51.10 -20.54 18.23
C GLU Q 161 50.80 -19.26 17.47
N HIS Q 162 51.40 -19.12 16.29
CA HIS Q 162 51.20 -17.93 15.47
C HIS Q 162 49.77 -17.86 14.96
N LEU Q 163 49.19 -19.02 14.63
CA LEU Q 163 47.83 -19.08 14.14
C LEU Q 163 46.86 -18.65 15.23
N PHE Q 164 47.13 -19.08 16.46
CA PHE Q 164 46.27 -18.73 17.58
C PHE Q 164 46.24 -17.21 17.77
N GLU Q 165 47.41 -16.60 17.77
CA GLU Q 165 47.53 -15.16 17.94
C GLU Q 165 46.85 -14.39 16.81
N THR Q 166 46.94 -14.91 15.59
CA THR Q 166 46.34 -14.26 14.44
C THR Q 166 44.82 -14.26 14.50
N ILE Q 167 44.22 -15.42 14.73
CA ILE Q 167 42.77 -15.52 14.81
C ILE Q 167 42.20 -14.83 16.05
N SER Q 168 42.96 -14.80 17.14
CA SER Q 168 42.51 -14.16 18.36
C SER Q 168 42.42 -12.66 18.12
N GLN Q 169 43.48 -12.09 17.56
CA GLN Q 169 43.55 -10.66 17.27
C GLN Q 169 42.50 -10.25 16.24
N ALA Q 170 42.25 -11.12 15.27
CA ALA Q 170 41.27 -10.86 14.24
C ALA Q 170 39.88 -10.78 14.87
N MET Q 171 39.51 -11.80 15.63
CA MET Q 171 38.19 -11.85 16.28
C MET Q 171 38.00 -10.75 17.32
N LEU Q 172 38.96 -10.61 18.23
CA LEU Q 172 38.88 -9.62 19.29
C LEU Q 172 38.61 -8.20 18.78
N ASN Q 173 39.45 -7.75 17.87
CA ASN Q 173 39.31 -6.41 17.30
C ASN Q 173 38.10 -6.26 16.39
N ALA Q 174 37.66 -7.37 15.79
CA ALA Q 174 36.50 -7.34 14.90
C ALA Q 174 35.19 -7.23 15.69
N VAL Q 175 35.10 -7.95 16.81
CA VAL Q 175 33.89 -7.92 17.63
C VAL Q 175 33.75 -6.65 18.49
N ASP Q 176 34.84 -5.89 18.61
CA ASP Q 176 34.83 -4.65 19.37
C ASP Q 176 34.20 -3.49 18.58
N ARG Q 177 34.06 -3.66 17.27
CA ARG Q 177 33.43 -2.67 16.41
C ARG Q 177 32.01 -3.11 16.04
N ASP Q 178 31.58 -4.24 16.61
CA ASP Q 178 30.24 -4.78 16.36
C ASP Q 178 29.45 -4.79 17.66
N ALA Q 179 28.41 -3.98 17.71
CA ALA Q 179 27.57 -3.87 18.91
C ALA Q 179 26.88 -5.15 19.37
N VAL Q 180 26.53 -6.04 18.44
CA VAL Q 180 25.82 -7.26 18.82
C VAL Q 180 26.68 -8.51 18.88
N SER Q 181 28.00 -8.34 18.86
CA SER Q 181 28.92 -9.45 18.93
C SER Q 181 29.95 -9.19 20.01
N GLY Q 182 30.15 -10.15 20.89
CA GLY Q 182 31.12 -10.00 21.96
C GLY Q 182 30.88 -10.90 23.14
N MET Q 183 31.06 -10.32 24.34
CA MET Q 183 30.90 -11.02 25.62
C MET Q 183 31.77 -12.26 25.74
N GLY Q 184 32.99 -12.19 25.24
CA GLY Q 184 33.91 -13.32 25.29
C GLY Q 184 34.16 -13.94 23.94
N VAL Q 185 35.28 -14.64 23.81
CA VAL Q 185 35.65 -15.29 22.57
C VAL Q 185 36.28 -16.65 22.87
N ILE Q 186 35.79 -17.69 22.20
CA ILE Q 186 36.32 -19.03 22.38
C ILE Q 186 37.10 -19.44 21.14
N VAL Q 187 38.32 -19.91 21.32
CA VAL Q 187 39.15 -20.32 20.20
C VAL Q 187 39.55 -21.79 20.28
N HIS Q 188 39.40 -22.50 19.17
CA HIS Q 188 39.77 -23.91 19.12
C HIS Q 188 40.93 -24.10 18.14
N ILE Q 189 42.04 -24.63 18.63
CA ILE Q 189 43.20 -24.87 17.79
C ILE Q 189 43.27 -26.37 17.52
N ILE Q 190 43.01 -26.76 16.28
CA ILE Q 190 43.00 -28.15 15.89
C ILE Q 190 44.34 -28.60 15.28
N GLU Q 191 45.00 -29.52 15.97
CA GLU Q 191 46.28 -30.05 15.52
C GLU Q 191 46.19 -31.55 15.33
N LYS Q 192 47.24 -32.14 14.77
CA LYS Q 192 47.28 -33.57 14.52
C LYS Q 192 47.05 -34.42 15.77
N ASP Q 193 47.75 -34.10 16.86
CA ASP Q 193 47.61 -34.87 18.09
C ASP Q 193 46.90 -34.19 19.25
N LYS Q 194 46.41 -32.97 19.04
CA LYS Q 194 45.74 -32.28 20.13
C LYS Q 194 44.81 -31.14 19.72
N ILE Q 195 43.89 -30.80 20.61
CA ILE Q 195 42.94 -29.73 20.41
C ILE Q 195 43.07 -28.79 21.60
N THR Q 196 43.31 -27.51 21.34
CA THR Q 196 43.46 -26.55 22.42
C THR Q 196 42.33 -25.52 22.41
N THR Q 197 41.53 -25.54 23.48
CA THR Q 197 40.43 -24.61 23.60
C THR Q 197 40.78 -23.49 24.58
N ARG Q 198 40.65 -22.26 24.14
CA ARG Q 198 40.97 -21.11 24.98
C ARG Q 198 39.88 -20.06 24.96
N THR Q 199 39.66 -19.42 26.10
CA THR Q 199 38.69 -18.34 26.19
C THR Q 199 39.53 -17.09 26.40
N LEU Q 200 39.38 -16.13 25.50
CA LEU Q 200 40.16 -14.90 25.56
C LEU Q 200 39.63 -13.85 26.51
N LYS Q 201 40.53 -12.97 26.95
CA LYS Q 201 40.16 -11.88 27.82
C LYS Q 201 39.53 -10.86 26.89
N ALA Q 202 38.22 -10.68 26.97
CA ALA Q 202 37.53 -9.77 26.08
C ALA Q 202 36.63 -8.76 26.78
N ARG Q 203 36.19 -7.77 26.03
CA ARG Q 203 35.32 -6.74 26.53
C ARG Q 203 33.94 -7.33 26.79
N MET Q 204 33.33 -6.98 27.92
CA MET Q 204 32.02 -7.49 28.26
C MET Q 204 30.91 -6.45 28.11
N ASP Q 205 31.11 -5.51 27.19
CA ASP Q 205 30.12 -4.47 26.93
C ASP Q 205 29.62 -4.55 25.50
N SER R 2 -6.46 -60.91 -3.66
CA SER R 2 -6.97 -62.23 -4.00
C SER R 2 -6.85 -63.19 -2.81
N ARG R 3 -8.00 -63.60 -2.29
CA ARG R 3 -8.07 -64.51 -1.15
C ARG R 3 -7.41 -65.85 -1.41
N ARG R 4 -7.56 -66.35 -2.63
CA ARG R 4 -6.99 -67.64 -3.02
C ARG R 4 -5.49 -67.78 -2.71
N TYR R 5 -4.70 -66.78 -3.09
CA TYR R 5 -3.25 -66.84 -2.87
C TYR R 5 -2.73 -66.29 -1.54
N ASP R 6 -3.61 -65.70 -0.73
CA ASP R 6 -3.21 -65.17 0.57
C ASP R 6 -2.73 -66.31 1.47
N SER R 7 -1.63 -66.08 2.18
CA SER R 7 -1.04 -67.11 3.03
C SER R 7 -1.60 -66.98 4.45
N ARG R 8 -2.14 -65.78 4.77
CA ARG R 8 -2.76 -65.47 6.05
C ARG R 8 -1.75 -65.53 7.22
N THR R 9 -0.78 -64.61 7.20
CA THR R 9 0.37 -64.55 8.08
C THR R 9 -0.03 -64.15 9.51
N THR R 10 -1.01 -63.26 9.68
CA THR R 10 -1.28 -62.65 10.97
C THR R 10 -2.68 -63.02 11.47
N ILE R 11 -2.98 -64.32 11.58
CA ILE R 11 -4.25 -64.79 12.13
C ILE R 11 -3.92 -65.89 13.13
N PHE R 12 -4.82 -66.19 14.06
CA PHE R 12 -4.49 -67.20 15.05
C PHE R 12 -4.89 -68.57 14.51
N SER R 13 -4.22 -69.58 15.04
CA SER R 13 -4.53 -70.98 14.81
C SER R 13 -5.57 -71.37 15.84
N PRO R 14 -6.28 -72.50 15.67
CA PRO R 14 -7.19 -73.01 16.69
C PRO R 14 -6.71 -73.16 18.12
N GLU R 15 -5.42 -73.04 18.43
CA GLU R 15 -5.01 -73.16 19.84
C GLU R 15 -4.58 -71.77 20.37
N GLY R 16 -4.88 -70.73 19.59
CA GLY R 16 -4.43 -69.42 19.96
C GLY R 16 -2.95 -69.22 19.70
N ARG R 17 -2.39 -69.94 18.72
CA ARG R 17 -0.99 -69.75 18.33
C ARG R 17 -0.91 -68.97 17.02
N LEU R 18 0.20 -68.27 16.82
CA LEU R 18 0.59 -67.60 15.58
C LEU R 18 1.70 -68.42 14.94
N TYR R 19 1.42 -69.12 13.85
CA TYR R 19 2.35 -70.09 13.29
C TYR R 19 3.53 -69.35 12.67
N GLN R 20 3.29 -68.26 11.95
CA GLN R 20 4.44 -67.63 11.31
C GLN R 20 5.48 -67.31 12.37
N VAL R 21 5.05 -66.76 13.51
CA VAL R 21 5.98 -66.43 14.59
C VAL R 21 6.68 -67.69 15.06
N GLU R 22 5.94 -68.75 15.36
CA GLU R 22 6.58 -69.99 15.75
C GLU R 22 7.58 -70.57 14.71
N TYR R 23 7.29 -70.42 13.44
CA TYR R 23 8.19 -70.91 12.40
C TYR R 23 9.36 -69.93 12.22
N ALA R 24 9.11 -68.62 12.37
CA ALA R 24 10.23 -67.69 12.41
C ALA R 24 11.17 -68.11 13.54
N MET R 25 10.61 -68.54 14.67
CA MET R 25 11.47 -68.96 15.77
C MET R 25 12.25 -70.20 15.44
N GLU R 26 11.73 -71.10 14.57
CA GLU R 26 12.50 -72.30 14.24
C GLU R 26 13.73 -71.88 13.45
N ALA R 27 13.58 -70.84 12.64
CA ALA R 27 14.67 -70.38 11.81
C ALA R 27 15.84 -70.10 12.76
N ILE R 28 15.58 -69.26 13.77
CA ILE R 28 16.54 -68.75 14.73
C ILE R 28 17.27 -69.86 15.46
N GLY R 29 16.54 -70.82 16.04
CA GLY R 29 17.19 -71.92 16.72
C GLY R 29 18.22 -72.66 15.85
N HIS R 30 18.25 -72.39 14.54
CA HIS R 30 19.26 -72.95 13.64
C HIS R 30 20.37 -71.93 13.34
N ALA R 31 20.20 -70.64 13.72
CA ALA R 31 21.24 -69.66 13.39
C ALA R 31 22.45 -69.85 14.30
N GLY R 32 23.55 -69.16 13.95
CA GLY R 32 24.73 -69.19 14.80
C GLY R 32 24.42 -68.73 16.24
N THR R 33 25.00 -69.45 17.22
CA THR R 33 24.85 -69.16 18.63
C THR R 33 25.37 -67.77 19.01
N CYS R 34 24.56 -66.98 19.74
CA CYS R 34 25.00 -65.73 20.37
C CYS R 34 24.74 -65.87 21.86
N LEU R 35 25.68 -65.35 22.66
CA LEU R 35 25.39 -65.37 24.08
C LEU R 35 25.78 -64.03 24.70
N GLY R 36 24.99 -63.59 25.70
CA GLY R 36 25.24 -62.36 26.45
C GLY R 36 25.45 -62.67 27.93
N ILE R 37 26.51 -62.10 28.53
CA ILE R 37 26.72 -62.14 29.97
C ILE R 37 26.94 -60.73 30.51
N LEU R 38 26.27 -60.40 31.60
CA LEU R 38 26.37 -59.11 32.29
C LEU R 38 27.21 -59.28 33.57
N ALA R 39 28.27 -58.45 33.71
CA ALA R 39 29.17 -58.42 34.84
C ALA R 39 28.97 -57.12 35.62
N ASN R 40 29.77 -56.94 36.70
CA ASN R 40 29.73 -55.73 37.51
C ASN R 40 30.34 -54.55 36.78
N ASP R 41 31.47 -54.84 36.11
CA ASP R 41 32.24 -53.83 35.38
C ASP R 41 31.95 -53.80 33.87
N GLY R 42 31.01 -54.62 33.38
CA GLY R 42 30.61 -54.48 31.98
C GLY R 42 29.62 -55.56 31.53
N VAL R 43 29.47 -55.67 30.19
CA VAL R 43 28.59 -56.63 29.52
C VAL R 43 29.29 -57.07 28.25
N LEU R 44 29.04 -58.30 27.81
CA LEU R 44 29.70 -58.80 26.62
C LEU R 44 28.75 -59.64 25.79
N LEU R 45 29.05 -59.72 24.49
CA LEU R 45 28.37 -60.54 23.52
C LEU R 45 29.45 -61.41 22.91
N ALA R 46 29.10 -62.65 22.62
CA ALA R 46 29.99 -63.65 22.03
C ALA R 46 29.16 -64.49 21.09
N ALA R 47 29.56 -64.47 19.82
CA ALA R 47 28.76 -65.00 18.73
C ALA R 47 29.66 -65.98 17.95
N GLU R 48 29.12 -67.17 17.68
CA GLU R 48 29.61 -68.06 16.65
C GLU R 48 29.54 -67.32 15.33
N ARG R 49 30.63 -67.37 14.53
CA ARG R 49 30.65 -66.96 13.13
C ARG R 49 30.29 -68.18 12.28
N ARG R 50 29.50 -67.96 11.22
CA ARG R 50 29.08 -68.97 10.25
C ARG R 50 29.68 -68.67 8.86
N ASN R 51 30.09 -67.41 8.62
CA ASN R 51 30.92 -67.00 7.48
C ASN R 51 32.36 -67.44 7.73
N ILE R 52 32.73 -68.67 7.27
CA ILE R 52 33.96 -69.35 7.67
C ILE R 52 34.87 -69.73 6.49
N HIS R 53 34.29 -69.87 5.28
CA HIS R 53 35.01 -70.28 4.07
C HIS R 53 36.31 -69.48 3.95
N LYS R 54 37.41 -70.11 3.50
CA LYS R 54 38.73 -69.49 3.52
C LYS R 54 38.82 -68.26 2.62
N LEU R 55 37.97 -68.20 1.57
CA LEU R 55 38.00 -67.13 0.57
C LEU R 55 37.17 -65.89 0.95
N LEU R 56 36.49 -65.94 2.09
CA LEU R 56 35.86 -64.75 2.65
C LEU R 56 36.92 -63.71 3.01
N ASP R 57 36.65 -62.45 2.62
CA ASP R 57 37.52 -61.36 3.01
C ASP R 57 37.04 -60.90 4.37
N GLU R 58 37.89 -60.20 5.15
CA GLU R 58 37.58 -59.83 6.55
C GLU R 58 36.92 -58.46 6.65
N VAL R 59 37.06 -57.65 5.58
CA VAL R 59 36.60 -56.25 5.48
C VAL R 59 35.24 -56.08 6.15
N PHE R 60 35.27 -55.70 7.45
CA PHE R 60 34.15 -55.23 8.26
C PHE R 60 34.51 -55.30 9.74
N PHE R 61 33.81 -54.49 10.56
CA PHE R 61 33.90 -54.39 12.01
C PHE R 61 33.73 -55.77 12.65
N SER R 62 32.65 -56.47 12.23
CA SER R 62 32.27 -57.82 12.66
C SER R 62 31.08 -58.33 11.83
N GLU R 63 30.88 -59.66 11.79
CA GLU R 63 29.80 -60.32 11.04
C GLU R 63 28.44 -59.99 11.66
N LYS R 64 28.28 -60.29 12.97
CA LYS R 64 26.98 -60.30 13.62
C LYS R 64 26.90 -59.30 14.79
N ILE R 65 27.87 -58.39 15.02
CA ILE R 65 27.79 -57.44 16.14
C ILE R 65 27.74 -56.03 15.61
N TYR R 66 26.66 -55.31 15.90
CA TYR R 66 26.38 -54.01 15.31
C TYR R 66 26.41 -52.98 16.42
N LYS R 67 27.01 -51.81 16.17
CA LYS R 67 26.94 -50.73 17.16
C LYS R 67 25.67 -49.92 16.89
N LEU R 68 24.89 -49.56 17.92
CA LEU R 68 23.57 -48.91 17.74
C LEU R 68 23.63 -47.43 18.02
N ASN R 69 24.49 -47.03 18.95
CA ASN R 69 24.69 -45.61 19.28
C ASN R 69 25.92 -45.63 20.16
N GLU R 70 26.20 -44.56 20.89
CA GLU R 70 27.45 -44.46 21.63
C GLU R 70 27.48 -45.46 22.79
N ASP R 71 26.31 -45.88 23.30
CA ASP R 71 26.18 -46.57 24.56
C ASP R 71 25.63 -47.98 24.40
N MET R 72 25.33 -48.47 23.17
CA MET R 72 24.75 -49.80 22.99
C MET R 72 25.23 -50.46 21.72
N ALA R 73 25.15 -51.81 21.71
CA ALA R 73 25.45 -52.70 20.60
C ALA R 73 24.42 -53.81 20.62
N CYS R 74 24.37 -54.63 19.53
CA CYS R 74 23.52 -55.83 19.57
C CYS R 74 24.16 -56.89 18.72
N SER R 75 23.77 -58.13 18.93
CA SER R 75 24.12 -59.20 17.99
C SER R 75 22.81 -59.84 17.60
N VAL R 76 22.77 -60.49 16.43
CA VAL R 76 21.50 -60.96 15.89
C VAL R 76 21.64 -62.43 15.52
N ALA R 77 20.53 -63.16 15.57
CA ALA R 77 20.44 -64.57 15.20
C ALA R 77 19.23 -64.75 14.28
N GLY R 78 19.39 -65.55 13.18
CA GLY R 78 18.31 -65.84 12.24
C GLY R 78 18.56 -65.22 10.87
N ILE R 79 17.57 -64.57 10.25
CA ILE R 79 17.66 -64.19 8.85
C ILE R 79 18.50 -62.91 8.74
N THR R 80 19.72 -63.04 8.28
CA THR R 80 20.67 -61.94 8.13
C THR R 80 20.08 -60.71 7.48
N SER R 81 19.46 -60.84 6.28
CA SER R 81 18.93 -59.65 5.60
C SER R 81 17.84 -58.96 6.42
N ASP R 82 17.04 -59.72 7.17
CA ASP R 82 16.05 -59.16 8.09
C ASP R 82 16.79 -58.37 9.18
N ALA R 83 17.80 -59.02 9.79
CA ALA R 83 18.59 -58.35 10.81
C ALA R 83 19.09 -57.03 10.29
N ASN R 84 19.63 -56.96 9.05
CA ASN R 84 19.97 -55.65 8.48
C ASN R 84 18.85 -54.64 8.53
N VAL R 85 17.57 -55.01 8.30
CA VAL R 85 16.48 -54.02 8.37
C VAL R 85 16.32 -53.47 9.80
N LEU R 86 16.35 -54.39 10.81
CA LEU R 86 16.13 -54.10 12.22
C LEU R 86 17.25 -53.26 12.83
N THR R 87 18.48 -53.61 12.54
CA THR R 87 19.65 -52.89 13.04
C THR R 87 19.68 -51.46 12.47
N ASN R 88 19.30 -51.27 11.23
CA ASN R 88 19.24 -49.93 10.67
C ASN R 88 18.14 -49.13 11.36
N GLU R 89 17.04 -49.79 11.75
CA GLU R 89 15.90 -49.17 12.37
C GLU R 89 16.21 -48.74 13.79
N LEU R 90 16.95 -49.57 14.56
CA LEU R 90 17.39 -49.24 15.93
C LEU R 90 18.29 -48.02 15.87
N ARG R 91 19.23 -47.94 14.90
CA ARG R 91 20.03 -46.73 14.74
C ARG R 91 19.17 -45.50 14.50
N LEU R 92 18.13 -45.65 13.68
CA LEU R 92 17.24 -44.53 13.45
C LEU R 92 16.48 -44.11 14.70
N ILE R 93 16.01 -45.12 15.49
CA ILE R 93 15.25 -44.88 16.71
C ILE R 93 16.12 -44.16 17.76
N ALA R 94 17.34 -44.66 17.95
CA ALA R 94 18.22 -43.99 18.89
C ALA R 94 18.50 -42.55 18.46
N GLN R 95 18.73 -42.29 17.17
CA GLN R 95 19.03 -40.95 16.77
C GLN R 95 17.81 -40.06 16.88
N ARG R 96 16.60 -40.60 16.70
CA ARG R 96 15.37 -39.85 16.93
C ARG R 96 15.22 -39.35 18.36
N TYR R 97 15.60 -40.18 19.31
CA TYR R 97 15.49 -39.94 20.72
C TYR R 97 16.49 -38.83 21.06
N LEU R 98 17.75 -39.03 20.62
CA LEU R 98 18.82 -38.07 20.89
C LEU R 98 18.47 -36.71 20.30
N LEU R 99 17.89 -36.69 19.12
CA LEU R 99 17.47 -35.43 18.53
C LEU R 99 16.44 -34.74 19.43
N GLN R 100 15.46 -35.50 19.95
CA GLN R 100 14.36 -34.92 20.70
C GLN R 100 14.79 -34.49 22.12
N TYR R 101 15.53 -35.33 22.84
CA TYR R 101 15.80 -35.12 24.25
C TYR R 101 17.24 -34.66 24.48
N GLN R 102 18.07 -34.75 23.44
CA GLN R 102 19.48 -34.38 23.55
C GLN R 102 20.16 -35.23 24.61
N GLU R 103 19.77 -36.50 24.65
CA GLU R 103 20.31 -37.47 25.58
C GLU R 103 20.26 -38.84 24.90
N PRO R 104 21.14 -39.75 25.30
CA PRO R 104 21.12 -41.11 24.72
C PRO R 104 19.83 -41.84 25.13
N ILE R 105 19.33 -42.70 24.26
CA ILE R 105 18.07 -43.40 24.51
C ILE R 105 18.34 -44.43 25.62
N PRO R 106 17.57 -44.51 26.69
CA PRO R 106 17.81 -45.62 27.65
C PRO R 106 17.67 -46.97 26.97
N CYS R 107 18.46 -47.95 27.36
CA CYS R 107 18.51 -49.24 26.65
C CYS R 107 17.17 -49.96 26.54
N GLU R 108 16.36 -49.96 27.60
CA GLU R 108 15.07 -50.61 27.55
C GLU R 108 14.08 -49.80 26.68
N GLN R 109 14.15 -48.48 26.64
CA GLN R 109 13.30 -47.78 25.69
C GLN R 109 13.62 -48.13 24.25
N LEU R 110 14.89 -48.41 23.92
CA LEU R 110 15.23 -48.70 22.54
C LEU R 110 14.66 -50.06 22.16
N VAL R 111 14.82 -51.06 23.06
CA VAL R 111 14.41 -52.43 22.84
C VAL R 111 12.90 -52.55 22.57
N THR R 112 12.14 -51.98 23.48
CA THR R 112 10.70 -51.81 23.44
C THR R 112 10.24 -51.18 22.12
N ALA R 113 10.90 -50.12 21.67
CA ALA R 113 10.44 -49.46 20.46
C ALA R 113 10.72 -50.32 19.21
N LEU R 114 11.78 -51.14 19.17
CA LEU R 114 11.94 -52.03 18.04
C LEU R 114 10.88 -53.12 18.14
N CYS R 115 10.66 -53.66 19.36
CA CYS R 115 9.68 -54.71 19.56
C CYS R 115 8.26 -54.26 19.21
N ASP R 116 7.90 -53.01 19.38
CA ASP R 116 6.65 -52.56 18.82
C ASP R 116 6.57 -52.76 17.30
N ILE R 117 7.68 -52.54 16.59
CA ILE R 117 7.68 -52.74 15.17
C ILE R 117 7.46 -54.20 14.85
N LYS R 118 8.16 -55.12 15.56
CA LYS R 118 7.96 -56.56 15.47
C LYS R 118 6.56 -57.08 15.83
N GLN R 119 5.94 -56.66 16.91
CA GLN R 119 4.57 -57.04 17.21
C GLN R 119 3.60 -56.56 16.10
N ALA R 120 3.85 -55.43 15.42
CA ALA R 120 2.86 -54.95 14.47
C ALA R 120 2.81 -55.90 13.25
N TYR R 121 3.95 -56.41 12.82
CA TYR R 121 4.03 -57.39 11.75
C TYR R 121 3.26 -58.67 12.10
N THR R 122 3.18 -59.03 13.39
CA THR R 122 2.38 -60.15 13.80
C THR R 122 0.85 -59.94 13.84
N GLN R 123 0.36 -58.69 13.71
CA GLN R 123 -1.04 -58.49 14.06
C GLN R 123 -1.83 -57.98 12.86
N PHE R 124 -1.20 -57.19 11.99
CA PHE R 124 -1.86 -56.58 10.85
C PHE R 124 -0.91 -56.41 9.68
N GLY R 125 -1.43 -56.37 8.45
CA GLY R 125 -0.66 -55.99 7.26
C GLY R 125 -0.40 -57.17 6.32
N GLY R 126 -0.61 -58.41 6.77
CA GLY R 126 -0.42 -59.49 5.84
C GLY R 126 1.02 -59.85 5.42
N LYS R 127 2.09 -59.31 6.03
CA LYS R 127 3.46 -59.70 5.68
C LYS R 127 3.99 -60.74 6.64
N ARG R 128 5.05 -61.46 6.23
CA ARG R 128 5.64 -62.43 7.13
C ARG R 128 6.36 -61.62 8.20
N PRO R 129 6.59 -62.18 9.40
CA PRO R 129 7.39 -61.48 10.39
C PRO R 129 8.87 -61.42 10.00
N PHE R 130 9.66 -60.65 10.77
CA PHE R 130 11.13 -60.60 10.84
C PHE R 130 11.62 -61.90 11.49
N GLY R 131 12.50 -62.62 10.78
CA GLY R 131 13.00 -63.87 11.33
C GLY R 131 14.27 -63.64 12.15
N VAL R 132 14.20 -62.80 13.20
CA VAL R 132 15.39 -62.34 13.91
C VAL R 132 15.19 -62.36 15.40
N SER R 133 16.16 -62.90 16.19
CA SER R 133 16.21 -62.58 17.60
C SER R 133 17.43 -61.71 17.82
N LEU R 134 17.33 -60.68 18.69
CA LEU R 134 18.48 -59.86 19.08
C LEU R 134 18.89 -60.07 20.55
N LEU R 135 20.19 -59.92 20.83
CA LEU R 135 20.68 -59.58 22.16
C LEU R 135 21.22 -58.16 22.11
N TYR R 136 20.85 -57.32 23.09
CA TYR R 136 21.31 -55.94 23.15
C TYR R 136 22.08 -55.70 24.46
N ILE R 137 23.23 -55.02 24.36
CA ILE R 137 24.04 -54.63 25.52
C ILE R 137 24.16 -53.14 25.52
N GLY R 138 24.08 -52.51 26.68
CA GLY R 138 24.02 -51.05 26.73
C GLY R 138 24.35 -50.61 28.14
N TRP R 139 24.73 -49.36 28.27
CA TRP R 139 24.84 -48.74 29.58
C TRP R 139 23.93 -47.52 29.50
N ASP R 140 23.08 -47.30 30.53
CA ASP R 140 22.40 -46.01 30.61
C ASP R 140 22.50 -45.50 32.03
N LYS R 141 22.12 -44.24 32.27
CA LYS R 141 22.23 -43.59 33.58
C LYS R 141 21.14 -44.07 34.57
N HIS R 142 20.11 -44.78 34.12
CA HIS R 142 19.00 -45.18 34.96
C HIS R 142 19.26 -46.53 35.57
N TYR R 143 19.80 -47.47 34.75
CA TYR R 143 20.03 -48.83 35.18
C TYR R 143 21.48 -49.27 35.02
N GLY R 144 22.35 -48.47 34.38
CA GLY R 144 23.73 -48.96 34.17
C GLY R 144 23.81 -50.18 33.24
N PHE R 145 24.75 -51.06 33.44
CA PHE R 145 24.97 -52.18 32.52
C PHE R 145 23.73 -53.04 32.42
N GLN R 146 23.32 -53.35 31.17
CA GLN R 146 22.07 -54.07 30.87
C GLN R 146 22.26 -54.97 29.67
N LEU R 147 21.50 -56.05 29.61
CA LEU R 147 21.44 -57.03 28.56
C LEU R 147 19.98 -57.44 28.37
N TYR R 148 19.48 -57.31 27.13
CA TYR R 148 18.13 -57.67 26.66
C TYR R 148 18.21 -58.71 25.55
N GLN R 149 17.10 -59.42 25.37
CA GLN R 149 16.83 -60.30 24.28
C GLN R 149 15.43 -60.00 23.76
N SER R 150 15.24 -59.97 22.44
CA SER R 150 13.90 -59.84 21.84
C SER R 150 13.80 -60.96 20.81
N ASP R 151 12.56 -61.24 20.39
CA ASP R 151 12.32 -62.34 19.49
C ASP R 151 11.30 -61.89 18.45
N PRO R 152 11.03 -62.70 17.40
CA PRO R 152 10.13 -62.31 16.34
C PRO R 152 8.69 -62.00 16.78
N SER R 153 8.20 -62.50 17.92
CA SER R 153 6.90 -62.07 18.44
C SER R 153 6.84 -60.61 18.88
N GLY R 154 8.01 -59.98 19.04
CA GLY R 154 8.06 -58.63 19.53
C GLY R 154 8.11 -58.65 21.05
N ASN R 155 8.46 -59.81 21.62
CA ASN R 155 8.58 -59.99 23.05
C ASN R 155 10.04 -59.81 23.45
N TYR R 156 10.25 -59.23 24.62
CA TYR R 156 11.61 -58.99 25.10
C TYR R 156 11.67 -59.16 26.61
N GLY R 157 12.87 -59.32 27.13
CA GLY R 157 13.07 -59.48 28.56
C GLY R 157 14.51 -59.22 28.95
N GLY R 158 14.69 -58.55 30.08
CA GLY R 158 16.04 -58.26 30.58
C GLY R 158 16.65 -59.51 31.18
N TRP R 159 17.98 -59.69 30.99
CA TRP R 159 18.67 -60.86 31.52
C TRP R 159 19.99 -60.45 32.18
N LYS R 160 20.45 -61.35 33.07
CA LYS R 160 21.81 -61.40 33.60
C LYS R 160 22.73 -62.15 32.65
N ALA R 161 22.19 -63.19 32.02
CA ALA R 161 22.88 -63.94 30.99
C ALA R 161 21.84 -64.75 30.24
N THR R 162 22.03 -64.88 28.93
CA THR R 162 21.07 -65.54 28.05
C THR R 162 21.86 -66.07 26.84
N CYS R 163 21.19 -66.87 26.02
CA CYS R 163 21.76 -67.25 24.74
C CYS R 163 20.62 -67.50 23.77
N ILE R 164 20.87 -67.22 22.48
CA ILE R 164 20.00 -67.48 21.34
C ILE R 164 20.83 -68.17 20.25
N GLY R 165 20.12 -68.84 19.35
CA GLY R 165 20.67 -69.46 18.16
C GLY R 165 20.85 -70.93 18.44
N ASN R 166 21.78 -71.56 17.70
CA ASN R 166 21.97 -72.98 17.80
C ASN R 166 22.36 -73.33 19.25
N ASN R 167 21.74 -74.37 19.82
CA ASN R 167 22.11 -74.98 21.08
C ASN R 167 21.97 -74.01 22.24
N SER R 168 20.98 -73.12 22.15
CA SER R 168 20.70 -72.12 23.15
C SER R 168 20.29 -72.77 24.47
N ALA R 169 19.31 -73.68 24.43
CA ALA R 169 18.86 -74.52 25.55
C ALA R 169 20.00 -75.09 26.37
N ALA R 170 21.06 -75.53 25.71
CA ALA R 170 22.21 -76.11 26.38
C ALA R 170 22.99 -74.98 27.05
N ALA R 171 23.21 -73.88 26.33
CA ALA R 171 23.98 -72.76 26.83
C ALA R 171 23.33 -72.24 28.11
N VAL R 172 21.98 -72.19 28.13
CA VAL R 172 21.21 -71.62 29.22
C VAL R 172 21.38 -72.45 30.48
N SER R 173 21.23 -73.76 30.38
CA SER R 173 21.45 -74.65 31.53
C SER R 173 22.88 -74.58 32.04
N MET R 174 23.83 -74.28 31.14
CA MET R 174 25.22 -74.14 31.51
C MET R 174 25.47 -72.80 32.19
N LEU R 175 24.76 -71.74 31.78
CA LEU R 175 24.84 -70.44 32.42
C LEU R 175 24.13 -70.49 33.78
N LYS R 176 23.02 -71.24 33.91
CA LYS R 176 22.32 -71.39 35.19
C LYS R 176 23.20 -72.08 36.24
N GLN R 177 24.15 -72.91 35.81
CA GLN R 177 25.06 -73.61 36.69
C GLN R 177 26.19 -72.69 37.17
N ASP R 178 26.68 -71.79 36.29
CA ASP R 178 27.95 -71.10 36.48
C ASP R 178 27.83 -69.59 36.74
N TYR R 179 26.69 -68.97 36.39
CA TYR R 179 26.63 -67.51 36.52
C TYR R 179 26.38 -67.14 37.97
N LYS R 180 27.26 -66.27 38.51
CA LYS R 180 27.22 -65.81 39.89
C LYS R 180 26.62 -64.40 39.92
N GLU R 181 25.38 -64.27 40.42
CA GLU R 181 24.70 -62.99 40.59
C GLU R 181 25.54 -62.03 41.44
N GLY R 182 25.98 -60.93 40.82
CA GLY R 182 26.66 -59.84 41.49
C GLY R 182 28.16 -60.07 41.68
N GLU R 183 28.60 -61.33 41.56
CA GLU R 183 29.98 -61.74 41.83
C GLU R 183 30.79 -61.87 40.55
N MET R 184 30.18 -61.54 39.43
CA MET R 184 30.74 -61.69 38.08
C MET R 184 31.58 -60.44 37.72
N THR R 185 32.79 -60.66 37.20
CA THR R 185 33.57 -59.59 36.59
C THR R 185 33.62 -59.87 35.10
N LEU R 186 33.97 -58.85 34.29
CA LEU R 186 34.19 -59.02 32.88
C LEU R 186 35.19 -60.16 32.57
N LYS R 187 36.27 -60.33 33.36
CA LYS R 187 37.23 -61.44 33.23
C LYS R 187 36.52 -62.78 33.43
N SER R 188 35.72 -62.87 34.49
CA SER R 188 34.94 -64.05 34.84
C SER R 188 33.92 -64.35 33.75
N ALA R 189 33.17 -63.31 33.33
CA ALA R 189 32.16 -63.37 32.27
C ALA R 189 32.80 -63.95 31.01
N LEU R 190 33.90 -63.31 30.57
CA LEU R 190 34.61 -63.75 29.38
C LEU R 190 35.02 -65.22 29.48
N ALA R 191 35.51 -65.65 30.64
CA ALA R 191 35.87 -67.03 30.86
C ALA R 191 34.66 -67.94 30.61
N LEU R 192 33.54 -67.61 31.25
CA LEU R 192 32.31 -68.36 31.15
C LEU R 192 31.83 -68.43 29.69
N ALA R 193 31.84 -67.28 28.98
CA ALA R 193 31.52 -67.23 27.56
C ALA R 193 32.26 -68.36 26.82
N ILE R 194 33.58 -68.38 26.94
CA ILE R 194 34.41 -69.38 26.28
C ILE R 194 33.99 -70.80 26.71
N LYS R 195 33.75 -71.01 28.00
CA LYS R 195 33.28 -72.29 28.50
C LYS R 195 31.98 -72.67 27.79
N VAL R 196 30.97 -71.79 27.81
CA VAL R 196 29.65 -72.07 27.25
C VAL R 196 29.74 -72.24 25.73
N LEU R 197 30.59 -71.44 25.09
CA LEU R 197 30.77 -71.45 23.64
C LEU R 197 31.54 -72.70 23.18
N ASN R 198 32.44 -73.22 24.04
CA ASN R 198 33.17 -74.47 23.80
C ASN R 198 32.22 -75.66 23.77
N LYS R 199 31.10 -75.58 24.51
CA LYS R 199 30.14 -76.68 24.63
C LYS R 199 28.95 -76.57 23.66
N THR R 200 28.57 -75.36 23.22
CA THR R 200 27.43 -75.20 22.33
C THR R 200 27.84 -75.38 20.86
N MET R 201 29.15 -75.33 20.60
CA MET R 201 29.74 -75.52 19.28
C MET R 201 30.31 -76.94 19.19
N ASP R 202 29.84 -77.68 18.16
CA ASP R 202 30.20 -79.08 17.90
C ASP R 202 31.33 -79.12 16.86
N VAL R 203 32.47 -78.53 17.25
CA VAL R 203 33.74 -78.51 16.53
C VAL R 203 34.90 -78.78 17.49
N SER R 204 34.61 -79.27 18.72
CA SER R 204 35.59 -79.66 19.74
C SER R 204 36.56 -78.52 20.09
N LYS R 205 37.56 -78.26 19.23
CA LYS R 205 38.44 -77.09 19.33
C LYS R 205 37.64 -75.84 18.93
N LEU R 206 37.64 -74.82 19.81
CA LEU R 206 36.76 -73.67 19.69
C LEU R 206 37.20 -72.82 18.51
N SER R 207 38.47 -72.35 18.54
CA SER R 207 39.10 -71.55 17.50
C SER R 207 38.61 -70.09 17.50
N ALA R 208 39.56 -69.16 17.65
CA ALA R 208 39.34 -67.72 17.73
C ALA R 208 38.94 -67.12 16.39
N GLU R 209 38.86 -67.95 15.33
CA GLU R 209 38.41 -67.51 14.01
C GLU R 209 36.89 -67.71 13.88
N LYS R 210 36.35 -68.62 14.71
CA LYS R 210 34.96 -69.04 14.65
C LYS R 210 34.06 -68.21 15.57
N VAL R 211 34.65 -67.36 16.44
CA VAL R 211 33.91 -66.54 17.39
C VAL R 211 34.23 -65.06 17.22
N GLU R 212 33.32 -64.23 17.77
CA GLU R 212 33.33 -62.79 17.73
C GLU R 212 32.88 -62.36 19.13
N ILE R 213 33.63 -61.45 19.79
CA ILE R 213 33.38 -61.03 21.16
C ILE R 213 33.53 -59.52 21.24
N ALA R 214 32.42 -58.81 21.46
CA ALA R 214 32.43 -57.41 21.84
C ALA R 214 32.27 -57.35 23.36
N THR R 215 32.95 -56.41 24.02
CA THR R 215 32.73 -56.08 25.43
C THR R 215 32.24 -54.64 25.48
N LEU R 216 31.53 -54.27 26.55
CA LEU R 216 31.06 -52.90 26.72
C LEU R 216 31.33 -52.44 28.15
N THR R 217 32.16 -51.40 28.31
CA THR R 217 32.63 -50.92 29.59
C THR R 217 32.47 -49.40 29.70
N ARG R 218 32.72 -48.86 30.89
CA ARG R 218 32.76 -47.43 31.18
C ARG R 218 34.20 -47.02 31.55
N GLU R 219 34.74 -46.00 30.89
CA GLU R 219 36.06 -45.41 31.18
C GLU R 219 35.94 -43.90 31.17
N ASN R 220 36.02 -43.29 32.37
CA ASN R 220 36.03 -41.85 32.54
C ASN R 220 34.70 -41.23 32.06
N GLY R 221 33.58 -41.86 32.43
CA GLY R 221 32.28 -41.33 32.04
C GLY R 221 32.07 -41.35 30.53
N LYS R 222 32.55 -42.43 29.91
CA LYS R 222 32.37 -42.64 28.50
C LYS R 222 32.25 -44.15 28.29
N THR R 223 31.19 -44.59 27.60
CA THR R 223 30.99 -45.99 27.23
C THR R 223 32.01 -46.33 26.15
N VAL R 224 32.54 -47.53 26.22
CA VAL R 224 33.54 -48.01 25.29
C VAL R 224 33.06 -49.39 24.82
N ILE R 225 32.80 -49.51 23.52
CA ILE R 225 32.41 -50.76 22.91
C ILE R 225 33.58 -51.15 22.03
N ARG R 226 33.91 -52.44 22.02
CA ARG R 226 35.12 -52.85 21.36
C ARG R 226 35.08 -54.35 21.05
N VAL R 227 35.33 -54.69 19.78
CA VAL R 227 35.45 -56.09 19.40
C VAL R 227 36.84 -56.57 19.82
N LEU R 228 36.91 -57.66 20.61
CA LEU R 228 38.17 -58.29 20.95
C LEU R 228 38.89 -58.69 19.66
N LYS R 229 40.21 -58.49 19.63
CA LYS R 229 41.05 -58.91 18.53
C LYS R 229 41.41 -60.38 18.74
N GLN R 230 41.85 -61.05 17.67
CA GLN R 230 42.04 -62.50 17.61
C GLN R 230 43.02 -63.04 18.67
N LYS R 231 44.14 -62.32 18.85
CA LYS R 231 45.11 -62.57 19.92
C LYS R 231 44.42 -62.76 21.26
N GLU R 232 43.52 -61.80 21.62
CA GLU R 232 42.86 -61.75 22.90
C GLU R 232 41.95 -62.96 23.06
N VAL R 233 41.22 -63.28 21.97
CA VAL R 233 40.33 -64.43 21.92
C VAL R 233 41.16 -65.71 22.03
N GLU R 234 42.25 -65.81 21.23
CA GLU R 234 43.18 -66.94 21.31
C GLU R 234 43.62 -67.20 22.76
N GLN R 235 44.10 -66.13 23.42
CA GLN R 235 44.49 -66.16 24.82
C GLN R 235 43.35 -66.68 25.69
N LEU R 236 42.14 -66.14 25.46
CA LEU R 236 40.92 -66.52 26.15
C LEU R 236 40.67 -68.02 26.03
N ILE R 237 40.88 -68.55 24.82
CA ILE R 237 40.73 -69.97 24.50
C ILE R 237 41.78 -70.78 25.25
N LYS R 238 43.06 -70.43 25.03
CA LYS R 238 44.21 -70.95 25.77
C LYS R 238 43.82 -71.13 27.24
N ASN R 239 43.37 -70.04 27.87
CA ASN R 239 43.04 -69.96 29.29
C ASN R 239 41.97 -70.98 29.70
N HIS R 240 41.04 -71.33 28.77
CA HIS R 240 40.04 -72.36 28.99
C HIS R 240 40.66 -73.76 28.96
N GLU R 241 41.59 -74.00 28.01
CA GLU R 241 42.31 -75.26 27.88
C GLU R 241 43.02 -75.65 29.18
N GLU R 242 43.61 -74.65 29.86
CA GLU R 242 44.35 -74.82 31.11
C GLU R 242 43.43 -75.30 32.25
N GLU R 243 42.16 -74.84 32.26
CA GLU R 243 41.15 -75.25 33.22
C GLU R 243 40.73 -76.73 33.02
N ASN S 4 -18.73 -75.61 -8.52
CA ASN S 4 -18.29 -75.37 -7.15
C ASN S 4 -17.25 -74.25 -7.10
N GLN S 5 -16.30 -74.30 -8.03
CA GLN S 5 -15.23 -73.30 -8.07
C GLN S 5 -15.60 -72.03 -8.84
N TYR S 6 -16.81 -72.00 -9.40
CA TYR S 6 -17.26 -70.86 -10.19
C TYR S 6 -18.39 -70.04 -9.58
N ASP S 7 -18.95 -70.49 -8.47
CA ASP S 7 -20.06 -69.75 -7.87
C ASP S 7 -19.76 -69.09 -6.54
N ASN S 8 -18.71 -68.29 -6.49
CA ASN S 8 -18.33 -67.59 -5.27
C ASN S 8 -17.98 -66.13 -5.52
N ASP S 9 -17.35 -65.88 -6.68
CA ASP S 9 -16.95 -64.53 -7.04
C ASP S 9 -17.71 -64.01 -8.25
N VAL S 10 -17.97 -62.71 -8.27
CA VAL S 10 -18.69 -62.10 -9.39
C VAL S 10 -17.81 -61.92 -10.62
N THR S 11 -16.49 -61.94 -10.43
CA THR S 11 -15.56 -61.77 -11.53
C THR S 11 -15.10 -63.10 -12.11
N VAL S 12 -15.74 -64.19 -11.70
CA VAL S 12 -15.36 -65.50 -12.21
C VAL S 12 -16.38 -66.07 -13.20
N TRP S 13 -16.03 -66.02 -14.49
CA TRP S 13 -16.89 -66.55 -15.53
C TRP S 13 -16.86 -68.06 -15.43
N SER S 14 -18.02 -68.69 -15.52
CA SER S 14 -18.07 -70.15 -15.49
C SER S 14 -17.85 -70.65 -16.92
N PRO S 15 -17.58 -71.95 -17.08
CA PRO S 15 -17.34 -72.58 -18.39
C PRO S 15 -18.53 -72.55 -19.38
N GLN S 16 -19.75 -72.37 -18.88
CA GLN S 16 -20.93 -72.29 -19.73
C GLN S 16 -21.18 -70.85 -20.21
N GLY S 17 -20.39 -69.91 -19.68
CA GLY S 17 -20.53 -68.52 -20.06
C GLY S 17 -21.47 -67.76 -19.16
N ARG S 18 -21.64 -68.25 -17.93
CA ARG S 18 -22.53 -67.59 -16.98
C ARG S 18 -21.76 -67.11 -15.75
N ILE S 19 -22.43 -66.30 -14.94
CA ILE S 19 -21.85 -65.78 -13.71
C ILE S 19 -22.80 -66.15 -12.58
N HIS S 20 -22.48 -67.26 -11.91
CA HIS S 20 -23.30 -67.78 -10.81
C HIS S 20 -23.70 -66.77 -9.74
N GLN S 21 -22.77 -65.90 -9.35
CA GLN S 21 -23.05 -64.89 -8.32
C GLN S 21 -24.18 -63.94 -8.69
N ILE S 22 -24.29 -63.59 -9.97
CA ILE S 22 -25.36 -62.72 -10.44
C ILE S 22 -26.67 -63.50 -10.46
N GLU S 23 -26.58 -64.80 -10.70
CA GLU S 23 -27.75 -65.66 -10.72
C GLU S 23 -28.26 -65.92 -9.31
N TYR S 24 -27.34 -65.94 -8.35
CA TYR S 24 -27.68 -66.15 -6.95
C TYR S 24 -28.33 -64.90 -6.38
N ALA S 25 -27.93 -63.74 -6.92
CA ALA S 25 -28.46 -62.45 -6.49
C ALA S 25 -29.88 -62.24 -7.03
N MET S 26 -30.20 -62.92 -8.13
CA MET S 26 -31.52 -62.84 -8.73
C MET S 26 -32.51 -63.71 -7.95
N GLU S 27 -31.98 -64.69 -7.24
CA GLU S 27 -32.81 -65.57 -6.42
C GLU S 27 -33.38 -64.76 -5.25
N ALA S 28 -32.67 -63.71 -4.86
CA ALA S 28 -33.09 -62.86 -3.77
C ALA S 28 -34.36 -62.09 -4.12
N VAL S 29 -34.51 -61.73 -5.39
CA VAL S 29 -35.67 -61.00 -5.86
C VAL S 29 -36.87 -61.94 -5.96
N LYS S 30 -36.59 -63.20 -6.27
CA LYS S 30 -37.64 -64.21 -6.41
C LYS S 30 -38.21 -64.64 -5.06
N GLN S 31 -37.43 -64.46 -4.00
CA GLN S 31 -37.88 -64.83 -2.66
C GLN S 31 -38.69 -63.71 -2.02
N GLY S 32 -38.56 -62.51 -2.58
CA GLY S 32 -39.27 -61.35 -2.07
C GLY S 32 -40.76 -61.40 -2.33
N SER S 33 -41.50 -60.54 -1.65
CA SER S 33 -42.94 -60.48 -1.81
C SER S 33 -43.30 -59.90 -3.18
N ALA S 34 -44.32 -60.47 -3.80
CA ALA S 34 -44.76 -60.04 -5.12
C ALA S 34 -45.25 -58.60 -5.18
N THR S 35 -45.05 -57.97 -6.33
CA THR S 35 -45.47 -56.59 -6.56
C THR S 35 -45.80 -56.45 -8.03
N VAL S 36 -46.84 -55.68 -8.34
CA VAL S 36 -47.26 -55.48 -9.72
C VAL S 36 -47.17 -54.03 -10.17
N GLY S 37 -46.84 -53.82 -11.43
CA GLY S 37 -46.72 -52.50 -12.00
C GLY S 37 -47.31 -52.46 -13.39
N LEU S 38 -48.28 -51.60 -13.60
CA LEU S 38 -48.93 -51.46 -14.90
C LEU S 38 -49.24 -50.00 -15.17
N LYS S 39 -49.50 -49.67 -16.42
CA LYS S 39 -49.81 -48.30 -16.79
C LYS S 39 -50.87 -48.25 -17.88
N SER S 40 -51.61 -47.15 -17.92
CA SER S 40 -52.65 -46.97 -18.92
C SER S 40 -52.12 -46.02 -19.99
N LYS S 41 -52.80 -44.89 -20.15
CA LYS S 41 -52.41 -43.90 -21.13
C LYS S 41 -52.02 -42.62 -20.42
N THR S 42 -52.55 -42.44 -19.22
CA THR S 42 -52.29 -41.24 -18.43
C THR S 42 -51.80 -41.54 -17.02
N HIS S 43 -51.82 -42.80 -16.61
CA HIS S 43 -51.40 -43.16 -15.25
C HIS S 43 -50.41 -44.33 -15.20
N ALA S 44 -49.72 -44.42 -14.07
CA ALA S 44 -48.77 -45.49 -13.80
C ALA S 44 -48.96 -45.88 -12.34
N VAL S 45 -49.33 -47.13 -12.10
CA VAL S 45 -49.57 -47.58 -10.73
C VAL S 45 -48.72 -48.77 -10.29
N LEU S 46 -48.52 -48.87 -8.98
CA LEU S 46 -47.76 -49.97 -8.40
C LEU S 46 -48.58 -50.58 -7.27
N VAL S 47 -48.63 -51.90 -7.23
CA VAL S 47 -49.37 -52.62 -6.20
C VAL S 47 -48.48 -53.71 -5.64
N ALA S 48 -48.27 -53.69 -4.32
CA ALA S 48 -47.43 -54.69 -3.70
C ALA S 48 -48.06 -55.34 -2.48
N LEU S 49 -47.70 -56.60 -2.25
CA LEU S 49 -48.20 -57.35 -1.12
C LEU S 49 -47.22 -57.18 0.03
N LYS S 50 -47.66 -56.52 1.10
CA LYS S 50 -46.80 -56.30 2.25
C LYS S 50 -46.71 -57.56 3.11
N ARG S 51 -45.49 -57.97 3.42
CA ARG S 51 -45.28 -59.15 4.24
C ARG S 51 -45.13 -58.76 5.70
N ALA S 52 -45.46 -59.69 6.59
CA ALA S 52 -45.36 -59.44 8.03
C ALA S 52 -44.63 -60.60 8.70
N GLN S 53 -43.59 -60.27 9.46
CA GLN S 53 -42.81 -61.30 10.16
C GLN S 53 -43.69 -62.11 11.11
N SER S 54 -44.55 -61.42 11.85
CA SER S 54 -45.47 -62.07 12.78
C SER S 54 -46.77 -61.27 12.86
N GLU S 55 -47.71 -61.76 13.66
CA GLU S 55 -49.01 -61.10 13.81
C GLU S 55 -48.92 -59.77 14.54
N LEU S 56 -47.92 -59.63 15.42
CA LEU S 56 -47.75 -58.40 16.18
C LEU S 56 -46.83 -57.40 15.50
N ALA S 57 -46.32 -57.78 14.32
CA ALA S 57 -45.42 -56.90 13.58
C ALA S 57 -46.18 -56.11 12.52
N ALA S 58 -45.60 -54.98 12.13
CA ALA S 58 -46.20 -54.14 11.11
C ALA S 58 -45.73 -54.67 9.76
N HIS S 59 -46.56 -54.51 8.74
CA HIS S 59 -46.19 -54.97 7.41
C HIS S 59 -45.04 -54.12 6.90
N GLN S 60 -44.03 -54.78 6.33
CA GLN S 60 -42.86 -54.09 5.82
C GLN S 60 -43.19 -53.13 4.68
N LYS S 61 -42.56 -51.97 4.70
CA LYS S 61 -42.77 -50.98 3.63
C LYS S 61 -42.25 -51.58 2.33
N LYS S 62 -43.00 -51.38 1.26
CA LYS S 62 -42.62 -51.92 -0.04
C LYS S 62 -42.67 -50.88 -1.16
N ILE S 63 -43.37 -49.78 -0.91
CA ILE S 63 -43.48 -48.71 -1.89
C ILE S 63 -42.84 -47.44 -1.36
N LEU S 64 -41.77 -47.00 -2.01
CA LEU S 64 -41.05 -45.81 -1.58
C LEU S 64 -41.19 -44.63 -2.53
N HIS S 65 -40.93 -43.44 -2.00
CA HIS S 65 -41.00 -42.21 -2.76
C HIS S 65 -39.63 -41.91 -3.34
N VAL S 66 -39.59 -41.44 -4.58
CA VAL S 66 -38.32 -41.08 -5.20
C VAL S 66 -38.33 -39.60 -5.51
N ASP S 67 -39.40 -39.17 -6.15
CA ASP S 67 -39.61 -37.77 -6.55
C ASP S 67 -41.11 -37.57 -6.75
N ASN S 68 -41.50 -36.38 -7.22
CA ASN S 68 -42.91 -36.07 -7.46
C ASN S 68 -43.51 -36.79 -8.68
N HIS S 69 -42.64 -37.26 -9.59
CA HIS S 69 -43.11 -37.96 -10.78
C HIS S 69 -42.61 -39.40 -10.85
N ILE S 70 -41.83 -39.82 -9.85
CA ILE S 70 -41.27 -41.17 -9.81
C ILE S 70 -41.50 -41.90 -8.48
N GLY S 71 -41.90 -43.17 -8.55
CA GLY S 71 -42.11 -44.00 -7.37
C GLY S 71 -41.59 -45.40 -7.64
N ILE S 72 -41.24 -46.14 -6.59
CA ILE S 72 -40.73 -47.50 -6.78
C ILE S 72 -41.35 -48.56 -5.88
N SER S 73 -41.15 -49.82 -6.27
CA SER S 73 -41.62 -50.98 -5.54
C SER S 73 -40.44 -51.92 -5.47
N ILE S 74 -40.10 -52.37 -4.27
CA ILE S 74 -38.93 -53.23 -4.10
C ILE S 74 -39.21 -54.70 -3.80
N ALA S 75 -38.21 -55.52 -4.08
CA ALA S 75 -38.26 -56.96 -3.85
C ALA S 75 -36.83 -57.45 -3.64
N GLY S 76 -36.59 -58.15 -2.54
CA GLY S 76 -35.26 -58.65 -2.23
C GLY S 76 -34.68 -58.03 -0.97
N LEU S 77 -33.37 -57.84 -0.95
CA LEU S 77 -32.69 -57.26 0.20
C LEU S 77 -33.13 -55.82 0.43
N THR S 78 -33.88 -55.59 1.50
CA THR S 78 -34.39 -54.25 1.83
C THR S 78 -33.28 -53.21 2.03
N ALA S 79 -32.16 -53.63 2.60
CA ALA S 79 -31.04 -52.72 2.81
C ALA S 79 -30.52 -52.20 1.49
N ASP S 80 -30.46 -53.08 0.49
CA ASP S 80 -30.00 -52.70 -0.84
C ASP S 80 -31.04 -51.83 -1.53
N ALA S 81 -32.32 -52.11 -1.26
CA ALA S 81 -33.41 -51.35 -1.83
C ALA S 81 -33.35 -49.91 -1.35
N ARG S 82 -33.05 -49.73 -0.06
CA ARG S 82 -32.94 -48.40 0.51
C ARG S 82 -31.70 -47.71 -0.04
N LEU S 83 -30.65 -48.48 -0.27
CA LEU S 83 -29.41 -47.95 -0.84
C LEU S 83 -29.70 -47.36 -2.21
N LEU S 84 -30.27 -48.18 -3.08
CA LEU S 84 -30.62 -47.76 -4.44
C LEU S 84 -31.58 -46.58 -4.43
N CYS S 85 -32.56 -46.63 -3.55
CA CYS S 85 -33.54 -45.56 -3.41
C CYS S 85 -32.86 -44.23 -3.14
N ASN S 86 -31.89 -44.22 -2.21
CA ASN S 86 -31.16 -43.02 -1.88
C ASN S 86 -30.46 -42.48 -3.12
N PHE S 87 -29.81 -43.35 -3.86
CA PHE S 87 -29.12 -42.97 -5.09
C PHE S 87 -30.10 -42.34 -6.06
N MET S 88 -31.26 -42.96 -6.23
CA MET S 88 -32.29 -42.44 -7.12
C MET S 88 -32.77 -41.07 -6.68
N ARG S 89 -32.99 -40.91 -5.38
CA ARG S 89 -33.43 -39.64 -4.82
C ARG S 89 -32.43 -38.53 -5.11
N GLN S 90 -31.15 -38.83 -4.92
CA GLN S 90 -30.09 -37.85 -5.16
C GLN S 90 -30.06 -37.42 -6.62
N GLU S 91 -30.13 -38.39 -7.53
CA GLU S 91 -30.11 -38.10 -8.95
C GLU S 91 -31.26 -37.18 -9.34
N CYS S 92 -32.44 -37.47 -8.82
CA CYS S 92 -33.62 -36.65 -9.11
C CYS S 92 -33.42 -35.24 -8.54
N LEU S 93 -32.85 -35.17 -7.35
CA LEU S 93 -32.60 -33.88 -6.71
C LEU S 93 -31.59 -33.08 -7.51
N ASP S 94 -30.56 -33.75 -8.01
CA ASP S 94 -29.52 -33.11 -8.80
C ASP S 94 -30.10 -32.53 -10.08
N SER S 95 -30.95 -33.30 -10.75
CA SER S 95 -31.57 -32.87 -12.00
C SER S 95 -32.41 -31.61 -11.78
N ARG S 96 -33.14 -31.56 -10.67
CA ARG S 96 -33.96 -30.41 -10.34
C ARG S 96 -33.12 -29.20 -9.93
N PHE S 97 -31.93 -29.45 -9.39
CA PHE S 97 -31.06 -28.38 -8.97
C PHE S 97 -30.34 -27.75 -10.16
N VAL S 98 -29.85 -28.60 -11.04
CA VAL S 98 -29.11 -28.16 -12.22
C VAL S 98 -29.98 -27.64 -13.37
N PHE S 99 -30.89 -28.48 -13.86
CA PHE S 99 -31.73 -28.12 -14.98
C PHE S 99 -33.13 -27.61 -14.64
N ASP S 100 -33.45 -27.53 -13.35
CA ASP S 100 -34.76 -27.06 -12.89
C ASP S 100 -35.94 -27.80 -13.55
N ARG S 101 -35.81 -29.11 -13.68
CA ARG S 101 -36.85 -29.92 -14.28
C ARG S 101 -36.71 -31.36 -13.82
N PRO S 102 -37.83 -32.10 -13.76
CA PRO S 102 -37.82 -33.49 -13.32
C PRO S 102 -36.93 -34.35 -14.22
N LEU S 103 -36.20 -35.27 -13.62
CA LEU S 103 -35.33 -36.14 -14.40
C LEU S 103 -36.19 -37.19 -15.10
N PRO S 104 -36.11 -37.24 -16.44
CA PRO S 104 -36.89 -38.22 -17.22
C PRO S 104 -36.67 -39.62 -16.68
N VAL S 105 -37.75 -40.35 -16.46
CA VAL S 105 -37.69 -41.71 -15.92
C VAL S 105 -36.71 -42.61 -16.65
N SER S 106 -36.75 -42.59 -17.98
CA SER S 106 -35.86 -43.42 -18.78
C SER S 106 -34.39 -43.13 -18.52
N ARG S 107 -34.05 -41.86 -18.34
CA ARG S 107 -32.66 -41.48 -18.08
C ARG S 107 -32.24 -41.93 -16.69
N LEU S 108 -33.16 -41.86 -15.73
CA LEU S 108 -32.86 -42.29 -14.36
C LEU S 108 -32.63 -43.80 -14.33
N VAL S 109 -33.39 -44.52 -15.13
CA VAL S 109 -33.26 -45.98 -15.19
C VAL S 109 -31.89 -46.38 -15.73
N SER S 110 -31.39 -45.62 -16.72
CA SER S 110 -30.08 -45.90 -17.29
C SER S 110 -28.96 -45.68 -16.27
N LEU S 111 -29.13 -44.70 -15.39
CA LEU S 111 -28.16 -44.42 -14.35
C LEU S 111 -28.09 -45.59 -13.38
N ILE S 112 -29.25 -46.15 -13.07
CA ILE S 112 -29.32 -47.30 -12.17
C ILE S 112 -28.61 -48.49 -12.80
N GLY S 113 -28.87 -48.71 -14.08
CA GLY S 113 -28.25 -49.80 -14.81
C GLY S 113 -26.74 -49.73 -14.74
N SER S 114 -26.20 -48.54 -14.98
CA SER S 114 -24.77 -48.32 -14.95
C SER S 114 -24.18 -48.48 -13.55
N LYS S 115 -24.89 -47.96 -12.56
CA LYS S 115 -24.44 -48.03 -11.17
C LYS S 115 -24.39 -49.46 -10.67
N THR S 116 -25.41 -50.25 -11.00
CA THR S 116 -25.47 -51.63 -10.56
C THR S 116 -24.64 -52.59 -11.40
N GLN S 117 -24.16 -52.10 -12.54
CA GLN S 117 -23.32 -52.93 -13.42
C GLN S 117 -21.89 -53.02 -12.90
N ILE S 118 -21.40 -51.90 -12.37
CA ILE S 118 -20.03 -51.82 -11.84
C ILE S 118 -19.63 -52.97 -10.93
N PRO S 119 -20.37 -53.16 -9.82
CA PRO S 119 -20.08 -54.20 -8.82
C PRO S 119 -20.11 -55.63 -9.37
N THR S 120 -20.60 -55.84 -10.58
CA THR S 120 -20.64 -57.19 -11.15
C THR S 120 -19.39 -57.54 -11.94
N GLN S 121 -18.40 -56.65 -11.93
CA GLN S 121 -17.16 -56.89 -12.67
C GLN S 121 -15.90 -56.80 -11.79
N ARG S 122 -16.04 -56.25 -10.59
CA ARG S 122 -14.90 -56.08 -9.69
C ARG S 122 -14.78 -57.14 -8.60
N TYR S 123 -13.58 -57.66 -8.44
CA TYR S 123 -13.28 -58.69 -7.45
C TYR S 123 -13.57 -58.21 -6.04
N GLY S 124 -14.26 -59.05 -5.26
CA GLY S 124 -14.60 -58.71 -3.89
C GLY S 124 -15.97 -58.08 -3.73
N ARG S 125 -16.48 -57.49 -4.81
CA ARG S 125 -17.79 -56.84 -4.80
C ARG S 125 -18.88 -57.82 -5.10
N ARG S 126 -20.13 -57.39 -4.95
CA ARG S 126 -21.27 -58.25 -5.22
C ARG S 126 -22.36 -57.44 -5.89
N PRO S 127 -23.29 -58.12 -6.56
CA PRO S 127 -24.40 -57.44 -7.22
C PRO S 127 -25.42 -56.98 -6.19
N TYR S 128 -26.22 -55.97 -6.54
CA TYR S 128 -27.26 -55.51 -5.64
C TYR S 128 -28.29 -56.62 -5.62
N GLY S 129 -28.72 -57.04 -4.43
CA GLY S 129 -29.69 -58.11 -4.33
C GLY S 129 -31.13 -57.65 -4.24
N VAL S 130 -31.49 -56.68 -5.07
CA VAL S 130 -32.84 -56.14 -5.05
C VAL S 130 -33.40 -55.93 -6.46
N GLY S 131 -34.66 -56.32 -6.64
CA GLY S 131 -35.34 -56.13 -7.91
C GLY S 131 -36.23 -54.91 -7.73
N LEU S 132 -36.44 -54.15 -8.79
CA LEU S 132 -37.26 -52.95 -8.67
C LEU S 132 -38.32 -52.77 -9.74
N LEU S 133 -39.39 -52.09 -9.35
CA LEU S 133 -40.49 -51.75 -10.23
C LEU S 133 -40.61 -50.24 -10.14
N ILE S 134 -40.39 -49.56 -11.26
CA ILE S 134 -40.41 -48.10 -11.26
C ILE S 134 -41.57 -47.50 -12.05
N ALA S 135 -42.36 -46.68 -11.38
CA ALA S 135 -43.49 -46.01 -12.01
C ALA S 135 -43.15 -44.52 -12.04
N GLY S 136 -43.42 -43.88 -13.17
CA GLY S 136 -43.14 -42.46 -13.29
C GLY S 136 -43.94 -41.78 -14.37
N TYR S 137 -43.87 -40.46 -14.41
CA TYR S 137 -44.58 -39.69 -15.41
C TYR S 137 -43.80 -38.45 -15.84
N ASP S 138 -43.34 -38.47 -17.08
CA ASP S 138 -42.58 -37.34 -17.62
C ASP S 138 -43.26 -36.82 -18.89
N ASP S 139 -42.46 -36.29 -19.80
CA ASP S 139 -42.98 -35.75 -21.06
C ASP S 139 -43.38 -36.82 -22.09
N MET S 140 -42.93 -38.05 -21.88
CA MET S 140 -43.26 -39.15 -22.77
C MET S 140 -44.37 -40.01 -22.18
N GLY S 141 -45.12 -39.46 -21.24
CA GLY S 141 -46.23 -40.18 -20.61
C GLY S 141 -45.83 -40.99 -19.40
N PRO S 142 -46.65 -41.97 -19.03
CA PRO S 142 -46.41 -42.86 -17.88
C PRO S 142 -45.47 -44.00 -18.26
N HIS S 143 -44.61 -44.40 -17.33
CA HIS S 143 -43.66 -45.48 -17.59
C HIS S 143 -43.63 -46.51 -16.47
N ILE S 144 -43.34 -47.75 -16.84
CA ILE S 144 -43.22 -48.84 -15.87
C ILE S 144 -41.93 -49.59 -16.20
N PHE S 145 -40.88 -49.33 -15.42
CA PHE S 145 -39.60 -49.98 -15.64
C PHE S 145 -39.33 -51.05 -14.60
N GLN S 146 -38.51 -52.03 -14.96
CA GLN S 146 -38.15 -53.10 -14.05
C GLN S 146 -36.65 -53.30 -14.02
N THR S 147 -36.03 -52.95 -12.89
CA THR S 147 -34.59 -53.12 -12.75
C THR S 147 -34.27 -54.48 -12.15
N CYS S 148 -33.14 -55.04 -12.58
CA CYS S 148 -32.70 -56.36 -12.14
C CYS S 148 -31.38 -56.22 -11.39
N PRO S 149 -31.00 -57.24 -10.61
CA PRO S 149 -29.76 -57.34 -9.83
C PRO S 149 -28.51 -57.48 -10.72
N SER S 150 -28.71 -57.94 -11.96
CA SER S 150 -27.61 -58.10 -12.93
C SER S 150 -27.44 -56.87 -13.84
N ALA S 151 -27.95 -55.72 -13.37
CA ALA S 151 -27.90 -54.40 -14.04
C ALA S 151 -28.69 -54.24 -15.34
N ASN S 152 -29.57 -55.20 -15.63
CA ASN S 152 -30.39 -55.14 -16.83
C ASN S 152 -31.74 -54.55 -16.45
N TYR S 153 -32.35 -53.83 -17.38
CA TYR S 153 -33.65 -53.22 -17.13
C TYR S 153 -34.54 -53.27 -18.36
N PHE S 154 -35.84 -53.42 -18.14
CA PHE S 154 -36.78 -53.50 -19.24
C PHE S 154 -37.91 -52.49 -19.12
N ASP S 155 -38.29 -51.93 -20.26
CA ASP S 155 -39.39 -50.97 -20.34
C ASP S 155 -40.60 -51.83 -20.65
N CYS S 156 -41.59 -51.83 -19.75
CA CYS S 156 -42.76 -52.67 -19.96
C CYS S 156 -44.11 -51.97 -19.83
N ARG S 157 -45.15 -52.66 -20.28
CA ARG S 157 -46.51 -52.17 -20.19
C ARG S 157 -47.06 -52.55 -18.82
N ALA S 158 -46.57 -53.67 -18.29
CA ALA S 158 -46.95 -54.19 -16.99
C ALA S 158 -45.92 -55.25 -16.61
N MET S 159 -45.59 -55.34 -15.34
CA MET S 159 -44.60 -56.31 -14.89
C MET S 159 -44.89 -56.80 -13.47
N SER S 160 -44.27 -57.92 -13.09
CA SER S 160 -44.44 -58.48 -11.76
C SER S 160 -43.20 -59.23 -11.33
N ILE S 161 -42.76 -58.97 -10.10
CA ILE S 161 -41.58 -59.62 -9.55
C ILE S 161 -41.87 -60.09 -8.13
N GLY S 162 -41.11 -61.08 -7.67
CA GLY S 162 -41.29 -61.61 -6.33
C GLY S 162 -41.76 -63.05 -6.32
N ALA S 163 -42.09 -63.56 -5.14
CA ALA S 163 -42.56 -64.94 -5.01
C ALA S 163 -43.83 -65.16 -5.82
N ARG S 164 -43.82 -66.20 -6.65
CA ARG S 164 -44.97 -66.56 -7.49
C ARG S 164 -45.53 -65.37 -8.27
N SER S 165 -44.64 -64.62 -8.91
CA SER S 165 -45.05 -63.46 -9.69
C SER S 165 -45.40 -63.86 -11.12
N GLN S 166 -45.08 -65.10 -11.47
CA GLN S 166 -45.37 -65.63 -12.79
C GLN S 166 -46.87 -65.69 -13.03
N SER S 167 -47.62 -66.05 -12.00
CA SER S 167 -49.08 -66.13 -12.06
C SER S 167 -49.68 -64.75 -12.31
N ALA S 168 -49.09 -63.72 -11.69
CA ALA S 168 -49.54 -62.36 -11.88
C ALA S 168 -49.18 -61.92 -13.28
N ARG S 169 -48.01 -62.35 -13.76
CA ARG S 169 -47.54 -62.02 -15.09
C ARG S 169 -48.48 -62.64 -16.13
N THR S 170 -48.91 -63.86 -15.87
CA THR S 170 -49.83 -64.56 -16.77
C THR S 170 -51.14 -63.79 -16.87
N TYR S 171 -51.63 -63.32 -15.73
CA TYR S 171 -52.86 -62.55 -15.69
C TYR S 171 -52.61 -61.20 -16.36
N LEU S 172 -51.44 -60.63 -16.10
CA LEU S 172 -51.08 -59.33 -16.67
C LEU S 172 -51.11 -59.37 -18.21
N GLU S 173 -50.51 -60.41 -18.78
CA GLU S 173 -50.46 -60.56 -20.23
C GLU S 173 -51.84 -60.73 -20.86
N ARG S 174 -52.74 -61.40 -20.15
CA ARG S 174 -54.09 -61.65 -20.66
C ARG S 174 -55.01 -60.42 -20.68
N HIS S 175 -54.77 -59.47 -19.78
CA HIS S 175 -55.63 -58.29 -19.70
C HIS S 175 -54.93 -56.99 -20.07
N MET S 176 -53.74 -57.08 -20.66
CA MET S 176 -52.98 -55.88 -21.02
C MET S 176 -53.50 -55.14 -22.26
N SER S 177 -54.39 -55.76 -23.02
CA SER S 177 -54.97 -55.15 -24.22
C SER S 177 -55.89 -53.96 -23.92
N GLY S 178 -56.49 -53.96 -22.73
CA GLY S 178 -57.38 -52.88 -22.35
C GLY S 178 -56.82 -52.04 -21.21
N PHE S 179 -55.50 -51.86 -21.20
CA PHE S 179 -54.86 -51.07 -20.16
C PHE S 179 -54.75 -49.59 -20.55
N MET S 180 -54.42 -49.33 -21.80
CA MET S 180 -54.28 -47.96 -22.28
C MET S 180 -55.57 -47.14 -22.11
N GLU S 181 -56.70 -47.76 -22.42
CA GLU S 181 -58.00 -47.09 -22.32
C GLU S 181 -58.61 -47.17 -20.92
N CYS S 182 -57.94 -47.87 -20.02
CA CYS S 182 -58.43 -48.02 -18.65
C CYS S 182 -58.36 -46.69 -17.89
N ASN S 183 -59.27 -46.51 -16.94
CA ASN S 183 -59.26 -45.31 -16.11
C ASN S 183 -58.54 -45.62 -14.80
N LEU S 184 -58.33 -44.61 -13.97
CA LEU S 184 -57.63 -44.80 -12.70
C LEU S 184 -58.20 -45.93 -11.85
N ASN S 185 -59.48 -45.85 -11.53
CA ASN S 185 -60.11 -46.89 -10.72
C ASN S 185 -59.99 -48.25 -11.40
N GLU S 186 -60.27 -48.28 -12.70
CA GLU S 186 -60.21 -49.49 -13.49
C GLU S 186 -58.81 -50.10 -13.55
N LEU S 187 -57.82 -49.26 -13.82
CA LEU S 187 -56.42 -49.70 -13.91
C LEU S 187 -55.90 -50.26 -12.59
N VAL S 188 -56.34 -49.69 -11.47
CA VAL S 188 -55.91 -50.15 -10.16
C VAL S 188 -56.49 -51.51 -9.82
N LYS S 189 -57.68 -51.80 -10.36
CA LYS S 189 -58.34 -53.07 -10.11
C LYS S 189 -57.56 -54.20 -10.78
N HIS S 190 -57.15 -53.96 -12.02
CA HIS S 190 -56.39 -54.97 -12.77
C HIS S 190 -55.13 -55.34 -12.01
N GLY S 191 -54.41 -54.33 -11.52
CA GLY S 191 -53.20 -54.57 -10.76
C GLY S 191 -53.50 -55.41 -9.54
N LEU S 192 -54.54 -55.02 -8.81
CA LEU S 192 -54.95 -55.74 -7.60
C LEU S 192 -55.31 -57.17 -7.94
N ARG S 193 -56.05 -57.37 -9.03
CA ARG S 193 -56.45 -58.71 -9.44
C ARG S 193 -55.23 -59.55 -9.77
N ALA S 194 -54.27 -58.97 -10.47
CA ALA S 194 -53.05 -59.66 -10.85
C ALA S 194 -52.20 -59.94 -9.61
N LEU S 195 -52.23 -59.01 -8.65
CA LEU S 195 -51.46 -59.15 -7.42
C LEU S 195 -52.05 -60.24 -6.54
N ARG S 196 -53.37 -60.41 -6.62
CA ARG S 196 -54.06 -61.42 -5.83
C ARG S 196 -53.91 -62.83 -6.41
N GLU S 197 -53.51 -62.91 -7.68
CA GLU S 197 -53.30 -64.19 -8.36
C GLU S 197 -52.08 -64.94 -7.84
N THR S 198 -51.11 -64.21 -7.29
CA THR S 198 -49.90 -64.81 -6.74
C THR S 198 -50.08 -65.27 -5.30
N LEU S 199 -51.22 -64.90 -4.72
CA LEU S 199 -51.52 -65.27 -3.35
C LEU S 199 -52.10 -66.68 -3.27
N PRO S 200 -52.00 -67.31 -2.09
CA PRO S 200 -52.52 -68.65 -1.85
C PRO S 200 -54.05 -68.68 -1.91
N ALA S 201 -54.61 -69.85 -2.22
CA ALA S 201 -56.06 -70.02 -2.32
C ALA S 201 -56.81 -69.49 -1.11
N GLU S 202 -56.33 -69.84 0.09
CA GLU S 202 -56.95 -69.41 1.33
C GLU S 202 -56.87 -67.90 1.57
N GLN S 203 -55.64 -67.38 1.59
CA GLN S 203 -55.40 -65.96 1.84
C GLN S 203 -56.01 -65.02 0.80
N ASP S 204 -56.29 -63.79 1.22
CA ASP S 204 -56.89 -62.78 0.36
C ASP S 204 -56.30 -61.40 0.63
N LEU S 205 -56.41 -60.51 -0.35
CA LEU S 205 -55.89 -59.16 -0.22
C LEU S 205 -56.79 -58.30 0.66
N THR S 206 -56.20 -57.66 1.66
CA THR S 206 -56.95 -56.80 2.57
C THR S 206 -56.35 -55.40 2.61
N THR S 207 -56.64 -54.68 3.68
CA THR S 207 -56.12 -53.33 3.86
C THR S 207 -54.94 -53.32 4.81
N LYS S 208 -54.30 -54.47 4.95
CA LYS S 208 -53.14 -54.62 5.82
C LYS S 208 -51.91 -55.02 5.02
N ASN S 209 -52.08 -55.99 4.12
CA ASN S 209 -50.98 -56.48 3.31
C ASN S 209 -50.97 -55.90 1.89
N VAL S 210 -51.62 -54.76 1.70
CA VAL S 210 -51.69 -54.16 0.38
C VAL S 210 -51.30 -52.68 0.38
N SER S 211 -50.36 -52.32 -0.50
CA SER S 211 -49.90 -50.95 -0.62
C SER S 211 -50.01 -50.51 -2.07
N ILE S 212 -50.54 -49.31 -2.30
CA ILE S 212 -50.70 -48.79 -3.65
C ILE S 212 -50.02 -47.45 -3.83
N GLY S 213 -49.40 -47.27 -5.00
CA GLY S 213 -48.71 -46.06 -5.35
C GLY S 213 -49.06 -45.66 -6.78
N ILE S 214 -49.62 -44.46 -6.94
CA ILE S 214 -50.02 -43.99 -8.26
C ILE S 214 -49.39 -42.65 -8.64
N VAL S 215 -49.10 -42.49 -9.92
CA VAL S 215 -48.55 -41.26 -10.47
C VAL S 215 -49.12 -41.10 -11.87
N GLY S 216 -49.72 -39.95 -12.15
CA GLY S 216 -50.31 -39.72 -13.46
C GLY S 216 -50.12 -38.33 -14.03
N LYS S 217 -50.88 -38.04 -15.08
CA LYS S 217 -50.83 -36.75 -15.76
C LYS S 217 -50.92 -35.57 -14.79
N ASP S 218 -52.00 -35.51 -14.02
CA ASP S 218 -52.19 -34.42 -13.08
C ASP S 218 -52.28 -34.94 -11.64
N LEU S 219 -51.27 -35.70 -11.23
CA LEU S 219 -51.24 -36.26 -9.89
C LEU S 219 -49.83 -36.68 -9.50
N GLU S 220 -49.34 -36.13 -8.39
CA GLU S 220 -48.02 -36.45 -7.90
C GLU S 220 -48.01 -37.88 -7.33
N PHE S 221 -46.85 -38.52 -7.36
CA PHE S 221 -46.76 -39.89 -6.85
C PHE S 221 -47.17 -39.97 -5.39
N THR S 222 -48.31 -40.60 -5.14
CA THR S 222 -48.81 -40.76 -3.78
C THR S 222 -48.95 -42.23 -3.43
N ILE S 223 -48.81 -42.55 -2.15
CA ILE S 223 -48.89 -43.91 -1.67
C ILE S 223 -50.11 -44.09 -0.73
N TYR S 224 -50.86 -45.17 -0.95
CA TYR S 224 -52.03 -45.44 -0.12
C TYR S 224 -51.81 -46.65 0.78
N ASP S 225 -51.97 -46.46 2.08
CA ASP S 225 -51.78 -47.54 3.03
C ASP S 225 -53.01 -47.80 3.91
N ASP S 226 -53.25 -49.08 4.18
CA ASP S 226 -54.37 -49.50 5.02
C ASP S 226 -55.73 -48.89 4.66
N ASP S 227 -56.21 -47.98 5.51
CA ASP S 227 -57.50 -47.33 5.31
C ASP S 227 -57.66 -46.57 4.01
N ASP S 228 -56.54 -46.10 3.44
CA ASP S 228 -56.61 -45.35 2.19
C ASP S 228 -56.82 -46.27 0.98
N VAL S 229 -56.56 -47.56 1.17
CA VAL S 229 -56.72 -48.54 0.11
C VAL S 229 -58.08 -49.23 0.17
N SER S 230 -59.00 -48.67 0.96
CA SER S 230 -60.33 -49.23 1.10
C SER S 230 -61.14 -49.05 -0.18
N PRO S 231 -61.16 -47.81 -0.71
CA PRO S 231 -61.88 -47.47 -1.93
C PRO S 231 -61.51 -48.40 -3.09
N PHE S 232 -60.23 -48.59 -3.32
CA PHE S 232 -59.75 -49.46 -4.39
C PHE S 232 -60.13 -50.90 -4.13
N LEU S 233 -60.08 -51.30 -2.86
CA LEU S 233 -60.42 -52.66 -2.47
C LEU S 233 -61.91 -52.97 -2.62
N GLU S 234 -62.74 -51.96 -2.38
CA GLU S 234 -64.18 -52.15 -2.48
C GLU S 234 -64.64 -52.25 -3.94
N GLY S 235 -65.08 -53.46 -4.32
CA GLY S 235 -65.53 -53.72 -5.68
C GLY S 235 -64.96 -55.01 -6.22
N LEU S 236 -63.78 -55.39 -5.73
CA LEU S 236 -63.14 -56.62 -6.17
C LEU S 236 -64.07 -57.82 -6.01
N GLU S 237 -64.21 -58.60 -7.09
CA GLU S 237 -65.07 -59.77 -7.06
C GLU S 237 -64.44 -60.89 -6.23
N THR T 1 -29.72 11.93 -11.62
CA THR T 1 -30.03 13.16 -12.33
C THR T 1 -29.99 12.97 -13.85
N THR T 2 -31.03 13.40 -14.54
CA THR T 2 -31.07 13.32 -15.98
C THR T 2 -31.39 14.70 -16.55
N ILE T 3 -30.45 15.27 -17.29
CA ILE T 3 -30.66 16.58 -17.90
C ILE T 3 -30.37 16.49 -19.39
N ALA T 4 -31.12 17.24 -20.18
CA ALA T 4 -30.93 17.20 -21.62
C ALA T 4 -31.33 18.52 -22.27
N GLY T 5 -30.82 18.72 -23.48
CA GLY T 5 -31.12 19.91 -24.24
C GLY T 5 -31.10 19.58 -25.72
N LEU T 6 -31.78 20.40 -26.51
CA LEU T 6 -31.83 20.19 -27.95
C LEU T 6 -32.13 21.48 -28.67
N VAL T 7 -31.52 21.66 -29.83
CA VAL T 7 -31.73 22.86 -30.62
C VAL T 7 -32.83 22.57 -31.64
N PHE T 8 -33.90 23.33 -31.60
CA PHE T 8 -34.98 23.15 -32.57
C PHE T 8 -35.01 24.32 -33.55
N ARG T 9 -35.90 24.25 -34.52
CA ARG T 9 -36.02 25.28 -35.56
C ARG T 9 -35.97 26.75 -35.08
N ASP T 10 -36.72 27.08 -34.04
CA ASP T 10 -36.75 28.46 -33.56
C ASP T 10 -36.07 28.74 -32.23
N GLY T 11 -35.35 27.77 -31.69
CA GLY T 11 -34.67 28.00 -30.42
C GLY T 11 -34.08 26.75 -29.79
N VAL T 12 -34.04 26.74 -28.46
CA VAL T 12 -33.51 25.60 -27.72
C VAL T 12 -34.49 25.17 -26.63
N ILE T 13 -34.45 23.88 -26.28
CA ILE T 13 -35.33 23.36 -25.25
C ILE T 13 -34.52 22.59 -24.21
N LEU T 14 -34.62 23.01 -22.95
CA LEU T 14 -33.92 22.35 -21.87
C LEU T 14 -34.88 21.50 -21.05
N GLY T 15 -34.39 20.41 -20.48
CA GLY T 15 -35.20 19.53 -19.67
C GLY T 15 -34.41 18.84 -18.58
N ALA T 16 -35.08 18.48 -17.49
CA ALA T 16 -34.42 17.81 -16.38
C ALA T 16 -35.42 17.14 -15.44
N ASP T 17 -34.94 16.19 -14.66
CA ASP T 17 -35.78 15.52 -13.67
C ASP T 17 -35.75 16.33 -12.38
N THR T 18 -36.55 15.94 -11.39
CA THR T 18 -36.58 16.71 -10.14
C THR T 18 -36.20 15.94 -8.89
N ARG T 19 -35.44 14.86 -9.05
CA ARG T 19 -35.04 14.06 -7.90
C ARG T 19 -33.61 14.30 -7.42
N ALA T 20 -33.46 14.56 -6.13
CA ALA T 20 -32.17 14.75 -5.51
C ALA T 20 -31.98 13.61 -4.53
N THR T 21 -30.87 12.89 -4.63
CA THR T 21 -30.63 11.76 -3.73
C THR T 21 -29.34 11.82 -2.93
N ASN T 22 -29.34 11.13 -1.80
CA ASN T 22 -28.17 11.00 -0.93
C ASN T 22 -27.83 9.54 -1.06
N ASP T 23 -26.71 9.27 -1.73
CA ASP T 23 -26.27 7.89 -2.00
C ASP T 23 -27.43 7.14 -2.68
N SER T 24 -28.24 6.43 -1.89
CA SER T 24 -29.37 5.70 -2.46
C SER T 24 -30.69 6.04 -1.79
N VAL T 25 -30.78 7.23 -1.21
CA VAL T 25 -31.98 7.69 -0.53
C VAL T 25 -32.47 9.01 -1.12
N VAL T 26 -33.75 9.08 -1.45
CA VAL T 26 -34.33 10.29 -2.02
C VAL T 26 -34.46 11.37 -0.96
N MET T 27 -33.76 12.48 -1.14
CA MET T 27 -33.83 13.59 -0.20
C MET T 27 -34.89 14.59 -0.64
N ASP T 28 -34.82 14.99 -1.91
CA ASP T 28 -35.76 15.94 -2.47
C ASP T 28 -36.50 15.30 -3.64
N LYS T 29 -37.83 15.32 -3.57
CA LYS T 29 -38.64 14.75 -4.62
C LYS T 29 -39.03 15.80 -5.66
N ASN T 30 -38.60 17.03 -5.44
CA ASN T 30 -38.93 18.11 -6.37
C ASN T 30 -37.93 19.26 -6.36
N CYS T 31 -36.68 18.97 -6.68
CA CYS T 31 -35.66 20.00 -6.73
C CYS T 31 -35.55 20.55 -8.15
N GLU T 32 -35.36 21.86 -8.27
CA GLU T 32 -35.25 22.51 -9.57
C GLU T 32 -33.81 22.42 -10.06
N LYS T 33 -33.61 21.80 -11.22
CA LYS T 33 -32.28 21.63 -11.78
C LYS T 33 -31.99 22.53 -12.99
N ILE T 34 -32.97 23.33 -13.38
CA ILE T 34 -32.81 24.24 -14.49
C ILE T 34 -32.66 25.65 -13.92
N HIS T 35 -31.41 26.11 -13.84
CA HIS T 35 -31.09 27.41 -13.27
C HIS T 35 -31.02 28.56 -14.27
N PHE T 36 -31.41 29.74 -13.79
CA PHE T 36 -31.40 30.95 -14.58
C PHE T 36 -29.99 31.53 -14.64
N ILE T 37 -29.53 31.84 -15.85
CA ILE T 37 -28.21 32.42 -16.05
C ILE T 37 -28.42 33.86 -16.48
N ALA T 38 -29.35 34.03 -17.42
CA ALA T 38 -29.72 35.34 -17.96
C ALA T 38 -31.13 35.24 -18.52
N PRO T 39 -31.69 36.38 -18.97
CA PRO T 39 -33.05 36.40 -19.52
C PRO T 39 -33.29 35.45 -20.70
N LYS T 40 -32.28 35.23 -21.54
CA LYS T 40 -32.43 34.32 -22.67
C LYS T 40 -31.42 33.16 -22.61
N ILE T 41 -30.85 32.93 -21.43
CA ILE T 41 -29.87 31.86 -21.27
C ILE T 41 -30.12 31.05 -19.99
N TYR T 42 -30.31 29.75 -20.13
CA TYR T 42 -30.52 28.90 -18.95
C TYR T 42 -29.48 27.80 -18.87
N CYS T 43 -29.40 27.15 -17.72
CA CYS T 43 -28.42 26.09 -17.53
C CYS T 43 -28.93 24.94 -16.66
N CYS T 44 -28.73 23.73 -17.14
CA CYS T 44 -29.13 22.55 -16.41
C CYS T 44 -27.91 22.06 -15.64
N GLY T 45 -28.10 21.61 -14.41
CA GLY T 45 -26.99 21.17 -13.60
C GLY T 45 -27.02 19.73 -13.15
N ALA T 46 -25.87 19.07 -13.26
CA ALA T 46 -25.68 17.69 -12.86
C ALA T 46 -24.39 17.61 -12.04
N GLY T 47 -24.18 16.49 -11.36
CA GLY T 47 -22.99 16.32 -10.54
C GLY T 47 -23.22 16.88 -9.14
N VAL T 48 -22.15 17.34 -8.51
CA VAL T 48 -22.25 17.90 -7.16
C VAL T 48 -23.23 19.07 -7.12
N ALA T 49 -24.37 18.86 -6.47
CA ALA T 49 -25.41 19.88 -6.38
C ALA T 49 -24.90 21.22 -5.86
N ALA T 50 -24.10 21.20 -4.80
CA ALA T 50 -23.55 22.42 -4.23
C ALA T 50 -22.67 23.16 -5.23
N ASP T 51 -21.87 22.41 -5.98
CA ASP T 51 -20.99 23.00 -6.98
C ASP T 51 -21.80 23.61 -8.12
N ALA T 52 -22.73 22.85 -8.67
CA ALA T 52 -23.57 23.35 -9.76
C ALA T 52 -24.31 24.60 -9.34
N GLU T 53 -24.91 24.57 -8.16
CA GLU T 53 -25.67 25.71 -7.65
C GLU T 53 -24.81 26.97 -7.49
N MET T 54 -23.66 26.83 -6.84
CA MET T 54 -22.76 27.96 -6.63
C MET T 54 -22.13 28.48 -7.93
N THR T 55 -21.84 27.57 -8.85
CA THR T 55 -21.24 27.95 -10.12
C THR T 55 -22.19 28.73 -11.02
N THR T 56 -23.42 28.27 -11.14
CA THR T 56 -24.40 28.95 -11.98
C THR T 56 -24.77 30.30 -11.39
N ARG T 57 -24.84 30.39 -10.06
CA ARG T 57 -25.19 31.64 -9.41
C ARG T 57 -24.11 32.67 -9.67
N MET T 58 -22.87 32.19 -9.64
CA MET T 58 -21.71 33.01 -9.88
C MET T 58 -21.66 33.47 -11.33
N ALA T 59 -21.96 32.56 -12.26
CA ALA T 59 -21.95 32.87 -13.67
C ALA T 59 -23.07 33.86 -14.00
N ALA T 60 -24.23 33.65 -13.41
CA ALA T 60 -25.37 34.54 -13.62
C ALA T 60 -25.07 35.93 -13.10
N SER T 61 -24.40 35.99 -11.95
CA SER T 61 -24.03 37.25 -11.33
C SER T 61 -23.02 38.01 -12.19
N ASN T 62 -22.06 37.29 -12.74
CA ASN T 62 -21.02 37.89 -13.57
C ASN T 62 -21.56 38.30 -14.94
N MET T 63 -22.55 37.56 -15.43
CA MET T 63 -23.16 37.88 -16.72
C MET T 63 -24.01 39.12 -16.59
N GLU T 64 -24.62 39.30 -15.42
CA GLU T 64 -25.45 40.46 -15.15
C GLU T 64 -24.59 41.72 -15.15
N LEU T 65 -23.42 41.64 -14.51
CA LEU T 65 -22.52 42.79 -14.46
C LEU T 65 -22.10 43.17 -15.87
N HIS T 66 -21.75 42.15 -16.66
CA HIS T 66 -21.33 42.36 -18.05
C HIS T 66 -22.44 42.99 -18.87
N SER T 67 -23.66 42.47 -18.72
CA SER T 67 -24.80 42.98 -19.46
C SER T 67 -25.12 44.42 -19.06
N LEU T 68 -24.96 44.74 -17.78
CA LEU T 68 -25.23 46.08 -17.27
C LEU T 68 -24.23 47.09 -17.83
N SER T 69 -22.96 46.70 -17.91
CA SER T 69 -21.91 47.59 -18.41
C SER T 69 -21.96 47.75 -19.92
N THR T 70 -22.17 46.65 -20.64
CA THR T 70 -22.24 46.71 -22.10
C THR T 70 -23.57 47.29 -22.57
N GLY T 71 -24.62 47.03 -21.81
CA GLY T 71 -25.95 47.50 -22.14
C GLY T 71 -26.59 46.68 -23.25
N ARG T 72 -26.12 45.46 -23.44
CA ARG T 72 -26.63 44.57 -24.48
C ARG T 72 -26.97 43.19 -23.94
N GLU T 73 -27.65 42.41 -24.75
CA GLU T 73 -28.01 41.06 -24.36
C GLU T 73 -26.75 40.21 -24.31
N PRO T 74 -26.62 39.37 -23.29
CA PRO T 74 -25.45 38.51 -23.15
C PRO T 74 -25.42 37.39 -24.17
N ARG T 75 -24.25 37.08 -24.70
CA ARG T 75 -24.13 36.02 -25.67
C ARG T 75 -23.96 34.70 -24.93
N VAL T 76 -24.38 33.61 -25.56
CA VAL T 76 -24.26 32.29 -24.96
C VAL T 76 -22.79 31.88 -24.88
N THR T 77 -22.01 32.30 -25.86
CA THR T 77 -20.57 32.02 -25.91
C THR T 77 -19.80 32.66 -24.75
N THR T 78 -20.27 33.81 -24.26
CA THR T 78 -19.63 34.48 -23.15
C THR T 78 -19.83 33.64 -21.90
N VAL T 79 -21.03 33.08 -21.76
CA VAL T 79 -21.36 32.25 -20.61
C VAL T 79 -20.54 30.96 -20.56
N THR T 80 -20.46 30.25 -21.68
CA THR T 80 -19.70 29.00 -21.74
C THR T 80 -18.21 29.24 -21.49
N ARG T 81 -17.69 30.35 -22.01
CA ARG T 81 -16.28 30.69 -21.81
C ARG T 81 -16.02 31.03 -20.34
N LEU T 82 -16.95 31.75 -19.72
CA LEU T 82 -16.81 32.12 -18.33
C LEU T 82 -16.84 30.86 -17.46
N LEU T 83 -17.71 29.93 -17.82
CA LEU T 83 -17.85 28.67 -17.09
C LEU T 83 -16.64 27.77 -17.23
N ARG T 84 -16.21 27.53 -18.46
CA ARG T 84 -15.07 26.64 -18.69
C ARG T 84 -13.75 27.19 -18.13
N GLN T 85 -13.57 28.50 -18.18
CA GLN T 85 -12.35 29.10 -17.65
C GLN T 85 -12.31 28.98 -16.14
N THR T 86 -13.48 29.05 -15.50
CA THR T 86 -13.57 28.91 -14.05
C THR T 86 -13.34 27.46 -13.66
N LEU T 87 -14.08 26.57 -14.31
CA LEU T 87 -13.98 25.14 -14.05
C LEU T 87 -12.58 24.58 -14.28
N PHE T 88 -11.92 25.05 -15.34
CA PHE T 88 -10.58 24.60 -15.65
C PHE T 88 -9.61 25.03 -14.55
N ARG T 89 -9.86 26.21 -13.99
CA ARG T 89 -9.05 26.76 -12.91
C ARG T 89 -8.99 25.82 -11.70
N TYR T 90 -10.13 25.22 -11.36
CA TYR T 90 -10.22 24.30 -10.24
C TYR T 90 -9.87 22.85 -10.58
N ARG T 91 -9.48 22.63 -11.83
CA ARG T 91 -9.04 21.32 -12.32
C ARG T 91 -9.97 20.12 -12.05
N GLY T 92 -11.26 20.33 -12.21
CA GLY T 92 -12.22 19.26 -12.00
C GLY T 92 -12.61 18.99 -10.57
N HIS T 93 -12.11 19.81 -9.64
CA HIS T 93 -12.43 19.63 -8.24
C HIS T 93 -13.83 20.17 -7.95
N VAL T 94 -14.29 21.06 -8.82
CA VAL T 94 -15.63 21.63 -8.72
C VAL T 94 -16.51 20.81 -9.65
N GLY T 95 -17.10 19.75 -9.11
CA GLY T 95 -17.93 18.84 -9.87
C GLY T 95 -19.22 19.40 -10.44
N ALA T 96 -19.10 20.19 -11.50
CA ALA T 96 -20.27 20.78 -12.13
C ALA T 96 -20.41 20.36 -13.59
N SER T 97 -21.47 19.62 -13.89
CA SER T 97 -21.74 19.18 -15.25
C SER T 97 -22.90 20.04 -15.74
N LEU T 98 -22.62 20.93 -16.68
CA LEU T 98 -23.65 21.84 -17.15
C LEU T 98 -24.07 21.71 -18.61
N LEU T 99 -25.31 22.08 -18.86
CA LEU T 99 -25.89 22.08 -20.18
C LEU T 99 -26.44 23.48 -20.38
N VAL T 100 -25.64 24.35 -20.99
CA VAL T 100 -26.05 25.73 -21.23
C VAL T 100 -26.79 25.87 -22.55
N GLY T 101 -27.97 26.46 -22.50
CA GLY T 101 -28.77 26.66 -23.68
C GLY T 101 -29.36 28.05 -23.66
N GLY T 102 -29.26 28.76 -24.78
CA GLY T 102 -29.79 30.09 -24.86
C GLY T 102 -29.88 30.61 -26.27
N VAL T 103 -30.52 31.76 -26.42
CA VAL T 103 -30.68 32.38 -27.72
C VAL T 103 -30.21 33.82 -27.64
N ASP T 104 -29.13 34.13 -28.36
CA ASP T 104 -28.61 35.49 -28.35
C ASP T 104 -28.75 36.10 -29.73
N PHE T 105 -27.96 37.12 -30.01
CA PHE T 105 -28.00 37.80 -31.30
C PHE T 105 -27.62 36.89 -32.47
N SER T 106 -26.71 35.95 -32.24
CA SER T 106 -26.26 35.01 -33.26
C SER T 106 -27.16 33.78 -33.43
N GLY T 107 -28.25 33.71 -32.65
CA GLY T 107 -29.17 32.59 -32.76
C GLY T 107 -29.17 31.66 -31.55
N PRO T 108 -29.78 30.48 -31.70
CA PRO T 108 -29.88 29.46 -30.65
C PRO T 108 -28.57 28.69 -30.52
N GLN T 109 -28.12 28.50 -29.28
CA GLN T 109 -26.88 27.78 -29.03
C GLN T 109 -27.03 26.81 -27.86
N LEU T 110 -26.34 25.67 -27.95
CA LEU T 110 -26.38 24.66 -26.90
C LEU T 110 -24.99 24.13 -26.61
N TYR T 111 -24.60 24.14 -25.34
CA TYR T 111 -23.28 23.68 -24.95
C TYR T 111 -23.30 22.70 -23.78
N SER T 112 -22.34 21.80 -23.77
CA SER T 112 -22.20 20.85 -22.68
C SER T 112 -20.88 21.17 -22.02
N VAL T 113 -20.93 21.55 -20.75
CA VAL T 113 -19.71 21.89 -20.00
C VAL T 113 -19.39 20.82 -18.97
N HIS T 114 -18.15 20.37 -18.96
CA HIS T 114 -17.72 19.34 -18.02
C HIS T 114 -16.88 19.91 -16.88
N PRO T 115 -16.79 19.16 -15.77
CA PRO T 115 -16.07 19.54 -14.55
C PRO T 115 -14.62 20.01 -14.77
N HIS T 116 -13.89 19.37 -15.68
CA HIS T 116 -12.50 19.75 -15.93
C HIS T 116 -12.32 21.04 -16.74
N GLY T 117 -13.39 21.48 -17.39
CA GLY T 117 -13.33 22.70 -18.17
C GLY T 117 -13.55 22.55 -19.66
N SER T 118 -13.69 21.32 -20.12
CA SER T 118 -13.92 21.08 -21.55
C SER T 118 -15.36 21.42 -21.91
N TYR T 119 -15.58 21.79 -23.16
CA TYR T 119 -16.94 22.13 -23.61
C TYR T 119 -17.23 21.61 -25.01
N SER T 120 -18.52 21.42 -25.30
CA SER T 120 -18.94 20.92 -26.59
C SER T 120 -20.18 21.64 -27.10
N ARG T 121 -20.10 22.19 -28.30
CA ARG T 121 -21.23 22.87 -28.91
C ARG T 121 -21.93 21.84 -29.79
N LEU T 122 -23.15 21.46 -29.41
CA LEU T 122 -23.89 20.45 -30.16
C LEU T 122 -25.37 20.78 -30.33
N PRO T 123 -26.03 20.10 -31.28
CA PRO T 123 -27.46 20.26 -31.56
C PRO T 123 -28.33 19.63 -30.49
N PHE T 124 -27.79 18.67 -29.75
CA PHE T 124 -28.51 17.99 -28.67
C PHE T 124 -27.53 17.27 -27.73
N THR T 125 -27.74 17.40 -26.43
CA THR T 125 -26.87 16.77 -25.44
C THR T 125 -27.64 16.25 -24.24
N ALA T 126 -26.93 15.56 -23.35
CA ALA T 126 -27.53 15.00 -22.14
C ALA T 126 -26.43 14.71 -21.11
N LEU T 127 -26.69 15.05 -19.85
CA LEU T 127 -25.73 14.82 -18.78
C LEU T 127 -26.42 14.19 -17.57
N GLY T 128 -25.63 13.77 -16.60
CA GLY T 128 -26.15 13.15 -15.39
C GLY T 128 -26.05 11.64 -15.40
N SER T 129 -26.62 11.01 -14.39
CA SER T 129 -26.59 9.55 -14.28
C SER T 129 -27.55 8.88 -15.27
N GLY T 130 -28.57 9.61 -15.71
CA GLY T 130 -29.53 9.09 -16.66
C GLY T 130 -29.25 9.63 -18.06
N GLN T 131 -28.02 10.09 -18.26
CA GLN T 131 -27.58 10.67 -19.53
C GLN T 131 -27.59 9.70 -20.71
N ASP T 132 -27.36 8.41 -20.47
CA ASP T 132 -27.33 7.43 -21.55
C ASP T 132 -28.72 7.12 -22.08
N ALA T 133 -29.69 7.07 -21.18
CA ALA T 133 -31.08 6.79 -21.56
C ALA T 133 -31.61 7.93 -22.41
N ALA T 134 -31.37 9.16 -21.98
CA ALA T 134 -31.82 10.34 -22.70
C ALA T 134 -31.13 10.45 -24.06
N LEU T 135 -29.85 10.10 -24.12
CA LEU T 135 -29.11 10.15 -25.37
C LEU T 135 -29.65 9.12 -26.35
N ALA T 136 -30.02 7.96 -25.82
CA ALA T 136 -30.59 6.89 -26.64
C ALA T 136 -31.83 7.41 -27.37
N VAL T 137 -32.71 8.08 -26.64
CA VAL T 137 -33.92 8.64 -27.21
C VAL T 137 -33.57 9.67 -28.29
N LEU T 138 -32.65 10.57 -27.97
CA LEU T 138 -32.22 11.60 -28.90
C LEU T 138 -31.66 11.00 -30.19
N GLU T 139 -30.68 10.11 -30.08
CA GLU T 139 -30.10 9.47 -31.26
C GLU T 139 -31.13 8.82 -32.19
N ASP T 140 -32.12 8.18 -31.59
CA ASP T 140 -33.19 7.50 -32.31
C ASP T 140 -34.24 8.41 -32.95
N ARG T 141 -34.55 9.55 -32.34
CA ARG T 141 -35.61 10.41 -32.88
C ARG T 141 -35.29 11.87 -33.21
N PHE T 142 -34.05 12.31 -33.01
CA PHE T 142 -33.74 13.71 -33.30
C PHE T 142 -33.65 14.04 -34.79
N GLN T 143 -34.29 15.13 -35.19
CA GLN T 143 -34.24 15.61 -36.56
C GLN T 143 -33.83 17.06 -36.49
N PRO T 144 -33.08 17.53 -37.49
CA PRO T 144 -32.69 18.94 -37.46
C PRO T 144 -33.90 19.83 -37.72
N ASN T 145 -33.87 21.04 -37.16
CA ASN T 145 -34.95 22.01 -37.33
C ASN T 145 -36.34 21.46 -37.02
N MET T 146 -36.53 20.93 -35.81
CA MET T 146 -37.81 20.41 -35.40
C MET T 146 -38.72 21.56 -34.97
N THR T 147 -40.02 21.32 -34.97
CA THR T 147 -40.98 22.33 -34.54
C THR T 147 -40.95 22.39 -33.01
N LEU T 148 -41.31 23.54 -32.45
CA LEU T 148 -41.31 23.74 -31.00
C LEU T 148 -42.02 22.63 -30.23
N GLU T 149 -43.21 22.25 -30.68
CA GLU T 149 -43.98 21.20 -30.01
C GLU T 149 -43.35 19.82 -30.21
N ALA T 150 -42.76 19.58 -31.37
CA ALA T 150 -42.13 18.30 -31.66
C ALA T 150 -40.85 18.14 -30.83
N ALA T 151 -40.17 19.25 -30.55
CA ALA T 151 -38.95 19.23 -29.77
C ALA T 151 -39.28 18.97 -28.31
N GLN T 152 -40.31 19.63 -27.80
CA GLN T 152 -40.74 19.45 -26.41
C GLN T 152 -41.05 17.98 -26.17
N GLU T 153 -41.83 17.39 -27.05
CA GLU T 153 -42.21 15.99 -26.95
C GLU T 153 -40.98 15.09 -26.89
N LEU T 154 -40.01 15.35 -27.76
CA LEU T 154 -38.79 14.57 -27.79
C LEU T 154 -37.99 14.73 -26.49
N LEU T 155 -37.84 15.96 -26.04
CA LEU T 155 -37.11 16.26 -24.82
C LEU T 155 -37.79 15.60 -23.62
N VAL T 156 -39.12 15.68 -23.58
CA VAL T 156 -39.88 15.08 -22.49
C VAL T 156 -39.65 13.58 -22.46
N GLU T 157 -39.63 12.96 -23.64
CA GLU T 157 -39.40 11.53 -23.75
C GLU T 157 -37.98 11.17 -23.34
N ALA T 158 -37.02 12.03 -23.69
CA ALA T 158 -35.63 11.80 -23.34
C ALA T 158 -35.45 11.82 -21.83
N ILE T 159 -36.03 12.82 -21.17
CA ILE T 159 -35.95 12.94 -19.73
C ILE T 159 -36.72 11.79 -19.08
N THR T 160 -37.86 11.44 -19.66
CA THR T 160 -38.70 10.35 -19.17
C THR T 160 -37.92 9.04 -19.11
N ALA T 161 -37.14 8.76 -20.15
CA ALA T 161 -36.33 7.54 -20.22
C ALA T 161 -35.36 7.45 -19.04
N GLY T 162 -34.74 8.59 -18.71
CA GLY T 162 -33.81 8.63 -17.59
C GLY T 162 -34.52 8.44 -16.28
N ILE T 163 -35.71 9.03 -16.16
CA ILE T 163 -36.51 8.92 -14.95
C ILE T 163 -36.91 7.48 -14.65
N LEU T 164 -37.22 6.72 -15.68
CA LEU T 164 -37.65 5.33 -15.51
C LEU T 164 -36.52 4.30 -15.59
N GLY T 165 -35.42 4.64 -16.25
CA GLY T 165 -34.31 3.72 -16.40
C GLY T 165 -33.17 3.90 -15.41
N ASP T 166 -32.93 5.13 -14.99
CA ASP T 166 -31.87 5.43 -14.05
C ASP T 166 -32.41 5.56 -12.63
N LEU T 167 -31.79 4.86 -11.69
CA LEU T 167 -32.21 4.91 -10.29
C LEU T 167 -31.92 6.26 -9.65
N GLY T 168 -30.98 6.99 -10.21
CA GLY T 168 -30.60 8.29 -9.71
C GLY T 168 -31.57 9.40 -10.08
N SER T 169 -32.42 9.13 -11.07
CA SER T 169 -33.39 10.12 -11.52
C SER T 169 -34.80 9.69 -11.16
N GLY T 170 -35.73 10.64 -11.21
CA GLY T 170 -37.11 10.36 -10.89
C GLY T 170 -37.92 11.63 -10.69
N GLY T 171 -39.15 11.49 -10.20
CA GLY T 171 -40.01 12.62 -9.96
C GLY T 171 -40.66 13.16 -11.21
N SER T 172 -40.77 14.48 -11.30
CA SER T 172 -41.40 15.12 -12.45
C SER T 172 -40.38 15.50 -13.53
N VAL T 173 -40.89 16.06 -14.61
CA VAL T 173 -40.06 16.50 -15.72
C VAL T 173 -40.21 17.99 -15.91
N ASP T 174 -39.13 18.73 -15.74
CA ASP T 174 -39.15 20.16 -15.92
C ASP T 174 -38.60 20.49 -17.31
N ALA T 175 -39.17 21.52 -17.93
CA ALA T 175 -38.71 21.93 -19.25
C ALA T 175 -38.52 23.44 -19.31
N CYS T 176 -37.71 23.88 -20.26
CA CYS T 176 -37.44 25.29 -20.46
C CYS T 176 -37.32 25.57 -21.94
N VAL T 177 -38.24 26.37 -22.47
CA VAL T 177 -38.24 26.70 -23.89
C VAL T 177 -37.74 28.12 -24.10
N ILE T 178 -36.69 28.26 -24.91
CA ILE T 178 -36.14 29.58 -25.19
C ILE T 178 -36.11 29.86 -26.69
N THR T 179 -36.64 31.01 -27.07
CA THR T 179 -36.67 31.43 -28.47
C THR T 179 -36.25 32.89 -28.55
N GLY T 180 -36.31 33.45 -29.74
CA GLY T 180 -35.96 34.84 -29.94
C GLY T 180 -36.90 35.75 -29.18
N THR T 181 -38.19 35.40 -29.19
CA THR T 181 -39.20 36.18 -28.50
C THR T 181 -39.11 36.07 -26.98
N GLY T 182 -39.70 35.02 -26.43
CA GLY T 182 -39.69 34.83 -24.99
C GLY T 182 -39.09 33.55 -24.46
N ALA T 183 -39.25 33.34 -23.17
CA ALA T 183 -38.74 32.15 -22.49
C ALA T 183 -39.85 31.53 -21.65
N LYS T 184 -40.06 30.24 -21.82
CA LYS T 184 -41.10 29.54 -21.08
C LYS T 184 -40.52 28.52 -20.11
N LEU T 185 -40.43 28.90 -18.85
CA LEU T 185 -39.91 27.99 -17.82
C LEU T 185 -41.07 27.14 -17.34
N LEU T 186 -41.16 25.93 -17.86
CA LEU T 186 -42.25 25.03 -17.50
C LEU T 186 -41.90 24.08 -16.36
N ARG T 187 -41.87 24.62 -15.14
CA ARG T 187 -41.58 23.78 -13.98
C ARG T 187 -42.74 22.82 -13.90
N THR T 188 -42.41 21.53 -13.93
CA THR T 188 -43.39 20.44 -13.94
C THR T 188 -44.21 20.47 -15.24
N LEU T 189 -43.60 19.95 -16.28
CA LEU T 189 -44.22 19.86 -17.60
C LEU T 189 -45.04 18.57 -17.63
N SER T 190 -44.59 17.58 -16.90
CA SER T 190 -45.27 16.30 -16.80
C SER T 190 -44.97 15.65 -15.45
N SER T 191 -45.97 15.01 -14.88
CA SER T 191 -45.83 14.33 -13.60
C SER T 191 -46.16 12.87 -13.83
N PRO T 192 -45.19 12.11 -14.36
CA PRO T 192 -45.36 10.70 -14.70
C PRO T 192 -45.42 9.75 -13.50
N THR T 193 -45.04 10.22 -12.31
CA THR T 193 -45.07 9.36 -11.13
C THR T 193 -45.72 10.02 -9.91
N LYS T 194 -46.35 9.20 -9.08
CA LYS T 194 -47.00 9.67 -7.86
C LYS T 194 -47.12 8.49 -6.90
N PRO T 195 -47.34 8.76 -5.61
CA PRO T 195 -47.48 7.70 -4.61
C PRO T 195 -48.89 7.11 -4.55
N THR T 196 -49.11 6.18 -3.63
CA THR T 196 -50.43 5.54 -3.48
C THR T 196 -51.46 6.45 -2.82
N GLU T 197 -52.72 6.04 -2.85
CA GLU T 197 -53.81 6.81 -2.28
C GLU T 197 -54.10 6.51 -0.81
N ARG T 198 -53.19 5.78 -0.16
CA ARG T 198 -53.25 5.37 1.25
C ARG T 198 -54.41 4.43 1.62
N PRO T 199 -54.12 3.12 1.65
CA PRO T 199 -55.12 2.08 1.99
C PRO T 199 -55.54 2.14 3.46
N SER T 200 -54.55 2.14 4.36
CA SER T 200 -54.84 2.18 5.78
C SER T 200 -54.62 3.58 6.34
N GLN T 201 -54.63 3.71 7.66
CA GLN T 201 -54.43 5.01 8.30
C GLN T 201 -54.00 4.85 9.76
N TYR T 202 -53.25 5.83 10.24
CA TYR T 202 -52.78 5.86 11.61
C TYR T 202 -52.65 7.30 12.06
N TYR T 203 -53.19 7.62 13.23
CA TYR T 203 -53.13 8.97 13.77
C TYR T 203 -52.94 8.96 15.28
N PHE T 204 -52.52 10.11 15.81
CA PHE T 204 -52.29 10.26 17.24
C PHE T 204 -53.21 11.36 17.77
N ALA T 205 -53.60 11.24 19.04
CA ALA T 205 -54.49 12.23 19.65
C ALA T 205 -53.72 13.39 20.27
N PRO T 206 -54.38 14.14 21.16
CA PRO T 206 -53.76 15.29 21.84
C PRO T 206 -53.12 14.93 23.17
N GLY T 207 -52.50 13.76 23.25
CA GLY T 207 -51.87 13.31 24.48
C GLY T 207 -51.32 11.90 24.35
N THR T 208 -50.93 11.52 23.13
CA THR T 208 -50.38 10.20 22.88
C THR T 208 -48.89 10.14 23.21
N THR T 209 -48.29 11.32 23.34
CA THR T 209 -46.87 11.41 23.65
C THR T 209 -46.66 11.87 25.08
N ALA T 210 -45.96 11.07 25.87
CA ALA T 210 -45.67 11.41 27.26
C ALA T 210 -44.68 12.56 27.29
N VAL T 211 -45.04 13.64 27.98
CA VAL T 211 -44.20 14.82 28.08
C VAL T 211 -43.55 14.95 29.46
N GLN T 212 -42.25 15.21 29.48
CA GLN T 212 -41.51 15.36 30.73
C GLN T 212 -41.59 16.79 31.27
N SER T 213 -41.29 17.76 30.41
CA SER T 213 -41.33 19.16 30.82
C SER T 213 -41.88 20.05 29.71
N GLN T 214 -42.41 21.20 30.09
CA GLN T 214 -42.97 22.13 29.12
C GLN T 214 -42.65 23.58 29.46
N THR T 215 -42.44 24.37 28.43
CA THR T 215 -42.13 25.79 28.58
C THR T 215 -42.74 26.59 27.44
N VAL T 216 -43.71 27.44 27.78
CA VAL T 216 -44.38 28.27 26.79
C VAL T 216 -43.95 29.73 26.86
N LYS T 217 -43.50 30.26 25.73
CA LYS T 217 -43.06 31.66 25.66
C LYS T 217 -43.91 32.45 24.67
N PRO T 218 -44.76 33.33 25.17
CA PRO T 218 -45.62 34.17 24.33
C PRO T 218 -44.82 35.26 23.61
N LEU T 219 -45.20 35.55 22.38
CA LEU T 219 -44.52 36.57 21.59
C LEU T 219 -45.40 37.78 21.37
N THR U 46 -12.73 -15.69 -16.04
CA THR U 46 -11.31 -15.59 -15.78
C THR U 46 -11.00 -14.41 -14.86
N GLN U 47 -9.74 -14.23 -14.50
CA GLN U 47 -9.36 -13.12 -13.64
C GLN U 47 -9.30 -11.84 -14.46
N ASN U 48 -8.64 -11.90 -15.61
CA ASN U 48 -8.53 -10.74 -16.49
C ASN U 48 -8.95 -11.09 -17.91
N PRO U 49 -10.15 -10.62 -18.31
CA PRO U 49 -10.64 -10.91 -19.66
C PRO U 49 -9.73 -10.31 -20.73
N MET U 50 -9.41 -11.08 -21.76
CA MET U 50 -8.55 -10.61 -22.84
C MET U 50 -9.38 -10.00 -23.96
N VAL U 51 -9.78 -10.84 -24.91
CA VAL U 51 -10.61 -10.39 -26.02
C VAL U 51 -12.05 -10.46 -25.56
N THR U 52 -12.77 -9.35 -25.64
CA THR U 52 -14.15 -9.31 -25.20
C THR U 52 -15.14 -8.77 -26.22
N GLY U 53 -16.38 -9.19 -26.11
CA GLY U 53 -17.44 -8.75 -26.98
C GLY U 53 -18.28 -7.77 -26.18
N THR U 54 -18.89 -6.81 -26.87
CA THR U 54 -19.73 -5.82 -26.20
C THR U 54 -21.18 -6.27 -25.99
N SER U 55 -22.12 -5.32 -26.04
CA SER U 55 -23.55 -5.58 -25.83
C SER U 55 -24.20 -6.69 -26.66
N VAL U 56 -25.27 -7.25 -26.09
CA VAL U 56 -26.07 -8.29 -26.72
C VAL U 56 -27.52 -7.89 -26.49
N LEU U 57 -28.32 -7.86 -27.55
CA LEU U 57 -29.72 -7.48 -27.42
C LEU U 57 -30.65 -8.69 -27.51
N GLY U 58 -31.78 -8.60 -26.84
CA GLY U 58 -32.76 -9.68 -26.84
C GLY U 58 -34.16 -9.12 -26.69
N VAL U 59 -35.04 -9.45 -27.65
CA VAL U 59 -36.42 -8.99 -27.63
C VAL U 59 -37.39 -10.14 -27.89
N LYS U 60 -38.42 -10.25 -27.06
CA LYS U 60 -39.43 -11.28 -27.21
C LYS U 60 -40.55 -10.76 -28.12
N PHE U 61 -41.03 -11.60 -29.03
CA PHE U 61 -42.11 -11.21 -29.92
C PHE U 61 -43.16 -12.30 -30.03
N GLU U 62 -44.24 -12.01 -30.77
CA GLU U 62 -45.31 -12.98 -30.93
C GLU U 62 -44.89 -14.23 -31.70
N GLY U 63 -44.56 -15.29 -30.98
CA GLY U 63 -44.16 -16.54 -31.59
C GLY U 63 -42.66 -16.69 -31.83
N GLY U 64 -41.85 -16.06 -30.99
CA GLY U 64 -40.41 -16.15 -31.15
C GLY U 64 -39.60 -15.16 -30.36
N VAL U 65 -38.28 -15.25 -30.48
CA VAL U 65 -37.35 -14.37 -29.78
C VAL U 65 -36.27 -13.90 -30.76
N VAL U 66 -35.95 -12.61 -30.73
CA VAL U 66 -34.91 -12.07 -31.60
C VAL U 66 -33.69 -11.62 -30.79
N ILE U 67 -32.50 -11.99 -31.24
CA ILE U 67 -31.27 -11.62 -30.54
C ILE U 67 -30.23 -11.05 -31.52
N ALA U 68 -29.62 -9.93 -31.14
CA ALA U 68 -28.61 -9.30 -31.98
C ALA U 68 -27.31 -9.02 -31.22
N ALA U 69 -26.20 -9.06 -31.95
CA ALA U 69 -24.87 -8.79 -31.39
C ALA U 69 -23.90 -8.49 -32.52
N ASP U 70 -22.97 -7.57 -32.29
CA ASP U 70 -21.99 -7.26 -33.32
C ASP U 70 -20.91 -8.34 -33.41
N MET U 71 -20.18 -8.37 -34.51
CA MET U 71 -19.17 -9.39 -34.73
C MET U 71 -17.74 -8.94 -34.41
N LEU U 72 -17.57 -8.23 -33.30
CA LEU U 72 -16.27 -7.71 -32.91
C LEU U 72 -15.66 -8.32 -31.66
N GLY U 73 -14.38 -8.61 -31.74
CA GLY U 73 -13.62 -9.16 -30.63
C GLY U 73 -12.61 -8.07 -30.29
N SER U 74 -12.87 -7.36 -29.21
CA SER U 74 -12.01 -6.26 -28.80
C SER U 74 -10.87 -6.66 -27.85
N TYR U 75 -9.73 -6.02 -28.04
CA TYR U 75 -8.56 -6.24 -27.21
C TYR U 75 -8.27 -4.87 -26.62
N GLY U 76 -8.91 -4.59 -25.49
CA GLY U 76 -8.77 -3.29 -24.85
C GLY U 76 -9.65 -2.36 -25.67
N SER U 77 -9.07 -1.28 -26.17
CA SER U 77 -9.83 -0.33 -26.98
C SER U 77 -9.62 -0.61 -28.46
N LEU U 78 -8.81 -1.61 -28.78
CA LEU U 78 -8.51 -1.96 -30.15
C LEU U 78 -9.45 -3.01 -30.73
N ALA U 79 -10.03 -2.71 -31.88
CA ALA U 79 -10.94 -3.63 -32.56
C ALA U 79 -10.06 -4.64 -33.29
N ARG U 80 -9.67 -5.69 -32.59
CA ARG U 80 -8.78 -6.71 -33.14
C ARG U 80 -9.42 -7.71 -34.11
N PHE U 81 -10.43 -8.44 -33.64
CA PHE U 81 -11.11 -9.41 -34.48
C PHE U 81 -12.50 -8.90 -34.85
N ARG U 82 -12.61 -8.34 -36.05
CA ARG U 82 -13.86 -7.74 -36.52
C ARG U 82 -14.85 -8.66 -37.22
N ASN U 83 -14.57 -9.95 -37.27
CA ASN U 83 -15.49 -10.88 -37.93
C ASN U 83 -15.74 -12.16 -37.13
N ILE U 84 -16.04 -12.01 -35.85
CA ILE U 84 -16.30 -13.16 -35.00
C ILE U 84 -17.76 -13.20 -34.55
N SER U 85 -18.35 -14.39 -34.59
CA SER U 85 -19.74 -14.58 -34.19
C SER U 85 -19.87 -14.76 -32.68
N ARG U 86 -20.72 -13.96 -32.07
CA ARG U 86 -20.94 -14.03 -30.62
C ARG U 86 -22.31 -14.62 -30.30
N ILE U 87 -22.95 -15.20 -31.31
CA ILE U 87 -24.26 -15.83 -31.16
C ILE U 87 -24.14 -17.30 -31.52
N MET U 88 -24.64 -18.17 -30.66
CA MET U 88 -24.56 -19.60 -30.91
C MET U 88 -25.92 -20.29 -30.83
N ARG U 89 -26.20 -21.19 -31.78
CA ARG U 89 -27.44 -21.94 -31.75
C ARG U 89 -27.19 -23.16 -30.86
N VAL U 90 -27.93 -23.26 -29.77
CA VAL U 90 -27.77 -24.37 -28.84
C VAL U 90 -28.45 -25.61 -29.41
N ASN U 91 -29.76 -25.53 -29.61
CA ASN U 91 -30.52 -26.62 -30.21
C ASN U 91 -31.62 -26.03 -31.08
N ASP U 92 -32.63 -26.82 -31.41
CA ASP U 92 -33.73 -26.36 -32.26
C ASP U 92 -34.57 -25.21 -31.70
N SER U 93 -34.65 -25.11 -30.37
CA SER U 93 -35.45 -24.07 -29.74
C SER U 93 -34.64 -23.06 -28.90
N THR U 94 -33.33 -23.23 -28.85
CA THR U 94 -32.50 -22.34 -28.04
C THR U 94 -31.30 -21.73 -28.74
N MET U 95 -31.11 -20.43 -28.54
CA MET U 95 -29.99 -19.70 -29.09
C MET U 95 -29.33 -18.92 -27.96
N LEU U 96 -28.06 -18.60 -28.11
CA LEU U 96 -27.34 -17.89 -27.06
C LEU U 96 -26.38 -16.83 -27.60
N GLY U 97 -26.45 -15.64 -27.02
CA GLY U 97 -25.57 -14.54 -27.39
C GLY U 97 -24.71 -14.24 -26.18
N ALA U 98 -23.41 -14.03 -26.38
CA ALA U 98 -22.54 -13.78 -25.25
C ALA U 98 -21.66 -12.53 -25.38
N SER U 99 -21.56 -11.82 -24.28
CA SER U 99 -20.72 -10.63 -24.19
C SER U 99 -19.58 -10.96 -23.22
N GLY U 100 -18.48 -10.22 -23.32
CA GLY U 100 -17.36 -10.46 -22.44
C GLY U 100 -16.25 -11.27 -23.09
N ASP U 101 -15.47 -11.93 -22.26
CA ASP U 101 -14.34 -12.74 -22.70
C ASP U 101 -14.68 -13.81 -23.74
N TYR U 102 -14.20 -13.60 -24.95
CA TYR U 102 -14.47 -14.52 -26.06
C TYR U 102 -13.97 -15.95 -25.84
N ALA U 103 -12.82 -16.11 -25.22
CA ALA U 103 -12.26 -17.44 -24.96
C ALA U 103 -13.17 -18.24 -24.02
N ASP U 104 -13.74 -17.56 -23.03
CA ASP U 104 -14.65 -18.21 -22.09
C ASP U 104 -15.95 -18.57 -22.81
N PHE U 105 -16.36 -17.71 -23.74
CA PHE U 105 -17.56 -17.95 -24.52
C PHE U 105 -17.38 -19.16 -25.42
N GLN U 106 -16.17 -19.30 -25.97
CA GLN U 106 -15.87 -20.44 -26.84
C GLN U 106 -15.83 -21.73 -26.02
N TYR U 107 -15.37 -21.63 -24.78
CA TYR U 107 -15.32 -22.79 -23.90
C TYR U 107 -16.73 -23.25 -23.53
N LEU U 108 -17.60 -22.29 -23.24
CA LEU U 108 -18.98 -22.60 -22.88
C LEU U 108 -19.70 -23.18 -24.09
N LYS U 109 -19.40 -22.64 -25.26
CA LYS U 109 -19.99 -23.09 -26.50
C LYS U 109 -19.64 -24.55 -26.75
N GLN U 110 -18.38 -24.89 -26.50
CA GLN U 110 -17.91 -26.26 -26.68
C GLN U 110 -18.58 -27.21 -25.68
N VAL U 111 -18.73 -26.75 -24.45
CA VAL U 111 -19.35 -27.56 -23.40
C VAL U 111 -20.85 -27.70 -23.61
N LEU U 112 -21.48 -26.65 -24.11
CA LEU U 112 -22.92 -26.66 -24.37
C LEU U 112 -23.21 -27.50 -25.60
N GLY U 113 -22.36 -27.37 -26.61
CA GLY U 113 -22.51 -28.12 -27.85
C GLY U 113 -22.43 -29.61 -27.62
N GLN U 114 -21.52 -30.02 -26.75
CA GLN U 114 -21.34 -31.44 -26.44
C GLN U 114 -22.55 -31.96 -25.67
N MET U 115 -23.09 -31.14 -24.78
CA MET U 115 -24.26 -31.52 -23.99
C MET U 115 -25.45 -31.81 -24.90
N VAL U 116 -25.66 -30.92 -25.86
CA VAL U 116 -26.76 -31.07 -26.81
C VAL U 116 -26.56 -32.32 -27.65
N ILE U 117 -25.31 -32.60 -27.98
CA ILE U 117 -24.99 -33.78 -28.77
C ILE U 117 -25.21 -35.03 -27.93
N ASP U 118 -24.71 -35.01 -26.71
CA ASP U 118 -24.84 -36.14 -25.80
C ASP U 118 -26.29 -36.56 -25.60
N GLU U 119 -27.14 -35.58 -25.35
CA GLU U 119 -28.56 -35.83 -25.14
C GLU U 119 -29.25 -36.33 -26.40
N GLU U 120 -28.79 -35.86 -27.55
CA GLU U 120 -29.36 -36.27 -28.83
C GLU U 120 -29.01 -37.71 -29.20
N LEU U 121 -27.91 -38.23 -28.65
CA LEU U 121 -27.49 -39.60 -28.89
C LEU U 121 -28.52 -40.56 -28.29
N LEU U 122 -29.04 -40.21 -27.13
CA LEU U 122 -30.02 -41.02 -26.42
C LEU U 122 -31.27 -41.25 -27.27
N GLY U 123 -31.75 -40.19 -27.91
CA GLY U 123 -32.94 -40.26 -28.74
C GLY U 123 -34.10 -40.86 -28.00
N ASP U 124 -34.43 -40.29 -26.84
CA ASP U 124 -35.53 -40.79 -26.02
C ASP U 124 -36.72 -39.85 -25.99
N GLY U 125 -36.72 -38.85 -26.85
CA GLY U 125 -37.81 -37.90 -26.93
C GLY U 125 -37.72 -36.76 -25.95
N HIS U 126 -36.62 -36.70 -25.20
CA HIS U 126 -36.42 -35.63 -24.23
C HIS U 126 -35.30 -34.74 -24.69
N SER U 127 -35.54 -33.43 -24.70
CA SER U 127 -34.51 -32.49 -25.13
C SER U 127 -34.53 -31.25 -24.24
N TYR U 128 -33.35 -30.69 -24.01
CA TYR U 128 -33.22 -29.51 -23.17
C TYR U 128 -34.06 -28.36 -23.71
N SER U 129 -34.84 -27.75 -22.82
CA SER U 129 -35.66 -26.62 -23.19
C SER U 129 -34.89 -25.34 -22.93
N PRO U 130 -35.39 -24.20 -23.42
CA PRO U 130 -34.72 -22.93 -23.18
C PRO U 130 -34.51 -22.67 -21.68
N ARG U 131 -35.55 -22.90 -20.89
CA ARG U 131 -35.48 -22.72 -19.44
C ARG U 131 -34.42 -23.61 -18.82
N ALA U 132 -34.35 -24.86 -19.26
CA ALA U 132 -33.38 -25.82 -18.73
C ALA U 132 -31.94 -25.39 -19.04
N ILE U 133 -31.74 -24.79 -20.21
CA ILE U 133 -30.42 -24.32 -20.59
C ILE U 133 -30.06 -23.11 -19.75
N HIS U 134 -31.04 -22.24 -19.53
CA HIS U 134 -30.85 -21.04 -18.72
C HIS U 134 -30.48 -21.44 -17.29
N SER U 135 -31.16 -22.45 -16.76
CA SER U 135 -30.91 -22.94 -15.42
C SER U 135 -29.50 -23.51 -15.31
N TRP U 136 -29.12 -24.34 -16.28
CA TRP U 136 -27.79 -24.95 -16.29
C TRP U 136 -26.71 -23.88 -16.31
N LEU U 137 -26.87 -22.90 -17.20
CA LEU U 137 -25.91 -21.81 -17.31
C LEU U 137 -25.79 -21.08 -15.98
N THR U 138 -26.92 -20.79 -15.36
CA THR U 138 -26.93 -20.09 -14.08
C THR U 138 -26.09 -20.85 -13.05
N ARG U 139 -26.30 -22.15 -12.96
CA ARG U 139 -25.55 -22.97 -12.02
C ARG U 139 -24.07 -23.01 -12.37
N ALA U 140 -23.76 -23.14 -13.65
CA ALA U 140 -22.36 -23.18 -14.08
C ALA U 140 -21.62 -21.90 -13.71
N MET U 141 -22.20 -20.76 -14.03
CA MET U 141 -21.58 -19.48 -13.72
C MET U 141 -21.42 -19.30 -12.21
N TYR U 142 -22.47 -19.61 -11.46
CA TYR U 142 -22.42 -19.47 -10.01
C TYR U 142 -21.34 -20.34 -9.37
N SER U 143 -21.19 -21.58 -9.83
CA SER U 143 -20.18 -22.47 -9.29
C SER U 143 -18.78 -21.90 -9.51
N ARG U 144 -18.55 -21.38 -10.71
CA ARG U 144 -17.26 -20.79 -11.05
C ARG U 144 -17.00 -19.53 -10.22
N ARG U 145 -18.05 -18.75 -9.99
CA ARG U 145 -17.95 -17.54 -9.20
C ARG U 145 -17.63 -17.85 -7.73
N SER U 146 -18.16 -18.97 -7.25
CA SER U 146 -17.93 -19.42 -5.87
C SER U 146 -16.53 -19.97 -5.63
N LYS U 147 -15.84 -20.34 -6.70
CA LYS U 147 -14.47 -20.83 -6.61
C LYS U 147 -13.48 -19.70 -6.87
N MET U 148 -14.00 -18.47 -6.97
CA MET U 148 -13.22 -17.26 -7.27
C MET U 148 -12.45 -17.38 -8.60
N ASN U 149 -13.10 -17.99 -9.58
CA ASN U 149 -12.52 -18.21 -10.90
C ASN U 149 -13.70 -18.25 -11.85
N PRO U 150 -14.33 -17.10 -12.04
CA PRO U 150 -15.52 -16.98 -12.88
C PRO U 150 -15.26 -17.07 -14.37
N LEU U 151 -16.35 -17.21 -15.12
CA LEU U 151 -16.29 -17.23 -16.56
C LEU U 151 -16.78 -15.83 -16.88
N TRP U 152 -15.86 -14.97 -17.30
CA TRP U 152 -16.17 -13.57 -17.59
C TRP U 152 -17.10 -13.34 -18.79
N ASN U 153 -18.39 -13.62 -18.62
CA ASN U 153 -19.37 -13.45 -19.69
C ASN U 153 -20.72 -13.03 -19.12
N THR U 154 -21.48 -12.32 -19.95
CA THR U 154 -22.84 -11.91 -19.61
C THR U 154 -23.63 -12.44 -20.78
N MET U 155 -24.46 -13.44 -20.54
CA MET U 155 -25.22 -14.08 -21.63
C MET U 155 -26.72 -13.86 -21.68
N VAL U 156 -27.24 -13.94 -22.88
CA VAL U 156 -28.66 -13.79 -23.15
C VAL U 156 -29.13 -15.08 -23.81
N ILE U 157 -30.16 -15.69 -23.23
CA ILE U 157 -30.69 -16.93 -23.79
C ILE U 157 -32.04 -16.69 -24.45
N GLY U 158 -32.16 -17.09 -25.71
CA GLY U 158 -33.39 -16.94 -26.45
C GLY U 158 -33.91 -18.31 -26.82
N GLY U 159 -35.22 -18.48 -26.79
CA GLY U 159 -35.79 -19.77 -27.14
C GLY U 159 -37.29 -19.76 -27.35
N TYR U 160 -37.78 -20.84 -27.94
CA TYR U 160 -39.20 -21.00 -28.21
C TYR U 160 -39.58 -22.47 -28.10
N ALA U 161 -40.40 -22.79 -27.09
CA ALA U 161 -40.85 -24.15 -26.87
C ALA U 161 -42.29 -24.16 -26.41
N ASP U 162 -43.07 -25.12 -26.93
CA ASP U 162 -44.48 -25.28 -26.60
C ASP U 162 -45.28 -23.98 -26.74
N GLY U 163 -45.07 -23.27 -27.85
CA GLY U 163 -45.76 -22.02 -28.11
C GLY U 163 -45.53 -20.96 -27.05
N GLU U 164 -44.31 -20.89 -26.54
CA GLU U 164 -43.96 -19.93 -25.51
C GLU U 164 -42.52 -19.47 -25.69
N SER U 165 -42.33 -18.17 -25.80
CA SER U 165 -40.99 -17.62 -25.99
C SER U 165 -40.26 -17.46 -24.66
N PHE U 166 -38.95 -17.67 -24.67
CA PHE U 166 -38.14 -17.55 -23.46
C PHE U 166 -36.98 -16.60 -23.69
N LEU U 167 -36.76 -15.71 -22.74
CA LEU U 167 -35.66 -14.74 -22.81
C LEU U 167 -35.01 -14.60 -21.44
N GLY U 168 -33.87 -15.24 -21.25
CA GLY U 168 -33.17 -15.20 -19.98
C GLY U 168 -31.80 -14.57 -19.96
N TYR U 169 -31.48 -13.94 -18.84
CA TYR U 169 -30.20 -13.27 -18.64
C TYR U 169 -29.37 -14.04 -17.61
N VAL U 170 -28.08 -14.23 -17.87
CA VAL U 170 -27.20 -14.90 -16.92
C VAL U 170 -25.85 -14.20 -16.88
N ASP U 171 -25.52 -13.57 -15.76
CA ASP U 171 -24.22 -12.90 -15.66
C ASP U 171 -23.15 -13.78 -15.00
N MET U 172 -21.92 -13.28 -14.96
CA MET U 172 -20.80 -14.04 -14.40
C MET U 172 -20.87 -14.33 -12.91
N LEU U 173 -21.60 -13.52 -12.16
CA LEU U 173 -21.75 -13.72 -10.73
C LEU U 173 -22.80 -14.77 -10.38
N GLY U 174 -23.61 -15.13 -11.36
CA GLY U 174 -24.67 -16.10 -11.15
C GLY U 174 -26.03 -15.45 -11.11
N VAL U 175 -26.05 -14.13 -11.25
CA VAL U 175 -27.30 -13.39 -11.24
C VAL U 175 -28.09 -13.75 -12.50
N ALA U 176 -29.25 -14.38 -12.32
CA ALA U 176 -30.07 -14.78 -13.46
C ALA U 176 -31.53 -14.41 -13.28
N TYR U 177 -32.17 -14.05 -14.38
CA TYR U 177 -33.58 -13.67 -14.40
C TYR U 177 -34.09 -13.68 -15.83
N GLU U 178 -35.37 -13.43 -16.01
CA GLU U 178 -35.95 -13.38 -17.35
C GLU U 178 -36.87 -12.18 -17.51
N ALA U 179 -36.94 -11.66 -18.73
CA ALA U 179 -37.77 -10.50 -19.02
C ALA U 179 -38.17 -10.48 -20.48
N PRO U 180 -39.05 -9.52 -20.86
CA PRO U 180 -39.54 -9.35 -22.23
C PRO U 180 -38.46 -8.85 -23.19
N SER U 181 -37.45 -8.18 -22.65
CA SER U 181 -36.33 -7.67 -23.46
C SER U 181 -35.08 -7.56 -22.59
N LEU U 182 -33.92 -7.78 -23.20
CA LEU U 182 -32.65 -7.71 -22.49
C LEU U 182 -31.57 -6.99 -23.28
N ALA U 183 -30.55 -6.53 -22.56
CA ALA U 183 -29.42 -5.83 -23.16
C ALA U 183 -28.24 -5.83 -22.19
N THR U 184 -27.16 -6.51 -22.54
CA THR U 184 -26.00 -6.59 -21.66
C THR U 184 -25.02 -5.43 -21.85
N GLY U 185 -24.08 -5.32 -20.92
CA GLY U 185 -23.05 -4.29 -20.96
C GLY U 185 -23.57 -2.88 -21.16
N TYR U 186 -23.14 -2.24 -22.25
CA TYR U 186 -23.54 -0.87 -22.56
C TYR U 186 -24.95 -0.75 -23.11
N GLY U 187 -25.53 -1.86 -23.54
CA GLY U 187 -26.89 -1.92 -24.04
C GLY U 187 -27.92 -1.64 -22.96
N ALA U 188 -27.60 -1.98 -21.72
CA ALA U 188 -28.49 -1.73 -20.58
C ALA U 188 -28.82 -0.24 -20.39
N TYR U 189 -27.86 0.64 -20.67
CA TYR U 189 -28.06 2.07 -20.54
C TYR U 189 -28.44 2.74 -21.86
N LEU U 190 -28.06 2.15 -22.99
CA LEU U 190 -28.35 2.74 -24.29
C LEU U 190 -29.46 2.07 -25.10
N ALA U 191 -29.56 0.75 -25.04
CA ALA U 191 -30.57 0.02 -25.80
C ALA U 191 -31.80 -0.37 -24.99
N GLN U 192 -31.57 -0.83 -23.76
CA GLN U 192 -32.66 -1.26 -22.88
C GLN U 192 -33.75 -0.20 -22.73
N PRO U 193 -33.37 1.07 -22.53
CA PRO U 193 -34.38 2.13 -22.40
C PRO U 193 -35.28 2.27 -23.63
N LEU U 194 -34.74 2.06 -24.82
CA LEU U 194 -35.52 2.16 -26.04
C LEU U 194 -36.48 0.97 -26.16
N LEU U 195 -35.99 -0.20 -25.77
CA LEU U 195 -36.79 -1.42 -25.81
C LEU U 195 -37.96 -1.34 -24.83
N ARG U 196 -37.68 -0.89 -23.61
CA ARG U 196 -38.72 -0.76 -22.59
C ARG U 196 -39.77 0.27 -22.95
N GLU U 197 -39.35 1.34 -23.62
CA GLU U 197 -40.26 2.39 -24.05
C GLU U 197 -41.31 1.84 -25.02
N VAL U 198 -40.85 0.99 -25.93
CA VAL U 198 -41.73 0.39 -26.93
C VAL U 198 -42.59 -0.72 -26.33
N LEU U 199 -42.08 -1.41 -25.33
CA LEU U 199 -42.83 -2.48 -24.68
C LEU U 199 -43.85 -1.93 -23.70
N GLU U 200 -43.64 -0.69 -23.26
CA GLU U 200 -44.55 -0.04 -22.33
C GLU U 200 -45.84 0.38 -23.05
N LYS U 201 -45.73 0.68 -24.34
CA LYS U 201 -46.87 1.10 -25.13
C LYS U 201 -47.48 -0.06 -25.92
N GLN U 202 -46.66 -1.04 -26.26
CA GLN U 202 -47.14 -2.21 -27.00
C GLN U 202 -46.44 -3.46 -26.51
N PRO U 203 -46.95 -4.05 -25.42
CA PRO U 203 -46.41 -5.25 -24.78
C PRO U 203 -46.12 -6.41 -25.74
N VAL U 204 -47.02 -6.65 -26.70
CA VAL U 204 -46.83 -7.72 -27.66
C VAL U 204 -46.67 -7.16 -29.07
N LEU U 205 -45.49 -7.37 -29.66
CA LEU U 205 -45.24 -6.91 -31.02
C LEU U 205 -44.93 -8.10 -31.91
N SER U 206 -44.98 -7.89 -33.21
CA SER U 206 -44.72 -8.95 -34.18
C SER U 206 -43.24 -9.15 -34.45
N GLN U 207 -42.94 -10.07 -35.36
CA GLN U 207 -41.56 -10.35 -35.72
C GLN U 207 -40.91 -9.17 -36.43
N THR U 208 -41.66 -8.55 -37.34
CA THR U 208 -41.17 -7.40 -38.08
C THR U 208 -40.91 -6.21 -37.16
N GLU U 209 -41.88 -5.91 -36.30
CA GLU U 209 -41.75 -4.82 -35.36
C GLU U 209 -40.56 -5.02 -34.43
N ALA U 210 -40.38 -6.25 -33.96
CA ALA U 210 -39.26 -6.57 -33.07
C ALA U 210 -37.93 -6.51 -33.81
N ARG U 211 -37.96 -6.84 -35.10
CA ARG U 211 -36.76 -6.80 -35.92
C ARG U 211 -36.36 -5.35 -36.17
N GLU U 212 -37.33 -4.53 -36.52
CA GLU U 212 -37.10 -3.11 -36.78
C GLU U 212 -36.60 -2.39 -35.53
N LEU U 213 -37.14 -2.76 -34.38
CA LEU U 213 -36.75 -2.17 -33.10
C LEU U 213 -35.31 -2.54 -32.78
N VAL U 214 -34.97 -3.81 -33.01
CA VAL U 214 -33.62 -4.30 -32.74
C VAL U 214 -32.58 -3.61 -33.60
N GLU U 215 -32.94 -3.31 -34.85
CA GLU U 215 -32.03 -2.62 -35.77
C GLU U 215 -31.85 -1.17 -35.35
N ARG U 216 -32.89 -0.58 -34.77
CA ARG U 216 -32.83 0.79 -34.31
C ARG U 216 -31.85 0.90 -33.13
N CYS U 217 -31.86 -0.11 -32.28
CA CYS U 217 -30.97 -0.15 -31.12
C CYS U 217 -29.52 -0.35 -31.54
N MET U 218 -29.30 -1.20 -32.54
CA MET U 218 -27.95 -1.47 -33.03
C MET U 218 -27.31 -0.19 -33.57
N ARG U 219 -28.10 0.61 -34.29
CA ARG U 219 -27.61 1.87 -34.83
C ARG U 219 -27.20 2.82 -33.70
N VAL U 220 -28.02 2.89 -32.66
CA VAL U 220 -27.72 3.75 -31.52
C VAL U 220 -26.48 3.27 -30.77
N LEU U 221 -26.32 1.94 -30.70
CA LEU U 221 -25.17 1.36 -30.01
C LEU U 221 -23.87 1.67 -30.74
N TYR U 222 -23.93 1.66 -32.07
CA TYR U 222 -22.76 1.93 -32.88
C TYR U 222 -22.33 3.40 -32.75
N TYR U 223 -23.32 4.26 -32.56
CA TYR U 223 -23.11 5.70 -32.39
C TYR U 223 -22.50 6.07 -31.04
N ARG U 224 -23.01 5.47 -29.98
CA ARG U 224 -22.57 5.82 -28.63
C ARG U 224 -21.61 4.86 -27.92
N ASP U 225 -21.47 3.64 -28.42
CA ASP U 225 -20.57 2.69 -27.78
C ASP U 225 -19.23 2.64 -28.51
N ALA U 226 -18.16 2.96 -27.79
CA ALA U 226 -16.81 2.98 -28.35
C ALA U 226 -16.18 1.61 -28.58
N ARG U 227 -16.79 0.56 -28.03
CA ARG U 227 -16.29 -0.79 -28.19
C ARG U 227 -17.16 -1.55 -29.17
N SER U 228 -18.05 -0.84 -29.86
CA SER U 228 -18.94 -1.48 -30.83
C SER U 228 -18.42 -1.44 -32.27
N TYR U 229 -19.01 -2.26 -33.12
CA TYR U 229 -18.62 -2.32 -34.52
C TYR U 229 -19.89 -2.36 -35.36
N ASN U 230 -19.84 -1.81 -36.57
CA ASN U 230 -21.02 -1.79 -37.44
C ASN U 230 -21.14 -3.02 -38.34
N ARG U 231 -21.12 -4.20 -37.72
CA ARG U 231 -21.23 -5.46 -38.41
C ARG U 231 -21.85 -6.39 -37.38
N PHE U 232 -23.15 -6.59 -37.45
CA PHE U 232 -23.83 -7.43 -36.48
C PHE U 232 -24.60 -8.60 -37.07
N GLN U 233 -25.01 -9.50 -36.19
CA GLN U 233 -25.77 -10.66 -36.55
C GLN U 233 -27.12 -10.61 -35.85
N ILE U 234 -28.16 -11.10 -36.50
CA ILE U 234 -29.48 -11.12 -35.90
C ILE U 234 -30.00 -12.54 -35.89
N ALA U 235 -30.12 -13.11 -34.70
CA ALA U 235 -30.60 -14.48 -34.55
C ALA U 235 -32.07 -14.49 -34.14
N THR U 236 -32.85 -15.32 -34.80
CA THR U 236 -34.27 -15.42 -34.51
C THR U 236 -34.68 -16.87 -34.26
N VAL U 237 -35.43 -17.08 -33.19
CA VAL U 237 -35.91 -18.42 -32.87
C VAL U 237 -37.43 -18.41 -32.92
N THR U 238 -37.99 -19.36 -33.65
CA THR U 238 -39.44 -19.48 -33.77
C THR U 238 -39.78 -20.95 -33.66
N GLU U 239 -40.92 -21.34 -34.20
CA GLU U 239 -41.33 -22.74 -34.17
C GLU U 239 -40.58 -23.53 -35.24
N LYS U 240 -40.15 -22.83 -36.29
CA LYS U 240 -39.40 -23.44 -37.37
C LYS U 240 -37.98 -23.81 -36.94
N GLY U 241 -37.44 -23.07 -35.98
CA GLY U 241 -36.10 -23.33 -35.49
C GLY U 241 -35.29 -22.08 -35.23
N VAL U 242 -33.97 -22.23 -35.23
CA VAL U 242 -33.08 -21.12 -34.99
C VAL U 242 -32.44 -20.65 -36.30
N GLU U 243 -32.59 -19.37 -36.62
CA GLU U 243 -32.04 -18.81 -37.83
C GLU U 243 -31.07 -17.67 -37.49
N ILE U 244 -29.87 -17.75 -38.03
CA ILE U 244 -28.85 -16.73 -37.79
C ILE U 244 -28.51 -15.99 -39.09
N GLU U 245 -28.92 -14.74 -39.18
CA GLU U 245 -28.65 -13.93 -40.36
C GLU U 245 -27.51 -12.95 -40.11
N GLY U 246 -26.81 -12.58 -41.18
CA GLY U 246 -25.70 -11.66 -41.07
C GLY U 246 -24.55 -12.03 -41.98
N PRO U 247 -23.62 -11.08 -42.21
CA PRO U 247 -23.40 -9.88 -41.39
C PRO U 247 -24.24 -8.71 -41.86
N LEU U 248 -24.86 -8.01 -40.92
CA LEU U 248 -25.69 -6.87 -41.26
C LEU U 248 -25.01 -5.57 -40.89
N SER U 249 -25.55 -4.47 -41.39
CA SER U 249 -25.03 -3.15 -41.12
C SER U 249 -26.19 -2.22 -40.90
N ALA U 250 -25.99 -1.19 -40.09
CA ALA U 250 -27.04 -0.23 -39.82
C ALA U 250 -26.77 1.06 -40.58
N GLU U 251 -27.80 1.63 -41.19
CA GLU U 251 -27.65 2.86 -41.94
C GLU U 251 -27.46 4.01 -40.98
N THR U 252 -26.24 4.55 -40.95
CA THR U 252 -25.91 5.65 -40.05
C THR U 252 -26.05 7.02 -40.70
N ASN U 253 -26.40 8.00 -39.87
CA ASN U 253 -26.58 9.36 -40.34
C ASN U 253 -25.60 10.27 -39.61
N TRP U 254 -24.83 11.04 -40.37
CA TRP U 254 -23.85 11.95 -39.79
C TRP U 254 -24.15 13.40 -40.13
N GLU U 255 -25.43 13.73 -40.12
CA GLU U 255 -25.93 15.07 -40.43
C GLU U 255 -25.52 16.13 -39.40
N ILE U 256 -25.29 15.70 -38.15
CA ILE U 256 -24.90 16.60 -37.07
C ILE U 256 -23.50 17.19 -37.19
N ALA U 257 -22.64 16.58 -38.00
CA ALA U 257 -21.28 17.06 -38.22
C ALA U 257 -21.27 18.44 -38.90
N HIS U 258 -22.24 18.67 -39.78
CA HIS U 258 -22.36 19.94 -40.49
C HIS U 258 -23.07 20.98 -39.64
N MET U 259 -23.72 20.52 -38.57
CA MET U 259 -24.45 21.41 -37.66
C MET U 259 -23.51 22.14 -36.71
N THR V 1 29.78 -11.52 -11.84
CA THR V 1 30.11 -12.72 -12.59
C THR V 1 30.06 -12.48 -14.09
N THR V 2 31.12 -12.89 -14.79
CA THR V 2 31.17 -12.76 -16.23
C THR V 2 31.49 -14.12 -16.84
N ILE V 3 30.56 -14.67 -17.60
CA ILE V 3 30.79 -15.94 -18.26
C ILE V 3 30.50 -15.81 -19.74
N ALA V 4 31.26 -16.53 -20.56
CA ALA V 4 31.09 -16.45 -22.00
C ALA V 4 31.49 -17.73 -22.69
N GLY V 5 31.00 -17.89 -23.92
CA GLY V 5 31.29 -19.06 -24.71
C GLY V 5 31.29 -18.69 -26.17
N LEU V 6 31.98 -19.47 -26.99
CA LEU V 6 32.03 -19.20 -28.41
C LEU V 6 32.34 -20.47 -29.18
N VAL V 7 31.74 -20.61 -30.35
CA VAL V 7 31.97 -21.78 -31.18
C VAL V 7 33.07 -21.45 -32.19
N PHE V 8 34.15 -22.22 -32.17
CA PHE V 8 35.23 -21.99 -33.11
C PHE V 8 35.27 -23.13 -34.13
N ARG V 9 36.17 -23.03 -35.11
CA ARG V 9 36.29 -24.03 -36.16
C ARG V 9 36.24 -25.50 -35.75
N ASP V 10 36.99 -25.87 -34.71
CA ASP V 10 37.03 -27.27 -34.28
C ASP V 10 36.33 -27.60 -32.97
N GLY V 11 35.59 -26.65 -32.39
CA GLY V 11 34.90 -26.91 -31.14
C GLY V 11 34.32 -25.69 -30.47
N VAL V 12 34.26 -25.73 -29.14
CA VAL V 12 33.73 -24.62 -28.36
C VAL V 12 34.70 -24.23 -27.26
N ILE V 13 34.66 -22.95 -26.87
CA ILE V 13 35.52 -22.45 -25.80
C ILE V 13 34.70 -21.73 -24.74
N LEU V 14 34.80 -22.19 -23.51
CA LEU V 14 34.08 -21.57 -22.40
C LEU V 14 35.03 -20.75 -21.54
N GLY V 15 34.53 -19.68 -20.94
CA GLY V 15 35.34 -18.83 -20.10
C GLY V 15 34.54 -18.18 -18.99
N ALA V 16 35.20 -17.85 -17.88
CA ALA V 16 34.54 -17.22 -16.75
C ALA V 16 35.53 -16.59 -15.79
N ASP V 17 35.03 -15.66 -14.97
CA ASP V 17 35.87 -15.02 -13.96
C ASP V 17 35.82 -15.87 -12.69
N THR V 18 36.62 -15.53 -11.68
CA THR V 18 36.65 -16.34 -10.48
C THR V 18 36.26 -15.60 -9.19
N ARG V 19 35.49 -14.52 -9.32
CA ARG V 19 35.08 -13.77 -8.15
C ARG V 19 33.65 -14.03 -7.69
N ALA V 20 33.50 -14.33 -6.40
CA ALA V 20 32.19 -14.55 -5.80
C ALA V 20 31.99 -13.43 -4.78
N THR V 21 30.88 -12.72 -4.86
CA THR V 21 30.64 -11.62 -3.93
C THR V 21 29.33 -11.72 -3.14
N ASN V 22 29.32 -11.06 -1.99
CA ASN V 22 28.15 -10.97 -1.13
C ASN V 22 27.80 -9.51 -1.21
N ASP V 23 26.69 -9.21 -1.87
CA ASP V 23 26.26 -7.83 -2.10
C ASP V 23 27.42 -7.05 -2.74
N SER V 24 28.21 -6.37 -1.92
CA SER V 24 29.34 -5.62 -2.46
C SER V 24 30.67 -5.98 -1.79
N VAL V 25 30.76 -7.19 -1.26
CA VAL V 25 31.96 -7.67 -0.58
C VAL V 25 32.44 -8.97 -1.21
N VAL V 26 33.73 -9.02 -1.55
CA VAL V 26 34.32 -10.21 -2.14
C VAL V 26 34.45 -11.32 -1.12
N MET V 27 33.75 -12.43 -1.35
CA MET V 27 33.81 -13.57 -0.44
C MET V 27 34.87 -14.55 -0.91
N ASP V 28 34.81 -14.91 -2.19
CA ASP V 28 35.76 -15.84 -2.78
C ASP V 28 36.52 -15.16 -3.92
N LYS V 29 37.84 -15.18 -3.84
CA LYS V 29 38.67 -14.56 -4.87
C LYS V 29 39.07 -15.57 -5.93
N ASN V 30 38.63 -16.81 -5.77
CA ASN V 30 38.98 -17.86 -6.72
C ASN V 30 37.97 -19.01 -6.77
N CYS V 31 36.73 -18.71 -7.09
CA CYS V 31 35.70 -19.74 -7.18
C CYS V 31 35.61 -20.24 -8.62
N GLU V 32 35.42 -21.55 -8.78
CA GLU V 32 35.32 -22.15 -10.10
C GLU V 32 33.88 -22.05 -10.61
N LYS V 33 33.70 -21.39 -11.74
CA LYS V 33 32.36 -21.20 -12.31
C LYS V 33 32.09 -22.06 -13.54
N ILE V 34 33.08 -22.85 -13.95
CA ILE V 34 32.94 -23.72 -15.11
C ILE V 34 32.78 -25.15 -14.59
N HIS V 35 31.53 -25.62 -14.53
CA HIS V 35 31.21 -26.93 -14.01
C HIS V 35 31.15 -28.05 -15.04
N PHE V 36 31.54 -29.24 -14.60
CA PHE V 36 31.53 -30.43 -15.44
C PHE V 36 30.12 -31.00 -15.52
N ILE V 37 29.68 -31.28 -16.75
CA ILE V 37 28.37 -31.85 -16.98
C ILE V 37 28.58 -33.28 -17.46
N ALA V 38 29.52 -33.41 -18.39
CA ALA V 38 29.89 -34.69 -18.97
C ALA V 38 31.30 -34.59 -19.52
N PRO V 39 31.87 -35.70 -20.00
CA PRO V 39 33.24 -35.70 -20.55
C PRO V 39 33.48 -34.71 -21.69
N LYS V 40 32.49 -34.46 -22.54
CA LYS V 40 32.63 -33.51 -23.63
C LYS V 40 31.63 -32.37 -23.54
N ILE V 41 31.04 -32.16 -22.36
CA ILE V 41 30.06 -31.10 -22.16
C ILE V 41 30.30 -30.34 -20.85
N TYR V 42 30.47 -29.03 -20.94
CA TYR V 42 30.69 -28.23 -19.73
C TYR V 42 29.65 -27.12 -19.63
N CYS V 43 29.54 -26.52 -18.45
CA CYS V 43 28.57 -25.47 -18.24
C CYS V 43 29.06 -24.37 -17.32
N CYS V 44 28.87 -23.12 -17.76
CA CYS V 44 29.25 -21.97 -16.98
C CYS V 44 28.03 -21.52 -16.21
N GLY V 45 28.22 -21.11 -14.96
CA GLY V 45 27.09 -20.69 -14.15
C GLY V 45 27.11 -19.26 -13.65
N ALA V 46 25.96 -18.62 -13.75
CA ALA V 46 25.77 -17.25 -13.30
C ALA V 46 24.48 -17.20 -12.48
N GLY V 47 24.26 -16.10 -11.77
CA GLY V 47 23.06 -15.97 -10.95
C GLY V 47 23.27 -16.57 -9.58
N VAL V 48 22.21 -17.06 -8.96
CA VAL V 48 22.29 -17.66 -7.63
C VAL V 48 23.28 -18.83 -7.64
N ALA V 49 24.41 -18.64 -6.96
CA ALA V 49 25.46 -19.66 -6.89
C ALA V 49 24.94 -21.03 -6.43
N ALA V 50 24.14 -21.04 -5.37
CA ALA V 50 23.59 -22.29 -4.84
C ALA V 50 22.71 -22.99 -5.88
N ASP V 51 21.93 -22.21 -6.62
CA ASP V 51 21.05 -22.77 -7.64
C ASP V 51 21.86 -23.35 -8.79
N ALA V 52 22.80 -22.56 -9.31
CA ALA V 52 23.64 -23.02 -10.42
C ALA V 52 24.40 -24.29 -10.04
N GLU V 53 24.98 -24.30 -8.85
CA GLU V 53 25.74 -25.44 -8.37
C GLU V 53 24.88 -26.71 -8.27
N MET V 54 23.73 -26.60 -7.62
CA MET V 54 22.83 -27.73 -7.45
C MET V 54 22.21 -28.21 -8.76
N THR V 55 21.93 -27.28 -9.66
CA THR V 55 21.33 -27.61 -10.95
C THR V 55 22.29 -28.36 -11.88
N THR V 56 23.52 -27.88 -11.96
CA THR V 56 24.51 -28.53 -12.82
C THR V 56 24.88 -29.90 -12.27
N ARG V 57 24.94 -30.04 -10.95
CA ARG V 57 25.29 -31.31 -10.34
C ARG V 57 24.21 -32.33 -10.65
N MET V 58 22.98 -31.85 -10.60
CA MET V 58 21.82 -32.68 -10.88
C MET V 58 21.78 -33.08 -12.35
N ALA V 59 22.07 -32.14 -13.23
CA ALA V 59 22.09 -32.41 -14.67
C ALA V 59 23.20 -33.38 -15.02
N ALA V 60 24.37 -33.18 -14.41
CA ALA V 60 25.51 -34.06 -14.65
C ALA V 60 25.20 -35.48 -14.18
N SER V 61 24.54 -35.57 -13.03
CA SER V 61 24.16 -36.85 -12.47
C SER V 61 23.16 -37.59 -13.35
N ASN V 62 22.20 -36.85 -13.88
CA ASN V 62 21.17 -37.42 -14.75
C ASN V 62 21.72 -37.79 -16.12
N MET V 63 22.71 -37.03 -16.59
CA MET V 63 23.33 -37.29 -17.88
C MET V 63 24.19 -38.54 -17.78
N GLU V 64 24.78 -38.76 -16.61
CA GLU V 64 25.61 -39.93 -16.38
C GLU V 64 24.76 -41.18 -16.42
N LEU V 65 23.59 -41.14 -15.79
CA LEU V 65 22.69 -42.28 -15.80
C LEU V 65 22.29 -42.61 -17.22
N HIS V 66 21.93 -41.58 -17.98
CA HIS V 66 21.53 -41.72 -19.36
C HIS V 66 22.64 -42.33 -20.21
N SER V 67 23.85 -41.81 -20.03
CA SER V 67 25.01 -42.29 -20.77
C SER V 67 25.33 -43.75 -20.42
N LEU V 68 25.15 -44.10 -19.16
CA LEU V 68 25.42 -45.46 -18.70
C LEU V 68 24.43 -46.46 -19.29
N SER V 69 23.16 -46.07 -19.36
CA SER V 69 22.13 -46.95 -19.90
C SER V 69 22.18 -47.06 -21.42
N THR V 70 22.40 -45.94 -22.10
CA THR V 70 22.47 -45.95 -23.56
C THR V 70 23.81 -46.50 -24.04
N GLY V 71 24.86 -46.25 -23.26
CA GLY V 71 26.19 -46.72 -23.60
C GLY V 71 26.84 -45.87 -24.68
N ARG V 72 26.36 -44.63 -24.83
CA ARG V 72 26.88 -43.72 -25.83
C ARG V 72 27.20 -42.35 -25.24
N GLU V 73 27.89 -41.53 -26.03
CA GLU V 73 28.25 -40.19 -25.58
C GLU V 73 26.98 -39.35 -25.52
N PRO V 74 26.85 -38.55 -24.46
CA PRO V 74 25.66 -37.70 -24.30
C PRO V 74 25.65 -36.54 -25.29
N ARG V 75 24.48 -36.22 -25.81
CA ARG V 75 24.37 -35.12 -26.75
C ARG V 75 24.19 -33.83 -25.97
N VAL V 76 24.61 -32.72 -26.55
CA VAL V 76 24.48 -31.42 -25.90
C VAL V 76 23.00 -31.02 -25.82
N THR V 77 22.22 -31.41 -26.83
CA THR V 77 20.79 -31.13 -26.88
C THR V 77 20.02 -31.82 -25.74
N THR V 78 20.48 -32.98 -25.29
CA THR V 78 19.84 -33.69 -24.21
C THR V 78 20.03 -32.89 -22.92
N VAL V 79 21.22 -32.33 -22.76
CA VAL V 79 21.55 -31.53 -21.57
C VAL V 79 20.71 -30.26 -21.50
N THR V 80 20.65 -29.51 -22.59
CA THR V 80 19.88 -28.26 -22.61
C THR V 80 18.39 -28.51 -22.38
N ARG V 81 17.87 -29.61 -22.94
CA ARG V 81 16.48 -29.95 -22.77
C ARG V 81 16.19 -30.34 -21.31
N LEU V 82 17.13 -31.08 -20.71
CA LEU V 82 16.97 -31.50 -19.32
C LEU V 82 17.00 -30.28 -18.42
N LEU V 83 17.86 -29.33 -18.74
CA LEU V 83 18.00 -28.10 -17.97
C LEU V 83 16.79 -27.19 -18.09
N ARG V 84 16.36 -26.91 -19.31
CA ARG V 84 15.22 -26.02 -19.51
C ARG V 84 13.91 -26.58 -18.99
N GLN V 85 13.73 -27.90 -19.07
CA GLN V 85 12.52 -28.52 -18.58
C GLN V 85 12.45 -28.46 -17.06
N THR V 86 13.61 -28.54 -16.42
CA THR V 86 13.70 -28.45 -14.97
C THR V 86 13.47 -27.01 -14.53
N LEU V 87 14.20 -26.10 -15.15
CA LEU V 87 14.10 -24.68 -14.83
C LEU V 87 12.70 -24.12 -15.06
N PHE V 88 12.05 -24.56 -16.14
CA PHE V 88 10.70 -24.09 -16.44
C PHE V 88 9.73 -24.56 -15.37
N ARG V 89 9.98 -25.76 -14.83
CA ARG V 89 9.16 -26.35 -13.79
C ARG V 89 9.09 -25.46 -12.54
N TYR V 90 10.23 -24.87 -12.18
CA TYR V 90 10.31 -23.98 -11.02
C TYR V 90 9.95 -22.52 -11.32
N ARG V 91 9.57 -22.25 -12.57
CA ARG V 91 9.13 -20.93 -13.00
C ARG V 91 10.06 -19.75 -12.69
N GLY V 92 11.36 -19.95 -12.85
CA GLY V 92 12.31 -18.89 -12.60
C GLY V 92 12.68 -18.66 -11.15
N HIS V 93 12.18 -19.51 -10.26
CA HIS V 93 12.50 -19.39 -8.83
C HIS V 93 13.89 -19.94 -8.57
N VAL V 94 14.36 -20.79 -9.46
CA VAL V 94 15.69 -21.36 -9.38
C VAL V 94 16.58 -20.49 -10.27
N GLY V 95 17.16 -19.45 -9.69
CA GLY V 95 18.00 -18.52 -10.41
C GLY V 95 19.29 -19.06 -10.99
N ALA V 96 19.18 -19.81 -12.08
CA ALA V 96 20.37 -20.37 -12.72
C ALA V 96 20.50 -19.90 -14.17
N SER V 97 21.57 -19.15 -14.43
CA SER V 97 21.86 -18.66 -15.77
C SER V 97 23.02 -19.51 -16.27
N LEU V 98 22.75 -20.37 -17.25
CA LEU V 98 23.78 -21.25 -17.75
C LEU V 98 24.21 -21.07 -19.19
N LEU V 99 25.45 -21.43 -19.45
CA LEU V 99 26.04 -21.38 -20.77
C LEU V 99 26.59 -22.78 -21.01
N VAL V 100 25.80 -23.63 -21.66
CA VAL V 100 26.22 -24.99 -21.93
C VAL V 100 26.97 -25.08 -23.25
N GLY V 101 28.15 -25.68 -23.22
CA GLY V 101 28.96 -25.84 -24.40
C GLY V 101 29.55 -27.22 -24.42
N GLY V 102 29.46 -27.88 -25.56
CA GLY V 102 30.00 -29.22 -25.69
C GLY V 102 30.10 -29.69 -27.12
N VAL V 103 30.74 -30.83 -27.31
CA VAL V 103 30.91 -31.41 -28.63
C VAL V 103 30.44 -32.85 -28.60
N ASP V 104 29.38 -33.14 -29.33
CA ASP V 104 28.85 -34.48 -29.37
C ASP V 104 29.01 -35.05 -30.77
N PHE V 105 28.22 -36.07 -31.09
CA PHE V 105 28.27 -36.70 -32.41
C PHE V 105 27.90 -35.75 -33.55
N SER V 106 26.99 -34.83 -33.28
CA SER V 106 26.55 -33.85 -34.28
C SER V 106 27.44 -32.61 -34.39
N GLY V 107 28.52 -32.57 -33.62
CA GLY V 107 29.44 -31.44 -33.67
C GLY V 107 29.43 -30.55 -32.43
N PRO V 108 30.05 -29.37 -32.55
CA PRO V 108 30.13 -28.39 -31.46
C PRO V 108 28.82 -27.62 -31.30
N GLN V 109 28.36 -27.47 -30.07
CA GLN V 109 27.11 -26.77 -29.79
C GLN V 109 27.25 -25.84 -28.60
N LEU V 110 26.56 -24.70 -28.65
CA LEU V 110 26.59 -23.73 -27.57
C LEU V 110 25.20 -23.21 -27.27
N TYR V 111 24.80 -23.26 -26.00
CA TYR V 111 23.47 -22.81 -25.61
C TYR V 111 23.49 -21.89 -24.40
N SER V 112 22.52 -20.98 -24.37
CA SER V 112 22.37 -20.07 -23.24
C SER V 112 21.04 -20.43 -22.60
N VAL V 113 21.08 -20.84 -21.34
CA VAL V 113 19.87 -21.21 -20.63
C VAL V 113 19.53 -20.18 -19.55
N HIS V 114 18.28 -19.73 -19.54
CA HIS V 114 17.85 -18.74 -18.58
C HIS V 114 17.00 -19.34 -17.46
N PRO V 115 16.90 -18.63 -16.33
CA PRO V 115 16.17 -19.05 -15.13
C PRO V 115 14.73 -19.52 -15.37
N HIS V 116 14.00 -18.85 -16.26
CA HIS V 116 12.62 -19.23 -16.52
C HIS V 116 12.45 -20.49 -17.40
N GLY V 117 13.52 -20.92 -18.04
CA GLY V 117 13.47 -22.10 -18.87
C GLY V 117 13.69 -21.90 -20.35
N SER V 118 13.84 -20.65 -20.77
CA SER V 118 14.08 -20.37 -22.19
C SER V 118 15.52 -20.69 -22.55
N TYR V 119 15.77 -21.01 -23.81
CA TYR V 119 17.11 -21.34 -24.26
C TYR V 119 17.42 -20.76 -25.64
N SER V 120 18.71 -20.56 -25.92
CA SER V 120 19.14 -20.01 -27.18
C SER V 120 20.39 -20.71 -27.70
N ARG V 121 20.31 -21.22 -28.92
CA ARG V 121 21.44 -21.88 -29.55
C ARG V 121 22.15 -20.82 -30.39
N LEU V 122 23.37 -20.44 -29.98
CA LEU V 122 24.11 -19.41 -30.69
C LEU V 122 25.59 -19.72 -30.87
N PRO V 123 26.25 -19.01 -31.78
CA PRO V 123 27.68 -19.17 -32.07
C PRO V 123 28.56 -18.57 -30.97
N PHE V 124 28.00 -17.63 -30.20
CA PHE V 124 28.72 -16.99 -29.09
C PHE V 124 27.73 -16.31 -28.14
N THR V 125 27.93 -16.48 -26.84
CA THR V 125 27.04 -15.88 -25.83
C THR V 125 27.80 -15.41 -24.60
N ALA V 126 27.09 -14.75 -23.70
CA ALA V 126 27.67 -14.24 -22.46
C ALA V 126 26.57 -13.98 -21.43
N LEU V 127 26.82 -14.37 -20.19
CA LEU V 127 25.85 -14.17 -19.11
C LEU V 127 26.53 -13.58 -17.88
N GLY V 128 25.72 -13.19 -16.89
CA GLY V 128 26.25 -12.63 -15.66
C GLY V 128 26.14 -11.12 -15.63
N SER V 129 26.70 -10.50 -14.59
CA SER V 129 26.67 -9.06 -14.44
C SER V 129 27.63 -8.35 -15.39
N GLY V 130 28.66 -9.07 -15.85
CA GLY V 130 29.61 -8.51 -16.78
C GLY V 130 29.36 -9.00 -18.19
N GLN V 131 28.13 -9.46 -18.42
CA GLN V 131 27.70 -10.00 -19.71
C GLN V 131 27.72 -8.98 -20.86
N ASP V 132 27.48 -7.71 -20.57
CA ASP V 132 27.45 -6.69 -21.62
C ASP V 132 28.85 -6.36 -22.12
N ALA V 133 29.81 -6.33 -21.21
CA ALA V 133 31.20 -6.04 -21.57
C ALA V 133 31.75 -7.14 -22.47
N ALA V 134 31.50 -8.39 -22.07
CA ALA V 134 31.96 -9.54 -22.84
C ALA V 134 31.28 -9.60 -24.20
N LEU V 135 30.00 -9.27 -24.25
CA LEU V 135 29.27 -9.27 -25.51
C LEU V 135 29.81 -8.21 -26.45
N ALA V 136 30.17 -7.06 -25.89
CA ALA V 136 30.75 -5.97 -26.67
C ALA V 136 31.99 -6.45 -27.40
N VAL V 137 32.87 -7.14 -26.68
CA VAL V 137 34.09 -7.69 -27.27
C VAL V 137 33.75 -8.67 -28.38
N LEU V 138 32.83 -9.59 -28.10
CA LEU V 138 32.40 -10.59 -29.07
C LEU V 138 31.85 -9.94 -30.35
N GLU V 139 30.87 -9.06 -30.21
CA GLU V 139 30.29 -8.38 -31.37
C GLU V 139 31.34 -7.70 -32.27
N ASP V 140 32.32 -7.07 -31.63
CA ASP V 140 33.39 -6.37 -32.34
C ASP V 140 34.46 -7.25 -32.99
N ARG V 141 34.76 -8.42 -32.42
CA ARG V 141 35.82 -9.25 -32.98
C ARG V 141 35.50 -10.70 -33.36
N PHE V 142 34.28 -11.15 -33.19
CA PHE V 142 33.96 -12.54 -33.52
C PHE V 142 33.89 -12.82 -35.03
N GLN V 143 34.54 -13.90 -35.46
CA GLN V 143 34.50 -14.32 -36.84
C GLN V 143 34.09 -15.78 -36.83
N PRO V 144 33.35 -16.21 -37.86
CA PRO V 144 32.95 -17.63 -37.89
C PRO V 144 34.16 -18.51 -38.17
N ASN V 145 34.15 -19.73 -37.64
CA ASN V 145 35.23 -20.69 -37.83
C ASN V 145 36.62 -20.15 -37.50
N MET V 146 36.78 -19.66 -36.28
CA MET V 146 38.08 -19.15 -35.83
C MET V 146 38.97 -20.32 -35.43
N THR V 147 40.28 -20.07 -35.41
CA THR V 147 41.23 -21.10 -35.01
C THR V 147 41.20 -21.21 -33.49
N LEU V 148 41.56 -22.38 -32.97
CA LEU V 148 41.55 -22.63 -31.52
C LEU V 148 42.25 -21.54 -30.71
N GLU V 149 43.44 -21.15 -31.14
CA GLU V 149 44.19 -20.12 -30.43
C GLU V 149 43.57 -18.73 -30.58
N ALA V 150 42.99 -18.46 -31.73
CA ALA V 150 42.36 -17.17 -31.98
C ALA V 150 41.07 -17.03 -31.16
N ALA V 151 40.39 -18.16 -30.93
CA ALA V 151 39.16 -18.17 -30.15
C ALA V 151 39.48 -17.95 -28.68
N GLN V 152 40.51 -18.64 -28.19
CA GLN V 152 40.93 -18.50 -26.80
C GLN V 152 41.23 -17.04 -26.49
N GLU V 153 42.03 -16.42 -27.35
CA GLU V 153 42.39 -15.02 -27.20
C GLU V 153 41.16 -14.13 -27.11
N LEU V 154 40.20 -14.36 -28.00
CA LEU V 154 38.98 -13.58 -28.01
C LEU V 154 38.17 -13.78 -26.74
N LEU V 155 38.03 -15.04 -26.32
CA LEU V 155 37.28 -15.37 -25.11
C LEU V 155 37.95 -14.75 -23.89
N VAL V 156 39.28 -14.84 -23.84
CA VAL V 156 40.03 -14.28 -22.73
C VAL V 156 39.79 -12.77 -22.64
N GLU V 157 39.78 -12.11 -23.80
CA GLU V 157 39.54 -10.67 -23.87
C GLU V 157 38.12 -10.33 -23.45
N ALA V 158 37.17 -11.18 -23.84
CA ALA V 158 35.77 -10.97 -23.49
C ALA V 158 35.59 -11.04 -21.98
N ILE V 159 36.16 -12.07 -21.37
CA ILE V 159 36.09 -12.24 -19.92
C ILE V 159 36.83 -11.11 -19.23
N THR V 160 37.98 -10.74 -19.80
CA THR V 160 38.80 -9.66 -19.25
C THR V 160 38.02 -8.35 -19.15
N ALA V 161 37.25 -8.04 -20.19
CA ALA V 161 36.44 -6.82 -20.22
C ALA V 161 35.46 -6.78 -19.06
N GLY V 162 34.84 -7.92 -18.76
CA GLY V 162 33.90 -8.01 -17.65
C GLY V 162 34.61 -7.86 -16.33
N ILE V 163 35.80 -8.45 -16.22
CA ILE V 163 36.59 -8.38 -15.00
C ILE V 163 36.98 -6.96 -14.64
N LEU V 164 37.30 -6.15 -15.65
CA LEU V 164 37.72 -4.77 -15.43
C LEU V 164 36.59 -3.74 -15.48
N GLY V 165 35.49 -4.06 -16.16
CA GLY V 165 34.39 -3.14 -16.29
C GLY V 165 33.24 -3.36 -15.31
N ASP V 166 33.01 -4.61 -14.94
CA ASP V 166 31.93 -4.94 -14.02
C ASP V 166 32.46 -5.12 -12.60
N LEU V 167 31.83 -4.46 -11.64
CA LEU V 167 32.25 -4.55 -10.25
C LEU V 167 31.96 -5.92 -9.65
N GLY V 168 31.01 -6.63 -10.25
CA GLY V 168 30.64 -7.95 -9.78
C GLY V 168 31.61 -9.04 -10.19
N SER V 169 32.47 -8.74 -11.17
CA SER V 169 33.45 -9.71 -11.64
C SER V 169 34.85 -9.29 -11.25
N GLY V 170 35.79 -10.24 -11.32
CA GLY V 170 37.17 -9.97 -10.98
C GLY V 170 37.97 -11.24 -10.82
N GLY V 171 39.20 -11.11 -10.33
CA GLY V 171 40.06 -12.25 -10.11
C GLY V 171 40.72 -12.74 -11.38
N SER V 172 40.84 -14.06 -11.51
CA SER V 172 41.47 -14.65 -12.68
C SER V 172 40.47 -15.00 -13.78
N VAL V 173 40.99 -15.52 -14.88
CA VAL V 173 40.17 -15.92 -16.01
C VAL V 173 40.33 -17.40 -16.25
N ASP V 174 39.24 -18.15 -16.11
CA ASP V 174 39.26 -19.58 -16.34
C ASP V 174 38.74 -19.87 -17.74
N ALA V 175 39.29 -20.87 -18.40
CA ALA V 175 38.86 -21.23 -19.73
C ALA V 175 38.67 -22.74 -19.85
N CYS V 176 37.87 -23.15 -20.82
CA CYS V 176 37.61 -24.55 -21.07
C CYS V 176 37.50 -24.78 -22.56
N VAL V 177 38.42 -25.55 -23.11
CA VAL V 177 38.43 -25.84 -24.54
C VAL V 177 37.94 -27.25 -24.80
N ILE V 178 36.90 -27.37 -25.62
CA ILE V 178 36.35 -28.68 -25.95
C ILE V 178 36.33 -28.90 -27.46
N THR V 179 36.87 -30.04 -27.89
CA THR V 179 36.91 -30.40 -29.29
C THR V 179 36.50 -31.87 -29.43
N GLY V 180 36.57 -32.38 -30.65
CA GLY V 180 36.22 -33.77 -30.88
C GLY V 180 37.16 -34.71 -30.15
N THR V 181 38.44 -34.36 -30.15
CA THR V 181 39.46 -35.16 -29.48
C THR V 181 39.35 -35.09 -27.95
N GLY V 182 39.94 -34.06 -27.35
CA GLY V 182 39.91 -33.92 -25.91
C GLY V 182 39.31 -32.66 -25.34
N ALA V 183 39.45 -32.49 -24.04
CA ALA V 183 38.94 -31.33 -23.33
C ALA V 183 40.04 -30.74 -22.47
N LYS V 184 40.25 -29.44 -22.58
CA LYS V 184 41.28 -28.77 -21.82
C LYS V 184 40.69 -27.79 -20.81
N LEU V 185 40.58 -28.21 -19.56
CA LEU V 185 40.06 -27.35 -18.51
C LEU V 185 41.22 -26.50 -17.98
N LEU V 186 41.31 -25.27 -18.47
CA LEU V 186 42.39 -24.37 -18.07
C LEU V 186 42.03 -23.47 -16.89
N ARG V 187 41.99 -24.05 -15.69
CA ARG V 187 41.69 -23.26 -14.51
C ARG V 187 42.85 -22.29 -14.39
N THR V 188 42.51 -21.00 -14.38
CA THR V 188 43.49 -19.92 -14.34
C THR V 188 44.32 -19.91 -15.63
N LEU V 189 43.72 -19.34 -16.66
CA LEU V 189 44.35 -19.20 -17.97
C LEU V 189 45.17 -17.93 -17.95
N SER V 190 44.70 -16.95 -17.18
CA SER V 190 45.39 -15.67 -17.04
C SER V 190 45.07 -15.07 -15.68
N SER V 191 46.06 -14.45 -15.07
CA SER V 191 45.91 -13.81 -13.77
C SER V 191 46.23 -12.34 -13.95
N PRO V 192 45.27 -11.57 -14.46
CA PRO V 192 45.45 -10.14 -14.74
C PRO V 192 45.50 -9.25 -13.50
N THR V 193 45.11 -9.75 -12.34
CA THR V 193 45.12 -8.93 -11.13
C THR V 193 45.76 -9.65 -9.94
N LYS V 194 46.38 -8.85 -9.07
CA LYS V 194 47.03 -9.35 -7.87
C LYS V 194 47.14 -8.19 -6.87
N PRO V 195 47.35 -8.52 -5.58
CA PRO V 195 47.48 -7.49 -4.54
C PRO V 195 48.88 -6.91 -4.46
N THR V 196 49.10 -6.00 -3.50
CA THR V 196 50.40 -5.36 -3.33
C THR V 196 51.44 -6.30 -2.69
N GLU V 197 52.69 -5.88 -2.70
CA GLU V 197 53.79 -6.68 -2.14
C GLU V 197 54.07 -6.43 -0.66
N ARG V 198 53.15 -5.73 0.01
CA ARG V 198 53.21 -5.35 1.44
C ARG V 198 54.35 -4.43 1.85
N PRO V 199 54.06 -3.11 1.92
CA PRO V 199 55.06 -2.09 2.30
C PRO V 199 55.45 -2.20 3.77
N SER V 200 54.48 -2.23 4.66
CA SER V 200 54.75 -2.32 6.09
C SER V 200 54.53 -3.74 6.59
N GLN V 201 54.52 -3.92 7.91
CA GLN V 201 54.32 -5.23 8.50
C GLN V 201 53.89 -5.14 9.96
N TYR V 202 53.14 -6.13 10.40
CA TYR V 202 52.66 -6.21 11.78
C TYR V 202 52.52 -7.67 12.17
N TYR V 203 53.06 -8.01 13.34
CA TYR V 203 53.00 -9.38 13.82
C TYR V 203 52.79 -9.44 15.32
N PHE V 204 52.37 -10.59 15.81
CA PHE V 204 52.14 -10.81 17.24
C PHE V 204 53.06 -11.91 17.73
N ALA V 205 53.44 -11.85 19.02
CA ALA V 205 54.33 -12.84 19.60
C ALA V 205 53.56 -14.03 20.17
N PRO V 206 54.21 -14.81 21.04
CA PRO V 206 53.59 -15.99 21.67
C PRO V 206 52.94 -15.68 23.01
N GLY V 207 52.31 -14.50 23.13
CA GLY V 207 51.67 -14.10 24.36
C GLY V 207 51.12 -12.68 24.27
N THR V 208 50.74 -12.27 23.07
CA THR V 208 50.18 -10.94 22.86
C THR V 208 48.70 -10.90 23.19
N THR V 209 48.08 -12.08 23.26
CA THR V 209 46.67 -12.18 23.57
C THR V 209 46.45 -12.70 24.98
N ALA V 210 45.74 -11.92 25.79
CA ALA V 210 45.45 -12.32 27.16
C ALA V 210 44.46 -13.47 27.15
N VAL V 211 44.82 -14.57 27.80
CA VAL V 211 43.98 -15.76 27.86
C VAL V 211 43.32 -15.93 29.22
N GLN V 212 42.02 -16.20 29.22
CA GLN V 212 41.27 -16.39 30.46
C GLN V 212 41.35 -17.83 30.95
N SER V 213 41.06 -18.78 30.06
CA SER V 213 41.11 -20.19 30.42
C SER V 213 41.65 -21.04 29.29
N GLN V 214 42.19 -22.20 29.63
CA GLN V 214 42.76 -23.10 28.63
C GLN V 214 42.45 -24.55 28.92
N THR V 215 42.24 -25.32 27.85
CA THR V 215 41.93 -26.74 27.96
C THR V 215 42.56 -27.50 26.80
N VAL V 216 43.53 -28.36 27.11
CA VAL V 216 44.20 -29.15 26.09
C VAL V 216 43.78 -30.61 26.11
N LYS V 217 43.34 -31.11 24.96
CA LYS V 217 42.91 -32.49 24.84
C LYS V 217 43.76 -33.25 23.83
N PRO V 218 44.61 -34.15 24.31
CA PRO V 218 45.48 -34.97 23.45
C PRO V 218 44.69 -36.02 22.69
N LEU V 219 45.09 -36.28 21.44
CA LEU V 219 44.40 -37.26 20.61
C LEU V 219 45.29 -38.47 20.36
N GLY W 7 7.26 75.76 -8.44
CA GLY W 7 8.10 74.69 -8.91
C GLY W 7 7.36 73.69 -9.77
N TYR W 8 7.13 74.04 -11.03
CA TYR W 8 6.42 73.18 -11.96
C TYR W 8 7.35 72.19 -12.65
N ASP W 9 8.65 72.44 -12.52
CA ASP W 9 9.69 71.62 -13.14
C ASP W 9 10.46 70.76 -12.14
N LEU W 10 9.79 70.32 -11.08
CA LEU W 10 10.47 69.52 -10.07
C LEU W 10 10.15 68.03 -10.14
N SER W 11 9.05 67.68 -10.80
CA SER W 11 8.65 66.28 -10.90
C SER W 11 8.13 65.94 -12.29
N ALA W 12 8.25 64.67 -12.66
CA ALA W 12 7.78 64.20 -13.96
C ALA W 12 6.29 63.87 -13.96
N SER W 13 5.67 63.87 -12.78
CA SER W 13 4.25 63.62 -12.66
C SER W 13 3.48 64.92 -12.51
N THR W 14 4.14 66.02 -12.82
CA THR W 14 3.53 67.34 -12.74
C THR W 14 3.61 68.06 -14.07
N PHE W 15 2.46 68.47 -14.59
CA PHE W 15 2.38 69.21 -15.84
C PHE W 15 2.46 70.68 -15.50
N SER W 16 3.13 71.46 -16.34
CA SER W 16 3.19 72.88 -16.11
C SER W 16 1.95 73.52 -16.71
N PRO W 17 1.69 74.80 -16.39
CA PRO W 17 0.53 75.53 -16.91
C PRO W 17 0.33 75.46 -18.43
N ASP W 18 1.40 75.47 -19.23
CA ASP W 18 1.28 75.37 -20.68
C ASP W 18 1.36 73.92 -21.21
N GLY W 19 1.08 72.95 -20.35
CA GLY W 19 1.09 71.54 -20.70
C GLY W 19 2.41 70.88 -21.03
N ARG W 20 3.49 71.35 -20.41
CA ARG W 20 4.80 70.77 -20.66
C ARG W 20 5.35 70.02 -19.46
N VAL W 21 6.13 68.98 -19.73
CA VAL W 21 6.76 68.20 -18.68
C VAL W 21 8.24 68.57 -18.66
N PHE W 22 8.55 69.64 -17.94
CA PHE W 22 9.91 70.17 -17.85
C PHE W 22 11.00 69.18 -17.44
N GLN W 23 10.68 68.25 -16.53
CA GLN W 23 11.66 67.27 -16.09
C GLN W 23 12.20 66.42 -17.24
N VAL W 24 11.32 66.04 -18.16
CA VAL W 24 11.73 65.26 -19.32
C VAL W 24 12.58 66.13 -20.24
N GLU W 25 12.24 67.41 -20.33
CA GLU W 25 12.98 68.35 -21.16
C GLU W 25 14.37 68.64 -20.60
N TYR W 26 14.51 68.56 -19.28
CA TYR W 26 15.81 68.79 -18.66
C TYR W 26 16.72 67.61 -18.96
N ALA W 27 16.13 66.42 -19.06
CA ALA W 27 16.89 65.22 -19.36
C ALA W 27 17.38 65.26 -20.82
N MET W 28 16.63 65.96 -21.67
CA MET W 28 16.99 66.10 -23.07
C MET W 28 18.13 67.11 -23.22
N LYS W 29 18.27 67.97 -22.21
CA LYS W 29 19.33 68.97 -22.17
C LYS W 29 20.65 68.28 -21.87
N ALA W 30 20.58 67.20 -21.10
CA ALA W 30 21.76 66.41 -20.75
C ALA W 30 22.32 65.67 -21.97
N VAL W 31 21.44 65.31 -22.90
CA VAL W 31 21.85 64.64 -24.13
C VAL W 31 22.32 65.69 -25.13
N GLU W 32 21.85 66.91 -24.96
CA GLU W 32 22.20 68.01 -25.84
C GLU W 32 23.65 68.45 -25.61
N ASN W 33 24.10 68.40 -24.36
CA ASN W 33 25.46 68.78 -24.02
C ASN W 33 26.36 67.55 -23.95
N SER W 34 26.37 66.77 -25.02
CA SER W 34 27.19 65.57 -25.09
C SER W 34 27.74 65.35 -26.49
N SER W 35 28.69 64.44 -26.63
CA SER W 35 29.29 64.13 -27.92
C SER W 35 28.25 63.71 -28.95
N THR W 36 28.56 63.91 -30.22
CA THR W 36 27.65 63.57 -31.31
C THR W 36 27.88 62.18 -31.89
N ALA W 37 26.79 61.43 -32.07
CA ALA W 37 26.84 60.10 -32.65
C ALA W 37 25.96 60.14 -33.90
N ILE W 38 26.33 59.38 -34.92
CA ILE W 38 25.55 59.36 -36.16
C ILE W 38 25.16 57.96 -36.62
N GLY W 39 24.01 57.89 -37.29
CA GLY W 39 23.50 56.64 -37.82
C GLY W 39 23.02 56.88 -39.24
N ILE W 40 23.51 56.06 -40.17
CA ILE W 40 23.10 56.21 -41.56
C ILE W 40 22.59 54.89 -42.14
N ARG W 41 21.41 54.94 -42.72
CA ARG W 41 20.79 53.77 -43.31
C ARG W 41 21.07 53.71 -44.81
N CYS W 42 21.99 52.83 -45.21
CA CYS W 42 22.35 52.70 -46.62
C CYS W 42 21.51 51.63 -47.32
N LYS W 43 21.84 51.37 -48.58
CA LYS W 43 21.13 50.38 -49.37
C LYS W 43 21.10 48.98 -48.77
N ASP W 44 22.21 48.57 -48.15
CA ASP W 44 22.27 47.23 -47.57
C ASP W 44 22.87 47.17 -46.16
N GLY W 45 22.53 48.12 -45.30
CA GLY W 45 23.04 48.12 -43.94
C GLY W 45 22.98 49.43 -43.21
N VAL W 46 23.48 49.44 -41.98
CA VAL W 46 23.52 50.63 -41.15
C VAL W 46 24.93 50.88 -40.63
N VAL W 47 25.32 52.14 -40.53
CA VAL W 47 26.64 52.49 -40.04
C VAL W 47 26.54 53.47 -38.88
N PHE W 48 27.26 53.17 -37.79
CA PHE W 48 27.25 54.02 -36.61
C PHE W 48 28.62 54.66 -36.39
N GLY W 49 28.63 55.95 -36.07
CA GLY W 49 29.85 56.68 -35.82
C GLY W 49 29.70 57.61 -34.64
N VAL W 50 30.62 57.54 -33.70
CA VAL W 50 30.57 58.39 -32.52
C VAL W 50 31.86 59.17 -32.33
N GLU W 51 31.72 60.45 -31.96
CA GLU W 51 32.86 61.30 -31.71
C GLU W 51 33.22 61.17 -30.23
N LYS W 52 33.87 60.06 -29.88
CA LYS W 52 34.25 59.78 -28.51
C LYS W 52 35.23 60.82 -28.01
N LEU W 53 34.84 61.56 -26.97
CA LEU W 53 35.70 62.59 -26.40
C LEU W 53 36.62 62.02 -25.33
N VAL W 54 37.92 62.09 -25.57
CA VAL W 54 38.91 61.59 -24.62
C VAL W 54 39.28 62.69 -23.63
N LEU W 55 38.65 62.65 -22.46
CA LEU W 55 38.90 63.64 -21.42
C LEU W 55 40.28 63.54 -20.78
N SER W 56 40.88 62.36 -20.83
CA SER W 56 42.20 62.15 -20.26
C SER W 56 43.08 61.28 -21.15
N LYS W 57 44.39 61.44 -21.02
CA LYS W 57 45.34 60.66 -21.80
C LYS W 57 45.60 59.33 -21.10
N LEU W 58 45.26 59.26 -19.83
CA LEU W 58 45.44 58.05 -19.03
C LEU W 58 44.49 56.94 -19.45
N TYR W 59 43.30 57.32 -19.92
CA TYR W 59 42.31 56.34 -20.35
C TYR W 59 42.84 55.48 -21.49
N GLU W 60 42.52 54.19 -21.43
CA GLU W 60 42.96 53.25 -22.44
C GLU W 60 42.19 53.41 -23.75
N GLU W 61 42.87 53.16 -24.86
CA GLU W 61 42.24 53.27 -26.17
C GLU W 61 41.10 52.28 -26.26
N GLY W 62 39.88 52.79 -26.27
CA GLY W 62 38.69 51.94 -26.35
C GLY W 62 37.88 51.98 -25.07
N SER W 63 38.17 52.95 -24.21
CA SER W 63 37.46 53.09 -22.95
C SER W 63 36.17 53.87 -23.15
N ASN W 64 35.20 53.66 -22.26
CA ASN W 64 33.90 54.34 -22.32
C ASN W 64 33.27 54.24 -23.71
N LYS W 65 33.17 53.02 -24.23
CA LYS W 65 32.58 52.79 -25.53
C LYS W 65 31.13 53.25 -25.56
N ARG W 66 30.76 53.96 -26.61
CA ARG W 66 29.39 54.46 -26.74
C ARG W 66 28.63 53.66 -27.80
N LEU W 67 29.23 52.55 -28.23
CA LEU W 67 28.63 51.67 -29.22
C LEU W 67 28.51 50.30 -28.57
N PHE W 68 27.29 49.80 -28.48
CA PHE W 68 27.07 48.50 -27.85
C PHE W 68 26.40 47.50 -28.78
N ASN W 69 26.54 46.22 -28.44
CA ASN W 69 25.90 45.15 -29.18
C ASN W 69 24.79 44.65 -28.28
N VAL W 70 23.56 45.02 -28.59
CA VAL W 70 22.42 44.60 -27.77
C VAL W 70 21.88 43.25 -28.22
N ASP W 71 22.30 42.82 -29.40
CA ASP W 71 21.90 41.53 -29.96
C ASP W 71 22.85 41.18 -31.08
N ARG W 72 22.75 39.95 -31.58
CA ARG W 72 23.61 39.49 -32.67
C ARG W 72 23.45 40.35 -33.92
N HIS W 73 22.22 40.73 -34.23
CA HIS W 73 21.92 41.53 -35.41
C HIS W 73 21.61 42.99 -35.09
N VAL W 74 21.73 43.39 -33.83
CA VAL W 74 21.42 44.77 -33.43
C VAL W 74 22.56 45.52 -32.74
N GLY W 75 22.78 46.76 -33.15
CA GLY W 75 23.80 47.62 -32.57
C GLY W 75 23.16 48.85 -31.96
N MET W 76 23.79 49.43 -30.95
CA MET W 76 23.25 50.62 -30.29
C MET W 76 24.28 51.72 -30.10
N ALA W 77 23.93 52.93 -30.52
CA ALA W 77 24.78 54.10 -30.40
C ALA W 77 24.07 55.10 -29.49
N VAL W 78 24.73 55.50 -28.41
CA VAL W 78 24.12 56.38 -27.42
C VAL W 78 24.77 57.75 -27.25
N ALA W 79 24.04 58.64 -26.59
CA ALA W 79 24.49 59.99 -26.30
C ALA W 79 23.87 60.45 -24.98
N GLY W 80 24.64 61.15 -24.16
CA GLY W 80 24.16 61.61 -22.87
C GLY W 80 24.82 60.87 -21.72
N LEU W 81 24.15 60.82 -20.57
CA LEU W 81 24.67 60.12 -19.40
C LEU W 81 25.03 58.67 -19.75
N LEU W 82 26.31 58.35 -19.70
CA LEU W 82 26.78 57.00 -20.02
C LEU W 82 26.21 55.91 -19.10
N ALA W 83 26.03 56.24 -17.84
CA ALA W 83 25.49 55.28 -16.88
C ALA W 83 24.04 54.94 -17.25
N ASP W 84 23.28 55.97 -17.60
CA ASP W 84 21.89 55.80 -17.99
C ASP W 84 21.81 55.03 -19.30
N ALA W 85 22.71 55.36 -20.21
CA ALA W 85 22.76 54.70 -21.52
C ALA W 85 23.11 53.23 -21.34
N ARG W 86 24.06 52.95 -20.44
CA ARG W 86 24.50 51.58 -20.19
C ARG W 86 23.39 50.69 -19.66
N SER W 87 22.55 51.22 -18.78
CA SER W 87 21.45 50.45 -18.21
C SER W 87 20.39 50.20 -19.28
N LEU W 88 20.22 51.17 -20.18
CA LEU W 88 19.26 51.07 -21.27
C LEU W 88 19.70 49.99 -22.25
N ALA W 89 21.02 49.88 -22.45
CA ALA W 89 21.59 48.86 -23.31
C ALA W 89 21.33 47.48 -22.73
N ASP W 90 21.41 47.36 -21.41
CA ASP W 90 21.14 46.10 -20.73
C ASP W 90 19.66 45.77 -20.84
N ILE W 91 18.82 46.79 -20.79
CA ILE W 91 17.38 46.61 -20.91
C ILE W 91 17.08 46.11 -22.32
N ALA W 92 17.72 46.72 -23.31
CA ALA W 92 17.55 46.34 -24.70
C ALA W 92 17.97 44.89 -24.91
N ARG W 93 19.09 44.52 -24.31
CA ARG W 93 19.60 43.17 -24.42
C ARG W 93 18.62 42.16 -23.82
N GLU W 94 18.02 42.54 -22.69
CA GLU W 94 17.06 41.70 -22.01
C GLU W 94 15.86 41.45 -22.93
N GLU W 95 15.38 42.52 -23.55
CA GLU W 95 14.26 42.43 -24.47
C GLU W 95 14.53 41.45 -25.60
N ALA W 96 15.64 41.67 -26.32
CA ALA W 96 16.01 40.80 -27.42
C ALA W 96 16.07 39.34 -26.98
N SER W 97 16.76 39.08 -25.88
CA SER W 97 16.89 37.74 -25.33
C SER W 97 15.52 37.14 -24.99
N ASN W 98 14.68 37.91 -24.33
CA ASN W 98 13.35 37.46 -23.94
C ASN W 98 12.50 37.12 -25.16
N PHE W 99 12.62 37.91 -26.21
CA PHE W 99 11.85 37.68 -27.43
C PHE W 99 12.21 36.35 -28.08
N ARG W 100 13.51 36.06 -28.15
CA ARG W 100 13.98 34.81 -28.75
C ARG W 100 13.52 33.60 -27.95
N SER W 101 13.47 33.73 -26.63
CA SER W 101 13.04 32.63 -25.77
C SER W 101 11.54 32.39 -25.87
N ASN W 102 10.79 33.42 -26.21
CA ASN W 102 9.33 33.31 -26.31
C ASN W 102 8.83 32.91 -27.69
N PHE W 103 9.45 33.42 -28.75
CA PHE W 103 8.99 33.14 -30.11
C PHE W 103 9.94 32.33 -31.00
N GLY W 104 11.16 32.10 -30.53
CA GLY W 104 12.12 31.28 -31.26
C GLY W 104 12.92 31.88 -32.41
N TYR W 105 12.98 33.20 -32.49
CA TYR W 105 13.75 33.85 -33.56
C TYR W 105 14.19 35.27 -33.20
N ASN W 106 15.09 35.82 -34.01
CA ASN W 106 15.61 37.16 -33.79
C ASN W 106 14.50 38.20 -33.76
N ILE W 107 14.54 39.09 -32.77
CA ILE W 107 13.53 40.11 -32.63
C ILE W 107 13.64 41.16 -33.74
N PRO W 108 12.50 41.52 -34.35
CA PRO W 108 12.54 42.54 -35.40
C PRO W 108 12.96 43.87 -34.79
N LEU W 109 13.78 44.64 -35.49
CA LEU W 109 14.25 45.91 -34.95
C LEU W 109 13.13 46.85 -34.49
N LYS W 110 12.11 47.00 -35.33
CA LYS W 110 10.98 47.86 -34.99
C LYS W 110 10.35 47.47 -33.66
N HIS W 111 10.12 46.17 -33.46
CA HIS W 111 9.54 45.67 -32.22
C HIS W 111 10.46 45.97 -31.04
N LEU W 112 11.75 45.69 -31.20
CA LEU W 112 12.72 45.95 -30.14
C LEU W 112 12.72 47.42 -29.76
N ALA W 113 12.70 48.29 -30.76
CA ALA W 113 12.70 49.72 -30.52
C ALA W 113 11.43 50.16 -29.79
N ASP W 114 10.29 49.62 -30.19
CA ASP W 114 9.02 49.96 -29.56
C ASP W 114 9.02 49.56 -28.08
N ARG W 115 9.52 48.35 -27.80
CA ARG W 115 9.57 47.83 -26.44
C ARG W 115 10.45 48.67 -25.52
N VAL W 116 11.66 48.98 -25.98
CA VAL W 116 12.61 49.77 -25.20
C VAL W 116 12.10 51.19 -24.98
N ALA W 117 11.44 51.73 -26.00
CA ALA W 117 10.88 53.08 -25.92
C ALA W 117 9.79 53.15 -24.85
N MET W 118 9.00 52.09 -24.73
CA MET W 118 7.93 52.05 -23.73
C MET W 118 8.52 52.00 -22.33
N TYR W 119 9.64 51.29 -22.19
CA TYR W 119 10.33 51.20 -20.92
C TYR W 119 10.86 52.60 -20.57
N VAL W 120 11.40 53.27 -21.57
CA VAL W 120 11.91 54.63 -21.40
C VAL W 120 10.76 55.58 -21.04
N HIS W 121 9.62 55.40 -21.70
CA HIS W 121 8.44 56.23 -21.45
C HIS W 121 7.89 56.06 -20.04
N ALA W 122 8.14 54.90 -19.44
CA ALA W 122 7.67 54.60 -18.09
C ALA W 122 8.30 55.45 -16.98
N TYR W 123 9.49 55.99 -17.24
CA TYR W 123 10.19 56.83 -16.27
C TYR W 123 9.87 58.31 -16.43
N THR W 124 8.83 58.65 -17.20
CA THR W 124 8.45 60.04 -17.40
C THR W 124 7.04 60.39 -16.93
N LEU W 125 6.48 59.59 -16.03
CA LEU W 125 5.13 59.85 -15.54
C LEU W 125 5.04 60.02 -14.02
N TYR W 126 6.11 59.66 -13.32
CA TYR W 126 6.09 59.71 -11.86
C TYR W 126 7.16 60.56 -11.18
N SER W 127 6.91 60.86 -9.91
CA SER W 127 7.86 61.61 -9.11
C SER W 127 8.82 60.63 -8.41
N ALA W 128 8.44 59.36 -8.38
CA ALA W 128 9.24 58.31 -7.76
C ALA W 128 10.54 58.04 -8.50
N VAL W 129 10.53 58.25 -9.82
CA VAL W 129 11.72 58.05 -10.62
C VAL W 129 11.96 59.25 -11.51
N ARG W 130 13.12 59.31 -12.14
CA ARG W 130 13.45 60.40 -13.04
C ARG W 130 13.63 59.87 -14.45
N PRO W 131 13.39 60.72 -15.45
CA PRO W 131 13.56 60.34 -16.86
C PRO W 131 15.01 60.01 -17.19
N PHE W 132 15.22 59.09 -18.12
CA PHE W 132 16.57 58.70 -18.53
C PHE W 132 17.26 59.89 -19.18
N GLY W 133 18.53 60.09 -18.86
CA GLY W 133 19.28 61.19 -19.42
C GLY W 133 20.13 60.78 -20.60
N CYS W 134 19.52 60.09 -21.55
CA CYS W 134 20.25 59.65 -22.74
C CYS W 134 19.37 59.39 -23.94
N SER W 135 19.95 59.51 -25.12
CA SER W 135 19.27 59.26 -26.38
C SER W 135 20.12 58.23 -27.08
N PHE W 136 19.48 57.25 -27.73
CA PHE W 136 20.24 56.22 -28.43
C PHE W 136 19.66 55.85 -29.79
N MET W 137 20.46 55.13 -30.58
CA MET W 137 20.06 54.70 -31.90
C MET W 137 20.14 53.18 -32.01
N LEU W 138 19.21 52.58 -32.74
CA LEU W 138 19.19 51.14 -32.92
C LEU W 138 19.29 50.82 -34.41
N GLY W 139 20.29 50.02 -34.77
CA GLY W 139 20.50 49.64 -36.15
C GLY W 139 20.64 48.14 -36.30
N SER W 140 20.09 47.59 -37.38
CA SER W 140 20.17 46.16 -37.63
C SER W 140 19.93 45.84 -39.09
N TYR W 141 20.23 44.61 -39.48
CA TYR W 141 20.05 44.19 -40.86
C TYR W 141 19.74 42.70 -40.98
N SER W 142 18.74 42.38 -41.79
CA SER W 142 18.35 41.01 -42.03
C SER W 142 17.84 40.93 -43.46
N VAL W 143 17.87 39.73 -44.05
CA VAL W 143 17.41 39.57 -45.42
C VAL W 143 15.90 39.71 -45.56
N ASN W 144 15.16 39.40 -44.51
CA ASN W 144 13.71 39.50 -44.53
C ASN W 144 13.20 40.87 -44.11
N ASP W 145 14.09 41.69 -43.55
CA ASP W 145 13.70 43.02 -43.08
C ASP W 145 14.45 44.15 -43.78
N GLY W 146 15.63 43.85 -44.29
CA GLY W 146 16.45 44.86 -44.94
C GLY W 146 17.15 45.65 -43.86
N ALA W 147 17.49 46.90 -44.14
CA ALA W 147 18.16 47.75 -43.16
C ALA W 147 17.17 48.62 -42.40
N GLN W 148 17.31 48.66 -41.08
CA GLN W 148 16.42 49.48 -40.25
C GLN W 148 17.20 50.29 -39.22
N LEU W 149 16.80 51.54 -39.04
CA LEU W 149 17.44 52.45 -38.11
C LEU W 149 16.40 53.24 -37.33
N TYR W 150 16.52 53.20 -36.00
CA TYR W 150 15.58 53.89 -35.12
C TYR W 150 16.30 54.69 -34.05
N MET W 151 15.61 55.72 -33.53
CA MET W 151 16.18 56.57 -32.49
C MET W 151 15.17 56.85 -31.39
N ILE W 152 15.61 56.70 -30.14
CA ILE W 152 14.75 56.92 -28.98
C ILE W 152 15.34 58.00 -28.08
N ASP W 153 14.52 58.92 -27.61
CA ASP W 153 14.99 59.97 -26.72
C ASP W 153 14.43 59.78 -25.32
N PRO W 154 14.70 60.75 -24.42
CA PRO W 154 14.25 60.71 -23.03
C PRO W 154 12.72 60.68 -22.85
N SER W 155 11.97 61.25 -23.78
CA SER W 155 10.50 61.25 -23.67
C SER W 155 9.91 59.88 -23.95
N GLY W 156 10.58 59.12 -24.81
CA GLY W 156 10.12 57.80 -25.16
C GLY W 156 9.62 57.68 -26.59
N VAL W 157 9.74 58.77 -27.35
CA VAL W 157 9.30 58.74 -28.74
C VAL W 157 10.30 57.95 -29.58
N SER W 158 9.79 57.06 -30.41
CA SER W 158 10.63 56.22 -31.27
C SER W 158 10.27 56.41 -32.74
N TYR W 159 11.26 56.78 -33.55
CA TYR W 159 11.04 56.98 -34.98
C TYR W 159 12.07 56.25 -35.82
N GLY W 160 11.68 55.89 -37.05
CA GLY W 160 12.59 55.21 -37.97
C GLY W 160 13.25 56.27 -38.83
N TYR W 161 14.53 56.09 -39.13
CA TYR W 161 15.25 57.08 -39.92
C TYR W 161 16.06 56.51 -41.08
N TRP W 162 16.56 57.42 -41.91
CA TRP W 162 17.43 57.10 -43.04
C TRP W 162 18.83 57.56 -42.63
N GLY W 163 18.86 58.66 -41.89
CA GLY W 163 20.07 59.26 -41.38
C GLY W 163 19.68 59.95 -40.10
N CYS W 164 20.49 59.81 -39.05
CA CYS W 164 20.18 60.44 -37.77
C CYS W 164 21.42 60.90 -37.02
N ALA W 165 21.24 61.94 -36.21
CA ALA W 165 22.34 62.49 -35.41
C ALA W 165 21.87 62.86 -34.01
N ILE W 166 22.70 62.55 -33.02
CA ILE W 166 22.39 62.87 -31.64
C ILE W 166 23.63 63.39 -30.93
N GLY W 167 23.46 64.45 -30.15
CA GLY W 167 24.56 65.06 -29.42
C GLY W 167 24.49 66.56 -29.48
N LYS W 168 25.62 67.22 -29.18
CA LYS W 168 25.67 68.67 -29.18
C LYS W 168 25.72 69.27 -30.59
N ALA W 169 26.26 68.52 -31.54
CA ALA W 169 26.36 68.98 -32.92
C ALA W 169 25.48 68.15 -33.84
N ARG W 170 24.21 68.02 -33.49
CA ARG W 170 23.27 67.24 -34.30
C ARG W 170 22.57 68.12 -35.33
N GLN W 171 22.52 69.42 -35.05
CA GLN W 171 21.88 70.37 -35.96
C GLN W 171 22.77 70.66 -37.16
N ALA W 172 24.07 70.47 -36.98
CA ALA W 172 25.04 70.71 -38.04
C ALA W 172 25.32 69.42 -38.80
N ALA W 173 25.28 68.30 -38.08
CA ALA W 173 25.54 66.99 -38.68
C ALA W 173 24.39 66.54 -39.57
N LYS W 174 23.18 67.02 -39.28
CA LYS W 174 22.01 66.65 -40.06
C LYS W 174 22.08 67.23 -41.47
N THR W 175 22.60 68.45 -41.58
CA THR W 175 22.71 69.12 -42.88
C THR W 175 23.80 68.43 -43.71
N GLU W 176 24.80 67.89 -43.02
CA GLU W 176 25.89 67.18 -43.70
C GLU W 176 25.41 65.81 -44.15
N ILE W 177 24.48 65.24 -43.38
CA ILE W 177 23.93 63.93 -43.69
C ILE W 177 22.89 64.11 -44.79
N GLU W 178 22.26 65.29 -44.80
CA GLU W 178 21.25 65.62 -45.79
C GLU W 178 21.84 65.51 -47.19
N LYS W 179 23.00 66.13 -47.39
CA LYS W 179 23.67 66.09 -48.69
C LYS W 179 24.42 64.78 -48.90
N LEU W 180 23.67 63.73 -49.18
CA LEU W 180 24.19 62.40 -49.40
C LEU W 180 23.08 61.55 -50.00
N GLN W 181 23.46 60.57 -50.82
CA GLN W 181 22.48 59.69 -51.43
C GLN W 181 22.60 58.30 -50.81
N MET W 182 22.29 58.22 -49.52
CA MET W 182 22.38 56.99 -48.75
C MET W 182 21.50 55.82 -49.22
N LYS W 183 20.38 56.12 -49.89
CA LYS W 183 19.48 55.09 -50.38
C LYS W 183 20.13 54.16 -51.42
N GLU W 184 21.02 54.71 -52.24
CA GLU W 184 21.71 53.92 -53.25
C GLU W 184 23.14 53.59 -52.82
N MET W 185 23.53 54.05 -51.64
CA MET W 185 24.88 53.80 -51.14
C MET W 185 24.99 52.45 -50.45
N THR W 186 26.21 52.05 -50.10
CA THR W 186 26.44 50.78 -49.42
C THR W 186 27.28 50.99 -48.17
N CYS W 187 27.28 49.99 -47.30
CA CYS W 187 28.03 50.07 -46.04
C CYS W 187 29.49 50.43 -46.27
N ARG W 188 30.10 49.83 -47.29
CA ARG W 188 31.50 50.08 -47.60
C ARG W 188 31.77 51.54 -47.96
N ASP W 189 30.84 52.17 -48.66
CA ASP W 189 30.97 53.56 -49.07
C ASP W 189 30.48 54.56 -48.02
N ILE W 190 29.53 54.14 -47.21
CA ILE W 190 28.98 55.02 -46.17
C ILE W 190 29.89 55.17 -44.97
N VAL W 191 30.84 54.24 -44.81
CA VAL W 191 31.77 54.28 -43.69
C VAL W 191 32.74 55.45 -43.80
N LYS W 192 33.06 55.84 -45.03
CA LYS W 192 33.96 56.97 -45.27
C LYS W 192 33.22 58.29 -45.08
N GLU W 193 31.94 58.30 -45.46
CA GLU W 193 31.12 59.51 -45.33
C GLU W 193 30.78 59.78 -43.87
N VAL W 194 30.51 58.72 -43.12
CA VAL W 194 30.20 58.85 -41.71
C VAL W 194 31.41 59.41 -41.00
N ALA W 195 32.58 58.82 -41.27
CA ALA W 195 33.82 59.27 -40.67
C ALA W 195 34.08 60.73 -41.03
N LYS W 196 33.88 61.06 -42.31
CA LYS W 196 34.08 62.41 -42.79
C LYS W 196 33.16 63.39 -42.09
N ILE W 197 31.88 63.04 -41.98
CA ILE W 197 30.89 63.90 -41.33
C ILE W 197 31.21 64.15 -39.85
N ILE W 198 31.66 63.11 -39.16
CA ILE W 198 32.01 63.21 -37.75
C ILE W 198 33.15 64.19 -37.55
N TYR W 199 34.14 64.12 -38.43
CA TYR W 199 35.30 64.99 -38.36
C TYR W 199 34.95 66.45 -38.63
N ILE W 200 33.90 66.65 -39.43
CA ILE W 200 33.46 67.99 -39.78
C ILE W 200 32.78 68.71 -38.62
N VAL W 201 31.82 68.05 -38.00
CA VAL W 201 31.08 68.64 -36.89
C VAL W 201 31.92 68.77 -35.62
N HIS W 202 32.92 67.92 -35.47
CA HIS W 202 33.79 67.97 -34.30
C HIS W 202 34.46 69.33 -34.12
N ASP W 203 34.36 69.88 -32.92
CA ASP W 203 34.96 71.17 -32.62
C ASP W 203 36.43 71.01 -32.27
N GLU W 204 37.26 71.92 -32.79
CA GLU W 204 38.69 71.89 -32.53
C GLU W 204 39.05 72.46 -31.16
N VAL W 205 38.97 73.78 -31.05
CA VAL W 205 39.30 74.48 -29.80
C VAL W 205 38.54 73.90 -28.62
N LYS W 206 37.21 74.04 -28.64
CA LYS W 206 36.38 73.51 -27.58
C LYS W 206 36.27 72.00 -27.77
N ASP W 207 36.08 71.28 -26.67
CA ASP W 207 35.97 69.81 -26.70
C ASP W 207 37.11 69.17 -27.48
N LYS W 208 38.33 69.49 -27.12
CA LYS W 208 39.52 68.94 -27.80
C LYS W 208 39.74 67.48 -27.44
N ALA W 209 40.50 66.79 -28.29
CA ALA W 209 40.86 65.36 -28.18
C ALA W 209 39.71 64.36 -28.25
N PHE W 210 39.52 63.80 -29.44
CA PHE W 210 38.45 62.83 -29.66
C PHE W 210 38.94 61.61 -30.43
N GLU W 211 38.20 60.51 -30.30
CA GLU W 211 38.51 59.28 -30.99
C GLU W 211 37.29 58.93 -31.84
N LEU W 212 37.50 58.21 -32.93
CA LEU W 212 36.41 57.83 -33.81
C LEU W 212 35.97 56.38 -33.62
N GLU W 213 34.71 56.19 -33.23
CA GLU W 213 34.15 54.87 -33.02
C GLU W 213 33.29 54.52 -34.21
N LEU W 214 33.52 53.35 -34.80
CA LEU W 214 32.74 52.94 -35.97
C LEU W 214 32.27 51.49 -35.90
N SER W 215 30.97 51.30 -36.14
CA SER W 215 30.37 49.97 -36.12
C SER W 215 29.34 49.88 -37.22
N TRP W 216 29.14 48.68 -37.76
CA TRP W 216 28.16 48.51 -38.82
C TRP W 216 27.49 47.15 -38.81
N VAL W 217 26.34 47.08 -39.48
CA VAL W 217 25.58 45.85 -39.59
C VAL W 217 24.88 45.89 -40.94
N GLY W 218 25.03 44.82 -41.72
CA GLY W 218 24.42 44.75 -43.04
C GLY W 218 24.89 43.55 -43.80
N GLU W 219 24.76 43.60 -45.12
CA GLU W 219 25.16 42.50 -45.99
C GLU W 219 26.66 42.20 -45.92
N ILE W 220 27.47 43.24 -45.76
CA ILE W 220 28.91 43.07 -45.69
C ILE W 220 29.32 42.24 -44.47
N THR W 221 28.63 42.46 -43.36
CA THR W 221 28.92 41.73 -42.12
C THR W 221 27.99 40.55 -41.93
N LYS W 222 27.27 40.19 -42.99
CA LYS W 222 26.31 39.08 -43.00
C LYS W 222 25.24 39.18 -41.91
N GLY W 223 24.75 40.40 -41.68
CA GLY W 223 23.70 40.62 -40.69
C GLY W 223 24.13 40.74 -39.25
N ARG W 224 25.42 40.56 -38.96
CA ARG W 224 25.91 40.67 -37.60
C ARG W 224 26.45 42.07 -37.31
N HIS W 225 26.02 42.66 -36.21
CA HIS W 225 26.52 43.98 -35.87
C HIS W 225 27.90 43.84 -35.25
N GLU W 226 28.85 44.63 -35.74
CA GLU W 226 30.21 44.58 -35.23
C GLU W 226 30.97 45.87 -35.50
N ILE W 227 32.08 46.06 -34.78
CA ILE W 227 32.92 47.22 -34.95
C ILE W 227 33.55 47.17 -36.34
N VAL W 228 33.59 48.30 -37.03
CA VAL W 228 34.18 48.35 -38.36
C VAL W 228 35.66 47.99 -38.25
N PRO W 229 36.13 47.09 -39.13
CA PRO W 229 37.52 46.62 -39.18
C PRO W 229 38.56 47.74 -39.18
N LYS W 230 39.69 47.50 -38.51
CA LYS W 230 40.77 48.48 -38.42
C LYS W 230 41.24 49.00 -39.77
N ASP W 231 41.40 48.11 -40.75
CA ASP W 231 41.84 48.53 -42.07
C ASP W 231 40.84 49.47 -42.73
N ILE W 232 39.56 49.08 -42.72
CA ILE W 232 38.50 49.88 -43.30
C ILE W 232 38.33 51.19 -42.53
N ARG W 233 38.49 51.14 -41.21
CA ARG W 233 38.38 52.35 -40.40
C ARG W 233 39.55 53.27 -40.69
N GLU W 234 40.72 52.68 -40.91
CA GLU W 234 41.91 53.44 -41.22
C GLU W 234 41.62 54.26 -42.47
N GLU W 235 41.23 53.58 -43.54
CA GLU W 235 40.90 54.23 -44.80
C GLU W 235 39.88 55.35 -44.61
N ALA W 236 38.81 55.03 -43.90
CA ALA W 236 37.75 55.99 -43.63
C ALA W 236 38.27 57.23 -42.92
N GLU W 237 39.13 57.03 -41.92
CA GLU W 237 39.69 58.14 -41.17
C GLU W 237 40.73 58.88 -42.00
N LYS W 238 41.39 58.14 -42.89
CA LYS W 238 42.39 58.71 -43.77
C LYS W 238 41.72 59.55 -44.85
N TYR W 239 40.52 59.13 -45.24
CA TYR W 239 39.76 59.84 -46.25
C TYR W 239 38.95 60.96 -45.62
N ALA W 240 38.84 60.94 -44.29
CA ALA W 240 38.09 61.96 -43.57
C ALA W 240 38.98 63.17 -43.29
N LYS W 241 40.22 62.91 -42.88
CA LYS W 241 41.17 63.99 -42.59
C LYS W 241 41.68 64.63 -43.87
N GLU W 242 41.93 63.81 -44.88
CA GLU W 242 42.41 64.31 -46.16
C GLU W 242 41.35 65.13 -46.88
N SER W 243 40.09 64.80 -46.63
CA SER W 243 38.97 65.52 -47.24
C SER W 243 38.25 66.37 -46.21
N LEU W 244 38.95 67.37 -45.68
CA LEU W 244 38.38 68.27 -44.69
C LEU W 244 39.20 69.55 -44.59
N THR X 1 8.66 -8.03 -30.64
CA THR X 1 8.32 -9.25 -31.42
C THR X 1 7.14 -8.94 -32.36
N THR X 2 7.34 -9.28 -33.62
CA THR X 2 6.33 -9.12 -34.65
C THR X 2 6.23 -10.42 -35.45
N ILE X 3 5.03 -11.00 -35.50
CA ILE X 3 4.82 -12.24 -36.24
C ILE X 3 3.66 -12.09 -37.20
N MET X 4 3.71 -12.83 -38.31
CA MET X 4 2.67 -12.73 -39.32
C MET X 4 2.51 -14.02 -40.13
N ALA X 5 1.27 -14.32 -40.51
CA ALA X 5 0.96 -15.48 -41.32
C ALA X 5 -0.16 -15.12 -42.30
N VAL X 6 0.02 -15.47 -43.57
CA VAL X 6 -0.98 -15.17 -44.59
C VAL X 6 -1.37 -16.43 -45.37
N GLU X 7 -2.65 -16.56 -45.67
CA GLU X 7 -3.16 -17.70 -46.42
C GLU X 7 -3.16 -17.39 -47.91
N PHE X 8 -2.93 -18.40 -48.73
CA PHE X 8 -2.95 -18.25 -50.18
C PHE X 8 -3.43 -19.56 -50.80
N ASP X 9 -4.02 -19.49 -51.99
CA ASP X 9 -4.51 -20.70 -52.63
C ASP X 9 -3.42 -21.75 -52.81
N GLY X 10 -3.38 -22.71 -51.91
CA GLY X 10 -2.40 -23.77 -51.96
C GLY X 10 -1.47 -23.89 -50.76
N GLY X 11 -1.52 -22.94 -49.84
CA GLY X 11 -0.65 -22.99 -48.67
C GLY X 11 -0.62 -21.75 -47.79
N VAL X 12 0.48 -21.56 -47.07
CA VAL X 12 0.61 -20.40 -46.19
C VAL X 12 2.01 -19.81 -46.21
N VAL X 13 2.12 -18.58 -45.73
CA VAL X 13 3.39 -17.89 -45.65
C VAL X 13 3.51 -17.36 -44.23
N VAL X 14 4.48 -17.89 -43.48
CA VAL X 14 4.70 -17.46 -42.10
C VAL X 14 6.02 -16.70 -41.99
N GLY X 15 6.01 -15.62 -41.23
CA GLY X 15 7.21 -14.82 -41.05
C GLY X 15 7.28 -14.10 -39.72
N SER X 16 8.50 -13.76 -39.30
CA SER X 16 8.72 -13.05 -38.04
C SER X 16 10.08 -12.37 -38.00
N ASP X 17 10.30 -11.60 -36.94
CA ASP X 17 11.57 -10.93 -36.73
C ASP X 17 12.46 -11.86 -35.90
N SER X 18 13.68 -11.44 -35.57
CA SER X 18 14.57 -12.30 -34.78
C SER X 18 15.13 -11.66 -33.52
N ARG X 19 14.39 -10.74 -32.92
CA ARG X 19 14.88 -10.06 -31.73
C ARG X 19 14.35 -10.59 -30.39
N VAL X 20 15.27 -11.01 -29.53
CA VAL X 20 14.92 -11.47 -28.19
C VAL X 20 15.45 -10.38 -27.27
N SER X 21 14.58 -9.75 -26.50
CA SER X 21 14.99 -8.66 -25.62
C SER X 21 14.79 -8.88 -24.14
N ALA X 22 15.61 -8.19 -23.35
CA ALA X 22 15.55 -8.23 -21.90
C ALA X 22 15.61 -6.78 -21.46
N GLY X 23 14.47 -6.10 -21.51
CA GLY X 23 14.43 -4.69 -21.14
C GLY X 23 14.88 -3.86 -22.33
N GLU X 24 16.09 -3.33 -22.25
CA GLU X 24 16.65 -2.53 -23.33
C GLU X 24 17.82 -3.24 -23.99
N ALA X 25 18.21 -4.37 -23.42
CA ALA X 25 19.32 -5.14 -23.95
C ALA X 25 18.84 -6.25 -24.88
N VAL X 26 19.50 -6.39 -26.02
CA VAL X 26 19.16 -7.44 -26.97
C VAL X 26 19.94 -8.68 -26.57
N VAL X 27 19.24 -9.69 -26.07
CA VAL X 27 19.88 -10.93 -25.62
C VAL X 27 20.12 -11.92 -26.77
N ASN X 28 19.40 -11.71 -27.87
CA ASN X 28 19.54 -12.55 -29.06
C ASN X 28 19.02 -11.77 -30.26
N ARG X 29 19.92 -11.45 -31.19
CA ARG X 29 19.52 -10.68 -32.36
C ARG X 29 19.26 -11.51 -33.62
N ALA X 30 19.44 -12.82 -33.53
CA ALA X 30 19.22 -13.69 -34.68
C ALA X 30 18.38 -14.92 -34.31
N PHE X 31 17.38 -14.70 -33.46
CA PHE X 31 16.52 -15.79 -33.01
C PHE X 31 15.44 -16.17 -34.01
N ASN X 32 15.23 -17.47 -34.19
CA ASN X 32 14.22 -17.98 -35.09
C ASN X 32 12.91 -18.16 -34.32
N LYS X 33 11.92 -17.34 -34.63
CA LYS X 33 10.63 -17.42 -33.93
C LYS X 33 9.64 -18.37 -34.60
N LEU X 34 10.05 -19.00 -35.68
CA LEU X 34 9.21 -19.94 -36.40
C LEU X 34 9.60 -21.36 -36.03
N SER X 35 8.67 -22.09 -35.41
CA SER X 35 8.94 -23.46 -35.00
C SER X 35 7.99 -24.44 -35.68
N PRO X 36 8.53 -25.55 -36.20
CA PRO X 36 7.72 -26.57 -36.86
C PRO X 36 7.11 -27.53 -35.86
N LEU X 37 5.78 -27.63 -35.85
CA LEU X 37 5.09 -28.53 -34.93
C LEU X 37 4.99 -29.90 -35.60
N HIS X 38 4.87 -29.88 -36.92
CA HIS X 38 4.78 -31.11 -37.70
C HIS X 38 5.39 -30.86 -39.07
N GLN X 39 5.42 -31.88 -39.91
CA GLN X 39 5.98 -31.79 -41.26
C GLN X 39 5.45 -30.59 -42.05
N HIS X 40 4.13 -30.39 -42.04
CA HIS X 40 3.54 -29.29 -42.77
C HIS X 40 2.83 -28.25 -41.90
N ILE X 41 3.12 -28.27 -40.61
CA ILE X 41 2.49 -27.31 -39.69
C ILE X 41 3.52 -26.52 -38.89
N TYR X 42 3.43 -25.19 -38.96
CA TYR X 42 4.37 -24.32 -38.25
C TYR X 42 3.66 -23.41 -37.26
N CYS X 43 4.43 -22.82 -36.37
CA CYS X 43 3.89 -21.90 -35.38
C CYS X 43 4.84 -20.74 -35.15
N ALA X 44 4.27 -19.55 -34.99
CA ALA X 44 5.07 -18.37 -34.73
C ALA X 44 4.93 -18.04 -33.25
N LEU X 45 6.05 -18.00 -32.55
CA LEU X 45 6.04 -17.72 -31.11
C LEU X 45 6.13 -16.23 -30.81
N SER X 46 5.37 -15.79 -29.82
CA SER X 46 5.38 -14.40 -29.39
C SER X 46 4.99 -14.32 -27.92
N GLY X 47 5.54 -13.34 -27.21
CA GLY X 47 5.27 -13.19 -25.79
C GLY X 47 6.48 -13.61 -24.99
N SER X 48 6.27 -14.46 -23.99
CA SER X 48 7.36 -14.94 -23.16
C SER X 48 8.11 -16.10 -23.84
N ALA X 49 9.42 -15.95 -23.97
CA ALA X 49 10.26 -16.97 -24.60
C ALA X 49 10.09 -18.35 -23.96
N ALA X 50 10.26 -18.40 -22.65
CA ALA X 50 10.13 -19.66 -21.91
C ALA X 50 8.77 -20.32 -22.10
N ASP X 51 7.71 -19.52 -22.00
CA ASP X 51 6.35 -20.03 -22.15
C ASP X 51 6.10 -20.54 -23.56
N ALA X 52 6.43 -19.72 -24.55
CA ALA X 52 6.23 -20.09 -25.95
C ALA X 52 6.98 -21.37 -26.30
N GLN X 53 8.21 -21.48 -25.84
CA GLN X 53 9.02 -22.66 -26.11
C GLN X 53 8.47 -23.88 -25.39
N ALA X 54 7.99 -23.68 -24.17
CA ALA X 54 7.42 -24.77 -23.38
C ALA X 54 6.14 -25.31 -24.03
N MET X 55 5.30 -24.41 -24.50
CA MET X 55 4.03 -24.80 -25.14
C MET X 55 4.26 -25.44 -26.51
N ALA X 56 5.13 -24.83 -27.31
CA ALA X 56 5.43 -25.37 -28.64
C ALA X 56 5.95 -26.80 -28.54
N ASP X 57 6.87 -27.04 -27.60
CA ASP X 57 7.42 -28.37 -27.40
C ASP X 57 6.33 -29.35 -26.96
N MET X 58 5.45 -28.88 -26.09
CA MET X 58 4.34 -29.68 -25.58
C MET X 58 3.42 -30.09 -26.74
N ALA X 59 3.04 -29.11 -27.56
CA ALA X 59 2.16 -29.34 -28.70
C ALA X 59 2.79 -30.27 -29.73
N ALA X 60 4.07 -30.09 -30.00
CA ALA X 60 4.77 -30.92 -30.98
C ALA X 60 4.75 -32.39 -30.54
N TYR X 61 4.98 -32.60 -29.25
CA TYR X 61 4.96 -33.94 -28.66
C TYR X 61 3.57 -34.56 -28.78
N GLN X 62 2.55 -33.80 -28.38
CA GLN X 62 1.17 -34.28 -28.45
C GLN X 62 0.75 -34.59 -29.88
N LEU X 63 1.06 -33.68 -30.80
CA LEU X 63 0.70 -33.84 -32.21
C LEU X 63 1.45 -35.00 -32.85
N GLU X 64 2.69 -35.22 -32.41
CA GLU X 64 3.50 -36.30 -32.91
C GLU X 64 2.83 -37.63 -32.59
N LEU X 65 2.42 -37.79 -31.34
CA LEU X 65 1.76 -39.02 -30.91
C LEU X 65 0.44 -39.17 -31.64
N HIS X 66 -0.32 -38.08 -31.71
CA HIS X 66 -1.60 -38.09 -32.40
C HIS X 66 -1.43 -38.56 -33.84
N GLY X 67 -0.46 -37.99 -34.54
CA GLY X 67 -0.18 -38.34 -35.91
C GLY X 67 0.10 -39.82 -36.12
N LEU X 68 0.90 -40.40 -35.23
CA LEU X 68 1.26 -41.81 -35.33
C LEU X 68 0.08 -42.73 -35.02
N GLU X 69 -0.74 -42.34 -34.06
CA GLU X 69 -1.91 -43.13 -33.68
C GLU X 69 -2.90 -43.24 -34.85
N LEU X 70 -3.23 -42.12 -35.46
CA LEU X 70 -4.18 -42.08 -36.57
C LEU X 70 -3.58 -42.48 -37.92
N GLU X 71 -2.26 -42.65 -37.97
CA GLU X 71 -1.54 -43.02 -39.19
C GLU X 71 -1.91 -42.12 -40.36
N GLU X 72 -1.89 -40.82 -40.13
CA GLU X 72 -2.23 -39.83 -41.15
C GLU X 72 -1.72 -38.47 -40.71
N PRO X 73 -1.28 -37.64 -41.68
CA PRO X 73 -0.80 -36.31 -41.34
C PRO X 73 -1.90 -35.56 -40.60
N PRO X 74 -1.56 -34.96 -39.46
CA PRO X 74 -2.55 -34.24 -38.65
C PRO X 74 -3.14 -33.05 -39.39
N LEU X 75 -4.34 -32.64 -38.98
CA LEU X 75 -4.99 -31.51 -39.60
C LEU X 75 -4.45 -30.23 -38.98
N VAL X 76 -4.51 -29.14 -39.71
CA VAL X 76 -4.03 -27.87 -39.19
C VAL X 76 -4.92 -27.43 -38.05
N LEU X 77 -6.21 -27.76 -38.16
CA LEU X 77 -7.17 -27.42 -37.14
C LEU X 77 -6.88 -28.19 -35.85
N ALA X 78 -6.44 -29.43 -35.98
CA ALA X 78 -6.11 -30.24 -34.82
C ALA X 78 -4.95 -29.61 -34.07
N ALA X 79 -3.93 -29.16 -34.81
CA ALA X 79 -2.76 -28.52 -34.20
C ALA X 79 -3.18 -27.25 -33.48
N ALA X 80 -4.07 -26.48 -34.09
CA ALA X 80 -4.55 -25.24 -33.50
C ALA X 80 -5.38 -25.53 -32.25
N ASN X 81 -6.13 -26.62 -32.28
CA ASN X 81 -6.96 -27.02 -31.15
C ASN X 81 -6.08 -27.49 -29.99
N VAL X 82 -4.98 -28.15 -30.33
CA VAL X 82 -4.04 -28.62 -29.32
C VAL X 82 -3.37 -27.42 -28.63
N VAL X 83 -3.07 -26.39 -29.41
CA VAL X 83 -2.45 -25.19 -28.87
C VAL X 83 -3.47 -24.37 -28.09
N ARG X 84 -4.68 -24.26 -28.63
CA ARG X 84 -5.74 -23.51 -27.98
C ARG X 84 -6.05 -24.06 -26.59
N ASN X 85 -6.13 -25.39 -26.50
CA ASN X 85 -6.42 -26.04 -25.23
C ASN X 85 -5.36 -25.73 -24.17
N ILE X 86 -4.09 -25.83 -24.55
CA ILE X 86 -3.00 -25.53 -23.63
C ILE X 86 -3.02 -24.07 -23.22
N SER X 87 -3.20 -23.19 -24.21
CA SER X 87 -3.23 -21.74 -23.97
C SER X 87 -4.42 -21.32 -23.11
N TYR X 88 -5.54 -22.01 -23.27
CA TYR X 88 -6.72 -21.69 -22.48
C TYR X 88 -6.62 -22.26 -21.07
N LYS X 89 -6.16 -23.50 -20.97
CA LYS X 89 -6.02 -24.16 -19.68
C LYS X 89 -5.09 -23.43 -18.74
N TYR X 90 -3.98 -22.91 -19.29
CA TYR X 90 -3.01 -22.19 -18.47
C TYR X 90 -2.98 -20.71 -18.80
N ARG X 91 -4.14 -20.12 -19.08
CA ARG X 91 -4.22 -18.70 -19.43
C ARG X 91 -3.73 -17.74 -18.34
N GLU X 92 -3.85 -18.11 -17.08
CA GLU X 92 -3.39 -17.24 -15.99
C GLU X 92 -1.90 -17.43 -15.69
N ASP X 93 -1.32 -18.51 -16.20
CA ASP X 93 0.10 -18.79 -15.96
C ASP X 93 1.00 -18.46 -17.14
N LEU X 94 0.53 -18.77 -18.35
CA LEU X 94 1.32 -18.51 -19.54
C LEU X 94 1.09 -17.11 -20.10
N SER X 95 2.09 -16.59 -20.80
CA SER X 95 1.98 -15.26 -21.39
C SER X 95 2.62 -15.26 -22.77
N ALA X 96 2.07 -16.06 -23.69
CA ALA X 96 2.61 -16.14 -25.04
C ALA X 96 1.57 -16.62 -26.06
N HIS X 97 1.63 -16.03 -27.25
CA HIS X 97 0.71 -16.37 -28.34
C HIS X 97 1.40 -17.19 -29.42
N LEU X 98 0.93 -18.41 -29.61
CA LEU X 98 1.49 -19.30 -30.63
C LEU X 98 0.62 -19.33 -31.89
N MET X 99 0.93 -18.43 -32.83
CA MET X 99 0.23 -18.35 -34.11
C MET X 99 0.37 -19.67 -34.86
N ILE X 100 -0.72 -20.16 -35.44
CA ILE X 100 -0.68 -21.44 -36.14
C ILE X 100 -0.97 -21.33 -37.64
N ALA X 101 -0.01 -21.77 -38.44
CA ALA X 101 -0.15 -21.74 -39.89
C ALA X 101 0.39 -23.02 -40.50
N GLY X 102 -0.33 -23.58 -41.45
CA GLY X 102 0.11 -24.81 -42.09
C GLY X 102 -0.75 -25.25 -43.25
N TRP X 103 -0.58 -26.49 -43.66
CA TRP X 103 -1.33 -27.04 -44.78
C TRP X 103 -1.63 -28.52 -44.58
N ASP X 104 -2.85 -28.92 -44.88
CA ASP X 104 -3.25 -30.32 -44.81
C ASP X 104 -4.00 -30.68 -46.08
N ARG X 105 -4.31 -31.96 -46.28
CA ARG X 105 -5.01 -32.39 -47.49
C ARG X 105 -6.54 -32.18 -47.45
N ARG X 106 -7.06 -31.74 -46.31
CA ARG X 106 -8.49 -31.53 -46.16
C ARG X 106 -8.95 -30.09 -46.40
N ASP X 107 -8.35 -29.14 -45.69
CA ASP X 107 -8.73 -27.74 -45.83
C ASP X 107 -7.62 -26.82 -46.35
N GLY X 108 -6.65 -27.38 -47.05
CA GLY X 108 -5.56 -26.61 -47.62
C GLY X 108 -4.71 -25.82 -46.63
N GLY X 109 -4.37 -24.59 -47.00
CA GLY X 109 -3.57 -23.72 -46.16
C GLY X 109 -4.41 -22.88 -45.24
N GLN X 110 -4.26 -23.08 -43.93
CA GLN X 110 -5.04 -22.34 -42.94
C GLN X 110 -4.19 -21.62 -41.90
N VAL X 111 -4.66 -20.45 -41.48
CA VAL X 111 -3.97 -19.66 -40.47
C VAL X 111 -4.88 -19.48 -39.25
N TYR X 112 -4.40 -19.90 -38.09
CA TYR X 112 -5.20 -19.79 -36.87
C TYR X 112 -4.52 -18.95 -35.80
N GLY X 113 -5.32 -18.13 -35.11
CA GLY X 113 -4.82 -17.30 -34.03
C GLY X 113 -5.28 -17.97 -32.75
N THR X 114 -4.35 -18.28 -31.86
CA THR X 114 -4.69 -18.95 -30.61
C THR X 114 -4.33 -18.16 -29.36
N MET X 115 -4.30 -16.83 -29.48
CA MET X 115 -3.97 -15.97 -28.37
C MET X 115 -4.94 -16.04 -27.18
N GLY X 116 -4.41 -16.34 -26.00
CA GLY X 116 -5.19 -16.41 -24.79
C GLY X 116 -6.21 -17.53 -24.64
N GLY X 117 -6.12 -18.55 -25.50
CA GLY X 117 -7.04 -19.66 -25.44
C GLY X 117 -8.17 -19.54 -26.45
N MET X 118 -8.33 -18.36 -27.03
CA MET X 118 -9.36 -18.12 -28.03
C MET X 118 -8.83 -18.56 -29.41
N LEU X 119 -9.65 -19.28 -30.16
CA LEU X 119 -9.25 -19.76 -31.48
C LEU X 119 -10.08 -19.22 -32.64
N THR X 120 -9.41 -18.61 -33.61
CA THR X 120 -10.09 -18.07 -34.79
C THR X 120 -9.25 -18.22 -36.05
N ARG X 121 -9.90 -18.60 -37.14
CA ARG X 121 -9.22 -18.75 -38.42
C ARG X 121 -9.33 -17.45 -39.20
N GLN X 122 -8.22 -16.98 -39.74
CA GLN X 122 -8.21 -15.75 -40.52
C GLN X 122 -7.45 -15.91 -41.82
N PRO X 123 -7.68 -14.99 -42.78
CA PRO X 123 -6.99 -14.98 -44.06
C PRO X 123 -5.52 -14.63 -43.82
N PHE X 124 -5.27 -13.75 -42.87
CA PHE X 124 -3.92 -13.35 -42.47
C PHE X 124 -3.96 -12.93 -41.01
N ALA X 125 -2.87 -13.15 -40.29
CA ALA X 125 -2.82 -12.79 -38.87
C ALA X 125 -1.49 -12.16 -38.48
N ILE X 126 -1.55 -11.17 -37.59
CA ILE X 126 -0.35 -10.51 -37.09
C ILE X 126 -0.38 -10.47 -35.57
N GLY X 127 0.77 -10.73 -34.95
CA GLY X 127 0.86 -10.71 -33.51
C GLY X 127 2.17 -10.16 -33.00
N GLY X 128 2.32 -10.11 -31.68
CA GLY X 128 3.53 -9.60 -31.07
C GLY X 128 3.42 -8.12 -30.80
N SER X 129 4.37 -7.58 -30.05
CA SER X 129 4.40 -6.17 -29.70
C SER X 129 4.51 -5.19 -30.88
N GLY X 130 5.12 -5.62 -31.99
CA GLY X 130 5.26 -4.78 -33.15
C GLY X 130 4.09 -4.82 -34.12
N SER X 131 3.12 -5.70 -33.85
CA SER X 131 1.97 -5.83 -34.73
C SER X 131 1.02 -4.64 -34.69
N THR X 132 1.03 -3.91 -33.59
CA THR X 132 0.17 -2.74 -33.42
C THR X 132 0.46 -1.64 -34.43
N TYR X 133 1.73 -1.48 -34.80
CA TYR X 133 2.15 -0.45 -35.75
C TYR X 133 1.85 -0.77 -37.20
N ILE X 134 1.53 -2.03 -37.50
CA ILE X 134 1.26 -2.41 -38.87
C ILE X 134 -0.20 -2.78 -39.16
N TYR X 135 -1.09 -2.56 -38.19
CA TYR X 135 -2.49 -2.88 -38.37
C TYR X 135 -3.08 -2.12 -39.56
N GLY X 136 -2.82 -0.82 -39.60
CA GLY X 136 -3.32 0.01 -40.68
C GLY X 136 -2.74 -0.38 -42.02
N TYR X 137 -1.46 -0.71 -42.04
CA TYR X 137 -0.78 -1.10 -43.26
C TYR X 137 -1.30 -2.39 -43.89
N VAL X 138 -1.49 -3.42 -43.07
CA VAL X 138 -1.98 -4.70 -43.59
C VAL X 138 -3.43 -4.60 -44.05
N ASP X 139 -4.21 -3.74 -43.41
CA ASP X 139 -5.61 -3.56 -43.77
C ASP X 139 -5.77 -2.89 -45.13
N ALA X 140 -4.81 -2.02 -45.46
CA ALA X 140 -4.84 -1.29 -46.72
C ALA X 140 -4.08 -1.99 -47.85
N ALA X 141 -3.22 -2.93 -47.50
CA ALA X 141 -2.42 -3.62 -48.51
C ALA X 141 -2.89 -5.03 -48.88
N TYR X 142 -3.52 -5.72 -47.94
CA TYR X 142 -4.01 -7.07 -48.20
C TYR X 142 -5.10 -7.13 -49.26
N LYS X 143 -4.95 -8.05 -50.21
CA LYS X 143 -5.92 -8.26 -51.26
C LYS X 143 -6.12 -9.76 -51.44
N PRO X 144 -7.38 -10.20 -51.55
CA PRO X 144 -7.67 -11.61 -51.73
C PRO X 144 -7.14 -12.15 -53.06
N GLY X 145 -6.77 -13.42 -53.08
CA GLY X 145 -6.25 -14.04 -54.29
C GLY X 145 -4.78 -13.75 -54.52
N MET X 146 -4.06 -13.49 -53.43
CA MET X 146 -2.64 -13.21 -53.50
C MET X 146 -1.89 -14.50 -53.77
N SER X 147 -0.88 -14.43 -54.60
CA SER X 147 -0.06 -15.61 -54.92
C SER X 147 1.00 -15.78 -53.85
N PRO X 148 1.66 -16.95 -53.83
CA PRO X 148 2.72 -17.23 -52.85
C PRO X 148 3.79 -16.15 -52.85
N GLU X 149 4.24 -15.75 -54.04
CA GLU X 149 5.25 -14.71 -54.18
C GLU X 149 4.77 -13.39 -53.60
N GLU X 150 3.50 -13.07 -53.84
CA GLU X 150 2.92 -11.82 -53.34
C GLU X 150 2.72 -11.86 -51.84
N CYS X 151 2.48 -13.06 -51.30
CA CYS X 151 2.28 -13.22 -49.87
C CYS X 151 3.59 -13.01 -49.12
N ARG X 152 4.68 -13.52 -49.68
CA ARG X 152 5.98 -13.38 -49.07
C ARG X 152 6.40 -11.91 -49.08
N SER X 153 6.07 -11.21 -50.17
CA SER X 153 6.39 -9.80 -50.30
C SER X 153 5.57 -9.02 -49.28
N PHE X 154 4.28 -9.30 -49.22
CA PHE X 154 3.37 -8.66 -48.28
C PHE X 154 3.87 -8.87 -46.86
N THR X 155 4.21 -10.11 -46.53
CA THR X 155 4.72 -10.45 -45.21
C THR X 155 6.02 -9.72 -44.92
N THR X 156 6.96 -9.80 -45.84
CA THR X 156 8.25 -9.14 -45.68
C THR X 156 8.09 -7.65 -45.40
N ASN X 157 7.32 -6.98 -46.24
CA ASN X 157 7.08 -5.54 -46.10
C ASN X 157 6.51 -5.18 -44.73
N ALA X 158 5.43 -5.85 -44.35
CA ALA X 158 4.77 -5.61 -43.08
C ALA X 158 5.70 -5.76 -41.89
N ILE X 159 6.46 -6.85 -41.86
CA ILE X 159 7.37 -7.11 -40.76
C ILE X 159 8.50 -6.07 -40.74
N ALA X 160 8.96 -5.66 -41.91
CA ALA X 160 10.02 -4.67 -42.02
C ALA X 160 9.55 -3.33 -41.47
N LEU X 161 8.30 -2.99 -41.74
CA LEU X 161 7.74 -1.73 -41.27
C LEU X 161 7.61 -1.74 -39.75
N ALA X 162 7.27 -2.91 -39.20
CA ALA X 162 7.11 -3.06 -37.75
C ALA X 162 8.47 -3.05 -37.06
N MET X 163 9.44 -3.73 -37.65
CA MET X 163 10.79 -3.81 -37.08
C MET X 163 11.43 -2.44 -36.92
N ASN X 164 11.23 -1.57 -37.90
CA ASN X 164 11.78 -0.23 -37.86
C ASN X 164 11.13 0.67 -36.80
N ARG X 165 9.86 0.44 -36.50
CA ARG X 165 9.16 1.25 -35.52
C ARG X 165 9.20 0.70 -34.10
N ASP X 166 9.11 -0.62 -33.96
CA ASP X 166 9.09 -1.26 -32.65
C ASP X 166 10.48 -1.55 -32.08
N GLY X 167 10.71 -1.12 -30.84
CA GLY X 167 11.97 -1.35 -30.16
C GLY X 167 12.18 -2.79 -29.74
N SER X 168 11.10 -3.54 -29.59
CA SER X 168 11.17 -4.94 -29.20
C SER X 168 11.32 -5.87 -30.42
N SER X 169 11.31 -5.29 -31.61
CA SER X 169 11.46 -6.05 -32.84
C SER X 169 12.72 -5.59 -33.55
N GLY X 170 13.25 -6.42 -34.43
CA GLY X 170 14.45 -6.06 -35.16
C GLY X 170 15.29 -7.25 -35.58
N GLY X 171 16.43 -6.98 -36.19
CA GLY X 171 17.31 -8.03 -36.65
C GLY X 171 17.01 -8.45 -38.07
N VAL X 172 16.83 -9.74 -38.29
CA VAL X 172 16.52 -10.26 -39.62
C VAL X 172 15.09 -10.77 -39.69
N ILE X 173 14.64 -11.09 -40.90
CA ILE X 173 13.29 -11.59 -41.09
C ILE X 173 13.31 -13.05 -41.51
N HIS X 174 12.75 -13.91 -40.66
CA HIS X 174 12.67 -15.33 -40.98
C HIS X 174 11.39 -15.57 -41.76
N LEU X 175 11.49 -16.26 -42.89
CA LEU X 175 10.33 -16.53 -43.74
C LEU X 175 10.15 -18.01 -44.02
N VAL X 176 8.90 -18.46 -44.02
CA VAL X 176 8.59 -19.85 -44.29
C VAL X 176 7.33 -19.99 -45.15
N THR X 177 7.44 -20.75 -46.22
CA THR X 177 6.33 -20.99 -47.11
C THR X 177 5.96 -22.46 -47.03
N ILE X 178 4.72 -22.74 -46.65
CA ILE X 178 4.26 -24.11 -46.53
C ILE X 178 3.22 -24.41 -47.58
N THR X 179 3.39 -25.54 -48.25
CA THR X 179 2.49 -25.98 -49.29
C THR X 179 2.53 -27.51 -49.39
N ALA X 180 1.75 -28.08 -50.28
CA ALA X 180 1.72 -29.53 -50.46
C ALA X 180 3.11 -30.10 -50.71
N ALA X 181 3.85 -29.46 -51.63
CA ALA X 181 5.20 -29.89 -51.98
C ALA X 181 6.10 -30.07 -50.75
N GLY X 182 6.08 -29.08 -49.86
CA GLY X 182 6.89 -29.14 -48.65
C GLY X 182 7.12 -27.78 -48.03
N VAL X 183 8.09 -27.71 -47.12
CA VAL X 183 8.41 -26.47 -46.44
C VAL X 183 9.70 -25.87 -46.99
N ASP X 184 9.66 -24.60 -47.36
CA ASP X 184 10.84 -23.92 -47.88
C ASP X 184 11.15 -22.67 -47.05
N TYR X 185 12.28 -22.72 -46.35
CA TYR X 185 12.72 -21.62 -45.50
C TYR X 185 13.39 -20.53 -46.31
N GLN X 186 13.50 -19.35 -45.71
CA GLN X 186 14.13 -18.21 -46.32
C GLN X 186 14.45 -17.18 -45.24
N VAL X 187 15.63 -16.58 -45.34
CA VAL X 187 16.04 -15.58 -44.36
C VAL X 187 16.41 -14.27 -45.05
N ILE X 188 15.78 -13.18 -44.62
CA ILE X 188 16.07 -11.87 -45.19
C ILE X 188 16.94 -11.10 -44.22
N LEU X 189 18.23 -10.98 -44.55
CA LEU X 189 19.19 -10.28 -43.71
C LEU X 189 18.98 -8.77 -43.67
N GLY X 190 19.60 -8.12 -42.69
CA GLY X 190 19.50 -6.68 -42.52
C GLY X 190 19.68 -5.84 -43.78
N ASN X 191 20.69 -6.16 -44.58
CA ASN X 191 20.97 -5.41 -45.80
C ASN X 191 19.99 -5.65 -46.96
N GLU X 192 19.25 -6.76 -46.91
CA GLU X 192 18.31 -7.07 -47.98
C GLU X 192 16.84 -6.85 -47.58
N LEU X 193 16.63 -6.12 -46.49
CA LEU X 193 15.28 -5.84 -46.02
C LEU X 193 14.67 -4.67 -46.77
N PRO X 194 13.36 -4.74 -47.03
CA PRO X 194 12.64 -3.67 -47.75
C PRO X 194 12.79 -2.33 -47.04
N LYS X 195 13.11 -1.29 -47.81
CA LYS X 195 13.30 0.05 -47.26
C LYS X 195 12.09 0.96 -47.49
N PHE X 196 11.72 1.69 -46.44
CA PHE X 196 10.59 2.61 -46.51
C PHE X 196 11.02 3.94 -45.90
N TYR X 197 10.05 4.81 -45.66
CA TYR X 197 10.34 6.11 -45.07
C TYR X 197 10.87 5.90 -43.65
N ASP X 198 12.17 6.12 -43.47
CA ASP X 198 12.81 5.94 -42.18
C ASP X 198 13.27 7.27 -41.60
N GLU X 199 12.91 8.35 -42.29
CA GLU X 199 13.28 9.70 -41.85
C GLU X 199 12.36 10.19 -40.75
N GLY Y 4 10.41 -81.23 -13.21
CA GLY Y 4 9.04 -80.77 -13.36
C GLY Y 4 8.33 -80.66 -12.03
N SER Y 5 9.08 -80.41 -10.98
CA SER Y 5 8.53 -80.28 -9.63
C SER Y 5 7.60 -79.08 -9.50
N SER Y 6 6.62 -79.19 -8.60
CA SER Y 6 5.68 -78.10 -8.39
C SER Y 6 5.15 -78.11 -6.97
N ALA Y 7 4.91 -76.94 -6.41
CA ALA Y 7 4.38 -76.81 -5.06
C ALA Y 7 3.54 -75.54 -4.93
N GLY Y 8 2.51 -75.59 -4.09
CA GLY Y 8 1.64 -74.45 -3.90
C GLY Y 8 1.04 -73.91 -5.18
N PHE Y 9 1.04 -72.60 -5.34
CA PHE Y 9 0.48 -71.95 -6.52
C PHE Y 9 1.55 -71.48 -7.49
N ASP Y 10 2.55 -72.33 -7.77
CA ASP Y 10 3.62 -71.94 -8.69
C ASP Y 10 3.32 -72.13 -10.18
N ARG Y 11 2.10 -72.54 -10.50
CA ARG Y 11 1.68 -72.72 -11.89
C ARG Y 11 0.55 -71.77 -12.25
N HIS Y 12 0.10 -70.99 -11.27
CA HIS Y 12 -0.99 -70.05 -11.48
C HIS Y 12 -0.51 -68.61 -11.48
N ILE Y 13 0.44 -68.31 -10.61
CA ILE Y 13 0.98 -66.95 -10.52
C ILE Y 13 2.49 -66.99 -10.74
N THR Y 14 3.07 -65.85 -11.04
CA THR Y 14 4.51 -65.77 -11.30
C THR Y 14 5.40 -65.85 -10.07
N ILE Y 15 5.48 -67.03 -9.47
CA ILE Y 15 6.33 -67.26 -8.32
C ILE Y 15 7.26 -68.42 -8.65
N PHE Y 16 8.38 -68.52 -7.94
CA PHE Y 16 9.35 -69.56 -8.21
C PHE Y 16 8.90 -70.97 -7.82
N SER Y 17 9.12 -71.91 -8.73
CA SER Y 17 8.81 -73.30 -8.46
C SER Y 17 10.05 -73.94 -7.81
N PRO Y 18 9.94 -75.19 -7.34
CA PRO Y 18 11.08 -75.86 -6.70
C PRO Y 18 12.40 -75.82 -7.47
N GLU Y 19 12.37 -75.96 -8.80
CA GLU Y 19 13.59 -75.92 -9.61
C GLU Y 19 14.04 -74.49 -9.96
N GLY Y 20 13.27 -73.49 -9.56
CA GLY Y 20 13.60 -72.11 -9.82
C GLY Y 20 13.03 -71.57 -11.12
N ARG Y 21 12.04 -72.27 -11.66
CA ARG Y 21 11.42 -71.85 -12.92
C ARG Y 21 10.17 -71.03 -12.69
N LEU Y 22 9.74 -70.31 -13.73
CA LEU Y 22 8.55 -69.49 -13.69
C LEU Y 22 7.56 -70.03 -14.72
N TYR Y 23 6.80 -71.04 -14.32
CA TYR Y 23 5.83 -71.69 -15.20
C TYR Y 23 4.90 -70.75 -15.95
N GLN Y 24 4.36 -69.74 -15.27
CA GLN Y 24 3.46 -68.78 -15.90
C GLN Y 24 4.11 -68.10 -17.10
N VAL Y 25 5.37 -67.70 -16.96
CA VAL Y 25 6.11 -67.06 -18.05
C VAL Y 25 6.31 -68.05 -19.19
N GLU Y 26 6.55 -69.32 -18.85
CA GLU Y 26 6.75 -70.37 -19.84
C GLU Y 26 5.45 -70.65 -20.61
N TYR Y 27 4.31 -70.50 -19.93
CA TYR Y 27 3.01 -70.70 -20.55
C TYR Y 27 2.73 -69.57 -21.53
N ALA Y 28 3.20 -68.37 -21.20
CA ALA Y 28 3.02 -67.19 -22.03
C ALA Y 28 3.77 -67.29 -23.35
N PHE Y 29 4.80 -68.15 -23.38
CA PHE Y 29 5.58 -68.36 -24.59
C PHE Y 29 4.79 -69.28 -25.51
N LYS Y 30 3.96 -70.13 -24.92
CA LYS Y 30 3.10 -71.06 -25.64
C LYS Y 30 1.89 -70.31 -26.23
N ALA Y 31 1.56 -69.16 -25.64
CA ALA Y 31 0.47 -68.31 -26.08
C ALA Y 31 0.81 -67.56 -27.36
N ILE Y 32 2.11 -67.39 -27.62
CA ILE Y 32 2.61 -66.73 -28.82
C ILE Y 32 2.33 -67.58 -30.06
N ASN Y 33 2.33 -68.91 -29.89
CA ASN Y 33 2.08 -69.84 -30.99
C ASN Y 33 0.59 -70.09 -31.22
N GLN Y 34 -0.26 -69.51 -30.36
CA GLN Y 34 -1.72 -69.67 -30.47
C GLN Y 34 -2.33 -68.94 -31.68
N GLY Y 35 -1.63 -67.93 -32.19
CA GLY Y 35 -2.09 -67.17 -33.34
C GLY Y 35 -1.86 -67.90 -34.65
N GLY Y 36 -0.97 -68.89 -34.63
CA GLY Y 36 -0.65 -69.68 -35.81
C GLY Y 36 0.07 -68.89 -36.88
N LEU Y 37 1.04 -68.10 -36.47
CA LEU Y 37 1.81 -67.29 -37.41
C LEU Y 37 3.29 -67.35 -37.10
N THR Y 38 4.10 -66.91 -38.06
CA THR Y 38 5.55 -66.89 -37.92
C THR Y 38 6.09 -65.61 -38.52
N SER Y 39 7.04 -65.00 -37.83
CA SER Y 39 7.63 -63.76 -38.31
C SER Y 39 9.13 -63.92 -38.52
N VAL Y 40 9.67 -63.18 -39.48
CA VAL Y 40 11.08 -63.25 -39.78
C VAL Y 40 11.66 -61.87 -40.06
N ALA Y 41 12.74 -61.54 -39.36
CA ALA Y 41 13.42 -60.26 -39.51
C ALA Y 41 14.86 -60.53 -39.90
N VAL Y 42 15.31 -59.88 -40.97
CA VAL Y 42 16.68 -60.07 -41.43
C VAL Y 42 17.42 -58.74 -41.55
N ARG Y 43 18.60 -58.69 -40.96
CA ARG Y 43 19.42 -57.49 -41.02
C ARG Y 43 20.45 -57.61 -42.14
N GLY Y 44 20.46 -56.64 -43.04
CA GLY Y 44 21.39 -56.66 -44.15
C GLY Y 44 22.63 -55.83 -43.86
N LYS Y 45 23.29 -55.37 -44.91
CA LYS Y 45 24.48 -54.55 -44.74
C LYS Y 45 24.10 -53.09 -44.55
N ASP Y 46 23.05 -52.67 -45.26
CA ASP Y 46 22.57 -51.29 -45.17
C ASP Y 46 21.05 -51.23 -45.08
N CYS Y 47 20.44 -52.33 -44.62
CA CYS Y 47 18.99 -52.38 -44.51
C CYS Y 47 18.52 -53.42 -43.50
N ALA Y 48 17.23 -53.36 -43.16
CA ALA Y 48 16.60 -54.29 -42.24
C ALA Y 48 15.17 -54.56 -42.71
N VAL Y 49 14.83 -55.83 -42.90
CA VAL Y 49 13.50 -56.18 -43.37
C VAL Y 49 12.73 -57.09 -42.43
N ILE Y 50 11.41 -56.93 -42.41
CA ILE Y 50 10.55 -57.75 -41.58
C ILE Y 50 9.43 -58.35 -42.44
N VAL Y 51 9.41 -59.69 -42.54
CA VAL Y 51 8.40 -60.40 -43.31
C VAL Y 51 7.49 -61.16 -42.35
N THR Y 52 6.20 -61.19 -42.65
CA THR Y 52 5.25 -61.88 -41.78
C THR Y 52 4.15 -62.54 -42.60
N GLN Y 53 3.57 -63.58 -42.01
CA GLN Y 53 2.51 -64.33 -42.64
C GLN Y 53 1.18 -63.59 -42.55
N LYS Y 54 0.65 -63.15 -43.68
CA LYS Y 54 -0.63 -62.44 -43.70
C LYS Y 54 -1.73 -63.42 -44.06
N LYS Y 55 -2.51 -63.83 -43.06
CA LYS Y 55 -3.59 -64.77 -43.28
C LYS Y 55 -4.97 -64.16 -43.01
N VAL Y 56 -5.80 -64.09 -44.05
CA VAL Y 56 -7.14 -63.56 -43.93
C VAL Y 56 -8.17 -64.61 -44.35
N PRO Y 57 -8.47 -65.55 -43.45
CA PRO Y 57 -9.43 -66.62 -43.74
C PRO Y 57 -10.83 -66.25 -43.26
N ASP Y 58 -11.49 -65.33 -43.95
CA ASP Y 58 -12.83 -64.91 -43.55
C ASP Y 58 -13.64 -64.28 -44.67
N LYS Y 59 -12.95 -63.75 -45.69
CA LYS Y 59 -13.52 -63.07 -46.89
C LYS Y 59 -14.18 -61.69 -46.69
N LEU Y 60 -15.03 -61.54 -45.68
CA LEU Y 60 -15.71 -60.28 -45.39
C LEU Y 60 -14.77 -59.34 -44.63
N LEU Y 61 -13.72 -59.89 -44.04
CA LEU Y 61 -12.74 -59.12 -43.30
C LEU Y 61 -12.05 -58.13 -44.23
N ASP Y 62 -11.82 -56.92 -43.74
CA ASP Y 62 -11.15 -55.90 -44.53
C ASP Y 62 -9.64 -56.11 -44.40
N SER Y 63 -9.07 -56.71 -45.43
CA SER Y 63 -7.64 -57.07 -45.49
C SER Y 63 -6.69 -55.94 -45.12
N SER Y 64 -7.11 -54.70 -45.36
CA SER Y 64 -6.28 -53.54 -45.05
C SER Y 64 -6.10 -53.31 -43.54
N THR Y 65 -7.08 -53.76 -42.76
CA THR Y 65 -7.03 -53.62 -41.30
C THR Y 65 -6.32 -54.80 -40.66
N VAL Y 66 -5.97 -55.80 -41.46
CA VAL Y 66 -5.29 -56.98 -40.94
C VAL Y 66 -3.79 -56.89 -41.21
N THR Y 67 -3.02 -56.63 -40.16
CA THR Y 67 -1.57 -56.53 -40.30
C THR Y 67 -0.85 -56.71 -38.97
N HIS Y 68 0.33 -57.31 -39.03
CA HIS Y 68 1.13 -57.53 -37.84
C HIS Y 68 2.35 -56.61 -37.83
N LEU Y 69 2.39 -55.70 -38.79
CA LEU Y 69 3.48 -54.73 -38.90
C LEU Y 69 2.96 -53.38 -38.44
N PHE Y 70 3.70 -52.74 -37.54
CA PHE Y 70 3.28 -51.45 -37.02
C PHE Y 70 4.39 -50.40 -37.06
N LYS Y 71 3.98 -49.15 -37.26
CA LYS Y 71 4.91 -48.04 -37.29
C LYS Y 71 5.01 -47.44 -35.89
N ILE Y 72 6.16 -47.63 -35.24
CA ILE Y 72 6.37 -47.08 -33.90
C ILE Y 72 6.66 -45.59 -34.01
N THR Y 73 7.73 -45.28 -34.74
CA THR Y 73 8.12 -43.90 -35.01
C THR Y 73 8.34 -43.76 -36.52
N GLU Y 74 8.83 -42.60 -36.94
CA GLU Y 74 9.09 -42.38 -38.37
C GLU Y 74 10.17 -43.32 -38.90
N ASN Y 75 11.17 -43.59 -38.07
CA ASN Y 75 12.28 -44.45 -38.45
C ASN Y 75 12.28 -45.82 -37.78
N ILE Y 76 11.26 -46.12 -36.99
CA ILE Y 76 11.19 -47.40 -36.31
C ILE Y 76 9.91 -48.19 -36.63
N GLY Y 77 10.09 -49.41 -37.11
CA GLY Y 77 8.98 -50.27 -37.45
C GLY Y 77 9.09 -51.57 -36.68
N CYS Y 78 7.99 -52.31 -36.58
CA CYS Y 78 8.01 -53.57 -35.85
C CYS Y 78 7.00 -54.60 -36.34
N VAL Y 79 7.21 -55.85 -35.94
CA VAL Y 79 6.33 -56.94 -36.29
C VAL Y 79 5.97 -57.70 -35.02
N MET Y 80 4.67 -57.85 -34.78
CA MET Y 80 4.20 -58.54 -33.59
C MET Y 80 3.78 -59.99 -33.88
N THR Y 81 4.02 -60.86 -32.92
CA THR Y 81 3.67 -62.26 -33.03
C THR Y 81 3.04 -62.75 -31.73
N GLY Y 82 1.88 -63.40 -31.83
CA GLY Y 82 1.19 -63.89 -30.66
C GLY Y 82 -0.20 -63.31 -30.50
N MET Y 83 -0.71 -63.30 -29.28
CA MET Y 83 -2.03 -62.77 -28.98
C MET Y 83 -2.22 -61.37 -29.55
N THR Y 84 -3.17 -61.23 -30.47
CA THR Y 84 -3.45 -59.97 -31.14
C THR Y 84 -3.69 -58.78 -30.20
N ALA Y 85 -4.65 -58.91 -29.29
CA ALA Y 85 -4.97 -57.83 -28.37
C ALA Y 85 -3.78 -57.40 -27.51
N ASP Y 86 -2.99 -58.36 -27.06
CA ASP Y 86 -1.81 -58.07 -26.26
C ASP Y 86 -0.80 -57.30 -27.10
N SER Y 87 -0.64 -57.72 -28.35
CA SER Y 87 0.29 -57.10 -29.27
C SER Y 87 -0.04 -55.63 -29.49
N ARG Y 88 -1.31 -55.33 -29.74
CA ARG Y 88 -1.75 -53.96 -29.98
C ARG Y 88 -1.47 -53.03 -28.80
N SER Y 89 -1.64 -53.54 -27.59
CA SER Y 89 -1.40 -52.74 -26.39
C SER Y 89 0.10 -52.48 -26.26
N GLN Y 90 0.91 -53.47 -26.63
CA GLN Y 90 2.35 -53.32 -26.54
C GLN Y 90 2.85 -52.35 -27.60
N VAL Y 91 2.22 -52.37 -28.78
CA VAL Y 91 2.59 -51.46 -29.85
C VAL Y 91 2.28 -50.03 -29.40
N GLN Y 92 1.12 -49.85 -28.77
CA GLN Y 92 0.71 -48.54 -28.28
C GLN Y 92 1.67 -48.05 -27.20
N ARG Y 93 2.12 -48.96 -26.34
CA ARG Y 93 3.05 -48.61 -25.28
C ARG Y 93 4.39 -48.18 -25.87
N ALA Y 94 4.88 -48.94 -26.84
CA ALA Y 94 6.15 -48.63 -27.50
C ALA Y 94 6.10 -47.25 -28.13
N ARG Y 95 5.00 -46.95 -28.81
CA ARG Y 95 4.81 -45.66 -29.45
C ARG Y 95 4.85 -44.54 -28.42
N TYR Y 96 4.20 -44.76 -27.29
CA TYR Y 96 4.18 -43.77 -26.23
C TYR Y 96 5.57 -43.56 -25.67
N GLU Y 97 6.27 -44.67 -25.42
CA GLU Y 97 7.63 -44.62 -24.88
C GLU Y 97 8.55 -43.84 -25.82
N ALA Y 98 8.46 -44.14 -27.11
CA ALA Y 98 9.28 -43.47 -28.12
C ALA Y 98 9.04 -41.96 -28.19
N ALA Y 99 7.77 -41.57 -28.20
CA ALA Y 99 7.41 -40.16 -28.28
C ALA Y 99 7.89 -39.41 -27.02
N ASN Y 100 7.76 -40.07 -25.87
CA ASN Y 100 8.18 -39.49 -24.61
C ASN Y 100 9.69 -39.33 -24.55
N TRP Y 101 10.42 -40.30 -25.09
CA TRP Y 101 11.87 -40.26 -25.10
C TRP Y 101 12.37 -39.03 -25.86
N LYS Y 102 11.81 -38.80 -27.05
CA LYS Y 102 12.19 -37.67 -27.87
C LYS Y 102 11.81 -36.35 -27.20
N TYR Y 103 10.68 -36.33 -26.52
CA TYR Y 103 10.22 -35.11 -25.85
C TYR Y 103 11.10 -34.68 -24.69
N LYS Y 104 11.68 -35.63 -23.97
CA LYS Y 104 12.52 -35.30 -22.82
C LYS Y 104 14.02 -35.31 -23.09
N TYR Y 105 14.47 -36.04 -24.12
CA TYR Y 105 15.89 -36.12 -24.42
C TYR Y 105 16.32 -35.33 -25.65
N GLY Y 106 15.35 -34.95 -26.49
CA GLY Y 106 15.62 -34.15 -27.66
C GLY Y 106 16.06 -34.86 -28.92
N TYR Y 107 16.13 -36.19 -28.90
CA TYR Y 107 16.52 -36.95 -30.08
C TYR Y 107 15.74 -38.26 -30.16
N GLU Y 108 15.68 -38.83 -31.35
CA GLU Y 108 14.95 -40.08 -31.57
C GLU Y 108 15.55 -41.22 -30.76
N ILE Y 109 14.69 -41.98 -30.08
CA ILE Y 109 15.13 -43.09 -29.27
C ILE Y 109 15.76 -44.18 -30.13
N PRO Y 110 16.91 -44.71 -29.69
CA PRO Y 110 17.58 -45.78 -30.42
C PRO Y 110 16.76 -47.07 -30.31
N VAL Y 111 16.83 -47.91 -31.34
CA VAL Y 111 16.09 -49.16 -31.36
C VAL Y 111 16.39 -50.06 -30.18
N ASP Y 112 17.66 -50.13 -29.78
CA ASP Y 112 18.08 -50.97 -28.66
C ASP Y 112 17.54 -50.44 -27.34
N MET Y 113 17.39 -49.12 -27.24
CA MET Y 113 16.87 -48.51 -26.03
C MET Y 113 15.36 -48.70 -25.94
N LEU Y 114 14.68 -48.65 -27.09
CA LEU Y 114 13.24 -48.84 -27.13
C LEU Y 114 12.89 -50.27 -26.78
N CYS Y 115 13.67 -51.21 -27.33
CA CYS Y 115 13.44 -52.63 -27.07
C CYS Y 115 13.67 -52.94 -25.59
N LYS Y 116 14.69 -52.31 -25.02
CA LYS Y 116 15.02 -52.51 -23.61
C LYS Y 116 13.91 -51.98 -22.71
N ARG Y 117 13.34 -50.84 -23.08
CA ARG Y 117 12.26 -50.22 -22.32
C ARG Y 117 11.02 -51.09 -22.28
N ILE Y 118 10.71 -51.74 -23.40
CA ILE Y 118 9.55 -52.60 -23.49
C ILE Y 118 9.81 -53.88 -22.70
N ALA Y 119 11.05 -54.34 -22.73
CA ALA Y 119 11.44 -55.54 -22.01
C ALA Y 119 11.40 -55.30 -20.50
N ASP Y 120 11.77 -54.10 -20.07
CA ASP Y 120 11.75 -53.75 -18.66
C ASP Y 120 10.32 -53.84 -18.13
N ILE Y 121 9.38 -53.32 -18.92
CA ILE Y 121 7.97 -53.34 -18.55
C ILE Y 121 7.44 -54.77 -18.48
N SER Y 122 7.92 -55.63 -19.37
CA SER Y 122 7.51 -57.03 -19.39
C SER Y 122 8.06 -57.79 -18.18
N GLN Y 123 9.23 -57.39 -17.71
CA GLN Y 123 9.85 -58.04 -16.55
C GLN Y 123 8.96 -57.92 -15.31
N VAL Y 124 8.36 -56.74 -15.15
CA VAL Y 124 7.50 -56.44 -14.02
C VAL Y 124 6.35 -57.45 -13.89
N TYR Y 125 5.83 -57.91 -15.02
CA TYR Y 125 4.73 -58.88 -15.02
C TYR Y 125 5.16 -60.27 -14.52
N THR Y 126 6.45 -60.59 -14.68
CA THR Y 126 6.99 -61.87 -14.23
C THR Y 126 7.34 -61.85 -12.75
N GLN Y 127 7.34 -60.67 -12.14
CA GLN Y 127 7.64 -60.54 -10.73
C GLN Y 127 6.39 -60.21 -9.90
N ASN Y 128 5.40 -59.59 -10.54
CA ASN Y 128 4.17 -59.24 -9.86
C ASN Y 128 3.10 -60.30 -10.15
N ALA Y 129 2.54 -60.88 -9.09
CA ALA Y 129 1.54 -61.94 -9.21
C ALA Y 129 0.14 -61.50 -9.66
N GLU Y 130 -0.24 -60.27 -9.35
CA GLU Y 130 -1.58 -59.77 -9.69
C GLU Y 130 -1.93 -59.77 -11.20
N MET Y 131 -0.94 -59.59 -12.05
CA MET Y 131 -1.17 -59.58 -13.49
C MET Y 131 -0.32 -60.62 -14.21
N ARG Y 132 -0.81 -61.10 -15.34
CA ARG Y 132 -0.11 -62.09 -16.13
C ARG Y 132 0.78 -61.39 -17.16
N PRO Y 133 1.71 -62.15 -17.75
CA PRO Y 133 2.58 -61.59 -18.78
C PRO Y 133 1.79 -61.50 -20.08
N LEU Y 134 2.29 -60.73 -21.05
CA LEU Y 134 1.61 -60.61 -22.33
C LEU Y 134 1.96 -61.83 -23.17
N GLY Y 135 1.02 -62.31 -23.96
CA GLY Y 135 1.26 -63.47 -24.80
C GLY Y 135 1.68 -63.09 -26.20
N CYS Y 136 2.67 -62.20 -26.31
CA CYS Y 136 3.14 -61.76 -27.63
C CYS Y 136 4.66 -61.59 -27.67
N CYS Y 137 5.18 -61.34 -28.86
CA CYS Y 137 6.60 -61.14 -29.08
C CYS Y 137 6.80 -59.94 -29.98
N MET Y 138 7.75 -59.08 -29.62
CA MET Y 138 8.02 -57.89 -30.41
C MET Y 138 9.39 -57.92 -31.10
N ILE Y 139 9.39 -57.57 -32.37
CA ILE Y 139 10.62 -57.51 -33.15
C ILE Y 139 10.72 -56.11 -33.73
N LEU Y 140 11.78 -55.39 -33.41
CA LEU Y 140 11.93 -54.03 -33.89
C LEU Y 140 13.10 -53.87 -34.85
N ILE Y 141 12.87 -53.06 -35.89
CA ILE Y 141 13.90 -52.78 -36.87
C ILE Y 141 14.01 -51.27 -37.04
N GLY Y 142 15.22 -50.79 -37.27
CA GLY Y 142 15.46 -49.37 -37.45
C GLY Y 142 16.91 -49.10 -37.77
N ILE Y 143 17.16 -47.94 -38.37
CA ILE Y 143 18.53 -47.58 -38.73
C ILE Y 143 19.16 -46.66 -37.69
N ASP Y 144 20.25 -47.13 -37.08
CA ASP Y 144 20.97 -46.33 -36.11
C ASP Y 144 21.94 -45.43 -36.86
N GLU Y 145 22.10 -44.20 -36.38
CA GLU Y 145 22.99 -43.25 -37.05
C GLU Y 145 24.49 -43.53 -36.87
N GLU Y 146 24.84 -44.33 -35.88
CA GLU Y 146 26.23 -44.66 -35.62
C GLU Y 146 26.54 -46.13 -35.83
N GLN Y 147 25.55 -46.99 -35.66
CA GLN Y 147 25.75 -48.43 -35.83
C GLN Y 147 25.15 -48.99 -37.12
N GLY Y 148 24.22 -48.26 -37.71
CA GLY Y 148 23.57 -48.71 -38.93
C GLY Y 148 22.29 -49.47 -38.68
N PRO Y 149 21.97 -50.42 -39.56
CA PRO Y 149 20.76 -51.25 -39.45
C PRO Y 149 20.70 -52.02 -38.13
N GLN Y 150 19.53 -52.03 -37.50
CA GLN Y 150 19.36 -52.71 -36.22
C GLN Y 150 18.11 -53.61 -36.18
N VAL Y 151 18.25 -54.77 -35.54
CA VAL Y 151 17.15 -55.71 -35.40
C VAL Y 151 17.13 -56.21 -33.96
N TYR Y 152 16.08 -55.85 -33.23
CA TYR Y 152 15.96 -56.24 -31.82
C TYR Y 152 14.64 -56.96 -31.54
N LYS Y 153 14.66 -57.87 -30.58
CA LYS Y 153 13.47 -58.61 -30.21
C LYS Y 153 13.39 -58.89 -28.71
N CYS Y 154 12.23 -58.60 -28.13
CA CYS Y 154 11.99 -58.87 -26.71
C CYS Y 154 10.80 -59.82 -26.60
N ASP Y 155 10.70 -60.52 -25.48
CA ASP Y 155 9.63 -61.49 -25.30
C ASP Y 155 8.86 -61.30 -23.99
N PRO Y 156 8.02 -62.29 -23.65
CA PRO Y 156 7.19 -62.30 -22.43
C PRO Y 156 8.00 -62.42 -21.15
N ALA Y 157 9.20 -62.99 -21.23
CA ALA Y 157 10.07 -63.15 -20.07
C ALA Y 157 10.80 -61.87 -19.67
N GLY Y 158 10.79 -60.87 -20.54
CA GLY Y 158 11.46 -59.61 -20.29
C GLY Y 158 12.85 -59.59 -20.89
N TYR Y 159 13.20 -60.67 -21.58
CA TYR Y 159 14.51 -60.82 -22.21
C TYR Y 159 14.52 -60.20 -23.60
N TYR Y 160 15.58 -59.48 -23.92
CA TYR Y 160 15.71 -58.85 -25.23
C TYR Y 160 17.14 -58.95 -25.72
N CYS Y 161 17.32 -58.87 -27.03
CA CYS Y 161 18.65 -58.94 -27.62
C CYS Y 161 18.70 -58.36 -29.03
N GLY Y 162 19.90 -58.04 -29.48
CA GLY Y 162 20.12 -57.52 -30.81
C GLY Y 162 20.37 -58.74 -31.68
N PHE Y 163 19.93 -58.69 -32.93
CA PHE Y 163 20.11 -59.83 -33.82
C PHE Y 163 20.57 -59.48 -35.23
N LYS Y 164 21.14 -60.46 -35.90
CA LYS Y 164 21.54 -60.32 -37.29
C LYS Y 164 20.30 -60.72 -38.10
N ALA Y 165 19.63 -61.77 -37.61
CA ALA Y 165 18.41 -62.30 -38.19
C ALA Y 165 17.76 -63.15 -37.11
N THR Y 166 16.44 -63.03 -36.95
CA THR Y 166 15.72 -63.79 -35.94
C THR Y 166 14.25 -63.96 -36.31
N ALA Y 167 13.64 -65.01 -35.79
CA ALA Y 167 12.24 -65.29 -36.08
C ALA Y 167 11.40 -65.48 -34.81
N ALA Y 168 10.08 -65.55 -35.00
CA ALA Y 168 9.15 -65.74 -33.89
C ALA Y 168 7.86 -66.36 -34.39
N GLY Y 169 7.26 -67.24 -33.59
CA GLY Y 169 6.02 -67.87 -33.97
C GLY Y 169 6.02 -69.39 -33.89
N VAL Y 170 5.15 -70.01 -34.68
CA VAL Y 170 5.01 -71.46 -34.72
C VAL Y 170 6.25 -72.16 -35.27
N LYS Y 171 6.85 -71.60 -36.30
CA LYS Y 171 8.03 -72.19 -36.91
C LYS Y 171 9.31 -71.44 -36.55
N GLN Y 172 9.38 -70.97 -35.30
CA GLN Y 172 10.54 -70.23 -34.82
C GLN Y 172 11.82 -71.05 -34.90
N THR Y 173 11.73 -72.32 -34.51
CA THR Y 173 12.88 -73.21 -34.52
C THR Y 173 13.35 -73.56 -35.93
N GLU Y 174 12.43 -73.54 -36.89
CA GLU Y 174 12.77 -73.86 -38.27
C GLU Y 174 13.32 -72.65 -39.02
N SER Y 175 12.87 -71.46 -38.64
CA SER Y 175 13.33 -70.24 -39.28
C SER Y 175 14.75 -69.94 -38.83
N THR Y 176 15.04 -70.30 -37.59
CA THR Y 176 16.37 -70.09 -37.01
C THR Y 176 17.40 -71.01 -37.67
N SER Y 177 16.99 -72.24 -37.97
CA SER Y 177 17.88 -73.21 -38.58
C SER Y 177 18.19 -72.84 -40.04
N PHE Y 178 17.25 -72.18 -40.70
CA PHE Y 178 17.43 -71.77 -42.08
C PHE Y 178 18.32 -70.54 -42.16
N LEU Y 179 18.12 -69.61 -41.23
CA LEU Y 179 18.90 -68.38 -41.21
C LEU Y 179 20.32 -68.60 -40.67
N GLU Y 180 20.49 -69.68 -39.89
CA GLU Y 180 21.79 -70.00 -39.32
C GLU Y 180 22.81 -70.31 -40.41
N LYS Y 181 22.41 -71.12 -41.39
CA LYS Y 181 23.31 -71.49 -42.47
C LYS Y 181 23.64 -70.30 -43.36
N LYS Y 182 22.69 -69.39 -43.52
CA LYS Y 182 22.88 -68.21 -44.35
C LYS Y 182 23.85 -67.21 -43.73
N VAL Y 183 23.95 -67.21 -42.40
CA VAL Y 183 24.85 -66.29 -41.70
C VAL Y 183 26.16 -66.96 -41.32
N LYS Y 184 26.32 -68.22 -41.71
CA LYS Y 184 27.54 -68.96 -41.41
C LYS Y 184 28.11 -69.62 -42.65
N PHE Y 191 20.61 -55.39 -49.84
CA PHE Y 191 19.17 -55.20 -49.99
C PHE Y 191 18.54 -56.50 -50.49
N GLU Y 192 18.67 -56.74 -51.79
CA GLU Y 192 17.85 -57.73 -52.49
C GLU Y 192 17.97 -59.12 -51.86
N GLN Y 193 19.20 -59.51 -51.52
CA GLN Y 193 19.43 -60.81 -50.90
C GLN Y 193 18.79 -60.87 -49.53
N THR Y 194 18.87 -59.76 -48.79
CA THR Y 194 18.29 -59.70 -47.45
C THR Y 194 16.78 -59.90 -47.52
N VAL Y 195 16.13 -59.21 -48.44
CA VAL Y 195 14.69 -59.34 -48.61
C VAL Y 195 14.35 -60.75 -49.08
N GLU Y 196 15.18 -61.27 -49.99
CA GLU Y 196 14.98 -62.61 -50.52
C GLU Y 196 15.18 -63.68 -49.46
N THR Y 197 16.25 -63.57 -48.69
CA THR Y 197 16.55 -64.53 -47.63
C THR Y 197 15.39 -64.64 -46.65
N ALA Y 198 14.88 -63.49 -46.23
CA ALA Y 198 13.76 -63.45 -45.30
C ALA Y 198 12.56 -64.20 -45.87
N ILE Y 199 12.13 -63.80 -47.05
CA ILE Y 199 10.99 -64.42 -47.72
C ILE Y 199 11.23 -65.92 -47.88
N THR Y 200 12.46 -66.26 -48.27
CA THR Y 200 12.83 -67.66 -48.47
C THR Y 200 12.63 -68.44 -47.18
N CYS Y 201 13.19 -67.93 -46.09
CA CYS Y 201 13.07 -68.59 -44.79
C CYS Y 201 11.62 -68.88 -44.43
N LEU Y 202 10.75 -67.89 -44.60
CA LEU Y 202 9.34 -68.08 -44.30
C LEU Y 202 8.75 -69.13 -45.22
N SER Y 203 8.97 -68.96 -46.51
CA SER Y 203 8.46 -69.90 -47.51
C SER Y 203 9.00 -71.31 -47.29
N THR Y 204 10.28 -71.42 -46.98
CA THR Y 204 10.90 -72.73 -46.76
C THR Y 204 10.26 -73.50 -45.62
N VAL Y 205 10.00 -72.82 -44.51
CA VAL Y 205 9.41 -73.46 -43.34
C VAL Y 205 7.89 -73.59 -43.43
N LEU Y 206 7.29 -72.92 -44.42
CA LEU Y 206 5.85 -72.98 -44.60
C LEU Y 206 5.47 -73.79 -45.85
N SER Y 207 6.44 -73.98 -46.74
CA SER Y 207 6.25 -74.72 -47.99
C SER Y 207 5.01 -74.24 -48.74
N ILE Y 208 5.02 -72.97 -49.15
CA ILE Y 208 3.86 -72.41 -49.84
C ILE Y 208 4.16 -71.46 -51.00
N ASP Y 209 5.29 -70.77 -50.94
CA ASP Y 209 5.69 -69.79 -51.97
C ASP Y 209 4.55 -68.81 -52.22
N PHE Y 210 4.15 -68.13 -51.15
CA PHE Y 210 3.04 -67.17 -51.16
C PHE Y 210 3.12 -66.06 -52.19
N LYS Y 211 1.94 -65.56 -52.57
CA LYS Y 211 1.83 -64.47 -53.52
C LYS Y 211 2.00 -63.12 -52.82
N PRO Y 212 1.98 -62.02 -53.58
CA PRO Y 212 2.15 -60.67 -53.03
C PRO Y 212 1.17 -60.30 -51.92
N SER Y 213 -0.06 -60.78 -52.02
CA SER Y 213 -1.09 -60.48 -51.03
C SER Y 213 -1.15 -61.48 -49.88
N GLU Y 214 -0.12 -62.32 -49.75
CA GLU Y 214 -0.10 -63.31 -48.69
C GLU Y 214 0.88 -62.97 -47.57
N ILE Y 215 1.74 -62.00 -47.80
CA ILE Y 215 2.72 -61.58 -46.80
C ILE Y 215 2.84 -60.06 -46.74
N GLU Y 216 3.44 -59.56 -45.67
CA GLU Y 216 3.65 -58.13 -45.50
C GLU Y 216 5.15 -57.86 -45.41
N VAL Y 217 5.58 -56.72 -45.91
CA VAL Y 217 7.00 -56.38 -45.88
C VAL Y 217 7.28 -54.95 -45.42
N GLY Y 218 8.10 -54.84 -44.38
CA GLY Y 218 8.47 -53.55 -43.85
C GLY Y 218 9.98 -53.44 -43.91
N VAL Y 219 10.49 -52.30 -44.38
CA VAL Y 219 11.93 -52.15 -44.49
C VAL Y 219 12.47 -50.79 -44.10
N VAL Y 220 13.75 -50.77 -43.75
CA VAL Y 220 14.45 -49.53 -43.40
C VAL Y 220 15.86 -49.66 -43.96
N THR Y 221 16.23 -48.73 -44.84
CA THR Y 221 17.55 -48.77 -45.44
C THR Y 221 18.39 -47.61 -44.93
N VAL Y 222 19.68 -47.62 -45.27
CA VAL Y 222 20.56 -46.55 -44.85
C VAL Y 222 20.23 -45.29 -45.64
N GLU Y 223 19.92 -45.45 -46.92
CA GLU Y 223 19.58 -44.33 -47.78
C GLU Y 223 18.16 -43.83 -47.49
N ASN Y 224 17.25 -44.77 -47.23
CA ASN Y 224 15.87 -44.43 -46.92
C ASN Y 224 15.53 -45.01 -45.54
N PRO Y 225 15.91 -44.29 -44.48
CA PRO Y 225 15.71 -44.68 -43.09
C PRO Y 225 14.24 -44.79 -42.65
N LYS Y 226 13.38 -43.96 -43.23
CA LYS Y 226 11.97 -43.98 -42.88
C LYS Y 226 11.36 -45.38 -43.04
N PHE Y 227 10.67 -45.84 -42.00
CA PHE Y 227 10.02 -47.15 -42.04
C PHE Y 227 9.06 -47.19 -43.21
N ARG Y 228 9.12 -48.25 -44.00
CA ARG Y 228 8.26 -48.38 -45.17
C ARG Y 228 7.58 -49.75 -45.26
N ILE Y 229 6.41 -49.78 -45.89
CA ILE Y 229 5.65 -51.01 -46.08
C ILE Y 229 5.47 -51.23 -47.58
N LEU Y 230 5.97 -52.35 -48.08
CA LEU Y 230 5.87 -52.68 -49.49
C LEU Y 230 4.44 -53.02 -49.91
N SER Y 231 4.07 -52.61 -51.13
CA SER Y 231 2.74 -52.87 -51.66
C SER Y 231 2.70 -54.18 -52.43
N GLU Y 232 1.53 -54.51 -52.96
CA GLU Y 232 1.33 -55.73 -53.72
C GLU Y 232 2.30 -55.83 -54.91
N ALA Y 233 2.46 -54.72 -55.62
CA ALA Y 233 3.35 -54.68 -56.78
C ALA Y 233 4.83 -54.73 -56.35
N GLU Y 234 5.12 -54.24 -55.15
CA GLU Y 234 6.49 -54.24 -54.64
C GLU Y 234 6.87 -55.62 -54.12
N ILE Y 235 5.90 -56.31 -53.52
CA ILE Y 235 6.15 -57.64 -52.98
C ILE Y 235 6.26 -58.68 -54.11
N ASP Y 236 5.44 -58.50 -55.14
CA ASP Y 236 5.44 -59.42 -56.27
C ASP Y 236 6.77 -59.38 -57.02
N ALA Y 237 7.35 -58.18 -57.12
CA ALA Y 237 8.63 -58.00 -57.80
C ALA Y 237 9.75 -58.87 -57.21
N HIS Y 238 9.78 -58.99 -55.89
CA HIS Y 238 10.77 -59.82 -55.21
C HIS Y 238 10.39 -61.30 -55.32
N LEU Y 239 9.11 -61.57 -55.54
CA LEU Y 239 8.61 -62.94 -55.66
C LEU Y 239 8.86 -63.49 -57.06
N VAL Y 240 8.83 -62.60 -58.05
CA VAL Y 240 9.05 -62.99 -59.44
C VAL Y 240 10.52 -63.33 -59.68
N ALA Y 241 11.39 -62.69 -58.92
CA ALA Y 241 12.83 -62.94 -59.03
C ALA Y 241 13.26 -64.07 -58.09
N THR Z 1 22.95 4.15 24.16
CA THR Z 1 23.25 5.28 25.04
C THR Z 1 22.53 5.04 26.37
N THR Z 2 23.38 5.32 27.44
CA THR Z 2 22.88 5.32 28.80
C THR Z 2 23.36 6.59 29.47
N THR Z 3 22.43 7.37 30.01
CA THR Z 3 22.76 8.54 30.81
C THR Z 3 21.87 8.53 32.06
N LEU Z 4 22.41 8.97 33.20
CA LEU Z 4 21.63 9.10 34.40
C LEU Z 4 21.93 10.39 35.13
N ALA Z 5 21.08 10.74 36.10
CA ALA Z 5 21.32 11.90 36.97
C ALA Z 5 20.41 11.74 38.19
N PHE Z 6 21.02 12.02 39.35
CA PHE Z 6 20.23 12.02 40.59
C PHE Z 6 20.76 13.08 41.56
N LYS Z 7 19.84 13.71 42.28
CA LYS Z 7 20.18 14.65 43.33
C LYS Z 7 20.25 14.00 44.68
N PHE Z 8 21.36 14.18 45.39
CA PHE Z 8 21.48 13.66 46.75
C PHE Z 8 21.81 14.82 47.67
N GLN Z 9 22.19 14.52 48.94
CA GLN Z 9 22.45 15.60 49.90
C GLN Z 9 23.62 16.50 49.50
N HIS Z 10 24.65 15.92 48.83
CA HIS Z 10 25.81 16.70 48.43
C HIS Z 10 25.83 17.11 46.95
N GLY Z 11 24.67 17.49 46.40
CA GLY Z 11 24.61 17.96 45.02
C GLY Z 11 23.94 17.02 44.02
N VAL Z 12 24.44 17.00 42.77
CA VAL Z 12 23.87 16.19 41.70
C VAL Z 12 24.95 15.38 41.01
N ILE Z 13 24.68 14.08 40.79
CA ILE Z 13 25.59 13.21 40.08
C ILE Z 13 25.14 13.07 38.65
N VAL Z 14 26.07 13.21 37.69
CA VAL Z 14 25.75 13.01 36.27
C VAL Z 14 26.73 12.02 35.69
N ALA Z 15 26.20 10.99 35.02
CA ALA Z 15 27.07 9.95 34.46
C ALA Z 15 26.53 9.53 33.11
N VAL Z 16 27.46 9.20 32.19
CA VAL Z 16 27.09 8.74 30.85
C VAL Z 16 28.05 7.71 30.33
N ASP Z 17 27.64 6.93 29.35
CA ASP Z 17 28.52 6.03 28.63
C ASP Z 17 29.08 6.77 27.39
N SER Z 18 29.95 6.12 26.61
CA SER Z 18 30.56 6.83 25.49
C SER Z 18 30.47 6.06 24.17
N ARG Z 19 29.45 5.22 23.97
CA ARG Z 19 29.32 4.51 22.72
C ARG Z 19 28.41 5.21 21.69
N ALA Z 20 28.86 5.26 20.46
CA ALA Z 20 28.03 5.74 19.35
C ALA Z 20 27.98 4.63 18.32
N THR Z 21 26.83 4.48 17.69
CA THR Z 21 26.69 3.38 16.75
C THR Z 21 25.92 3.80 15.50
N ALA Z 22 26.08 2.94 14.48
CA ALA Z 22 25.42 3.11 13.20
C ALA Z 22 24.94 1.74 12.81
N GLY Z 23 23.69 1.44 13.09
CA GLY Z 23 23.24 0.07 12.88
C GLY Z 23 23.86 -0.83 13.95
N ASN Z 24 24.57 -1.87 13.54
CA ASN Z 24 25.21 -2.74 14.49
C ASN Z 24 26.68 -2.35 14.63
N TYR Z 25 27.11 -1.37 13.83
CA TYR Z 25 28.50 -0.98 13.82
C TYR Z 25 28.79 0.08 14.88
N ILE Z 26 29.86 -0.20 15.66
CA ILE Z 26 30.21 0.74 16.71
C ILE Z 26 31.09 1.82 16.05
N SER Z 27 30.52 2.98 15.86
CA SER Z 27 31.22 4.09 15.21
C SER Z 27 32.24 4.72 16.16
N SER Z 28 31.94 4.78 17.45
CA SER Z 28 32.89 5.35 18.39
C SER Z 28 32.75 4.78 19.81
N SER Z 29 33.86 4.66 20.51
CA SER Z 29 33.83 4.26 21.91
C SER Z 29 34.30 5.40 22.81
N ARG Z 30 34.28 6.64 22.30
CA ARG Z 30 34.87 7.73 23.07
C ARG Z 30 34.13 9.02 22.79
N VAL Z 31 32.82 8.94 22.61
CA VAL Z 31 32.03 10.13 22.33
C VAL Z 31 31.65 10.82 23.66
N ASN Z 32 31.56 12.13 23.66
CA ASN Z 32 31.27 12.92 24.84
C ASN Z 32 29.76 13.20 24.87
N LYS Z 33 29.09 12.72 25.91
CA LYS Z 33 27.64 12.85 25.97
C LYS Z 33 27.24 13.85 27.07
N VAL Z 34 28.19 14.69 27.50
CA VAL Z 34 27.88 15.79 28.40
C VAL Z 34 28.39 17.13 27.87
N ILE Z 35 27.48 18.08 27.61
CA ILE Z 35 27.91 19.41 27.23
C ILE Z 35 28.05 20.26 28.48
N GLU Z 36 29.15 21.04 28.57
CA GLU Z 36 29.33 21.98 29.67
C GLU Z 36 28.87 23.39 29.29
N ILE Z 37 27.60 23.68 29.50
CA ILE Z 37 27.00 24.96 29.15
C ILE Z 37 27.70 26.14 29.87
N ASN Z 38 27.97 26.00 31.13
CA ASN Z 38 28.74 26.95 31.92
C ASN Z 38 29.27 26.24 33.17
N PRO Z 39 30.00 26.97 34.05
CA PRO Z 39 30.58 26.38 35.26
C PRO Z 39 29.61 25.66 36.19
N SER Z 40 28.32 26.06 36.24
CA SER Z 40 27.35 25.36 37.08
C SER Z 40 26.13 24.89 36.29
N LEU Z 41 26.33 24.50 35.03
CA LEU Z 41 25.22 24.03 34.20
C LEU Z 41 25.70 22.94 33.22
N LEU Z 42 25.02 21.79 33.24
CA LEU Z 42 25.41 20.69 32.35
C LEU Z 42 24.20 20.14 31.61
N GLY Z 43 24.46 19.53 30.45
CA GLY Z 43 23.42 18.93 29.64
C GLY Z 43 23.85 17.59 29.08
N THR Z 44 23.02 16.57 29.27
CA THR Z 44 23.36 15.26 28.78
C THR Z 44 22.70 15.05 27.44
N MET Z 45 23.25 14.06 26.70
CA MET Z 45 22.73 13.80 25.37
C MET Z 45 22.47 12.34 25.13
N SER Z 46 21.34 12.06 24.46
CA SER Z 46 20.99 10.70 24.10
C SER Z 46 19.99 10.81 22.95
N GLY Z 47 20.04 9.84 22.03
CA GLY Z 47 19.15 9.94 20.89
C GLY Z 47 19.99 10.15 19.62
N CYS Z 48 19.56 11.10 18.81
CA CYS Z 48 20.28 11.41 17.58
C CYS Z 48 21.44 12.34 17.94
N ALA Z 49 22.65 11.91 17.64
CA ALA Z 49 23.86 12.67 18.01
C ALA Z 49 23.83 14.06 17.35
N ALA Z 50 23.50 14.15 16.06
CA ALA Z 50 23.50 15.47 15.41
C ALA Z 50 22.47 16.39 16.06
N ASP Z 51 21.27 15.86 16.35
CA ASP Z 51 20.23 16.66 17.02
C ASP Z 51 20.68 17.13 18.41
N CYS Z 52 21.20 16.21 19.22
CA CYS Z 52 21.61 16.53 20.58
C CYS Z 52 22.71 17.59 20.58
N GLN Z 53 23.78 17.32 19.85
CA GLN Z 53 24.91 18.24 19.79
C GLN Z 53 24.48 19.61 19.29
N TYR Z 54 23.65 19.67 18.26
CA TYR Z 54 23.27 20.94 17.69
C TYR Z 54 22.38 21.74 18.63
N TRP Z 55 21.27 21.16 19.09
CA TRP Z 55 20.34 21.87 19.98
C TRP Z 55 20.92 22.20 21.36
N GLU Z 56 21.80 21.37 21.89
CA GLU Z 56 22.39 21.67 23.20
C GLU Z 56 23.42 22.80 23.07
N ARG Z 57 24.10 22.88 21.91
CA ARG Z 57 25.02 23.97 21.67
C ARG Z 57 24.24 25.26 21.45
N LEU Z 58 23.08 25.13 20.84
CA LEU Z 58 22.24 26.32 20.62
C LEU Z 58 21.67 26.86 21.95
N LEU Z 59 21.40 25.94 22.91
CA LEU Z 59 20.95 26.32 24.22
C LEU Z 59 22.07 27.05 24.94
N ALA Z 60 23.30 26.55 24.77
CA ALA Z 60 24.48 27.16 25.38
C ALA Z 60 24.67 28.58 24.90
N LYS Z 61 24.46 28.76 23.59
CA LYS Z 61 24.54 30.10 23.02
C LYS Z 61 23.56 31.02 23.67
N GLU Z 62 22.30 30.56 23.80
CA GLU Z 62 21.24 31.39 24.40
C GLU Z 62 21.50 31.66 25.89
N CYS Z 63 22.10 30.66 26.57
CA CYS Z 63 22.41 30.84 27.97
C CYS Z 63 23.46 31.94 28.12
N ARG Z 64 24.47 31.92 27.25
CA ARG Z 64 25.52 32.93 27.26
C ARG Z 64 24.94 34.28 26.93
N LEU Z 65 24.02 34.31 25.97
CA LEU Z 65 23.38 35.57 25.60
C LEU Z 65 22.52 36.08 26.74
N TYR Z 66 21.85 35.15 27.44
CA TYR Z 66 21.01 35.49 28.56
C TYR Z 66 21.84 36.18 29.65
N TYR Z 67 23.02 35.63 29.90
CA TYR Z 67 23.91 36.19 30.91
C TYR Z 67 24.32 37.61 30.56
N LEU Z 68 24.79 37.82 29.33
CA LEU Z 68 25.22 39.15 28.89
C LEU Z 68 24.11 40.19 29.05
N ARG Z 69 22.89 39.84 28.67
CA ARG Z 69 21.79 40.77 28.68
C ARG Z 69 21.27 41.11 30.07
N ASN Z 70 20.90 40.10 30.85
CA ASN Z 70 20.33 40.29 32.17
C ASN Z 70 21.37 40.40 33.30
N GLY Z 71 22.65 40.22 32.97
CA GLY Z 71 23.73 40.39 33.93
C GLY Z 71 23.70 39.38 35.07
N GLU Z 72 23.24 38.17 34.77
CA GLU Z 72 23.18 37.09 35.75
C GLU Z 72 23.10 35.76 35.00
N ARG Z 73 23.47 34.68 35.66
CA ARG Z 73 23.47 33.36 35.07
C ARG Z 73 22.03 32.83 35.06
N ILE Z 74 21.64 32.24 33.93
CA ILE Z 74 20.29 31.72 33.76
C ILE Z 74 20.05 30.59 34.77
N SER Z 75 18.82 30.47 35.25
CA SER Z 75 18.47 29.39 36.17
C SER Z 75 18.35 28.05 35.44
N VAL Z 76 18.36 26.95 36.18
CA VAL Z 76 18.28 25.63 35.57
C VAL Z 76 16.92 25.47 34.92
N SER Z 77 15.87 25.89 35.60
CA SER Z 77 14.50 25.76 35.11
C SER Z 77 14.31 26.59 33.83
N ALA Z 78 14.83 27.80 33.79
CA ALA Z 78 14.69 28.63 32.59
C ALA Z 78 15.50 28.09 31.43
N ALA Z 79 16.67 27.50 31.71
CA ALA Z 79 17.48 26.92 30.63
C ALA Z 79 16.76 25.72 30.04
N SER Z 80 16.16 24.88 30.89
CA SER Z 80 15.45 23.69 30.44
C SER Z 80 14.19 24.11 29.66
N LYS Z 81 13.57 25.18 30.12
CA LYS Z 81 12.38 25.67 29.42
C LYS Z 81 12.74 26.20 28.02
N LEU Z 82 13.89 26.83 27.91
CA LEU Z 82 14.39 27.30 26.62
C LEU Z 82 14.55 26.15 25.63
N LEU Z 83 15.21 25.09 26.06
CA LEU Z 83 15.43 23.93 25.22
C LEU Z 83 14.11 23.30 24.87
N SER Z 84 13.21 23.23 25.86
CA SER Z 84 11.90 22.60 25.70
C SER Z 84 11.14 23.32 24.59
N ASN Z 85 11.15 24.65 24.63
CA ASN Z 85 10.42 25.44 23.64
C ASN Z 85 11.11 25.36 22.28
N MET Z 86 12.45 25.32 22.26
CA MET Z 86 13.19 25.27 21.02
C MET Z 86 12.78 24.02 20.23
N VAL Z 87 12.75 22.85 20.86
CA VAL Z 87 12.52 21.62 20.13
C VAL Z 87 11.01 21.42 19.91
N TYR Z 88 10.16 22.15 20.60
CA TYR Z 88 8.72 22.03 20.36
C TYR Z 88 8.30 22.65 19.03
N GLN Z 89 9.08 23.59 18.48
CA GLN Z 89 8.84 24.14 17.16
C GLN Z 89 9.02 23.15 16.02
N TYR Z 90 9.80 22.08 16.22
CA TYR Z 90 10.01 21.06 15.19
C TYR Z 90 9.33 19.75 15.55
N ARG Z 91 8.30 19.79 16.40
CA ARG Z 91 7.61 18.58 16.82
C ARG Z 91 7.03 17.84 15.60
N GLY Z 92 7.31 16.54 15.50
CA GLY Z 92 6.75 15.75 14.43
C GLY Z 92 7.67 15.62 13.21
N MET Z 93 8.83 16.27 13.24
CA MET Z 93 9.75 16.27 12.11
C MET Z 93 10.86 15.26 12.36
N ASP Z 94 10.63 14.33 13.30
CA ASP Z 94 11.55 13.23 13.54
C ASP Z 94 12.88 13.66 14.15
N LEU Z 95 12.87 14.71 15.00
CA LEU Z 95 14.04 14.97 15.84
C LEU Z 95 14.15 13.86 16.90
N SER Z 96 15.37 13.59 17.32
CA SER Z 96 15.56 12.55 18.35
C SER Z 96 16.55 13.04 19.42
N MET Z 97 16.01 13.53 20.54
CA MET Z 97 16.85 14.06 21.60
C MET Z 97 16.24 13.95 22.97
N GLY Z 98 16.92 13.20 23.85
CA GLY Z 98 16.49 13.03 25.21
C GLY Z 98 17.62 13.50 26.10
N SER Z 99 17.40 14.63 26.76
CA SER Z 99 18.47 15.20 27.57
C SER Z 99 18.06 15.58 28.99
N MET Z 100 19.08 15.72 29.83
CA MET Z 100 18.90 16.18 31.18
C MET Z 100 19.66 17.47 31.41
N ILE Z 101 19.00 18.44 32.02
CA ILE Z 101 19.62 19.72 32.31
C ILE Z 101 19.89 19.77 33.80
N CYS Z 102 21.17 19.73 34.15
CA CYS Z 102 21.56 19.69 35.57
C CYS Z 102 22.40 20.92 35.90
N GLY Z 103 22.12 21.50 37.08
CA GLY Z 103 22.87 22.68 37.49
C GLY Z 103 22.60 23.02 38.94
N TRP Z 104 22.95 24.24 39.34
CA TRP Z 104 22.70 24.71 40.69
C TRP Z 104 22.53 26.22 40.70
N ASP Z 105 21.29 26.67 40.82
CA ASP Z 105 21.01 28.09 40.80
C ASP Z 105 20.65 28.61 42.19
N LYS Z 106 19.73 29.58 42.27
CA LYS Z 106 19.37 30.14 43.56
C LYS Z 106 18.37 29.25 44.31
N LYS Z 107 17.74 28.31 43.62
CA LYS Z 107 16.81 27.41 44.27
C LYS Z 107 17.46 26.05 44.56
N GLY Z 108 18.77 26.04 44.77
CA GLY Z 108 19.50 24.83 45.10
C GLY Z 108 19.76 24.00 43.85
N PRO Z 109 20.04 22.70 43.99
CA PRO Z 109 20.29 21.88 42.83
C PRO Z 109 19.04 21.69 42.00
N GLY Z 110 19.24 21.48 40.71
CA GLY Z 110 18.13 21.36 39.79
C GLY Z 110 18.42 20.29 38.75
N LEU Z 111 17.41 19.47 38.47
CA LEU Z 111 17.50 18.42 37.49
C LEU Z 111 16.20 18.41 36.70
N TYR Z 112 16.30 18.56 35.38
CA TYR Z 112 15.17 18.55 34.49
C TYR Z 112 15.40 17.52 33.39
N TYR Z 113 14.36 16.83 32.97
CA TYR Z 113 14.42 15.94 31.83
C TYR Z 113 13.65 16.64 30.69
N VAL Z 114 14.27 16.75 29.52
CA VAL Z 114 13.63 17.34 28.36
C VAL Z 114 13.83 16.42 27.15
N ASP Z 115 12.77 16.21 26.36
CA ASP Z 115 12.91 15.37 25.18
C ASP Z 115 12.37 16.08 23.94
N GLN Z 116 12.50 15.43 22.76
CA GLN Z 116 12.09 16.06 21.49
C GLN Z 116 10.56 16.25 21.37
N ASN Z 117 9.78 15.49 22.14
CA ASN Z 117 8.32 15.61 22.09
C ASN Z 117 7.80 16.87 22.77
N GLY Z 118 8.57 17.42 23.69
CA GLY Z 118 8.27 18.66 24.40
C GLY Z 118 8.07 18.37 25.89
N THR Z 119 8.20 17.09 26.31
CA THR Z 119 8.18 16.74 27.70
C THR Z 119 9.26 17.50 28.48
N ARG Z 120 8.88 18.08 29.63
CA ARG Z 120 9.82 18.76 30.49
C ARG Z 120 9.46 18.51 31.95
N LEU Z 121 10.30 17.76 32.67
CA LEU Z 121 9.98 17.42 34.04
C LEU Z 121 11.14 17.66 35.00
N SER Z 122 10.79 18.12 36.19
CA SER Z 122 11.72 18.34 37.25
C SER Z 122 11.67 17.08 38.06
N GLY Z 123 12.81 16.64 38.55
CA GLY Z 123 12.80 15.47 39.37
C GLY Z 123 14.04 15.26 40.21
N ASN Z 124 14.03 14.18 40.98
CA ASN Z 124 15.12 13.85 41.88
C ASN Z 124 16.11 12.98 41.16
N MET Z 125 15.65 12.15 40.20
CA MET Z 125 16.55 11.27 39.47
C MET Z 125 15.97 10.89 38.12
N PHE Z 126 16.81 10.70 37.11
CA PHE Z 126 16.35 10.36 35.77
C PHE Z 126 17.38 9.54 35.05
N SER Z 127 16.93 8.81 34.04
CA SER Z 127 17.80 8.01 33.20
C SER Z 127 17.22 7.97 31.79
N THR Z 128 18.05 8.24 30.79
CA THR Z 128 17.58 8.24 29.41
C THR Z 128 18.49 7.43 28.51
N GLY Z 129 17.98 7.09 27.33
CA GLY Z 129 18.72 6.37 26.32
C GLY Z 129 18.25 4.93 26.28
N SER Z 130 18.86 4.13 25.41
CA SER Z 130 18.42 2.78 25.23
C SER Z 130 18.75 1.91 26.44
N GLY Z 131 19.78 2.24 27.22
CA GLY Z 131 20.12 1.45 28.39
C GLY Z 131 19.53 2.04 29.67
N SER Z 132 18.65 3.03 29.56
CA SER Z 132 18.00 3.64 30.72
C SER Z 132 17.26 2.68 31.66
N THR Z 133 16.56 1.67 31.13
CA THR Z 133 15.78 0.78 32.01
C THR Z 133 16.74 0.05 32.97
N TYR Z 134 17.86 -0.45 32.46
CA TYR Z 134 18.84 -1.16 33.24
C TYR Z 134 19.49 -0.26 34.30
N ALA Z 135 19.77 0.99 33.93
CA ALA Z 135 20.34 1.93 34.87
C ALA Z 135 19.36 2.21 36.02
N TYR Z 136 18.09 2.32 35.70
CA TYR Z 136 17.06 2.61 36.70
C TYR Z 136 17.05 1.55 37.78
N GLY Z 137 17.13 0.27 37.38
CA GLY Z 137 17.11 -0.80 38.32
C GLY Z 137 18.19 -0.65 39.38
N VAL Z 138 19.45 -0.53 38.90
CA VAL Z 138 20.58 -0.38 39.79
C VAL Z 138 20.46 0.88 40.63
N MET Z 139 20.19 2.00 39.95
CA MET Z 139 20.14 3.29 40.63
C MET Z 139 19.09 3.26 41.75
N ASP Z 140 17.84 2.88 41.43
CA ASP Z 140 16.76 2.84 42.39
C ASP Z 140 17.04 1.91 43.57
N SER Z 141 17.71 0.79 43.35
CA SER Z 141 17.97 -0.16 44.42
C SER Z 141 19.06 0.32 45.37
N GLY Z 142 19.88 1.29 44.96
CA GLY Z 142 20.99 1.72 45.79
C GLY Z 142 20.94 3.20 46.14
N TYR Z 143 19.85 3.87 45.72
CA TYR Z 143 19.73 5.29 46.01
C TYR Z 143 19.20 5.56 47.41
N GLN Z 144 19.84 6.54 48.06
CA GLN Z 144 19.43 7.07 49.36
C GLN Z 144 19.77 8.53 49.26
N PRO Z 145 18.90 9.43 49.75
CA PRO Z 145 19.22 10.87 49.67
C PRO Z 145 20.40 11.26 50.55
N SER Z 146 20.66 10.53 51.63
CA SER Z 146 21.81 10.81 52.49
C SER Z 146 23.07 10.04 52.11
N LEU Z 147 23.24 9.72 50.83
CA LEU Z 147 24.43 9.00 50.37
C LEU Z 147 25.62 9.96 50.49
N SER Z 148 26.79 9.40 50.80
CA SER Z 148 27.99 10.23 50.87
C SER Z 148 28.55 10.42 49.46
N PRO Z 149 29.44 11.39 49.25
CA PRO Z 149 29.99 11.63 47.92
C PRO Z 149 30.62 10.38 47.28
N GLU Z 150 31.44 9.69 48.04
CA GLU Z 150 32.05 8.46 47.51
C GLU Z 150 31.01 7.40 47.18
N GLU Z 151 29.97 7.30 48.03
CA GLU Z 151 28.90 6.35 47.79
C GLU Z 151 28.07 6.71 46.55
N ALA Z 152 27.86 8.00 46.34
CA ALA Z 152 27.11 8.46 45.20
C ALA Z 152 27.87 8.17 43.91
N TYR Z 153 29.21 8.30 43.94
CA TYR Z 153 30.03 8.04 42.77
C TYR Z 153 29.95 6.56 42.39
N GLU Z 154 29.96 5.69 43.40
CA GLU Z 154 29.89 4.26 43.20
C GLU Z 154 28.55 3.89 42.54
N LEU Z 155 27.45 4.41 43.08
CA LEU Z 155 26.15 4.07 42.55
C LEU Z 155 26.09 4.45 41.08
N GLY Z 156 26.55 5.66 40.75
CA GLY Z 156 26.56 6.13 39.38
C GLY Z 156 27.41 5.23 38.49
N ARG Z 157 28.58 4.85 39.00
CA ARG Z 157 29.48 3.99 38.26
C ARG Z 157 28.88 2.60 38.04
N ARG Z 158 28.14 2.11 39.04
CA ARG Z 158 27.52 0.80 38.96
C ARG Z 158 26.35 0.79 37.97
N ALA Z 159 25.47 1.78 38.09
CA ALA Z 159 24.31 1.88 37.21
C ALA Z 159 24.69 1.87 35.73
N ILE Z 160 25.66 2.70 35.37
CA ILE Z 160 26.10 2.78 33.98
C ILE Z 160 26.81 1.50 33.55
N THR Z 161 27.68 0.99 34.40
CA THR Z 161 28.43 -0.22 34.07
C THR Z 161 27.46 -1.33 33.70
N TYR Z 162 26.47 -1.60 34.55
CA TYR Z 162 25.53 -2.68 34.32
C TYR Z 162 24.66 -2.46 33.08
N ALA Z 163 24.33 -1.19 32.80
CA ALA Z 163 23.58 -0.90 31.60
C ALA Z 163 24.37 -1.24 30.34
N THR Z 164 25.70 -1.02 30.36
CA THR Z 164 26.56 -1.29 29.21
C THR Z 164 26.71 -2.79 29.02
N HIS Z 165 26.66 -3.51 30.14
CA HIS Z 165 26.77 -4.96 30.10
C HIS Z 165 25.57 -5.62 29.43
N ARG Z 166 24.36 -5.11 29.68
CA ARG Z 166 23.15 -5.67 29.11
C ARG Z 166 22.74 -4.98 27.81
N ASP Z 167 22.96 -3.68 27.67
CA ASP Z 167 22.50 -2.97 26.49
C ASP Z 167 23.60 -2.94 25.45
N SER Z 168 23.26 -3.46 24.27
CA SER Z 168 24.21 -3.57 23.14
C SER Z 168 24.65 -2.18 22.63
N TYR Z 169 23.80 -1.15 22.75
CA TYR Z 169 24.11 0.15 22.22
C TYR Z 169 24.78 1.06 23.27
N SER Z 170 25.25 0.47 24.37
CA SER Z 170 25.92 1.24 25.41
C SER Z 170 27.26 0.62 25.71
N GLY Z 171 28.20 1.43 26.12
CA GLY Z 171 29.53 0.93 26.41
C GLY Z 171 30.58 2.01 26.34
N GLY Z 172 31.84 1.58 26.41
CA GLY Z 172 32.98 2.48 26.28
C GLY Z 172 33.49 2.89 27.65
N ILE Z 173 33.36 4.17 27.96
CA ILE Z 173 33.86 4.73 29.20
C ILE Z 173 32.70 5.40 29.91
N ILE Z 174 32.74 5.37 31.24
CA ILE Z 174 31.75 6.12 31.99
C ILE Z 174 32.30 7.49 32.34
N ASN Z 175 31.64 8.54 31.88
CA ASN Z 175 32.05 9.89 32.24
C ASN Z 175 31.13 10.43 33.34
N MET Z 176 31.71 10.81 34.47
CA MET Z 176 30.88 11.27 35.57
C MET Z 176 31.23 12.68 36.07
N TYR Z 177 30.20 13.43 36.40
CA TYR Z 177 30.34 14.77 36.93
C TYR Z 177 29.67 14.85 38.28
N HIS Z 178 30.01 15.89 39.04
CA HIS Z 178 29.38 16.15 40.32
C HIS Z 178 29.01 17.63 40.41
N MET Z 179 27.74 17.93 40.31
CA MET Z 179 27.26 19.30 40.45
C MET Z 179 27.23 19.72 41.91
N LYS Z 180 27.98 20.77 42.23
CA LYS Z 180 28.04 21.29 43.59
C LYS Z 180 27.58 22.74 43.61
N GLU Z 181 27.47 23.33 44.81
CA GLU Z 181 27.00 24.71 44.94
C GLU Z 181 27.92 25.70 44.23
N ASP Z 182 29.23 25.45 44.24
CA ASP Z 182 30.20 26.34 43.62
C ASP Z 182 30.52 25.94 42.19
N GLY Z 183 29.74 25.01 41.63
CA GLY Z 183 29.92 24.59 40.26
C GLY Z 183 30.13 23.09 40.18
N TRP Z 184 30.20 22.59 38.96
CA TRP Z 184 30.42 21.15 38.75
C TRP Z 184 31.90 20.81 38.70
N VAL Z 185 32.21 19.55 38.96
CA VAL Z 185 33.56 19.03 38.89
C VAL Z 185 33.52 17.69 38.16
N LYS Z 186 34.52 17.42 37.34
CA LYS Z 186 34.59 16.17 36.63
C LYS Z 186 35.22 15.14 37.55
N VAL Z 187 34.45 14.07 37.83
CA VAL Z 187 34.87 13.07 38.79
C VAL Z 187 35.87 12.11 38.14
N GLU Z 188 35.44 11.39 37.11
CA GLU Z 188 36.30 10.39 36.47
C GLU Z 188 35.90 10.05 35.06
N SER Z 189 36.70 9.16 34.45
CA SER Z 189 36.51 8.70 33.10
C SER Z 189 36.99 7.26 33.05
N THR Z 190 36.30 6.38 33.76
CA THR Z 190 36.72 4.99 33.90
C THR Z 190 36.16 4.11 32.78
N ASP Z 191 37.04 3.29 32.20
CA ASP Z 191 36.65 2.35 31.16
C ASP Z 191 35.73 1.33 31.80
N VAL Z 192 34.57 1.11 31.18
CA VAL Z 192 33.53 0.24 31.74
C VAL Z 192 34.00 -1.22 31.82
N ASN Z 193 34.92 -1.66 30.98
CA ASN Z 193 35.37 -3.03 31.03
C ASN Z 193 36.26 -3.29 32.24
N GLU Z 194 37.11 -2.32 32.57
CA GLU Z 194 37.94 -2.41 33.77
C GLU Z 194 37.05 -2.55 35.00
N LEU Z 195 35.99 -1.74 35.05
CA LEU Z 195 35.05 -1.75 36.15
C LEU Z 195 34.33 -3.09 36.26
N LEU Z 196 33.77 -3.55 35.13
CA LEU Z 196 32.97 -4.77 35.10
C LEU Z 196 33.76 -5.99 35.54
N HIS Z 197 35.05 -6.04 35.19
CA HIS Z 197 35.85 -7.19 35.57
C HIS Z 197 36.11 -7.22 37.06
N GLN Z 198 36.25 -6.03 37.64
CA GLN Z 198 36.50 -5.92 39.07
C GLN Z 198 35.22 -6.19 39.87
N TYR Z 199 34.07 -5.94 39.25
CA TYR Z 199 32.81 -6.17 39.90
C TYR Z 199 32.48 -7.67 39.91
N GLN Z 200 33.03 -8.40 38.93
CA GLN Z 200 32.80 -9.83 38.80
C GLN Z 200 33.85 -10.62 39.57
N GLU Z 201 34.80 -9.92 40.20
CA GLU Z 201 35.86 -10.56 40.96
C GLU Z 201 35.46 -10.75 42.42
N GLY AA 5 2.55 54.68 -4.79
CA GLY AA 5 1.62 55.75 -4.48
C GLY AA 5 1.90 56.39 -3.14
N TYR AA 6 1.40 57.60 -2.95
CA TYR AA 6 1.59 58.32 -1.69
C TYR AA 6 0.77 57.67 -0.60
N SER AA 7 1.39 57.37 0.53
CA SER AA 7 0.70 56.71 1.63
C SER AA 7 0.19 57.64 2.74
N PHE AA 8 0.18 58.95 2.47
CA PHE AA 8 -0.31 59.89 3.47
C PHE AA 8 -1.62 60.58 2.97
N SER AA 9 -2.40 61.11 3.88
CA SER AA 9 -3.71 61.61 3.52
C SER AA 9 -3.53 62.90 2.71
N LEU AA 10 -4.32 63.11 1.65
CA LEU AA 10 -4.34 64.41 0.96
C LEU AA 10 -5.48 65.25 1.50
N THR AA 11 -6.39 64.67 2.32
CA THR AA 11 -7.44 65.47 2.96
C THR AA 11 -7.10 65.52 4.45
N THR AA 12 -7.03 66.68 5.06
CA THR AA 12 -6.59 66.79 6.44
C THR AA 12 -7.36 67.91 7.08
N PHE AA 13 -7.38 68.01 8.41
CA PHE AA 13 -8.22 69.01 9.07
C PHE AA 13 -7.50 70.31 9.03
N SER AA 14 -8.23 71.39 8.77
CA SER AA 14 -7.71 72.75 8.90
C SER AA 14 -7.82 73.20 10.37
N PRO AA 15 -7.10 74.24 10.83
CA PRO AA 15 -7.35 74.80 12.16
C PRO AA 15 -8.76 75.23 12.54
N SER AA 16 -9.70 75.32 11.61
CA SER AA 16 -11.10 75.57 11.98
C SER AA 16 -11.87 74.25 12.14
N GLY AA 17 -11.22 73.14 11.83
CA GLY AA 17 -11.86 71.86 11.94
C GLY AA 17 -12.56 71.49 10.66
N LYS AA 18 -12.26 72.18 9.54
CA LYS AA 18 -12.86 71.83 8.26
C LYS AA 18 -11.92 70.88 7.50
N LEU AA 19 -12.47 70.03 6.61
CA LEU AA 19 -11.68 69.26 5.61
C LEU AA 19 -11.86 69.90 4.23
N VAL AA 20 -11.04 70.93 3.94
CA VAL AA 20 -11.21 71.70 2.72
C VAL AA 20 -11.27 70.78 1.50
N GLN AA 21 -10.43 69.72 1.37
CA GLN AA 21 -10.54 68.95 0.15
C GLN AA 21 -12.01 68.55 -0.11
N ILE AA 22 -12.75 68.16 0.94
CA ILE AA 22 -14.15 67.74 0.78
C ILE AA 22 -14.98 68.98 0.45
N GLU AA 23 -14.69 70.12 1.07
CA GLU AA 23 -15.41 71.34 0.73
C GLU AA 23 -15.26 71.68 -0.76
N TYR AA 24 -14.08 71.40 -1.33
CA TYR AA 24 -13.72 71.67 -2.71
C TYR AA 24 -14.33 70.61 -3.65
N ALA AA 25 -14.30 69.34 -3.27
CA ALA AA 25 -15.09 68.34 -3.96
C ALA AA 25 -16.57 68.77 -4.04
N LEU AA 26 -17.10 69.47 -3.03
CA LEU AA 26 -18.51 69.82 -3.05
C LEU AA 26 -18.78 70.96 -4.01
N ALA AA 27 -17.77 71.82 -4.19
CA ALA AA 27 -17.78 72.92 -5.14
C ALA AA 27 -17.89 72.35 -6.53
N ALA AA 28 -17.14 71.27 -6.81
CA ALA AA 28 -17.26 70.56 -8.06
C ALA AA 28 -18.69 70.08 -8.31
N VAL AA 29 -19.32 69.41 -7.35
CA VAL AA 29 -20.70 68.98 -7.43
C VAL AA 29 -21.61 70.14 -7.73
N ALA AA 30 -21.48 71.25 -6.98
CA ALA AA 30 -22.42 72.37 -7.08
C ALA AA 30 -22.34 73.04 -8.46
N GLY AA 31 -21.21 72.92 -9.14
CA GLY AA 31 -21.10 73.43 -10.49
C GLY AA 31 -21.53 72.41 -11.55
N GLY AA 32 -21.73 71.15 -11.15
CA GLY AA 32 -22.27 70.13 -12.05
C GLY AA 32 -23.66 70.52 -12.58
N ALA AA 33 -24.10 69.83 -13.62
CA ALA AA 33 -25.40 70.01 -14.22
C ALA AA 33 -26.45 69.55 -13.23
N PRO AA 34 -27.66 70.12 -13.32
CA PRO AA 34 -28.70 69.85 -12.31
C PRO AA 34 -29.27 68.42 -12.34
N SER AA 35 -29.64 67.97 -11.15
CA SER AA 35 -30.29 66.68 -10.94
C SER AA 35 -31.35 66.83 -9.89
N VAL AA 36 -32.41 66.02 -10.06
CA VAL AA 36 -33.61 66.06 -9.26
C VAL AA 36 -34.04 64.62 -8.94
N GLY AA 37 -34.48 64.40 -7.71
CA GLY AA 37 -35.09 63.14 -7.33
C GLY AA 37 -36.35 63.42 -6.52
N ILE AA 38 -37.41 62.63 -6.76
CA ILE AA 38 -38.70 62.84 -6.10
C ILE AA 38 -39.22 61.47 -5.73
N LYS AA 39 -39.61 61.28 -4.45
CA LYS AA 39 -40.18 59.99 -4.06
C LYS AA 39 -41.68 60.18 -3.86
N ALA AA 40 -42.43 59.63 -4.83
CA ALA AA 40 -43.88 59.56 -4.88
C ALA AA 40 -44.33 58.40 -4.00
N ALA AA 41 -45.66 58.28 -3.84
CA ALA AA 41 -46.25 57.26 -2.98
C ALA AA 41 -45.95 55.87 -3.54
N ASN AA 42 -45.90 55.76 -4.87
CA ASN AA 42 -45.80 54.45 -5.51
C ASN AA 42 -44.57 54.39 -6.42
N GLY AA 43 -43.58 55.28 -6.18
CA GLY AA 43 -42.32 55.26 -6.92
C GLY AA 43 -41.48 56.50 -6.66
N VAL AA 44 -40.37 56.58 -7.41
CA VAL AA 44 -39.34 57.61 -7.33
C VAL AA 44 -39.04 57.99 -8.80
N VAL AA 45 -38.72 59.25 -9.06
CA VAL AA 45 -38.21 59.63 -10.37
C VAL AA 45 -36.80 60.23 -10.16
N LEU AA 46 -35.89 60.00 -11.11
CA LEU AA 46 -34.61 60.69 -11.20
C LEU AA 46 -34.58 61.36 -12.56
N ALA AA 47 -34.12 62.59 -12.64
CA ALA AA 47 -34.17 63.37 -13.87
C ALA AA 47 -32.97 64.32 -13.87
N THR AA 48 -32.31 64.44 -15.01
CA THR AA 48 -31.13 65.27 -15.10
C THR AA 48 -31.01 65.90 -16.48
N GLU AA 49 -30.35 67.06 -16.53
CA GLU AA 49 -29.95 67.78 -17.72
C GLU AA 49 -28.80 67.00 -18.31
N LYS AA 50 -28.91 66.60 -19.60
CA LYS AA 50 -27.81 66.11 -20.43
C LYS AA 50 -27.72 66.90 -21.72
N LYS AA 51 -27.75 68.25 -21.60
CA LYS AA 51 -27.36 69.16 -22.67
C LYS AA 51 -25.91 68.86 -23.08
N GLN AA 52 -25.70 68.71 -24.41
CA GLN AA 52 -24.37 68.46 -24.93
C GLN AA 52 -23.90 69.75 -25.59
N LYS AA 53 -22.56 69.92 -25.68
CA LYS AA 53 -21.87 71.14 -26.06
C LYS AA 53 -22.19 71.56 -27.49
N SER AA 54 -22.27 70.53 -28.35
CA SER AA 54 -22.53 70.57 -29.78
C SER AA 54 -23.77 69.73 -30.09
N ILE AA 55 -23.89 69.29 -31.35
CA ILE AA 55 -24.90 68.38 -31.90
C ILE AA 55 -24.14 67.22 -32.52
N LEU AA 56 -22.80 67.20 -32.31
CA LEU AA 56 -21.90 66.17 -32.83
C LEU AA 56 -21.86 64.98 -31.88
N TYR AA 57 -21.97 65.27 -30.56
CA TYR AA 57 -22.09 64.32 -29.47
C TYR AA 57 -23.33 63.47 -29.68
N ASP AA 58 -23.12 62.17 -29.91
CA ASP AA 58 -24.18 61.19 -30.01
C ASP AA 58 -24.78 61.03 -28.61
N GLU AA 59 -25.88 61.75 -28.33
CA GLU AA 59 -26.49 61.88 -27.00
C GLU AA 59 -26.83 60.49 -26.43
N ARG AA 60 -27.30 59.60 -27.33
CA ARG AA 60 -27.72 58.25 -27.00
C ARG AA 60 -26.55 57.34 -26.58
N SER AA 61 -25.29 57.82 -26.71
CA SER AA 61 -24.09 57.01 -26.51
C SER AA 61 -23.85 56.75 -25.03
N VAL AA 62 -23.89 57.82 -24.24
CA VAL AA 62 -23.60 57.74 -22.81
C VAL AA 62 -24.76 58.32 -22.00
N HIS AA 63 -24.99 57.69 -20.84
CA HIS AA 63 -26.16 57.81 -20.00
C HIS AA 63 -25.75 58.29 -18.61
N LYS AA 64 -26.43 59.31 -18.08
CA LYS AA 64 -26.13 59.75 -16.75
C LYS AA 64 -27.01 58.99 -15.77
N VAL AA 65 -28.17 58.47 -16.19
CA VAL AA 65 -29.10 57.78 -15.31
C VAL AA 65 -28.90 56.29 -15.57
N GLU AA 66 -28.46 55.54 -14.54
CA GLU AA 66 -27.90 54.21 -14.77
C GLU AA 66 -28.55 53.21 -13.81
N PRO AA 67 -28.87 52.01 -14.30
CA PRO AA 67 -29.31 50.97 -13.39
C PRO AA 67 -28.16 50.34 -12.66
N ILE AA 68 -28.43 49.95 -11.39
CA ILE AA 68 -27.53 49.17 -10.54
C ILE AA 68 -28.02 47.72 -10.43
N THR AA 69 -29.35 47.56 -10.29
CA THR AA 69 -29.93 46.23 -10.16
C THR AA 69 -31.31 46.37 -10.74
N LYS AA 70 -32.15 45.30 -10.74
CA LYS AA 70 -33.50 45.44 -11.27
C LYS AA 70 -34.28 46.58 -10.63
N HIS AA 71 -33.89 46.92 -9.41
CA HIS AA 71 -34.76 47.71 -8.56
C HIS AA 71 -34.09 48.98 -8.09
N ILE AA 72 -32.77 49.17 -8.41
CA ILE AA 72 -32.05 50.37 -7.96
C ILE AA 72 -31.46 51.09 -9.17
N GLY AA 73 -31.48 52.42 -9.15
CA GLY AA 73 -30.85 53.23 -10.19
C GLY AA 73 -30.18 54.46 -9.59
N LEU AA 74 -29.26 55.06 -10.35
CA LEU AA 74 -28.43 56.15 -9.87
C LEU AA 74 -28.51 57.29 -10.88
N VAL AA 75 -28.33 58.51 -10.38
CA VAL AA 75 -27.97 59.67 -11.18
C VAL AA 75 -26.95 60.44 -10.32
N TYR AA 76 -26.32 61.50 -10.85
CA TYR AA 76 -25.28 62.21 -10.13
C TYR AA 76 -25.25 63.64 -10.59
N SER AA 77 -24.55 64.48 -9.80
CA SER AA 77 -24.06 65.79 -10.23
C SER AA 77 -22.56 65.82 -9.92
N GLY AA 78 -21.75 66.53 -10.75
CA GLY AA 78 -20.33 66.74 -10.51
C GLY AA 78 -19.49 66.18 -11.64
N MET AA 79 -18.59 65.25 -11.36
CA MET AA 79 -17.60 64.82 -12.33
C MET AA 79 -17.93 63.45 -12.95
N GLY AA 80 -18.45 63.48 -14.17
CA GLY AA 80 -18.83 62.33 -14.97
C GLY AA 80 -17.91 61.13 -14.84
N PRO AA 81 -16.58 61.25 -15.06
CA PRO AA 81 -15.68 60.08 -14.95
C PRO AA 81 -15.52 59.53 -13.52
N ASP AA 82 -15.73 60.38 -12.50
CA ASP AA 82 -15.82 59.93 -11.11
C ASP AA 82 -17.13 59.15 -10.93
N TYR AA 83 -18.23 59.65 -11.47
CA TYR AA 83 -19.48 58.89 -11.45
C TYR AA 83 -19.25 57.49 -12.02
N ARG AA 84 -18.73 57.36 -13.24
CA ARG AA 84 -18.47 56.03 -13.80
C ARG AA 84 -17.87 54.99 -12.81
N VAL AA 85 -16.86 55.41 -12.06
CA VAL AA 85 -16.16 54.55 -11.11
C VAL AA 85 -17.12 54.03 -10.06
N LEU AA 86 -17.94 54.96 -9.47
CA LEU AA 86 -18.99 54.67 -8.47
C LEU AA 86 -20.04 53.71 -9.04
N VAL AA 87 -20.48 53.97 -10.26
CA VAL AA 87 -21.49 53.12 -10.86
C VAL AA 87 -20.99 51.70 -10.90
N HIS AA 88 -19.77 51.51 -11.37
CA HIS AA 88 -19.18 50.20 -11.45
C HIS AA 88 -19.05 49.57 -10.05
N ARG AA 89 -18.62 50.35 -9.07
CA ARG AA 89 -18.50 49.85 -7.69
C ARG AA 89 -19.88 49.45 -7.12
N ALA AA 90 -20.89 50.30 -7.27
CA ALA AA 90 -22.23 49.95 -6.78
C ALA AA 90 -22.73 48.66 -7.41
N ARG AA 91 -22.52 48.54 -8.71
CA ARG AA 91 -22.91 47.33 -9.40
C ARG AA 91 -22.19 46.10 -8.82
N LYS AA 92 -20.93 46.27 -8.38
CA LYS AA 92 -20.20 45.10 -7.88
C LYS AA 92 -20.67 44.77 -6.46
N LEU AA 93 -20.98 45.83 -5.67
CA LEU AA 93 -21.47 45.69 -4.31
C LEU AA 93 -22.86 45.05 -4.30
N ALA AA 94 -23.72 45.45 -5.24
CA ALA AA 94 -25.03 44.85 -5.28
C ALA AA 94 -24.90 43.36 -5.67
N GLN AA 95 -23.99 43.01 -6.57
CA GLN AA 95 -23.82 41.61 -6.91
C GLN AA 95 -23.29 40.80 -5.72
N GLN AA 96 -22.30 41.37 -5.00
CA GLN AA 96 -21.71 40.71 -3.87
C GLN AA 96 -22.77 40.40 -2.82
N TYR AA 97 -23.69 41.34 -2.58
CA TYR AA 97 -24.74 41.17 -1.63
C TYR AA 97 -25.68 40.08 -2.14
N TYR AA 98 -26.10 40.17 -3.40
CA TYR AA 98 -26.96 39.12 -3.90
C TYR AA 98 -26.32 37.71 -3.82
N LEU AA 99 -25.02 37.54 -4.05
CA LEU AA 99 -24.40 36.23 -4.01
C LEU AA 99 -24.41 35.66 -2.59
N VAL AA 100 -24.52 36.50 -1.54
CA VAL AA 100 -24.49 35.98 -0.18
C VAL AA 100 -25.92 35.67 0.26
N TYR AA 101 -26.81 36.66 0.13
CA TYR AA 101 -28.12 36.64 0.73
C TYR AA 101 -29.19 36.10 -0.22
N GLN AA 102 -28.86 36.01 -1.51
CA GLN AA 102 -29.78 35.58 -2.57
C GLN AA 102 -31.08 36.36 -2.52
N GLU AA 103 -31.03 37.62 -2.11
CA GLU AA 103 -32.12 38.56 -2.25
C GLU AA 103 -31.53 39.89 -2.73
N PRO AA 104 -32.20 40.63 -3.62
CA PRO AA 104 -31.61 41.88 -4.12
C PRO AA 104 -31.45 42.92 -2.98
N ILE AA 105 -30.29 43.61 -3.00
CA ILE AA 105 -29.79 44.41 -1.91
C ILE AA 105 -30.80 45.52 -1.65
N PRO AA 106 -31.23 45.74 -0.41
CA PRO AA 106 -32.10 46.86 -0.13
C PRO AA 106 -31.42 48.18 -0.47
N THR AA 107 -32.20 49.12 -0.99
CA THR AA 107 -31.66 50.41 -1.35
C THR AA 107 -30.73 51.00 -0.26
N ALA AA 108 -31.22 51.18 0.99
CA ALA AA 108 -30.44 51.74 2.08
C ALA AA 108 -29.18 50.87 2.37
N GLN AA 109 -29.20 49.57 2.12
CA GLN AA 109 -27.93 48.88 2.31
C GLN AA 109 -26.96 49.14 1.14
N LEU AA 110 -27.48 49.43 -0.07
CA LEU AA 110 -26.61 49.80 -1.17
C LEU AA 110 -26.01 51.15 -0.89
N VAL AA 111 -26.80 52.08 -0.32
CA VAL AA 111 -26.34 53.45 -0.06
C VAL AA 111 -25.20 53.52 0.97
N GLN AA 112 -25.31 52.75 2.03
CA GLN AA 112 -24.31 52.65 3.08
C GLN AA 112 -22.99 52.14 2.52
N ARG AA 113 -23.01 51.07 1.70
CA ARG AA 113 -21.80 50.49 1.12
C ARG AA 113 -21.15 51.46 0.14
N VAL AA 114 -21.94 52.12 -0.71
CA VAL AA 114 -21.34 53.03 -1.65
C VAL AA 114 -20.76 54.22 -0.90
N ALA AA 115 -21.54 54.81 0.02
CA ALA AA 115 -21.07 55.93 0.84
C ALA AA 115 -19.76 55.61 1.57
N SER AA 116 -19.61 54.36 1.97
CA SER AA 116 -18.44 53.95 2.67
C SER AA 116 -17.21 54.03 1.74
N VAL AA 117 -17.36 53.72 0.45
CA VAL AA 117 -16.29 53.77 -0.54
C VAL AA 117 -15.96 55.24 -0.66
N MET AA 118 -16.97 56.11 -0.74
CA MET AA 118 -16.70 57.55 -0.73
C MET AA 118 -15.88 58.02 0.50
N GLN AA 119 -16.21 57.60 1.72
CA GLN AA 119 -15.49 58.13 2.88
C GLN AA 119 -14.02 57.72 2.79
N GLU AA 120 -13.74 56.52 2.22
CA GLU AA 120 -12.35 56.03 2.21
C GLU AA 120 -11.41 56.92 1.39
N TYR AA 121 -11.93 57.55 0.32
CA TYR AA 121 -11.21 58.52 -0.48
C TYR AA 121 -11.15 59.89 0.17
N THR AA 122 -11.77 60.09 1.34
CA THR AA 122 -11.42 61.22 2.19
C THR AA 122 -10.30 60.91 3.21
N GLN AA 123 -9.73 59.70 3.27
CA GLN AA 123 -8.80 59.45 4.36
C GLN AA 123 -7.58 58.58 3.94
N SER AA 124 -7.75 57.79 2.89
CA SER AA 124 -6.75 56.90 2.35
C SER AA 124 -5.59 57.66 1.69
N GLY AA 125 -4.49 57.00 1.34
CA GLY AA 125 -3.29 57.75 0.99
C GLY AA 125 -3.26 58.13 -0.47
N GLY AA 126 -2.86 59.36 -0.79
CA GLY AA 126 -2.55 59.73 -2.17
C GLY AA 126 -3.75 60.05 -3.06
N VAL AA 127 -4.98 60.11 -2.54
CA VAL AA 127 -6.11 60.25 -3.43
C VAL AA 127 -6.90 61.49 -3.02
N ARG AA 128 -7.76 61.98 -3.92
CA ARG AA 128 -8.63 63.09 -3.62
C ARG AA 128 -10.04 62.54 -3.41
N PRO AA 129 -10.98 63.17 -2.67
CA PRO AA 129 -12.37 62.68 -2.65
C PRO AA 129 -12.96 62.59 -4.06
N PHE AA 130 -14.19 62.04 -4.18
CA PHE AA 130 -14.93 61.92 -5.42
C PHE AA 130 -15.58 63.27 -5.69
N GLY AA 131 -15.50 63.80 -6.93
CA GLY AA 131 -16.16 65.08 -7.14
C GLY AA 131 -17.60 64.89 -7.62
N VAL AA 132 -18.39 64.11 -6.86
CA VAL AA 132 -19.71 63.64 -7.29
C VAL AA 132 -20.63 63.63 -6.09
N SER AA 133 -21.90 64.05 -6.21
CA SER AA 133 -22.92 63.51 -5.31
C SER AA 133 -23.78 62.52 -6.09
N LEU AA 134 -24.31 61.48 -5.45
CA LEU AA 134 -25.23 60.51 -6.04
C LEU AA 134 -26.67 60.79 -5.52
N LEU AA 135 -27.71 60.59 -6.36
CA LEU AA 135 -29.06 60.25 -5.90
C LEU AA 135 -29.35 58.80 -6.28
N ILE AA 136 -29.77 57.99 -5.30
CA ILE AA 136 -30.01 56.58 -5.56
C ILE AA 136 -31.47 56.39 -5.23
N CYS AA 137 -32.14 55.65 -6.09
CA CYS AA 137 -33.53 55.34 -5.80
C CYS AA 137 -33.67 53.84 -5.82
N GLY AA 138 -34.65 53.33 -5.10
CA GLY AA 138 -34.94 51.91 -5.21
C GLY AA 138 -36.33 51.64 -4.67
N TRP AA 139 -36.77 50.41 -4.94
CA TRP AA 139 -38.03 49.91 -4.48
C TRP AA 139 -37.74 48.59 -3.77
N ASN AA 140 -38.10 48.48 -2.50
CA ASN AA 140 -37.98 47.19 -1.82
C ASN AA 140 -38.90 47.18 -0.62
N GLU AA 141 -39.46 46.00 -0.27
CA GLU AA 141 -40.47 45.89 0.78
C GLU AA 141 -41.63 46.86 0.52
N GLY AA 142 -42.13 46.87 -0.72
CA GLY AA 142 -43.26 47.64 -1.19
C GLY AA 142 -43.24 49.10 -0.71
N ARG AA 143 -42.08 49.72 -0.85
CA ARG AA 143 -41.84 51.09 -0.40
C ARG AA 143 -40.82 51.69 -1.38
N PRO AA 144 -40.98 52.93 -1.83
CA PRO AA 144 -39.94 53.57 -2.64
C PRO AA 144 -38.92 54.29 -1.76
N TYR AA 145 -37.64 54.27 -2.16
CA TYR AA 145 -36.56 54.91 -1.44
C TYR AA 145 -35.75 55.86 -2.33
N LEU AA 146 -35.46 57.05 -1.80
CA LEU AA 146 -34.51 57.97 -2.40
C LEU AA 146 -33.44 58.48 -1.42
N PHE AA 147 -32.16 58.35 -1.80
CA PHE AA 147 -31.03 58.79 -0.97
C PHE AA 147 -30.08 59.66 -1.77
N GLN AA 148 -29.38 60.58 -1.06
CA GLN AA 148 -28.25 61.32 -1.57
C GLN AA 148 -27.00 60.86 -0.82
N SER AA 149 -25.93 60.49 -1.53
CA SER AA 149 -24.59 60.28 -0.95
C SER AA 149 -23.66 61.40 -1.44
N ASP AA 150 -23.02 62.13 -0.51
CA ASP AA 150 -22.14 63.22 -0.90
C ASP AA 150 -20.65 62.79 -0.95
N PRO AA 151 -19.72 63.66 -1.36
CA PRO AA 151 -18.30 63.35 -1.30
C PRO AA 151 -17.68 63.05 0.07
N SER AA 152 -18.27 63.52 1.17
CA SER AA 152 -17.71 63.14 2.47
C SER AA 152 -18.04 61.71 2.83
N GLY AA 153 -18.97 61.05 2.10
CA GLY AA 153 -19.49 59.75 2.46
C GLY AA 153 -20.71 59.80 3.39
N ALA AA 154 -21.22 60.98 3.75
CA ALA AA 154 -22.49 61.10 4.44
C ALA AA 154 -23.64 60.85 3.48
N TYR AA 155 -24.72 60.25 3.98
CA TYR AA 155 -25.92 59.97 3.23
C TYR AA 155 -27.13 60.54 3.96
N PHE AA 156 -28.22 60.78 3.22
CA PHE AA 156 -29.44 61.31 3.77
C PHE AA 156 -30.58 60.75 2.96
N ALA AA 157 -31.73 60.51 3.61
CA ALA AA 157 -32.89 59.96 2.91
C ALA AA 157 -33.77 61.15 2.63
N TRP AA 158 -34.18 61.33 1.35
CA TRP AA 158 -35.04 62.47 1.02
C TRP AA 158 -36.42 61.99 0.57
N LYS AA 159 -37.42 62.85 0.72
CA LYS AA 159 -38.68 62.82 -0.01
C LYS AA 159 -38.47 63.39 -1.42
N ALA AA 160 -37.78 64.55 -1.52
CA ALA AA 160 -37.34 65.13 -2.79
C ALA AA 160 -36.19 66.09 -2.52
N THR AA 161 -35.28 66.22 -3.50
CA THR AA 161 -34.07 67.04 -3.41
C THR AA 161 -33.63 67.36 -4.83
N ALA AA 162 -32.75 68.36 -4.96
CA ALA AA 162 -32.08 68.70 -6.21
C ALA AA 162 -30.63 68.96 -5.88
N MET AA 163 -29.75 68.70 -6.86
CA MET AA 163 -28.31 68.92 -6.72
C MET AA 163 -27.74 69.37 -8.06
N GLY AA 164 -26.40 69.53 -8.11
CA GLY AA 164 -25.76 70.23 -9.20
C GLY AA 164 -26.02 71.71 -9.18
N LYS AA 165 -25.95 72.35 -10.35
CA LYS AA 165 -26.10 73.79 -10.54
C LYS AA 165 -27.52 74.22 -10.16
N ASN AA 166 -27.63 75.24 -9.29
CA ASN AA 166 -28.91 75.85 -8.96
C ASN AA 166 -29.79 74.92 -8.10
N TYR AA 167 -29.16 74.15 -7.20
CA TYR AA 167 -29.84 73.26 -6.27
C TYR AA 167 -30.63 74.00 -5.18
N VAL AA 168 -30.14 75.14 -4.69
CA VAL AA 168 -30.83 75.89 -3.62
C VAL AA 168 -32.17 76.42 -4.11
N ASN AA 169 -32.18 77.04 -5.31
CA ASN AA 169 -33.41 77.46 -5.99
C ASN AA 169 -34.28 76.23 -6.24
N GLY AA 170 -33.64 75.13 -6.68
CA GLY AA 170 -34.34 73.91 -6.98
C GLY AA 170 -35.09 73.40 -5.75
N LYS AA 171 -34.43 73.35 -4.59
CA LYS AA 171 -35.01 72.78 -3.37
C LYS AA 171 -36.25 73.57 -2.95
N THR AA 172 -36.13 74.90 -2.86
CA THR AA 172 -37.24 75.82 -2.59
C THR AA 172 -38.43 75.53 -3.50
N PHE AA 173 -38.18 75.27 -4.79
CA PHE AA 173 -39.22 74.89 -5.74
C PHE AA 173 -39.87 73.55 -5.38
N LEU AA 174 -39.09 72.63 -4.80
CA LEU AA 174 -39.58 71.30 -4.43
C LEU AA 174 -40.28 71.33 -3.06
N GLU AA 175 -39.83 72.19 -2.13
CA GLU AA 175 -40.59 72.47 -0.91
C GLU AA 175 -42.05 72.74 -1.27
N LYS AA 176 -42.25 73.72 -2.17
CA LYS AA 176 -43.55 74.28 -2.50
C LYS AA 176 -44.45 73.27 -3.23
N ARG AA 177 -43.86 72.37 -4.05
CA ARG AA 177 -44.58 71.53 -5.01
C ARG AA 177 -44.76 70.08 -4.56
N TYR AA 178 -43.88 69.59 -3.69
CA TYR AA 178 -43.91 68.19 -3.27
C TYR AA 178 -45.04 68.04 -2.26
N ASN AA 179 -45.81 66.94 -2.38
CA ASN AA 179 -46.58 66.41 -1.26
C ASN AA 179 -46.45 64.90 -1.24
N GLU AA 180 -46.75 64.28 -0.08
CA GLU AA 180 -46.56 62.86 0.18
C GLU AA 180 -47.49 62.01 -0.66
N ASP AA 181 -48.72 62.54 -0.89
CA ASP AA 181 -49.82 61.83 -1.54
C ASP AA 181 -49.59 61.68 -3.04
N LEU AA 182 -48.88 62.67 -3.62
CA LEU AA 182 -48.38 62.75 -5.00
C LEU AA 182 -48.09 61.36 -5.57
N GLU AA 183 -48.73 61.01 -6.69
CA GLU AA 183 -48.50 59.78 -7.44
C GLU AA 183 -47.26 59.98 -8.32
N LEU AA 184 -46.70 58.87 -8.87
CA LEU AA 184 -45.50 58.87 -9.70
C LEU AA 184 -45.69 59.80 -10.90
N GLU AA 185 -46.70 59.51 -11.73
CA GLU AA 185 -46.94 60.19 -13.00
C GLU AA 185 -46.86 61.70 -12.80
N ASP AA 186 -47.44 62.19 -11.67
CA ASP AA 186 -47.36 63.60 -11.29
C ASP AA 186 -45.93 63.94 -10.88
N ALA AA 187 -45.32 63.13 -10.00
CA ALA AA 187 -43.93 63.27 -9.54
C ALA AA 187 -43.01 63.55 -10.73
N ILE AA 188 -43.16 62.74 -11.80
CA ILE AA 188 -42.44 62.90 -13.06
C ILE AA 188 -42.58 64.31 -13.63
N HIS AA 189 -43.80 64.89 -13.56
CA HIS AA 189 -44.05 66.23 -14.07
C HIS AA 189 -43.28 67.29 -13.27
N THR AA 190 -43.33 67.21 -11.93
CA THR AA 190 -42.65 68.17 -11.07
C THR AA 190 -41.14 67.94 -11.04
N ALA AA 191 -40.68 66.70 -11.31
CA ALA AA 191 -39.27 66.49 -11.58
C ALA AA 191 -38.85 67.38 -12.75
N ILE AA 192 -39.44 67.10 -13.94
CA ILE AA 192 -39.16 67.80 -15.19
C ILE AA 192 -39.32 69.33 -15.04
N LEU AA 193 -40.27 69.79 -14.20
CA LEU AA 193 -40.48 71.21 -13.95
C LEU AA 193 -39.38 71.84 -13.10
N THR AA 194 -38.84 71.10 -12.11
CA THR AA 194 -37.73 71.60 -11.32
C THR AA 194 -36.50 71.84 -12.20
N LEU AA 195 -36.25 70.92 -13.14
CA LEU AA 195 -35.19 71.09 -14.15
C LEU AA 195 -35.38 72.36 -14.99
N LYS AA 196 -36.62 72.62 -15.46
CA LYS AA 196 -36.96 73.75 -16.32
C LYS AA 196 -36.57 75.07 -15.65
N GLU AA 197 -36.68 75.14 -14.31
CA GLU AA 197 -36.47 76.37 -13.55
C GLU AA 197 -35.05 76.92 -13.73
N SER AA 198 -34.08 76.06 -14.08
CA SER AA 198 -32.66 76.41 -14.19
C SER AA 198 -32.10 76.10 -15.59
N PHE AA 199 -32.93 75.55 -16.49
CA PHE AA 199 -32.50 75.09 -17.81
C PHE AA 199 -32.24 76.31 -18.70
N GLU AA 200 -31.27 76.18 -19.61
CA GLU AA 200 -30.88 77.24 -20.53
C GLU AA 200 -31.98 77.48 -21.56
N GLY AA 201 -32.08 76.61 -22.58
CA GLY AA 201 -33.09 76.82 -23.60
C GLY AA 201 -33.54 75.55 -24.32
N GLN AA 202 -34.86 75.34 -24.30
CA GLN AA 202 -35.58 74.32 -25.07
C GLN AA 202 -35.12 72.91 -24.70
N MET AA 203 -35.71 72.45 -23.60
CA MET AA 203 -35.63 71.11 -23.04
C MET AA 203 -36.34 70.13 -23.97
N THR AA 204 -35.57 69.36 -24.73
CA THR AA 204 -36.08 68.28 -25.58
C THR AA 204 -36.03 66.95 -24.81
N GLU AA 205 -36.47 65.87 -25.48
CA GLU AA 205 -36.49 64.52 -24.95
C GLU AA 205 -35.16 63.83 -25.25
N ASP AA 206 -34.14 64.59 -25.70
CA ASP AA 206 -32.78 64.11 -25.93
C ASP AA 206 -31.73 64.88 -25.11
N ASN AA 207 -32.12 65.96 -24.41
CA ASN AA 207 -31.20 66.72 -23.59
C ASN AA 207 -31.63 66.78 -22.11
N ILE AA 208 -32.60 65.93 -21.75
CA ILE AA 208 -32.76 65.41 -20.40
C ILE AA 208 -32.83 63.89 -20.48
N GLU AA 209 -32.62 63.25 -19.34
CA GLU AA 209 -32.64 61.82 -19.21
C GLU AA 209 -33.47 61.59 -17.97
N VAL AA 210 -34.32 60.53 -17.96
CA VAL AA 210 -35.25 60.32 -16.84
C VAL AA 210 -35.34 58.84 -16.50
N GLY AA 211 -35.17 58.49 -15.22
CA GLY AA 211 -35.32 57.11 -14.82
C GLY AA 211 -36.43 57.03 -13.79
N ILE AA 212 -37.11 55.88 -13.74
CA ILE AA 212 -38.19 55.71 -12.77
C ILE AA 212 -37.95 54.43 -12.05
N CYS AA 213 -38.48 54.40 -10.83
CA CYS AA 213 -38.36 53.20 -10.01
C CYS AA 213 -39.70 53.00 -9.32
N ASN AA 214 -40.21 51.76 -9.41
CA ASN AA 214 -41.47 51.34 -8.82
C ASN AA 214 -41.44 49.81 -8.67
N GLU AA 215 -42.58 49.22 -8.26
CA GLU AA 215 -42.75 47.79 -8.09
C GLU AA 215 -42.13 47.02 -9.26
N ALA AA 216 -42.39 47.46 -10.50
CA ALA AA 216 -41.94 46.76 -11.70
C ALA AA 216 -40.42 46.69 -11.78
N GLY AA 217 -39.75 47.68 -11.15
CA GLY AA 217 -38.31 47.80 -11.19
C GLY AA 217 -37.88 49.23 -11.47
N PHE AA 218 -36.61 49.38 -11.87
CA PHE AA 218 -35.99 50.65 -12.19
C PHE AA 218 -35.80 50.65 -13.71
N ARG AA 219 -36.06 51.77 -14.35
CA ARG AA 219 -35.71 51.85 -15.77
C ARG AA 219 -35.50 53.30 -16.16
N ARG AA 220 -34.75 53.46 -17.26
CA ARG AA 220 -34.55 54.75 -17.91
C ARG AA 220 -35.76 54.93 -18.82
N LEU AA 221 -36.54 56.00 -18.63
CA LEU AA 221 -37.52 56.41 -19.64
C LEU AA 221 -36.83 56.49 -20.99
N THR AA 222 -37.55 56.07 -22.04
CA THR AA 222 -37.06 56.09 -23.40
C THR AA 222 -37.32 57.50 -23.92
N PRO AA 223 -36.55 58.01 -24.92
CA PRO AA 223 -36.68 59.41 -25.36
C PRO AA 223 -38.09 59.66 -25.85
N THR AA 224 -38.68 58.65 -26.53
CA THR AA 224 -40.07 58.63 -26.98
C THR AA 224 -41.06 58.94 -25.85
N GLU AA 225 -40.84 58.36 -24.66
CA GLU AA 225 -41.67 58.56 -23.48
C GLU AA 225 -41.45 59.95 -22.89
N VAL AA 226 -40.18 60.39 -22.85
CA VAL AA 226 -39.85 61.70 -22.30
C VAL AA 226 -40.61 62.78 -23.06
N LYS AA 227 -40.71 62.58 -24.40
CA LYS AA 227 -41.41 63.46 -25.34
C LYS AA 227 -42.87 63.63 -24.92
N ASP AA 228 -43.57 62.50 -24.72
CA ASP AA 228 -44.95 62.50 -24.24
C ASP AA 228 -45.07 63.39 -23.00
N TYR AA 229 -44.14 63.19 -22.04
CA TYR AA 229 -44.12 63.88 -20.76
C TYR AA 229 -43.83 65.37 -20.95
N LEU AA 230 -43.11 65.72 -22.03
CA LEU AA 230 -42.91 67.09 -22.45
C LEU AA 230 -44.08 67.53 -23.38
N PHE BA 30 11.61 9.24 -8.44
CA PHE BA 30 13.01 9.68 -8.73
C PHE BA 30 13.77 9.86 -7.41
N SER BA 31 14.95 9.23 -7.38
CA SER BA 31 15.80 9.32 -6.21
C SER BA 31 16.86 10.41 -6.47
N PRO BA 32 17.05 11.31 -5.51
CA PRO BA 32 18.04 12.37 -5.64
C PRO BA 32 19.44 11.99 -5.15
N TYR BA 33 19.61 10.73 -4.75
CA TYR BA 33 20.92 10.26 -4.29
C TYR BA 33 21.44 9.15 -5.21
N ALA BA 34 22.73 8.86 -5.05
CA ALA BA 34 23.43 7.77 -5.71
C ALA BA 34 24.65 7.40 -4.85
N PHE BA 35 24.93 6.12 -4.78
CA PHE BA 35 26.08 5.67 -3.98
C PHE BA 35 27.25 5.57 -4.95
N ASN BA 36 28.27 6.38 -4.75
CA ASN BA 36 29.39 6.40 -5.70
C ASN BA 36 30.67 5.78 -5.11
N GLY BA 37 30.53 5.14 -3.93
CA GLY BA 37 31.64 4.39 -3.35
C GLY BA 37 32.81 5.25 -2.89
N GLY BA 38 33.89 4.56 -2.53
CA GLY BA 38 35.10 5.28 -2.12
C GLY BA 38 35.31 5.18 -0.61
N THR BA 39 36.58 5.16 -0.19
CA THR BA 39 36.94 5.12 1.20
C THR BA 39 37.94 6.24 1.51
N VAL BA 40 37.81 6.84 2.68
CA VAL BA 40 38.67 7.93 3.12
C VAL BA 40 39.23 7.55 4.49
N LEU BA 41 40.48 7.87 4.73
CA LEU BA 41 41.11 7.60 6.01
C LEU BA 41 41.95 8.81 6.44
N ALA BA 42 41.91 9.15 7.72
CA ALA BA 42 42.78 10.19 8.29
C ALA BA 42 43.53 9.63 9.51
N ILE BA 43 44.79 10.01 9.64
CA ILE BA 43 45.62 9.62 10.79
C ILE BA 43 46.37 10.83 11.33
N ALA BA 44 46.32 11.03 12.65
CA ALA BA 44 47.00 12.17 13.26
C ALA BA 44 48.27 11.71 13.98
N GLY BA 45 49.33 12.45 13.73
CA GLY BA 45 50.60 12.15 14.38
C GLY BA 45 51.02 13.35 15.23
N GLU BA 46 52.22 13.27 15.83
CA GLU BA 46 52.65 14.34 16.72
C GLU BA 46 52.86 15.63 15.95
N ASP BA 47 53.46 15.53 14.76
CA ASP BA 47 53.72 16.73 13.98
C ASP BA 47 53.28 16.54 12.54
N PHE BA 48 52.26 15.71 12.31
CA PHE BA 48 51.80 15.47 10.94
C PHE BA 48 50.37 14.94 10.95
N SER BA 49 49.76 14.99 9.77
CA SER BA 49 48.41 14.46 9.55
C SER BA 49 48.40 13.84 8.15
N ILE BA 50 47.88 12.63 8.04
CA ILE BA 50 47.72 12.00 6.74
C ILE BA 50 46.24 11.88 6.36
N VAL BA 51 45.88 12.32 5.15
CA VAL BA 51 44.54 12.04 4.63
C VAL BA 51 44.68 11.26 3.31
N ALA BA 52 44.11 10.08 3.24
CA ALA BA 52 44.22 9.23 2.07
C ALA BA 52 42.84 8.72 1.61
N SER BA 53 42.75 8.38 0.33
CA SER BA 53 41.52 7.86 -0.25
C SER BA 53 41.80 7.15 -1.55
N ASP BA 54 40.87 6.30 -2.01
CA ASP BA 54 41.04 5.64 -3.30
C ASP BA 54 40.51 6.59 -4.40
N THR BA 55 40.71 6.21 -5.67
CA THR BA 55 40.33 7.11 -6.76
C THR BA 55 39.22 6.52 -7.63
N ARG BA 56 38.58 5.44 -7.19
CA ARG BA 56 37.48 4.89 -7.98
C ARG BA 56 36.18 5.64 -7.80
N LEU BA 57 35.49 5.94 -8.88
CA LEU BA 57 34.16 6.54 -8.82
C LEU BA 57 33.21 5.54 -9.46
N SER BA 58 32.28 5.03 -8.67
CA SER BA 58 31.39 3.99 -9.16
C SER BA 58 29.91 4.43 -9.15
N GLU BA 59 29.11 3.60 -9.85
CA GLU BA 59 27.67 3.77 -9.88
C GLU BA 59 27.09 2.43 -10.27
N GLY BA 60 26.28 1.84 -9.41
CA GLY BA 60 25.72 0.57 -9.68
C GLY BA 60 26.86 -0.46 -9.68
N PHE BA 61 27.04 -1.14 -10.80
CA PHE BA 61 28.10 -2.12 -10.92
C PHE BA 61 29.17 -1.69 -11.91
N SER BA 62 29.15 -0.40 -12.30
CA SER BA 62 30.05 0.13 -13.28
C SER BA 62 31.02 1.13 -12.65
N ILE BA 63 32.06 1.48 -13.41
CA ILE BA 63 33.02 2.47 -12.98
C ILE BA 63 32.89 3.69 -13.86
N HIS BA 64 32.67 4.85 -13.24
CA HIS BA 64 32.60 6.12 -13.96
C HIS BA 64 34.00 6.46 -14.43
N THR BA 65 34.96 6.38 -13.52
CA THR BA 65 36.34 6.73 -13.79
C THR BA 65 37.24 6.16 -12.68
N ARG BA 66 38.49 5.87 -13.01
CA ARG BA 66 39.43 5.31 -12.07
C ARG BA 66 40.30 6.41 -11.49
N ASP BA 67 40.06 7.65 -11.88
CA ASP BA 67 40.92 8.75 -11.46
C ASP BA 67 40.13 9.91 -10.83
N SER BA 68 39.40 9.61 -9.77
CA SER BA 68 38.60 10.59 -9.03
C SER BA 68 38.98 10.54 -7.56
N PRO BA 69 39.99 11.33 -7.14
CA PRO BA 69 40.44 11.38 -5.73
C PRO BA 69 39.38 12.01 -4.84
N LYS BA 70 39.37 11.61 -3.58
CA LYS BA 70 38.37 12.06 -2.63
C LYS BA 70 38.89 13.05 -1.57
N CYS BA 71 40.16 13.47 -1.68
CA CYS BA 71 40.72 14.41 -0.74
C CYS BA 71 40.94 15.76 -1.39
N TYR BA 72 40.51 16.83 -0.73
CA TYR BA 72 40.63 18.18 -1.23
C TYR BA 72 41.49 19.02 -0.28
N LYS BA 73 42.31 19.93 -0.81
CA LYS BA 73 43.06 20.84 0.04
C LYS BA 73 42.18 22.04 0.39
N LEU BA 74 42.11 22.31 1.70
CA LEU BA 74 41.34 23.44 2.17
C LEU BA 74 42.28 24.62 2.33
N THR BA 75 43.34 24.45 3.13
CA THR BA 75 44.27 25.53 3.44
C THR BA 75 45.65 24.89 3.35
N ASP BA 76 46.66 25.55 3.91
CA ASP BA 76 48.00 25.00 3.86
C ASP BA 76 48.21 23.91 4.91
N LYS BA 77 47.35 23.86 5.94
CA LYS BA 77 47.44 22.77 6.89
C LYS BA 77 46.16 22.00 7.19
N THR BA 78 45.24 21.99 6.22
CA THR BA 78 43.99 21.25 6.39
C THR BA 78 43.59 20.51 5.11
N VAL BA 79 43.26 19.23 5.21
CA VAL BA 79 42.73 18.48 4.07
C VAL BA 79 41.41 17.80 4.47
N ILE BA 80 40.47 17.72 3.53
CA ILE BA 80 39.20 17.04 3.77
C ILE BA 80 39.02 15.86 2.81
N GLY BA 81 38.62 14.73 3.35
CA GLY BA 81 38.25 13.59 2.55
C GLY BA 81 36.74 13.46 2.52
N CYS BA 82 36.18 13.34 1.35
CA CYS BA 82 34.72 13.21 1.20
C CYS BA 82 34.34 11.99 0.37
N SER BA 83 33.38 11.22 0.88
CA SER BA 83 32.91 10.03 0.17
C SER BA 83 31.40 9.93 0.25
N GLY BA 84 30.80 9.12 -0.59
CA GLY BA 84 29.34 9.08 -0.55
C GLY BA 84 28.75 9.41 -1.92
N PHE BA 85 27.73 10.22 -1.90
CA PHE BA 85 27.10 10.66 -3.14
C PHE BA 85 28.03 11.72 -3.76
N HIS BA 86 28.54 11.45 -4.95
CA HIS BA 86 29.53 12.37 -5.56
C HIS BA 86 28.94 13.72 -5.87
N GLY BA 87 27.63 13.75 -6.22
CA GLY BA 87 26.95 15.02 -6.48
C GLY BA 87 27.11 15.92 -5.25
N ASP BA 88 26.81 15.37 -4.07
CA ASP BA 88 26.92 16.17 -2.85
C ASP BA 88 28.37 16.45 -2.48
N CYS BA 89 29.25 15.52 -2.78
CA CYS BA 89 30.67 15.73 -2.50
C CYS BA 89 31.22 16.95 -3.28
N LEU BA 90 30.84 17.10 -4.54
CA LEU BA 90 31.27 18.22 -5.37
C LEU BA 90 30.69 19.53 -4.80
N THR BA 91 29.39 19.53 -4.51
CA THR BA 91 28.74 20.73 -4.05
C THR BA 91 29.24 21.16 -2.68
N LEU BA 92 29.43 20.20 -1.76
CA LEU BA 92 29.86 20.51 -0.40
C LEU BA 92 31.29 21.06 -0.40
N THR BA 93 32.17 20.52 -1.22
CA THR BA 93 33.56 21.02 -1.25
C THR BA 93 33.62 22.43 -1.79
N LYS BA 94 32.73 22.78 -2.72
CA LYS BA 94 32.76 24.12 -3.28
C LYS BA 94 32.14 25.10 -2.29
N ILE BA 95 31.20 24.63 -1.46
CA ILE BA 95 30.59 25.52 -0.47
C ILE BA 95 31.61 25.79 0.64
N ILE BA 96 32.39 24.76 1.02
CA ILE BA 96 33.39 24.94 2.04
C ILE BA 96 34.50 25.87 1.53
N GLU BA 97 34.89 25.74 0.29
CA GLU BA 97 35.90 26.62 -0.29
C GLU BA 97 35.46 28.08 -0.30
N ALA BA 98 34.19 28.31 -0.60
CA ALA BA 98 33.65 29.68 -0.59
C ALA BA 98 33.59 30.26 0.83
N ARG BA 99 33.25 29.42 1.83
CA ARG BA 99 33.13 29.89 3.21
C ARG BA 99 34.52 30.23 3.79
N LEU BA 100 35.56 29.50 3.37
CA LEU BA 100 36.93 29.79 3.79
C LEU BA 100 37.34 31.17 3.32
N LYS BA 101 37.02 31.52 2.09
CA LYS BA 101 37.37 32.84 1.56
C LYS BA 101 36.56 33.92 2.24
N MET BA 102 35.30 33.61 2.54
CA MET BA 102 34.44 34.60 3.17
C MET BA 102 34.97 34.88 4.58
N TYR BA 103 35.42 33.83 5.28
CA TYR BA 103 35.94 33.97 6.61
C TYR BA 103 37.23 34.77 6.59
N LYS BA 104 38.09 34.50 5.60
CA LYS BA 104 39.34 35.21 5.50
C LYS BA 104 39.14 36.68 5.21
N HIS BA 105 38.11 37.02 4.44
CA HIS BA 105 37.84 38.40 4.07
C HIS BA 105 37.34 39.22 5.25
N SER BA 106 36.57 38.60 6.14
CA SER BA 106 35.96 39.30 7.25
C SER BA 106 36.78 39.22 8.54
N ASN BA 107 37.73 38.31 8.61
CA ASN BA 107 38.50 38.12 9.85
C ASN BA 107 39.99 38.33 9.65
N ASN BA 108 40.43 38.48 8.39
CA ASN BA 108 41.83 38.70 8.06
C ASN BA 108 42.74 37.57 8.53
N LYS BA 109 42.26 36.32 8.52
CA LYS BA 109 43.11 35.19 8.85
C LYS BA 109 42.53 33.92 8.23
N THR BA 110 43.37 32.88 8.12
CA THR BA 110 42.93 31.65 7.54
C THR BA 110 42.23 30.84 8.61
N MET BA 111 41.14 30.17 8.25
CA MET BA 111 40.44 29.37 9.25
C MET BA 111 41.37 28.28 9.76
N THR BA 112 41.36 28.06 11.07
CA THR BA 112 42.11 26.93 11.66
C THR BA 112 41.37 25.62 11.40
N THR BA 113 42.06 24.52 11.57
CA THR BA 113 41.50 23.18 11.33
C THR BA 113 40.28 23.02 12.22
N GLY BA 114 40.39 23.41 13.51
CA GLY BA 114 39.27 23.27 14.42
C GLY BA 114 38.08 24.14 14.07
N ALA BA 115 38.31 25.34 13.59
CA ALA BA 115 37.21 26.23 13.20
C ALA BA 115 36.53 25.67 11.96
N ILE BA 116 37.30 25.04 11.05
CA ILE BA 116 36.74 24.44 9.85
C ILE BA 116 35.83 23.28 10.25
N ALA BA 117 36.28 22.48 11.24
CA ALA BA 117 35.50 21.36 11.73
C ALA BA 117 34.16 21.83 12.30
N ALA BA 118 34.20 22.89 13.13
CA ALA BA 118 33.00 23.38 13.76
C ALA BA 118 32.06 23.98 12.71
N MET BA 119 32.61 24.69 11.69
CA MET BA 119 31.77 25.28 10.70
C MET BA 119 31.10 24.17 9.86
N LEU BA 120 31.88 23.11 9.49
CA LEU BA 120 31.33 22.04 8.67
C LEU BA 120 30.12 21.42 9.37
N SER BA 121 30.23 21.18 10.69
CA SER BA 121 29.12 20.66 11.49
C SER BA 121 27.80 21.43 11.25
N THR BA 122 27.86 22.76 11.32
CA THR BA 122 26.67 23.58 11.11
C THR BA 122 26.19 23.56 9.66
N ILE BA 123 27.11 23.43 8.71
CA ILE BA 123 26.73 23.38 7.30
C ILE BA 123 25.95 22.10 7.05
N LEU BA 124 26.44 21.00 7.61
CA LEU BA 124 25.81 19.71 7.43
C LEU BA 124 24.47 19.68 8.17
N TYR BA 125 24.35 20.33 9.33
CA TYR BA 125 23.10 20.33 10.03
C TYR BA 125 22.04 21.25 9.38
N SER BA 126 22.48 22.20 8.55
CA SER BA 126 21.55 23.10 7.88
C SER BA 126 20.61 22.31 6.94
N ARG BA 127 21.11 21.25 6.32
CA ARG BA 127 20.33 20.37 5.48
C ARG BA 127 19.86 19.18 6.30
N ARG BA 128 19.40 19.35 7.53
CA ARG BA 128 19.03 18.21 8.37
C ARG BA 128 17.82 17.45 7.85
N PHE BA 129 16.93 18.11 7.07
CA PHE BA 129 15.78 17.43 6.51
C PHE BA 129 15.89 17.07 5.02
N PHE BA 130 17.04 17.30 4.41
CA PHE BA 130 17.35 16.82 3.04
C PHE BA 130 18.89 16.79 3.01
N PRO BA 131 19.45 15.88 3.78
CA PRO BA 131 20.87 15.79 4.11
C PRO BA 131 21.83 15.44 2.97
N TYR BA 132 23.04 16.02 3.06
CA TYR BA 132 24.15 15.68 2.19
C TYR BA 132 24.52 14.25 2.48
N TYR BA 133 24.67 13.41 1.45
CA TYR BA 133 25.04 12.04 1.74
C TYR BA 133 26.53 11.93 1.58
N VAL BA 134 27.26 12.53 2.53
CA VAL BA 134 28.71 12.58 2.48
C VAL BA 134 29.28 12.13 3.81
N TYR BA 135 30.34 11.37 3.80
CA TYR BA 135 31.05 11.04 5.04
C TYR BA 135 32.35 11.83 5.03
N ASN BA 136 32.42 12.85 5.87
CA ASN BA 136 33.60 13.73 5.90
C ASN BA 136 34.60 13.35 6.96
N ILE BA 137 35.89 13.55 6.61
CA ILE BA 137 37.00 13.30 7.52
C ILE BA 137 37.99 14.41 7.26
N ILE BA 138 38.15 15.30 8.26
CA ILE BA 138 39.13 16.37 8.18
C ILE BA 138 40.45 15.98 8.79
N GLY BA 139 41.53 16.28 8.07
CA GLY BA 139 42.89 15.97 8.56
C GLY BA 139 43.73 17.23 8.45
N GLY BA 140 44.47 17.56 9.51
CA GLY BA 140 45.33 18.73 9.46
C GLY BA 140 46.16 18.91 10.70
N LEU BA 141 46.66 20.12 10.88
CA LEU BA 141 47.42 20.46 12.07
C LEU BA 141 46.64 21.48 12.88
N ASP BA 142 46.76 21.39 14.20
CA ASP BA 142 46.04 22.31 15.08
C ASP BA 142 46.89 23.53 15.37
N GLU BA 143 46.47 24.36 16.33
CA GLU BA 143 47.18 25.61 16.61
C GLU BA 143 48.55 25.37 17.23
N GLU BA 144 48.74 24.25 17.92
CA GLU BA 144 50.01 23.95 18.54
C GLU BA 144 50.95 23.23 17.59
N GLY BA 145 50.45 22.89 16.39
CA GLY BA 145 51.22 22.25 15.35
C GLY BA 145 51.19 20.71 15.43
N LYS BA 146 50.21 20.18 16.16
CA LYS BA 146 50.06 18.76 16.31
C LYS BA 146 49.04 18.23 15.31
N GLY BA 147 49.18 16.96 14.96
CA GLY BA 147 48.22 16.37 14.06
C GLY BA 147 46.82 16.38 14.64
N ALA BA 148 45.85 16.70 13.81
CA ALA BA 148 44.45 16.69 14.25
C ALA BA 148 43.60 15.96 13.22
N VAL BA 149 42.62 15.18 13.68
CA VAL BA 149 41.68 14.55 12.78
C VAL BA 149 40.25 14.66 13.30
N TYR BA 150 39.35 15.25 12.48
CA TYR BA 150 37.95 15.33 12.88
C TYR BA 150 37.05 14.45 12.00
N SER BA 151 36.26 13.59 12.61
CA SER BA 151 35.38 12.71 11.85
C SER BA 151 33.95 13.27 11.90
N PHE BA 152 33.16 13.01 10.89
CA PHE BA 152 31.80 13.59 10.85
C PHE BA 152 30.78 12.52 10.41
N ASP BA 153 29.54 12.62 10.88
CA ASP BA 153 28.44 11.86 10.30
C ASP BA 153 27.68 12.78 9.31
N PRO BA 154 26.81 12.23 8.47
CA PRO BA 154 26.20 13.01 7.40
C PRO BA 154 25.51 14.23 7.92
N VAL BA 155 24.82 14.21 9.07
CA VAL BA 155 24.06 15.38 9.55
C VAL BA 155 24.88 16.29 10.44
N GLY BA 156 26.16 15.99 10.66
CA GLY BA 156 27.00 16.98 11.32
C GLY BA 156 27.64 16.61 12.66
N SER BA 157 27.21 15.52 13.29
CA SER BA 157 27.76 15.17 14.57
C SER BA 157 29.25 14.93 14.30
N TYR BA 158 30.12 15.56 15.10
CA TYR BA 158 31.54 15.34 14.89
C TYR BA 158 32.33 15.33 16.19
N GLN BA 159 33.54 14.78 16.10
CA GLN BA 159 34.46 14.81 17.22
C GLN BA 159 35.90 14.67 16.72
N ARG BA 160 36.85 15.02 17.56
CA ARG BA 160 38.24 14.85 17.24
C ARG BA 160 38.70 13.41 17.55
N ASP BA 161 39.46 12.81 16.62
CA ASP BA 161 39.95 11.46 16.84
C ASP BA 161 41.45 11.40 16.60
N SER BA 162 42.04 10.25 16.86
CA SER BA 162 43.46 10.05 16.64
C SER BA 162 43.66 9.47 15.25
N PHE BA 163 42.67 8.69 14.78
CA PHE BA 163 42.68 8.09 13.45
C PHE BA 163 41.25 7.64 13.17
N LYS BA 164 40.80 7.83 11.94
CA LYS BA 164 39.44 7.44 11.57
C LYS BA 164 39.36 7.02 10.10
N ALA BA 165 38.55 6.00 9.84
CA ALA BA 165 38.27 5.56 8.46
C ALA BA 165 36.82 5.86 8.18
N GLY BA 166 36.49 6.33 6.98
CA GLY BA 166 35.14 6.64 6.55
C GLY BA 166 34.86 5.99 5.19
N GLY BA 167 33.57 5.95 4.79
CA GLY BA 167 33.16 5.54 3.47
C GLY BA 167 32.96 4.03 3.32
N SER BA 168 33.01 3.57 2.08
CA SER BA 168 32.69 2.21 1.63
C SER BA 168 33.35 1.08 2.47
N ALA BA 169 34.66 1.07 2.59
CA ALA BA 169 35.35 0.06 3.35
C ALA BA 169 35.78 0.51 4.75
N SER BA 170 35.04 1.44 5.37
CA SER BA 170 35.39 1.92 6.70
C SER BA 170 35.32 0.83 7.77
N ALA BA 171 34.38 -0.11 7.68
CA ALA BA 171 34.33 -1.17 8.69
C ALA BA 171 35.43 -2.21 8.52
N MET BA 172 36.05 -2.30 7.33
CA MET BA 172 37.20 -3.17 7.17
C MET BA 172 38.49 -2.55 7.71
N LEU BA 173 38.64 -1.24 7.59
CA LEU BA 173 39.85 -0.55 8.00
C LEU BA 173 39.90 -0.19 9.51
N GLN BA 174 38.79 0.29 10.09
CA GLN BA 174 38.82 0.80 11.45
C GLN BA 174 39.39 -0.22 12.48
N PRO BA 175 38.94 -1.47 12.46
CA PRO BA 175 39.39 -2.48 13.44
C PRO BA 175 40.90 -2.67 13.36
N LEU BA 176 41.45 -2.65 12.13
CA LEU BA 176 42.87 -2.82 11.96
C LEU BA 176 43.61 -1.62 12.57
N LEU BA 177 43.05 -0.44 12.39
CA LEU BA 177 43.65 0.77 12.95
C LEU BA 177 43.60 0.71 14.47
N ASP BA 178 42.51 0.18 15.04
CA ASP BA 178 42.38 0.07 16.47
C ASP BA 178 43.47 -0.82 17.06
N ASN BA 179 43.78 -1.89 16.37
CA ASN BA 179 44.76 -2.88 16.84
C ASN BA 179 46.21 -2.44 16.58
N GLN BA 180 46.47 -1.86 15.40
CA GLN BA 180 47.83 -1.46 15.02
C GLN BA 180 48.23 -0.06 15.48
N VAL BA 181 47.31 0.88 15.46
CA VAL BA 181 47.62 2.24 15.93
C VAL BA 181 47.28 2.48 17.40
N GLY BA 182 46.10 2.03 17.83
CA GLY BA 182 45.65 2.23 19.18
C GLY BA 182 46.13 1.15 20.15
N PHE BA 183 46.74 0.11 19.61
CA PHE BA 183 47.25 -1.04 20.37
C PHE BA 183 46.17 -1.72 21.20
N LYS BA 184 44.94 -1.82 20.66
CA LYS BA 184 43.85 -2.44 21.40
C LYS BA 184 44.01 -3.96 21.35
N ASN BA 185 43.66 -4.61 22.47
CA ASN BA 185 43.65 -6.06 22.59
C ASN BA 185 45.04 -6.67 22.59
N MET BA 186 46.05 -5.88 22.93
CA MET BA 186 47.42 -6.41 22.95
C MET BA 186 48.01 -6.26 24.34
N GLN BA 187 48.70 -7.29 24.81
CA GLN BA 187 49.30 -7.28 26.13
C GLN BA 187 50.82 -7.16 26.02
N ASN BA 188 51.43 -6.49 27.00
CA ASN BA 188 52.89 -6.38 27.08
C ASN BA 188 53.46 -5.81 25.77
N VAL BA 189 52.84 -4.73 25.29
CA VAL BA 189 53.29 -4.09 24.06
C VAL BA 189 53.64 -2.64 24.33
N GLU BA 190 54.80 -2.23 23.83
CA GLU BA 190 55.24 -0.85 23.98
C GLU BA 190 54.37 0.06 23.14
N HIS BA 191 53.81 1.09 23.77
CA HIS BA 191 52.95 2.03 23.07
C HIS BA 191 53.77 3.21 22.53
N VAL BA 192 54.66 2.91 21.59
CA VAL BA 192 55.54 3.89 20.99
C VAL BA 192 54.75 4.87 20.13
N PRO BA 193 55.15 6.16 20.09
CA PRO BA 193 54.44 7.14 19.28
C PRO BA 193 54.58 6.80 17.78
N LEU BA 194 53.50 7.03 17.04
CA LEU BA 194 53.42 6.68 15.64
C LEU BA 194 54.23 7.63 14.77
N SER BA 195 55.29 7.06 14.12
CA SER BA 195 56.12 7.87 13.25
C SER BA 195 55.45 8.09 11.90
N LEU BA 196 55.90 9.10 11.14
CA LEU BA 196 55.35 9.32 9.80
C LEU BA 196 55.62 8.12 8.90
N ASP BA 197 56.82 7.57 8.99
CA ASP BA 197 57.20 6.42 8.18
C ASP BA 197 56.25 5.24 8.41
N ARG BA 198 56.07 4.83 9.66
CA ARG BA 198 55.19 3.73 9.99
C ARG BA 198 53.73 4.03 9.61
N ALA BA 199 53.30 5.28 9.80
CA ALA BA 199 51.95 5.69 9.45
C ALA BA 199 51.69 5.52 7.95
N MET BA 200 52.69 5.84 7.13
CA MET BA 200 52.55 5.73 5.70
C MET BA 200 52.43 4.28 5.26
N ARG BA 201 53.24 3.39 5.88
CA ARG BA 201 53.22 1.98 5.54
C ARG BA 201 51.88 1.35 5.96
N LEU BA 202 51.31 1.83 7.06
CA LEU BA 202 50.05 1.33 7.56
C LEU BA 202 48.93 1.70 6.60
N VAL BA 203 48.96 2.95 6.10
CA VAL BA 203 47.92 3.45 5.23
C VAL BA 203 47.92 2.64 3.94
N LYS BA 204 49.09 2.48 3.34
CA LYS BA 204 49.22 1.69 2.11
C LYS BA 204 48.76 0.23 2.31
N ASP BA 205 49.14 -0.38 3.43
CA ASP BA 205 48.74 -1.73 3.74
C ASP BA 205 47.23 -1.89 3.87
N VAL BA 206 46.57 -1.06 4.67
CA VAL BA 206 45.15 -1.22 4.92
C VAL BA 206 44.34 -0.96 3.65
N PHE BA 207 44.81 -0.06 2.80
CA PHE BA 207 44.09 0.21 1.55
C PHE BA 207 44.26 -0.94 0.55
N ILE BA 208 45.40 -1.63 0.61
CA ILE BA 208 45.62 -2.77 -0.25
C ILE BA 208 44.69 -3.89 0.15
N SER BA 209 44.50 -4.07 1.46
CA SER BA 209 43.61 -5.09 1.99
C SER BA 209 42.14 -4.75 1.70
N ALA BA 210 41.82 -3.48 1.66
CA ALA BA 210 40.45 -3.08 1.41
C ALA BA 210 40.11 -3.22 -0.07
N ALA BA 211 41.14 -3.14 -0.93
CA ALA BA 211 40.95 -3.30 -2.36
C ALA BA 211 40.61 -4.74 -2.75
N GLU BA 212 41.01 -5.71 -1.91
CA GLU BA 212 40.72 -7.10 -2.12
C GLU BA 212 39.27 -7.44 -1.77
N ARG BA 213 38.77 -6.81 -0.73
CA ARG BA 213 37.45 -7.16 -0.23
C ARG BA 213 36.30 -6.25 -0.62
N ASP BA 214 36.55 -4.96 -0.64
CA ASP BA 214 35.50 -4.03 -1.00
C ASP BA 214 35.53 -3.82 -2.52
N VAL BA 215 34.38 -3.99 -3.17
CA VAL BA 215 34.35 -3.86 -4.64
C VAL BA 215 34.45 -2.39 -5.07
N TYR BA 216 34.07 -1.48 -4.18
CA TYR BA 216 34.05 -0.04 -4.48
C TYR BA 216 35.44 0.62 -4.34
N THR BA 217 36.37 -0.05 -3.65
CA THR BA 217 37.69 0.48 -3.44
C THR BA 217 38.66 -0.15 -4.41
N GLY BA 218 39.46 0.70 -5.08
CA GLY BA 218 40.43 0.16 -6.04
C GLY BA 218 41.12 1.25 -6.84
N ASP BA 219 41.68 0.84 -7.98
CA ASP BA 219 42.37 1.71 -8.92
C ASP BA 219 43.67 2.30 -8.39
N ALA BA 220 43.57 3.29 -7.48
CA ALA BA 220 44.76 3.93 -6.96
C ALA BA 220 44.51 4.58 -5.61
N LEU BA 221 45.59 4.76 -4.86
CA LEU BA 221 45.51 5.37 -3.53
C LEU BA 221 46.20 6.71 -3.53
N ARG BA 222 45.47 7.73 -3.14
CA ARG BA 222 46.05 9.06 -3.05
C ARG BA 222 46.30 9.39 -1.57
N ILE BA 223 47.55 9.65 -1.23
CA ILE BA 223 47.90 9.99 0.15
C ILE BA 223 48.41 11.42 0.27
N CYS BA 224 47.77 12.19 1.14
CA CYS BA 224 48.22 13.56 1.41
C CYS BA 224 48.81 13.63 2.82
N ILE BA 225 50.08 14.04 2.92
CA ILE BA 225 50.73 14.18 4.23
C ILE BA 225 50.78 15.66 4.58
N VAL BA 226 50.23 16.03 5.74
CA VAL BA 226 50.23 17.43 6.16
C VAL BA 226 51.20 17.67 7.32
N THR BA 227 52.26 18.42 7.04
CA THR BA 227 53.24 18.77 8.06
C THR BA 227 53.41 20.28 8.09
N LYS BA 228 54.39 20.81 8.83
CA LYS BA 228 54.58 22.25 8.88
C LYS BA 228 55.24 22.83 7.61
N GLU BA 229 55.87 21.96 6.83
CA GLU BA 229 56.52 22.37 5.59
C GLU BA 229 55.50 22.57 4.48
N GLY BA 230 54.30 21.99 4.63
CA GLY BA 230 53.21 22.11 3.67
C GLY BA 230 52.58 20.73 3.45
N ILE BA 231 51.89 20.56 2.31
CA ILE BA 231 51.23 19.31 2.00
C ILE BA 231 51.85 18.64 0.79
N ARG BA 232 52.32 17.40 0.99
CA ARG BA 232 52.84 16.66 -0.15
C ARG BA 232 51.98 15.45 -0.47
N GLU BA 233 51.79 15.19 -1.76
CA GLU BA 233 50.92 14.12 -2.20
C GLU BA 233 51.73 12.91 -2.64
N GLU BA 234 51.08 11.75 -2.63
CA GLU BA 234 51.69 10.53 -3.11
C GLU BA 234 50.58 9.69 -3.72
N THR BA 235 50.93 8.87 -4.73
CA THR BA 235 49.95 8.02 -5.39
C THR BA 235 50.46 6.60 -5.51
N VAL BA 236 49.68 5.65 -4.99
CA VAL BA 236 50.07 4.23 -5.06
C VAL BA 236 48.98 3.50 -5.81
N PRO BA 237 49.37 2.65 -6.78
CA PRO BA 237 48.42 1.84 -7.54
C PRO BA 237 47.71 0.80 -6.68
N LEU BA 238 46.43 0.58 -6.99
CA LEU BA 238 45.65 -0.49 -6.34
C LEU BA 238 45.15 -1.41 -7.44
N ARG BA 239 44.47 -2.50 -7.05
CA ARG BA 239 43.91 -3.41 -8.03
C ARG BA 239 42.86 -2.68 -8.86
N LYS BA 240 42.88 -2.98 -10.15
CA LYS BA 240 41.97 -2.36 -11.10
C LYS BA 240 40.67 -3.16 -11.25
N ASP BA 241 40.68 -4.44 -10.86
CA ASP BA 241 39.49 -5.26 -11.03
C ASP BA 241 38.50 -5.00 -9.89
C2 A1L0D CA . -11.14 12.64 -25.53
C4 A1L0D CA . -9.74 14.45 -28.25
C5 A1L0D CA . -12.62 12.99 -23.44
C6 A1L0D CA . -13.26 13.95 -21.15
C8 A1L0D CA . -15.34 15.05 -20.27
N1 A1L0D CA . -10.14 13.24 -26.17
N3 A1L0D CA . -11.20 14.37 -22.39
C1 A1L0D CA . -11.48 13.17 -24.20
C3 A1L0D CA . -9.93 13.07 -27.60
B1 A1L0D CA . -8.75 12.09 -28.01
O2 A1L0D CA . -8.83 10.96 -27.26
O3 A1L0D CA . -11.86 11.78 -26.05
N2 A1L0D CA . -10.66 14.02 -23.51
N4 A1L0D CA . -12.40 13.74 -22.33
C7 A1L0D CA . -14.45 14.84 -21.49
C9 A1L0D CA . -15.80 13.73 -19.68
C10 A1L0D CA . -14.62 12.86 -19.33
C11 A1L0D CA . -13.71 12.63 -20.54
C12 A1L0D CA . -8.72 15.26 -27.46
C13 A1L0D CA . -8.58 16.70 -27.99
C14 A1L0D CA . -9.92 17.41 -27.99
C15 A1L0D CA . -10.94 16.63 -28.78
C16 A1L0D CA . -11.07 15.19 -28.26
C2 A1L0D DA . -24.24 -7.96 18.19
C4 A1L0D DA . -24.86 -9.83 21.08
C5 A1L0D DA . -23.85 -7.74 15.66
C6 A1L0D DA . -23.14 -8.45 13.31
C8 A1L0D DA . -24.31 -8.57 11.07
N1 A1L0D DA . -23.82 -8.71 19.24
N3 A1L0D DA . -22.99 -9.81 15.38
C1 A1L0D DA . -23.83 -8.42 16.85
C3 A1L0D DA . -24.34 -8.50 20.58
B1 A1L0D DA . -23.28 -7.79 21.58
O2 A1L0D DA . -22.10 -8.50 21.61
O3 A1L0D DA . -25.02 -6.99 18.28
N2 A1L0D DA . -23.27 -9.64 16.64
N4 A1L0D DA . -23.31 -8.63 14.77
C7 A1L0D DA . -24.43 -8.79 12.58
C9 A1L0D DA . -23.88 -7.14 10.75
C10 A1L0D DA . -22.61 -6.73 11.49
C11 A1L0D DA . -22.65 -7.04 12.99
C12 A1L0D DA . -23.80 -10.92 20.94
C13 A1L0D DA . -24.31 -12.29 21.40
C14 A1L0D DA . -25.65 -12.71 20.75
C15 A1L0D DA . -26.71 -11.60 20.70
C16 A1L0D DA . -26.14 -10.21 20.34
C2 A1L0D EA . 11.33 -11.76 -25.88
C4 A1L0D EA . 9.95 -13.48 -28.67
C5 A1L0D EA . 12.79 -12.19 -23.80
C6 A1L0D EA . 13.42 -13.22 -21.54
C8 A1L0D EA . 15.50 -14.36 -20.68
N1 A1L0D EA . 10.33 -12.33 -26.55
N3 A1L0D EA . 11.37 -13.60 -22.79
C1 A1L0D EA . 11.66 -12.34 -24.57
C3 A1L0D EA . 10.12 -12.11 -27.98
B1 A1L0D EA . 8.95 -11.12 -28.35
O2 A1L0D EA . 9.03 -10.01 -27.57
O3 A1L0D EA . 12.06 -10.88 -26.37
N2 A1L0D EA . 10.84 -13.21 -23.92
N4 A1L0D EA . 12.56 -12.97 -22.72
C7 A1L0D EA . 14.61 -14.10 -21.90
C9 A1L0D EA . 15.95 -13.06 -20.04
C10 A1L0D EA . 14.76 -12.20 -19.67
C11 A1L0D EA . 13.88 -11.92 -20.88
C12 A1L0D EA . 11.28 -14.22 -28.70
C13 A1L0D EA . 11.16 -15.63 -29.28
C14 A1L0D EA . 10.12 -16.44 -28.51
C15 A1L0D EA . 8.79 -15.72 -28.50
C16 A1L0D EA . 8.92 -14.31 -27.92
C2 A1L0D FA . 24.11 7.32 18.62
C4 A1L0D FA . 24.71 9.09 21.59
C5 A1L0D FA . 23.73 7.19 16.09
C6 A1L0D FA . 23.04 7.98 13.76
C8 A1L0D FA . 24.23 8.18 11.53
N1 A1L0D FA . 23.68 8.04 19.70
N3 A1L0D FA . 22.88 9.27 15.87
C1 A1L0D FA . 23.71 7.83 17.30
C3 A1L0D FA . 24.19 7.78 21.03
B1 A1L0D FA . 23.12 7.03 22.01
O2 A1L0D FA . 21.94 7.74 22.04
O3 A1L0D FA . 24.89 6.35 18.69
N2 A1L0D FA . 23.14 9.06 17.13
N4 A1L0D FA . 23.20 8.11 15.22
C7 A1L0D FA . 24.34 8.34 13.05
C9 A1L0D FA . 23.80 6.76 11.16
C10 A1L0D FA . 22.52 6.33 11.88
C11 A1L0D FA . 22.55 6.58 13.38
C12 A1L0D FA . 23.65 10.18 21.47
C13 A1L0D FA . 24.16 11.55 21.99
C14 A1L0D FA . 25.50 11.99 21.36
C15 A1L0D FA . 26.55 10.87 21.27
C16 A1L0D FA . 26.00 9.49 20.87
#